data_9BBN
#
_entry.id   9BBN
#
_cell.length_a   1.00
_cell.length_b   1.00
_cell.length_c   1.00
_cell.angle_alpha   90.00
_cell.angle_beta   90.00
_cell.angle_gamma   90.00
#
_symmetry.space_group_name_H-M   'P 1'
#
loop_
_entity.id
_entity.type
_entity.pdbx_description
1 polymer 'E3 glycoprotein'
2 polymer 'E1 glycoprotein'
3 polymer 'E2 glycoprotein'
4 polymer 'Heavy chain of C9'
5 polymer 'Light chain of C9'
6 polymer 'Capsid protein'
#
loop_
_entity_poly.entity_id
_entity_poly.type
_entity_poly.pdbx_seq_one_letter_code
_entity_poly.pdbx_strand_id
1 'polypeptide(L)' PVMCLLANTTFPCSQPPCTPCCYEKEPEETLRMLEDNVMRPGYYQLLQASLTCSPHRQRR U,W,X,V
2 'polypeptide(L)'
;YEHVTVIPNTVGVPYKTLVNRPGYSPMVLEMELLSVTLEPTLSLDYITCEYKTVIPSPYVKCCGTAECKDKSLPDYSCKV
FTGVYPFMWGGAYCFCDTENTQLSEAHVEKSESCKTEFASAYRAHTASASAKLRVLYQGNNVTVSAYANGDHAVTVKDAK
FIVGPMSSAWTPFDNKIVVYKGDVYNMDYPPFGAGRPGQFGDIQSRTPESEDVYANTQLVLQRPSAGTVHVPYSQAPSGF
KYWLKERGASLQHTAPFGCQIATNPVRAMNCAVGNMPISIDIPDAAFTRVVDAPSLTDMSCEVPACTHSSDFGGVAIIKY
AASKKGKCAVHSMTNAVTIREAEIEVEGNSQLQISFSTALASAEFRVQVCSTQVHCAAECHPPKDHIVNYPASHTTLGVQ
DISVTAMSWVQKITGGVGLVVAVAALILIVVLCVSFSRH
;
C,A,B,D
3 'polypeptide(L)'
;NFNVYKAIRPYLAHCPDCGEGHSCHSPVALERIRNEATDGTLKIQVSLQIGIKTDDSHDWTKLRYMDNHMPADAERARLF
VRTSAPCTITGTMGHFILARCPKGETLTVGFTDGRKISHSCTHPFHHDPPVIGREKFHSRPQHGRELPCSTYAQSTAATA
EEIEVHMPPDTPDRTLMSQQSGNVKITVNSQTVRYKCNCGDSNEGLTTTDKVINNCKVDQCHAAVTNHKKWQYNSPLVPR
NAELGDRKGKVHIPFPLANVTCRVPKARNPTVTYGKNQVIMLLYPDHPTLLSYRNMGEEPNYQEEWVTHKKEIRLTVPTE
GLEVTWGNNEPYKYWPQLSTNGTAHGHPHEIILYYYELYPTMTVVVVSVASFVLLSMVGVAVGMCMCARRRCITPYELTP
GATVPFLLSLICCIRTAKA
;
G,E,F,H
4 'polypeptide(L)'
;EVQLVQSGAEVKKPGSSVKVSCKAFGGTFSSYAITWVRQAPGQGLEWMGGIIPILGTTDYAQKFQGRVTITADKSTSTAY
MELSSLRSEDTAVYYCARDPPTHGGDFNYYYYGVAVWGQGTTVTVSSASTKGPSVFPLAPSSKSTSGGTAALGCLVKDYF
PEPVTVSWNSGALTSGVHTFPAVLQSSGLYSLSSVVTVPSSSLGTQTYICNVNHKPSNTKVDKKVEPKSCDKTH
;
M,O,Q,S
5 'polypeptide(L)'
;EIVLTQSPGTLSLSPGERATLSCRASQSNNYLAWYQQKPGQAPRLLIYGASIRATGIPDRFSGSGSGTDFTLTISRLAPE
DFAVYYCQQYGSSPLTFGPGTKVDIKRTVAAPSVFIFPPSDEQLKSGTASVVCLLNNFYPREAKVQWKVDNALQSGNSQE
SVTEQDSKDSTYSLSSTLTLSKADYEKHKVYACEVTHQGLSSPVTKSFNRGE
;
N,P,R,T
6 'polypeptide(L)'
;NDCIFEVKHEGKVTGYACLVGDKVMKPAHVKGTIDNADLAKLAFKRSSKYDLECAQIPVHMKSDASKFTHEKPEGYYNWH
HGAVQYSGGRFTIPTGAGKPGDSGRPIFDNKGRVVAIVLGGANEGARTALSVVTWNKDIVTKITPEGAEEW
;
J,K,I,L
#
# COMPACT_ATOMS: atom_id res chain seq x y z
N PRO A 1 6.17 -33.70 -27.36
CA PRO A 1 5.28 -34.78 -26.86
C PRO A 1 6.08 -35.95 -26.26
N VAL A 2 5.39 -36.90 -25.62
CA VAL A 2 5.97 -38.18 -25.17
C VAL A 2 6.27 -39.11 -26.36
N MET A 3 7.14 -40.10 -26.18
CA MET A 3 7.70 -40.93 -27.25
C MET A 3 6.69 -41.85 -27.97
N CYS A 4 7.09 -42.26 -29.18
CA CYS A 4 6.44 -43.23 -30.08
C CYS A 4 6.58 -44.68 -29.59
N LEU A 5 5.99 -45.66 -30.31
CA LEU A 5 6.08 -47.10 -30.02
C LEU A 5 6.22 -47.98 -31.29
N LEU A 6 6.63 -49.25 -31.11
CA LEU A 6 6.70 -50.27 -32.18
C LEU A 6 5.46 -51.20 -32.25
N ALA A 7 4.48 -51.00 -31.37
CA ALA A 7 3.33 -51.88 -31.08
C ALA A 7 3.66 -53.28 -30.51
N ASN A 8 4.85 -53.83 -30.75
CA ASN A 8 5.40 -54.95 -29.97
C ASN A 8 5.63 -54.54 -28.50
N THR A 9 6.20 -53.37 -28.30
CA THR A 9 6.51 -52.74 -27.00
C THR A 9 6.56 -51.21 -27.16
N THR A 10 6.45 -50.47 -26.05
CA THR A 10 6.57 -49.00 -26.00
C THR A 10 8.04 -48.54 -26.13
N PHE A 11 8.73 -49.13 -27.10
CA PHE A 11 10.10 -48.88 -27.54
C PHE A 11 10.20 -47.53 -28.29
N PRO A 12 11.22 -46.70 -28.05
CA PRO A 12 11.27 -45.31 -28.52
C PRO A 12 11.49 -45.21 -30.03
N CYS A 13 11.22 -44.04 -30.59
CA CYS A 13 10.85 -43.84 -31.98
C CYS A 13 11.80 -44.46 -33.03
N SER A 14 13.11 -44.41 -32.84
CA SER A 14 14.10 -44.55 -33.92
C SER A 14 15.17 -45.63 -33.74
N GLN A 15 15.29 -46.20 -32.54
CA GLN A 15 16.45 -47.01 -32.18
C GLN A 15 16.54 -48.35 -32.94
N PRO A 16 17.73 -48.96 -33.07
CA PRO A 16 17.84 -50.31 -33.64
C PRO A 16 17.11 -51.34 -32.75
N PRO A 17 16.26 -52.21 -33.31
CA PRO A 17 15.43 -53.14 -32.53
C PRO A 17 16.22 -54.32 -31.96
N CYS A 18 17.27 -54.74 -32.68
CA CYS A 18 18.25 -55.79 -32.32
C CYS A 18 19.55 -55.59 -33.12
N THR A 19 19.43 -55.28 -34.41
CA THR A 19 20.55 -54.92 -35.32
C THR A 19 20.19 -53.72 -36.20
N PRO A 20 21.18 -53.07 -36.81
CA PRO A 20 21.02 -52.27 -38.03
C PRO A 20 20.41 -53.04 -39.23
N CYS A 21 20.47 -52.42 -40.41
CA CYS A 21 20.14 -52.92 -41.75
C CYS A 21 18.66 -53.13 -42.10
N CYS A 22 17.77 -53.46 -41.17
CA CYS A 22 16.30 -53.43 -41.33
C CYS A 22 15.80 -54.01 -42.68
N TYR A 23 15.45 -53.15 -43.65
CA TYR A 23 14.97 -53.53 -44.99
C TYR A 23 15.92 -54.47 -45.74
N GLU A 24 17.23 -54.32 -45.56
CA GLU A 24 18.24 -55.18 -46.20
C GLU A 24 18.38 -56.56 -45.53
N LYS A 25 17.76 -56.77 -44.35
CA LYS A 25 17.62 -58.09 -43.71
C LYS A 25 16.30 -58.78 -44.08
N GLU A 26 15.19 -58.03 -44.14
CA GLU A 26 13.95 -58.48 -44.80
C GLU A 26 13.16 -57.29 -45.39
N PRO A 27 12.87 -57.28 -46.70
CA PRO A 27 12.37 -56.08 -47.37
C PRO A 27 10.91 -55.77 -47.01
N GLU A 28 10.14 -56.78 -46.61
CA GLU A 28 8.78 -56.60 -46.09
C GLU A 28 8.76 -56.09 -44.62
N GLU A 29 9.86 -55.61 -44.04
CA GLU A 29 9.87 -55.01 -42.70
C GLU A 29 9.04 -53.70 -42.64
N THR A 30 9.08 -52.88 -43.69
CA THR A 30 8.29 -51.62 -43.80
C THR A 30 6.80 -51.87 -43.51
N LEU A 31 6.28 -53.01 -43.97
CA LEU A 31 4.92 -53.52 -43.75
C LEU A 31 4.51 -53.53 -42.28
N ARG A 32 5.44 -53.93 -41.39
CA ARG A 32 5.26 -53.98 -39.94
C ARG A 32 5.66 -52.66 -39.27
N MET A 33 6.80 -52.11 -39.67
CA MET A 33 7.57 -51.15 -38.90
C MET A 33 7.21 -49.67 -39.16
N LEU A 34 6.54 -49.35 -40.27
CA LEU A 34 6.32 -47.96 -40.73
C LEU A 34 4.86 -47.64 -41.09
N GLU A 35 3.91 -48.44 -40.60
CA GLU A 35 2.46 -48.32 -40.88
C GLU A 35 1.80 -47.03 -40.33
N ASP A 36 2.08 -46.63 -39.07
CA ASP A 36 1.24 -45.64 -38.38
C ASP A 36 1.98 -44.67 -37.43
N ASN A 37 2.98 -45.11 -36.69
CA ASN A 37 3.67 -44.26 -35.71
C ASN A 37 4.53 -43.16 -36.37
N VAL A 38 4.64 -43.15 -37.70
CA VAL A 38 5.15 -42.00 -38.47
C VAL A 38 4.29 -40.73 -38.29
N MET A 39 3.06 -40.85 -37.77
CA MET A 39 2.26 -39.73 -37.26
C MET A 39 2.74 -39.15 -35.90
N ARG A 40 3.83 -39.67 -35.30
CA ARG A 40 4.49 -39.11 -34.10
C ARG A 40 5.86 -38.47 -34.47
N PRO A 41 6.16 -37.23 -34.04
CA PRO A 41 7.29 -36.45 -34.58
C PRO A 41 8.67 -37.15 -34.60
N GLY A 42 8.97 -38.01 -33.62
CA GLY A 42 10.27 -38.67 -33.52
C GLY A 42 10.54 -39.75 -34.58
N TYR A 43 9.51 -40.27 -35.26
CA TYR A 43 9.69 -41.36 -36.24
C TYR A 43 10.47 -40.96 -37.50
N TYR A 44 10.67 -39.68 -37.82
CA TYR A 44 11.60 -39.30 -38.90
C TYR A 44 13.06 -39.71 -38.60
N GLN A 45 13.44 -39.86 -37.33
CA GLN A 45 14.72 -40.48 -36.98
C GLN A 45 14.74 -42.01 -37.20
N LEU A 46 13.59 -42.69 -37.26
CA LEU A 46 13.53 -44.11 -37.67
C LEU A 46 13.86 -44.29 -39.15
N LEU A 47 13.42 -43.38 -40.01
CA LEU A 47 13.77 -43.36 -41.42
C LEU A 47 15.27 -43.04 -41.63
N GLN A 48 15.86 -42.20 -40.76
CA GLN A 48 17.33 -42.04 -40.73
C GLN A 48 18.01 -43.38 -40.36
N ALA A 49 17.64 -43.98 -39.22
CA ALA A 49 18.28 -45.18 -38.68
C ALA A 49 18.08 -46.46 -39.52
N SER A 50 16.94 -46.60 -40.22
CA SER A 50 16.60 -47.81 -40.99
C SER A 50 17.17 -47.80 -42.41
N LEU A 51 17.00 -46.69 -43.15
CA LEU A 51 17.33 -46.63 -44.58
C LEU A 51 18.78 -46.22 -44.86
N THR A 52 19.41 -45.47 -43.96
CA THR A 52 20.88 -45.40 -43.86
C THR A 52 21.34 -46.65 -43.10
N CYS A 53 21.37 -47.79 -43.81
CA CYS A 53 21.30 -49.13 -43.24
C CYS A 53 22.36 -49.48 -42.18
N SER A 54 23.49 -48.77 -42.14
CA SER A 54 24.50 -48.89 -41.09
C SER A 54 25.11 -50.30 -40.89
N PRO A 55 25.48 -51.05 -41.96
CA PRO A 55 26.39 -52.20 -41.83
C PRO A 55 27.79 -51.75 -41.42
N HIS A 56 28.66 -52.69 -41.03
CA HIS A 56 29.92 -52.43 -40.30
C HIS A 56 30.80 -51.28 -40.83
N ARG A 57 30.93 -51.13 -42.16
CA ARG A 57 31.76 -50.06 -42.76
C ARG A 57 31.13 -48.66 -42.77
N GLN A 58 29.81 -48.51 -42.62
CA GLN A 58 29.18 -47.19 -42.47
C GLN A 58 29.44 -46.66 -41.04
N ARG A 59 30.21 -45.58 -40.89
CA ARG A 59 30.88 -45.23 -39.62
C ARG A 59 31.08 -43.72 -39.42
N ARG A 60 31.27 -43.30 -38.16
CA ARG A 60 31.55 -41.92 -37.71
C ARG A 60 32.79 -41.86 -36.82
N PRO B 1 33.41 28.79 59.12
CA PRO B 1 33.80 27.42 59.49
C PRO B 1 32.65 26.40 59.36
N VAL B 2 32.98 25.10 59.38
CA VAL B 2 32.00 23.99 59.39
C VAL B 2 32.55 22.80 60.19
N MET B 3 31.66 22.02 60.82
CA MET B 3 32.04 21.02 61.84
C MET B 3 30.99 19.90 61.99
N CYS B 4 31.42 18.80 62.59
CA CYS B 4 30.72 17.53 62.74
C CYS B 4 30.87 17.03 64.21
N LEU B 5 29.96 16.20 64.71
CA LEU B 5 29.95 15.81 66.14
C LEU B 5 29.82 14.30 66.40
N LEU B 6 30.52 13.82 67.43
CA LEU B 6 30.55 12.43 67.91
C LEU B 6 29.43 12.19 68.93
N ALA B 7 28.21 12.63 68.60
CA ALA B 7 27.06 12.82 69.50
C ALA B 7 27.26 13.82 70.68
N ASN B 8 28.49 14.26 70.95
CA ASN B 8 28.82 15.23 72.02
C ASN B 8 30.04 16.10 71.67
N THR B 9 31.24 15.51 71.56
CA THR B 9 32.46 16.23 71.16
C THR B 9 32.41 16.61 69.67
N THR B 10 33.00 17.76 69.30
CA THR B 10 32.85 18.39 67.98
C THR B 10 34.21 18.60 67.30
N PHE B 11 34.29 18.38 65.98
CA PHE B 11 35.52 18.29 65.20
C PHE B 11 35.31 18.74 63.73
N PRO B 12 36.35 19.15 62.99
CA PRO B 12 36.23 19.50 61.57
C PRO B 12 35.99 18.27 60.69
N CYS B 13 35.05 18.34 59.76
CA CYS B 13 34.52 17.20 58.98
C CYS B 13 35.49 16.52 57.97
N SER B 14 36.81 16.73 58.09
CA SER B 14 37.82 16.01 57.29
C SER B 14 37.89 14.52 57.64
N GLN B 15 37.76 14.18 58.93
CA GLN B 15 37.57 12.81 59.43
C GLN B 15 36.79 12.81 60.76
N PRO B 16 36.07 11.72 61.10
CA PRO B 16 35.61 11.47 62.47
C PRO B 16 36.79 11.02 63.36
N PRO B 17 36.73 11.24 64.69
CA PRO B 17 37.74 10.79 65.66
C PRO B 17 38.15 9.32 65.58
N CYS B 18 37.30 8.44 65.05
CA CYS B 18 37.61 7.03 64.82
C CYS B 18 38.64 6.80 63.68
N THR B 19 38.84 7.78 62.79
CA THR B 19 39.74 7.76 61.61
C THR B 19 39.31 6.77 60.51
N PRO B 20 39.92 6.76 59.30
CA PRO B 20 39.61 5.80 58.22
C PRO B 20 39.66 4.33 58.67
N CYS B 21 38.97 3.45 57.93
CA CYS B 21 38.40 2.19 58.43
C CYS B 21 37.22 2.36 59.40
N CYS B 22 36.59 3.53 59.48
CA CYS B 22 35.62 3.88 60.53
C CYS B 22 34.48 2.84 60.67
N TYR B 23 33.79 2.53 59.57
CA TYR B 23 32.70 1.54 59.52
C TYR B 23 33.14 0.10 59.90
N GLU B 24 34.45 -0.16 60.00
CA GLU B 24 35.05 -1.44 60.37
C GLU B 24 35.73 -1.39 61.76
N LYS B 25 35.72 -0.24 62.43
CA LYS B 25 36.31 -0.01 63.77
C LYS B 25 35.28 0.48 64.81
N GLU B 26 34.26 1.21 64.38
CA GLU B 26 33.00 1.46 65.10
C GLU B 26 31.80 1.14 64.18
N PRO B 27 31.56 -0.15 63.85
CA PRO B 27 30.53 -0.56 62.90
C PRO B 27 29.14 -0.10 63.31
N GLU B 28 28.34 0.34 62.34
CA GLU B 28 27.03 1.01 62.49
C GLU B 28 26.99 2.30 63.34
N GLU B 29 27.72 2.38 64.46
CA GLU B 29 27.95 3.61 65.22
C GLU B 29 28.47 4.74 64.32
N THR B 30 29.34 4.39 63.37
CA THR B 30 29.82 5.26 62.29
C THR B 30 28.71 6.05 61.58
N LEU B 31 27.52 5.45 61.39
CA LEU B 31 26.43 6.10 60.67
C LEU B 31 25.67 7.09 61.55
N ARG B 32 25.62 6.90 62.87
CA ARG B 32 24.95 7.84 63.78
C ARG B 32 25.63 9.20 63.86
N MET B 33 26.90 9.34 63.47
CA MET B 33 27.51 10.66 63.26
C MET B 33 26.73 11.51 62.26
N LEU B 34 26.06 10.90 61.28
CA LEU B 34 25.18 11.56 60.30
C LEU B 34 23.71 11.66 60.74
N GLU B 35 23.28 11.00 61.82
CA GLU B 35 21.87 11.06 62.23
C GLU B 35 21.52 12.45 62.76
N ASP B 36 22.12 12.84 63.88
CA ASP B 36 21.72 14.03 64.64
C ASP B 36 22.38 15.33 64.14
N ASN B 37 23.16 15.25 63.07
CA ASN B 37 23.35 16.37 62.12
C ASN B 37 23.73 15.86 60.72
N VAL B 38 23.01 16.31 59.69
CA VAL B 38 23.40 16.21 58.27
C VAL B 38 23.06 17.49 57.50
N MET B 39 22.63 18.54 58.20
CA MET B 39 22.12 19.79 57.62
C MET B 39 23.25 20.79 57.34
N ARG B 40 24.38 20.70 58.03
CA ARG B 40 25.59 21.49 57.75
C ARG B 40 26.29 20.99 56.47
N PRO B 41 26.82 21.86 55.60
CA PRO B 41 27.44 21.48 54.32
C PRO B 41 28.56 20.43 54.38
N GLY B 42 29.29 20.35 55.50
CA GLY B 42 30.50 19.50 55.61
C GLY B 42 30.22 18.00 55.65
N TYR B 43 28.97 17.56 55.84
CA TYR B 43 28.67 16.17 56.15
C TYR B 43 28.95 15.15 55.04
N TYR B 44 28.97 15.55 53.77
CA TYR B 44 29.43 14.65 52.71
C TYR B 44 30.94 14.34 52.79
N GLN B 45 31.74 15.21 53.41
CA GLN B 45 33.16 14.89 53.69
C GLN B 45 33.31 13.96 54.89
N LEU B 46 32.45 14.06 55.91
CA LEU B 46 32.39 13.03 56.95
C LEU B 46 31.99 11.67 56.36
N LEU B 47 31.02 11.63 55.44
CA LEU B 47 30.66 10.40 54.71
C LEU B 47 31.84 9.85 53.88
N GLN B 48 32.58 10.73 53.19
CA GLN B 48 33.76 10.37 52.41
C GLN B 48 34.84 9.70 53.26
N ALA B 49 35.11 10.21 54.47
CA ALA B 49 35.99 9.56 55.44
C ALA B 49 35.42 8.27 56.03
N SER B 50 34.16 8.30 56.46
CA SER B 50 33.50 7.22 57.22
C SER B 50 33.38 5.89 56.47
N LEU B 51 33.28 5.94 55.13
CA LEU B 51 33.15 4.77 54.26
C LEU B 51 34.38 4.55 53.35
N THR B 52 35.53 5.11 53.74
CA THR B 52 36.85 4.83 53.14
C THR B 52 37.70 4.02 54.12
N CYS B 53 38.38 2.97 53.63
CA CYS B 53 39.22 2.09 54.44
C CYS B 53 40.67 2.08 53.94
N SER B 54 41.59 1.87 54.89
CA SER B 54 43.05 1.92 54.71
C SER B 54 43.70 0.56 55.03
N PRO B 55 43.66 -0.42 54.10
CA PRO B 55 44.34 -1.71 54.27
C PRO B 55 45.86 -1.56 54.14
N HIS B 56 46.61 -2.57 54.59
CA HIS B 56 48.05 -2.49 54.80
C HIS B 56 48.87 -2.07 53.57
N ARG B 57 48.38 -2.36 52.36
CA ARG B 57 49.01 -2.01 51.07
C ARG B 57 48.97 -0.51 50.69
N GLN B 58 48.11 0.31 51.32
CA GLN B 58 47.86 1.70 50.89
C GLN B 58 49.04 2.65 51.23
N ARG B 59 49.38 3.58 50.32
CA ARG B 59 50.68 4.28 50.34
C ARG B 59 50.73 5.65 49.63
N ARG B 60 49.61 6.35 49.44
CA ARG B 60 49.58 7.76 48.98
C ARG B 60 50.22 8.73 50.00
N PRO C 1 -23.28 -52.06 44.09
CA PRO C 1 -22.60 -50.93 43.42
C PRO C 1 -23.10 -50.70 41.98
N VAL C 2 -22.77 -49.54 41.40
CA VAL C 2 -22.96 -49.26 39.97
C VAL C 2 -22.09 -50.19 39.10
N MET C 3 -22.60 -50.62 37.94
CA MET C 3 -22.01 -51.71 37.15
C MET C 3 -21.66 -51.31 35.71
N CYS C 4 -20.63 -51.98 35.19
CA CYS C 4 -19.90 -51.71 33.95
C CYS C 4 -19.70 -53.04 33.19
N LEU C 5 -19.46 -53.00 31.89
CA LEU C 5 -19.60 -54.20 31.04
C LEU C 5 -18.57 -54.30 29.91
N LEU C 6 -18.40 -55.53 29.41
CA LEU C 6 -17.63 -55.88 28.22
C LEU C 6 -18.19 -57.18 27.63
N ALA C 7 -18.83 -57.09 26.45
CA ALA C 7 -19.40 -58.22 25.72
C ALA C 7 -20.28 -59.13 26.62
N ASN C 8 -19.88 -60.38 26.85
CA ASN C 8 -20.59 -61.36 27.66
C ASN C 8 -20.46 -61.14 29.19
N THR C 9 -19.78 -60.07 29.64
CA THR C 9 -19.43 -59.83 31.05
C THR C 9 -20.01 -58.52 31.59
N THR C 10 -20.41 -58.51 32.85
CA THR C 10 -20.87 -57.30 33.57
C THR C 10 -20.42 -57.39 35.04
N PHE C 11 -19.88 -56.29 35.58
CA PHE C 11 -19.12 -56.26 36.83
C PHE C 11 -19.29 -54.93 37.57
N PRO C 12 -19.09 -54.87 38.89
CA PRO C 12 -19.13 -53.60 39.62
C PRO C 12 -17.98 -52.70 39.16
N CYS C 13 -18.25 -51.42 38.90
CA CYS C 13 -17.29 -50.52 38.24
C CYS C 13 -16.05 -50.17 39.09
N SER C 14 -16.11 -50.31 40.42
CA SER C 14 -15.08 -49.80 41.34
C SER C 14 -13.67 -50.31 41.00
N GLN C 15 -13.55 -51.56 40.55
CA GLN C 15 -12.41 -52.06 39.77
C GLN C 15 -12.87 -53.18 38.80
N PRO C 16 -12.22 -53.35 37.63
CA PRO C 16 -12.59 -54.39 36.67
C PRO C 16 -12.28 -55.80 37.18
N PRO C 17 -12.81 -56.86 36.54
CA PRO C 17 -12.49 -58.26 36.85
C PRO C 17 -11.06 -58.64 36.42
N CYS C 18 -10.48 -57.89 35.50
CA CYS C 18 -9.07 -57.96 35.12
C CYS C 18 -8.16 -57.62 36.32
N THR C 19 -6.95 -58.19 36.37
CA THR C 19 -5.98 -57.91 37.46
C THR C 19 -5.66 -56.40 37.55
N PRO C 20 -5.33 -55.87 38.75
CA PRO C 20 -5.21 -54.43 38.97
C PRO C 20 -4.10 -53.80 38.11
N CYS C 21 -4.29 -52.52 37.76
CA CYS C 21 -3.59 -51.79 36.69
C CYS C 21 -3.71 -52.47 35.31
N CYS C 22 -4.94 -52.85 34.94
CA CYS C 22 -5.22 -53.69 33.77
C CYS C 22 -4.73 -53.13 32.43
N TYR C 23 -4.71 -51.80 32.22
CA TYR C 23 -4.11 -51.23 31.00
C TYR C 23 -2.62 -51.59 30.88
N GLU C 24 -1.89 -51.65 32.00
CA GLU C 24 -0.47 -52.06 32.01
C GLU C 24 -0.29 -53.54 31.61
N LYS C 25 -1.31 -54.37 31.85
CA LYS C 25 -1.36 -55.79 31.48
C LYS C 25 -1.75 -56.01 30.02
N GLU C 26 -2.59 -55.13 29.49
CA GLU C 26 -3.20 -55.25 28.17
C GLU C 26 -3.45 -53.87 27.54
N PRO C 27 -2.43 -53.22 26.95
CA PRO C 27 -2.52 -51.86 26.43
C PRO C 27 -3.59 -51.59 25.35
N GLU C 28 -4.20 -52.64 24.79
CA GLU C 28 -5.30 -52.53 23.81
C GLU C 28 -6.66 -52.96 24.39
N GLU C 29 -6.78 -53.13 25.71
CA GLU C 29 -8.03 -53.48 26.40
C GLU C 29 -9.11 -52.41 26.25
N THR C 30 -8.72 -51.13 26.32
CA THR C 30 -9.70 -50.05 26.49
C THR C 30 -10.53 -49.82 25.24
N LEU C 31 -9.93 -50.10 24.08
CA LEU C 31 -10.58 -50.05 22.77
C LEU C 31 -11.52 -51.25 22.52
N ARG C 32 -11.58 -52.20 23.46
CA ARG C 32 -12.76 -53.06 23.70
C ARG C 32 -13.65 -52.45 24.79
N MET C 33 -13.12 -52.22 25.99
CA MET C 33 -13.89 -51.89 27.19
C MET C 33 -14.82 -50.69 27.05
N LEU C 34 -14.40 -49.65 26.31
CA LEU C 34 -15.14 -48.41 26.10
C LEU C 34 -15.71 -48.31 24.66
N GLU C 35 -15.80 -49.44 23.93
CA GLU C 35 -16.49 -49.52 22.63
C GLU C 35 -18.00 -49.73 22.81
N ASP C 36 -18.41 -50.71 23.62
CA ASP C 36 -19.83 -51.12 23.75
C ASP C 36 -20.62 -50.41 24.86
N ASN C 37 -19.98 -49.71 25.80
CA ASN C 37 -20.59 -48.68 26.65
C ASN C 37 -19.54 -47.71 27.21
N VAL C 38 -19.98 -46.51 27.63
CA VAL C 38 -19.14 -45.46 28.27
C VAL C 38 -19.95 -44.48 29.14
N MET C 39 -21.26 -44.40 28.95
CA MET C 39 -22.11 -43.28 29.38
C MET C 39 -22.57 -43.34 30.84
N ARG C 40 -22.38 -44.48 31.53
CA ARG C 40 -22.92 -44.73 32.88
C ARG C 40 -21.97 -44.20 33.96
N PRO C 41 -22.46 -43.66 35.08
CA PRO C 41 -21.63 -42.86 36.00
C PRO C 41 -20.49 -43.64 36.67
N GLY C 42 -20.58 -44.96 36.76
CA GLY C 42 -19.48 -45.80 37.21
C GLY C 42 -18.28 -45.85 36.25
N TYR C 43 -18.41 -45.55 34.96
CA TYR C 43 -17.30 -45.64 33.99
C TYR C 43 -16.11 -44.74 34.35
N TYR C 44 -16.34 -43.69 35.14
CA TYR C 44 -15.27 -42.76 35.56
C TYR C 44 -14.75 -43.03 36.98
N GLN C 45 -15.33 -44.02 37.67
CA GLN C 45 -14.64 -44.80 38.71
C GLN C 45 -13.76 -45.87 38.04
N LEU C 46 -14.31 -46.58 37.05
CA LEU C 46 -13.63 -47.63 36.29
C LEU C 46 -12.35 -47.14 35.61
N LEU C 47 -12.37 -45.99 34.94
CA LEU C 47 -11.19 -45.46 34.27
C LEU C 47 -10.02 -45.18 35.25
N GLN C 48 -10.33 -44.73 36.47
CA GLN C 48 -9.31 -44.51 37.49
C GLN C 48 -8.67 -45.82 37.94
N ALA C 49 -9.47 -46.86 38.21
CA ALA C 49 -8.98 -48.20 38.56
C ALA C 49 -8.17 -48.85 37.43
N SER C 50 -8.59 -48.64 36.18
CA SER C 50 -7.96 -49.22 34.98
C SER C 50 -6.50 -48.77 34.80
N LEU C 51 -6.19 -47.53 35.21
CA LEU C 51 -4.90 -46.87 34.97
C LEU C 51 -4.12 -46.56 36.26
N THR C 52 -4.70 -46.74 37.45
CA THR C 52 -4.07 -46.36 38.74
C THR C 52 -4.57 -47.26 39.89
N CYS C 53 -3.90 -48.39 40.07
CA CYS C 53 -4.12 -49.34 41.18
C CYS C 53 -2.82 -50.11 41.48
N SER C 54 -2.72 -50.73 42.65
CA SER C 54 -1.48 -51.29 43.20
C SER C 54 -0.93 -52.50 42.42
N PRO C 55 0.33 -52.46 41.95
CA PRO C 55 1.14 -53.67 41.77
C PRO C 55 1.61 -54.21 43.14
N HIS C 56 2.36 -55.33 43.15
CA HIS C 56 2.92 -55.93 44.38
C HIS C 56 3.85 -54.99 45.17
N ARG C 57 4.44 -53.98 44.51
CA ARG C 57 5.26 -52.92 45.10
C ARG C 57 4.47 -51.81 45.82
N GLN C 58 3.14 -51.91 45.95
CA GLN C 58 2.28 -50.85 46.52
C GLN C 58 1.22 -51.36 47.52
N ARG C 59 0.73 -50.41 48.33
CA ARG C 59 -0.21 -50.53 49.46
C ARG C 59 -0.84 -49.14 49.71
N ARG C 60 -1.91 -49.04 50.52
CA ARG C 60 -2.44 -47.76 51.02
C ARG C 60 -1.87 -47.40 52.40
N TYR D 1 -32.00 -23.84 -44.28
CA TYR D 1 -33.13 -22.96 -43.96
C TYR D 1 -32.73 -21.94 -42.91
N GLU D 2 -32.71 -20.65 -43.28
CA GLU D 2 -32.38 -19.53 -42.38
C GLU D 2 -33.51 -19.21 -41.41
N HIS D 3 -33.19 -19.07 -40.13
CA HIS D 3 -34.02 -18.43 -39.11
C HIS D 3 -33.17 -17.42 -38.34
N VAL D 4 -33.68 -16.21 -38.14
CA VAL D 4 -32.95 -15.13 -37.45
C VAL D 4 -33.80 -14.53 -36.35
N THR D 5 -33.22 -14.36 -35.17
CA THR D 5 -33.92 -14.00 -33.95
C THR D 5 -33.02 -13.15 -33.06
N VAL D 6 -33.61 -12.37 -32.16
CA VAL D 6 -32.86 -11.50 -31.26
C VAL D 6 -33.02 -12.05 -29.85
N ILE D 7 -31.90 -12.35 -29.21
CA ILE D 7 -31.86 -12.68 -27.78
C ILE D 7 -31.28 -11.50 -27.01
N PRO D 8 -31.88 -11.05 -25.91
CA PRO D 8 -31.26 -10.11 -25.01
C PRO D 8 -29.86 -10.58 -24.60
N ASN D 9 -28.94 -9.65 -24.36
CA ASN D 9 -27.54 -9.94 -24.07
C ASN D 9 -27.31 -10.48 -22.65
N THR D 10 -28.28 -11.20 -22.08
CA THR D 10 -28.28 -11.60 -20.66
C THR D 10 -27.79 -13.04 -20.55
N VAL D 11 -26.66 -13.23 -19.86
CA VAL D 11 -26.04 -14.53 -19.65
C VAL D 11 -26.86 -15.39 -18.69
N GLY D 12 -27.00 -16.68 -18.98
CA GLY D 12 -27.70 -17.62 -18.11
C GLY D 12 -29.22 -17.48 -18.05
N VAL D 13 -29.87 -16.89 -19.07
CA VAL D 13 -31.33 -16.89 -19.22
C VAL D 13 -31.71 -17.63 -20.51
N PRO D 14 -32.43 -18.76 -20.45
CA PRO D 14 -32.68 -19.59 -21.62
C PRO D 14 -33.87 -19.09 -22.44
N TYR D 15 -33.61 -18.39 -23.54
CA TYR D 15 -34.62 -17.91 -24.49
C TYR D 15 -35.12 -19.03 -25.41
N LYS D 16 -36.35 -19.48 -25.19
CA LYS D 16 -37.10 -20.30 -26.16
C LYS D 16 -37.39 -19.45 -27.40
N THR D 17 -37.17 -20.00 -28.59
CA THR D 17 -37.47 -19.36 -29.87
C THR D 17 -38.05 -20.36 -30.86
N LEU D 18 -39.02 -19.93 -31.68
CA LEU D 18 -39.89 -20.80 -32.47
C LEU D 18 -39.57 -20.71 -33.96
N VAL D 19 -39.27 -21.86 -34.58
CA VAL D 19 -39.00 -22.00 -35.99
C VAL D 19 -40.18 -22.69 -36.65
N ASN D 20 -40.82 -22.03 -37.62
CA ASN D 20 -42.15 -22.41 -38.10
C ASN D 20 -42.18 -22.50 -39.64
N ARG D 21 -41.32 -23.37 -40.19
CA ARG D 21 -41.20 -23.61 -41.63
C ARG D 21 -42.48 -24.29 -42.18
N PRO D 22 -43.16 -23.73 -43.19
CA PRO D 22 -44.35 -24.34 -43.79
C PRO D 22 -44.14 -25.78 -44.27
N GLY D 23 -45.15 -26.64 -44.09
CA GLY D 23 -45.07 -28.07 -44.46
C GLY D 23 -44.31 -28.96 -43.48
N TYR D 24 -43.78 -28.40 -42.39
CA TYR D 24 -43.13 -29.11 -41.28
C TYR D 24 -43.81 -28.75 -39.96
N SER D 25 -43.81 -29.67 -38.99
CA SER D 25 -44.31 -29.35 -37.64
C SER D 25 -43.34 -28.37 -36.98
N PRO D 26 -43.79 -27.41 -36.16
CA PRO D 26 -42.91 -26.42 -35.57
C PRO D 26 -41.76 -27.04 -34.78
N MET D 27 -40.63 -26.36 -34.78
CA MET D 27 -39.43 -26.71 -34.01
C MET D 27 -39.15 -25.59 -33.03
N VAL D 28 -38.85 -25.90 -31.78
CA VAL D 28 -38.48 -24.92 -30.76
C VAL D 28 -37.04 -25.12 -30.37
N LEU D 29 -36.24 -24.06 -30.48
CA LEU D 29 -34.86 -24.03 -30.00
C LEU D 29 -34.84 -23.29 -28.67
N GLU D 30 -34.09 -23.80 -27.71
CA GLU D 30 -33.78 -23.06 -26.49
C GLU D 30 -32.35 -22.55 -26.59
N MET D 31 -32.16 -21.25 -26.44
CA MET D 31 -30.86 -20.59 -26.56
C MET D 31 -30.45 -19.97 -25.24
N GLU D 32 -29.24 -20.20 -24.76
CA GLU D 32 -28.74 -19.59 -23.52
C GLU D 32 -27.29 -19.15 -23.68
N LEU D 33 -27.01 -17.86 -23.59
CA LEU D 33 -25.63 -17.37 -23.60
C LEU D 33 -24.92 -17.85 -22.34
N LEU D 34 -23.86 -18.65 -22.47
CA LEU D 34 -23.06 -19.13 -21.36
C LEU D 34 -22.01 -18.12 -20.94
N SER D 35 -21.39 -17.42 -21.89
CA SER D 35 -20.64 -16.22 -21.62
C SER D 35 -20.61 -15.30 -22.83
N VAL D 36 -20.49 -13.99 -22.60
CA VAL D 36 -20.19 -13.00 -23.64
C VAL D 36 -18.91 -12.29 -23.22
N THR D 37 -18.05 -11.95 -24.16
CA THR D 37 -16.72 -11.40 -23.87
C THR D 37 -16.45 -10.20 -24.75
N LEU D 38 -15.89 -9.13 -24.21
CA LEU D 38 -15.36 -7.99 -24.95
C LEU D 38 -13.86 -7.93 -24.71
N GLU D 39 -13.06 -8.48 -25.61
CA GLU D 39 -11.61 -8.35 -25.53
C GLU D 39 -11.18 -7.05 -26.22
N PRO D 40 -10.64 -6.06 -25.51
CA PRO D 40 -10.27 -4.79 -26.11
C PRO D 40 -8.99 -4.96 -26.93
N THR D 41 -8.92 -4.29 -28.07
CA THR D 41 -7.69 -4.22 -28.88
C THR D 41 -6.78 -3.18 -28.26
N LEU D 42 -5.54 -3.56 -27.93
CA LEU D 42 -4.80 -2.94 -26.84
C LEU D 42 -3.34 -2.59 -27.20
N SER D 43 -2.92 -1.33 -27.03
CA SER D 43 -1.56 -0.87 -27.37
C SER D 43 -0.78 -0.42 -26.14
N LEU D 44 0.34 -1.06 -25.82
CA LEU D 44 1.19 -0.69 -24.68
C LEU D 44 1.85 0.68 -24.91
N ASP D 45 1.58 1.66 -24.05
CA ASP D 45 2.31 2.93 -24.02
C ASP D 45 3.57 2.84 -23.17
N TYR D 46 3.47 2.42 -21.91
CA TYR D 46 4.63 2.26 -21.06
C TYR D 46 4.38 1.38 -19.84
N ILE D 47 5.47 0.95 -19.23
CA ILE D 47 5.54 0.40 -17.89
C ILE D 47 5.81 1.55 -16.92
N THR D 48 5.21 1.50 -15.74
CA THR D 48 5.69 2.21 -14.56
C THR D 48 5.96 1.21 -13.45
N CYS D 49 6.92 1.50 -12.60
CA CYS D 49 7.44 0.52 -11.67
C CYS D 49 8.27 1.19 -10.57
N GLU D 50 8.86 0.39 -9.69
CA GLU D 50 9.66 0.87 -8.59
C GLU D 50 11.00 1.44 -9.07
N TYR D 51 11.23 2.75 -8.98
CA TYR D 51 12.57 3.27 -9.30
C TYR D 51 13.62 2.79 -8.29
N LYS D 52 14.88 2.75 -8.71
CA LYS D 52 16.06 2.53 -7.88
C LYS D 52 16.92 3.77 -7.96
N THR D 53 17.21 4.44 -6.84
CA THR D 53 18.21 5.52 -6.84
C THR D 53 19.59 4.93 -6.59
N VAL D 54 20.49 5.16 -7.52
CA VAL D 54 21.83 4.59 -7.58
C VAL D 54 22.82 5.65 -7.16
N ILE D 55 23.63 5.34 -6.16
CA ILE D 55 24.54 6.28 -5.52
C ILE D 55 25.87 5.55 -5.32
N PRO D 56 26.92 5.84 -6.11
CA PRO D 56 28.24 5.28 -5.88
C PRO D 56 28.87 5.92 -4.65
N SER D 57 29.91 5.31 -4.10
CA SER D 57 30.72 5.94 -3.06
C SER D 57 31.05 7.39 -3.42
N PRO D 58 30.94 8.34 -2.48
CA PRO D 58 31.25 9.72 -2.78
C PRO D 58 32.74 9.86 -3.00
N TYR D 59 33.15 10.60 -4.02
CA TYR D 59 34.55 10.97 -4.12
C TYR D 59 34.81 12.14 -3.20
N VAL D 60 35.72 11.97 -2.24
CA VAL D 60 36.26 13.09 -1.46
C VAL D 60 37.73 13.27 -1.77
N LYS D 61 38.09 14.47 -2.24
CA LYS D 61 39.48 14.85 -2.53
C LYS D 61 40.01 15.70 -1.39
N CYS D 62 41.12 15.29 -0.80
CA CYS D 62 41.80 16.13 0.17
C CYS D 62 42.55 17.28 -0.53
N CYS D 63 42.68 18.42 0.16
CA CYS D 63 43.57 19.50 -0.24
C CYS D 63 43.30 20.12 -1.64
N GLY D 64 42.13 19.90 -2.25
CA GLY D 64 41.78 20.51 -3.54
C GLY D 64 40.34 20.27 -4.00
N THR D 65 39.83 21.15 -4.87
CA THR D 65 38.49 21.06 -5.44
C THR D 65 38.37 19.93 -6.46
N ALA D 66 37.43 19.00 -6.27
CA ALA D 66 36.87 18.17 -7.33
C ALA D 66 35.98 19.01 -8.27
N GLU D 67 35.53 18.44 -9.38
CA GLU D 67 34.62 19.10 -10.31
C GLU D 67 33.67 18.10 -11.00
N CYS D 68 32.48 18.57 -11.39
CA CYS D 68 31.38 17.72 -11.83
C CYS D 68 31.66 17.02 -13.16
N LYS D 69 31.85 15.70 -13.12
CA LYS D 69 32.13 14.85 -14.28
C LYS D 69 30.87 14.53 -15.08
N ASP D 70 30.16 15.57 -15.49
CA ASP D 70 28.79 15.58 -16.00
C ASP D 70 28.53 14.51 -17.09
N LYS D 71 27.41 13.80 -16.98
CA LYS D 71 27.01 12.66 -17.82
C LYS D 71 25.49 12.58 -17.96
N SER D 72 24.99 11.96 -19.02
CA SER D 72 23.55 11.80 -19.26
C SER D 72 23.05 10.43 -18.79
N LEU D 73 22.33 10.43 -17.66
CA LEU D 73 21.67 9.28 -17.03
C LEU D 73 20.28 9.73 -16.53
N PRO D 74 19.31 8.82 -16.30
CA PRO D 74 17.88 9.13 -16.44
C PRO D 74 17.33 10.31 -15.63
N ASP D 75 17.86 10.57 -14.44
CA ASP D 75 17.61 11.79 -13.66
C ASP D 75 18.88 12.19 -12.91
N TYR D 76 20.01 12.20 -13.62
CA TYR D 76 21.34 12.40 -13.03
C TYR D 76 21.44 13.74 -12.31
N SER D 77 22.11 13.73 -11.16
CA SER D 77 22.50 14.94 -10.44
C SER D 77 23.82 14.73 -9.75
N CYS D 78 24.68 15.74 -9.70
CA CYS D 78 25.86 15.73 -8.85
C CYS D 78 26.21 17.14 -8.36
N LYS D 79 26.91 17.20 -7.23
CA LYS D 79 27.17 18.43 -6.51
C LYS D 79 28.50 18.30 -5.79
N VAL D 80 29.25 19.40 -5.68
CA VAL D 80 30.52 19.42 -4.95
C VAL D 80 30.34 20.22 -3.67
N PHE D 81 30.57 19.58 -2.54
CA PHE D 81 30.44 20.17 -1.22
C PHE D 81 31.81 20.49 -0.65
N THR D 82 31.98 21.71 -0.15
CA THR D 82 33.29 22.28 0.16
C THR D 82 33.55 22.40 1.66
N GLY D 83 34.80 22.19 2.08
CA GLY D 83 35.19 22.28 3.48
C GLY D 83 34.75 21.08 4.33
N VAL D 84 34.55 19.92 3.72
CA VAL D 84 34.28 18.67 4.44
C VAL D 84 35.51 18.22 5.22
N TYR D 85 35.32 17.43 6.28
CA TYR D 85 36.42 16.80 6.99
C TYR D 85 35.99 15.42 7.51
N PRO D 86 35.78 14.44 6.61
CA PRO D 86 35.20 13.16 6.95
C PRO D 86 36.14 12.28 7.77
N PHE D 87 35.56 11.52 8.70
CA PHE D 87 36.27 10.54 9.53
C PHE D 87 35.89 9.12 9.13
N MET D 88 36.90 8.29 8.94
CA MET D 88 36.74 6.82 8.95
C MET D 88 36.74 6.35 10.39
N TRP D 89 36.72 5.04 10.62
CA TRP D 89 36.65 4.52 11.98
C TRP D 89 37.89 4.86 12.82
N GLY D 90 39.08 4.91 12.22
CA GLY D 90 40.36 5.02 12.93
C GLY D 90 41.11 6.34 12.77
N GLY D 91 40.53 7.33 12.08
CA GLY D 91 41.18 8.61 11.83
C GLY D 91 40.40 9.47 10.84
N ALA D 92 40.80 10.72 10.68
CA ALA D 92 40.34 11.54 9.57
C ALA D 92 40.79 10.95 8.23
N TYR D 93 39.96 11.05 7.20
CA TYR D 93 40.31 10.56 5.88
C TYR D 93 41.30 11.49 5.17
N CYS D 94 40.97 12.78 5.10
CA CYS D 94 41.83 13.80 4.50
C CYS D 94 43.02 14.16 5.41
N PHE D 95 44.07 14.72 4.83
CA PHE D 95 45.21 15.23 5.59
C PHE D 95 44.87 16.51 6.38
N CYS D 96 44.41 17.57 5.71
CA CYS D 96 44.04 18.84 6.33
C CYS D 96 42.53 18.97 6.59
N ASP D 97 42.11 19.94 7.39
CA ASP D 97 40.70 20.18 7.76
C ASP D 97 40.05 21.36 7.02
N THR D 98 40.67 21.84 5.95
CA THR D 98 40.15 22.89 5.06
C THR D 98 40.57 22.63 3.62
N GLU D 99 39.88 23.22 2.65
CA GLU D 99 40.12 23.05 1.21
C GLU D 99 39.93 21.61 0.66
N ASN D 100 39.47 20.65 1.48
CA ASN D 100 38.92 19.39 0.97
C ASN D 100 37.57 19.62 0.26
N THR D 101 37.17 18.71 -0.62
CA THR D 101 35.84 18.74 -1.24
C THR D 101 35.30 17.34 -1.48
N GLN D 102 33.97 17.19 -1.44
CA GLN D 102 33.29 15.94 -1.78
C GLN D 102 32.43 16.15 -3.01
N LEU D 103 32.70 15.42 -4.08
CA LEU D 103 31.79 15.24 -5.19
C LEU D 103 30.83 14.10 -4.84
N SER D 104 29.56 14.42 -4.70
CA SER D 104 28.49 13.44 -4.58
C SER D 104 27.71 13.39 -5.87
N GLU D 105 27.35 12.21 -6.34
CA GLU D 105 26.57 12.03 -7.56
C GLU D 105 25.55 10.93 -7.39
N ALA D 106 24.43 11.03 -8.08
CA ALA D 106 23.35 10.09 -8.00
C ALA D 106 22.52 10.11 -9.29
N HIS D 107 21.83 9.03 -9.58
CA HIS D 107 20.90 8.94 -10.70
C HIS D 107 19.88 7.84 -10.41
N VAL D 108 18.82 7.74 -11.20
CA VAL D 108 17.79 6.72 -10.97
C VAL D 108 17.67 5.77 -12.15
N GLU D 109 17.22 4.56 -11.88
CA GLU D 109 17.03 3.48 -12.83
C GLU D 109 15.71 2.78 -12.53
N LYS D 110 15.24 1.89 -13.40
CA LYS D 110 14.27 0.89 -12.96
C LYS D 110 14.94 -0.01 -11.91
N SER D 111 14.19 -0.46 -10.91
CA SER D 111 14.63 -1.58 -10.08
C SER D 111 14.67 -2.87 -10.89
N GLU D 112 15.46 -3.82 -10.44
CA GLU D 112 15.47 -5.18 -10.97
C GLU D 112 14.14 -5.91 -10.70
N SER D 113 13.35 -5.47 -9.73
CA SER D 113 11.97 -5.93 -9.51
C SER D 113 10.98 -5.52 -10.61
N CYS D 114 11.30 -4.55 -11.46
CA CYS D 114 10.35 -4.02 -12.44
C CYS D 114 9.97 -5.02 -13.53
N LYS D 115 10.66 -6.15 -13.60
CA LYS D 115 10.34 -7.27 -14.50
C LYS D 115 9.14 -8.10 -14.03
N THR D 116 8.75 -8.02 -12.75
CA THR D 116 7.57 -8.70 -12.20
C THR D 116 6.60 -7.78 -11.45
N GLU D 117 7.08 -6.74 -10.77
CA GLU D 117 6.23 -5.69 -10.17
C GLU D 117 6.18 -4.44 -11.01
N PHE D 118 5.21 -4.37 -11.91
CA PHE D 118 5.00 -3.22 -12.80
C PHE D 118 3.52 -3.05 -13.08
N ALA D 119 3.11 -1.82 -13.35
CA ALA D 119 1.80 -1.49 -13.88
C ALA D 119 1.95 -1.10 -15.33
N SER D 120 1.06 -1.60 -16.18
CA SER D 120 1.17 -1.46 -17.62
C SER D 120 0.11 -0.49 -18.12
N ALA D 121 0.53 0.62 -18.73
CA ALA D 121 -0.35 1.65 -19.26
C ALA D 121 -0.65 1.40 -20.73
N TYR D 122 -1.92 1.22 -21.06
CA TYR D 122 -2.41 0.80 -22.37
C TYR D 122 -3.39 1.80 -22.94
N ARG D 123 -3.42 1.89 -24.27
CA ARG D 123 -4.48 2.55 -25.03
C ARG D 123 -5.41 1.49 -25.58
N ALA D 124 -6.71 1.63 -25.38
CA ALA D 124 -7.69 0.60 -25.73
C ALA D 124 -8.70 1.14 -26.74
N HIS D 125 -8.79 0.51 -27.91
CA HIS D 125 -9.43 1.15 -29.08
C HIS D 125 -10.90 0.76 -29.25
N THR D 126 -11.14 -0.53 -29.39
CA THR D 126 -12.46 -1.16 -29.56
C THR D 126 -12.29 -2.67 -29.40
N ALA D 127 -13.36 -3.42 -29.21
CA ALA D 127 -13.30 -4.80 -28.78
C ALA D 127 -13.71 -5.81 -29.86
N SER D 128 -12.95 -6.91 -29.98
CA SER D 128 -13.36 -8.09 -30.73
C SER D 128 -14.32 -8.92 -29.90
N ALA D 129 -15.61 -8.58 -29.93
CA ALA D 129 -16.62 -9.28 -29.15
C ALA D 129 -16.67 -10.78 -29.47
N SER D 130 -16.97 -11.60 -28.48
CA SER D 130 -16.97 -13.06 -28.57
C SER D 130 -18.09 -13.62 -27.71
N ALA D 131 -18.58 -14.82 -28.00
CA ALA D 131 -19.63 -15.47 -27.24
C ALA D 131 -19.39 -16.96 -27.11
N LYS D 132 -20.02 -17.56 -26.10
CA LYS D 132 -20.19 -19.01 -25.98
C LYS D 132 -21.63 -19.25 -25.64
N LEU D 133 -22.28 -20.12 -26.39
CA LEU D 133 -23.74 -20.22 -26.43
C LEU D 133 -24.12 -21.69 -26.35
N ARG D 134 -25.13 -22.00 -25.54
CA ARG D 134 -25.75 -23.31 -25.49
C ARG D 134 -27.02 -23.23 -26.29
N VAL D 135 -27.23 -24.19 -27.17
CA VAL D 135 -28.51 -24.36 -27.84
C VAL D 135 -29.01 -25.79 -27.67
N LEU D 136 -30.31 -25.93 -27.40
CA LEU D 136 -31.00 -27.21 -27.43
C LEU D 136 -31.52 -27.41 -28.85
N TYR D 137 -30.82 -28.22 -29.64
CA TYR D 137 -31.11 -28.46 -31.06
C TYR D 137 -31.21 -29.96 -31.29
N GLN D 138 -32.28 -30.43 -31.95
CA GLN D 138 -32.56 -31.85 -32.14
C GLN D 138 -32.50 -32.65 -30.81
N GLY D 139 -33.09 -32.08 -29.75
CA GLY D 139 -33.24 -32.76 -28.46
C GLY D 139 -31.96 -32.97 -27.65
N ASN D 140 -30.82 -32.43 -28.06
CA ASN D 140 -29.56 -32.48 -27.29
C ASN D 140 -28.97 -31.07 -27.08
N ASN D 141 -28.27 -30.87 -25.96
CA ASN D 141 -27.52 -29.64 -25.70
C ASN D 141 -26.24 -29.64 -26.53
N VAL D 142 -25.98 -28.57 -27.28
CA VAL D 142 -24.73 -28.40 -28.03
C VAL D 142 -24.15 -27.00 -27.80
N THR D 143 -22.83 -26.92 -27.65
CA THR D 143 -22.13 -25.67 -27.32
C THR D 143 -21.48 -25.08 -28.55
N VAL D 144 -21.77 -23.83 -28.86
CA VAL D 144 -21.25 -23.11 -30.02
C VAL D 144 -20.44 -21.90 -29.56
N SER D 145 -19.30 -21.61 -30.18
CA SER D 145 -18.28 -20.71 -29.64
C SER D 145 -17.84 -19.63 -30.63
N ALA D 146 -18.80 -18.87 -31.16
CA ALA D 146 -18.60 -17.86 -32.20
C ALA D 146 -17.89 -16.59 -31.71
N TYR D 147 -17.20 -15.89 -32.60
CA TYR D 147 -16.91 -14.47 -32.41
C TYR D 147 -18.19 -13.67 -32.69
N ALA D 148 -18.58 -12.75 -31.82
CA ALA D 148 -19.87 -12.07 -31.91
C ALA D 148 -19.84 -10.87 -32.87
N ASN D 149 -19.05 -10.94 -33.95
CA ASN D 149 -18.90 -9.86 -34.92
C ASN D 149 -19.99 -9.85 -36.00
N GLY D 150 -20.80 -10.89 -36.10
CA GLY D 150 -21.68 -11.15 -37.25
C GLY D 150 -20.95 -11.75 -38.46
N ASP D 151 -19.66 -12.08 -38.36
CA ASP D 151 -18.87 -12.61 -39.47
C ASP D 151 -17.85 -13.69 -39.06
N HIS D 152 -18.19 -14.48 -38.05
CA HIS D 152 -17.73 -15.86 -37.89
C HIS D 152 -18.94 -16.78 -37.99
N ALA D 153 -18.91 -17.80 -38.85
CA ALA D 153 -19.94 -18.81 -38.92
C ALA D 153 -19.43 -20.13 -38.33
N VAL D 154 -20.12 -20.65 -37.32
CA VAL D 154 -19.75 -21.92 -36.69
C VAL D 154 -20.72 -22.99 -37.16
N THR D 155 -20.22 -24.13 -37.63
CA THR D 155 -21.09 -25.24 -38.04
C THR D 155 -20.94 -26.41 -37.08
N VAL D 156 -22.02 -26.86 -36.45
CA VAL D 156 -22.02 -27.99 -35.51
C VAL D 156 -23.35 -28.74 -35.57
N LYS D 157 -23.31 -30.08 -35.54
CA LYS D 157 -24.47 -30.96 -35.84
C LYS D 157 -25.20 -30.53 -37.13
N ASP D 158 -24.41 -30.14 -38.13
CA ASP D 158 -24.79 -29.64 -39.46
C ASP D 158 -25.67 -28.37 -39.50
N ALA D 159 -26.06 -27.81 -38.35
CA ALA D 159 -26.56 -26.44 -38.27
C ALA D 159 -25.41 -25.44 -38.35
N LYS D 160 -25.63 -24.28 -38.97
CA LYS D 160 -24.65 -23.20 -39.11
C LYS D 160 -25.13 -21.93 -38.41
N PHE D 161 -24.38 -21.46 -37.42
CA PHE D 161 -24.72 -20.35 -36.54
C PHE D 161 -23.89 -19.12 -36.86
N ILE D 162 -24.51 -17.95 -36.95
CA ILE D 162 -23.83 -16.65 -37.05
C ILE D 162 -24.45 -15.71 -36.01
N VAL D 163 -23.62 -15.05 -35.20
CA VAL D 163 -24.06 -14.30 -34.00
C VAL D 163 -23.48 -12.89 -33.98
N GLY D 164 -24.28 -11.92 -33.55
CA GLY D 164 -23.92 -10.50 -33.49
C GLY D 164 -23.99 -9.80 -34.85
N PRO D 165 -23.49 -8.55 -34.94
CA PRO D 165 -22.87 -7.77 -33.88
C PRO D 165 -23.89 -7.24 -32.87
N MET D 166 -23.51 -7.09 -31.60
CA MET D 166 -24.45 -6.62 -30.58
C MET D 166 -24.98 -5.22 -30.91
N SER D 167 -26.25 -4.97 -30.57
CA SER D 167 -26.90 -3.70 -30.84
C SER D 167 -26.38 -2.54 -29.99
N SER D 168 -25.62 -2.82 -28.93
CA SER D 168 -24.84 -1.81 -28.21
C SER D 168 -23.34 -2.01 -28.40
N ALA D 169 -22.67 -0.95 -28.84
CA ALA D 169 -21.21 -0.90 -28.96
C ALA D 169 -20.51 -0.50 -27.65
N TRP D 170 -21.26 -0.33 -26.56
CA TRP D 170 -20.75 0.04 -25.24
C TRP D 170 -19.67 -0.93 -24.72
N THR D 171 -18.75 -0.42 -23.90
CA THR D 171 -17.68 -1.18 -23.28
C THR D 171 -17.33 -0.57 -21.92
N PRO D 172 -16.87 -1.33 -20.90
CA PRO D 172 -16.49 -0.74 -19.63
C PRO D 172 -15.22 0.10 -19.73
N PHE D 173 -14.40 -0.19 -20.73
CA PHE D 173 -13.08 0.36 -20.94
C PHE D 173 -13.13 1.78 -21.51
N ASP D 174 -12.37 2.68 -20.90
CA ASP D 174 -12.13 4.02 -21.44
C ASP D 174 -10.93 3.99 -22.42
N ASN D 175 -10.63 5.11 -23.06
CA ASN D 175 -9.60 5.24 -24.08
C ASN D 175 -8.18 4.89 -23.57
N LYS D 176 -7.89 5.21 -22.31
CA LYS D 176 -6.62 4.92 -21.64
C LYS D 176 -6.88 4.13 -20.37
N ILE D 177 -6.06 3.10 -20.15
CA ILE D 177 -6.26 2.06 -19.14
C ILE D 177 -4.93 1.70 -18.51
N VAL D 178 -4.89 1.41 -17.22
CA VAL D 178 -3.71 0.81 -16.60
C VAL D 178 -4.09 -0.51 -15.99
N VAL D 179 -3.22 -1.51 -16.06
CA VAL D 179 -3.47 -2.81 -15.39
C VAL D 179 -2.33 -3.17 -14.48
N TYR D 180 -2.66 -3.87 -13.40
CA TYR D 180 -1.73 -4.38 -12.43
C TYR D 180 -2.21 -5.75 -11.96
N LYS D 181 -1.47 -6.81 -12.29
CA LYS D 181 -1.87 -8.19 -12.00
C LYS D 181 -3.33 -8.45 -12.42
N GLY D 182 -4.22 -8.84 -11.51
CA GLY D 182 -5.62 -9.18 -11.79
C GLY D 182 -6.57 -8.01 -12.02
N ASP D 183 -6.12 -6.76 -11.88
CA ASP D 183 -6.97 -5.57 -11.82
C ASP D 183 -6.69 -4.59 -12.95
N VAL D 184 -7.73 -3.93 -13.47
CA VAL D 184 -7.62 -2.87 -14.48
C VAL D 184 -8.34 -1.60 -14.05
N TYR D 185 -7.84 -0.44 -14.43
CA TYR D 185 -8.35 0.86 -14.01
C TYR D 185 -8.50 1.77 -15.23
N ASN D 186 -9.64 2.44 -15.40
CA ASN D 186 -9.75 3.50 -16.39
C ASN D 186 -8.97 4.71 -15.91
N MET D 187 -8.03 5.25 -16.69
CA MET D 187 -7.10 6.23 -16.15
C MET D 187 -6.45 7.11 -17.21
N ASP D 188 -6.66 8.41 -17.11
CA ASP D 188 -6.00 9.40 -17.94
C ASP D 188 -4.55 9.65 -17.47
N TYR D 189 -3.69 8.64 -17.59
CA TYR D 189 -2.30 8.70 -17.14
C TYR D 189 -1.50 9.79 -17.88
N PRO D 190 -0.38 10.29 -17.32
CA PRO D 190 0.39 11.37 -17.92
C PRO D 190 1.06 10.93 -19.23
N PRO D 191 1.39 11.86 -20.15
CA PRO D 191 2.12 11.51 -21.34
C PRO D 191 3.43 10.80 -21.03
N PHE D 192 3.88 9.93 -21.90
CA PHE D 192 5.23 9.40 -21.80
C PHE D 192 6.23 10.55 -21.87
N GLY D 193 7.26 10.55 -21.02
CA GLY D 193 8.24 11.62 -20.96
C GLY D 193 7.77 12.88 -20.23
N ALA D 194 6.63 12.84 -19.55
CA ALA D 194 6.01 14.02 -18.95
C ALA D 194 5.40 13.82 -17.56
N GLY D 195 5.72 12.74 -16.85
CA GLY D 195 5.23 12.51 -15.49
C GLY D 195 5.82 13.49 -14.46
N ARG D 196 5.02 13.92 -13.48
CA ARG D 196 5.45 14.74 -12.33
C ARG D 196 6.01 13.86 -11.20
N PRO D 197 6.84 14.38 -10.28
CA PRO D 197 7.41 13.60 -9.20
C PRO D 197 6.37 13.01 -8.24
N GLY D 198 6.56 11.77 -7.80
CA GLY D 198 5.75 11.14 -6.76
C GLY D 198 4.28 10.87 -7.07
N GLN D 199 3.72 11.35 -8.18
CA GLN D 199 2.44 10.86 -8.72
C GLN D 199 2.65 9.58 -9.52
N PHE D 200 1.59 8.93 -10.00
CA PHE D 200 1.74 7.77 -10.89
C PHE D 200 2.48 8.16 -12.18
N GLY D 201 3.46 7.36 -12.59
CA GLY D 201 4.26 7.65 -13.79
C GLY D 201 5.42 8.59 -13.58
N ASP D 202 5.96 8.74 -12.37
CA ASP D 202 7.21 9.51 -12.18
C ASP D 202 8.46 8.75 -12.64
N ILE D 203 8.33 7.48 -13.00
CA ILE D 203 9.26 6.72 -13.83
C ILE D 203 8.47 6.00 -14.91
N GLN D 204 8.96 6.03 -16.13
CA GLN D 204 8.32 5.47 -17.31
C GLN D 204 9.35 4.77 -18.18
N SER D 205 8.98 3.66 -18.81
CA SER D 205 9.84 2.91 -19.75
C SER D 205 8.97 2.20 -20.78
N ARG D 206 9.39 1.99 -22.03
CA ARG D 206 8.45 1.50 -23.06
C ARG D 206 8.05 0.03 -22.91
N THR D 207 8.86 -0.79 -22.26
CA THR D 207 8.57 -2.21 -21.97
C THR D 207 9.29 -2.63 -20.68
N PRO D 208 8.87 -3.71 -19.99
CA PRO D 208 9.53 -4.16 -18.78
C PRO D 208 11.04 -4.36 -18.97
N GLU D 209 11.44 -4.98 -20.07
CA GLU D 209 12.84 -5.28 -20.39
C GLU D 209 13.60 -4.17 -21.14
N SER D 210 12.95 -3.07 -21.56
CA SER D 210 13.62 -1.96 -22.25
C SER D 210 14.73 -1.33 -21.41
N GLU D 211 15.78 -0.84 -22.05
CA GLU D 211 16.87 -0.11 -21.39
C GLU D 211 16.59 1.41 -21.30
N ASP D 212 15.58 1.92 -22.00
CA ASP D 212 15.16 3.32 -21.86
C ASP D 212 14.48 3.57 -20.52
N VAL D 213 14.73 4.72 -19.90
CA VAL D 213 14.01 5.19 -18.72
C VAL D 213 13.80 6.69 -18.84
N TYR D 214 12.59 7.17 -18.63
CA TYR D 214 12.35 8.56 -18.27
C TYR D 214 12.06 8.59 -16.78
N ALA D 215 12.71 9.47 -16.04
CA ALA D 215 12.45 9.65 -14.63
C ALA D 215 12.40 11.12 -14.24
N ASN D 216 11.46 11.47 -13.36
CA ASN D 216 11.31 12.83 -12.84
C ASN D 216 11.06 12.78 -11.34
N THR D 217 12.00 12.27 -10.57
CA THR D 217 11.85 12.08 -9.12
C THR D 217 12.24 13.32 -8.32
N GLN D 218 12.72 14.37 -8.99
CA GLN D 218 13.34 15.55 -8.41
C GLN D 218 14.38 15.22 -7.35
N LEU D 219 15.29 14.29 -7.64
CA LEU D 219 16.42 14.00 -6.78
C LEU D 219 17.29 15.24 -6.62
N VAL D 220 17.45 15.70 -5.39
CA VAL D 220 18.30 16.85 -5.00
C VAL D 220 19.33 16.37 -3.99
N LEU D 221 20.61 16.43 -4.32
CA LEU D 221 21.67 16.09 -3.38
C LEU D 221 21.84 17.19 -2.32
N GLN D 222 22.20 16.80 -1.10
CA GLN D 222 22.28 17.68 0.05
C GLN D 222 23.65 17.59 0.69
N ARG D 223 24.07 18.63 1.43
CA ARG D 223 25.40 18.66 2.05
C ARG D 223 25.55 17.53 3.07
N PRO D 224 26.63 16.74 3.07
CA PRO D 224 26.85 15.72 4.09
C PRO D 224 27.03 16.35 5.46
N SER D 225 26.47 15.73 6.49
CA SER D 225 26.56 16.19 7.86
C SER D 225 28.01 16.15 8.35
N ALA D 226 28.42 17.18 9.10
CA ALA D 226 29.82 17.40 9.42
C ALA D 226 30.46 16.20 10.14
N GLY D 227 31.67 15.83 9.70
CA GLY D 227 32.43 14.73 10.29
C GLY D 227 31.96 13.34 9.88
N THR D 228 31.20 13.19 8.79
CA THR D 228 30.73 11.89 8.29
C THR D 228 30.82 11.76 6.77
N VAL D 229 30.80 10.53 6.28
CA VAL D 229 31.11 10.14 4.88
C VAL D 229 29.89 9.85 4.01
N HIS D 230 28.66 10.00 4.50
CA HIS D 230 27.45 9.63 3.77
C HIS D 230 27.13 10.54 2.56
N VAL D 231 26.14 10.14 1.77
CA VAL D 231 25.53 10.98 0.73
C VAL D 231 24.04 11.17 1.06
N PRO D 232 23.63 12.28 1.65
CA PRO D 232 22.22 12.57 1.86
C PRO D 232 21.59 13.16 0.62
N TYR D 233 20.36 12.77 0.32
CA TYR D 233 19.60 13.26 -0.82
C TYR D 233 18.12 13.36 -0.48
N SER D 234 17.44 14.29 -1.12
CA SER D 234 16.00 14.48 -1.06
C SER D 234 15.40 14.05 -2.38
N GLN D 235 14.29 13.32 -2.37
CA GLN D 235 13.68 12.82 -3.59
C GLN D 235 12.20 12.55 -3.36
N ALA D 236 11.33 12.81 -4.33
CA ALA D 236 9.92 12.42 -4.21
C ALA D 236 9.82 10.89 -4.13
N PRO D 237 9.13 10.29 -3.15
CA PRO D 237 9.07 8.84 -3.04
C PRO D 237 8.43 8.20 -4.27
N SER D 238 8.74 6.93 -4.52
CA SER D 238 8.28 6.19 -5.69
C SER D 238 6.79 6.32 -5.93
N GLY D 239 6.41 6.96 -7.04
CA GLY D 239 5.02 7.27 -7.35
C GLY D 239 4.19 6.04 -7.68
N PHE D 240 4.84 4.94 -8.06
CA PHE D 240 4.20 3.64 -8.23
C PHE D 240 3.80 3.06 -6.88
N LYS D 241 4.68 3.05 -5.89
CA LYS D 241 4.37 2.53 -4.54
C LYS D 241 3.30 3.35 -3.85
N TYR D 242 3.25 4.66 -4.06
CA TYR D 242 2.10 5.44 -3.61
C TYR D 242 0.83 4.97 -4.30
N TRP D 243 0.84 4.87 -5.63
CA TRP D 243 -0.35 4.47 -6.36
C TRP D 243 -0.86 3.11 -5.92
N LEU D 244 0.00 2.13 -5.64
CA LEU D 244 -0.45 0.80 -5.20
C LEU D 244 -1.30 0.82 -3.93
N LYS D 245 -1.14 1.82 -3.06
CA LYS D 245 -1.98 2.04 -1.88
C LYS D 245 -3.25 2.80 -2.25
N GLU D 246 -3.09 3.91 -2.97
CA GLU D 246 -4.16 4.85 -3.30
C GLU D 246 -5.12 4.40 -4.41
N ARG D 247 -5.00 3.17 -4.91
CA ARG D 247 -5.67 2.70 -6.15
C ARG D 247 -7.16 2.96 -6.20
N GLY D 248 -7.87 2.75 -5.09
CA GLY D 248 -9.31 2.59 -5.13
C GLY D 248 -9.72 1.30 -5.81
N ALA D 249 -11.01 1.14 -6.08
CA ALA D 249 -11.55 -0.08 -6.66
C ALA D 249 -11.38 -0.12 -8.18
N SER D 250 -10.89 -1.24 -8.68
CA SER D 250 -10.70 -1.49 -10.10
C SER D 250 -12.02 -1.64 -10.84
N LEU D 251 -12.00 -1.79 -12.15
CA LEU D 251 -13.22 -1.98 -12.91
C LEU D 251 -13.96 -3.28 -12.57
N GLN D 252 -13.27 -4.30 -12.06
CA GLN D 252 -13.92 -5.55 -11.70
C GLN D 252 -15.07 -5.35 -10.71
N HIS D 253 -14.94 -4.35 -9.83
CA HIS D 253 -15.92 -4.01 -8.81
C HIS D 253 -16.76 -2.79 -9.14
N THR D 254 -16.28 -1.87 -9.96
CA THR D 254 -16.95 -0.58 -10.22
C THR D 254 -17.73 -0.49 -11.53
N ALA D 255 -17.57 -1.42 -12.48
CA ALA D 255 -18.11 -1.27 -13.83
C ALA D 255 -19.64 -1.44 -13.93
N PRO D 256 -20.34 -0.77 -14.87
CA PRO D 256 -21.77 -0.92 -15.13
C PRO D 256 -22.22 -2.31 -15.61
N PHE D 257 -23.53 -2.47 -15.79
CA PHE D 257 -24.19 -3.61 -16.43
C PHE D 257 -23.84 -4.99 -15.86
N GLY D 258 -23.41 -5.09 -14.61
CA GLY D 258 -23.04 -6.37 -14.02
C GLY D 258 -21.80 -7.01 -14.65
N CYS D 259 -20.97 -6.19 -15.28
CA CYS D 259 -19.75 -6.57 -15.95
C CYS D 259 -18.73 -7.28 -15.03
N GLN D 260 -17.98 -8.23 -15.55
CA GLN D 260 -16.88 -8.93 -14.87
C GLN D 260 -15.60 -8.78 -15.66
N ILE D 261 -14.42 -8.75 -15.06
CA ILE D 261 -13.17 -8.42 -15.78
C ILE D 261 -12.02 -9.33 -15.35
N ALA D 262 -11.13 -9.67 -16.28
CA ALA D 262 -9.94 -10.47 -16.06
C ALA D 262 -8.77 -9.93 -16.89
N THR D 263 -7.53 -10.41 -16.73
CA THR D 263 -6.33 -9.71 -17.21
C THR D 263 -5.25 -10.53 -17.92
N ASN D 264 -5.61 -11.66 -18.51
CA ASN D 264 -4.70 -12.36 -19.42
C ASN D 264 -5.47 -13.10 -20.52
N PRO D 265 -5.98 -12.40 -21.55
CA PRO D 265 -5.89 -10.97 -21.83
C PRO D 265 -6.94 -10.14 -21.08
N VAL D 266 -6.91 -8.81 -21.22
CA VAL D 266 -7.68 -7.84 -20.43
C VAL D 266 -9.16 -7.72 -20.80
N ARG D 267 -9.80 -8.85 -21.13
CA ARG D 267 -11.20 -8.90 -21.53
C ARG D 267 -12.21 -8.58 -20.43
N ALA D 268 -13.28 -7.88 -20.78
CA ALA D 268 -14.50 -7.78 -19.99
C ALA D 268 -15.48 -8.89 -20.35
N MET D 269 -16.42 -9.23 -19.47
CA MET D 269 -17.32 -10.37 -19.65
C MET D 269 -18.72 -10.11 -19.11
N ASN D 270 -19.68 -10.81 -19.69
CA ASN D 270 -21.06 -10.94 -19.24
C ASN D 270 -21.83 -9.63 -19.05
N CYS D 271 -21.39 -8.53 -19.67
CA CYS D 271 -22.10 -7.25 -19.62
C CYS D 271 -23.52 -7.40 -20.17
N ALA D 272 -24.53 -7.20 -19.33
CA ALA D 272 -25.93 -7.38 -19.70
C ALA D 272 -26.51 -6.20 -20.49
N VAL D 273 -25.79 -5.70 -21.50
CA VAL D 273 -26.13 -4.47 -22.24
C VAL D 273 -26.69 -4.76 -23.63
N GLY D 274 -27.83 -4.16 -23.95
CA GLY D 274 -28.47 -4.29 -25.26
C GLY D 274 -28.92 -5.72 -25.58
N ASN D 275 -28.84 -6.10 -26.85
CA ASN D 275 -29.25 -7.42 -27.33
C ASN D 275 -28.37 -7.91 -28.48
N MET D 276 -28.41 -9.20 -28.74
CA MET D 276 -27.57 -9.86 -29.73
C MET D 276 -28.46 -10.53 -30.79
N PRO D 277 -28.32 -10.18 -32.07
CA PRO D 277 -28.97 -10.93 -33.13
C PRO D 277 -28.23 -12.27 -33.29
N ILE D 278 -28.97 -13.34 -33.43
CA ILE D 278 -28.47 -14.69 -33.62
C ILE D 278 -29.21 -15.30 -34.80
N SER D 279 -28.49 -15.97 -35.70
CA SER D 279 -29.08 -16.60 -36.87
C SER D 279 -28.62 -18.03 -37.01
N ILE D 280 -29.57 -18.91 -37.28
CA ILE D 280 -29.39 -20.34 -37.44
C ILE D 280 -29.74 -20.69 -38.89
N ASP D 281 -28.86 -21.39 -39.58
CA ASP D 281 -29.20 -22.04 -40.83
C ASP D 281 -29.21 -23.55 -40.57
N ILE D 282 -30.36 -24.20 -40.67
CA ILE D 282 -30.56 -25.60 -40.24
C ILE D 282 -30.99 -26.49 -41.41
N PRO D 283 -30.56 -27.77 -41.45
CA PRO D 283 -30.75 -28.64 -42.60
C PRO D 283 -32.20 -29.14 -42.71
N ASP D 284 -32.62 -29.55 -43.91
CA ASP D 284 -33.94 -30.15 -44.11
C ASP D 284 -34.15 -31.39 -43.24
N ALA D 285 -33.11 -32.21 -43.08
CA ALA D 285 -33.14 -33.43 -42.30
C ALA D 285 -33.43 -33.21 -40.79
N ALA D 286 -33.30 -31.98 -40.28
CA ALA D 286 -33.67 -31.68 -38.91
C ALA D 286 -35.20 -31.69 -38.70
N PHE D 287 -35.98 -31.14 -39.63
CA PHE D 287 -37.41 -31.00 -39.45
C PHE D 287 -38.18 -32.33 -39.57
N THR D 288 -39.39 -32.37 -39.01
CA THR D 288 -40.39 -33.44 -39.23
C THR D 288 -41.54 -32.89 -40.06
N ARG D 289 -42.04 -33.64 -41.04
CA ARG D 289 -43.15 -33.19 -41.90
C ARG D 289 -44.40 -32.92 -41.06
N VAL D 290 -45.23 -31.95 -41.42
CA VAL D 290 -46.37 -31.52 -40.58
C VAL D 290 -47.38 -32.65 -40.31
N VAL D 291 -47.48 -33.63 -41.22
CA VAL D 291 -48.30 -34.85 -41.07
C VAL D 291 -47.61 -36.00 -40.33
N ASP D 292 -46.28 -35.98 -40.19
CA ASP D 292 -45.52 -37.08 -39.60
C ASP D 292 -45.39 -36.97 -38.08
N ALA D 293 -45.45 -35.76 -37.54
CA ALA D 293 -45.67 -35.49 -36.12
C ALA D 293 -47.12 -35.77 -35.69
N PRO D 294 -47.43 -35.94 -34.39
CA PRO D 294 -48.79 -36.11 -33.92
C PRO D 294 -49.66 -34.88 -34.23
N SER D 295 -50.90 -35.11 -34.62
CA SER D 295 -51.92 -34.06 -34.78
C SER D 295 -52.91 -34.11 -33.62
N LEU D 296 -53.22 -32.95 -33.05
CA LEU D 296 -53.89 -32.82 -31.75
C LEU D 296 -55.27 -32.21 -31.92
N THR D 297 -56.18 -32.60 -31.01
CA THR D 297 -57.58 -32.18 -31.00
C THR D 297 -58.16 -32.35 -29.60
N ASP D 298 -59.38 -31.87 -29.35
CA ASP D 298 -60.06 -31.93 -28.04
C ASP D 298 -59.25 -31.30 -26.90
N MET D 299 -58.53 -30.22 -27.23
CA MET D 299 -57.62 -29.50 -26.33
C MET D 299 -58.36 -28.81 -25.18
N SER D 300 -57.92 -29.02 -23.94
CA SER D 300 -58.46 -28.33 -22.75
C SER D 300 -57.36 -28.00 -21.76
N CYS D 301 -57.47 -26.91 -21.01
CA CYS D 301 -56.41 -26.48 -20.08
C CYS D 301 -56.94 -26.16 -18.67
N GLU D 302 -56.18 -26.56 -17.67
CA GLU D 302 -56.39 -26.29 -16.24
C GLU D 302 -55.09 -25.73 -15.64
N VAL D 303 -55.18 -24.89 -14.61
CA VAL D 303 -54.02 -24.33 -13.91
C VAL D 303 -54.14 -24.63 -12.41
N PRO D 304 -53.61 -25.78 -11.94
CA PRO D 304 -53.76 -26.21 -10.55
C PRO D 304 -53.22 -25.23 -9.50
N ALA D 305 -52.17 -24.47 -9.83
CA ALA D 305 -51.64 -23.39 -9.01
C ALA D 305 -50.87 -22.39 -9.87
N CYS D 306 -50.94 -21.10 -9.53
CA CYS D 306 -50.15 -20.07 -10.20
C CYS D 306 -49.63 -19.00 -9.24
N THR D 307 -48.34 -18.69 -9.34
CA THR D 307 -47.69 -17.58 -8.64
C THR D 307 -46.68 -16.91 -9.57
N HIS D 308 -46.58 -15.59 -9.57
CA HIS D 308 -45.64 -14.83 -10.39
C HIS D 308 -44.22 -14.76 -9.78
N SER D 309 -43.66 -15.94 -9.50
CA SER D 309 -42.50 -16.16 -8.62
C SER D 309 -41.13 -16.19 -9.31
N SER D 310 -40.99 -15.62 -10.51
CA SER D 310 -39.73 -15.52 -11.27
C SER D 310 -39.07 -16.83 -11.72
N ASP D 311 -39.48 -17.98 -11.17
CA ASP D 311 -38.79 -19.26 -11.20
C ASP D 311 -39.58 -20.38 -11.91
N PHE D 312 -40.50 -20.03 -12.80
CA PHE D 312 -41.58 -20.92 -13.26
C PHE D 312 -42.55 -21.27 -12.13
N GLY D 313 -43.10 -20.23 -11.49
CA GLY D 313 -44.02 -20.32 -10.37
C GLY D 313 -45.47 -20.68 -10.71
N GLY D 314 -45.77 -20.96 -11.99
CA GLY D 314 -47.06 -21.47 -12.45
C GLY D 314 -46.97 -22.87 -13.03
N VAL D 315 -48.04 -23.66 -12.92
CA VAL D 315 -48.14 -24.99 -13.51
C VAL D 315 -49.47 -25.14 -14.22
N ALA D 316 -49.47 -25.69 -15.44
CA ALA D 316 -50.67 -25.91 -16.23
C ALA D 316 -50.75 -27.37 -16.66
N ILE D 317 -51.97 -27.93 -16.66
CA ILE D 317 -52.25 -29.27 -17.15
C ILE D 317 -53.13 -29.14 -18.38
N ILE D 318 -52.67 -29.67 -19.51
CA ILE D 318 -53.39 -29.61 -20.78
C ILE D 318 -53.82 -31.03 -21.15
N LYS D 319 -55.13 -31.25 -21.28
CA LYS D 319 -55.70 -32.48 -21.83
C LYS D 319 -55.76 -32.39 -23.35
N TYR D 320 -55.55 -33.51 -24.04
CA TYR D 320 -55.51 -33.58 -25.49
C TYR D 320 -55.92 -34.96 -25.99
N ALA D 321 -56.37 -35.06 -27.24
CA ALA D 321 -56.38 -36.29 -28.01
C ALA D 321 -55.43 -36.15 -29.20
N ALA D 322 -54.48 -37.07 -29.32
CA ALA D 322 -53.45 -37.06 -30.35
C ALA D 322 -53.58 -38.24 -31.31
N SER D 323 -53.33 -38.01 -32.59
CA SER D 323 -53.52 -39.02 -33.65
C SER D 323 -52.54 -40.19 -33.59
N LYS D 324 -51.38 -40.03 -32.95
CA LYS D 324 -50.31 -41.03 -32.84
C LYS D 324 -49.38 -40.74 -31.66
N LYS D 325 -48.50 -41.68 -31.32
CA LYS D 325 -47.32 -41.43 -30.48
C LYS D 325 -46.31 -40.52 -31.19
N GLY D 326 -45.66 -39.61 -30.47
CA GLY D 326 -44.53 -38.81 -30.99
C GLY D 326 -44.07 -37.68 -30.07
N LYS D 327 -43.02 -36.96 -30.48
CA LYS D 327 -42.45 -35.82 -29.74
C LYS D 327 -42.88 -34.49 -30.35
N CYS D 328 -43.32 -33.59 -29.49
CA CYS D 328 -44.06 -32.38 -29.83
C CYS D 328 -43.34 -31.12 -29.29
N ALA D 329 -43.02 -30.14 -30.13
CA ALA D 329 -42.50 -28.85 -29.66
C ALA D 329 -43.61 -27.96 -29.06
N VAL D 330 -43.33 -27.27 -27.95
CA VAL D 330 -44.33 -26.52 -27.18
C VAL D 330 -43.89 -25.07 -26.96
N HIS D 331 -44.78 -24.10 -27.15
CA HIS D 331 -44.41 -22.68 -27.12
C HIS D 331 -45.56 -21.80 -26.63
N SER D 332 -45.23 -20.64 -26.06
CA SER D 332 -46.25 -19.66 -25.66
C SER D 332 -46.33 -18.53 -26.66
N MET D 333 -47.51 -18.27 -27.20
CA MET D 333 -47.70 -17.20 -28.17
C MET D 333 -47.70 -15.83 -27.50
N THR D 334 -48.10 -15.77 -26.23
CA THR D 334 -48.16 -14.55 -25.41
C THR D 334 -46.76 -14.23 -24.85
N ASN D 335 -46.09 -13.19 -25.33
CA ASN D 335 -44.70 -12.89 -24.92
C ASN D 335 -44.55 -12.66 -23.42
N ALA D 336 -45.59 -12.21 -22.73
CA ALA D 336 -45.60 -12.02 -21.28
C ALA D 336 -45.55 -13.33 -20.46
N VAL D 337 -45.74 -14.50 -21.06
CA VAL D 337 -45.64 -15.81 -20.39
C VAL D 337 -44.57 -16.67 -21.05
N THR D 338 -43.60 -17.17 -20.27
CA THR D 338 -42.57 -18.09 -20.76
C THR D 338 -42.76 -19.46 -20.15
N ILE D 339 -42.76 -20.53 -20.93
CA ILE D 339 -42.91 -21.91 -20.45
C ILE D 339 -41.56 -22.62 -20.45
N ARG D 340 -41.27 -23.43 -19.44
CA ARG D 340 -39.95 -24.07 -19.30
C ARG D 340 -39.74 -25.15 -20.36
N GLU D 341 -40.68 -26.08 -20.48
CA GLU D 341 -40.58 -27.24 -21.37
C GLU D 341 -40.50 -26.80 -22.84
N ALA D 342 -39.44 -27.17 -23.56
CA ALA D 342 -39.30 -26.85 -24.98
C ALA D 342 -40.01 -27.86 -25.89
N GLU D 343 -40.01 -29.14 -25.53
CA GLU D 343 -40.74 -30.20 -26.21
C GLU D 343 -41.20 -31.27 -25.23
N ILE D 344 -42.24 -32.02 -25.58
CA ILE D 344 -42.93 -32.98 -24.71
C ILE D 344 -43.29 -34.25 -25.49
N GLU D 345 -43.22 -35.40 -24.83
CA GLU D 345 -43.72 -36.68 -25.37
C GLU D 345 -45.26 -36.70 -25.38
N VAL D 346 -45.86 -37.16 -26.48
CA VAL D 346 -47.32 -37.28 -26.65
C VAL D 346 -47.68 -38.71 -27.08
N GLU D 347 -48.73 -39.31 -26.51
CA GLU D 347 -49.44 -40.44 -27.13
C GLU D 347 -50.91 -40.54 -26.68
N GLY D 348 -51.76 -41.15 -27.52
CA GLY D 348 -53.15 -41.49 -27.19
C GLY D 348 -54.10 -40.31 -26.97
N ASN D 349 -55.12 -40.53 -26.14
CA ASN D 349 -55.93 -39.49 -25.51
C ASN D 349 -55.53 -39.42 -24.04
N SER D 350 -55.06 -38.26 -23.59
CA SER D 350 -54.22 -38.15 -22.38
C SER D 350 -54.13 -36.69 -21.90
N GLN D 351 -53.14 -36.39 -21.05
CA GLN D 351 -52.80 -35.04 -20.63
C GLN D 351 -51.31 -34.87 -20.39
N LEU D 352 -50.82 -33.63 -20.52
CA LEU D 352 -49.44 -33.24 -20.25
C LEU D 352 -49.42 -32.07 -19.26
N GLN D 353 -48.34 -31.96 -18.50
CA GLN D 353 -48.10 -30.86 -17.57
C GLN D 353 -46.96 -29.97 -18.08
N ILE D 354 -47.16 -28.65 -18.03
CA ILE D 354 -46.13 -27.65 -18.32
C ILE D 354 -45.93 -26.73 -17.11
N SER D 355 -44.73 -26.21 -16.94
CA SER D 355 -44.42 -25.19 -15.96
C SER D 355 -44.15 -23.85 -16.65
N PHE D 356 -44.64 -22.76 -16.10
CA PHE D 356 -44.59 -21.45 -16.76
C PHE D 356 -44.29 -20.33 -15.78
N SER D 357 -43.77 -19.21 -16.28
CA SER D 357 -43.41 -18.03 -15.50
C SER D 357 -43.98 -16.78 -16.14
N THR D 358 -44.45 -15.85 -15.33
CA THR D 358 -44.96 -14.56 -15.80
C THR D 358 -45.00 -13.53 -14.67
N ALA D 359 -45.03 -12.24 -15.01
CA ALA D 359 -45.34 -11.16 -14.09
C ALA D 359 -46.85 -10.86 -13.99
N LEU D 360 -47.70 -11.49 -14.82
CA LEU D 360 -49.13 -11.22 -14.89
C LEU D 360 -49.84 -11.60 -13.58
N ALA D 361 -50.74 -10.73 -13.12
CA ALA D 361 -51.62 -10.98 -11.99
C ALA D 361 -52.77 -11.94 -12.30
N SER D 362 -53.19 -12.04 -13.56
CA SER D 362 -54.08 -13.10 -14.05
C SER D 362 -53.55 -13.60 -15.39
N ALA D 363 -52.81 -14.70 -15.37
CA ALA D 363 -52.21 -15.28 -16.56
C ALA D 363 -53.30 -15.72 -17.52
N GLU D 364 -53.35 -15.13 -18.71
CA GLU D 364 -54.37 -15.40 -19.71
C GLU D 364 -53.69 -15.44 -21.08
N PHE D 365 -53.38 -16.66 -21.53
CA PHE D 365 -52.34 -16.89 -22.52
C PHE D 365 -52.67 -18.03 -23.49
N ARG D 366 -52.03 -18.02 -24.66
CA ARG D 366 -52.23 -19.00 -25.71
C ARG D 366 -51.02 -19.92 -25.76
N VAL D 367 -51.21 -21.22 -25.59
CA VAL D 367 -50.15 -22.22 -25.69
C VAL D 367 -50.29 -22.97 -26.99
N GLN D 368 -49.22 -23.10 -27.75
CA GLN D 368 -49.16 -23.99 -28.90
C GLN D 368 -48.47 -25.28 -28.49
N VAL D 369 -49.23 -26.37 -28.52
CA VAL D 369 -48.70 -27.74 -28.54
C VAL D 369 -48.55 -28.12 -30.03
N CYS D 370 -48.37 -29.38 -30.42
CA CYS D 370 -47.97 -29.73 -31.80
C CYS D 370 -48.89 -29.15 -32.89
N SER D 371 -48.44 -28.09 -33.58
CA SER D 371 -49.22 -27.32 -34.58
C SER D 371 -50.58 -26.75 -34.11
N THR D 372 -50.91 -26.86 -32.83
CA THR D 372 -52.30 -26.80 -32.31
C THR D 372 -52.38 -25.99 -31.03
N GLN D 373 -53.36 -25.11 -30.88
CA GLN D 373 -53.40 -24.13 -29.80
C GLN D 373 -54.51 -24.36 -28.79
N VAL D 374 -54.23 -24.05 -27.53
CA VAL D 374 -55.19 -24.02 -26.43
C VAL D 374 -55.09 -22.69 -25.69
N HIS D 375 -56.20 -22.24 -25.09
CA HIS D 375 -56.24 -21.02 -24.30
C HIS D 375 -56.24 -21.36 -22.81
N CYS D 376 -55.26 -20.83 -22.09
CA CYS D 376 -55.06 -21.01 -20.67
C CYS D 376 -55.46 -19.73 -19.93
N ALA D 377 -56.22 -19.84 -18.85
CA ALA D 377 -56.57 -18.69 -18.02
C ALA D 377 -56.50 -19.06 -16.54
N ALA D 378 -55.91 -18.17 -15.74
CA ALA D 378 -55.62 -18.40 -14.34
C ALA D 378 -55.54 -17.12 -13.53
N GLU D 379 -55.62 -17.28 -12.22
CA GLU D 379 -55.44 -16.23 -11.22
C GLU D 379 -54.10 -16.45 -10.52
N CYS D 380 -53.22 -15.45 -10.51
CA CYS D 380 -51.85 -15.58 -9.98
C CYS D 380 -51.72 -14.95 -8.61
N HIS D 381 -51.16 -15.68 -7.65
CA HIS D 381 -50.98 -15.17 -6.28
C HIS D 381 -49.52 -14.73 -6.06
N PRO D 382 -49.28 -13.55 -5.46
CA PRO D 382 -47.93 -13.01 -5.33
C PRO D 382 -46.93 -13.94 -4.64
N PRO D 383 -45.64 -13.92 -5.01
CA PRO D 383 -44.60 -14.59 -4.26
C PRO D 383 -44.46 -13.98 -2.86
N LYS D 384 -44.14 -14.80 -1.85
CA LYS D 384 -43.94 -14.30 -0.48
C LYS D 384 -42.55 -13.70 -0.26
N ASP D 385 -41.51 -14.28 -0.86
CA ASP D 385 -40.14 -13.80 -0.73
C ASP D 385 -39.90 -12.52 -1.52
N HIS D 386 -39.37 -11.46 -0.89
CA HIS D 386 -39.23 -10.16 -1.54
C HIS D 386 -38.11 -10.07 -2.57
N ILE D 387 -37.00 -10.78 -2.38
CA ILE D 387 -35.84 -10.77 -3.28
C ILE D 387 -35.27 -12.18 -3.45
N VAL D 388 -34.57 -12.45 -4.55
CA VAL D 388 -34.06 -13.77 -4.95
C VAL D 388 -32.68 -13.68 -5.63
N ASN D 389 -31.97 -14.81 -5.67
CA ASN D 389 -30.56 -14.89 -6.09
C ASN D 389 -30.33 -15.12 -7.58
N TYR D 390 -31.33 -14.90 -8.43
CA TYR D 390 -31.26 -15.14 -9.88
C TYR D 390 -32.11 -14.11 -10.64
N PRO D 391 -31.76 -13.79 -11.90
CA PRO D 391 -32.57 -12.88 -12.69
C PRO D 391 -33.90 -13.54 -13.01
N ALA D 392 -34.94 -12.75 -13.21
CA ALA D 392 -36.23 -13.30 -13.59
C ALA D 392 -36.14 -14.05 -14.92
N SER D 393 -36.73 -15.24 -14.99
CA SER D 393 -37.24 -15.74 -16.27
C SER D 393 -38.44 -14.86 -16.69
N HIS D 394 -39.20 -15.19 -17.73
CA HIS D 394 -40.22 -14.27 -18.27
C HIS D 394 -39.67 -12.89 -18.67
N THR D 395 -40.54 -11.89 -18.79
CA THR D 395 -40.24 -10.55 -19.30
C THR D 395 -41.06 -9.49 -18.58
N THR D 396 -40.67 -8.21 -18.66
CA THR D 396 -41.38 -7.10 -18.01
C THR D 396 -42.86 -7.01 -18.42
N LEU D 397 -43.70 -6.54 -17.49
CA LEU D 397 -45.13 -6.39 -17.68
C LEU D 397 -45.48 -5.22 -18.64
N GLY D 398 -46.69 -5.20 -19.20
CA GLY D 398 -47.19 -4.05 -19.95
C GLY D 398 -47.40 -2.77 -19.12
N VAL D 399 -47.39 -2.89 -17.78
CA VAL D 399 -47.38 -1.86 -16.70
C VAL D 399 -48.46 -0.76 -16.77
N GLN D 400 -48.54 -0.01 -17.87
CA GLN D 400 -49.70 0.80 -18.26
C GLN D 400 -50.82 -0.07 -18.87
N ASP D 401 -50.47 -1.27 -19.34
CA ASP D 401 -51.30 -2.21 -20.09
C ASP D 401 -51.16 -3.64 -19.54
N ILE D 402 -52.05 -4.55 -19.93
CA ILE D 402 -52.13 -5.93 -19.45
C ILE D 402 -52.36 -6.02 -17.93
N SER D 403 -53.30 -5.20 -17.44
CA SER D 403 -53.87 -5.32 -16.10
C SER D 403 -54.71 -6.61 -15.95
N VAL D 404 -55.20 -6.92 -14.76
CA VAL D 404 -56.00 -8.14 -14.48
C VAL D 404 -57.29 -8.21 -15.30
N THR D 405 -57.86 -9.42 -15.46
CA THR D 405 -59.26 -9.55 -15.94
C THR D 405 -60.23 -8.82 -15.00
N ALA D 406 -59.96 -8.85 -13.69
CA ALA D 406 -60.68 -8.05 -12.70
C ALA D 406 -60.50 -6.52 -12.84
N MET D 407 -59.82 -6.02 -13.89
CA MET D 407 -59.91 -4.62 -14.32
C MET D 407 -61.21 -4.32 -15.09
N SER D 408 -62.19 -5.23 -15.10
CA SER D 408 -63.57 -4.92 -15.46
C SER D 408 -64.12 -3.70 -14.70
N TRP D 409 -63.56 -3.31 -13.54
CA TRP D 409 -63.80 -2.01 -12.92
C TRP D 409 -63.45 -0.82 -13.83
N VAL D 410 -62.37 -0.86 -14.61
CA VAL D 410 -62.04 0.17 -15.60
C VAL D 410 -63.11 0.25 -16.68
N GLN D 411 -63.59 -0.90 -17.18
CA GLN D 411 -64.72 -0.93 -18.12
C GLN D 411 -65.99 -0.35 -17.49
N LYS D 412 -66.32 -0.71 -16.25
CA LYS D 412 -67.47 -0.17 -15.52
C LYS D 412 -67.41 1.35 -15.35
N ILE D 413 -66.31 1.92 -14.84
CA ILE D 413 -66.23 3.37 -14.64
C ILE D 413 -66.09 4.14 -15.96
N THR D 414 -65.49 3.53 -17.00
CA THR D 414 -65.47 4.14 -18.34
C THR D 414 -66.87 4.19 -18.95
N GLY D 415 -67.67 3.14 -18.83
CA GLY D 415 -69.07 3.14 -19.30
C GLY D 415 -70.00 4.00 -18.43
N GLY D 416 -69.80 4.01 -17.12
CA GLY D 416 -70.56 4.82 -16.16
C GLY D 416 -70.37 6.33 -16.33
N VAL D 417 -69.21 6.78 -16.82
CA VAL D 417 -69.01 8.15 -17.30
C VAL D 417 -69.44 8.29 -18.77
N GLY D 418 -69.02 7.37 -19.64
CA GLY D 418 -69.22 7.46 -21.08
C GLY D 418 -70.68 7.48 -21.54
N LEU D 419 -71.57 6.72 -20.89
CA LEU D 419 -73.01 6.80 -21.19
C LEU D 419 -73.65 8.09 -20.65
N VAL D 420 -73.19 8.62 -19.53
CA VAL D 420 -73.60 9.96 -19.06
C VAL D 420 -73.17 11.04 -20.05
N VAL D 421 -71.93 11.00 -20.55
CA VAL D 421 -71.45 11.87 -21.64
C VAL D 421 -72.26 11.67 -22.93
N ALA D 422 -72.56 10.44 -23.33
CA ALA D 422 -73.35 10.17 -24.53
C ALA D 422 -74.78 10.73 -24.43
N VAL D 423 -75.46 10.56 -23.30
CA VAL D 423 -76.78 11.17 -23.06
C VAL D 423 -76.70 12.69 -23.09
N ALA D 424 -75.70 13.29 -22.47
CA ALA D 424 -75.54 14.74 -22.49
C ALA D 424 -75.26 15.28 -23.90
N ALA D 425 -74.46 14.56 -24.71
CA ALA D 425 -74.24 14.92 -26.10
C ALA D 425 -75.53 14.74 -26.94
N LEU D 426 -76.26 13.64 -26.78
CA LEU D 426 -77.52 13.41 -27.47
C LEU D 426 -78.54 14.52 -27.17
N ILE D 427 -78.72 14.86 -25.88
CA ILE D 427 -79.59 15.96 -25.47
C ILE D 427 -79.14 17.27 -26.12
N LEU D 428 -77.86 17.64 -26.02
CA LEU D 428 -77.38 18.90 -26.58
C LEU D 428 -77.58 18.98 -28.10
N ILE D 429 -77.26 17.91 -28.84
CA ILE D 429 -77.45 17.87 -30.30
C ILE D 429 -78.94 17.92 -30.67
N VAL D 430 -79.83 17.29 -29.89
CA VAL D 430 -81.29 17.40 -30.09
C VAL D 430 -81.76 18.84 -29.87
N VAL D 431 -81.50 19.45 -28.72
CA VAL D 431 -82.02 20.81 -28.46
C VAL D 431 -81.37 21.85 -29.36
N LEU D 432 -80.13 21.64 -29.80
CA LEU D 432 -79.52 22.43 -30.88
C LEU D 432 -80.31 22.27 -32.18
N CYS D 433 -80.63 21.05 -32.63
CA CYS D 433 -81.42 20.86 -33.85
C CYS D 433 -82.84 21.45 -33.76
N VAL D 434 -83.59 21.24 -32.67
CA VAL D 434 -84.95 21.81 -32.61
C VAL D 434 -84.93 23.33 -32.51
N SER D 435 -83.97 23.92 -31.79
CA SER D 435 -83.86 25.38 -31.71
C SER D 435 -83.37 25.99 -33.04
N PHE D 436 -82.41 25.37 -33.72
CA PHE D 436 -82.01 25.75 -35.07
C PHE D 436 -83.19 25.65 -36.06
N SER D 437 -84.10 24.70 -35.85
CA SER D 437 -85.33 24.53 -36.65
C SER D 437 -86.45 25.51 -36.31
N ARG D 438 -86.22 26.56 -35.50
CA ARG D 438 -87.22 27.57 -35.11
C ARG D 438 -86.78 29.02 -35.36
N HIS D 439 -85.78 29.21 -36.23
CA HIS D 439 -85.22 30.53 -36.62
C HIS D 439 -85.71 30.98 -38.00
N ASN E 1 27.76 -16.75 -10.34
CA ASN E 1 28.76 -17.49 -9.52
C ASN E 1 28.52 -17.23 -8.02
N PHE E 2 28.41 -18.29 -7.20
CA PHE E 2 28.10 -18.18 -5.76
C PHE E 2 29.31 -17.92 -4.86
N ASN E 3 30.47 -18.55 -5.11
CA ASN E 3 31.68 -18.38 -4.31
C ASN E 3 32.55 -17.17 -4.74
N VAL E 4 31.92 -16.06 -5.10
CA VAL E 4 32.62 -14.78 -5.30
C VAL E 4 33.22 -14.22 -4.01
N TYR E 5 32.68 -14.60 -2.86
CA TYR E 5 33.08 -14.10 -1.55
C TYR E 5 34.49 -14.50 -1.08
N LYS E 6 35.29 -15.23 -1.86
CA LYS E 6 36.75 -15.24 -1.63
C LYS E 6 37.38 -13.87 -1.86
N ALA E 7 36.86 -13.12 -2.84
CA ALA E 7 37.50 -11.89 -3.30
C ALA E 7 37.16 -10.66 -2.46
N ILE E 8 36.00 -10.62 -1.82
CA ILE E 8 35.44 -9.39 -1.22
C ILE E 8 35.13 -9.59 0.25
N ARG E 9 35.25 -8.55 1.09
CA ARG E 9 35.22 -8.71 2.56
C ARG E 9 34.28 -7.74 3.29
N PRO E 10 33.90 -7.97 4.55
CA PRO E 10 33.01 -7.08 5.29
C PRO E 10 33.70 -5.74 5.56
N TYR E 11 33.01 -4.79 6.17
CA TYR E 11 33.59 -3.49 6.54
C TYR E 11 32.86 -2.84 7.70
N LEU E 12 33.51 -1.86 8.34
CA LEU E 12 32.85 -0.90 9.20
C LEU E 12 32.22 0.19 8.31
N ALA E 13 31.10 0.77 8.74
CA ALA E 13 30.55 1.98 8.14
C ALA E 13 29.74 2.78 9.16
N HIS E 14 29.50 4.06 8.88
CA HIS E 14 28.86 4.96 9.82
C HIS E 14 27.36 4.70 9.93
N CYS E 15 26.92 4.15 11.06
CA CYS E 15 25.54 3.90 11.37
C CYS E 15 24.90 5.09 12.11
N PRO E 16 23.64 5.47 11.83
CA PRO E 16 23.02 6.62 12.45
C PRO E 16 22.64 6.40 13.91
N ASP E 17 22.30 5.19 14.33
CA ASP E 17 21.79 4.89 15.67
C ASP E 17 22.17 3.48 16.11
N CYS E 18 23.29 3.34 16.82
CA CYS E 18 23.80 2.06 17.29
C CYS E 18 23.09 1.55 18.55
N GLY E 19 21.77 1.65 18.57
CA GLY E 19 20.87 1.10 19.60
C GLY E 19 20.80 1.86 20.92
N GLU E 20 21.85 2.62 21.24
CA GLU E 20 21.97 3.42 22.46
C GLU E 20 21.66 4.91 22.23
N GLY E 21 21.29 5.30 21.00
CA GLY E 21 20.93 6.67 20.63
C GLY E 21 22.04 7.48 19.96
N HIS E 22 23.28 7.00 19.97
CA HIS E 22 24.44 7.64 19.34
C HIS E 22 24.74 7.03 17.98
N SER E 23 25.12 7.84 17.01
CA SER E 23 25.74 7.35 15.78
C SER E 23 27.16 6.84 16.06
N CYS E 24 27.60 5.77 15.42
CA CYS E 24 29.01 5.39 15.44
C CYS E 24 29.38 4.48 14.27
N HIS E 25 30.66 4.26 14.04
CA HIS E 25 31.12 3.27 13.08
C HIS E 25 30.74 1.88 13.56
N SER E 26 30.03 1.12 12.73
CA SER E 26 29.43 -0.15 13.10
C SER E 26 29.82 -1.24 12.12
N PRO E 27 30.07 -2.48 12.57
CA PRO E 27 30.19 -3.62 11.68
C PRO E 27 28.90 -3.99 10.95
N VAL E 28 27.75 -3.45 11.36
CA VAL E 28 26.43 -3.95 10.97
C VAL E 28 25.62 -2.92 10.20
N ALA E 29 26.23 -1.87 9.67
CA ALA E 29 25.48 -0.83 8.97
C ALA E 29 24.66 -1.42 7.84
N LEU E 30 23.37 -1.09 7.75
CA LEU E 30 22.52 -1.57 6.68
C LEU E 30 22.41 -0.51 5.61
N GLU E 31 22.77 -0.88 4.38
CA GLU E 31 22.99 0.08 3.30
C GLU E 31 21.73 0.35 2.49
N ARG E 32 20.87 -0.65 2.37
CA ARG E 32 19.58 -0.56 1.68
C ARG E 32 18.63 -1.56 2.29
N ILE E 33 17.36 -1.17 2.36
CA ILE E 33 16.24 -2.03 2.73
C ILE E 33 15.27 -1.96 1.55
N ARG E 34 14.78 -3.09 1.07
CA ARG E 34 13.86 -3.10 -0.07
C ARG E 34 12.67 -4.03 0.14
N ASN E 35 11.50 -3.56 -0.26
CA ASN E 35 10.20 -4.07 0.13
C ASN E 35 9.26 -4.21 -1.07
N GLU E 36 9.79 -4.75 -2.17
CA GLU E 36 9.07 -4.90 -3.44
C GLU E 36 8.16 -6.14 -3.46
N ALA E 37 8.45 -7.16 -2.64
CA ALA E 37 7.59 -8.29 -2.46
C ALA E 37 6.24 -7.86 -1.90
N THR E 38 5.18 -8.02 -2.69
CA THR E 38 3.83 -7.73 -2.23
C THR E 38 3.39 -8.65 -1.09
N ASP E 39 4.00 -9.82 -0.91
CA ASP E 39 3.69 -10.65 0.26
C ASP E 39 4.23 -10.09 1.59
N GLY E 40 4.91 -8.95 1.58
CA GLY E 40 5.43 -8.28 2.77
C GLY E 40 6.79 -8.80 3.27
N THR E 41 7.43 -9.73 2.55
CA THR E 41 8.83 -10.10 2.81
C THR E 41 9.76 -8.93 2.55
N LEU E 42 10.89 -8.88 3.25
CA LEU E 42 11.76 -7.72 3.29
C LEU E 42 13.19 -8.16 3.00
N LYS E 43 13.90 -7.53 2.05
CA LYS E 43 15.29 -7.87 1.72
C LYS E 43 16.20 -6.75 2.20
N ILE E 44 17.19 -7.08 3.01
CA ILE E 44 18.01 -6.13 3.76
C ILE E 44 19.46 -6.36 3.38
N GLN E 45 20.20 -5.32 3.04
CA GLN E 45 21.62 -5.42 2.72
C GLN E 45 22.47 -4.86 3.86
N VAL E 46 23.45 -5.59 4.34
CA VAL E 46 24.22 -5.24 5.54
C VAL E 46 25.74 -5.34 5.33
N SER E 47 26.57 -4.57 6.03
CA SER E 47 28.04 -4.64 5.89
C SER E 47 28.71 -5.90 6.43
N LEU E 48 28.01 -6.75 7.19
CA LEU E 48 28.48 -8.11 7.48
C LEU E 48 28.57 -8.91 6.19
N GLN E 49 29.22 -10.06 6.23
CA GLN E 49 28.96 -11.11 5.25
C GLN E 49 28.64 -12.40 5.97
N ILE E 50 27.54 -13.06 5.61
CA ILE E 50 27.00 -14.19 6.35
C ILE E 50 26.85 -15.42 5.48
N GLY E 51 27.03 -16.61 6.07
CA GLY E 51 27.08 -17.86 5.34
C GLY E 51 28.49 -18.23 4.86
N ILE E 52 29.51 -17.49 5.31
CA ILE E 52 30.93 -17.64 5.00
C ILE E 52 31.74 -17.29 6.26
N LYS E 53 33.04 -17.54 6.27
CA LYS E 53 33.94 -17.15 7.37
C LYS E 53 35.32 -16.67 6.89
N THR E 54 36.18 -16.26 7.80
CA THR E 54 37.63 -16.20 7.53
C THR E 54 38.17 -17.60 7.23
N ASP E 55 39.22 -17.72 6.42
CA ASP E 55 39.53 -18.92 5.61
C ASP E 55 38.39 -19.17 4.61
N ASP E 56 38.36 -18.33 3.56
CA ASP E 56 37.19 -18.01 2.74
C ASP E 56 36.43 -19.23 2.18
N SER E 57 35.44 -19.70 2.94
CA SER E 57 34.66 -20.88 2.64
C SER E 57 33.23 -20.70 3.12
N HIS E 58 32.26 -21.24 2.38
CA HIS E 58 30.87 -21.24 2.82
C HIS E 58 30.71 -22.03 4.12
N ASP E 59 29.95 -21.47 5.06
CA ASP E 59 29.59 -22.08 6.33
C ASP E 59 28.29 -21.44 6.81
N TRP E 60 27.20 -22.20 6.79
CA TRP E 60 25.88 -21.69 7.14
C TRP E 60 25.71 -21.36 8.64
N THR E 61 26.62 -21.82 9.52
CA THR E 61 26.62 -21.49 10.95
C THR E 61 27.40 -20.22 11.28
N LYS E 62 28.07 -19.57 10.33
CA LYS E 62 28.94 -18.41 10.63
C LYS E 62 28.64 -17.20 9.76
N LEU E 63 29.13 -16.07 10.24
CA LEU E 63 29.28 -14.82 9.50
C LEU E 63 30.63 -14.23 9.83
N ARG E 64 31.09 -13.29 9.00
CA ARG E 64 32.26 -12.49 9.28
C ARG E 64 31.95 -11.00 9.29
N TYR E 65 32.37 -10.33 10.33
CA TYR E 65 32.35 -8.88 10.47
C TYR E 65 33.75 -8.33 10.20
N MET E 66 33.92 -7.02 10.06
CA MET E 66 35.24 -6.40 9.99
C MET E 66 35.68 -5.98 11.38
N ASP E 67 36.63 -6.66 12.00
CA ASP E 67 37.23 -6.18 13.24
C ASP E 67 38.32 -5.15 12.96
N ASN E 68 37.84 -3.98 12.54
CA ASN E 68 38.53 -2.75 12.12
C ASN E 68 39.54 -2.85 10.97
N HIS E 69 40.57 -3.70 11.05
CA HIS E 69 41.46 -4.03 9.91
C HIS E 69 41.32 -5.46 9.41
N MET E 70 40.98 -6.41 10.29
CA MET E 70 40.88 -7.82 9.95
C MET E 70 39.44 -8.32 9.99
N PRO E 71 38.91 -8.92 8.92
CA PRO E 71 37.72 -9.75 9.01
C PRO E 71 37.80 -10.75 10.17
N ALA E 72 36.70 -11.03 10.85
CA ALA E 72 36.65 -11.91 12.02
C ALA E 72 35.31 -12.65 12.11
N ASP E 73 35.29 -13.85 12.71
CA ASP E 73 34.12 -14.75 12.70
C ASP E 73 33.15 -14.54 13.86
N ALA E 74 31.85 -14.74 13.63
CA ALA E 74 30.81 -14.85 14.66
C ALA E 74 29.67 -15.80 14.26
N GLU E 75 28.94 -16.34 15.23
CA GLU E 75 27.87 -17.31 15.00
C GLU E 75 26.59 -16.72 14.38
N ARG E 76 26.04 -17.37 13.34
CA ARG E 76 24.74 -17.03 12.73
C ARG E 76 23.61 -17.19 13.73
N ALA E 77 23.74 -18.07 14.70
CA ALA E 77 22.74 -18.32 15.73
C ALA E 77 22.35 -17.07 16.55
N ARG E 78 23.19 -16.04 16.54
CA ARG E 78 22.98 -14.79 17.27
C ARG E 78 22.89 -13.55 16.38
N LEU E 79 22.76 -13.71 15.07
CA LEU E 79 22.20 -12.65 14.23
C LEU E 79 20.75 -12.42 14.64
N PHE E 80 20.28 -11.19 14.60
CA PHE E 80 18.86 -10.86 14.73
C PHE E 80 18.50 -9.70 13.82
N VAL E 81 17.24 -9.63 13.46
CA VAL E 81 16.63 -8.43 12.91
C VAL E 81 15.26 -8.29 13.54
N ARG E 82 14.91 -7.08 13.95
CA ARG E 82 13.62 -6.75 14.54
C ARG E 82 13.16 -5.40 14.03
N THR E 83 11.88 -5.15 14.17
CA THR E 83 11.25 -3.91 13.72
C THR E 83 10.54 -3.28 14.90
N SER E 84 9.21 -3.29 14.99
CA SER E 84 8.51 -3.08 16.27
C SER E 84 8.67 -4.26 17.23
N ALA E 85 8.93 -5.46 16.72
CA ALA E 85 9.11 -6.72 17.44
C ALA E 85 9.98 -7.68 16.61
N PRO E 86 10.47 -8.81 17.13
CA PRO E 86 11.34 -9.73 16.42
C PRO E 86 10.80 -10.20 15.07
N CYS E 87 11.59 -10.07 14.02
CA CYS E 87 11.34 -10.70 12.73
C CYS E 87 11.84 -12.13 12.72
N THR E 88 11.30 -12.97 11.85
CA THR E 88 11.92 -14.27 11.56
C THR E 88 12.69 -14.13 10.27
N ILE E 89 13.96 -14.44 10.32
CA ILE E 89 14.83 -14.43 9.16
C ILE E 89 14.50 -15.65 8.30
N THR E 90 14.28 -15.46 7.00
CA THR E 90 13.90 -16.53 6.08
C THR E 90 14.97 -16.84 5.05
N GLY E 91 16.16 -16.25 5.14
CA GLY E 91 17.30 -16.55 4.27
C GLY E 91 18.44 -15.57 4.47
N THR E 92 19.69 -16.03 4.46
CA THR E 92 20.87 -15.18 4.66
C THR E 92 22.07 -15.73 3.91
N MET E 93 22.56 -15.00 2.92
CA MET E 93 23.77 -15.38 2.18
C MET E 93 24.47 -14.14 1.65
N GLY E 94 25.74 -13.96 2.00
CA GLY E 94 26.53 -12.82 1.58
C GLY E 94 26.18 -11.57 2.38
N HIS E 95 26.05 -10.42 1.73
CA HIS E 95 25.56 -9.19 2.35
C HIS E 95 24.05 -9.17 2.63
N PHE E 96 23.27 -10.18 2.24
CA PHE E 96 21.82 -10.07 2.15
C PHE E 96 21.07 -10.96 3.14
N ILE E 97 20.05 -10.37 3.78
CA ILE E 97 19.13 -11.03 4.69
C ILE E 97 17.72 -10.91 4.11
N LEU E 98 16.93 -11.98 4.12
CA LEU E 98 15.48 -11.92 4.01
C LEU E 98 14.87 -12.02 5.38
N ALA E 99 13.83 -11.24 5.64
CA ALA E 99 13.04 -11.38 6.85
C ALA E 99 11.55 -11.25 6.54
N ARG E 100 10.72 -11.87 7.40
CA ARG E 100 9.30 -11.60 7.53
C ARG E 100 9.09 -10.82 8.82
N CYS E 101 8.41 -9.68 8.73
CA CYS E 101 8.47 -8.64 9.74
C CYS E 101 7.08 -8.15 10.17
N PRO E 102 6.80 -7.96 11.46
CA PRO E 102 5.59 -7.29 11.91
C PRO E 102 5.59 -5.81 11.52
N LYS E 103 4.43 -5.15 11.41
CA LYS E 103 4.36 -3.71 11.11
C LYS E 103 5.17 -2.90 12.12
N GLY E 104 5.93 -1.91 11.67
CA GLY E 104 6.77 -1.10 12.53
C GLY E 104 7.42 0.06 11.80
N GLU E 105 7.82 1.10 12.51
CA GLU E 105 8.38 2.33 11.92
C GLU E 105 9.90 2.42 12.07
N THR E 106 10.56 1.29 12.29
CA THR E 106 12.01 1.19 12.47
C THR E 106 12.48 -0.18 12.03
N LEU E 107 13.70 -0.32 11.56
CA LEU E 107 14.34 -1.61 11.35
C LEU E 107 15.66 -1.61 12.08
N THR E 108 15.91 -2.57 12.94
CA THR E 108 17.19 -2.71 13.62
C THR E 108 17.73 -4.11 13.44
N VAL E 109 18.97 -4.20 12.97
CA VAL E 109 19.67 -5.45 12.63
C VAL E 109 20.92 -5.53 13.47
N GLY E 110 21.34 -6.72 13.87
CA GLY E 110 22.39 -6.86 14.85
C GLY E 110 22.91 -8.27 14.99
N PHE E 111 23.99 -8.43 15.74
CA PHE E 111 24.64 -9.72 15.93
C PHE E 111 25.46 -9.71 17.22
N THR E 112 25.94 -10.86 17.67
CA THR E 112 26.88 -10.93 18.81
C THR E 112 28.29 -11.15 18.29
N ASP E 113 29.18 -10.25 18.64
CA ASP E 113 30.59 -10.22 18.30
C ASP E 113 31.35 -11.37 19.00
N GLY E 114 32.42 -11.88 18.40
CA GLY E 114 33.21 -12.98 18.96
C GLY E 114 33.66 -12.76 20.40
N ARG E 115 33.90 -11.52 20.81
CA ARG E 115 34.22 -11.15 22.21
C ARG E 115 33.00 -10.88 23.09
N LYS E 116 31.83 -11.39 22.70
CA LYS E 116 30.55 -11.40 23.46
C LYS E 116 29.88 -10.03 23.67
N ILE E 117 30.29 -9.02 22.91
CA ILE E 117 29.55 -7.76 22.75
C ILE E 117 28.34 -8.00 21.85
N SER E 118 27.27 -7.23 21.97
CA SER E 118 26.17 -7.22 21.01
C SER E 118 26.20 -5.91 20.21
N HIS E 119 26.25 -6.00 18.88
CA HIS E 119 26.29 -4.86 17.97
C HIS E 119 25.01 -4.75 17.18
N SER E 120 24.50 -3.55 16.98
CA SER E 120 23.33 -3.34 16.10
C SER E 120 23.36 -2.00 15.38
N CYS E 121 22.58 -1.90 14.32
CA CYS E 121 22.37 -0.69 13.55
C CYS E 121 20.87 -0.50 13.38
N THR E 122 20.36 0.72 13.53
CA THR E 122 18.93 1.01 13.50
C THR E 122 18.61 2.11 12.52
N HIS E 123 17.71 1.87 11.57
CA HIS E 123 17.26 2.86 10.61
C HIS E 123 15.78 3.16 10.78
N PRO E 124 15.35 4.41 10.59
CA PRO E 124 13.95 4.72 10.43
C PRO E 124 13.46 4.11 9.13
N PHE E 125 12.38 3.34 9.17
CA PHE E 125 11.87 2.60 8.04
C PHE E 125 10.42 2.24 8.27
N HIS E 126 9.50 2.79 7.49
CA HIS E 126 8.07 2.52 7.62
C HIS E 126 7.70 1.19 7.00
N HIS E 127 7.82 0.09 7.74
CA HIS E 127 7.37 -1.22 7.27
C HIS E 127 5.89 -1.39 7.57
N ASP E 128 5.06 -1.20 6.55
CA ASP E 128 3.63 -1.49 6.58
C ASP E 128 3.28 -2.21 5.27
N PRO E 129 3.15 -3.56 5.27
CA PRO E 129 2.87 -4.32 4.07
C PRO E 129 1.60 -3.87 3.34
N PRO E 130 1.54 -3.98 2.00
CA PRO E 130 0.30 -3.78 1.28
C PRO E 130 -0.66 -4.92 1.62
N VAL E 131 -1.95 -4.65 1.64
CA VAL E 131 -2.95 -5.71 1.77
C VAL E 131 -3.14 -6.45 0.45
N ILE E 132 -3.16 -7.79 0.50
CA ILE E 132 -3.51 -8.65 -0.62
C ILE E 132 -5.01 -8.92 -0.57
N GLY E 133 -5.76 -8.45 -1.55
CA GLY E 133 -7.21 -8.61 -1.57
C GLY E 133 -7.96 -7.57 -0.75
N ARG E 134 -9.04 -7.99 -0.11
CA ARG E 134 -10.11 -7.12 0.40
C ARG E 134 -10.34 -7.24 1.90
N GLU E 135 -9.40 -7.81 2.63
CA GLU E 135 -9.48 -8.04 4.06
C GLU E 135 -8.11 -7.78 4.66
N LYS E 136 -7.98 -6.89 5.65
CA LYS E 136 -6.70 -6.55 6.27
C LYS E 136 -6.29 -7.59 7.30
N PHE E 137 -6.21 -8.85 6.92
CA PHE E 137 -5.87 -9.97 7.78
C PHE E 137 -4.41 -9.94 8.23
N HIS E 138 -4.06 -10.69 9.28
CA HIS E 138 -2.77 -10.53 9.98
C HIS E 138 -1.81 -11.70 9.83
N SER E 139 -2.32 -12.92 9.72
CA SER E 139 -1.56 -14.15 9.46
C SER E 139 -2.43 -15.10 8.65
N ARG E 140 -1.84 -15.92 7.76
CA ARG E 140 -2.61 -16.73 6.80
C ARG E 140 -3.52 -17.74 7.49
N PRO E 141 -4.75 -17.93 7.01
CA PRO E 141 -5.71 -18.86 7.61
C PRO E 141 -5.50 -20.29 7.12
N GLN E 142 -6.09 -21.27 7.79
CA GLN E 142 -6.10 -22.66 7.29
C GLN E 142 -7.16 -22.91 6.22
N HIS E 143 -8.01 -21.94 5.93
CA HIS E 143 -9.02 -22.01 4.86
C HIS E 143 -9.20 -20.65 4.22
N GLY E 144 -9.29 -20.56 2.90
CA GLY E 144 -9.37 -19.29 2.19
C GLY E 144 -9.31 -19.44 0.68
N ARG E 145 -9.18 -18.34 -0.05
CA ARG E 145 -8.83 -18.37 -1.48
C ARG E 145 -7.38 -17.98 -1.68
N GLU E 146 -6.86 -18.22 -2.88
CA GLU E 146 -5.50 -17.89 -3.29
C GLU E 146 -5.54 -16.67 -4.20
N LEU E 147 -4.71 -15.66 -3.95
CA LEU E 147 -4.58 -14.47 -4.79
C LEU E 147 -3.13 -14.31 -5.27
N PRO E 148 -2.90 -13.68 -6.42
CA PRO E 148 -1.56 -13.46 -6.92
C PRO E 148 -0.82 -12.44 -6.07
N CYS E 149 0.45 -12.69 -5.80
CA CYS E 149 1.36 -11.77 -5.14
C CYS E 149 2.80 -12.07 -5.62
N SER E 150 3.81 -11.67 -4.86
CA SER E 150 5.22 -11.85 -5.19
C SER E 150 6.07 -11.91 -3.94
N THR E 151 7.22 -12.55 -4.04
CA THR E 151 8.04 -12.95 -2.90
C THR E 151 9.50 -12.91 -3.29
N TYR E 152 10.39 -12.56 -2.38
CA TYR E 152 11.80 -12.84 -2.56
C TYR E 152 12.01 -14.34 -2.35
N ALA E 153 12.20 -15.10 -3.42
CA ALA E 153 12.28 -16.55 -3.36
C ALA E 153 13.51 -17.00 -2.56
N GLN E 154 13.40 -18.08 -1.79
CA GLN E 154 14.43 -18.47 -0.81
C GLN E 154 15.64 -19.19 -1.45
N SER E 155 16.01 -18.85 -2.69
CA SER E 155 17.12 -19.46 -3.44
C SER E 155 18.30 -18.50 -3.60
N THR E 156 19.49 -18.96 -3.26
CA THR E 156 20.74 -18.18 -3.40
C THR E 156 21.35 -18.32 -4.81
N ALA E 157 20.51 -18.22 -5.84
CA ALA E 157 20.85 -18.49 -7.24
C ALA E 157 21.66 -17.35 -7.91
N ALA E 158 22.10 -17.57 -9.15
CA ALA E 158 22.54 -16.49 -10.03
C ALA E 158 21.30 -15.75 -10.57
N THR E 159 20.90 -14.70 -9.87
CA THR E 159 19.57 -14.07 -10.00
C THR E 159 19.38 -13.16 -11.21
N ALA E 160 20.44 -12.76 -11.88
CA ALA E 160 20.50 -11.59 -12.76
C ALA E 160 20.19 -10.24 -12.06
N GLU E 161 20.14 -10.21 -10.73
CA GLU E 161 20.17 -8.98 -9.92
C GLU E 161 21.62 -8.77 -9.50
N GLU E 162 22.22 -7.63 -9.84
CA GLU E 162 23.68 -7.45 -9.72
C GLU E 162 24.05 -6.27 -8.83
N ILE E 163 25.07 -6.43 -8.00
CA ILE E 163 25.69 -5.31 -7.27
C ILE E 163 27.17 -5.22 -7.58
N GLU E 164 27.68 -4.01 -7.78
CA GLU E 164 29.08 -3.77 -8.15
C GLU E 164 30.02 -3.83 -6.95
N VAL E 165 31.28 -4.19 -7.18
CA VAL E 165 32.33 -4.14 -6.15
C VAL E 165 33.50 -3.31 -6.62
N HIS E 166 34.21 -2.69 -5.68
CA HIS E 166 35.35 -1.79 -5.87
C HIS E 166 36.39 -2.11 -4.80
N MET E 167 37.66 -1.78 -5.01
CA MET E 167 38.62 -1.90 -3.92
C MET E 167 38.40 -0.78 -2.89
N PRO E 168 38.69 -1.02 -1.61
CA PRO E 168 38.56 -0.01 -0.57
C PRO E 168 39.33 1.28 -0.89
N PRO E 169 38.95 2.42 -0.30
CA PRO E 169 39.84 3.57 -0.21
C PRO E 169 41.00 3.26 0.75
N ASP E 170 42.06 4.05 0.74
CA ASP E 170 43.14 3.90 1.72
C ASP E 170 42.58 4.11 3.13
N THR E 171 42.77 3.14 4.03
CA THR E 171 42.14 3.14 5.35
C THR E 171 43.02 3.86 6.37
N PRO E 172 42.66 5.05 6.85
CA PRO E 172 43.51 5.80 7.77
C PRO E 172 43.49 5.17 9.15
N ASP E 173 44.60 5.26 9.87
CA ASP E 173 44.68 4.79 11.26
C ASP E 173 45.78 5.53 12.01
N ARG E 174 45.39 6.35 13.00
CA ARG E 174 46.34 7.14 13.81
C ARG E 174 47.37 6.28 14.55
N THR E 175 47.12 5.00 14.77
CA THR E 175 48.06 4.09 15.44
C THR E 175 49.15 3.53 14.51
N LEU E 176 49.15 3.85 13.21
CA LEU E 176 50.28 3.57 12.32
C LEU E 176 51.51 4.47 12.55
N MET E 177 51.43 5.47 13.43
CA MET E 177 52.46 6.50 13.62
C MET E 177 52.81 6.66 15.09
N SER E 178 54.11 6.77 15.42
CA SER E 178 54.55 7.11 16.78
C SER E 178 55.65 8.17 16.81
N GLN E 179 55.50 9.15 17.69
CA GLN E 179 56.48 10.22 17.92
C GLN E 179 57.60 9.74 18.85
N GLN E 180 58.76 9.39 18.30
CA GLN E 180 59.91 8.83 19.04
C GLN E 180 60.78 9.90 19.74
N SER E 181 60.22 11.09 19.96
CA SER E 181 60.90 12.39 20.17
C SER E 181 61.73 12.85 18.95
N GLY E 182 61.53 14.10 18.52
CA GLY E 182 62.24 14.70 17.38
C GLY E 182 61.91 14.15 15.98
N ASN E 183 61.44 12.90 15.88
CA ASN E 183 60.96 12.26 14.65
C ASN E 183 59.63 11.53 14.91
N VAL E 184 58.92 11.19 13.83
CA VAL E 184 57.82 10.22 13.85
C VAL E 184 58.23 8.99 13.06
N LYS E 185 57.93 7.80 13.56
CA LYS E 185 58.06 6.55 12.79
C LYS E 185 56.70 6.04 12.33
N ILE E 186 56.62 5.68 11.05
CA ILE E 186 55.57 4.84 10.50
C ILE E 186 55.88 3.40 10.92
N THR E 187 54.87 2.66 11.37
CA THR E 187 55.03 1.26 11.77
C THR E 187 54.05 0.36 11.02
N VAL E 188 54.48 -0.85 10.68
CA VAL E 188 53.78 -1.70 9.70
C VAL E 188 53.47 -3.06 10.29
N ASN E 189 52.23 -3.25 10.72
CA ASN E 189 51.70 -4.52 11.25
C ASN E 189 51.40 -5.52 10.11
N SER E 190 52.28 -5.61 9.11
CA SER E 190 52.18 -6.45 7.89
C SER E 190 51.07 -6.08 6.88
N GLN E 191 50.52 -4.86 6.94
CA GLN E 191 49.74 -4.27 5.84
C GLN E 191 50.48 -3.07 5.23
N THR E 192 50.68 -3.03 3.91
CA THR E 192 51.41 -1.92 3.26
C THR E 192 50.74 -0.57 3.49
N VAL E 193 51.52 0.45 3.84
CA VAL E 193 51.05 1.78 4.26
C VAL E 193 51.37 2.82 3.20
N ARG E 194 50.45 3.75 2.92
CA ARG E 194 50.78 5.05 2.32
C ARG E 194 50.92 6.11 3.43
N TYR E 195 51.87 7.03 3.32
CA TYR E 195 52.11 8.10 4.29
C TYR E 195 52.48 9.42 3.63
N LYS E 196 52.20 10.53 4.31
CA LYS E 196 52.50 11.89 3.85
C LYS E 196 52.73 12.81 5.04
N CYS E 197 53.70 13.71 4.91
CA CYS E 197 54.00 14.77 5.88
C CYS E 197 54.31 16.10 5.15
N ASN E 198 54.30 17.21 5.89
CA ASN E 198 54.74 18.51 5.35
C ASN E 198 55.85 19.19 6.18
N CYS E 199 56.55 18.42 7.03
CA CYS E 199 57.70 18.82 7.86
C CYS E 199 58.99 19.08 7.05
N GLY E 200 58.88 19.67 5.87
CA GLY E 200 59.94 19.70 4.86
C GLY E 200 60.18 18.35 4.18
N ASP E 201 59.25 17.40 4.32
CA ASP E 201 59.36 16.05 3.78
C ASP E 201 59.32 16.03 2.23
N SER E 202 60.47 15.75 1.61
CA SER E 202 60.63 15.58 0.16
C SER E 202 60.27 14.17 -0.34
N ASN E 203 59.95 13.22 0.54
CA ASN E 203 59.89 11.79 0.23
C ASN E 203 58.66 11.09 0.88
N GLU E 204 57.48 11.72 0.78
CA GLU E 204 56.20 11.05 1.01
C GLU E 204 56.01 9.86 0.07
N GLY E 205 55.23 8.86 0.45
CA GLY E 205 55.12 7.63 -0.34
C GLY E 205 54.57 6.43 0.41
N LEU E 206 55.16 5.27 0.14
CA LEU E 206 54.64 3.96 0.50
C LEU E 206 55.70 3.16 1.27
N THR E 207 55.30 2.22 2.14
CA THR E 207 56.23 1.24 2.72
C THR E 207 55.57 -0.07 3.13
N THR E 208 56.32 -1.17 3.14
CA THR E 208 55.91 -2.47 3.71
C THR E 208 56.80 -2.88 4.90
N THR E 209 57.50 -1.94 5.52
CA THR E 209 58.31 -2.11 6.74
C THR E 209 58.43 -0.78 7.49
N ASP E 210 58.69 -0.80 8.81
CA ASP E 210 58.81 0.42 9.60
C ASP E 210 59.82 1.43 9.02
N LYS E 211 59.51 2.72 9.13
CA LYS E 211 60.28 3.83 8.56
C LYS E 211 60.26 5.02 9.52
N VAL E 212 61.34 5.80 9.55
CA VAL E 212 61.39 7.06 10.29
C VAL E 212 61.28 8.24 9.31
N ILE E 213 60.47 9.25 9.66
CA ILE E 213 60.41 10.53 8.95
C ILE E 213 61.04 11.58 9.85
N ASN E 214 62.13 12.19 9.38
CA ASN E 214 63.00 13.01 10.21
C ASN E 214 62.38 14.38 10.54
N ASN E 215 62.73 14.94 11.70
CA ASN E 215 62.20 16.21 12.24
C ASN E 215 60.68 16.22 12.51
N CYS E 216 59.98 15.12 12.21
CA CYS E 216 58.54 15.15 12.09
C CYS E 216 57.83 15.32 13.44
N LYS E 217 56.75 16.09 13.40
CA LYS E 217 55.79 16.37 14.47
C LYS E 217 54.51 15.61 14.14
N VAL E 218 53.98 14.78 15.06
CA VAL E 218 52.89 13.84 14.74
C VAL E 218 51.61 14.49 14.19
N ASP E 219 51.34 15.74 14.57
CA ASP E 219 50.24 16.53 13.99
C ASP E 219 50.36 16.76 12.47
N GLN E 220 51.58 16.82 11.96
CA GLN E 220 51.92 17.10 10.55
C GLN E 220 52.25 15.82 9.77
N CYS E 221 51.86 14.67 10.31
CA CYS E 221 52.04 13.34 9.74
C CYS E 221 50.67 12.68 9.47
N HIS E 222 50.56 11.92 8.38
CA HIS E 222 49.36 11.17 8.01
C HIS E 222 49.73 9.81 7.43
N ALA E 223 48.95 8.77 7.75
CA ALA E 223 49.19 7.41 7.26
C ALA E 223 47.89 6.61 7.10
N ALA E 224 47.86 5.73 6.10
CA ALA E 224 46.72 4.87 5.79
C ALA E 224 47.14 3.54 5.15
N VAL E 225 46.53 2.42 5.51
CA VAL E 225 46.75 1.14 4.82
C VAL E 225 46.26 1.23 3.38
N THR E 226 47.00 0.68 2.41
CA THR E 226 46.78 0.97 0.99
C THR E 226 46.69 -0.23 0.04
N ASN E 227 47.52 -1.27 0.17
CA ASN E 227 47.41 -2.44 -0.71
C ASN E 227 46.35 -3.42 -0.20
N HIS E 228 45.09 -3.05 -0.40
CA HIS E 228 43.96 -3.94 -0.20
C HIS E 228 43.89 -4.96 -1.34
N LYS E 229 44.02 -6.23 -0.97
CA LYS E 229 43.93 -7.40 -1.87
C LYS E 229 42.55 -8.06 -1.90
N LYS E 230 41.57 -7.43 -1.25
CA LYS E 230 40.14 -7.79 -1.17
C LYS E 230 39.30 -6.59 -1.59
N TRP E 231 38.12 -6.81 -2.18
CA TRP E 231 37.21 -5.72 -2.58
C TRP E 231 36.02 -5.55 -1.62
N GLN E 232 35.17 -4.54 -1.86
CA GLN E 232 33.98 -4.20 -1.09
C GLN E 232 32.82 -3.92 -2.05
N TYR E 233 31.57 -3.94 -1.57
CA TYR E 233 30.51 -3.17 -2.23
C TYR E 233 30.89 -1.68 -2.28
N ASN E 234 30.61 -0.98 -3.38
CA ASN E 234 30.91 0.45 -3.52
C ASN E 234 29.84 1.34 -2.87
N SER E 235 29.51 1.08 -1.61
CA SER E 235 28.43 1.77 -0.91
C SER E 235 28.66 3.27 -0.88
N PRO E 236 27.59 4.09 -0.75
CA PRO E 236 27.73 5.40 -0.12
C PRO E 236 28.33 5.19 1.26
N LEU E 237 28.69 6.24 1.98
CA LEU E 237 29.09 6.07 3.39
C LEU E 237 30.39 5.27 3.62
N VAL E 238 31.18 5.04 2.57
CA VAL E 238 32.64 4.86 2.56
C VAL E 238 33.20 5.65 1.37
N PRO E 239 34.36 6.32 1.47
CA PRO E 239 34.90 7.12 0.36
C PRO E 239 35.20 6.31 -0.91
N ARG E 240 35.10 6.94 -2.08
CA ARG E 240 35.59 6.35 -3.34
C ARG E 240 37.11 6.32 -3.38
N ASN E 241 37.70 5.30 -4.02
CA ASN E 241 39.16 5.17 -4.11
C ASN E 241 39.84 6.28 -4.94
N ALA E 242 39.26 6.69 -6.08
CA ALA E 242 39.79 7.76 -6.94
C ALA E 242 38.67 8.48 -7.74
N GLU E 243 38.92 9.67 -8.28
CA GLU E 243 37.90 10.47 -8.97
C GLU E 243 37.27 9.74 -10.17
N LEU E 244 38.06 8.90 -10.83
CA LEU E 244 37.69 8.14 -12.04
C LEU E 244 36.69 7.01 -11.74
N GLY E 245 36.39 6.77 -10.47
CA GLY E 245 35.74 5.55 -10.01
C GLY E 245 36.79 4.55 -9.59
N ASP E 246 36.61 3.30 -10.00
CA ASP E 246 37.57 2.22 -9.76
C ASP E 246 37.38 1.09 -10.77
N ARG E 247 38.35 0.17 -10.79
CA ARG E 247 38.26 -1.16 -11.42
C ARG E 247 37.28 -2.03 -10.63
N LYS E 248 36.36 -2.67 -11.35
CA LYS E 248 35.06 -3.06 -10.82
C LYS E 248 35.05 -4.54 -10.45
N GLY E 249 34.13 -5.28 -11.06
CA GLY E 249 33.69 -6.60 -10.63
C GLY E 249 32.25 -6.53 -10.12
N LYS E 250 31.57 -7.66 -10.04
CA LYS E 250 30.16 -7.77 -9.65
C LYS E 250 29.93 -8.95 -8.74
N VAL E 251 28.78 -8.93 -8.06
CA VAL E 251 28.21 -10.01 -7.28
C VAL E 251 26.76 -10.14 -7.69
N HIS E 252 26.26 -11.36 -7.87
CA HIS E 252 24.84 -11.60 -8.10
C HIS E 252 24.14 -11.70 -6.75
N ILE E 253 23.29 -10.72 -6.43
CA ILE E 253 22.63 -10.67 -5.13
C ILE E 253 21.52 -11.73 -5.06
N PRO E 254 21.44 -12.51 -3.98
CA PRO E 254 20.53 -13.65 -3.93
C PRO E 254 19.05 -13.24 -3.86
N PHE E 255 18.18 -14.23 -3.83
CA PHE E 255 16.74 -14.11 -3.55
C PHE E 255 15.96 -13.26 -4.56
N PRO E 256 15.64 -13.80 -5.75
CA PRO E 256 14.99 -13.07 -6.83
C PRO E 256 13.49 -12.87 -6.57
N LEU E 257 12.89 -11.84 -7.17
CA LEU E 257 11.49 -11.50 -6.94
C LEU E 257 10.51 -12.32 -7.78
N ALA E 258 10.28 -13.58 -7.42
CA ALA E 258 9.31 -14.46 -8.07
C ALA E 258 7.85 -14.04 -7.83
N ASN E 259 6.98 -14.18 -8.83
CA ASN E 259 5.53 -14.13 -8.62
C ASN E 259 4.98 -15.48 -8.13
N VAL E 260 4.01 -15.49 -7.23
CA VAL E 260 3.49 -16.70 -6.54
C VAL E 260 2.09 -16.41 -5.96
N THR E 261 1.30 -17.39 -5.53
CA THR E 261 0.04 -17.12 -4.82
C THR E 261 0.18 -17.07 -3.30
N CYS E 262 -0.65 -16.26 -2.66
CA CYS E 262 -0.78 -16.12 -1.22
C CYS E 262 -2.23 -16.37 -0.79
N ARG E 263 -2.45 -16.99 0.37
CA ARG E 263 -3.78 -17.39 0.84
C ARG E 263 -4.37 -16.31 1.72
N VAL E 264 -5.54 -15.82 1.33
CA VAL E 264 -6.26 -14.77 2.04
C VAL E 264 -7.57 -15.36 2.59
N PRO E 265 -8.04 -14.93 3.77
CA PRO E 265 -9.25 -15.48 4.36
C PRO E 265 -10.48 -15.09 3.57
N LYS E 266 -11.56 -15.85 3.71
CA LYS E 266 -12.90 -15.39 3.31
C LYS E 266 -13.68 -14.99 4.55
N ALA E 267 -14.18 -13.77 4.62
CA ALA E 267 -15.06 -13.36 5.70
C ALA E 267 -16.26 -14.29 5.81
N ARG E 268 -16.63 -14.68 7.03
CA ARG E 268 -17.72 -15.62 7.30
C ARG E 268 -19.05 -15.11 6.76
N ASN E 269 -19.98 -16.01 6.48
CA ASN E 269 -21.23 -15.65 5.80
C ASN E 269 -22.03 -14.65 6.63
N PRO E 270 -22.50 -13.54 6.04
CA PRO E 270 -23.37 -12.63 6.73
C PRO E 270 -24.72 -13.28 6.95
N THR E 271 -25.45 -12.94 8.02
CA THR E 271 -26.87 -13.28 8.08
C THR E 271 -27.62 -12.33 7.18
N VAL E 272 -28.49 -12.83 6.31
CA VAL E 272 -29.29 -11.97 5.42
C VAL E 272 -30.78 -12.18 5.67
N THR E 273 -31.56 -11.12 5.50
CA THR E 273 -33.01 -11.16 5.53
C THR E 273 -33.56 -10.04 4.66
N TYR E 274 -34.81 -10.13 4.21
CA TYR E 274 -35.28 -9.35 3.07
C TYR E 274 -36.47 -8.44 3.41
N GLY E 275 -36.61 -7.33 2.70
CA GLY E 275 -37.78 -6.45 2.70
C GLY E 275 -38.12 -6.01 1.29
N LYS E 276 -39.19 -5.23 1.09
CA LYS E 276 -39.60 -4.80 -0.25
C LYS E 276 -38.49 -3.97 -0.89
N ASN E 277 -37.94 -4.45 -2.01
CA ASN E 277 -36.78 -3.87 -2.67
C ASN E 277 -35.60 -3.61 -1.73
N GLN E 278 -35.37 -4.47 -0.73
CA GLN E 278 -34.34 -4.25 0.28
C GLN E 278 -33.74 -5.56 0.77
N VAL E 279 -32.44 -5.57 1.05
CA VAL E 279 -31.77 -6.68 1.72
C VAL E 279 -31.04 -6.15 2.94
N ILE E 280 -31.26 -6.82 4.08
CA ILE E 280 -30.67 -6.51 5.36
C ILE E 280 -29.54 -7.52 5.55
N MET E 281 -28.32 -7.07 5.77
CA MET E 281 -27.18 -7.95 6.00
C MET E 281 -26.53 -7.62 7.33
N LEU E 282 -26.44 -8.59 8.23
CA LEU E 282 -25.70 -8.49 9.47
C LEU E 282 -24.35 -9.17 9.28
N LEU E 283 -23.27 -8.39 9.32
CA LEU E 283 -21.94 -8.75 8.87
C LEU E 283 -21.02 -9.00 10.06
N TYR E 284 -20.21 -10.05 10.05
CA TYR E 284 -19.40 -10.45 11.20
C TYR E 284 -17.89 -10.40 10.93
N PRO E 285 -17.27 -9.23 10.76
CA PRO E 285 -15.85 -9.13 10.45
C PRO E 285 -14.98 -9.61 11.62
N ASP E 286 -14.02 -10.49 11.35
CA ASP E 286 -12.97 -10.86 12.30
C ASP E 286 -11.79 -9.87 12.28
N HIS E 287 -11.69 -9.07 11.23
CA HIS E 287 -10.64 -8.09 10.93
C HIS E 287 -11.18 -7.13 9.85
N PRO E 288 -10.59 -5.95 9.61
CA PRO E 288 -11.17 -4.98 8.69
C PRO E 288 -11.43 -5.58 7.31
N THR E 289 -12.67 -5.54 6.86
CA THR E 289 -13.15 -6.25 5.68
C THR E 289 -13.86 -5.28 4.77
N LEU E 290 -13.58 -5.29 3.47
CA LEU E 290 -14.21 -4.39 2.52
C LEU E 290 -15.57 -4.93 2.11
N LEU E 291 -16.64 -4.19 2.36
CA LEU E 291 -17.92 -4.42 1.74
C LEU E 291 -18.03 -3.44 0.59
N SER E 292 -18.45 -3.88 -0.57
CA SER E 292 -18.81 -2.97 -1.64
C SER E 292 -19.95 -3.53 -2.46
N TYR E 293 -20.72 -2.66 -3.10
CA TYR E 293 -21.86 -3.05 -3.89
C TYR E 293 -22.09 -2.14 -5.08
N ARG E 294 -22.76 -2.65 -6.10
CA ARG E 294 -23.16 -1.89 -7.30
C ARG E 294 -24.49 -2.37 -7.84
N ASN E 295 -25.25 -1.46 -8.42
CA ASN E 295 -26.40 -1.78 -9.22
C ASN E 295 -25.92 -2.46 -10.51
N MET E 296 -26.67 -3.42 -11.03
CA MET E 296 -26.31 -4.10 -12.28
C MET E 296 -26.90 -3.42 -13.53
N GLY E 297 -27.10 -2.12 -13.47
CA GLY E 297 -27.72 -1.29 -14.51
C GLY E 297 -26.75 -0.38 -15.26
N GLU E 298 -27.28 0.59 -15.99
CA GLU E 298 -26.47 1.54 -16.78
C GLU E 298 -25.63 2.48 -15.92
N GLU E 299 -26.12 2.84 -14.74
CA GLU E 299 -25.32 3.49 -13.69
C GLU E 299 -25.14 2.52 -12.51
N PRO E 300 -23.90 2.17 -12.13
CA PRO E 300 -23.63 1.20 -11.10
C PRO E 300 -23.80 1.76 -9.70
N ASN E 301 -23.72 3.08 -9.52
CA ASN E 301 -23.80 3.74 -8.22
C ASN E 301 -22.93 3.06 -7.16
N TYR E 302 -21.65 2.86 -7.48
CA TYR E 302 -20.73 2.06 -6.67
C TYR E 302 -20.46 2.68 -5.31
N GLN E 303 -20.59 1.91 -4.25
CA GLN E 303 -20.30 2.34 -2.89
C GLN E 303 -19.58 1.26 -2.11
N GLU E 304 -18.64 1.66 -1.25
CA GLU E 304 -17.82 0.75 -0.47
C GLU E 304 -17.55 1.28 0.94
N GLU E 305 -17.16 0.39 1.84
CA GLU E 305 -16.71 0.76 3.18
C GLU E 305 -15.91 -0.38 3.79
N TRP E 306 -14.75 -0.08 4.38
CA TRP E 306 -14.13 -1.04 5.27
C TRP E 306 -14.96 -1.10 6.54
N VAL E 307 -15.44 -2.28 6.90
CA VAL E 307 -16.18 -2.51 8.15
C VAL E 307 -15.30 -3.26 9.14
N THR E 308 -15.20 -2.75 10.36
CA THR E 308 -14.17 -3.17 11.32
C THR E 308 -14.73 -3.96 12.51
N HIS E 309 -16.03 -3.84 12.76
CA HIS E 309 -16.77 -4.45 13.87
C HIS E 309 -18.15 -4.85 13.38
N LYS E 310 -18.81 -5.81 14.03
CA LYS E 310 -20.16 -6.28 13.67
C LYS E 310 -21.13 -5.13 13.44
N LYS E 311 -21.94 -5.21 12.40
CA LYS E 311 -22.72 -4.11 11.82
C LYS E 311 -23.89 -4.64 11.02
N GLU E 312 -24.99 -3.92 10.96
CA GLU E 312 -26.13 -4.21 10.07
C GLU E 312 -26.18 -3.18 8.95
N ILE E 313 -26.30 -3.65 7.70
CA ILE E 313 -26.42 -2.81 6.51
C ILE E 313 -27.78 -3.03 5.88
N ARG E 314 -28.43 -2.00 5.35
CA ARG E 314 -29.61 -2.14 4.49
C ARG E 314 -29.30 -1.63 3.09
N LEU E 315 -29.34 -2.51 2.10
CA LEU E 315 -29.13 -2.15 0.71
C LEU E 315 -30.47 -2.13 -0.02
N THR E 316 -30.78 -1.08 -0.77
CA THR E 316 -31.93 -1.12 -1.69
C THR E 316 -31.57 -1.94 -2.92
N VAL E 317 -32.40 -2.93 -3.26
CA VAL E 317 -32.24 -3.76 -4.44
C VAL E 317 -33.11 -3.20 -5.57
N PRO E 318 -32.55 -2.55 -6.60
CA PRO E 318 -33.34 -1.97 -7.66
C PRO E 318 -33.81 -3.05 -8.64
N THR E 319 -34.71 -2.73 -9.56
CA THR E 319 -35.16 -3.66 -10.61
C THR E 319 -34.02 -4.24 -11.43
N GLU E 320 -32.96 -3.47 -11.66
CA GLU E 320 -31.76 -3.87 -12.39
C GLU E 320 -30.99 -5.01 -11.70
N GLY E 321 -31.21 -5.22 -10.40
CA GLY E 321 -30.42 -6.10 -9.55
C GLY E 321 -29.30 -5.38 -8.83
N LEU E 322 -28.84 -5.97 -7.74
CA LEU E 322 -27.73 -5.51 -6.90
C LEU E 322 -26.70 -6.61 -6.81
N GLU E 323 -25.43 -6.29 -6.99
CA GLU E 323 -24.32 -7.17 -6.67
C GLU E 323 -23.63 -6.64 -5.43
N VAL E 324 -23.51 -7.46 -4.39
CA VAL E 324 -22.82 -7.16 -3.14
C VAL E 324 -21.64 -8.11 -3.00
N THR E 325 -20.44 -7.59 -2.77
CA THR E 325 -19.26 -8.43 -2.53
C THR E 325 -18.67 -8.09 -1.18
N TRP E 326 -18.44 -9.12 -0.38
CA TRP E 326 -18.09 -9.03 1.02
C TRP E 326 -16.74 -9.66 1.26
N GLY E 327 -15.72 -8.87 1.57
CA GLY E 327 -14.38 -9.38 1.77
C GLY E 327 -13.85 -10.08 0.53
N ASN E 328 -13.15 -11.19 0.71
CA ASN E 328 -12.65 -12.01 -0.39
C ASN E 328 -13.64 -13.08 -0.86
N ASN E 329 -14.90 -13.04 -0.45
CA ASN E 329 -15.92 -13.94 -1.03
C ASN E 329 -16.23 -13.53 -2.46
N GLU E 330 -16.60 -14.50 -3.31
CA GLU E 330 -17.19 -14.22 -4.62
C GLU E 330 -18.55 -13.51 -4.47
N PRO E 331 -18.93 -12.58 -5.37
CA PRO E 331 -20.11 -11.76 -5.21
C PRO E 331 -21.44 -12.50 -4.99
N TYR E 332 -22.31 -11.88 -4.21
CA TYR E 332 -23.72 -12.22 -4.08
C TYR E 332 -24.53 -11.33 -5.03
N LYS E 333 -25.44 -11.88 -5.82
CA LYS E 333 -26.36 -11.10 -6.65
C LYS E 333 -27.76 -11.24 -6.09
N TYR E 334 -28.52 -10.15 -6.07
CA TYR E 334 -29.88 -10.08 -5.57
C TYR E 334 -30.76 -9.32 -6.55
N TRP E 335 -31.95 -9.86 -6.85
CA TRP E 335 -32.97 -9.20 -7.65
C TRP E 335 -34.30 -9.17 -6.88
N PRO E 336 -35.12 -8.13 -7.03
CA PRO E 336 -36.43 -8.09 -6.42
C PRO E 336 -37.41 -9.01 -7.14
N GLN E 337 -38.55 -9.31 -6.53
CA GLN E 337 -39.68 -9.89 -7.24
C GLN E 337 -41.02 -9.31 -6.80
N LEU E 338 -42.09 -9.66 -7.51
CA LEU E 338 -43.41 -9.02 -7.50
C LEU E 338 -44.23 -9.30 -6.22
N SER E 339 -43.61 -9.39 -5.05
CA SER E 339 -44.30 -9.61 -3.77
C SER E 339 -45.17 -8.41 -3.38
N THR E 340 -46.36 -8.63 -2.84
CA THR E 340 -47.19 -7.57 -2.25
C THR E 340 -48.12 -8.13 -1.17
N ASN E 341 -48.42 -7.32 -0.15
CA ASN E 341 -49.39 -7.65 0.88
C ASN E 341 -50.84 -7.32 0.45
N GLY E 342 -51.01 -6.53 -0.62
CA GLY E 342 -52.27 -6.35 -1.31
C GLY E 342 -52.61 -7.54 -2.21
N THR E 343 -53.73 -7.46 -2.92
CA THR E 343 -54.08 -8.43 -3.97
C THR E 343 -54.91 -7.78 -5.06
N ALA E 344 -54.66 -8.16 -6.31
CA ALA E 344 -55.66 -7.98 -7.35
C ALA E 344 -56.85 -8.91 -7.07
N HIS E 345 -57.83 -8.96 -7.99
CA HIS E 345 -59.03 -9.83 -7.89
C HIS E 345 -60.02 -9.50 -6.76
N GLY E 346 -59.59 -8.83 -5.70
CA GLY E 346 -60.45 -8.29 -4.64
C GLY E 346 -61.18 -6.99 -5.03
N HIS E 347 -61.71 -6.31 -4.03
CA HIS E 347 -62.38 -5.01 -4.17
C HIS E 347 -61.41 -3.92 -4.63
N PRO E 348 -61.86 -2.80 -5.23
CA PRO E 348 -60.97 -1.81 -5.85
C PRO E 348 -59.81 -1.33 -4.98
N HIS E 349 -60.00 -1.13 -3.67
CA HIS E 349 -58.91 -0.72 -2.79
C HIS E 349 -57.81 -1.79 -2.63
N GLU E 350 -58.16 -3.08 -2.69
CA GLU E 350 -57.19 -4.18 -2.73
C GLU E 350 -56.36 -4.11 -4.01
N ILE E 351 -57.00 -3.90 -5.17
CA ILE E 351 -56.31 -3.93 -6.45
C ILE E 351 -55.49 -2.67 -6.70
N ILE E 352 -55.94 -1.51 -6.21
CA ILE E 352 -55.16 -0.27 -6.29
C ILE E 352 -53.91 -0.40 -5.43
N LEU E 353 -54.02 -0.96 -4.22
CA LEU E 353 -52.87 -1.22 -3.37
C LEU E 353 -51.92 -2.24 -4.02
N TYR E 354 -52.44 -3.31 -4.62
CA TYR E 354 -51.63 -4.28 -5.35
C TYR E 354 -50.75 -3.62 -6.42
N TYR E 355 -51.31 -2.88 -7.38
CA TYR E 355 -50.48 -2.26 -8.40
C TYR E 355 -49.59 -1.16 -7.83
N TYR E 356 -49.99 -0.50 -6.74
CA TYR E 356 -49.16 0.52 -6.10
C TYR E 356 -47.91 -0.08 -5.44
N GLU E 357 -47.98 -1.23 -4.79
CA GLU E 357 -46.79 -1.85 -4.21
C GLU E 357 -45.80 -2.34 -5.29
N LEU E 358 -46.29 -2.76 -6.46
CA LEU E 358 -45.43 -3.19 -7.57
C LEU E 358 -44.88 -2.03 -8.41
N TYR E 359 -45.70 -1.01 -8.72
CA TYR E 359 -45.36 0.06 -9.65
C TYR E 359 -45.78 1.44 -9.11
N PRO E 360 -45.18 1.91 -8.01
CA PRO E 360 -45.70 3.09 -7.30
C PRO E 360 -45.60 4.36 -8.14
N THR E 361 -44.55 4.51 -8.95
CA THR E 361 -44.39 5.68 -9.82
C THR E 361 -45.42 5.73 -10.94
N MET E 362 -45.68 4.62 -11.64
CA MET E 362 -46.66 4.61 -12.73
C MET E 362 -48.10 4.60 -12.23
N THR E 363 -48.42 3.94 -11.11
CA THR E 363 -49.79 3.95 -10.56
C THR E 363 -50.21 5.29 -10.00
N VAL E 364 -49.37 5.97 -9.23
CA VAL E 364 -49.75 7.29 -8.69
C VAL E 364 -49.97 8.29 -9.83
N VAL E 365 -49.26 8.14 -10.94
CA VAL E 365 -49.56 8.85 -12.20
C VAL E 365 -50.91 8.42 -12.75
N VAL E 366 -51.09 7.17 -13.20
CA VAL E 366 -52.28 6.85 -13.99
C VAL E 366 -53.58 7.00 -13.21
N VAL E 367 -53.67 6.67 -11.92
CA VAL E 367 -54.94 6.85 -11.21
C VAL E 367 -55.26 8.33 -10.98
N SER E 368 -54.26 9.18 -10.75
CA SER E 368 -54.52 10.62 -10.57
C SER E 368 -54.93 11.27 -11.89
N VAL E 369 -54.19 11.09 -12.98
CA VAL E 369 -54.60 11.66 -14.28
C VAL E 369 -55.88 11.01 -14.84
N ALA E 370 -56.09 9.70 -14.69
CA ALA E 370 -57.34 9.07 -15.13
C ALA E 370 -58.54 9.61 -14.34
N SER E 371 -58.44 9.73 -13.01
CA SER E 371 -59.55 10.31 -12.23
C SER E 371 -59.72 11.81 -12.50
N PHE E 372 -58.68 12.56 -12.86
CA PHE E 372 -58.85 13.94 -13.33
C PHE E 372 -59.57 14.00 -14.69
N VAL E 373 -59.22 13.18 -15.69
CA VAL E 373 -59.96 13.22 -16.96
C VAL E 373 -61.38 12.68 -16.82
N LEU E 374 -61.65 11.64 -16.03
CA LEU E 374 -63.02 11.20 -15.75
C LEU E 374 -63.84 12.25 -14.99
N LEU E 375 -63.24 12.93 -13.99
CA LEU E 375 -63.86 14.09 -13.35
C LEU E 375 -64.18 15.19 -14.36
N SER E 376 -63.24 15.51 -15.25
CA SER E 376 -63.50 16.51 -16.29
C SER E 376 -64.65 16.11 -17.19
N MET E 377 -64.79 14.82 -17.53
CA MET E 377 -65.83 14.35 -18.44
C MET E 377 -67.21 14.27 -17.80
N VAL E 378 -67.37 13.98 -16.50
CA VAL E 378 -68.66 14.25 -15.85
C VAL E 378 -68.93 15.75 -15.73
N GLY E 379 -67.87 16.57 -15.57
CA GLY E 379 -67.98 18.03 -15.66
C GLY E 379 -68.51 18.50 -17.01
N VAL E 380 -67.96 17.96 -18.11
CA VAL E 380 -68.41 18.24 -19.48
C VAL E 380 -69.83 17.75 -19.72
N ALA E 381 -70.21 16.56 -19.23
CA ALA E 381 -71.59 16.08 -19.33
C ALA E 381 -72.59 16.99 -18.61
N VAL E 382 -72.26 17.49 -17.42
CA VAL E 382 -73.07 18.52 -16.76
C VAL E 382 -73.07 19.82 -17.57
N GLY E 383 -71.92 20.29 -18.06
CA GLY E 383 -71.81 21.51 -18.87
C GLY E 383 -72.64 21.47 -20.16
N MET E 384 -72.62 20.34 -20.88
CA MET E 384 -73.51 20.12 -22.02
C MET E 384 -74.98 20.16 -21.60
N CYS E 385 -75.36 19.46 -20.53
CA CYS E 385 -76.76 19.41 -20.11
C CYS E 385 -77.27 20.77 -19.55
N MET E 386 -76.40 21.57 -18.94
CA MET E 386 -76.68 22.94 -18.53
C MET E 386 -76.82 23.87 -19.74
N CYS E 387 -75.92 23.79 -20.71
CA CYS E 387 -76.03 24.53 -21.96
C CYS E 387 -77.32 24.16 -22.72
N ALA E 388 -77.69 22.87 -22.73
CA ALA E 388 -78.94 22.40 -23.29
C ALA E 388 -80.17 22.95 -22.56
N ARG E 389 -80.17 22.99 -21.21
CA ARG E 389 -81.21 23.65 -20.42
C ARG E 389 -81.39 25.11 -20.83
N ARG E 390 -80.30 25.88 -20.92
CA ARG E 390 -80.34 27.28 -21.38
C ARG E 390 -80.96 27.40 -22.77
N ARG E 391 -80.45 26.66 -23.77
CA ARG E 391 -80.96 26.76 -25.15
C ARG E 391 -82.37 26.23 -25.34
N CYS E 392 -82.85 25.29 -24.53
CA CYS E 392 -84.23 24.83 -24.62
C CYS E 392 -85.23 25.75 -23.90
N ILE E 393 -84.88 26.28 -22.72
CA ILE E 393 -85.84 27.07 -21.92
C ILE E 393 -85.85 28.56 -22.24
N THR E 394 -84.76 29.16 -22.76
CA THR E 394 -84.73 30.62 -22.98
C THR E 394 -85.85 31.16 -23.86
N PRO E 395 -86.33 30.51 -24.95
CA PRO E 395 -87.50 30.99 -25.67
C PRO E 395 -88.73 31.18 -24.78
N TYR E 396 -88.97 30.30 -23.82
CA TYR E 396 -90.05 30.43 -22.85
C TYR E 396 -89.77 31.48 -21.77
N GLU E 397 -88.51 31.72 -21.43
CA GLU E 397 -88.12 32.82 -20.54
C GLU E 397 -88.31 34.21 -21.19
N LEU E 398 -87.95 34.36 -22.47
CA LEU E 398 -88.03 35.62 -23.21
C LEU E 398 -89.44 35.94 -23.78
N THR E 399 -90.26 34.93 -24.11
CA THR E 399 -91.63 35.16 -24.63
C THR E 399 -92.52 35.86 -23.58
N PRO E 400 -93.34 36.88 -23.94
CA PRO E 400 -94.10 37.67 -22.96
C PRO E 400 -95.29 36.91 -22.35
N GLY E 401 -95.94 36.02 -23.12
CA GLY E 401 -97.09 35.24 -22.66
C GLY E 401 -96.77 34.13 -21.64
N ALA E 402 -95.48 33.79 -21.43
CA ALA E 402 -95.00 32.83 -20.42
C ALA E 402 -95.66 31.43 -20.47
N THR E 403 -96.11 30.98 -21.64
CA THR E 403 -96.90 29.74 -21.86
C THR E 403 -96.11 28.43 -21.75
N VAL E 404 -95.11 28.35 -20.86
CA VAL E 404 -94.22 27.19 -20.69
C VAL E 404 -95.01 25.90 -20.33
N PRO E 405 -94.87 24.80 -21.08
CA PRO E 405 -95.55 23.55 -20.79
C PRO E 405 -95.22 23.02 -19.40
N PHE E 406 -96.19 22.46 -18.69
CA PHE E 406 -95.98 21.96 -17.32
C PHE E 406 -94.87 20.89 -17.26
N LEU E 407 -94.84 19.95 -18.20
CA LEU E 407 -93.83 18.89 -18.24
C LEU E 407 -92.41 19.46 -18.39
N LEU E 408 -92.23 20.31 -19.40
CA LEU E 408 -90.95 20.96 -19.69
C LEU E 408 -90.49 21.85 -18.52
N SER E 409 -91.42 22.41 -17.74
CA SER E 409 -91.12 23.23 -16.56
C SER E 409 -90.37 22.46 -15.46
N LEU E 410 -90.62 21.15 -15.33
CA LEU E 410 -89.85 20.26 -14.45
C LEU E 410 -88.53 19.86 -15.11
N ILE E 411 -88.56 19.43 -16.38
CA ILE E 411 -87.41 18.84 -17.07
C ILE E 411 -86.23 19.85 -17.14
N CYS E 412 -86.48 21.06 -17.60
CA CYS E 412 -85.49 22.14 -17.57
C CYS E 412 -85.56 22.99 -16.28
N CYS E 413 -86.31 22.53 -15.27
CA CYS E 413 -86.34 23.05 -13.90
C CYS E 413 -86.43 24.59 -13.80
N ILE E 414 -87.61 25.16 -14.05
CA ILE E 414 -87.87 26.59 -13.79
C ILE E 414 -88.26 26.86 -12.32
N ARG E 415 -87.40 26.42 -11.39
CA ARG E 415 -87.46 26.55 -9.91
C ARG E 415 -88.75 26.10 -9.20
N THR E 416 -89.90 26.70 -9.50
CA THR E 416 -91.26 26.30 -9.07
C THR E 416 -92.28 26.94 -10.03
N ALA E 417 -92.33 26.45 -11.27
CA ALA E 417 -93.18 26.95 -12.35
C ALA E 417 -93.04 28.47 -12.65
N LYS E 418 -93.95 29.04 -13.46
CA LYS E 418 -93.90 30.44 -13.90
C LYS E 418 -94.52 31.46 -12.92
N ALA E 419 -95.25 30.99 -11.90
CA ALA E 419 -95.93 31.77 -10.85
C ALA E 419 -96.77 32.95 -11.39
N TYR F 1 -52.99 5.73 71.36
CA TYR F 1 -53.23 6.82 70.39
C TYR F 1 -52.64 6.45 69.05
N GLU F 2 -53.38 6.54 67.95
CA GLU F 2 -52.89 6.16 66.62
C GLU F 2 -52.76 7.39 65.73
N HIS F 3 -51.56 7.65 65.24
CA HIS F 3 -51.22 8.80 64.41
C HIS F 3 -50.89 8.33 63.00
N VAL F 4 -51.56 8.82 61.98
CA VAL F 4 -51.26 8.51 60.57
C VAL F 4 -50.64 9.72 59.89
N THR F 5 -49.58 9.52 59.12
CA THR F 5 -48.85 10.59 58.45
C THR F 5 -48.24 10.13 57.13
N VAL F 6 -47.60 11.02 56.41
CA VAL F 6 -46.95 10.74 55.13
C VAL F 6 -45.60 11.43 55.14
N ILE F 7 -44.54 10.73 54.74
CA ILE F 7 -43.24 11.34 54.51
C ILE F 7 -42.90 11.19 53.04
N PRO F 8 -42.29 12.17 52.37
CA PRO F 8 -41.79 11.97 51.03
C PRO F 8 -40.88 10.74 50.98
N ASN F 9 -40.92 10.01 49.88
CA ASN F 9 -40.05 8.88 49.69
C ASN F 9 -38.71 9.42 49.21
N THR F 10 -37.78 9.66 50.14
CA THR F 10 -36.53 10.35 49.88
C THR F 10 -35.55 9.98 50.99
N VAL F 11 -34.47 9.28 50.64
CA VAL F 11 -33.51 8.81 51.61
C VAL F 11 -32.62 9.93 52.13
N GLY F 12 -32.21 9.85 53.38
CA GLY F 12 -31.23 10.73 53.98
C GLY F 12 -31.73 12.12 54.35
N VAL F 13 -32.99 12.46 54.06
CA VAL F 13 -33.64 13.69 54.51
C VAL F 13 -34.56 13.35 55.67
N PRO F 14 -34.37 13.91 56.87
CA PRO F 14 -35.23 13.63 58.00
C PRO F 14 -36.51 14.45 57.96
N TYR F 15 -37.65 13.83 58.22
CA TYR F 15 -38.94 14.50 58.30
C TYR F 15 -39.44 14.48 59.73
N LYS F 16 -40.07 15.56 60.17
CA LYS F 16 -40.63 15.73 61.51
C LYS F 16 -42.13 15.56 61.43
N THR F 17 -42.73 14.79 62.33
CA THR F 17 -44.18 14.72 62.50
C THR F 17 -44.56 15.08 63.93
N LEU F 18 -45.73 15.71 64.11
CA LEU F 18 -46.21 16.16 65.41
C LEU F 18 -47.35 15.27 65.89
N VAL F 19 -47.15 14.57 66.98
CA VAL F 19 -48.17 13.75 67.62
C VAL F 19 -48.95 14.63 68.60
N ASN F 20 -49.83 15.48 68.10
CA ASN F 20 -50.63 16.34 68.96
C ASN F 20 -51.85 15.60 69.48
N ARG F 21 -51.77 15.06 70.69
CA ARG F 21 -52.92 14.52 71.42
C ARG F 21 -53.41 15.55 72.43
N PRO F 22 -54.58 16.17 72.27
CA PRO F 22 -55.06 17.19 73.19
C PRO F 22 -55.05 16.74 74.64
N GLY F 23 -54.67 17.63 75.56
CA GLY F 23 -54.64 17.35 76.99
C GLY F 23 -53.33 16.75 77.50
N TYR F 24 -52.43 16.39 76.58
CA TYR F 24 -51.11 15.86 76.83
C TYR F 24 -50.06 16.73 76.15
N SER F 25 -48.81 16.70 76.61
CA SER F 25 -47.78 17.52 75.98
C SER F 25 -47.52 17.04 74.55
N PRO F 26 -47.39 17.93 73.56
CA PRO F 26 -47.07 17.53 72.21
C PRO F 26 -45.76 16.77 72.16
N MET F 27 -45.64 15.89 71.20
CA MET F 27 -44.50 14.99 71.04
C MET F 27 -44.09 15.00 69.59
N VAL F 28 -42.82 15.20 69.27
CA VAL F 28 -42.35 15.32 67.88
C VAL F 28 -41.42 14.19 67.58
N LEU F 29 -41.76 13.42 66.56
CA LEU F 29 -40.98 12.29 66.11
C LEU F 29 -40.28 12.68 64.82
N GLU F 30 -38.98 12.48 64.75
CA GLU F 30 -38.23 12.67 63.53
C GLU F 30 -37.95 11.31 62.95
N MET F 31 -38.39 11.04 61.74
CA MET F 31 -38.02 9.80 61.06
C MET F 31 -37.33 10.09 59.73
N GLU F 32 -36.34 9.27 59.40
CA GLU F 32 -35.51 9.40 58.23
C GLU F 32 -35.38 8.05 57.57
N LEU F 33 -35.69 7.96 56.28
CA LEU F 33 -35.47 6.74 55.52
C LEU F 33 -33.98 6.57 55.28
N LEU F 34 -33.40 5.48 55.75
CA LEU F 34 -31.99 5.15 55.50
C LEU F 34 -31.81 4.37 54.20
N SER F 35 -32.76 3.54 53.82
CA SER F 35 -32.85 2.91 52.50
C SER F 35 -34.26 2.47 52.20
N VAL F 36 -34.63 2.41 50.94
CA VAL F 36 -35.94 1.92 50.48
C VAL F 36 -35.73 1.00 49.29
N THR F 37 -35.97 -0.28 49.46
CA THR F 37 -35.62 -1.33 48.52
C THR F 37 -36.86 -1.82 47.80
N LEU F 38 -36.91 -1.73 46.48
CA LEU F 38 -37.95 -2.36 45.66
C LEU F 38 -37.36 -3.63 45.08
N GLU F 39 -37.85 -4.79 45.52
CA GLU F 39 -37.39 -6.07 45.02
C GLU F 39 -38.48 -6.70 44.13
N PRO F 40 -38.31 -6.78 42.80
CA PRO F 40 -39.27 -7.41 41.92
C PRO F 40 -39.26 -8.93 42.11
N THR F 41 -40.35 -9.58 41.70
CA THR F 41 -40.42 -11.04 41.71
C THR F 41 -40.04 -11.54 40.32
N LEU F 42 -39.11 -12.48 40.23
CA LEU F 42 -38.44 -12.87 39.00
C LEU F 42 -38.87 -14.27 38.57
N SER F 43 -39.31 -14.42 37.33
CA SER F 43 -39.49 -15.73 36.68
C SER F 43 -38.46 -15.91 35.59
N LEU F 44 -37.63 -16.95 35.67
CA LEU F 44 -36.58 -17.23 34.71
C LEU F 44 -37.17 -17.73 33.39
N ASP F 45 -36.88 -17.08 32.27
CA ASP F 45 -37.18 -17.60 30.95
C ASP F 45 -36.07 -18.51 30.45
N TYR F 46 -34.82 -18.04 30.41
CA TYR F 46 -33.68 -18.87 30.03
C TYR F 46 -32.33 -18.28 30.43
N ILE F 47 -31.30 -19.13 30.44
CA ILE F 47 -29.88 -18.78 30.44
C ILE F 47 -29.42 -18.57 29.01
N THR F 48 -28.46 -17.68 28.81
CA THR F 48 -27.65 -17.58 27.59
C THR F 48 -26.19 -17.59 27.98
N CYS F 49 -25.32 -17.94 27.04
CA CYS F 49 -23.91 -18.14 27.31
C CYS F 49 -23.16 -18.26 25.99
N GLU F 50 -21.85 -18.43 26.04
CA GLU F 50 -21.10 -18.77 24.83
C GLU F 50 -21.33 -20.24 24.46
N TYR F 51 -21.68 -20.55 23.22
CA TYR F 51 -21.71 -21.93 22.74
C TYR F 51 -20.31 -22.46 22.43
N LYS F 52 -20.11 -23.78 22.45
CA LYS F 52 -18.95 -24.42 21.81
C LYS F 52 -19.44 -25.18 20.59
N THR F 53 -18.78 -25.05 19.45
CA THR F 53 -19.02 -25.93 18.31
C THR F 53 -18.19 -27.19 18.50
N VAL F 54 -18.82 -28.35 18.45
CA VAL F 54 -18.18 -29.64 18.63
C VAL F 54 -18.02 -30.26 17.27
N ILE F 55 -16.77 -30.54 16.89
CA ILE F 55 -16.41 -31.15 15.63
C ILE F 55 -15.57 -32.39 15.93
N PRO F 56 -16.07 -33.62 15.68
CA PRO F 56 -15.23 -34.79 15.75
C PRO F 56 -14.34 -34.86 14.51
N SER F 57 -13.22 -35.58 14.59
CA SER F 57 -12.37 -35.92 13.46
C SER F 57 -13.21 -36.37 12.26
N PRO F 58 -13.01 -35.83 11.06
CA PRO F 58 -13.85 -36.15 9.93
C PRO F 58 -13.59 -37.57 9.43
N TYR F 59 -14.65 -38.29 9.07
CA TYR F 59 -14.48 -39.57 8.38
C TYR F 59 -14.14 -39.30 6.92
N VAL F 60 -13.14 -39.96 6.38
CA VAL F 60 -12.86 -39.97 4.95
C VAL F 60 -12.92 -41.41 4.43
N LYS F 61 -13.87 -41.67 3.53
CA LYS F 61 -14.08 -42.95 2.87
C LYS F 61 -13.10 -43.04 1.72
N CYS F 62 -12.16 -43.97 1.81
CA CYS F 62 -11.30 -44.33 0.69
C CYS F 62 -12.11 -45.14 -0.33
N CYS F 63 -12.07 -44.77 -1.61
CA CYS F 63 -12.68 -45.56 -2.68
C CYS F 63 -14.19 -45.82 -2.50
N GLY F 64 -14.97 -44.78 -2.19
CA GLY F 64 -16.43 -44.88 -2.06
C GLY F 64 -17.11 -43.63 -1.50
N THR F 65 -18.42 -43.72 -1.26
CA THR F 65 -19.22 -42.64 -0.64
C THR F 65 -19.57 -42.98 0.81
N ALA F 66 -19.22 -42.12 1.76
CA ALA F 66 -19.92 -42.03 3.04
C ALA F 66 -21.32 -41.40 2.86
N GLU F 67 -22.23 -41.58 3.81
CA GLU F 67 -23.58 -41.03 3.78
C GLU F 67 -23.92 -40.15 4.99
N CYS F 68 -24.77 -39.16 4.77
CA CYS F 68 -25.15 -38.12 5.71
C CYS F 68 -26.15 -38.63 6.77
N LYS F 69 -25.74 -39.54 7.64
CA LYS F 69 -26.57 -40.09 8.72
C LYS F 69 -26.94 -39.00 9.73
N ASP F 70 -28.21 -38.60 9.74
CA ASP F 70 -28.74 -37.50 10.54
C ASP F 70 -28.92 -37.85 12.04
N LYS F 71 -28.91 -36.84 12.92
CA LYS F 71 -29.06 -37.00 14.39
C LYS F 71 -29.60 -35.73 15.06
N SER F 72 -30.11 -35.86 16.28
CA SER F 72 -30.99 -34.87 16.95
C SER F 72 -30.30 -33.70 17.67
N LEU F 73 -28.98 -33.56 17.55
CA LEU F 73 -28.18 -32.61 18.33
C LEU F 73 -28.46 -31.13 17.97
N PRO F 74 -28.18 -30.15 18.86
CA PRO F 74 -28.87 -28.85 18.90
C PRO F 74 -28.87 -28.01 17.63
N ASP F 75 -27.79 -27.98 16.86
CA ASP F 75 -27.74 -27.33 15.54
C ASP F 75 -26.99 -28.20 14.53
N TYR F 76 -27.26 -29.51 14.55
CA TYR F 76 -26.50 -30.51 13.81
C TYR F 76 -26.50 -30.27 12.32
N SER F 77 -25.31 -30.29 11.74
CA SER F 77 -25.09 -30.18 10.30
C SER F 77 -24.06 -31.21 9.89
N CYS F 78 -24.25 -31.84 8.74
CA CYS F 78 -23.20 -32.62 8.10
C CYS F 78 -23.27 -32.50 6.59
N LYS F 79 -22.15 -32.78 5.95
CA LYS F 79 -21.98 -32.66 4.50
C LYS F 79 -20.98 -33.71 4.07
N VAL F 80 -21.13 -34.23 2.86
CA VAL F 80 -20.16 -35.17 2.28
C VAL F 80 -19.56 -34.53 1.05
N PHE F 81 -18.25 -34.32 1.06
CA PHE F 81 -17.52 -33.66 -0.02
C PHE F 81 -16.80 -34.70 -0.86
N THR F 82 -17.14 -34.77 -2.14
CA THR F 82 -16.52 -35.71 -3.09
C THR F 82 -15.26 -35.15 -3.73
N GLY F 83 -14.39 -36.02 -4.21
CA GLY F 83 -13.15 -35.63 -4.89
C GLY F 83 -12.06 -35.12 -3.96
N VAL F 84 -12.03 -35.57 -2.70
CA VAL F 84 -10.95 -35.23 -1.77
C VAL F 84 -9.72 -36.09 -2.02
N TYR F 85 -8.54 -35.58 -1.67
CA TYR F 85 -7.31 -36.36 -1.66
C TYR F 85 -6.40 -35.87 -0.53
N PRO F 86 -6.68 -36.26 0.72
CA PRO F 86 -5.98 -35.74 1.88
C PRO F 86 -4.63 -36.38 2.06
N PHE F 87 -3.63 -35.60 2.43
CA PHE F 87 -2.31 -36.07 2.82
C PHE F 87 -2.16 -35.95 4.33
N MET F 88 -1.77 -37.04 5.00
CA MET F 88 -1.26 -36.93 6.35
C MET F 88 0.22 -36.54 6.31
N TRP F 89 0.95 -36.60 7.44
CA TRP F 89 2.33 -36.13 7.49
C TRP F 89 3.26 -36.98 6.61
N GLY F 90 3.02 -38.29 6.52
CA GLY F 90 3.90 -39.26 5.86
C GLY F 90 3.43 -39.72 4.47
N GLY F 91 2.32 -39.22 3.95
CA GLY F 91 1.83 -39.53 2.61
C GLY F 91 0.32 -39.42 2.46
N ALA F 92 -0.20 -39.69 1.26
CA ALA F 92 -1.63 -39.68 1.00
C ALA F 92 -2.39 -40.70 1.87
N TYR F 93 -3.53 -40.31 2.44
CA TYR F 93 -4.32 -41.19 3.30
C TYR F 93 -5.09 -42.24 2.51
N CYS F 94 -5.82 -41.80 1.48
CA CYS F 94 -6.51 -42.68 0.55
C CYS F 94 -5.54 -43.37 -0.41
N PHE F 95 -6.02 -44.43 -1.08
CA PHE F 95 -5.27 -45.10 -2.12
C PHE F 95 -5.20 -44.27 -3.41
N CYS F 96 -6.35 -43.89 -3.96
CA CYS F 96 -6.50 -43.14 -5.21
C CYS F 96 -6.80 -41.65 -4.99
N ASP F 97 -6.69 -40.83 -6.03
CA ASP F 97 -6.84 -39.36 -5.96
C ASP F 97 -8.24 -38.83 -6.32
N THR F 98 -9.18 -39.74 -6.53
CA THR F 98 -10.61 -39.49 -6.79
C THR F 98 -11.39 -40.76 -6.43
N GLU F 99 -12.72 -40.71 -6.39
CA GLU F 99 -13.56 -41.73 -5.71
C GLU F 99 -13.37 -41.73 -4.18
N ASN F 100 -12.96 -40.62 -3.58
CA ASN F 100 -12.95 -40.46 -2.12
C ASN F 100 -13.94 -39.39 -1.70
N THR F 101 -14.51 -39.57 -0.52
CA THR F 101 -15.41 -38.59 0.08
C THR F 101 -15.03 -38.33 1.53
N GLN F 102 -15.08 -37.07 1.96
CA GLN F 102 -14.99 -36.72 3.39
C GLN F 102 -16.38 -36.40 3.91
N LEU F 103 -16.81 -37.10 4.95
CA LEU F 103 -17.95 -36.76 5.78
C LEU F 103 -17.51 -35.78 6.86
N SER F 104 -17.92 -34.53 6.73
CA SER F 104 -17.76 -33.52 7.75
C SER F 104 -19.06 -33.40 8.52
N GLU F 105 -19.02 -33.38 9.85
CA GLU F 105 -20.20 -33.17 10.70
C GLU F 105 -19.86 -32.28 11.89
N ALA F 106 -20.83 -31.54 12.39
CA ALA F 106 -20.67 -30.69 13.56
C ALA F 106 -22.01 -30.41 14.25
N HIS F 107 -21.97 -30.07 15.53
CA HIS F 107 -23.11 -29.54 16.29
C HIS F 107 -22.63 -28.50 17.30
N VAL F 108 -23.54 -27.81 17.99
CA VAL F 108 -23.18 -26.83 19.03
C VAL F 108 -23.74 -27.24 20.39
N GLU F 109 -23.07 -26.83 21.45
CA GLU F 109 -23.44 -27.11 22.83
C GLU F 109 -23.27 -25.86 23.71
N LYS F 110 -23.81 -25.86 24.92
CA LYS F 110 -23.32 -24.94 25.95
C LYS F 110 -21.82 -25.15 26.15
N SER F 111 -21.06 -24.06 26.36
CA SER F 111 -19.68 -24.19 26.80
C SER F 111 -19.61 -24.85 28.17
N GLU F 112 -18.45 -25.36 28.56
CA GLU F 112 -18.26 -25.79 29.95
C GLU F 112 -18.25 -24.60 30.92
N SER F 113 -18.08 -23.38 30.41
CA SER F 113 -18.11 -22.14 31.18
C SER F 113 -19.50 -21.69 31.61
N CYS F 114 -20.61 -22.28 31.16
CA CYS F 114 -21.94 -21.77 31.49
C CYS F 114 -22.33 -21.95 32.96
N LYS F 115 -21.50 -22.65 33.74
CA LYS F 115 -21.59 -22.68 35.20
C LYS F 115 -21.30 -21.31 35.82
N THR F 116 -20.51 -20.45 35.18
CA THR F 116 -19.95 -19.23 35.81
C THR F 116 -19.86 -17.99 34.92
N GLU F 117 -20.02 -18.09 33.61
CA GLU F 117 -20.10 -16.98 32.66
C GLU F 117 -21.37 -17.09 31.82
N PHE F 118 -22.50 -16.61 32.33
CA PHE F 118 -23.81 -16.66 31.66
C PHE F 118 -24.61 -15.40 31.94
N ALA F 119 -25.56 -15.06 31.07
CA ALA F 119 -26.54 -14.02 31.33
C ALA F 119 -27.93 -14.63 31.40
N SER F 120 -28.69 -14.20 32.39
CA SER F 120 -29.96 -14.78 32.78
C SER F 120 -31.10 -13.90 32.33
N ALA F 121 -32.13 -14.41 31.67
CA ALA F 121 -33.23 -13.60 31.14
C ALA F 121 -34.51 -13.85 31.94
N TYR F 122 -35.12 -12.81 32.51
CA TYR F 122 -36.24 -12.91 33.45
C TYR F 122 -37.43 -12.08 33.04
N ARG F 123 -38.63 -12.53 33.38
CA ARG F 123 -39.81 -11.66 33.47
C ARG F 123 -39.90 -11.14 34.90
N ALA F 124 -40.20 -9.86 35.08
CA ALA F 124 -40.19 -9.21 36.38
C ALA F 124 -41.59 -8.71 36.75
N HIS F 125 -42.14 -9.20 37.85
CA HIS F 125 -43.46 -8.85 38.35
C HIS F 125 -43.40 -7.80 39.45
N THR F 126 -44.53 -7.18 39.76
CA THR F 126 -44.67 -6.07 40.72
C THR F 126 -43.94 -6.28 42.04
N ALA F 127 -43.20 -5.27 42.49
CA ALA F 127 -42.19 -5.42 43.53
C ALA F 127 -42.73 -5.44 44.96
N SER F 128 -42.06 -6.16 45.85
CA SER F 128 -42.27 -6.03 47.30
C SER F 128 -41.33 -4.98 47.85
N ALA F 129 -41.85 -3.88 48.38
CA ALA F 129 -41.03 -2.85 48.97
C ALA F 129 -40.49 -3.27 50.34
N SER F 130 -39.38 -2.69 50.76
CA SER F 130 -38.77 -2.85 52.08
C SER F 130 -38.12 -1.54 52.47
N ALA F 131 -38.08 -1.16 53.73
CA ALA F 131 -37.51 0.10 54.16
C ALA F 131 -36.76 -0.03 55.47
N LYS F 132 -35.64 0.66 55.58
CA LYS F 132 -34.89 0.81 56.82
C LYS F 132 -35.04 2.24 57.26
N LEU F 133 -35.44 2.46 58.49
CA LEU F 133 -35.92 3.74 58.98
C LEU F 133 -35.18 4.08 60.27
N ARG F 134 -34.68 5.29 60.44
CA ARG F 134 -34.24 5.82 61.73
C ARG F 134 -35.39 6.61 62.27
N VAL F 135 -35.75 6.41 63.52
CA VAL F 135 -36.71 7.27 64.20
C VAL F 135 -36.13 7.76 65.51
N LEU F 136 -36.29 9.06 65.76
CA LEU F 136 -35.96 9.70 67.02
C LEU F 136 -37.23 9.69 67.86
N TYR F 137 -37.27 8.84 68.87
CA TYR F 137 -38.44 8.63 69.71
C TYR F 137 -38.05 8.88 71.15
N GLN F 138 -38.73 9.80 71.83
CA GLN F 138 -38.43 10.17 73.23
C GLN F 138 -36.95 10.52 73.44
N GLY F 139 -36.32 11.20 72.48
CA GLY F 139 -34.91 11.58 72.57
C GLY F 139 -33.91 10.42 72.49
N ASN F 140 -34.28 9.27 71.95
CA ASN F 140 -33.35 8.22 71.55
C ASN F 140 -33.44 7.97 70.04
N ASN F 141 -32.30 7.95 69.34
CA ASN F 141 -32.23 7.43 67.98
C ASN F 141 -32.39 5.92 68.05
N VAL F 142 -33.39 5.37 67.37
CA VAL F 142 -33.56 3.93 67.21
C VAL F 142 -33.90 3.61 65.77
N THR F 143 -33.21 2.61 65.22
CA THR F 143 -33.25 2.25 63.80
C THR F 143 -33.98 0.94 63.62
N VAL F 144 -34.91 0.88 62.68
CA VAL F 144 -35.82 -0.24 62.53
C VAL F 144 -36.04 -0.61 61.07
N SER F 145 -36.05 -1.89 60.74
CA SER F 145 -36.21 -2.39 59.38
C SER F 145 -37.53 -3.13 59.22
N ALA F 146 -38.33 -2.78 58.22
CA ALA F 146 -39.70 -3.26 58.04
C ALA F 146 -40.03 -3.47 56.57
N TYR F 147 -40.96 -4.35 56.23
CA TYR F 147 -41.45 -4.46 54.87
C TYR F 147 -42.43 -3.34 54.61
N ALA F 148 -42.22 -2.51 53.60
CA ALA F 148 -43.00 -1.30 53.39
C ALA F 148 -44.28 -1.58 52.61
N ASN F 149 -45.02 -2.63 52.98
CA ASN F 149 -46.15 -3.15 52.22
C ASN F 149 -47.53 -2.89 52.85
N GLY F 150 -47.61 -2.46 54.11
CA GLY F 150 -48.87 -2.14 54.79
C GLY F 150 -49.28 -3.06 55.94
N ASP F 151 -48.66 -4.24 56.13
CA ASP F 151 -48.55 -4.83 57.47
C ASP F 151 -47.05 -4.97 57.75
N HIS F 152 -46.62 -5.87 58.62
CA HIS F 152 -45.36 -5.74 59.34
C HIS F 152 -45.29 -4.42 60.12
N ALA F 153 -45.94 -4.40 61.28
CA ALA F 153 -45.76 -3.36 62.27
C ALA F 153 -44.53 -3.69 63.11
N VAL F 154 -43.53 -2.80 63.16
CA VAL F 154 -42.31 -3.00 63.95
C VAL F 154 -42.37 -2.25 65.27
N THR F 155 -41.98 -2.90 66.35
CA THR F 155 -42.12 -2.35 67.71
C THR F 155 -40.83 -1.69 68.15
N VAL F 156 -40.95 -0.45 68.59
CA VAL F 156 -39.86 0.48 68.87
C VAL F 156 -40.20 1.21 70.15
N LYS F 157 -39.53 0.90 71.27
CA LYS F 157 -39.84 1.51 72.58
C LYS F 157 -41.34 1.43 72.91
N ASP F 158 -41.97 0.30 72.60
CA ASP F 158 -43.41 0.05 72.71
C ASP F 158 -44.37 0.87 71.82
N ALA F 159 -43.90 1.78 70.98
CA ALA F 159 -44.68 2.25 69.83
C ALA F 159 -44.61 1.22 68.70
N LYS F 160 -45.64 1.12 67.86
CA LYS F 160 -45.64 0.24 66.68
C LYS F 160 -45.73 1.06 65.41
N PHE F 161 -44.76 0.94 64.51
CA PHE F 161 -44.69 1.67 63.25
C PHE F 161 -45.09 0.77 62.09
N ILE F 162 -46.14 1.12 61.36
CA ILE F 162 -46.52 0.48 60.09
C ILE F 162 -46.16 1.45 58.99
N VAL F 163 -45.37 1.01 58.02
CA VAL F 163 -44.82 1.85 56.96
C VAL F 163 -45.26 1.35 55.60
N GLY F 164 -45.51 2.26 54.66
CA GLY F 164 -46.08 1.94 53.36
C GLY F 164 -47.57 1.59 53.40
N PRO F 165 -48.15 1.15 52.27
CA PRO F 165 -47.49 0.93 50.99
C PRO F 165 -47.18 2.25 50.29
N MET F 166 -46.12 2.28 49.49
CA MET F 166 -45.73 3.48 48.74
C MET F 166 -46.85 4.00 47.86
N SER F 167 -46.93 5.32 47.65
CA SER F 167 -47.99 5.89 46.81
C SER F 167 -47.85 5.53 45.34
N SER F 168 -46.61 5.29 44.88
CA SER F 168 -46.27 5.07 43.48
C SER F 168 -45.95 3.61 43.20
N ALA F 169 -46.54 3.06 42.15
CA ALA F 169 -46.25 1.71 41.68
C ALA F 169 -45.01 1.64 40.78
N TRP F 170 -44.33 2.75 40.55
CA TRP F 170 -43.17 2.84 39.65
C TRP F 170 -42.03 1.95 40.12
N THR F 171 -41.31 1.35 39.17
CA THR F 171 -40.10 0.56 39.39
C THR F 171 -39.21 0.67 38.16
N PRO F 172 -37.87 0.65 38.28
CA PRO F 172 -37.03 0.91 37.12
C PRO F 172 -37.05 -0.21 36.09
N PHE F 173 -37.41 -1.43 36.51
CA PHE F 173 -37.45 -2.60 35.66
C PHE F 173 -38.67 -2.62 34.73
N ASP F 174 -38.45 -2.82 33.44
CA ASP F 174 -39.52 -3.18 32.51
C ASP F 174 -39.98 -4.62 32.78
N ASN F 175 -41.00 -5.09 32.07
CA ASN F 175 -41.49 -6.45 32.22
C ASN F 175 -40.44 -7.53 31.91
N LYS F 176 -39.45 -7.23 31.06
CA LYS F 176 -38.38 -8.14 30.62
C LYS F 176 -37.02 -7.61 31.07
N ILE F 177 -36.28 -8.41 31.81
CA ILE F 177 -34.96 -8.13 32.40
C ILE F 177 -33.94 -9.09 31.80
N VAL F 178 -32.68 -8.71 31.66
CA VAL F 178 -31.57 -9.68 31.70
C VAL F 178 -30.54 -9.21 32.70
N VAL F 179 -29.98 -10.12 33.50
CA VAL F 179 -28.93 -9.84 34.47
C VAL F 179 -27.68 -10.60 34.13
N TYR F 180 -26.53 -9.95 34.16
CA TYR F 180 -25.24 -10.62 33.90
C TYR F 180 -24.57 -11.03 35.21
N LYS F 181 -23.83 -10.14 35.85
CA LYS F 181 -23.22 -10.35 37.16
C LYS F 181 -23.75 -9.36 38.17
N GLY F 182 -23.08 -8.22 38.34
CA GLY F 182 -23.58 -7.10 39.15
C GLY F 182 -24.56 -6.19 38.43
N ASP F 183 -24.82 -6.46 37.15
CA ASP F 183 -25.54 -5.61 36.21
C ASP F 183 -26.86 -6.20 35.78
N VAL F 184 -27.86 -5.36 35.56
CA VAL F 184 -29.18 -5.74 35.06
C VAL F 184 -29.67 -4.72 34.04
N TYR F 185 -30.30 -5.17 32.97
CA TYR F 185 -30.66 -4.41 31.79
C TYR F 185 -32.13 -4.56 31.45
N ASN F 186 -32.82 -3.48 31.10
CA ASN F 186 -34.15 -3.57 30.51
C ASN F 186 -34.01 -3.94 29.06
N MET F 187 -34.55 -5.07 28.65
CA MET F 187 -34.22 -5.63 27.34
C MET F 187 -35.28 -6.61 26.92
N ASP F 188 -36.02 -6.28 25.87
CA ASP F 188 -37.05 -7.15 25.32
C ASP F 188 -36.39 -8.27 24.50
N TYR F 189 -35.82 -9.26 25.19
CA TYR F 189 -35.06 -10.34 24.59
C TYR F 189 -35.93 -11.26 23.71
N PRO F 190 -35.36 -11.98 22.74
CA PRO F 190 -36.13 -12.90 21.92
C PRO F 190 -36.63 -14.07 22.76
N PRO F 191 -37.90 -14.50 22.66
CA PRO F 191 -38.45 -15.54 23.51
C PRO F 191 -37.78 -16.89 23.26
N PHE F 192 -37.93 -17.84 24.17
CA PHE F 192 -37.24 -19.11 24.02
C PHE F 192 -37.67 -19.81 22.73
N GLY F 193 -36.70 -20.25 21.93
CA GLY F 193 -36.97 -20.84 20.62
C GLY F 193 -37.14 -19.83 19.49
N ALA F 194 -36.86 -18.55 19.72
CA ALA F 194 -36.87 -17.50 18.70
C ALA F 194 -35.55 -16.71 18.62
N GLY F 195 -34.47 -17.22 19.21
CA GLY F 195 -33.16 -16.60 19.11
C GLY F 195 -32.63 -16.61 17.68
N ARG F 196 -31.82 -15.61 17.31
CA ARG F 196 -31.30 -15.39 15.96
C ARG F 196 -29.78 -15.41 15.96
N PRO F 197 -29.09 -15.80 14.88
CA PRO F 197 -27.64 -15.91 14.88
C PRO F 197 -26.97 -14.58 15.14
N GLY F 198 -25.88 -14.57 15.91
CA GLY F 198 -25.08 -13.37 16.14
C GLY F 198 -25.79 -12.26 16.93
N GLN F 199 -26.84 -12.58 17.66
CA GLN F 199 -27.58 -11.68 18.53
C GLN F 199 -27.79 -12.32 19.90
N PHE F 200 -28.19 -11.55 20.91
CA PHE F 200 -28.39 -12.09 22.24
C PHE F 200 -29.32 -13.30 22.23
N GLY F 201 -28.91 -14.39 22.86
CA GLY F 201 -29.71 -15.60 22.89
C GLY F 201 -29.75 -16.36 21.56
N ASP F 202 -28.69 -16.35 20.76
CA ASP F 202 -28.53 -17.29 19.66
C ASP F 202 -28.44 -18.73 20.16
N ILE F 203 -27.90 -18.94 21.36
CA ILE F 203 -28.07 -20.13 22.18
C ILE F 203 -28.95 -19.81 23.39
N GLN F 204 -29.89 -20.67 23.74
CA GLN F 204 -30.78 -20.52 24.89
C GLN F 204 -30.92 -21.86 25.61
N SER F 205 -31.06 -21.88 26.93
CA SER F 205 -31.34 -23.09 27.71
C SER F 205 -32.22 -22.76 28.91
N ARG F 206 -33.19 -23.60 29.30
CA ARG F 206 -34.23 -23.17 30.27
C ARG F 206 -33.70 -22.84 31.66
N THR F 207 -32.62 -23.47 32.09
CA THR F 207 -31.98 -23.28 33.39
C THR F 207 -30.49 -23.57 33.25
N PRO F 208 -29.61 -23.13 34.16
CA PRO F 208 -28.18 -23.35 34.02
C PRO F 208 -27.81 -24.81 33.82
N GLU F 209 -28.46 -25.72 34.57
CA GLU F 209 -28.25 -27.17 34.48
C GLU F 209 -29.04 -27.89 33.37
N SER F 210 -30.05 -27.27 32.75
CA SER F 210 -30.91 -27.99 31.79
C SER F 210 -30.12 -28.54 30.61
N GLU F 211 -30.41 -29.77 30.19
CA GLU F 211 -29.64 -30.44 29.14
C GLU F 211 -30.13 -30.11 27.72
N ASP F 212 -31.35 -29.61 27.57
CA ASP F 212 -31.81 -29.03 26.31
C ASP F 212 -31.16 -27.66 26.03
N VAL F 213 -31.05 -27.34 24.75
CA VAL F 213 -30.41 -26.15 24.25
C VAL F 213 -31.09 -25.79 22.94
N TYR F 214 -31.77 -24.67 22.84
CA TYR F 214 -32.10 -24.13 21.53
C TYR F 214 -30.86 -23.46 20.99
N ALA F 215 -30.48 -23.72 19.74
CA ALA F 215 -29.34 -23.09 19.12
C ALA F 215 -29.67 -22.69 17.68
N ASN F 216 -29.27 -21.48 17.30
CA ASN F 216 -29.49 -20.95 15.96
C ASN F 216 -28.30 -20.11 15.52
N THR F 217 -27.13 -20.72 15.40
CA THR F 217 -25.87 -20.02 15.12
C THR F 217 -25.56 -19.94 13.62
N GLN F 218 -26.44 -20.45 12.77
CA GLN F 218 -26.25 -20.65 11.33
C GLN F 218 -24.91 -21.33 10.99
N LEU F 219 -24.64 -22.46 11.62
CA LEU F 219 -23.49 -23.30 11.30
C LEU F 219 -23.61 -23.90 9.91
N VAL F 220 -22.66 -23.57 9.03
CA VAL F 220 -22.55 -24.07 7.65
C VAL F 220 -21.19 -24.74 7.49
N LEU F 221 -21.15 -26.02 7.17
CA LEU F 221 -19.89 -26.70 6.85
C LEU F 221 -19.42 -26.34 5.44
N GLN F 222 -18.12 -26.23 5.25
CA GLN F 222 -17.50 -25.77 4.01
C GLN F 222 -16.55 -26.81 3.45
N ARG F 223 -16.35 -26.80 2.14
CA ARG F 223 -15.53 -27.80 1.46
C ARG F 223 -14.10 -27.75 1.97
N PRO F 224 -13.51 -28.87 2.44
CA PRO F 224 -12.13 -28.87 2.90
C PRO F 224 -11.22 -28.59 1.71
N SER F 225 -10.30 -27.66 1.89
CA SER F 225 -9.33 -27.24 0.87
C SER F 225 -8.45 -28.42 0.44
N ALA F 226 -7.99 -28.40 -0.81
CA ALA F 226 -7.30 -29.55 -1.37
C ALA F 226 -6.03 -29.94 -0.58
N GLY F 227 -5.85 -31.24 -0.38
CA GLY F 227 -4.64 -31.81 0.19
C GLY F 227 -4.63 -31.97 1.71
N THR F 228 -5.61 -31.46 2.45
CA THR F 228 -5.55 -31.46 3.92
C THR F 228 -6.86 -31.86 4.61
N VAL F 229 -6.72 -32.23 5.88
CA VAL F 229 -7.68 -33.00 6.68
C VAL F 229 -8.55 -32.15 7.60
N HIS F 230 -8.53 -30.83 7.47
CA HIS F 230 -9.34 -29.93 8.29
C HIS F 230 -10.85 -30.05 8.04
N VAL F 231 -11.64 -29.45 8.92
CA VAL F 231 -13.09 -29.29 8.78
C VAL F 231 -13.41 -27.79 8.88
N PRO F 232 -13.36 -27.03 7.78
CA PRO F 232 -13.68 -25.63 7.83
C PRO F 232 -15.18 -25.44 7.89
N TYR F 233 -15.62 -24.45 8.65
CA TYR F 233 -17.03 -24.12 8.82
C TYR F 233 -17.18 -22.62 8.91
N SER F 234 -18.40 -22.14 8.67
CA SER F 234 -18.80 -20.75 8.77
C SER F 234 -20.00 -20.66 9.70
N GLN F 235 -20.01 -19.68 10.59
CA GLN F 235 -20.95 -19.64 11.71
C GLN F 235 -20.98 -18.23 12.30
N ALA F 236 -22.14 -17.69 12.67
CA ALA F 236 -22.20 -16.39 13.30
C ALA F 236 -21.54 -16.45 14.68
N PRO F 237 -20.58 -15.58 15.03
CA PRO F 237 -19.86 -15.66 16.29
C PRO F 237 -20.80 -15.50 17.47
N SER F 238 -20.38 -15.90 18.67
CA SER F 238 -21.30 -15.99 19.80
C SER F 238 -22.02 -14.69 20.10
N GLY F 239 -23.34 -14.68 20.00
CA GLY F 239 -24.14 -13.48 20.25
C GLY F 239 -24.12 -13.04 21.71
N PHE F 240 -23.78 -13.92 22.63
CA PHE F 240 -23.45 -13.55 24.00
C PHE F 240 -22.13 -12.80 24.09
N LYS F 241 -21.04 -13.27 23.48
CA LYS F 241 -19.76 -12.53 23.52
C LYS F 241 -19.82 -11.21 22.79
N TYR F 242 -20.62 -11.09 21.76
CA TYR F 242 -20.95 -9.80 21.17
C TYR F 242 -21.76 -8.92 22.11
N TRP F 243 -22.78 -9.45 22.78
CA TRP F 243 -23.50 -8.69 23.79
C TRP F 243 -22.59 -8.21 24.90
N LEU F 244 -21.69 -9.02 25.45
CA LEU F 244 -20.73 -8.56 26.45
C LEU F 244 -19.86 -7.38 26.00
N LYS F 245 -19.65 -7.14 24.71
CA LYS F 245 -18.95 -5.94 24.20
C LYS F 245 -19.87 -4.78 23.89
N GLU F 246 -21.15 -5.02 23.69
CA GLU F 246 -22.13 -4.06 23.19
C GLU F 246 -23.23 -3.75 24.20
N ARG F 247 -23.09 -4.18 25.46
CA ARG F 247 -24.12 -4.08 26.50
C ARG F 247 -24.70 -2.68 26.62
N GLY F 248 -23.86 -1.67 26.54
CA GLY F 248 -24.21 -0.32 26.97
C GLY F 248 -24.30 -0.23 28.48
N ALA F 249 -24.95 0.80 28.99
CA ALA F 249 -24.94 1.09 30.41
C ALA F 249 -26.05 0.32 31.15
N SER F 250 -25.62 -0.49 32.13
CA SER F 250 -26.47 -1.21 33.08
C SER F 250 -27.42 -0.28 33.81
N LEU F 251 -28.57 -0.73 34.31
CA LEU F 251 -29.55 0.19 34.89
C LEU F 251 -28.99 1.00 36.07
N GLN F 252 -28.04 0.46 36.83
CA GLN F 252 -27.37 1.15 37.93
C GLN F 252 -26.84 2.53 37.53
N HIS F 253 -26.52 2.72 36.26
CA HIS F 253 -25.96 3.95 35.71
C HIS F 253 -26.97 4.79 34.97
N THR F 254 -28.10 4.26 34.51
CA THR F 254 -29.06 4.97 33.64
C THR F 254 -30.45 5.16 34.21
N ALA F 255 -30.85 4.48 35.29
CA ALA F 255 -32.23 4.48 35.75
C ALA F 255 -32.71 5.86 36.24
N PRO F 256 -34.00 6.24 36.07
CA PRO F 256 -34.58 7.46 36.62
C PRO F 256 -34.60 7.52 38.14
N PHE F 257 -35.00 8.66 38.70
CA PHE F 257 -35.16 8.89 40.14
C PHE F 257 -33.93 8.62 41.00
N GLY F 258 -32.74 8.54 40.40
CA GLY F 258 -31.49 8.46 41.12
C GLY F 258 -31.30 7.17 41.92
N CYS F 259 -31.99 6.09 41.58
CA CYS F 259 -31.86 4.85 42.31
C CYS F 259 -30.62 4.04 41.98
N GLN F 260 -30.08 3.41 43.01
CA GLN F 260 -29.03 2.42 42.92
C GLN F 260 -29.65 1.06 42.59
N ILE F 261 -28.94 0.15 41.96
CA ILE F 261 -29.44 -1.18 41.60
C ILE F 261 -28.40 -2.25 41.91
N ALA F 262 -28.81 -3.38 42.48
CA ALA F 262 -27.91 -4.45 42.89
C ALA F 262 -28.54 -5.80 42.64
N THR F 263 -27.76 -6.86 42.41
CA THR F 263 -28.22 -8.09 41.78
C THR F 263 -27.81 -9.38 42.48
N ASN F 264 -28.11 -9.48 43.78
CA ASN F 264 -28.27 -10.76 44.45
C ASN F 264 -29.11 -10.59 45.74
N PRO F 265 -30.44 -10.65 45.69
CA PRO F 265 -31.31 -10.75 44.51
C PRO F 265 -31.35 -9.43 43.74
N VAL F 266 -32.05 -9.29 42.62
CA VAL F 266 -32.18 -7.97 42.01
C VAL F 266 -33.06 -7.07 42.87
N ARG F 267 -32.61 -5.84 43.12
CA ARG F 267 -33.41 -4.78 43.74
C ARG F 267 -33.06 -3.46 43.12
N ALA F 268 -34.01 -2.54 43.07
CA ALA F 268 -33.70 -1.12 43.03
C ALA F 268 -33.65 -0.59 44.45
N MET F 269 -32.90 0.46 44.71
CA MET F 269 -32.78 1.06 46.02
C MET F 269 -32.84 2.57 45.92
N ASN F 270 -33.56 3.19 46.84
CA ASN F 270 -33.54 4.63 47.05
C ASN F 270 -34.08 5.43 45.86
N CYS F 271 -35.02 4.88 45.10
CA CYS F 271 -35.81 5.66 44.15
C CYS F 271 -36.49 6.82 44.86
N ALA F 272 -36.18 8.07 44.48
CA ALA F 272 -36.84 9.25 45.02
C ALA F 272 -38.20 9.50 44.35
N VAL F 273 -39.15 8.57 44.48
CA VAL F 273 -40.43 8.60 43.76
C VAL F 273 -41.64 8.46 44.67
N GLY F 274 -42.66 9.28 44.44
CA GLY F 274 -43.88 9.27 45.23
C GLY F 274 -43.67 9.73 46.66
N ASN F 275 -44.58 9.37 47.55
CA ASN F 275 -44.46 9.56 48.98
C ASN F 275 -44.84 8.28 49.71
N MET F 276 -44.45 8.17 50.97
CA MET F 276 -44.63 6.97 51.77
C MET F 276 -45.53 7.24 52.97
N PRO F 277 -46.72 6.65 53.05
CA PRO F 277 -47.51 6.74 54.25
C PRO F 277 -46.85 5.95 55.36
N ILE F 278 -47.01 6.41 56.59
CA ILE F 278 -46.51 5.74 57.78
C ILE F 278 -47.49 6.01 58.92
N SER F 279 -47.70 5.06 59.82
CA SER F 279 -48.57 5.25 60.96
C SER F 279 -48.00 4.67 62.23
N ILE F 280 -48.15 5.42 63.31
CA ILE F 280 -47.59 5.14 64.62
C ILE F 280 -48.74 4.79 65.54
N ASP F 281 -48.68 3.65 66.20
CA ASP F 281 -49.56 3.33 67.32
C ASP F 281 -48.73 3.52 68.58
N ILE F 282 -49.04 4.55 69.38
CA ILE F 282 -48.27 4.98 70.54
C ILE F 282 -49.09 4.66 71.79
N PRO F 283 -48.53 3.94 72.79
CA PRO F 283 -49.30 3.53 73.94
C PRO F 283 -49.68 4.76 74.75
N ASP F 284 -50.87 4.80 75.33
CA ASP F 284 -51.33 5.99 76.05
C ASP F 284 -50.47 6.32 77.29
N ALA F 285 -49.66 5.38 77.77
CA ALA F 285 -48.67 5.60 78.81
C ALA F 285 -47.48 6.48 78.38
N ALA F 286 -47.24 6.67 77.09
CA ALA F 286 -46.07 7.40 76.59
C ALA F 286 -46.20 8.92 76.75
N PHE F 287 -47.39 9.41 77.03
CA PHE F 287 -47.70 10.84 77.05
C PHE F 287 -47.70 11.39 78.47
N THR F 288 -46.99 12.48 78.73
CA THR F 288 -47.15 13.26 79.96
C THR F 288 -48.36 14.18 79.87
N ARG F 289 -49.11 14.30 80.96
CA ARG F 289 -50.26 15.20 81.06
C ARG F 289 -49.79 16.63 80.85
N VAL F 290 -50.59 17.49 80.21
CA VAL F 290 -50.12 18.85 79.91
C VAL F 290 -49.72 19.64 81.16
N VAL F 291 -50.32 19.33 82.30
CA VAL F 291 -50.00 19.95 83.61
C VAL F 291 -48.71 19.45 84.26
N ASP F 292 -48.11 18.35 83.82
CA ASP F 292 -46.87 17.81 84.39
C ASP F 292 -45.65 18.11 83.51
N ALA F 293 -45.86 18.47 82.25
CA ALA F 293 -44.82 18.99 81.37
C ALA F 293 -44.49 20.47 81.67
N PRO F 294 -43.33 20.98 81.26
CA PRO F 294 -42.99 22.39 81.40
C PRO F 294 -43.88 23.27 80.54
N SER F 295 -45.01 23.74 81.07
CA SER F 295 -45.81 24.77 80.41
C SER F 295 -44.99 26.04 80.31
N LEU F 296 -44.96 26.64 79.13
CA LEU F 296 -44.00 27.65 78.72
C LEU F 296 -44.74 28.82 78.06
N THR F 297 -44.48 30.03 78.51
CA THR F 297 -45.40 31.18 78.39
C THR F 297 -44.63 32.46 78.16
N ASP F 298 -45.32 33.55 77.86
CA ASP F 298 -44.76 34.89 77.73
C ASP F 298 -43.74 35.04 76.59
N MET F 299 -43.78 34.13 75.61
CA MET F 299 -42.71 33.95 74.66
C MET F 299 -42.80 34.86 73.45
N SER F 300 -41.64 35.20 72.89
CA SER F 300 -41.45 36.20 71.84
C SER F 300 -40.22 35.84 71.03
N CYS F 301 -40.14 36.23 69.76
CA CYS F 301 -39.14 35.71 68.85
C CYS F 301 -38.44 36.74 67.95
N GLU F 302 -37.14 36.60 67.75
CA GLU F 302 -36.29 37.41 66.88
C GLU F 302 -35.50 36.47 65.98
N VAL F 303 -35.40 36.77 64.69
CA VAL F 303 -34.60 36.00 63.73
C VAL F 303 -33.35 36.81 63.37
N PRO F 304 -32.22 36.65 64.07
CA PRO F 304 -31.05 37.46 63.82
C PRO F 304 -30.49 37.29 62.41
N ALA F 305 -30.26 36.06 61.98
CA ALA F 305 -29.65 35.75 60.70
C ALA F 305 -30.47 34.72 59.93
N CYS F 306 -30.62 34.92 58.63
CA CYS F 306 -31.49 34.10 57.81
C CYS F 306 -31.11 34.05 56.34
N THR F 307 -30.82 32.86 55.82
CA THR F 307 -30.58 32.62 54.38
C THR F 307 -31.27 31.33 53.94
N HIS F 308 -31.75 31.26 52.70
CA HIS F 308 -32.36 30.05 52.18
C HIS F 308 -31.34 29.04 51.64
N SER F 309 -30.39 28.66 52.49
CA SER F 309 -29.18 27.90 52.15
C SER F 309 -29.33 26.39 51.93
N SER F 310 -30.52 25.79 51.95
CA SER F 310 -30.69 24.33 51.88
C SER F 310 -30.23 23.50 53.08
N ASP F 311 -29.43 24.01 54.01
CA ASP F 311 -28.83 23.24 55.10
C ASP F 311 -29.06 23.82 56.50
N PHE F 312 -30.23 24.40 56.77
CA PHE F 312 -30.48 25.15 58.00
C PHE F 312 -29.69 26.47 58.06
N GLY F 313 -29.89 27.31 57.06
CA GLY F 313 -29.27 28.63 56.95
C GLY F 313 -29.98 29.75 57.71
N GLY F 314 -31.03 29.45 58.46
CA GLY F 314 -31.68 30.38 59.37
C GLY F 314 -31.42 30.03 60.83
N VAL F 315 -31.51 31.02 61.71
CA VAL F 315 -31.53 30.82 63.17
C VAL F 315 -32.54 31.76 63.79
N ALA F 316 -33.36 31.28 64.71
CA ALA F 316 -34.36 32.06 65.42
C ALA F 316 -34.14 31.91 66.91
N ILE F 317 -34.17 33.02 67.64
CA ILE F 317 -34.00 33.05 69.08
C ILE F 317 -35.32 33.40 69.70
N ILE F 318 -35.76 32.59 70.64
CA ILE F 318 -37.07 32.66 71.26
C ILE F 318 -36.86 32.96 72.73
N LYS F 319 -37.38 34.09 73.21
CA LYS F 319 -37.46 34.42 74.64
C LYS F 319 -38.65 33.70 75.22
N TYR F 320 -38.60 33.27 76.47
CA TYR F 320 -39.72 32.58 77.11
C TYR F 320 -39.66 32.67 78.64
N ALA F 321 -40.75 32.34 79.31
CA ALA F 321 -40.77 32.01 80.73
C ALA F 321 -41.31 30.59 80.89
N ALA F 322 -40.64 29.72 81.64
CA ALA F 322 -41.03 28.32 81.79
C ALA F 322 -41.31 27.94 83.23
N SER F 323 -42.40 27.21 83.46
CA SER F 323 -42.90 26.88 84.79
C SER F 323 -42.06 25.88 85.57
N LYS F 324 -41.30 25.02 84.91
CA LYS F 324 -40.34 24.08 85.51
C LYS F 324 -39.23 23.77 84.52
N LYS F 325 -38.10 23.23 84.98
CA LYS F 325 -37.08 22.68 84.09
C LYS F 325 -37.62 21.43 83.38
N GLY F 326 -37.40 21.32 82.07
CA GLY F 326 -37.75 20.12 81.33
C GLY F 326 -37.33 20.19 79.86
N LYS F 327 -37.69 19.17 79.08
CA LYS F 327 -37.64 19.21 77.62
C LYS F 327 -38.95 19.72 77.05
N CYS F 328 -38.94 20.34 75.87
CA CYS F 328 -40.10 20.72 75.10
C CYS F 328 -39.99 20.22 73.66
N ALA F 329 -41.07 19.73 73.08
CA ALA F 329 -41.10 19.50 71.65
C ALA F 329 -41.11 20.81 70.87
N VAL F 330 -40.38 20.90 69.77
CA VAL F 330 -40.39 22.06 68.87
C VAL F 330 -40.88 21.64 67.51
N HIS F 331 -41.83 22.34 66.91
CA HIS F 331 -42.30 22.02 65.57
C HIS F 331 -42.70 23.27 64.83
N SER F 332 -42.55 23.33 63.51
CA SER F 332 -42.95 24.46 62.70
C SER F 332 -44.30 24.22 62.08
N MET F 333 -45.23 25.13 62.34
CA MET F 333 -46.61 25.07 61.87
C MET F 333 -46.77 25.51 60.42
N THR F 334 -45.68 25.84 59.73
CA THR F 334 -45.64 26.30 58.34
C THR F 334 -44.85 25.31 57.50
N ASN F 335 -45.43 24.75 56.45
CA ASN F 335 -44.78 23.68 55.68
C ASN F 335 -43.51 24.14 54.95
N ALA F 336 -43.40 25.44 54.64
CA ALA F 336 -42.27 26.04 53.95
C ALA F 336 -41.03 26.31 54.81
N VAL F 337 -41.01 25.88 56.08
CA VAL F 337 -39.91 26.11 57.01
C VAL F 337 -39.70 24.87 57.88
N THR F 338 -38.67 24.08 57.61
CA THR F 338 -38.28 22.97 58.49
C THR F 338 -37.49 23.54 59.67
N ILE F 339 -37.54 22.96 60.86
CA ILE F 339 -36.59 23.29 61.92
C ILE F 339 -35.74 22.07 62.27
N ARG F 340 -34.48 22.25 62.62
CA ARG F 340 -33.54 21.14 62.79
C ARG F 340 -33.87 20.32 64.03
N GLU F 341 -33.98 20.98 65.18
CA GLU F 341 -34.16 20.31 66.48
C GLU F 341 -35.55 19.68 66.57
N ALA F 342 -35.71 18.49 67.16
CA ALA F 342 -37.03 17.94 67.46
C ALA F 342 -37.52 18.30 68.87
N GLU F 343 -36.60 18.44 69.82
CA GLU F 343 -36.89 18.92 71.17
C GLU F 343 -35.76 19.78 71.69
N ILE F 344 -36.06 20.59 72.69
CA ILE F 344 -35.18 21.61 73.22
C ILE F 344 -35.30 21.61 74.74
N GLU F 345 -34.24 21.95 75.46
CA GLU F 345 -34.25 21.99 76.92
C GLU F 345 -34.50 23.40 77.44
N VAL F 346 -35.36 23.51 78.45
CA VAL F 346 -36.07 24.74 78.83
C VAL F 346 -36.06 24.91 80.34
N GLU F 347 -35.76 26.11 80.87
CA GLU F 347 -36.09 26.48 82.26
C GLU F 347 -36.08 27.99 82.54
N GLY F 348 -36.79 28.44 83.58
CA GLY F 348 -36.74 29.82 84.06
C GLY F 348 -37.25 30.87 83.07
N ASN F 349 -36.93 32.14 83.31
CA ASN F 349 -37.02 33.19 82.29
C ASN F 349 -35.72 33.19 81.51
N SER F 350 -35.75 32.89 80.23
CA SER F 350 -34.54 32.69 79.44
C SER F 350 -34.83 32.80 77.95
N GLN F 351 -33.96 32.27 77.12
CA GLN F 351 -34.17 32.11 75.69
C GLN F 351 -33.53 30.82 75.17
N LEU F 352 -34.07 30.31 74.07
CA LEU F 352 -33.60 29.14 73.36
C LEU F 352 -33.34 29.52 71.91
N GLN F 353 -32.42 28.83 71.27
CA GLN F 353 -32.08 29.01 69.87
C GLN F 353 -32.53 27.80 69.06
N ILE F 354 -33.23 28.01 67.95
CA ILE F 354 -33.56 26.97 66.98
C ILE F 354 -32.98 27.32 65.63
N SER F 355 -32.49 26.34 64.90
CA SER F 355 -31.97 26.52 63.55
C SER F 355 -32.96 25.97 62.55
N PHE F 356 -33.24 26.69 61.48
CA PHE F 356 -34.33 26.38 60.57
C PHE F 356 -33.90 26.53 59.13
N SER F 357 -34.61 25.90 58.21
CA SER F 357 -34.32 25.95 56.78
C SER F 357 -35.56 26.35 56.03
N THR F 358 -35.42 27.10 54.95
CA THR F 358 -36.55 27.56 54.16
C THR F 358 -36.13 27.88 52.73
N ALA F 359 -37.07 27.95 51.79
CA ALA F 359 -36.85 28.52 50.46
C ALA F 359 -37.40 29.95 50.35
N LEU F 360 -37.97 30.50 51.41
CA LEU F 360 -38.70 31.75 51.37
C LEU F 360 -37.78 32.96 51.31
N ALA F 361 -38.09 33.94 50.46
CA ALA F 361 -37.40 35.22 50.46
C ALA F 361 -37.69 36.04 51.72
N SER F 362 -38.76 35.73 52.45
CA SER F 362 -39.12 36.34 53.72
C SER F 362 -39.89 35.32 54.53
N ALA F 363 -39.21 34.63 55.43
CA ALA F 363 -39.80 33.63 56.28
C ALA F 363 -40.70 34.28 57.32
N GLU F 364 -42.01 34.25 57.10
CA GLU F 364 -43.00 34.42 58.15
C GLU F 364 -43.57 33.05 58.47
N PHE F 365 -43.42 32.60 59.71
CA PHE F 365 -43.77 31.23 60.12
C PHE F 365 -44.15 31.17 61.58
N ARG F 366 -44.87 30.13 61.99
CA ARG F 366 -45.22 29.89 63.39
C ARG F 366 -44.48 28.70 63.94
N VAL F 367 -43.87 28.82 65.10
CA VAL F 367 -43.22 27.74 65.81
C VAL F 367 -44.10 27.35 66.97
N GLN F 368 -44.36 26.07 67.17
CA GLN F 368 -44.96 25.56 68.39
C GLN F 368 -43.86 25.01 69.28
N VAL F 369 -43.63 25.60 70.43
CA VAL F 369 -42.79 25.02 71.46
C VAL F 369 -43.71 24.63 72.60
N CYS F 370 -43.75 23.36 72.99
CA CYS F 370 -44.49 22.92 74.17
C CYS F 370 -45.94 23.42 74.28
N SER F 371 -46.71 23.30 73.21
CA SER F 371 -48.10 23.77 73.08
C SER F 371 -48.35 25.29 73.07
N THR F 372 -47.32 26.12 73.17
CA THR F 372 -47.43 27.56 72.99
C THR F 372 -46.84 27.95 71.65
N GLN F 373 -47.51 28.83 70.91
CA GLN F 373 -47.09 29.20 69.57
C GLN F 373 -46.59 30.62 69.51
N VAL F 374 -45.51 30.83 68.77
CA VAL F 374 -44.89 32.14 68.57
C VAL F 374 -44.76 32.41 67.08
N HIS F 375 -44.83 33.67 66.67
CA HIS F 375 -44.72 34.06 65.28
C HIS F 375 -43.36 34.68 65.00
N CYS F 376 -42.65 34.13 64.02
CA CYS F 376 -41.34 34.57 63.59
C CYS F 376 -41.49 35.28 62.25
N ALA F 377 -40.85 36.42 62.08
CA ALA F 377 -40.79 37.11 60.79
C ALA F 377 -39.35 37.52 60.51
N ALA F 378 -38.92 37.33 59.28
CA ALA F 378 -37.54 37.46 58.88
C ALA F 378 -37.41 37.89 57.43
N GLU F 379 -36.26 38.44 57.09
CA GLU F 379 -35.91 38.81 55.72
C GLU F 379 -34.75 37.91 55.32
N CYS F 380 -34.92 37.05 54.31
CA CYS F 380 -33.96 35.97 54.02
C CYS F 380 -33.10 36.30 52.82
N HIS F 381 -31.80 36.17 52.92
CA HIS F 381 -30.88 36.49 51.83
C HIS F 381 -30.41 35.25 51.08
N PRO F 382 -30.24 35.30 49.76
CA PRO F 382 -29.83 34.15 49.01
C PRO F 382 -28.40 33.73 49.37
N PRO F 383 -28.06 32.44 49.30
CA PRO F 383 -26.70 31.96 49.45
C PRO F 383 -25.86 32.30 48.22
N LYS F 384 -24.54 32.23 48.32
CA LYS F 384 -23.63 32.55 47.21
C LYS F 384 -22.77 31.39 46.73
N ASP F 385 -23.06 30.16 47.17
CA ASP F 385 -22.26 28.96 46.90
C ASP F 385 -22.65 28.15 45.67
N HIS F 386 -23.76 28.49 45.00
CA HIS F 386 -24.26 27.88 43.76
C HIS F 386 -24.73 26.45 43.84
N ILE F 387 -23.89 25.49 44.19
CA ILE F 387 -24.26 24.07 44.25
C ILE F 387 -23.60 23.38 45.43
N VAL F 388 -24.23 22.31 45.90
CA VAL F 388 -23.89 21.58 47.12
C VAL F 388 -24.03 20.09 46.92
N ASN F 389 -23.46 19.28 47.80
CA ASN F 389 -23.51 17.82 47.70
C ASN F 389 -24.72 17.13 48.35
N TYR F 390 -25.51 17.83 49.16
CA TYR F 390 -26.65 17.29 49.90
C TYR F 390 -27.98 17.88 49.38
N PRO F 391 -29.09 17.14 49.42
CA PRO F 391 -30.38 17.62 48.93
C PRO F 391 -31.01 18.65 49.86
N ALA F 392 -31.94 19.46 49.38
CA ALA F 392 -32.58 20.47 50.20
C ALA F 392 -33.32 19.87 51.38
N SER F 393 -33.03 20.32 52.60
CA SER F 393 -33.68 19.88 53.83
C SER F 393 -35.00 20.62 54.12
N HIS F 394 -35.64 21.19 53.10
CA HIS F 394 -36.91 21.91 53.21
C HIS F 394 -37.86 21.64 52.05
N THR F 395 -39.14 21.90 52.28
CA THR F 395 -40.20 21.76 51.28
C THR F 395 -39.99 22.73 50.14
N THR F 396 -40.22 22.31 48.89
CA THR F 396 -40.14 23.22 47.75
C THR F 396 -41.11 24.39 47.89
N LEU F 397 -40.74 25.55 47.36
CA LEU F 397 -41.54 26.77 47.44
C LEU F 397 -42.86 26.62 46.67
N GLY F 398 -43.90 27.35 47.05
CA GLY F 398 -45.13 27.48 46.25
C GLY F 398 -44.97 28.14 44.87
N VAL F 399 -43.74 28.51 44.48
CA VAL F 399 -43.18 29.01 43.18
C VAL F 399 -43.84 30.22 42.50
N GLN F 400 -45.18 30.27 42.53
CA GLN F 400 -46.04 31.40 42.17
C GLN F 400 -46.92 31.86 43.35
N ASP F 401 -47.08 31.04 44.40
CA ASP F 401 -47.88 31.38 45.59
C ASP F 401 -47.17 32.35 46.54
N ILE F 402 -45.97 32.00 47.04
CA ILE F 402 -45.33 32.69 48.16
C ILE F 402 -44.18 33.60 47.69
N SER F 403 -44.55 34.80 47.24
CA SER F 403 -43.61 35.89 47.00
C SER F 403 -43.17 36.56 48.31
N VAL F 404 -42.21 37.50 48.23
CA VAL F 404 -41.72 38.29 49.37
C VAL F 404 -42.80 39.09 50.08
N THR F 405 -42.63 39.43 51.36
CA THR F 405 -43.42 40.49 52.01
C THR F 405 -43.26 41.83 51.30
N ALA F 406 -42.07 42.13 50.78
CA ALA F 406 -41.80 43.29 49.93
C ALA F 406 -42.29 43.16 48.48
N MET F 407 -43.08 42.14 48.13
CA MET F 407 -43.75 42.06 46.82
C MET F 407 -44.97 42.99 46.71
N SER F 408 -45.28 43.78 47.75
CA SER F 408 -46.52 44.56 47.85
C SER F 408 -46.73 45.51 46.67
N TRP F 409 -45.71 45.77 45.85
CA TRP F 409 -45.85 46.24 44.47
C TRP F 409 -46.99 45.57 43.70
N VAL F 410 -47.24 44.27 43.85
CA VAL F 410 -48.38 43.61 43.21
C VAL F 410 -49.73 44.12 43.74
N GLN F 411 -49.84 44.40 45.03
CA GLN F 411 -51.02 45.06 45.61
C GLN F 411 -51.09 46.53 45.21
N LYS F 412 -49.97 47.26 45.11
CA LYS F 412 -49.97 48.63 44.59
C LYS F 412 -50.47 48.68 43.15
N ILE F 413 -49.94 47.88 42.23
CA ILE F 413 -50.40 47.92 40.82
C ILE F 413 -51.79 47.30 40.65
N THR F 414 -52.11 46.19 41.31
CA THR F 414 -53.43 45.55 41.15
C THR F 414 -54.53 46.35 41.83
N GLY F 415 -54.25 46.96 42.98
CA GLY F 415 -55.13 47.94 43.61
C GLY F 415 -55.28 49.20 42.76
N GLY F 416 -54.18 49.76 42.25
CA GLY F 416 -54.20 50.95 41.39
C GLY F 416 -55.03 50.74 40.13
N VAL F 417 -54.74 49.71 39.35
CA VAL F 417 -55.52 49.37 38.14
C VAL F 417 -56.94 48.94 38.50
N GLY F 418 -57.16 48.18 39.58
CA GLY F 418 -58.49 47.83 40.05
C GLY F 418 -59.35 49.05 40.41
N LEU F 419 -58.77 50.07 41.04
CA LEU F 419 -59.47 51.34 41.28
C LEU F 419 -59.69 52.14 40.00
N VAL F 420 -58.74 52.20 39.06
CA VAL F 420 -58.97 52.83 37.76
C VAL F 420 -60.14 52.16 37.02
N VAL F 421 -60.19 50.82 37.00
CA VAL F 421 -61.34 50.09 36.47
C VAL F 421 -62.61 50.43 37.24
N ALA F 422 -62.62 50.43 38.57
CA ALA F 422 -63.81 50.78 39.34
C ALA F 422 -64.28 52.23 39.09
N VAL F 423 -63.38 53.19 38.96
CA VAL F 423 -63.72 54.58 38.59
C VAL F 423 -64.31 54.65 37.18
N ALA F 424 -63.71 53.98 36.19
CA ALA F 424 -64.28 53.92 34.85
C ALA F 424 -65.66 53.24 34.84
N ALA F 425 -65.85 52.16 35.61
CA ALA F 425 -67.14 51.50 35.77
C ALA F 425 -68.17 52.43 36.42
N LEU F 426 -67.81 53.16 37.48
CA LEU F 426 -68.68 54.16 38.08
C LEU F 426 -69.07 55.25 37.07
N ILE F 427 -68.10 55.81 36.35
CA ILE F 427 -68.37 56.85 35.34
C ILE F 427 -69.33 56.33 34.27
N LEU F 428 -69.19 55.08 33.81
CA LEU F 428 -70.17 54.50 32.92
C LEU F 428 -71.53 54.27 33.60
N ILE F 429 -71.58 53.72 34.82
CA ILE F 429 -72.84 53.46 35.53
C ILE F 429 -73.63 54.75 35.78
N VAL F 430 -72.96 55.88 36.05
CA VAL F 430 -73.60 57.20 36.13
C VAL F 430 -74.28 57.56 34.81
N VAL F 431 -73.57 57.62 33.68
CA VAL F 431 -74.18 58.09 32.43
C VAL F 431 -75.07 57.04 31.74
N LEU F 432 -74.87 55.75 32.04
CA LEU F 432 -75.85 54.70 31.76
C LEU F 432 -77.17 55.01 32.46
N CYS F 433 -77.13 55.33 33.76
CA CYS F 433 -78.34 55.69 34.50
C CYS F 433 -79.00 57.01 34.05
N VAL F 434 -78.25 58.06 33.65
CA VAL F 434 -78.92 59.26 33.08
C VAL F 434 -79.49 59.01 31.67
N SER F 435 -78.77 58.33 30.77
CA SER F 435 -79.32 58.05 29.43
C SER F 435 -80.42 56.98 29.44
N PHE F 436 -80.52 56.17 30.50
CA PHE F 436 -81.70 55.37 30.83
C PHE F 436 -82.49 55.96 32.01
N SER F 437 -82.65 57.28 32.03
CA SER F 437 -83.69 58.04 32.76
C SER F 437 -83.99 59.39 32.09
N ARG F 438 -83.98 59.41 30.74
CA ARG F 438 -84.21 60.59 29.87
C ARG F 438 -85.14 60.25 28.69
N HIS F 439 -86.16 59.44 28.97
CA HIS F 439 -87.29 59.08 28.11
C HIS F 439 -88.59 59.13 28.92
N ASN G 1 -8.68 -38.07 37.29
CA ASN G 1 -7.42 -38.78 37.51
C ASN G 1 -6.29 -38.20 36.63
N PHE G 2 -5.06 -38.11 37.14
CA PHE G 2 -3.91 -37.47 36.47
C PHE G 2 -3.11 -38.39 35.53
N ASN G 3 -3.12 -39.70 35.79
CA ASN G 3 -2.32 -40.69 35.06
C ASN G 3 -2.91 -41.13 33.72
N VAL G 4 -4.05 -40.58 33.28
CA VAL G 4 -4.65 -40.89 31.97
C VAL G 4 -3.70 -40.61 30.81
N TYR G 5 -2.71 -39.74 30.99
CA TYR G 5 -1.65 -39.51 30.01
C TYR G 5 -0.73 -40.69 29.73
N LYS G 6 -0.85 -41.84 30.42
CA LYS G 6 -0.22 -43.09 29.98
C LYS G 6 -0.85 -43.63 28.69
N ALA G 7 -2.17 -43.52 28.58
CA ALA G 7 -2.94 -44.14 27.51
C ALA G 7 -2.90 -43.39 26.18
N ILE G 8 -2.52 -42.12 26.18
CA ILE G 8 -2.65 -41.23 25.02
C ILE G 8 -1.35 -40.52 24.67
N ARG G 9 -1.09 -40.20 23.40
CA ARG G 9 0.20 -39.67 22.95
C ARG G 9 0.06 -38.42 22.07
N PRO G 10 1.11 -37.59 21.90
CA PRO G 10 1.04 -36.42 21.03
C PRO G 10 0.80 -36.81 19.58
N TYR G 11 0.64 -35.83 18.70
CA TYR G 11 0.45 -36.10 17.29
C TYR G 11 0.92 -34.95 16.43
N LEU G 12 1.24 -35.21 15.17
CA LEU G 12 1.31 -34.15 14.18
C LEU G 12 -0.10 -33.88 13.69
N ALA G 13 -0.41 -32.61 13.42
CA ALA G 13 -1.60 -32.23 12.67
C ALA G 13 -1.25 -31.06 11.76
N HIS G 14 -2.12 -30.76 10.80
CA HIS G 14 -1.85 -29.66 9.88
C HIS G 14 -1.90 -28.30 10.59
N CYS G 15 -1.04 -27.38 10.18
CA CYS G 15 -0.91 -26.06 10.75
C CYS G 15 -0.94 -25.01 9.63
N PRO G 16 -1.65 -23.88 9.79
CA PRO G 16 -1.79 -22.89 8.74
C PRO G 16 -0.50 -22.16 8.40
N ASP G 17 0.39 -21.96 9.37
CA ASP G 17 1.57 -21.11 9.27
C ASP G 17 2.62 -21.50 10.31
N CYS G 18 3.70 -22.15 9.87
CA CYS G 18 4.81 -22.57 10.73
C CYS G 18 5.93 -21.54 10.88
N GLY G 19 5.76 -20.30 10.43
CA GLY G 19 6.71 -19.22 10.64
C GLY G 19 7.18 -18.57 9.35
N GLU G 20 7.74 -19.34 8.42
CA GLU G 20 8.22 -18.81 7.13
C GLU G 20 7.08 -18.49 6.15
N GLY G 21 5.82 -18.50 6.60
CA GLY G 21 4.65 -18.16 5.79
C GLY G 21 4.00 -19.35 5.08
N HIS G 22 4.43 -20.58 5.36
CA HIS G 22 3.94 -21.81 4.74
C HIS G 22 3.23 -22.70 5.73
N SER G 23 2.21 -23.41 5.28
CA SER G 23 1.52 -24.44 6.05
C SER G 23 2.34 -25.72 6.13
N CYS G 24 2.30 -26.43 7.24
CA CYS G 24 3.01 -27.70 7.43
C CYS G 24 2.23 -28.71 8.23
N HIS G 25 2.61 -29.97 8.18
CA HIS G 25 2.35 -30.85 9.31
C HIS G 25 3.26 -30.45 10.46
N SER G 26 2.74 -30.34 11.67
CA SER G 26 3.46 -29.74 12.78
C SER G 26 3.25 -30.50 14.09
N PRO G 27 4.27 -30.63 14.95
CA PRO G 27 4.10 -31.17 16.29
C PRO G 27 3.44 -30.18 17.27
N VAL G 28 3.47 -28.87 16.99
CA VAL G 28 2.83 -27.83 17.82
C VAL G 28 1.47 -27.40 17.28
N ALA G 29 0.83 -28.21 16.46
CA ALA G 29 -0.45 -27.86 15.87
C ALA G 29 -1.46 -27.40 16.92
N LEU G 30 -2.08 -26.26 16.66
CA LEU G 30 -2.81 -25.47 17.63
C LEU G 30 -4.31 -25.65 17.36
N GLU G 31 -5.06 -26.11 18.36
CA GLU G 31 -6.36 -26.73 18.08
C GLU G 31 -7.54 -25.83 18.36
N ARG G 32 -7.64 -25.31 19.58
CA ARG G 32 -8.55 -24.20 19.87
C ARG G 32 -8.02 -23.34 21.00
N ILE G 33 -8.31 -22.05 20.93
CA ILE G 33 -8.05 -21.11 21.98
C ILE G 33 -9.40 -20.78 22.60
N ARG G 34 -9.56 -20.99 23.89
CA ARG G 34 -10.77 -20.55 24.60
C ARG G 34 -10.42 -19.45 25.58
N ASN G 35 -11.23 -18.40 25.55
CA ASN G 35 -11.01 -17.11 26.17
C ASN G 35 -12.25 -16.67 26.93
N GLU G 36 -12.91 -17.57 27.65
CA GLU G 36 -14.15 -17.28 28.37
C GLU G 36 -13.88 -16.45 29.62
N ALA G 37 -12.76 -16.67 30.29
CA ALA G 37 -12.40 -16.00 31.52
C ALA G 37 -12.34 -14.49 31.33
N THR G 38 -13.18 -13.73 32.02
CA THR G 38 -13.23 -12.28 31.83
C THR G 38 -12.03 -11.53 32.37
N ASP G 39 -11.14 -12.13 33.15
CA ASP G 39 -9.83 -11.50 33.46
C ASP G 39 -8.86 -11.49 32.28
N GLY G 40 -9.22 -12.07 31.13
CA GLY G 40 -8.41 -12.05 29.92
C GLY G 40 -7.33 -13.13 29.82
N THR G 41 -7.25 -14.05 30.77
CA THR G 41 -6.42 -15.27 30.65
C THR G 41 -6.94 -16.14 29.52
N LEU G 42 -6.04 -16.79 28.78
CA LEU G 42 -6.33 -17.73 27.70
C LEU G 42 -6.07 -19.15 28.13
N LYS G 43 -6.92 -20.09 27.74
CA LYS G 43 -6.62 -21.52 27.80
C LYS G 43 -6.46 -22.04 26.38
N ILE G 44 -5.28 -22.56 26.07
CA ILE G 44 -4.85 -22.95 24.73
C ILE G 44 -4.72 -24.46 24.68
N GLN G 45 -5.24 -25.11 23.65
CA GLN G 45 -5.06 -26.54 23.43
C GLN G 45 -4.11 -26.81 22.26
N VAL G 46 -3.10 -27.64 22.47
CA VAL G 46 -2.03 -27.90 21.49
C VAL G 46 -1.75 -29.40 21.34
N SER G 47 -1.32 -29.85 20.16
CA SER G 47 -1.04 -31.27 19.87
C SER G 47 0.19 -31.87 20.55
N LEU G 48 1.06 -31.08 21.20
CA LEU G 48 2.05 -31.59 22.14
C LEU G 48 1.38 -32.29 23.31
N GLN G 49 2.16 -32.89 24.22
CA GLN G 49 1.74 -33.04 25.61
C GLN G 49 2.85 -32.57 26.52
N ILE G 50 2.53 -31.79 27.54
CA ILE G 50 3.52 -31.03 28.30
C ILE G 50 3.40 -31.36 29.79
N GLY G 51 4.53 -31.46 30.50
CA GLY G 51 4.60 -31.91 31.89
C GLY G 51 4.79 -33.41 32.08
N ILE G 52 5.01 -34.17 31.01
CA ILE G 52 5.20 -35.63 31.01
C ILE G 52 6.26 -36.01 29.97
N LYS G 53 6.98 -37.12 30.18
CA LYS G 53 8.00 -37.59 29.22
C LYS G 53 7.68 -38.94 28.57
N THR G 54 8.51 -39.38 27.64
CA THR G 54 8.28 -40.59 26.82
C THR G 54 8.16 -41.89 27.61
N ASP G 55 8.63 -41.93 28.87
CA ASP G 55 8.46 -43.08 29.78
C ASP G 55 7.05 -43.20 30.39
N ASP G 56 6.12 -42.34 30.01
CA ASP G 56 4.74 -42.27 30.50
C ASP G 56 4.61 -41.88 31.98
N SER G 57 5.56 -41.12 32.53
CA SER G 57 5.47 -40.52 33.86
C SER G 57 5.63 -38.99 33.84
N HIS G 58 5.09 -38.33 34.87
CA HIS G 58 5.14 -36.88 35.02
C HIS G 58 6.56 -36.36 35.22
N ASP G 59 6.91 -35.28 34.52
CA ASP G 59 8.13 -34.52 34.70
C ASP G 59 7.88 -33.07 34.26
N TRP G 60 7.68 -32.16 35.22
CA TRP G 60 7.42 -30.76 34.94
C TRP G 60 8.56 -30.05 34.20
N THR G 61 9.76 -30.63 34.17
CA THR G 61 10.89 -30.11 33.39
C THR G 61 10.72 -30.36 31.89
N LYS G 62 9.79 -31.23 31.47
CA LYS G 62 9.77 -31.79 30.12
C LYS G 62 8.41 -31.73 29.45
N LEU G 63 8.43 -31.85 28.14
CA LEU G 63 7.27 -32.11 27.31
C LEU G 63 7.63 -33.16 26.28
N ARG G 64 6.62 -33.81 25.72
CA ARG G 64 6.79 -34.77 24.63
C ARG G 64 6.03 -34.37 23.38
N TYR G 65 6.59 -34.69 22.24
CA TYR G 65 6.08 -34.34 20.93
C TYR G 65 6.18 -35.52 19.98
N MET G 66 5.43 -35.52 18.88
CA MET G 66 5.40 -36.67 17.99
C MET G 66 6.49 -36.58 16.93
N ASP G 67 7.54 -37.38 17.06
CA ASP G 67 8.63 -37.43 16.09
C ASP G 67 8.36 -38.55 15.07
N ASN G 68 7.61 -38.21 14.01
CA ASN G 68 7.03 -39.17 13.06
C ASN G 68 6.20 -40.27 13.72
N HIS G 69 6.73 -41.47 13.91
CA HIS G 69 6.00 -42.61 14.48
C HIS G 69 6.13 -42.74 16.01
N MET G 70 7.08 -42.05 16.63
CA MET G 70 7.39 -42.25 18.04
C MET G 70 7.46 -40.93 18.79
N PRO G 71 6.82 -40.80 19.97
CA PRO G 71 7.04 -39.70 20.87
C PRO G 71 8.52 -39.46 21.19
N ALA G 72 8.90 -38.21 21.37
CA ALA G 72 10.25 -37.75 21.73
C ALA G 72 10.17 -36.65 22.78
N ASP G 73 11.25 -36.39 23.53
CA ASP G 73 11.26 -35.45 24.66
C ASP G 73 11.95 -34.13 24.34
N ALA G 74 11.44 -33.04 24.92
CA ALA G 74 11.95 -31.68 24.81
C ALA G 74 11.87 -30.92 26.15
N GLU G 75 12.60 -29.82 26.28
CA GLU G 75 12.65 -29.01 27.49
C GLU G 75 11.41 -28.11 27.65
N ARG G 76 10.72 -28.18 28.81
CA ARG G 76 9.58 -27.30 29.12
C ARG G 76 10.02 -25.85 29.21
N ALA G 77 11.23 -25.59 29.69
CA ALA G 77 11.82 -24.27 29.82
C ALA G 77 11.96 -23.48 28.50
N ARG G 78 11.83 -24.12 27.33
CA ARG G 78 11.88 -23.47 26.02
C ARG G 78 10.56 -23.48 25.25
N LEU G 79 9.47 -24.00 25.83
CA LEU G 79 8.13 -23.78 25.31
C LEU G 79 7.79 -22.29 25.44
N PHE G 80 7.20 -21.71 24.41
CA PHE G 80 6.73 -20.33 24.43
C PHE G 80 5.37 -20.22 23.78
N VAL G 81 4.60 -19.22 24.19
CA VAL G 81 3.45 -18.73 23.44
C VAL G 81 3.55 -17.23 23.38
N ARG G 82 3.25 -16.64 22.24
CA ARG G 82 3.33 -15.19 22.03
C ARG G 82 2.26 -14.72 21.08
N THR G 83 1.94 -13.45 21.14
CA THR G 83 0.85 -12.84 20.40
C THR G 83 1.36 -11.63 19.62
N SER G 84 1.10 -10.38 20.03
CA SER G 84 1.87 -9.24 19.51
C SER G 84 3.26 -9.13 20.15
N ALA G 85 3.46 -9.75 21.31
CA ALA G 85 4.68 -9.85 22.09
C ALA G 85 4.59 -11.07 23.01
N PRO G 86 5.65 -11.51 23.70
CA PRO G 86 5.64 -12.69 24.55
C PRO G 86 4.56 -12.71 25.61
N CYS G 87 3.82 -13.81 25.69
CA CYS G 87 2.95 -14.10 26.82
C CYS G 87 3.78 -14.49 28.02
N THR G 88 3.15 -14.56 29.19
CA THR G 88 3.67 -15.36 30.30
C THR G 88 2.76 -16.56 30.48
N ILE G 89 3.32 -17.76 30.40
CA ILE G 89 2.58 -18.99 30.65
C ILE G 89 2.33 -19.13 32.16
N THR G 90 1.10 -19.28 32.62
CA THR G 90 0.80 -19.35 34.07
C THR G 90 0.51 -20.76 34.55
N GLY G 91 0.34 -21.73 33.65
CA GLY G 91 0.06 -23.11 34.03
C GLY G 91 0.07 -24.01 32.81
N THR G 92 0.48 -25.27 32.95
CA THR G 92 0.56 -26.22 31.84
C THR G 92 0.43 -27.66 32.32
N MET G 93 -0.49 -28.44 31.76
CA MET G 93 -0.36 -29.90 31.76
C MET G 93 -1.08 -30.53 30.57
N GLY G 94 -0.59 -31.67 30.11
CA GLY G 94 -1.26 -32.40 29.04
C GLY G 94 -1.27 -31.60 27.75
N HIS G 95 -2.41 -31.56 27.07
CA HIS G 95 -2.58 -30.72 25.89
C HIS G 95 -2.77 -29.22 26.18
N PHE G 96 -2.83 -28.78 27.44
CA PHE G 96 -3.37 -27.47 27.80
C PHE G 96 -2.37 -26.50 28.42
N ILE G 97 -2.35 -25.28 27.90
CA ILE G 97 -1.54 -24.16 28.38
C ILE G 97 -2.46 -23.04 28.88
N LEU G 98 -2.15 -22.42 30.02
CA LEU G 98 -2.72 -21.12 30.39
C LEU G 98 -1.74 -20.01 30.07
N ALA G 99 -2.20 -18.92 29.48
CA ALA G 99 -1.38 -17.77 29.18
C ALA G 99 -2.07 -16.47 29.58
N ARG G 100 -1.30 -15.51 30.10
CA ARG G 100 -1.69 -14.10 30.22
C ARG G 100 -0.91 -13.33 29.19
N CYS G 101 -1.54 -12.57 28.30
CA CYS G 101 -0.81 -11.98 27.19
C CYS G 101 -1.41 -10.74 26.54
N PRO G 102 -0.57 -9.92 25.88
CA PRO G 102 -0.98 -8.59 25.44
C PRO G 102 -1.93 -8.63 24.26
N LYS G 103 -2.69 -7.55 24.04
CA LYS G 103 -3.58 -7.42 22.89
C LYS G 103 -2.84 -7.78 21.61
N GLY G 104 -3.47 -8.49 20.69
CA GLY G 104 -2.86 -8.88 19.44
C GLY G 104 -3.80 -9.59 18.50
N GLU G 105 -3.50 -9.57 17.22
CA GLU G 105 -4.34 -10.16 16.17
C GLU G 105 -3.79 -11.48 15.63
N THR G 106 -2.91 -12.13 16.39
CA THR G 106 -2.35 -13.45 16.07
C THR G 106 -1.98 -14.14 17.37
N LEU G 107 -2.00 -15.47 17.41
CA LEU G 107 -1.43 -16.23 18.51
C LEU G 107 -0.58 -17.35 17.99
N THR G 108 0.61 -17.51 18.54
CA THR G 108 1.51 -18.59 18.16
C THR G 108 2.12 -19.25 19.37
N VAL G 109 2.15 -20.57 19.36
CA VAL G 109 2.82 -21.43 20.32
C VAL G 109 3.96 -22.15 19.62
N GLY G 110 5.07 -22.34 20.30
CA GLY G 110 6.27 -22.94 19.72
C GLY G 110 7.21 -23.47 20.79
N PHE G 111 8.20 -24.27 20.40
CA PHE G 111 9.12 -24.93 21.33
C PHE G 111 10.40 -25.36 20.64
N THR G 112 11.42 -25.72 21.40
CA THR G 112 12.67 -26.26 20.87
C THR G 112 12.68 -27.78 21.01
N ASP G 113 13.03 -28.46 19.92
CA ASP G 113 13.10 -29.90 19.73
C ASP G 113 14.14 -30.60 20.66
N GLY G 114 14.29 -31.92 20.57
CA GLY G 114 15.46 -32.61 21.14
C GLY G 114 16.76 -32.27 20.38
N ARG G 115 16.64 -31.96 19.09
CA ARG G 115 17.66 -31.32 18.25
C ARG G 115 17.78 -29.83 18.62
N LYS G 116 18.45 -29.02 17.79
CA LYS G 116 18.44 -27.55 17.93
C LYS G 116 17.30 -26.86 17.16
N ILE G 117 16.42 -27.62 16.52
CA ILE G 117 15.29 -27.09 15.74
C ILE G 117 14.27 -26.40 16.63
N SER G 118 13.69 -25.29 16.18
CA SER G 118 12.59 -24.58 16.85
C SER G 118 11.33 -24.65 16.01
N HIS G 119 10.25 -25.23 16.53
CA HIS G 119 8.96 -25.36 15.83
C HIS G 119 7.97 -24.31 16.30
N SER G 120 7.02 -23.90 15.46
CA SER G 120 5.89 -23.08 15.91
C SER G 120 4.64 -23.30 15.06
N CYS G 121 3.48 -22.93 15.59
CA CYS G 121 2.22 -22.88 14.88
C CYS G 121 1.56 -21.52 15.16
N THR G 122 0.88 -20.91 14.18
CA THR G 122 0.46 -19.51 14.25
C THR G 122 -0.93 -19.33 13.68
N HIS G 123 -1.93 -19.12 14.52
CA HIS G 123 -3.31 -18.95 14.08
C HIS G 123 -3.69 -17.48 14.07
N PRO G 124 -4.50 -17.01 13.10
CA PRO G 124 -5.15 -15.74 13.23
C PRO G 124 -6.13 -15.83 14.39
N PHE G 125 -6.05 -14.91 15.32
CA PHE G 125 -6.85 -14.95 16.54
C PHE G 125 -6.89 -13.56 17.16
N HIS G 126 -8.07 -12.94 17.20
CA HIS G 126 -8.19 -11.57 17.68
C HIS G 126 -8.32 -11.56 19.20
N HIS G 127 -7.25 -11.22 19.91
CA HIS G 127 -7.26 -11.10 21.35
C HIS G 127 -7.32 -9.63 21.74
N ASP G 128 -8.38 -9.29 22.46
CA ASP G 128 -8.61 -7.95 22.99
C ASP G 128 -9.51 -8.16 24.21
N PRO G 129 -8.95 -8.47 25.38
CA PRO G 129 -9.73 -8.91 26.52
C PRO G 129 -10.67 -7.79 26.98
N PRO G 130 -11.88 -8.11 27.46
CA PRO G 130 -12.87 -7.10 27.77
C PRO G 130 -12.39 -6.24 28.93
N VAL G 131 -12.74 -4.96 28.92
CA VAL G 131 -12.49 -4.09 30.06
C VAL G 131 -13.37 -4.50 31.25
N ILE G 132 -12.79 -4.56 32.45
CA ILE G 132 -13.52 -4.77 33.71
C ILE G 132 -13.70 -3.42 34.39
N GLY G 133 -14.91 -3.10 34.80
CA GLY G 133 -15.17 -1.76 35.31
C GLY G 133 -15.22 -0.72 34.21
N ARG G 134 -14.76 0.49 34.51
CA ARG G 134 -15.06 1.70 33.72
C ARG G 134 -13.82 2.48 33.32
N GLU G 135 -12.66 1.84 33.40
CA GLU G 135 -11.37 2.38 33.03
C GLU G 135 -10.61 1.34 32.24
N LYS G 136 -10.06 1.68 31.08
CA LYS G 136 -9.33 0.76 30.20
C LYS G 136 -7.87 0.62 30.63
N PHE G 137 -7.65 0.27 31.89
CA PHE G 137 -6.33 0.14 32.50
C PHE G 137 -5.51 -1.00 31.90
N HIS G 138 -4.18 -0.86 31.90
CA HIS G 138 -3.27 -1.77 31.20
C HIS G 138 -2.51 -2.75 32.09
N SER G 139 -2.37 -2.48 33.38
CA SER G 139 -1.77 -3.40 34.36
C SER G 139 -2.34 -3.17 35.76
N ARG G 140 -2.37 -4.21 36.61
CA ARG G 140 -2.97 -4.16 37.95
C ARG G 140 -2.35 -3.06 38.82
N PRO G 141 -3.15 -2.19 39.43
CA PRO G 141 -2.65 -1.04 40.18
C PRO G 141 -2.25 -1.38 41.61
N GLN G 142 -1.49 -0.48 42.24
CA GLN G 142 -1.23 -0.49 43.68
C GLN G 142 -2.53 -0.41 44.47
N HIS G 143 -3.25 0.69 44.29
CA HIS G 143 -4.48 1.05 44.98
C HIS G 143 -5.66 1.04 44.03
N GLY G 144 -6.74 0.35 44.38
CA GLY G 144 -7.94 0.29 43.57
C GLY G 144 -9.12 -0.30 44.32
N ARG G 145 -10.22 -0.57 43.62
CA ARG G 145 -11.33 -1.37 44.15
C ARG G 145 -11.27 -2.80 43.62
N GLU G 146 -12.09 -3.69 44.17
CA GLU G 146 -12.24 -5.06 43.70
C GLU G 146 -13.55 -5.22 42.92
N LEU G 147 -13.52 -5.82 41.73
CA LEU G 147 -14.73 -6.15 40.96
C LEU G 147 -14.81 -7.64 40.65
N PRO G 148 -16.00 -8.23 40.51
CA PRO G 148 -16.15 -9.62 40.16
C PRO G 148 -15.82 -9.88 38.70
N CYS G 149 -15.15 -10.99 38.41
CA CYS G 149 -14.85 -11.48 37.07
C CYS G 149 -14.61 -12.99 37.12
N SER G 150 -14.04 -13.60 36.09
CA SER G 150 -13.70 -15.02 36.09
C SER G 150 -12.31 -15.27 35.54
N THR G 151 -11.72 -16.40 35.94
CA THR G 151 -10.31 -16.74 35.74
C THR G 151 -10.20 -18.23 35.50
N TYR G 152 -9.31 -18.70 34.62
CA TYR G 152 -8.98 -20.11 34.59
C TYR G 152 -8.11 -20.45 35.81
N ALA G 153 -8.58 -21.37 36.64
CA ALA G 153 -8.25 -21.46 38.05
C ALA G 153 -6.81 -21.81 38.44
N GLN G 154 -5.91 -22.04 37.48
CA GLN G 154 -4.49 -22.38 37.67
C GLN G 154 -4.18 -23.68 38.41
N SER G 155 -5.03 -24.15 39.31
CA SER G 155 -5.00 -25.51 39.81
C SER G 155 -5.28 -26.52 38.70
N THR G 156 -4.42 -27.53 38.54
CA THR G 156 -4.59 -28.66 37.62
C THR G 156 -5.47 -29.78 38.20
N ALA G 157 -6.38 -29.47 39.12
CA ALA G 157 -7.36 -30.39 39.71
C ALA G 157 -8.42 -30.86 38.70
N ALA G 158 -7.99 -31.46 37.59
CA ALA G 158 -8.80 -31.71 36.40
C ALA G 158 -10.09 -32.46 36.75
N THR G 159 -11.22 -31.76 36.59
CA THR G 159 -12.57 -32.20 36.97
C THR G 159 -13.60 -31.44 36.13
N ALA G 160 -14.81 -32.00 36.03
CA ALA G 160 -16.00 -31.48 35.35
C ALA G 160 -15.88 -31.30 33.82
N GLU G 161 -14.91 -30.53 33.33
CA GLU G 161 -14.65 -30.33 31.91
C GLU G 161 -13.98 -31.58 31.30
N GLU G 162 -14.41 -32.04 30.13
CA GLU G 162 -13.94 -33.32 29.56
C GLU G 162 -13.70 -33.28 28.06
N ILE G 163 -12.71 -34.04 27.58
CA ILE G 163 -12.35 -34.15 26.16
C ILE G 163 -12.22 -35.63 25.75
N GLU G 164 -12.73 -35.99 24.57
CA GLU G 164 -12.88 -37.38 24.15
C GLU G 164 -11.66 -37.85 23.35
N VAL G 165 -11.15 -39.03 23.68
CA VAL G 165 -9.99 -39.61 22.99
C VAL G 165 -10.39 -40.84 22.20
N HIS G 166 -9.76 -41.08 21.05
CA HIS G 166 -10.13 -42.11 20.09
C HIS G 166 -8.89 -42.86 19.62
N MET G 167 -9.06 -44.10 19.17
CA MET G 167 -8.01 -44.81 18.44
C MET G 167 -7.50 -43.92 17.28
N PRO G 168 -6.18 -43.78 17.07
CA PRO G 168 -5.66 -43.01 15.96
C PRO G 168 -6.11 -43.58 14.60
N PRO G 169 -6.07 -42.80 13.52
CA PRO G 169 -6.16 -43.34 12.18
C PRO G 169 -4.93 -44.20 11.85
N ASP G 170 -5.00 -44.99 10.79
CA ASP G 170 -3.79 -45.63 10.25
C ASP G 170 -2.81 -44.56 9.78
N THR G 171 -1.52 -44.67 10.08
CA THR G 171 -0.54 -43.64 9.70
C THR G 171 0.11 -43.96 8.36
N PRO G 172 -0.22 -43.28 7.25
CA PRO G 172 0.40 -43.54 5.96
C PRO G 172 1.85 -43.07 5.99
N ASP G 173 2.78 -43.96 5.62
CA ASP G 173 4.19 -43.64 5.44
C ASP G 173 4.76 -44.50 4.31
N ARG G 174 4.92 -43.92 3.12
CA ARG G 174 5.39 -44.67 1.96
C ARG G 174 6.87 -45.09 2.05
N THR G 175 7.64 -44.62 3.04
CA THR G 175 8.97 -45.18 3.31
C THR G 175 8.92 -46.57 3.93
N LEU G 176 7.74 -47.08 4.32
CA LEU G 176 7.56 -48.48 4.70
C LEU G 176 7.65 -49.47 3.51
N MET G 177 7.96 -49.00 2.30
CA MET G 177 8.01 -49.84 1.10
C MET G 177 9.23 -49.59 0.21
N SER G 178 9.56 -50.58 -0.63
CA SER G 178 10.66 -50.52 -1.60
C SER G 178 10.39 -51.40 -2.82
N GLN G 179 10.37 -50.82 -4.03
CA GLN G 179 10.34 -51.56 -5.30
C GLN G 179 11.74 -52.13 -5.61
N GLN G 180 11.97 -53.39 -5.24
CA GLN G 180 13.19 -54.12 -5.59
C GLN G 180 13.03 -54.81 -6.97
N SER G 181 13.39 -54.09 -8.04
CA SER G 181 13.50 -54.53 -9.45
C SER G 181 12.22 -55.04 -10.16
N GLY G 182 11.09 -55.16 -9.46
CA GLY G 182 9.82 -55.67 -10.00
C GLY G 182 8.96 -56.36 -8.93
N ASN G 183 9.60 -56.85 -7.85
CA ASN G 183 8.93 -57.08 -6.57
C ASN G 183 8.82 -55.76 -5.79
N VAL G 184 7.84 -55.63 -4.90
CA VAL G 184 7.82 -54.63 -3.82
C VAL G 184 7.92 -55.34 -2.49
N LYS G 185 8.86 -54.94 -1.63
CA LYS G 185 8.83 -55.32 -0.21
C LYS G 185 8.16 -54.22 0.63
N ILE G 186 7.38 -54.66 1.61
CA ILE G 186 6.85 -53.85 2.72
C ILE G 186 7.69 -54.21 3.95
N THR G 187 8.11 -53.22 4.73
CA THR G 187 9.01 -53.42 5.88
C THR G 187 8.44 -52.92 7.19
N VAL G 188 8.80 -53.62 8.27
CA VAL G 188 8.29 -53.40 9.63
C VAL G 188 9.44 -53.02 10.56
N ASN G 189 9.27 -52.03 11.43
CA ASN G 189 10.24 -51.64 12.46
C ASN G 189 9.62 -51.83 13.85
N SER G 190 9.13 -53.06 14.11
CA SER G 190 8.36 -53.49 15.28
C SER G 190 6.92 -52.97 15.41
N GLN G 191 6.39 -52.28 14.39
CA GLN G 191 4.98 -51.88 14.31
C GLN G 191 4.20 -52.72 13.29
N THR G 192 2.99 -53.15 13.60
CA THR G 192 2.11 -53.81 12.62
C THR G 192 1.71 -52.86 11.51
N VAL G 193 1.92 -53.26 10.25
CA VAL G 193 1.64 -52.46 9.06
C VAL G 193 0.45 -53.04 8.29
N ARG G 194 -0.52 -52.21 7.93
CA ARG G 194 -1.58 -52.52 6.96
C ARG G 194 -1.07 -52.20 5.57
N TYR G 195 -1.50 -52.94 4.55
CA TYR G 195 -1.14 -52.69 3.17
C TYR G 195 -2.28 -53.03 2.19
N LYS G 196 -2.34 -52.32 1.06
CA LYS G 196 -3.33 -52.49 -0.01
C LYS G 196 -2.63 -52.57 -1.35
N CYS G 197 -3.18 -53.37 -2.26
CA CYS G 197 -2.61 -53.64 -3.58
C CYS G 197 -3.68 -53.54 -4.68
N ASN G 198 -3.34 -52.98 -5.85
CA ASN G 198 -4.17 -53.09 -7.06
C ASN G 198 -3.43 -53.71 -8.27
N CYS G 199 -2.19 -54.15 -8.07
CA CYS G 199 -1.60 -55.23 -8.86
C CYS G 199 -2.36 -56.55 -8.59
N GLY G 200 -2.02 -57.63 -9.29
CA GLY G 200 -2.69 -58.94 -9.19
C GLY G 200 -2.61 -59.64 -7.81
N ASP G 201 -2.11 -58.97 -6.78
CA ASP G 201 -2.13 -59.43 -5.39
C ASP G 201 -3.56 -59.42 -4.82
N SER G 202 -4.19 -60.59 -4.81
CA SER G 202 -5.47 -60.85 -4.14
C SER G 202 -5.32 -61.09 -2.62
N ASN G 203 -4.13 -60.91 -2.04
CA ASN G 203 -3.82 -61.12 -0.62
C ASN G 203 -3.29 -59.83 0.06
N GLU G 204 -3.90 -58.69 -0.27
CA GLU G 204 -3.83 -57.47 0.55
C GLU G 204 -4.26 -57.71 2.01
N GLY G 205 -3.83 -56.86 2.94
CA GLY G 205 -4.16 -57.06 4.36
C GLY G 205 -3.16 -56.43 5.31
N LEU G 206 -2.52 -57.26 6.13
CA LEU G 206 -1.77 -56.83 7.32
C LEU G 206 -0.52 -57.70 7.55
N THR G 207 0.54 -57.11 8.09
CA THR G 207 1.78 -57.82 8.44
C THR G 207 2.43 -57.28 9.73
N THR G 208 3.13 -58.14 10.49
CA THR G 208 4.01 -57.73 11.61
C THR G 208 5.46 -58.17 11.37
N THR G 209 5.83 -58.43 10.12
CA THR G 209 7.18 -58.76 9.64
C THR G 209 7.45 -58.03 8.32
N ASP G 210 8.70 -57.95 7.87
CA ASP G 210 8.93 -57.69 6.44
C ASP G 210 8.17 -58.73 5.61
N LYS G 211 7.62 -58.31 4.47
CA LYS G 211 6.79 -59.13 3.57
C LYS G 211 6.95 -58.62 2.14
N VAL G 212 6.70 -59.45 1.14
CA VAL G 212 7.02 -59.13 -0.26
C VAL G 212 5.95 -59.60 -1.23
N ILE G 213 5.72 -58.82 -2.28
CA ILE G 213 4.80 -59.10 -3.39
C ILE G 213 5.57 -58.98 -4.71
N ASN G 214 5.29 -59.89 -5.65
CA ASN G 214 6.27 -60.30 -6.66
C ASN G 214 6.19 -59.62 -8.04
N ASN G 215 5.08 -58.94 -8.36
CA ASN G 215 4.83 -58.42 -9.72
C ASN G 215 4.12 -57.06 -9.68
N CYS G 216 4.78 -56.02 -9.18
CA CYS G 216 4.12 -54.74 -8.92
C CYS G 216 5.03 -53.51 -8.94
N LYS G 217 4.52 -52.40 -9.45
CA LYS G 217 5.09 -51.05 -9.31
C LYS G 217 4.86 -50.53 -7.88
N VAL G 218 5.69 -49.59 -7.44
CA VAL G 218 5.59 -48.94 -6.12
C VAL G 218 4.22 -48.31 -5.85
N ASP G 219 3.54 -47.82 -6.89
CA ASP G 219 2.22 -47.18 -6.80
C ASP G 219 1.04 -48.15 -7.04
N GLN G 220 1.29 -49.41 -7.39
CA GLN G 220 0.27 -50.46 -7.34
C GLN G 220 0.09 -51.03 -5.92
N CYS G 221 0.71 -50.39 -4.94
CA CYS G 221 0.76 -50.79 -3.55
C CYS G 221 0.71 -49.56 -2.62
N HIS G 222 0.28 -49.73 -1.37
CA HIS G 222 0.09 -48.66 -0.37
C HIS G 222 0.23 -49.25 1.04
N ALA G 223 0.78 -48.52 2.01
CA ALA G 223 1.00 -49.05 3.36
C ALA G 223 0.90 -47.99 4.48
N ALA G 224 0.51 -48.42 5.68
CA ALA G 224 0.34 -47.56 6.85
C ALA G 224 0.53 -48.32 8.18
N VAL G 225 1.10 -47.71 9.22
CA VAL G 225 1.10 -48.32 10.56
C VAL G 225 -0.33 -48.40 11.10
N THR G 226 -0.72 -49.47 11.81
CA THR G 226 -2.14 -49.71 12.12
C THR G 226 -2.49 -50.26 13.52
N ASN G 227 -1.65 -51.07 14.17
CA ASN G 227 -1.97 -51.49 15.55
C ASN G 227 -1.55 -50.38 16.51
N HIS G 228 -2.53 -49.72 17.11
CA HIS G 228 -2.31 -48.60 18.01
C HIS G 228 -2.79 -48.92 19.43
N LYS G 229 -1.84 -48.89 20.36
CA LYS G 229 -2.02 -49.09 21.81
C LYS G 229 -2.05 -47.79 22.61
N LYS G 230 -1.85 -46.67 21.92
CA LYS G 230 -1.90 -45.29 22.41
C LYS G 230 -2.97 -44.53 21.64
N TRP G 231 -3.69 -43.60 22.26
CA TRP G 231 -4.81 -42.88 21.63
C TRP G 231 -4.53 -41.37 21.50
N GLN G 232 -5.47 -40.61 20.94
CA GLN G 232 -5.37 -39.16 20.69
C GLN G 232 -6.69 -38.48 21.07
N TYR G 233 -6.71 -37.18 21.32
CA TYR G 233 -7.95 -36.41 21.19
C TYR G 233 -8.55 -36.61 19.79
N ASN G 234 -9.87 -36.75 19.69
CA ASN G 234 -10.56 -36.97 18.42
C ASN G 234 -10.65 -35.73 17.54
N SER G 235 -9.57 -34.94 17.44
CA SER G 235 -9.59 -33.59 16.89
C SER G 235 -10.14 -33.54 15.47
N PRO G 236 -10.70 -32.41 15.01
CA PRO G 236 -10.72 -32.14 13.58
C PRO G 236 -9.26 -32.10 13.11
N LEU G 237 -9.01 -31.99 11.82
CA LEU G 237 -7.64 -31.81 11.33
C LEU G 237 -6.67 -32.99 11.61
N VAL G 238 -7.21 -34.16 11.97
CA VAL G 238 -6.66 -35.52 11.72
C VAL G 238 -7.82 -36.46 11.34
N PRO G 239 -7.66 -37.45 10.46
CA PRO G 239 -8.76 -38.33 10.06
C PRO G 239 -9.29 -39.22 11.18
N ARG G 240 -10.54 -39.66 11.03
CA ARG G 240 -11.22 -40.64 11.89
C ARG G 240 -10.76 -42.06 11.62
N ASN G 241 -10.74 -42.93 12.63
CA ASN G 241 -10.37 -44.34 12.49
C ASN G 241 -11.34 -45.16 11.63
N ALA G 242 -12.65 -45.07 11.91
CA ALA G 242 -13.74 -45.67 11.14
C ALA G 242 -15.01 -44.84 11.31
N GLU G 243 -15.98 -44.94 10.40
CA GLU G 243 -17.25 -44.20 10.49
C GLU G 243 -18.12 -44.57 11.72
N LEU G 244 -17.82 -45.71 12.34
CA LEU G 244 -18.58 -46.31 13.43
C LEU G 244 -18.53 -45.44 14.71
N GLY G 245 -19.46 -45.69 15.64
CA GLY G 245 -19.43 -45.09 16.98
C GLY G 245 -18.09 -45.35 17.67
N ASP G 246 -17.31 -44.29 17.85
CA ASP G 246 -15.85 -44.40 17.90
C ASP G 246 -15.28 -45.05 19.17
N ARG G 247 -14.17 -45.77 19.03
CA ARG G 247 -13.49 -46.53 20.09
C ARG G 247 -12.77 -45.57 21.03
N LYS G 248 -13.25 -45.44 22.27
CA LYS G 248 -13.13 -44.21 23.07
C LYS G 248 -12.19 -44.31 24.31
N GLY G 249 -12.56 -43.57 25.35
CA GLY G 249 -11.73 -43.04 26.43
C GLY G 249 -12.02 -41.53 26.59
N LYS G 250 -11.90 -40.96 27.80
CA LYS G 250 -12.07 -39.53 28.06
C LYS G 250 -11.04 -39.00 29.04
N VAL G 251 -10.69 -37.75 28.89
CA VAL G 251 -9.74 -37.02 29.71
C VAL G 251 -10.46 -35.88 30.42
N HIS G 252 -10.38 -35.78 31.75
CA HIS G 252 -10.71 -34.52 32.42
C HIS G 252 -9.67 -33.47 32.05
N ILE G 253 -10.11 -32.29 31.61
CA ILE G 253 -9.17 -31.22 31.23
C ILE G 253 -8.89 -30.28 32.42
N PRO G 254 -7.69 -29.71 32.52
CA PRO G 254 -7.30 -28.91 33.67
C PRO G 254 -7.90 -27.51 33.63
N PHE G 255 -7.68 -26.74 34.71
CA PHE G 255 -7.94 -25.31 34.80
C PHE G 255 -9.40 -24.91 34.58
N PRO G 256 -10.34 -25.23 35.47
CA PRO G 256 -11.73 -24.80 35.34
C PRO G 256 -11.88 -23.28 35.48
N LEU G 257 -13.00 -22.68 35.09
CA LEU G 257 -13.26 -21.30 35.49
C LEU G 257 -13.56 -21.22 36.99
N ALA G 258 -12.83 -20.39 37.70
CA ALA G 258 -13.26 -19.83 38.98
C ALA G 258 -14.01 -18.52 38.72
N ASN G 259 -14.90 -18.11 39.63
CA ASN G 259 -15.33 -16.71 39.73
C ASN G 259 -14.63 -16.05 40.91
N VAL G 260 -14.04 -14.88 40.69
CA VAL G 260 -13.01 -14.29 41.55
C VAL G 260 -12.92 -12.78 41.33
N THR G 261 -12.25 -12.05 42.20
CA THR G 261 -12.17 -10.59 42.15
C THR G 261 -10.90 -10.07 41.48
N CYS G 262 -11.07 -9.13 40.57
CA CYS G 262 -10.04 -8.43 39.83
C CYS G 262 -9.90 -7.01 40.39
N ARG G 263 -8.69 -6.59 40.76
CA ARG G 263 -8.45 -5.22 41.23
C ARG G 263 -8.36 -4.27 40.05
N VAL G 264 -9.14 -3.19 40.10
CA VAL G 264 -9.18 -2.16 39.06
C VAL G 264 -8.83 -0.80 39.65
N PRO G 265 -8.20 0.13 38.91
CA PRO G 265 -7.79 1.39 39.46
C PRO G 265 -8.96 2.31 39.70
N LYS G 266 -8.77 3.38 40.48
CA LYS G 266 -9.74 4.46 40.61
C LYS G 266 -9.12 5.74 40.10
N ALA G 267 -9.70 6.37 39.10
CA ALA G 267 -9.18 7.61 38.55
C ALA G 267 -9.03 8.69 39.61
N ARG G 268 -7.98 9.49 39.52
CA ARG G 268 -7.67 10.53 40.50
C ARG G 268 -8.74 11.60 40.53
N ASN G 269 -8.92 12.25 41.67
CA ASN G 269 -10.01 13.20 41.88
C ASN G 269 -9.98 14.33 40.85
N PRO G 270 -11.12 14.75 40.30
CA PRO G 270 -11.19 15.90 39.43
C PRO G 270 -11.12 17.22 40.20
N THR G 271 -10.76 18.33 39.56
CA THR G 271 -10.78 19.66 40.18
C THR G 271 -12.10 20.33 39.90
N VAL G 272 -13.09 20.15 40.77
CA VAL G 272 -14.45 20.67 40.55
C VAL G 272 -14.59 22.11 40.99
N THR G 273 -15.38 22.88 40.27
CA THR G 273 -15.71 24.26 40.59
C THR G 273 -17.08 24.59 40.00
N TYR G 274 -17.76 25.64 40.46
CA TYR G 274 -19.21 25.76 40.30
C TYR G 274 -19.66 27.05 39.62
N GLY G 275 -20.81 27.00 38.97
CA GLY G 275 -21.49 28.13 38.32
C GLY G 275 -22.99 28.07 38.55
N LYS G 276 -23.80 28.97 37.96
CA LYS G 276 -25.17 29.20 38.45
C LYS G 276 -26.09 27.98 38.39
N ASN G 277 -25.87 27.07 37.46
CA ASN G 277 -26.42 25.72 37.49
C ASN G 277 -25.39 24.73 36.98
N GLN G 278 -24.11 24.88 37.31
CA GLN G 278 -23.05 24.16 36.61
C GLN G 278 -22.02 23.54 37.51
N VAL G 279 -21.56 22.36 37.15
CA VAL G 279 -20.33 21.78 37.66
C VAL G 279 -19.31 21.84 36.55
N ILE G 280 -18.17 22.43 36.83
CA ILE G 280 -17.04 22.52 35.93
C ILE G 280 -16.03 21.53 36.47
N MET G 281 -15.55 20.57 35.70
CA MET G 281 -14.60 19.58 36.20
C MET G 281 -13.40 19.49 35.29
N LEU G 282 -12.19 19.63 35.83
CA LEU G 282 -10.99 19.17 35.15
C LEU G 282 -10.79 17.70 35.48
N LEU G 283 -10.69 16.87 34.46
CA LEU G 283 -10.57 15.42 34.55
C LEU G 283 -9.16 15.02 34.14
N TYR G 284 -8.47 14.20 34.92
CA TYR G 284 -7.06 13.86 34.69
C TYR G 284 -6.84 12.36 34.41
N PRO G 285 -7.28 11.81 33.28
CA PRO G 285 -7.16 10.38 33.02
C PRO G 285 -5.72 9.95 32.75
N ASP G 286 -5.34 8.77 33.24
CA ASP G 286 -4.10 8.09 32.84
C ASP G 286 -4.30 7.15 31.64
N HIS G 287 -5.53 6.70 31.44
CA HIS G 287 -5.99 5.74 30.46
C HIS G 287 -7.46 6.04 30.19
N PRO G 288 -8.06 5.59 29.08
CA PRO G 288 -9.44 5.91 28.79
C PRO G 288 -10.35 5.59 29.96
N THR G 289 -11.06 6.59 30.44
CA THR G 289 -11.88 6.54 31.63
C THR G 289 -13.29 6.95 31.27
N LEU G 290 -14.31 6.25 31.73
CA LEU G 290 -15.67 6.59 31.36
C LEU G 290 -16.23 7.61 32.34
N LEU G 291 -16.72 8.72 31.83
CA LEU G 291 -17.51 9.66 32.58
C LEU G 291 -18.96 9.39 32.22
N SER G 292 -19.83 9.19 33.20
CA SER G 292 -21.27 9.16 32.96
C SER G 292 -21.94 10.17 33.84
N TYR G 293 -23.08 10.69 33.44
CA TYR G 293 -23.93 11.42 34.35
C TYR G 293 -25.39 11.26 34.00
N ARG G 294 -26.26 11.38 35.01
CA ARG G 294 -27.72 11.36 34.87
C ARG G 294 -28.35 12.40 35.78
N ASN G 295 -29.47 12.99 35.37
CA ASN G 295 -30.32 13.74 36.27
C ASN G 295 -30.97 12.78 37.25
N MET G 296 -31.27 13.21 38.47
CA MET G 296 -31.94 12.38 39.45
C MET G 296 -33.47 12.54 39.45
N GLY G 297 -34.04 12.95 38.32
CA GLY G 297 -35.47 13.19 38.14
C GLY G 297 -36.18 12.09 37.36
N GLU G 298 -37.38 12.40 36.86
CA GLU G 298 -38.22 11.48 36.09
C GLU G 298 -37.65 11.14 34.71
N GLU G 299 -36.85 12.04 34.16
CA GLU G 299 -36.19 11.88 32.86
C GLU G 299 -34.68 12.04 33.06
N PRO G 300 -33.92 10.93 33.17
CA PRO G 300 -32.55 10.97 33.62
C PRO G 300 -31.59 11.50 32.57
N ASN G 301 -31.95 11.51 31.29
CA ASN G 301 -31.12 12.03 30.22
C ASN G 301 -29.69 11.51 30.31
N TYR G 302 -29.49 10.20 30.44
CA TYR G 302 -28.18 9.61 30.60
C TYR G 302 -27.25 10.02 29.47
N GLN G 303 -26.03 10.43 29.80
CA GLN G 303 -24.99 10.71 28.84
C GLN G 303 -23.67 10.21 29.37
N GLU G 304 -22.81 9.76 28.48
CA GLU G 304 -21.51 9.25 28.84
C GLU G 304 -20.50 9.58 27.76
N GLU G 305 -19.24 9.68 28.14
CA GLU G 305 -18.15 9.72 27.18
C GLU G 305 -16.92 9.06 27.76
N TRP G 306 -16.19 8.31 26.94
CA TRP G 306 -14.84 7.91 27.30
C TRP G 306 -13.94 9.13 27.15
N VAL G 307 -13.27 9.54 28.22
CA VAL G 307 -12.33 10.65 28.23
C VAL G 307 -10.93 10.10 28.37
N THR G 308 -10.02 10.56 27.51
CA THR G 308 -8.76 9.89 27.22
C THR G 308 -7.53 10.74 27.50
N HIS G 309 -7.70 12.05 27.56
CA HIS G 309 -6.67 13.06 27.81
C HIS G 309 -7.20 14.09 28.80
N LYS G 310 -6.37 14.93 29.42
CA LYS G 310 -6.85 16.00 30.32
C LYS G 310 -7.89 16.85 29.63
N LYS G 311 -9.00 17.14 30.31
CA LYS G 311 -10.20 17.76 29.72
C LYS G 311 -10.96 18.56 30.75
N GLU G 312 -11.58 19.68 30.35
CA GLU G 312 -12.58 20.38 31.15
C GLU G 312 -13.96 20.06 30.61
N ILE G 313 -14.88 19.68 31.49
CA ILE G 313 -16.26 19.36 31.17
C ILE G 313 -17.18 20.27 31.99
N ARG G 314 -18.32 20.69 31.44
CA ARG G 314 -19.29 21.55 32.12
C ARG G 314 -20.68 20.93 32.12
N LEU G 315 -21.02 20.22 33.18
CA LEU G 315 -22.35 19.64 33.32
C LEU G 315 -23.34 20.70 33.80
N THR G 316 -24.61 20.57 33.47
CA THR G 316 -25.67 21.45 33.99
C THR G 316 -26.48 20.70 35.03
N VAL G 317 -26.53 21.20 36.26
CA VAL G 317 -27.23 20.57 37.38
C VAL G 317 -28.67 21.05 37.40
N PRO G 318 -29.67 20.20 37.14
CA PRO G 318 -31.06 20.59 37.17
C PRO G 318 -31.58 20.60 38.61
N THR G 319 -32.75 21.16 38.87
CA THR G 319 -33.27 21.30 40.24
C THR G 319 -33.51 19.98 40.95
N GLU G 320 -33.68 18.87 40.24
CA GLU G 320 -33.78 17.54 40.84
C GLU G 320 -32.46 17.01 41.38
N GLY G 321 -31.33 17.54 40.91
CA GLY G 321 -29.99 17.05 41.19
C GLY G 321 -29.37 16.35 39.99
N LEU G 322 -28.05 16.22 40.00
CA LEU G 322 -27.24 15.53 39.01
C LEU G 322 -26.37 14.53 39.75
N GLU G 323 -26.21 13.32 39.22
CA GLU G 323 -25.22 12.38 39.69
C GLU G 323 -24.17 12.17 38.61
N VAL G 324 -22.90 12.41 38.92
CA VAL G 324 -21.77 12.19 38.01
C VAL G 324 -21.00 10.99 38.51
N THR G 325 -20.60 10.05 37.67
CA THR G 325 -19.67 9.00 38.06
C THR G 325 -18.47 8.99 37.15
N TRP G 326 -17.28 9.14 37.73
CA TRP G 326 -16.02 9.29 37.03
C TRP G 326 -15.18 8.03 37.19
N GLY G 327 -15.06 7.25 36.14
CA GLY G 327 -14.26 6.04 36.18
C GLY G 327 -14.84 5.00 37.12
N ASN G 328 -13.98 4.37 37.91
CA ASN G 328 -14.35 3.39 38.91
C ASN G 328 -14.62 3.98 40.30
N ASN G 329 -14.68 5.30 40.45
CA ASN G 329 -15.04 5.96 41.71
C ASN G 329 -16.52 5.79 42.07
N GLU G 330 -16.86 6.00 43.34
CA GLU G 330 -18.26 6.20 43.73
C GLU G 330 -18.84 7.45 43.06
N PRO G 331 -20.14 7.54 42.78
CA PRO G 331 -20.74 8.72 42.19
C PRO G 331 -20.68 9.94 43.08
N TYR G 332 -20.65 11.11 42.46
CA TYR G 332 -20.74 12.42 43.09
C TYR G 332 -22.12 12.99 42.87
N LYS G 333 -22.85 13.35 43.90
CA LYS G 333 -24.13 14.05 43.75
C LYS G 333 -23.91 15.55 43.81
N TYR G 334 -24.66 16.30 43.01
CA TYR G 334 -24.72 17.75 43.09
C TYR G 334 -26.14 18.23 42.95
N TRP G 335 -26.55 19.17 43.76
CA TRP G 335 -27.88 19.77 43.75
C TRP G 335 -27.69 21.28 43.81
N PRO G 336 -28.46 22.11 43.11
CA PRO G 336 -28.25 23.54 43.11
C PRO G 336 -28.91 24.20 44.32
N GLN G 337 -28.39 25.34 44.76
CA GLN G 337 -29.05 26.23 45.70
C GLN G 337 -29.79 27.37 45.01
N LEU G 338 -30.63 28.09 45.73
CA LEU G 338 -31.33 29.28 45.23
C LEU G 338 -30.41 30.51 45.23
N SER G 339 -29.19 30.42 44.72
CA SER G 339 -28.25 31.54 44.66
C SER G 339 -28.56 32.51 43.54
N THR G 340 -28.42 33.81 43.75
CA THR G 340 -28.73 34.84 42.75
C THR G 340 -27.94 36.14 42.98
N ASN G 341 -27.74 36.92 41.92
CA ASN G 341 -27.17 38.26 41.97
C ASN G 341 -28.23 39.33 42.22
N GLY G 342 -29.51 39.03 41.96
CA GLY G 342 -30.62 39.91 42.29
C GLY G 342 -30.89 39.96 43.80
N THR G 343 -31.98 40.62 44.18
CA THR G 343 -32.50 40.54 45.54
C THR G 343 -33.99 40.78 45.55
N ALA G 344 -34.71 40.04 46.38
CA ALA G 344 -35.99 40.49 46.89
C ALA G 344 -35.76 41.75 47.75
N HIS G 345 -36.79 42.37 48.32
CA HIS G 345 -36.62 43.54 49.21
C HIS G 345 -36.05 44.82 48.55
N GLY G 346 -35.53 44.75 47.33
CA GLY G 346 -35.06 45.85 46.52
C GLY G 346 -36.16 46.50 45.67
N HIS G 347 -35.77 47.32 44.71
CA HIS G 347 -36.67 47.98 43.76
C HIS G 347 -37.30 46.97 42.80
N PRO G 348 -38.42 47.26 42.13
CA PRO G 348 -39.10 46.33 41.24
C PRO G 348 -38.20 45.59 40.25
N HIS G 349 -37.24 46.29 39.64
CA HIS G 349 -36.29 45.69 38.70
C HIS G 349 -35.31 44.71 39.36
N GLU G 350 -35.09 44.80 40.67
CA GLU G 350 -34.30 43.82 41.43
C GLU G 350 -35.14 42.61 41.82
N ILE G 351 -36.40 42.79 42.22
CA ILE G 351 -37.23 41.67 42.65
C ILE G 351 -37.71 40.84 41.46
N ILE G 352 -37.96 41.42 40.29
CA ILE G 352 -38.24 40.60 39.09
C ILE G 352 -36.99 39.87 38.62
N LEU G 353 -35.80 40.44 38.77
CA LEU G 353 -34.55 39.80 38.41
C LEU G 353 -34.24 38.65 39.37
N TYR G 354 -34.45 38.84 40.67
CA TYR G 354 -34.33 37.80 41.68
C TYR G 354 -35.18 36.58 41.35
N TYR G 355 -36.49 36.75 41.16
CA TYR G 355 -37.33 35.60 40.86
C TYR G 355 -36.99 35.00 39.51
N TYR G 356 -36.64 35.79 38.50
CA TYR G 356 -36.23 35.27 37.21
C TYR G 356 -34.97 34.41 37.31
N GLU G 357 -33.95 34.77 38.09
CA GLU G 357 -32.79 33.92 38.25
C GLU G 357 -33.07 32.60 39.01
N LEU G 358 -34.09 32.56 39.87
CA LEU G 358 -34.44 31.36 40.63
C LEU G 358 -35.39 30.45 39.83
N TYR G 359 -36.37 31.02 39.13
CA TYR G 359 -37.46 30.30 38.49
C TYR G 359 -37.76 30.82 37.07
N PRO G 360 -36.81 30.80 36.12
CA PRO G 360 -36.99 31.46 34.82
C PRO G 360 -38.10 30.81 33.99
N THR G 361 -38.27 29.50 34.12
CA THR G 361 -39.37 28.72 33.54
C THR G 361 -40.76 29.16 34.07
N MET G 362 -40.80 29.81 35.24
CA MET G 362 -42.04 30.30 35.85
C MET G 362 -42.27 31.80 35.63
N THR G 363 -41.33 32.68 35.95
CA THR G 363 -41.69 34.11 36.03
C THR G 363 -42.10 34.69 34.70
N VAL G 364 -41.51 34.24 33.59
CA VAL G 364 -41.90 34.72 32.25
C VAL G 364 -43.36 34.38 31.96
N VAL G 365 -43.88 33.25 32.48
CA VAL G 365 -45.33 33.00 32.46
C VAL G 365 -46.04 34.06 33.28
N VAL G 366 -45.78 34.16 34.59
CA VAL G 366 -46.62 35.00 35.46
C VAL G 366 -46.56 36.47 35.09
N VAL G 367 -45.41 37.04 34.70
CA VAL G 367 -45.37 38.44 34.27
C VAL G 367 -45.95 38.66 32.88
N SER G 368 -45.92 37.68 31.97
CA SER G 368 -46.61 37.83 30.68
C SER G 368 -48.13 37.72 30.83
N VAL G 369 -48.67 36.74 31.57
CA VAL G 369 -50.13 36.71 31.81
C VAL G 369 -50.60 37.87 32.69
N ALA G 370 -49.84 38.27 33.71
CA ALA G 370 -50.20 39.44 34.52
C ALA G 370 -50.14 40.73 33.69
N SER G 371 -49.11 40.98 32.88
CA SER G 371 -49.09 42.17 32.03
C SER G 371 -50.12 42.10 30.90
N PHE G 372 -50.48 40.94 30.35
CA PHE G 372 -51.64 40.82 29.46
C PHE G 372 -52.92 41.24 30.18
N VAL G 373 -53.25 40.73 31.38
CA VAL G 373 -54.49 41.19 32.04
C VAL G 373 -54.39 42.66 32.42
N LEU G 374 -53.29 43.15 32.99
CA LEU G 374 -53.17 44.55 33.40
C LEU G 374 -53.20 45.53 32.22
N LEU G 375 -52.58 45.22 31.08
CA LEU G 375 -52.75 46.05 29.88
C LEU G 375 -54.19 45.95 29.33
N SER G 376 -54.84 44.78 29.40
CA SER G 376 -56.26 44.67 29.02
C SER G 376 -57.18 45.47 29.95
N MET G 377 -56.86 45.60 31.23
CA MET G 377 -57.65 46.38 32.18
C MET G 377 -57.58 47.88 31.91
N VAL G 378 -56.40 48.48 31.63
CA VAL G 378 -56.38 49.88 31.18
C VAL G 378 -57.02 50.06 29.81
N GLY G 379 -57.06 49.01 28.98
CA GLY G 379 -57.91 48.93 27.80
C GLY G 379 -59.40 49.04 28.12
N VAL G 380 -59.94 48.14 28.94
CA VAL G 380 -61.37 48.11 29.34
C VAL G 380 -61.78 49.36 30.13
N ALA G 381 -60.91 49.92 30.95
CA ALA G 381 -61.17 51.20 31.62
C ALA G 381 -61.32 52.36 30.63
N VAL G 382 -60.38 52.53 29.69
CA VAL G 382 -60.56 53.52 28.61
C VAL G 382 -61.75 53.18 27.72
N GLY G 383 -62.06 51.90 27.49
CA GLY G 383 -63.26 51.46 26.77
C GLY G 383 -64.56 51.90 27.45
N MET G 384 -64.70 51.72 28.76
CA MET G 384 -65.86 52.22 29.50
C MET G 384 -65.90 53.75 29.55
N CYS G 385 -64.75 54.44 29.61
CA CYS G 385 -64.69 55.89 29.47
C CYS G 385 -65.13 56.37 28.07
N MET G 386 -64.74 55.68 27.00
CA MET G 386 -65.22 55.97 25.64
C MET G 386 -66.74 55.74 25.53
N CYS G 387 -67.26 54.61 26.01
CA CYS G 387 -68.71 54.36 26.04
C CYS G 387 -69.45 55.46 26.79
N ALA G 388 -68.94 55.85 27.96
CA ALA G 388 -69.50 56.93 28.76
C ALA G 388 -69.46 58.28 28.04
N ARG G 389 -68.39 58.59 27.29
CA ARG G 389 -68.34 59.80 26.46
C ARG G 389 -69.44 59.78 25.40
N ARG G 390 -69.54 58.72 24.59
CA ARG G 390 -70.51 58.64 23.49
C ARG G 390 -71.96 58.63 23.98
N ARG G 391 -72.30 57.76 24.92
CA ARG G 391 -73.67 57.68 25.49
C ARG G 391 -74.06 58.85 26.37
N CYS G 392 -73.14 59.74 26.74
CA CYS G 392 -73.48 61.05 27.29
C CYS G 392 -73.62 62.09 26.17
N ILE G 393 -72.59 62.29 25.35
CA ILE G 393 -72.48 63.45 24.45
C ILE G 393 -73.45 63.43 23.27
N THR G 394 -73.86 62.26 22.75
CA THR G 394 -74.72 62.20 21.55
C THR G 394 -76.02 63.01 21.67
N PRO G 395 -76.87 62.88 22.70
CA PRO G 395 -78.07 63.71 22.81
C PRO G 395 -77.79 65.20 23.12
N TYR G 396 -76.54 65.63 23.32
CA TYR G 396 -76.17 67.05 23.29
C TYR G 396 -75.57 67.48 21.93
N GLU G 397 -75.15 66.54 21.10
CA GLU G 397 -74.52 66.78 19.80
C GLU G 397 -75.52 66.73 18.63
N LEU G 398 -76.58 65.92 18.73
CA LEU G 398 -77.63 65.81 17.71
C LEU G 398 -78.46 67.10 17.57
N THR G 399 -78.90 67.65 18.70
CA THR G 399 -79.93 68.71 18.77
C THR G 399 -79.49 69.98 18.03
N PRO G 400 -80.32 70.52 17.12
CA PRO G 400 -79.96 71.71 16.36
C PRO G 400 -80.01 72.98 17.20
N GLY G 401 -79.18 73.97 16.89
CA GLY G 401 -79.19 75.27 17.59
C GLY G 401 -78.92 75.18 19.09
N ALA G 402 -78.13 74.19 19.51
CA ALA G 402 -77.89 73.81 20.90
C ALA G 402 -76.41 73.50 21.14
N THR G 403 -76.01 73.44 22.42
CA THR G 403 -74.62 73.17 22.85
C THR G 403 -74.60 72.28 24.09
N VAL G 404 -73.55 71.48 24.28
CA VAL G 404 -73.28 70.86 25.57
C VAL G 404 -72.86 71.95 26.58
N PRO G 405 -73.48 72.05 27.77
CA PRO G 405 -73.15 73.08 28.76
C PRO G 405 -71.67 73.13 29.14
N PHE G 406 -71.19 74.31 29.50
CA PHE G 406 -69.77 74.60 29.75
C PHE G 406 -69.06 73.54 30.62
N LEU G 407 -69.56 73.27 31.82
CA LEU G 407 -68.93 72.30 32.73
C LEU G 407 -68.80 70.91 32.09
N LEU G 408 -69.88 70.41 31.48
CA LEU G 408 -69.88 69.09 30.84
C LEU G 408 -68.99 69.04 29.59
N SER G 409 -68.80 70.17 28.91
CA SER G 409 -67.84 70.28 27.80
C SER G 409 -66.40 70.06 28.27
N LEU G 410 -66.07 70.57 29.47
CA LEU G 410 -64.76 70.35 30.10
C LEU G 410 -64.62 68.90 30.57
N ILE G 411 -65.64 68.36 31.26
CA ILE G 411 -65.62 66.98 31.78
C ILE G 411 -65.48 65.94 30.67
N CYS G 412 -66.08 66.19 29.50
CA CYS G 412 -65.95 65.32 28.31
C CYS G 412 -64.91 65.81 27.29
N CYS G 413 -63.97 66.65 27.73
CA CYS G 413 -62.71 66.97 27.06
C CYS G 413 -62.84 67.54 25.63
N ILE G 414 -63.62 68.61 25.45
CA ILE G 414 -63.69 69.38 24.19
C ILE G 414 -63.30 70.86 24.38
N ARG G 415 -62.69 71.45 23.34
CA ARG G 415 -62.21 72.86 23.24
C ARG G 415 -61.35 73.37 24.42
N THR G 416 -61.26 74.69 24.61
CA THR G 416 -60.38 75.36 25.58
C THR G 416 -61.11 76.49 26.32
N ALA G 417 -60.95 76.59 27.64
CA ALA G 417 -61.59 77.62 28.48
C ALA G 417 -63.13 77.68 28.31
N LYS G 418 -63.76 78.82 28.64
CA LYS G 418 -65.21 79.06 28.46
C LYS G 418 -65.63 79.51 27.06
N ALA G 419 -64.86 79.15 26.02
CA ALA G 419 -65.07 79.56 24.63
C ALA G 419 -66.42 79.11 24.03
N GLU H 1 34.41 -29.43 -9.52
CA GLU H 1 33.61 -30.18 -8.51
C GLU H 1 34.45 -30.44 -7.26
N VAL H 2 33.85 -30.32 -6.08
CA VAL H 2 34.50 -30.62 -4.80
C VAL H 2 34.89 -32.11 -4.76
N GLN H 3 36.14 -32.41 -4.38
CA GLN H 3 36.62 -33.79 -4.28
C GLN H 3 36.17 -34.41 -2.95
N LEU H 4 35.64 -35.65 -2.98
CA LEU H 4 35.06 -36.34 -1.81
C LEU H 4 35.73 -37.70 -1.52
N VAL H 5 35.80 -38.05 -0.24
CA VAL H 5 36.51 -39.23 0.30
C VAL H 5 35.74 -39.78 1.51
N GLN H 6 35.89 -41.07 1.83
CA GLN H 6 35.37 -41.69 3.06
C GLN H 6 36.37 -42.66 3.68
N SER H 7 36.14 -43.04 4.94
CA SER H 7 36.76 -44.23 5.55
C SER H 7 36.31 -45.52 4.85
N GLY H 8 37.19 -46.53 4.81
CA GLY H 8 36.90 -47.82 4.18
C GLY H 8 35.80 -48.63 4.88
N ALA H 9 35.35 -49.70 4.25
CA ALA H 9 34.29 -50.55 4.76
C ALA H 9 34.62 -51.20 6.12
N GLU H 10 33.60 -51.65 6.84
CA GLU H 10 33.70 -52.22 8.18
C GLU H 10 32.83 -53.48 8.36
N VAL H 11 33.17 -54.28 9.36
CA VAL H 11 32.37 -55.37 9.94
C VAL H 11 32.17 -55.06 11.42
N LYS H 12 30.94 -55.20 11.92
CA LYS H 12 30.53 -54.75 13.27
C LYS H 12 29.56 -55.72 13.95
N LYS H 13 29.43 -55.59 15.27
CA LYS H 13 28.47 -56.32 16.10
C LYS H 13 27.53 -55.34 16.81
N PRO H 14 26.24 -55.66 16.99
CA PRO H 14 25.29 -54.81 17.72
C PRO H 14 25.76 -54.35 19.10
N GLY H 15 25.23 -53.23 19.58
CA GLY H 15 25.53 -52.71 20.92
C GLY H 15 26.89 -51.99 21.06
N SER H 16 27.50 -51.52 19.95
CA SER H 16 28.80 -50.81 19.97
C SER H 16 28.82 -49.59 19.03
N SER H 17 29.83 -48.72 19.17
CA SER H 17 30.04 -47.52 18.35
C SER H 17 30.65 -47.82 16.98
N VAL H 18 30.24 -47.07 15.95
CA VAL H 18 30.90 -47.03 14.63
C VAL H 18 31.28 -45.59 14.31
N LYS H 19 32.53 -45.35 13.95
CA LYS H 19 33.16 -44.01 13.83
C LYS H 19 33.46 -43.72 12.37
N VAL H 20 32.44 -43.66 11.53
CA VAL H 20 32.61 -43.43 10.08
C VAL H 20 33.22 -42.04 9.84
N SER H 21 33.88 -41.83 8.71
CA SER H 21 34.50 -40.54 8.38
C SER H 21 34.38 -40.20 6.90
N CYS H 22 34.42 -38.91 6.61
CA CYS H 22 34.34 -38.32 5.28
C CYS H 22 35.27 -37.12 5.21
N LYS H 23 35.84 -36.85 4.04
CA LYS H 23 36.68 -35.68 3.80
C LYS H 23 36.33 -35.03 2.45
N ALA H 24 36.21 -33.70 2.43
CA ALA H 24 35.80 -32.93 1.27
C ALA H 24 36.81 -31.80 0.98
N PHE H 25 37.26 -31.67 -0.26
CA PHE H 25 38.50 -30.95 -0.57
C PHE H 25 38.45 -30.13 -1.88
N GLY H 26 39.16 -29.00 -1.87
CA GLY H 26 39.17 -28.00 -2.93
C GLY H 26 38.01 -27.01 -2.81
N GLY H 27 38.29 -25.83 -2.23
CA GLY H 27 37.25 -25.11 -1.49
C GLY H 27 36.83 -25.90 -0.25
N THR H 28 35.66 -25.62 0.30
CA THR H 28 35.00 -26.42 1.36
C THR H 28 35.85 -26.69 2.61
N PHE H 29 36.87 -25.88 2.89
CA PHE H 29 37.58 -25.92 4.18
C PHE H 29 36.73 -25.81 5.47
N SER H 30 35.54 -25.22 5.33
CA SER H 30 34.35 -25.40 6.14
C SER H 30 33.37 -26.18 5.24
N SER H 31 32.78 -27.28 5.71
CA SER H 31 31.95 -28.15 4.86
C SER H 31 30.80 -27.40 4.17
N TYR H 32 30.64 -27.56 2.86
CA TYR H 32 29.49 -27.03 2.11
C TYR H 32 28.19 -27.83 2.38
N ALA H 33 27.88 -28.05 3.66
CA ALA H 33 26.68 -28.74 4.15
C ALA H 33 26.50 -30.20 3.70
N ILE H 34 27.59 -30.90 3.38
CA ILE H 34 27.60 -32.34 3.09
C ILE H 34 26.89 -33.12 4.20
N THR H 35 26.25 -34.23 3.84
CA THR H 35 25.25 -34.89 4.68
C THR H 35 25.24 -36.41 4.53
N TRP H 36 25.15 -37.12 5.66
CA TRP H 36 25.28 -38.58 5.75
C TRP H 36 24.02 -39.35 5.34
N VAL H 37 23.64 -39.28 4.06
CA VAL H 37 22.62 -40.16 3.43
C VAL H 37 22.99 -41.65 3.58
N ARG H 38 22.03 -42.57 3.73
CA ARG H 38 22.30 -44.02 3.82
C ARG H 38 21.24 -44.91 3.15
N GLN H 39 21.63 -45.99 2.48
CA GLN H 39 20.77 -46.90 1.72
C GLN H 39 20.91 -48.35 2.22
N ALA H 40 19.82 -48.97 2.69
CA ALA H 40 19.82 -50.37 3.11
C ALA H 40 19.92 -51.32 1.90
N PRO H 41 20.54 -52.52 2.06
CA PRO H 41 20.90 -53.41 0.96
C PRO H 41 19.81 -53.61 -0.10
N GLY H 42 20.10 -53.20 -1.34
CA GLY H 42 19.24 -53.37 -2.53
C GLY H 42 17.93 -52.58 -2.56
N GLN H 43 17.55 -51.90 -1.48
CA GLN H 43 16.29 -51.15 -1.44
C GLN H 43 16.33 -49.92 -2.35
N GLY H 44 15.15 -49.40 -2.71
CA GLY H 44 15.04 -48.00 -3.14
C GLY H 44 15.57 -47.06 -2.06
N LEU H 45 15.90 -45.82 -2.41
CA LEU H 45 16.62 -44.88 -1.53
C LEU H 45 15.76 -44.30 -0.38
N GLU H 46 15.12 -45.16 0.40
CA GLU H 46 14.76 -44.85 1.79
C GLU H 46 16.06 -44.47 2.52
N TRP H 47 16.09 -43.26 3.09
CA TRP H 47 17.35 -42.61 3.42
C TRP H 47 17.65 -42.60 4.91
N MET H 48 18.69 -41.86 5.28
CA MET H 48 19.07 -41.60 6.66
C MET H 48 17.96 -40.82 7.38
N GLY H 49 17.15 -41.52 8.19
CA GLY H 49 16.24 -40.91 9.18
C GLY H 49 16.97 -40.19 10.31
N GLY H 50 18.31 -40.26 10.33
CA GLY H 50 19.23 -39.44 11.11
C GLY H 50 19.73 -38.20 10.33
N ILE H 51 21.04 -38.01 10.28
CA ILE H 51 21.70 -36.71 9.98
C ILE H 51 21.33 -36.07 8.62
N ILE H 52 20.95 -34.79 8.66
CA ILE H 52 20.68 -33.87 7.53
C ILE H 52 21.94 -32.98 7.32
N PRO H 53 21.95 -31.69 6.92
CA PRO H 53 23.23 -30.97 6.83
C PRO H 53 23.80 -30.69 8.22
N ILE H 54 25.13 -30.73 8.38
CA ILE H 54 25.81 -30.35 9.61
C ILE H 54 27.16 -29.65 9.35
N LEU H 55 27.44 -28.69 10.24
CA LEU H 55 28.74 -28.04 10.55
C LEU H 55 28.74 -26.98 11.70
N GLY H 56 27.89 -27.21 12.70
CA GLY H 56 27.67 -26.32 13.85
C GLY H 56 26.75 -26.93 14.93
N THR H 57 25.76 -27.72 14.51
CA THR H 57 24.94 -28.61 15.33
C THR H 57 24.68 -29.92 14.56
N THR H 58 24.56 -31.04 15.28
CA THR H 58 24.43 -32.39 14.73
C THR H 58 22.99 -32.71 14.27
N ASP H 59 22.42 -31.89 13.39
CA ASP H 59 21.00 -31.93 13.04
C ASP H 59 20.60 -33.24 12.32
N TYR H 60 19.69 -34.00 12.93
CA TYR H 60 18.95 -35.06 12.24
C TYR H 60 17.53 -34.79 11.65
N ALA H 61 17.03 -35.67 10.78
CA ALA H 61 15.64 -35.68 10.33
C ALA H 61 14.68 -36.16 11.44
N GLN H 62 13.37 -36.09 11.19
CA GLN H 62 12.33 -36.46 12.16
C GLN H 62 12.14 -37.99 12.35
N LYS H 63 13.18 -38.83 12.46
CA LYS H 63 12.97 -40.28 12.64
C LYS H 63 13.92 -41.03 13.58
N PHE H 64 15.21 -41.11 13.27
CA PHE H 64 16.17 -41.89 14.08
C PHE H 64 16.54 -41.15 15.37
N GLN H 65 17.47 -41.71 16.16
CA GLN H 65 17.57 -41.57 17.62
C GLN H 65 16.52 -42.39 18.38
N GLY H 66 15.28 -42.44 17.88
CA GLY H 66 14.17 -43.17 18.52
C GLY H 66 14.36 -44.70 18.57
N ARG H 67 14.86 -45.30 17.49
CA ARG H 67 15.28 -46.72 17.43
C ARG H 67 16.76 -46.92 17.78
N VAL H 68 17.66 -46.20 17.09
CA VAL H 68 19.13 -46.26 17.19
C VAL H 68 19.72 -44.85 17.14
N THR H 69 20.81 -44.61 17.87
CA THR H 69 21.35 -43.26 18.13
C THR H 69 22.52 -42.88 17.24
N ILE H 70 22.47 -41.67 16.68
CA ILE H 70 23.39 -41.17 15.66
C ILE H 70 23.73 -39.69 15.87
N THR H 71 24.91 -39.26 15.45
CA THR H 71 25.42 -37.87 15.50
C THR H 71 26.49 -37.65 14.42
N ALA H 72 26.86 -36.39 14.15
CA ALA H 72 27.92 -36.03 13.22
C ALA H 72 28.73 -34.81 13.68
N ASP H 73 29.83 -34.48 12.99
CA ASP H 73 30.82 -33.47 13.38
C ASP H 73 31.25 -32.56 12.21
N LYS H 74 31.96 -31.47 12.53
CA LYS H 74 32.13 -30.26 11.72
C LYS H 74 33.58 -29.77 11.57
N SER H 75 34.57 -30.64 11.70
CA SER H 75 35.98 -30.26 11.60
C SER H 75 36.37 -29.78 10.18
N THR H 76 37.48 -29.06 10.04
CA THR H 76 37.88 -28.46 8.75
C THR H 76 38.06 -29.50 7.65
N SER H 77 37.32 -29.35 6.54
CA SER H 77 37.19 -30.34 5.46
C SER H 77 36.77 -31.76 5.89
N THR H 78 36.43 -32.03 7.15
CA THR H 78 36.44 -33.40 7.73
C THR H 78 35.19 -33.66 8.56
N ALA H 79 34.26 -34.47 8.03
CA ALA H 79 32.93 -34.65 8.58
C ALA H 79 32.72 -36.06 9.16
N TYR H 80 33.23 -36.30 10.36
CA TYR H 80 32.99 -37.55 11.11
C TYR H 80 31.49 -37.81 11.32
N MET H 81 31.08 -39.08 11.36
CA MET H 81 29.75 -39.48 11.76
C MET H 81 29.82 -40.65 12.73
N GLU H 82 29.12 -40.54 13.87
CA GLU H 82 29.05 -41.61 14.86
C GLU H 82 27.63 -42.14 14.98
N LEU H 83 27.50 -43.43 14.72
CA LEU H 83 26.30 -44.23 14.88
C LEU H 83 26.62 -45.25 15.98
N SER H 84 25.80 -45.40 17.02
CA SER H 84 26.19 -46.21 18.18
C SER H 84 25.03 -46.98 18.83
N SER H 85 25.37 -48.05 19.54
CA SER H 85 24.42 -49.04 20.07
C SER H 85 23.48 -49.60 18.97
N LEU H 86 24.00 -49.74 17.75
CA LEU H 86 23.26 -50.14 16.55
C LEU H 86 22.80 -51.60 16.58
N ARG H 87 22.01 -52.01 15.57
CA ARG H 87 21.47 -53.36 15.37
C ARG H 87 21.64 -53.81 13.91
N SER H 88 21.41 -55.08 13.61
CA SER H 88 21.75 -55.69 12.32
C SER H 88 21.22 -54.90 11.10
N GLU H 89 20.01 -54.35 11.24
CA GLU H 89 19.29 -53.57 10.23
C GLU H 89 19.92 -52.20 9.92
N ASP H 90 20.89 -51.73 10.72
CA ASP H 90 21.70 -50.55 10.40
C ASP H 90 22.83 -50.84 9.40
N THR H 91 23.00 -52.10 8.97
CA THR H 91 23.81 -52.47 7.82
C THR H 91 23.29 -51.77 6.57
N ALA H 92 24.15 -50.97 5.93
CA ALA H 92 23.78 -50.15 4.77
C ALA H 92 25.06 -49.64 4.09
N VAL H 93 24.90 -49.11 2.88
CA VAL H 93 25.90 -48.19 2.30
C VAL H 93 25.57 -46.76 2.72
N TYR H 94 26.58 -46.01 3.13
CA TYR H 94 26.45 -44.63 3.59
C TYR H 94 27.12 -43.70 2.58
N TYR H 95 26.37 -42.76 2.01
CA TYR H 95 26.83 -41.80 1.01
C TYR H 95 26.94 -40.38 1.60
N CYS H 96 27.97 -40.12 2.41
CA CYS H 96 28.21 -38.75 2.87
C CYS H 96 28.48 -37.78 1.71
N ALA H 97 29.13 -38.29 0.67
CA ALA H 97 29.60 -37.58 -0.51
C ALA H 97 28.45 -37.02 -1.38
N ARG H 98 27.86 -35.91 -0.91
CA ARG H 98 26.58 -35.38 -1.38
C ARG H 98 26.56 -33.85 -1.41
N ASP H 99 25.69 -33.28 -2.22
CA ASP H 99 25.36 -31.84 -2.24
C ASP H 99 24.88 -31.10 -0.97
N PRO H 100 24.81 -29.75 -0.96
CA PRO H 100 24.05 -29.04 0.08
C PRO H 100 22.53 -29.39 0.03
N PRO H 101 21.92 -29.88 1.14
CA PRO H 101 20.51 -30.33 1.21
C PRO H 101 19.56 -29.27 1.80
N THR H 102 19.29 -28.18 1.08
CA THR H 102 18.78 -26.91 1.66
C THR H 102 17.50 -27.06 2.52
N HIS H 103 17.54 -26.72 3.80
CA HIS H 103 16.45 -27.05 4.74
C HIS H 103 15.23 -26.11 4.65
N GLY H 104 14.40 -26.32 3.63
CA GLY H 104 13.17 -25.56 3.40
C GLY H 104 12.17 -25.63 4.57
N GLY H 105 11.95 -24.49 5.25
CA GLY H 105 10.86 -24.32 6.23
C GLY H 105 11.26 -23.87 7.65
N ASP H 106 12.55 -23.81 8.02
CA ASP H 106 12.96 -23.45 9.40
C ASP H 106 14.14 -22.47 9.59
N PHE H 107 15.14 -22.31 8.69
CA PHE H 107 16.30 -21.45 9.02
C PHE H 107 17.07 -20.69 7.90
N ASN H 108 17.71 -21.38 6.94
CA ASN H 108 18.63 -20.77 5.96
C ASN H 108 18.93 -21.67 4.73
N TYR H 109 19.51 -21.13 3.66
CA TYR H 109 19.40 -21.63 2.28
C TYR H 109 20.73 -21.70 1.50
N TYR H 110 20.79 -22.47 0.40
CA TYR H 110 22.04 -22.90 -0.26
C TYR H 110 22.08 -22.85 -1.82
N TYR H 111 23.31 -22.95 -2.37
CA TYR H 111 23.70 -22.66 -3.76
C TYR H 111 23.35 -23.71 -4.84
N TYR H 112 23.61 -23.35 -6.11
CA TYR H 112 23.43 -24.18 -7.31
C TYR H 112 24.68 -24.38 -8.20
N GLY H 113 25.64 -23.45 -8.18
CA GLY H 113 26.56 -23.25 -9.31
C GLY H 113 27.65 -24.30 -9.53
N VAL H 114 27.83 -25.26 -8.61
CA VAL H 114 28.78 -26.38 -8.72
C VAL H 114 28.13 -27.67 -8.26
N ALA H 115 28.33 -28.76 -9.01
CA ALA H 115 27.93 -30.10 -8.59
C ALA H 115 28.86 -30.66 -7.50
N VAL H 116 28.34 -31.56 -6.66
CA VAL H 116 29.16 -32.38 -5.76
C VAL H 116 28.48 -33.71 -5.43
N TRP H 117 29.12 -34.83 -5.78
CA TRP H 117 28.80 -36.19 -5.32
C TRP H 117 29.94 -37.10 -4.78
N GLY H 118 29.87 -38.44 -4.88
CA GLY H 118 31.03 -39.32 -4.68
C GLY H 118 30.69 -40.78 -4.37
N GLN H 119 31.68 -41.55 -3.94
CA GLN H 119 31.53 -42.96 -3.55
C GLN H 119 30.75 -43.14 -2.23
N GLY H 120 30.30 -44.38 -1.98
CA GLY H 120 29.73 -44.83 -0.71
C GLY H 120 30.66 -45.78 0.05
N THR H 121 30.32 -46.08 1.31
CA THR H 121 31.07 -47.01 2.17
C THR H 121 30.12 -47.88 3.00
N THR H 122 30.53 -49.09 3.36
CA THR H 122 29.65 -50.13 3.93
C THR H 122 30.02 -50.48 5.36
N VAL H 123 29.05 -50.57 6.27
CA VAL H 123 29.22 -51.22 7.59
C VAL H 123 28.39 -52.48 7.63
N THR H 124 29.03 -53.61 7.96
CA THR H 124 28.45 -54.96 7.87
C THR H 124 28.13 -55.49 9.27
N VAL H 125 26.98 -55.09 9.83
CA VAL H 125 26.54 -55.51 11.17
C VAL H 125 26.05 -56.96 11.11
N SER H 126 26.85 -57.91 11.59
CA SER H 126 26.74 -59.30 11.14
C SER H 126 27.17 -60.36 12.17
N SER H 127 26.57 -61.55 12.07
CA SER H 127 26.70 -62.65 13.04
C SER H 127 27.84 -63.65 12.77
N ALA H 128 28.34 -63.71 11.54
CA ALA H 128 29.30 -64.72 11.09
C ALA H 128 30.73 -64.54 11.65
N SER H 129 31.54 -65.59 11.50
CA SER H 129 32.96 -65.67 11.84
C SER H 129 33.81 -65.94 10.59
N THR H 130 35.08 -65.52 10.62
CA THR H 130 35.98 -65.51 9.46
C THR H 130 36.18 -66.91 8.84
N LYS H 131 35.70 -67.10 7.61
CA LYS H 131 35.51 -68.41 6.96
C LYS H 131 35.53 -68.28 5.44
N GLY H 132 36.42 -69.00 4.77
CA GLY H 132 36.48 -69.06 3.29
C GLY H 132 35.49 -70.04 2.65
N PRO H 133 35.27 -69.97 1.33
CA PRO H 133 34.31 -70.83 0.63
C PRO H 133 34.87 -72.24 0.32
N SER H 134 36.20 -72.32 0.24
CA SER H 134 36.95 -73.41 -0.38
C SER H 134 36.69 -74.79 0.24
N VAL H 135 36.44 -74.83 1.55
CA VAL H 135 36.18 -76.05 2.32
C VAL H 135 34.78 -76.66 2.09
N PHE H 136 33.87 -75.95 1.42
CA PHE H 136 32.49 -76.43 1.17
C PHE H 136 32.36 -77.26 -0.12
N PRO H 137 31.93 -76.75 -1.30
CA PRO H 137 31.86 -77.61 -2.50
C PRO H 137 33.24 -77.81 -3.18
N LEU H 138 34.13 -76.82 -3.09
CA LEU H 138 35.27 -76.69 -4.02
C LEU H 138 36.40 -77.70 -3.78
N ALA H 139 36.84 -77.89 -2.53
CA ALA H 139 37.91 -78.83 -2.18
C ALA H 139 37.60 -80.32 -2.48
N PRO H 140 36.43 -80.90 -2.13
CA PRO H 140 36.18 -82.33 -2.33
C PRO H 140 35.82 -82.72 -3.77
N SER H 141 34.95 -81.94 -4.43
CA SER H 141 34.36 -82.28 -5.74
C SER H 141 35.27 -81.92 -6.93
N SER H 142 34.90 -82.32 -8.16
CA SER H 142 35.28 -81.57 -9.36
C SER H 142 34.23 -80.46 -9.62
N LYS H 143 34.63 -79.34 -10.22
CA LYS H 143 33.67 -78.31 -10.63
C LYS H 143 32.99 -78.75 -11.94
N SER H 144 31.66 -78.73 -12.04
CA SER H 144 30.99 -79.16 -13.27
C SER H 144 29.68 -78.40 -13.55
N THR H 145 29.37 -78.23 -14.84
CA THR H 145 28.12 -77.60 -15.34
C THR H 145 27.73 -78.20 -16.70
N SER H 146 26.42 -78.19 -17.00
CA SER H 146 25.82 -79.20 -17.88
C SER H 146 25.16 -78.71 -19.19
N GLY H 147 25.15 -77.42 -19.49
CA GLY H 147 24.14 -76.83 -20.39
C GLY H 147 24.08 -77.35 -21.84
N GLY H 148 25.21 -77.77 -22.42
CA GLY H 148 25.30 -78.39 -23.76
C GLY H 148 25.11 -77.46 -24.95
N THR H 149 24.22 -76.46 -24.85
CA THR H 149 24.00 -75.43 -25.88
C THR H 149 24.97 -74.25 -25.72
N ALA H 150 24.96 -73.57 -24.56
CA ALA H 150 25.92 -72.52 -24.18
C ALA H 150 26.09 -72.27 -22.66
N ALA H 151 25.24 -72.85 -21.79
CA ALA H 151 25.29 -72.61 -20.33
C ALA H 151 26.38 -73.45 -19.62
N LEU H 152 27.60 -72.92 -19.49
CA LEU H 152 28.76 -73.56 -18.85
C LEU H 152 29.52 -72.57 -17.94
N GLY H 153 30.02 -73.05 -16.79
CA GLY H 153 30.67 -72.21 -15.77
C GLY H 153 31.05 -72.94 -14.46
N CYS H 154 31.09 -72.17 -13.36
CA CYS H 154 31.49 -72.54 -12.00
C CYS H 154 30.76 -71.68 -10.93
N LEU H 155 30.88 -72.07 -9.66
CA LEU H 155 30.21 -71.45 -8.50
C LEU H 155 31.14 -71.35 -7.29
N VAL H 156 30.87 -70.44 -6.34
CA VAL H 156 31.55 -70.26 -5.04
C VAL H 156 30.49 -69.97 -3.95
N LYS H 157 30.59 -70.56 -2.75
CA LYS H 157 29.52 -70.48 -1.72
C LYS H 157 30.00 -70.16 -0.29
N ASP H 158 29.23 -69.32 0.40
CA ASP H 158 29.24 -69.01 1.84
C ASP H 158 30.58 -68.52 2.45
N TYR H 159 31.31 -67.66 1.72
CA TYR H 159 32.48 -67.00 2.28
C TYR H 159 32.12 -65.79 3.16
N PHE H 160 32.97 -65.45 4.14
CA PHE H 160 32.81 -64.26 4.98
C PHE H 160 34.15 -63.86 5.65
N PRO H 161 34.50 -62.57 5.69
CA PRO H 161 33.84 -61.44 5.02
C PRO H 161 34.14 -61.42 3.51
N GLU H 162 33.79 -60.34 2.82
CA GLU H 162 34.40 -59.99 1.53
C GLU H 162 35.92 -59.74 1.67
N PRO H 163 36.71 -59.69 0.57
CA PRO H 163 36.36 -59.95 -0.82
C PRO H 163 36.79 -61.35 -1.32
N VAL H 164 36.25 -61.77 -2.47
CA VAL H 164 36.69 -62.96 -3.21
C VAL H 164 37.98 -62.70 -4.01
N THR H 165 38.85 -63.71 -4.10
CA THR H 165 39.89 -63.80 -5.15
C THR H 165 39.57 -65.00 -6.05
N VAL H 166 39.40 -64.76 -7.35
CA VAL H 166 38.92 -65.76 -8.32
C VAL H 166 39.75 -65.71 -9.61
N SER H 167 40.03 -66.88 -10.19
CA SER H 167 40.93 -67.06 -11.33
C SER H 167 40.66 -68.39 -12.06
N TRP H 168 41.23 -68.52 -13.25
CA TRP H 168 41.00 -69.59 -14.22
C TRP H 168 42.31 -69.94 -14.96
N ASN H 169 42.32 -71.03 -15.76
CA ASN H 169 43.51 -71.51 -16.48
C ASN H 169 44.34 -70.38 -17.14
N SER H 170 45.58 -70.21 -16.68
CA SER H 170 46.58 -69.24 -17.18
C SER H 170 46.16 -67.76 -17.13
N GLY H 171 45.13 -67.41 -16.36
CA GLY H 171 44.58 -66.04 -16.25
C GLY H 171 43.82 -65.55 -17.48
N ALA H 172 44.25 -65.89 -18.69
CA ALA H 172 43.65 -65.46 -19.97
C ALA H 172 42.17 -65.84 -20.13
N LEU H 173 41.70 -66.89 -19.43
CA LEU H 173 40.28 -67.26 -19.37
C LEU H 173 39.38 -66.11 -18.85
N THR H 174 39.88 -65.25 -17.96
CA THR H 174 39.14 -64.09 -17.42
C THR H 174 38.65 -63.11 -18.51
N SER H 175 39.31 -63.07 -19.68
CA SER H 175 38.89 -62.23 -20.81
C SER H 175 37.64 -62.76 -21.54
N GLY H 176 37.38 -64.07 -21.50
CA GLY H 176 36.15 -64.69 -22.02
C GLY H 176 35.10 -64.98 -20.93
N VAL H 177 35.54 -65.29 -19.71
CA VAL H 177 34.70 -65.52 -18.53
C VAL H 177 33.96 -64.26 -18.09
N HIS H 178 32.73 -64.42 -17.63
CA HIS H 178 31.87 -63.40 -17.00
C HIS H 178 31.70 -63.75 -15.52
N THR H 179 31.72 -62.77 -14.60
CA THR H 179 31.63 -63.01 -13.14
C THR H 179 30.53 -62.18 -12.48
N PHE H 180 29.80 -62.79 -11.54
CA PHE H 180 28.50 -62.38 -11.05
C PHE H 180 28.53 -62.33 -9.50
N PRO H 181 28.71 -61.15 -8.89
CA PRO H 181 29.15 -61.03 -7.50
C PRO H 181 28.07 -61.26 -6.43
N ALA H 182 28.51 -61.21 -5.17
CA ALA H 182 27.71 -61.47 -3.98
C ALA H 182 27.06 -60.22 -3.37
N VAL H 183 26.12 -60.47 -2.44
CA VAL H 183 25.76 -59.57 -1.32
C VAL H 183 25.60 -60.43 -0.06
N LEU H 184 25.57 -59.81 1.13
CA LEU H 184 25.40 -60.50 2.41
C LEU H 184 24.05 -61.23 2.47
N GLN H 185 24.07 -62.57 2.47
CA GLN H 185 22.87 -63.39 2.70
C GLN H 185 22.35 -63.21 4.13
N SER H 186 21.07 -63.51 4.39
CA SER H 186 20.43 -63.37 5.71
C SER H 186 21.09 -64.15 6.85
N SER H 187 21.79 -65.23 6.52
CA SER H 187 22.64 -66.03 7.41
C SER H 187 23.94 -65.35 7.82
N GLY H 188 24.29 -64.21 7.20
CA GLY H 188 25.51 -63.43 7.42
C GLY H 188 26.70 -63.82 6.53
N LEU H 189 26.49 -64.37 5.34
CA LEU H 189 27.53 -65.03 4.52
C LEU H 189 27.36 -64.68 3.01
N TYR H 190 28.40 -64.81 2.17
CA TYR H 190 28.39 -64.33 0.76
C TYR H 190 28.51 -65.48 -0.28
N SER H 191 27.91 -65.32 -1.48
CA SER H 191 27.88 -66.32 -2.56
C SER H 191 28.13 -65.70 -3.95
N LEU H 192 28.95 -66.33 -4.80
CA LEU H 192 29.57 -65.74 -6.00
C LEU H 192 29.53 -66.72 -7.18
N SER H 193 29.20 -66.25 -8.39
CA SER H 193 29.11 -67.09 -9.60
C SER H 193 30.06 -66.61 -10.72
N SER H 194 30.55 -67.51 -11.58
CA SER H 194 31.48 -67.17 -12.66
C SER H 194 31.39 -68.18 -13.81
N VAL H 195 31.26 -67.72 -15.06
CA VAL H 195 30.80 -68.56 -16.20
C VAL H 195 31.56 -68.30 -17.51
N VAL H 196 31.59 -69.29 -18.40
CA VAL H 196 32.37 -69.30 -19.65
C VAL H 196 31.47 -69.53 -20.88
N THR H 197 30.30 -68.88 -20.87
CA THR H 197 29.17 -69.16 -21.77
C THR H 197 29.46 -68.81 -23.25
N VAL H 198 29.74 -69.83 -24.07
CA VAL H 198 29.95 -69.74 -25.54
C VAL H 198 29.42 -71.04 -26.20
N PRO H 199 28.84 -70.99 -27.41
CA PRO H 199 28.42 -72.18 -28.17
C PRO H 199 29.51 -73.27 -28.32
N SER H 200 29.09 -74.54 -28.26
CA SER H 200 29.99 -75.69 -28.01
C SER H 200 31.13 -75.89 -29.01
N SER H 201 30.98 -75.53 -30.30
CA SER H 201 32.08 -75.64 -31.29
C SER H 201 33.19 -74.59 -31.09
N SER H 202 32.94 -73.53 -30.31
CA SER H 202 33.89 -72.48 -29.96
C SER H 202 34.30 -72.53 -28.48
N LEU H 203 34.01 -73.65 -27.80
CA LEU H 203 34.26 -73.87 -26.36
C LEU H 203 34.90 -75.24 -26.10
N GLY H 204 34.42 -76.30 -26.77
CA GLY H 204 34.79 -77.69 -26.53
C GLY H 204 36.26 -78.05 -26.76
N THR H 205 37.03 -77.18 -27.43
CA THR H 205 38.42 -77.43 -27.87
C THR H 205 39.45 -77.40 -26.74
N GLN H 206 39.35 -76.48 -25.77
CA GLN H 206 40.37 -76.27 -24.74
C GLN H 206 40.21 -77.20 -23.52
N THR H 207 41.07 -77.03 -22.54
CA THR H 207 40.96 -77.63 -21.20
C THR H 207 40.94 -76.53 -20.12
N TYR H 208 40.14 -76.73 -19.07
CA TYR H 208 39.76 -75.68 -18.10
C TYR H 208 39.98 -76.12 -16.64
N ILE H 209 40.47 -75.19 -15.83
CA ILE H 209 40.61 -75.29 -14.37
C ILE H 209 40.23 -73.93 -13.76
N CYS H 210 39.81 -73.94 -12.49
CA CYS H 210 39.40 -72.72 -11.77
C CYS H 210 40.02 -72.70 -10.37
N ASN H 211 40.41 -71.50 -9.93
CA ASN H 211 41.24 -71.24 -8.78
C ASN H 211 40.58 -70.15 -7.92
N VAL H 212 40.40 -70.38 -6.61
CA VAL H 212 39.73 -69.44 -5.69
C VAL H 212 40.49 -69.34 -4.37
N ASN H 213 40.55 -68.13 -3.82
CA ASN H 213 41.10 -67.86 -2.50
C ASN H 213 40.26 -66.79 -1.77
N HIS H 214 40.37 -66.79 -0.45
CA HIS H 214 39.68 -65.85 0.43
C HIS H 214 40.74 -65.06 1.18
N LYS H 215 41.16 -63.91 0.64
CA LYS H 215 42.36 -63.20 1.14
C LYS H 215 42.31 -62.69 2.60
N PRO H 216 41.16 -62.56 3.29
CA PRO H 216 41.12 -62.43 4.75
C PRO H 216 41.66 -63.65 5.53
N SER H 217 41.72 -64.85 4.92
CA SER H 217 42.05 -66.12 5.60
C SER H 217 43.06 -67.03 4.89
N ASN H 218 43.34 -66.80 3.59
CA ASN H 218 44.28 -67.58 2.76
C ASN H 218 43.94 -69.08 2.59
N THR H 219 42.66 -69.45 2.68
CA THR H 219 42.17 -70.81 2.36
C THR H 219 42.05 -71.02 0.83
N LYS H 220 43.18 -71.28 0.15
CA LYS H 220 43.26 -71.47 -1.31
C LYS H 220 42.76 -72.84 -1.77
N VAL H 221 42.06 -72.90 -2.92
CA VAL H 221 41.73 -74.12 -3.67
C VAL H 221 41.88 -73.90 -5.18
N ASP H 222 42.42 -74.91 -5.87
CA ASP H 222 42.53 -75.00 -7.33
C ASP H 222 41.91 -76.33 -7.80
N LYS H 223 41.07 -76.34 -8.84
CA LYS H 223 40.32 -77.56 -9.21
C LYS H 223 40.03 -77.73 -10.72
N LYS H 224 39.95 -79.01 -11.12
CA LYS H 224 39.48 -79.51 -12.42
C LYS H 224 38.07 -79.01 -12.73
N VAL H 225 37.88 -78.38 -13.88
CA VAL H 225 36.55 -78.01 -14.39
C VAL H 225 36.15 -79.02 -15.46
N GLU H 226 34.94 -79.57 -15.32
CA GLU H 226 34.35 -80.58 -16.19
C GLU H 226 33.06 -80.02 -16.82
N PRO H 227 33.17 -79.20 -17.88
CA PRO H 227 32.01 -78.72 -18.63
C PRO H 227 31.50 -79.83 -19.56
N LYS H 228 30.19 -80.05 -19.65
CA LYS H 228 29.60 -81.20 -20.38
C LYS H 228 29.89 -81.24 -21.89
N SER H 229 30.24 -80.12 -22.53
CA SER H 229 30.59 -80.09 -23.97
C SER H 229 31.99 -80.62 -24.31
N CYS H 230 32.94 -80.62 -23.36
CA CYS H 230 34.31 -81.06 -23.59
C CYS H 230 34.49 -82.57 -23.42
N ASP H 231 35.39 -83.17 -24.21
CA ASP H 231 35.72 -84.59 -24.13
C ASP H 231 36.49 -85.00 -22.86
N LYS H 232 37.09 -84.04 -22.13
CA LYS H 232 37.57 -84.29 -20.76
C LYS H 232 36.47 -84.67 -19.76
N THR H 233 35.20 -84.47 -20.15
CA THR H 233 33.98 -84.79 -19.38
C THR H 233 33.24 -86.01 -19.96
N HIS H 234 33.80 -86.72 -20.96
CA HIS H 234 33.18 -87.86 -21.66
C HIS H 234 33.89 -89.18 -21.35
N GLU I 1 4.77 -33.12 4.80
CA GLU I 1 3.93 -32.72 3.63
C GLU I 1 4.19 -33.63 2.42
N ILE I 2 3.29 -33.62 1.44
CA ILE I 2 3.46 -34.10 0.05
C ILE I 2 3.95 -35.54 -0.17
N VAL I 3 5.24 -35.83 0.04
CA VAL I 3 5.98 -36.97 -0.52
C VAL I 3 6.05 -36.95 -2.06
N LEU I 4 7.25 -36.84 -2.62
CA LEU I 4 7.49 -36.83 -4.08
C LEU I 4 7.07 -38.15 -4.72
N THR I 5 6.47 -38.10 -5.92
CA THR I 5 6.05 -39.30 -6.67
C THR I 5 6.50 -39.22 -8.12
N GLN I 6 7.16 -40.28 -8.62
CA GLN I 6 7.70 -40.31 -9.98
C GLN I 6 6.78 -41.08 -10.92
N SER I 7 6.47 -40.49 -12.08
CA SER I 7 5.38 -40.92 -12.96
C SER I 7 5.61 -42.29 -13.61
N PRO I 8 6.80 -42.63 -14.14
CA PRO I 8 7.08 -43.97 -14.66
C PRO I 8 7.46 -44.91 -13.52
N GLY I 9 6.70 -45.99 -13.31
CA GLY I 9 7.06 -47.06 -12.37
C GLY I 9 7.90 -48.18 -12.99
N THR I 10 8.00 -48.23 -14.32
CA THR I 10 8.95 -49.05 -15.10
C THR I 10 9.12 -48.42 -16.49
N LEU I 11 10.30 -48.54 -17.11
CA LEU I 11 10.55 -48.16 -18.50
C LEU I 11 11.65 -49.03 -19.11
N SER I 12 11.67 -49.24 -20.44
CA SER I 12 12.69 -50.05 -21.12
C SER I 12 12.86 -49.62 -22.58
N LEU I 13 14.09 -49.34 -22.99
CA LEU I 13 14.45 -48.68 -24.26
C LEU I 13 15.70 -49.36 -24.84
N SER I 14 15.87 -49.42 -26.17
CA SER I 14 17.14 -49.85 -26.80
C SER I 14 18.26 -48.81 -26.57
N PRO I 15 19.48 -49.08 -27.06
CA PRO I 15 20.51 -48.05 -27.23
C PRO I 15 20.05 -46.90 -28.14
N GLY I 16 20.44 -45.65 -27.83
CA GLY I 16 20.22 -44.46 -28.68
C GLY I 16 19.17 -43.47 -28.16
N GLU I 17 18.72 -42.55 -29.02
CA GLU I 17 17.59 -41.61 -28.87
C GLU I 17 17.34 -40.92 -27.50
N ARG I 18 16.26 -41.24 -26.77
CA ARG I 18 15.60 -40.35 -25.78
C ARG I 18 14.91 -41.11 -24.63
N ALA I 19 14.90 -40.49 -23.45
CA ALA I 19 14.02 -40.82 -22.30
C ALA I 19 13.40 -39.54 -21.72
N THR I 20 12.28 -39.66 -20.98
CA THR I 20 11.63 -38.52 -20.29
C THR I 20 11.03 -38.97 -18.96
N LEU I 21 11.85 -39.01 -17.91
CA LEU I 21 11.40 -39.28 -16.55
C LEU I 21 10.68 -38.07 -15.97
N SER I 22 9.77 -38.28 -15.03
CA SER I 22 8.90 -37.25 -14.47
C SER I 22 8.64 -37.48 -12.98
N CYS I 23 8.49 -36.41 -12.21
CA CYS I 23 8.18 -36.39 -10.78
C CYS I 23 7.21 -35.26 -10.41
N ARG I 24 6.35 -35.45 -9.42
CA ARG I 24 5.28 -34.51 -9.02
C ARG I 24 5.18 -34.31 -7.51
N ALA I 25 4.84 -33.08 -7.13
CA ALA I 25 4.22 -32.72 -5.84
C ALA I 25 3.39 -31.44 -5.99
N SER I 26 2.46 -31.16 -5.06
CA SER I 26 1.53 -30.01 -5.13
C SER I 26 2.16 -28.62 -4.89
N GLN I 27 3.48 -28.54 -4.85
CA GLN I 27 4.30 -27.36 -4.50
C GLN I 27 5.73 -27.58 -5.01
N SER I 28 6.59 -26.57 -4.98
CA SER I 28 8.00 -26.71 -5.39
C SER I 28 8.90 -25.78 -4.57
N ASN I 29 9.06 -24.52 -5.00
CA ASN I 29 9.64 -23.37 -4.27
C ASN I 29 11.14 -23.45 -3.92
N ASN I 30 11.66 -24.61 -3.49
CA ASN I 30 13.06 -24.83 -3.14
C ASN I 30 13.56 -26.10 -3.86
N TYR I 31 14.71 -26.02 -4.52
CA TYR I 31 15.02 -26.91 -5.64
C TYR I 31 15.05 -28.39 -5.25
N LEU I 32 14.28 -29.19 -5.99
CA LEU I 32 14.59 -30.60 -6.15
C LEU I 32 15.66 -30.78 -7.25
N ALA I 33 16.41 -31.86 -7.13
CA ALA I 33 17.47 -32.22 -8.05
C ALA I 33 17.35 -33.70 -8.41
N TRP I 34 17.71 -34.08 -9.64
CA TRP I 34 17.59 -35.46 -10.13
C TRP I 34 18.93 -36.18 -10.06
N TYR I 35 18.91 -37.40 -9.55
CA TYR I 35 20.10 -38.22 -9.30
C TYR I 35 19.98 -39.61 -9.93
N GLN I 36 21.03 -40.09 -10.58
CA GLN I 36 21.10 -41.40 -11.24
C GLN I 36 21.94 -42.39 -10.43
N GLN I 37 21.38 -43.56 -10.11
CA GLN I 37 22.10 -44.68 -9.51
C GLN I 37 22.22 -45.84 -10.51
N LYS I 38 23.45 -46.16 -10.93
CA LYS I 38 23.76 -47.44 -11.61
C LYS I 38 23.65 -48.60 -10.60
N PRO I 39 23.36 -49.83 -11.03
CA PRO I 39 23.20 -50.96 -10.12
C PRO I 39 24.48 -51.21 -9.32
N GLY I 40 24.33 -51.38 -8.00
CA GLY I 40 25.42 -51.63 -7.04
C GLY I 40 26.30 -50.41 -6.69
N GLN I 41 25.96 -49.20 -7.15
CA GLN I 41 26.87 -48.04 -7.13
C GLN I 41 26.22 -46.77 -6.57
N ALA I 42 27.02 -45.80 -6.17
CA ALA I 42 26.54 -44.54 -5.62
C ALA I 42 25.82 -43.67 -6.67
N PRO I 43 24.84 -42.84 -6.26
CA PRO I 43 24.24 -41.84 -7.12
C PRO I 43 25.23 -40.83 -7.74
N ARG I 44 24.76 -40.02 -8.70
CA ARG I 44 25.36 -38.74 -9.10
C ARG I 44 24.32 -37.73 -9.62
N LEU I 45 24.62 -36.44 -9.52
CA LEU I 45 23.73 -35.34 -9.96
C LEU I 45 23.61 -35.24 -11.49
N LEU I 46 22.39 -35.14 -12.00
CA LEU I 46 22.11 -34.78 -13.40
C LEU I 46 21.50 -33.38 -13.59
N ILE I 47 20.63 -32.92 -12.68
CA ILE I 47 19.75 -31.75 -12.90
C ILE I 47 19.35 -31.06 -11.58
N TYR I 48 19.03 -29.76 -11.63
CA TYR I 48 18.22 -29.02 -10.65
C TYR I 48 16.93 -28.55 -11.36
N GLY I 49 15.81 -28.46 -10.64
CA GLY I 49 14.54 -27.91 -11.14
C GLY I 49 14.11 -26.61 -10.44
N ALA I 50 12.79 -26.47 -10.21
CA ALA I 50 12.07 -25.36 -9.58
C ALA I 50 12.14 -23.99 -10.30
N SER I 51 13.28 -23.62 -10.88
CA SER I 51 13.45 -22.42 -11.74
C SER I 51 14.69 -22.44 -12.65
N ILE I 52 15.82 -23.02 -12.22
CA ILE I 52 17.14 -22.87 -12.87
C ILE I 52 17.94 -24.19 -12.89
N ARG I 53 18.67 -24.44 -13.98
CA ARG I 53 19.50 -25.66 -14.19
C ARG I 53 20.88 -25.59 -13.51
N ALA I 54 21.36 -26.77 -13.08
CA ALA I 54 22.76 -27.08 -12.78
C ALA I 54 23.10 -28.49 -13.33
N THR I 55 24.39 -28.81 -13.49
CA THR I 55 24.88 -30.15 -13.89
C THR I 55 26.32 -30.42 -13.43
N GLY I 56 26.72 -31.69 -13.32
CA GLY I 56 28.11 -32.10 -13.13
C GLY I 56 28.86 -32.41 -14.44
N ILE I 57 28.15 -32.68 -15.54
CA ILE I 57 28.67 -33.26 -16.79
C ILE I 57 28.05 -32.57 -18.03
N PRO I 58 28.75 -32.58 -19.19
CA PRO I 58 28.23 -32.12 -20.47
C PRO I 58 26.81 -32.59 -20.86
N ASP I 59 26.15 -31.77 -21.68
CA ASP I 59 24.69 -31.69 -21.77
C ASP I 59 24.01 -32.78 -22.64
N ARG I 60 24.39 -34.06 -22.48
CA ARG I 60 23.60 -35.17 -23.02
C ARG I 60 22.33 -35.44 -22.20
N PHE I 61 22.39 -35.26 -20.88
CA PHE I 61 21.21 -35.31 -19.99
C PHE I 61 20.85 -33.91 -19.48
N SER I 62 19.55 -33.58 -19.55
CA SER I 62 18.99 -32.25 -19.27
C SER I 62 17.49 -32.35 -18.93
N GLY I 63 16.91 -31.32 -18.31
CA GLY I 63 15.57 -31.41 -17.72
C GLY I 63 14.98 -30.06 -17.30
N SER I 64 13.68 -30.06 -17.04
CA SER I 64 12.86 -28.86 -16.77
C SER I 64 11.57 -29.24 -16.04
N GLY I 65 10.85 -28.26 -15.50
CA GLY I 65 9.55 -28.46 -14.84
C GLY I 65 8.51 -27.40 -15.22
N SER I 66 7.24 -27.74 -14.99
CA SER I 66 6.08 -26.85 -15.18
C SER I 66 5.02 -27.12 -14.11
N GLY I 67 4.50 -26.06 -13.49
CA GLY I 67 3.49 -26.16 -12.42
C GLY I 67 3.95 -27.06 -11.27
N THR I 68 3.29 -28.20 -11.11
CA THR I 68 3.53 -29.22 -10.09
C THR I 68 4.59 -30.28 -10.45
N ASP I 69 5.03 -30.35 -11.71
CA ASP I 69 5.78 -31.48 -12.24
C ASP I 69 7.17 -31.11 -12.76
N PHE I 70 8.11 -32.04 -12.61
CA PHE I 70 9.54 -31.85 -12.82
C PHE I 70 10.10 -33.06 -13.59
N THR I 71 10.98 -32.85 -14.57
CA THR I 71 11.36 -33.92 -15.52
C THR I 71 12.87 -34.02 -15.72
N LEU I 72 13.33 -35.20 -16.14
CA LEU I 72 14.72 -35.48 -16.52
C LEU I 72 14.73 -36.25 -17.84
N THR I 73 15.54 -35.81 -18.79
CA THR I 73 15.71 -36.44 -20.11
C THR I 73 17.16 -36.84 -20.33
N ILE I 74 17.37 -37.91 -21.08
CA ILE I 74 18.71 -38.41 -21.45
C ILE I 74 18.73 -38.54 -22.97
N SER I 75 19.81 -38.04 -23.59
CA SER I 75 20.03 -38.09 -25.04
C SER I 75 21.04 -39.20 -25.38
N ARG I 76 20.74 -39.97 -26.43
CA ARG I 76 21.57 -41.06 -26.98
C ARG I 76 22.00 -42.06 -25.91
N LEU I 77 21.04 -42.60 -25.16
CA LEU I 77 21.25 -43.43 -23.96
C LEU I 77 21.76 -44.87 -24.22
N ALA I 78 22.64 -45.03 -25.21
CA ALA I 78 23.35 -46.26 -25.51
C ALA I 78 24.33 -46.76 -24.42
N PRO I 79 25.03 -45.90 -23.65
CA PRO I 79 25.96 -46.32 -22.60
C PRO I 79 25.33 -47.12 -21.45
N GLU I 80 26.06 -47.21 -20.34
CA GLU I 80 25.71 -47.87 -19.07
C GLU I 80 24.51 -47.23 -18.31
N ASP I 81 23.55 -46.66 -19.03
CA ASP I 81 22.36 -45.97 -18.52
C ASP I 81 21.25 -46.93 -18.00
N PHE I 82 21.56 -48.20 -17.73
CA PHE I 82 20.72 -49.04 -16.87
C PHE I 82 20.85 -48.48 -15.45
N ALA I 83 19.79 -47.85 -14.95
CA ALA I 83 19.85 -47.14 -13.68
C ALA I 83 18.46 -46.89 -13.08
N VAL I 84 18.46 -46.59 -11.77
CA VAL I 84 17.31 -46.10 -11.02
C VAL I 84 17.53 -44.64 -10.62
N TYR I 85 16.48 -43.84 -10.69
CA TYR I 85 16.55 -42.38 -10.64
C TYR I 85 15.69 -41.83 -9.50
N TYR I 86 16.20 -40.86 -8.76
CA TYR I 86 15.56 -40.28 -7.57
C TYR I 86 15.65 -38.75 -7.57
N CYS I 87 14.88 -38.09 -6.70
CA CYS I 87 14.98 -36.65 -6.40
C CYS I 87 14.50 -36.32 -4.99
N GLN I 88 14.91 -35.19 -4.38
CA GLN I 88 14.59 -34.81 -2.98
C GLN I 88 14.55 -33.27 -2.77
N GLN I 89 13.78 -32.78 -1.78
CA GLN I 89 13.83 -31.38 -1.30
C GLN I 89 13.92 -31.16 0.25
N TYR I 90 14.48 -32.13 0.97
CA TYR I 90 15.22 -32.04 2.26
C TYR I 90 14.56 -31.50 3.56
N GLY I 91 13.67 -30.50 3.52
CA GLY I 91 13.47 -29.57 4.65
C GLY I 91 12.31 -29.83 5.63
N SER I 92 12.43 -29.28 6.84
CA SER I 92 11.37 -29.22 7.88
C SER I 92 10.73 -30.58 8.24
N SER I 93 9.46 -30.64 8.66
CA SER I 93 8.73 -31.91 8.83
C SER I 93 8.57 -32.60 7.47
N PRO I 94 8.55 -33.95 7.37
CA PRO I 94 9.00 -34.70 6.19
C PRO I 94 8.59 -34.24 4.79
N LEU I 95 9.54 -34.34 3.85
CA LEU I 95 9.37 -34.15 2.40
C LEU I 95 10.00 -35.30 1.59
N THR I 96 11.22 -35.74 1.95
CA THR I 96 11.88 -37.02 1.56
C THR I 96 12.24 -37.18 0.06
N PHE I 97 12.84 -38.32 -0.31
CA PHE I 97 13.13 -38.72 -1.69
C PHE I 97 11.90 -39.26 -2.45
N GLY I 98 11.94 -39.19 -3.79
CA GLY I 98 11.08 -39.99 -4.68
C GLY I 98 11.33 -41.50 -4.56
N PRO I 99 10.45 -42.35 -5.14
CA PRO I 99 10.49 -43.81 -4.91
C PRO I 99 11.59 -44.57 -5.64
N GLY I 100 12.08 -44.06 -6.78
CA GLY I 100 13.06 -44.75 -7.64
C GLY I 100 12.44 -45.28 -8.93
N THR I 101 12.37 -44.43 -9.96
CA THR I 101 12.03 -44.84 -11.33
C THR I 101 13.21 -45.53 -12.00
N LYS I 102 13.04 -46.75 -12.50
CA LYS I 102 14.11 -47.55 -13.13
C LYS I 102 13.91 -47.71 -14.64
N VAL I 103 14.96 -47.47 -15.42
CA VAL I 103 14.98 -47.63 -16.88
C VAL I 103 16.21 -48.43 -17.34
N ASP I 104 16.05 -49.25 -18.39
CA ASP I 104 17.05 -50.22 -18.85
C ASP I 104 17.17 -50.30 -20.39
N ILE I 105 18.29 -50.89 -20.86
CA ILE I 105 18.85 -50.73 -22.22
C ILE I 105 18.42 -51.77 -23.27
N LYS I 106 17.39 -52.59 -22.96
CA LYS I 106 16.74 -53.60 -23.84
C LYS I 106 17.75 -54.53 -24.55
N ARG I 107 18.25 -55.50 -23.76
CA ARG I 107 19.08 -56.62 -24.23
C ARG I 107 18.37 -57.44 -25.33
N THR I 108 19.11 -58.18 -26.13
CA THR I 108 18.57 -59.22 -27.03
C THR I 108 17.79 -60.28 -26.25
N VAL I 109 16.64 -60.73 -26.77
CA VAL I 109 15.69 -61.61 -26.05
C VAL I 109 16.24 -63.04 -25.93
N ALA I 110 16.22 -63.60 -24.72
CA ALA I 110 16.62 -64.99 -24.44
C ALA I 110 15.87 -65.58 -23.23
N ALA I 111 15.72 -66.90 -23.20
CA ALA I 111 15.17 -67.63 -22.06
C ALA I 111 16.13 -67.66 -20.85
N PRO I 112 15.63 -67.87 -19.61
CA PRO I 112 16.45 -67.96 -18.40
C PRO I 112 17.67 -68.88 -18.52
N SER I 113 18.87 -68.29 -18.43
CA SER I 113 20.17 -68.97 -18.58
C SER I 113 20.64 -69.65 -17.27
N VAL I 114 19.74 -70.33 -16.57
CA VAL I 114 19.94 -70.80 -15.18
C VAL I 114 20.97 -71.91 -15.04
N PHE I 115 21.40 -72.16 -13.80
CA PHE I 115 22.50 -73.08 -13.46
C PHE I 115 22.16 -73.97 -12.25
N ILE I 116 22.94 -75.05 -12.13
CA ILE I 116 22.98 -75.98 -10.99
C ILE I 116 24.42 -76.54 -10.88
N PHE I 117 24.89 -76.87 -9.68
CA PHE I 117 26.30 -77.21 -9.43
C PHE I 117 26.45 -78.21 -8.26
N PRO I 118 27.43 -79.15 -8.29
CA PRO I 118 27.60 -80.16 -7.24
C PRO I 118 28.06 -79.61 -5.87
N PRO I 119 27.67 -80.27 -4.76
CA PRO I 119 27.99 -79.87 -3.39
C PRO I 119 29.30 -80.52 -2.86
N SER I 120 29.44 -80.74 -1.55
CA SER I 120 30.66 -81.28 -0.88
C SER I 120 30.99 -82.76 -1.16
N ASP I 121 30.36 -83.37 -2.16
CA ASP I 121 30.65 -84.71 -2.69
C ASP I 121 30.76 -85.84 -1.64
N GLU I 122 31.99 -86.23 -1.27
CA GLU I 122 32.27 -87.51 -0.60
C GLU I 122 31.80 -87.57 0.86
N GLN I 123 31.96 -86.50 1.63
CA GLN I 123 31.70 -86.54 3.08
C GLN I 123 30.20 -86.37 3.42
N LEU I 124 29.73 -87.10 4.44
CA LEU I 124 28.32 -87.21 4.82
C LEU I 124 28.11 -86.98 6.33
N LYS I 125 28.80 -86.01 6.94
CA LYS I 125 28.60 -85.65 8.36
C LYS I 125 27.26 -84.94 8.57
N SER I 126 27.04 -83.82 7.88
CA SER I 126 25.74 -83.11 7.77
C SER I 126 25.79 -82.08 6.63
N GLY I 127 24.63 -81.67 6.10
CA GLY I 127 24.49 -80.51 5.20
C GLY I 127 25.11 -80.61 3.80
N THR I 128 25.85 -81.68 3.49
CA THR I 128 26.63 -81.83 2.24
C THR I 128 25.81 -82.09 0.97
N ALA I 129 24.48 -82.09 1.04
CA ALA I 129 23.59 -82.10 -0.13
C ALA I 129 23.44 -80.72 -0.84
N SER I 130 23.96 -79.64 -0.24
CA SER I 130 23.62 -78.23 -0.53
C SER I 130 24.03 -77.70 -1.93
N VAL I 131 23.36 -78.17 -2.99
CA VAL I 131 23.37 -77.54 -4.32
C VAL I 131 22.61 -76.22 -4.34
N VAL I 132 22.80 -75.40 -5.38
CA VAL I 132 22.24 -74.04 -5.49
C VAL I 132 21.55 -73.81 -6.83
N CYS I 133 20.37 -73.18 -6.83
CA CYS I 133 19.76 -72.58 -8.01
C CYS I 133 20.07 -71.09 -8.06
N LEU I 134 20.42 -70.60 -9.25
CA LEU I 134 20.63 -69.19 -9.54
C LEU I 134 19.74 -68.75 -10.71
N LEU I 135 19.06 -67.61 -10.52
CA LEU I 135 18.49 -66.83 -11.62
C LEU I 135 19.62 -66.09 -12.35
N ASN I 136 19.59 -66.00 -13.69
CA ASN I 136 20.63 -65.35 -14.50
C ASN I 136 20.09 -64.83 -15.85
N ASN I 137 20.73 -63.77 -16.37
CA ASN I 137 20.66 -63.20 -17.73
C ASN I 137 19.30 -62.71 -18.28
N PHE I 138 18.15 -63.28 -17.92
CA PHE I 138 16.84 -62.93 -18.50
C PHE I 138 16.31 -61.56 -18.02
N TYR I 139 15.40 -60.96 -18.80
CA TYR I 139 14.69 -59.71 -18.50
C TYR I 139 13.30 -59.70 -19.17
N PRO I 140 12.32 -58.89 -18.70
CA PRO I 140 12.30 -58.18 -17.42
C PRO I 140 11.97 -59.10 -16.23
N ARG I 141 12.03 -58.59 -14.99
CA ARG I 141 11.82 -59.40 -13.77
C ARG I 141 10.36 -59.54 -13.35
N GLU I 142 9.60 -60.28 -14.15
CA GLU I 142 8.31 -60.83 -13.71
C GLU I 142 8.45 -62.17 -12.94
N ALA I 143 9.65 -62.48 -12.42
CA ALA I 143 10.07 -63.83 -12.05
C ALA I 143 10.03 -64.20 -10.55
N LYS I 144 10.00 -65.51 -10.31
CA LYS I 144 10.01 -66.25 -9.03
C LYS I 144 10.77 -67.58 -9.17
N VAL I 145 11.28 -68.12 -8.07
CA VAL I 145 11.97 -69.44 -8.01
C VAL I 145 11.00 -70.61 -8.14
N GLN I 146 11.45 -71.72 -8.76
CA GLN I 146 10.80 -73.04 -8.69
C GLN I 146 11.86 -74.17 -8.66
N TRP I 147 11.50 -75.34 -8.12
CA TRP I 147 12.39 -76.50 -7.99
C TRP I 147 11.70 -77.81 -8.38
N LYS I 148 12.45 -78.73 -9.02
CA LYS I 148 12.04 -80.09 -9.37
C LYS I 148 13.07 -81.10 -8.81
N VAL I 149 12.96 -81.39 -7.51
CA VAL I 149 13.91 -82.18 -6.70
C VAL I 149 13.12 -83.05 -5.72
N ASP I 150 13.71 -84.15 -5.21
CA ASP I 150 12.96 -85.29 -4.66
C ASP I 150 11.92 -85.84 -5.66
N ASN I 151 12.20 -85.68 -6.96
CA ASN I 151 11.36 -86.09 -8.10
C ASN I 151 9.97 -85.41 -8.15
N ALA I 152 9.80 -84.28 -7.46
CA ALA I 152 8.54 -83.56 -7.33
C ALA I 152 8.72 -82.02 -7.36
N LEU I 153 7.61 -81.30 -7.47
CA LEU I 153 7.58 -79.85 -7.27
C LEU I 153 7.95 -79.50 -5.82
N GLN I 154 9.08 -78.84 -5.60
CA GLN I 154 9.55 -78.45 -4.27
C GLN I 154 9.35 -76.96 -3.98
N SER I 155 8.93 -76.64 -2.76
CA SER I 155 9.14 -75.36 -2.11
C SER I 155 9.30 -75.56 -0.59
N GLY I 156 10.01 -74.66 0.07
CA GLY I 156 10.52 -74.86 1.43
C GLY I 156 11.78 -75.74 1.47
N ASN I 157 12.32 -75.94 2.67
CA ASN I 157 13.56 -76.71 2.92
C ASN I 157 14.74 -76.23 2.06
N SER I 158 14.98 -74.91 2.09
CA SER I 158 16.05 -74.23 1.36
C SER I 158 16.59 -73.03 2.16
N GLN I 159 17.84 -72.65 1.94
CA GLN I 159 18.48 -71.46 2.48
C GLN I 159 18.57 -70.41 1.37
N GLU I 160 18.05 -69.20 1.63
CA GLU I 160 17.60 -68.28 0.57
C GLU I 160 18.16 -66.86 0.77
N SER I 161 18.65 -66.23 -0.32
CA SER I 161 19.00 -64.80 -0.41
C SER I 161 19.39 -64.40 -1.84
N VAL I 162 19.23 -63.10 -2.16
CA VAL I 162 19.61 -62.50 -3.45
C VAL I 162 21.13 -62.31 -3.59
N THR I 163 21.60 -62.16 -4.83
CA THR I 163 23.01 -61.89 -5.22
C THR I 163 23.05 -60.91 -6.40
N GLU I 164 24.20 -60.28 -6.66
CA GLU I 164 24.28 -59.13 -7.58
C GLU I 164 23.98 -59.49 -9.05
N GLN I 165 23.81 -58.45 -9.88
CA GLN I 165 23.54 -58.59 -11.30
C GLN I 165 24.72 -59.17 -12.11
N ASP I 166 24.39 -59.84 -13.21
CA ASP I 166 25.33 -60.46 -14.14
C ASP I 166 26.11 -59.40 -14.94
N SER I 167 27.33 -59.08 -14.52
CA SER I 167 28.09 -57.87 -14.92
C SER I 167 28.25 -57.67 -16.43
N LYS I 168 28.88 -58.62 -17.15
CA LYS I 168 29.06 -58.60 -18.62
C LYS I 168 27.80 -58.98 -19.41
N ASP I 169 26.63 -59.03 -18.77
CA ASP I 169 25.35 -59.42 -19.36
C ASP I 169 24.26 -58.35 -19.13
N SER I 170 23.37 -58.47 -18.11
CA SER I 170 22.26 -57.53 -17.93
C SER I 170 21.58 -57.48 -16.55
N THR I 171 21.37 -58.60 -15.85
CA THR I 171 20.33 -58.69 -14.79
C THR I 171 20.70 -59.51 -13.55
N TYR I 172 19.93 -59.30 -12.47
CA TYR I 172 19.92 -59.89 -11.12
C TYR I 172 20.14 -61.40 -10.99
N SER I 173 20.53 -61.84 -9.78
CA SER I 173 20.73 -63.24 -9.41
C SER I 173 20.30 -63.53 -7.95
N LEU I 174 20.31 -64.81 -7.56
CA LEU I 174 20.10 -65.27 -6.18
C LEU I 174 20.83 -66.60 -5.94
N SER I 175 20.92 -67.06 -4.69
CA SER I 175 21.59 -68.30 -4.29
C SER I 175 20.69 -69.24 -3.47
N SER I 176 19.55 -69.66 -4.06
CA SER I 176 18.61 -70.61 -3.45
C SER I 176 19.31 -71.95 -3.21
N THR I 177 19.55 -72.30 -1.95
CA THR I 177 20.43 -73.41 -1.57
C THR I 177 19.64 -74.55 -0.94
N LEU I 178 19.65 -75.74 -1.55
CA LEU I 178 18.92 -76.90 -1.04
C LEU I 178 19.60 -77.56 0.17
N THR I 179 19.42 -76.97 1.35
CA THR I 179 19.92 -77.45 2.65
C THR I 179 19.16 -78.70 3.15
N LEU I 180 19.22 -79.77 2.35
CA LEU I 180 18.74 -81.10 2.69
C LEU I 180 19.72 -81.83 3.63
N SER I 181 19.22 -82.80 4.39
CA SER I 181 19.81 -83.20 5.69
C SER I 181 21.26 -83.73 5.68
N LYS I 182 21.55 -84.80 4.91
CA LYS I 182 22.81 -85.56 4.99
C LYS I 182 23.06 -86.41 3.73
N ALA I 183 22.37 -87.55 3.61
CA ALA I 183 22.52 -88.50 2.50
C ALA I 183 21.84 -88.04 1.18
N ASP I 184 21.08 -86.94 1.23
CA ASP I 184 20.24 -86.42 0.16
C ASP I 184 21.00 -85.98 -1.10
N TYR I 185 22.34 -85.84 -1.02
CA TYR I 185 23.24 -85.72 -2.18
C TYR I 185 23.11 -86.89 -3.16
N GLU I 186 22.82 -88.11 -2.66
CA GLU I 186 22.85 -89.35 -3.45
C GLU I 186 21.58 -90.22 -3.29
N LYS I 187 20.57 -89.80 -2.50
CA LYS I 187 19.24 -90.44 -2.49
C LYS I 187 18.57 -90.38 -3.86
N HIS I 188 18.49 -89.17 -4.43
CA HIS I 188 17.76 -88.86 -5.66
C HIS I 188 18.75 -88.51 -6.76
N LYS I 189 18.71 -89.23 -7.88
CA LYS I 189 19.76 -89.16 -8.91
C LYS I 189 19.67 -87.91 -9.79
N VAL I 190 18.51 -87.24 -9.81
CA VAL I 190 18.25 -86.00 -10.56
C VAL I 190 18.07 -84.79 -9.63
N TYR I 191 18.74 -83.69 -9.95
CA TYR I 191 18.36 -82.32 -9.53
C TYR I 191 17.93 -81.52 -10.76
N ALA I 192 16.83 -80.77 -10.70
CA ALA I 192 16.49 -79.76 -11.73
C ALA I 192 15.95 -78.45 -11.12
N CYS I 193 16.51 -77.32 -11.55
CA CYS I 193 16.11 -75.96 -11.14
C CYS I 193 15.17 -75.31 -12.17
N GLU I 194 14.26 -74.44 -11.74
CA GLU I 194 13.24 -73.83 -12.61
C GLU I 194 12.93 -72.35 -12.31
N VAL I 195 12.44 -71.63 -13.33
CA VAL I 195 11.92 -70.26 -13.20
C VAL I 195 10.41 -70.23 -13.43
N THR I 196 9.67 -69.55 -12.56
CA THR I 196 8.28 -69.11 -12.84
C THR I 196 8.32 -67.63 -13.19
N HIS I 197 7.67 -67.19 -14.26
CA HIS I 197 7.82 -65.81 -14.77
C HIS I 197 6.52 -65.36 -15.45
N GLN I 198 5.89 -64.30 -14.94
CA GLN I 198 4.53 -63.92 -15.38
C GLN I 198 4.46 -63.32 -16.80
N GLY I 199 5.61 -63.02 -17.43
CA GLY I 199 5.70 -62.73 -18.86
C GLY I 199 5.80 -64.01 -19.73
N LEU I 200 6.62 -64.99 -19.32
CA LEU I 200 6.72 -66.30 -20.00
C LEU I 200 5.48 -67.19 -19.78
N SER I 201 4.78 -67.01 -18.65
CA SER I 201 3.63 -67.81 -18.19
C SER I 201 3.87 -69.33 -18.17
N SER I 202 5.13 -69.76 -18.09
CA SER I 202 5.58 -71.14 -18.26
C SER I 202 6.98 -71.36 -17.64
N PRO I 203 7.36 -72.62 -17.33
CA PRO I 203 8.67 -72.93 -16.78
C PRO I 203 9.79 -72.97 -17.84
N VAL I 204 11.02 -72.69 -17.39
CA VAL I 204 12.28 -73.01 -18.10
C VAL I 204 13.24 -73.63 -17.07
N THR I 205 14.07 -74.59 -17.48
CA THR I 205 14.83 -75.46 -16.56
C THR I 205 16.24 -75.81 -17.05
N LYS I 206 17.13 -76.18 -16.12
CA LYS I 206 18.40 -76.91 -16.34
C LYS I 206 18.59 -77.96 -15.24
N SER I 207 19.43 -78.96 -15.50
CA SER I 207 19.63 -80.15 -14.66
C SER I 207 21.05 -80.72 -14.86
N PHE I 208 21.58 -81.49 -13.91
CA PHE I 208 22.91 -82.11 -13.99
C PHE I 208 22.92 -83.53 -13.40
N ASN I 209 24.02 -84.26 -13.62
CA ASN I 209 24.33 -85.50 -12.91
C ASN I 209 25.81 -85.51 -12.46
N ARG I 210 26.16 -86.39 -11.53
CA ARG I 210 27.45 -86.35 -10.83
C ARG I 210 28.57 -86.80 -11.76
N GLY I 211 29.50 -85.89 -12.06
CA GLY I 211 30.52 -86.06 -13.12
C GLY I 211 30.18 -85.42 -14.48
N GLU I 212 29.05 -84.70 -14.60
CA GLU I 212 28.63 -83.96 -15.81
C GLU I 212 27.94 -82.60 -15.49
N TYR J 1 27.45 67.87 6.65
CA TYR J 1 26.11 68.13 6.08
C TYR J 1 25.16 66.99 6.42
N GLU J 2 24.15 67.27 7.25
CA GLU J 2 23.16 66.30 7.73
C GLU J 2 21.98 66.15 6.76
N HIS J 3 21.96 65.05 6.02
CA HIS J 3 20.77 64.61 5.27
C HIS J 3 19.86 63.77 6.18
N VAL J 4 18.54 63.87 6.01
CA VAL J 4 17.56 63.14 6.81
C VAL J 4 16.48 62.54 5.91
N THR J 5 16.12 61.28 6.14
CA THR J 5 15.14 60.56 5.31
C THR J 5 14.47 59.44 6.09
N VAL J 6 13.37 58.92 5.56
CA VAL J 6 12.65 57.78 6.13
C VAL J 6 12.71 56.62 5.15
N ILE J 7 13.23 55.47 5.58
CA ILE J 7 13.13 54.20 4.86
C ILE J 7 12.01 53.36 5.48
N PRO J 8 11.20 52.62 4.70
CA PRO J 8 10.31 51.61 5.26
C PRO J 8 11.05 50.65 6.19
N ASN J 9 10.39 50.08 7.19
CA ASN J 9 11.05 49.17 8.14
C ASN J 9 11.30 47.77 7.56
N THR J 10 11.00 47.55 6.28
CA THR J 10 11.18 46.26 5.60
C THR J 10 12.65 45.90 5.48
N VAL J 11 13.09 44.84 6.14
CA VAL J 11 14.44 44.29 6.03
C VAL J 11 14.65 43.62 4.68
N GLY J 12 15.86 43.66 4.15
CA GLY J 12 16.21 42.96 2.90
C GLY J 12 15.73 43.64 1.62
N VAL J 13 15.22 44.87 1.69
CA VAL J 13 14.93 45.70 0.51
C VAL J 13 15.88 46.89 0.53
N PRO J 14 16.68 47.13 -0.52
CA PRO J 14 17.51 48.33 -0.60
C PRO J 14 16.68 49.52 -1.06
N TYR J 15 16.86 50.68 -0.42
CA TYR J 15 16.19 51.93 -0.73
C TYR J 15 17.17 52.99 -1.18
N LYS J 16 16.74 53.83 -2.12
CA LYS J 16 17.56 54.87 -2.76
C LYS J 16 17.11 56.25 -2.27
N THR J 17 18.04 57.07 -1.80
CA THR J 17 17.75 58.44 -1.34
C THR J 17 18.69 59.46 -1.96
N LEU J 18 18.15 60.62 -2.34
CA LEU J 18 18.85 61.66 -3.08
C LEU J 18 19.26 62.81 -2.16
N VAL J 19 20.57 63.02 -2.03
CA VAL J 19 21.21 64.06 -1.23
C VAL J 19 21.42 65.30 -2.11
N ASN J 20 20.35 66.03 -2.41
CA ASN J 20 20.40 67.17 -3.34
C ASN J 20 20.90 68.46 -2.65
N ARG J 21 22.18 68.48 -2.22
CA ARG J 21 22.75 69.64 -1.54
C ARG J 21 22.78 70.89 -2.44
N PRO J 22 22.35 72.07 -1.95
CA PRO J 22 22.40 73.30 -2.73
C PRO J 22 23.79 73.63 -3.27
N GLY J 23 23.90 73.91 -4.57
CA GLY J 23 25.15 74.37 -5.20
C GLY J 23 26.24 73.30 -5.43
N TYR J 24 25.94 72.02 -5.20
CA TYR J 24 26.85 70.90 -5.41
C TYR J 24 26.22 69.86 -6.35
N SER J 25 27.05 69.02 -6.99
CA SER J 25 26.52 67.90 -7.77
C SER J 25 25.75 66.95 -6.84
N PRO J 26 24.60 66.40 -7.28
CA PRO J 26 23.77 65.57 -6.42
C PRO J 26 24.47 64.26 -6.09
N MET J 27 24.17 63.75 -4.91
CA MET J 27 24.76 62.54 -4.34
C MET J 27 23.62 61.56 -4.04
N VAL J 28 23.82 60.25 -4.24
CA VAL J 28 22.77 59.24 -4.04
C VAL J 28 23.28 58.12 -3.16
N LEU J 29 22.51 57.78 -2.13
CA LEU J 29 22.81 56.71 -1.20
C LEU J 29 21.84 55.56 -1.43
N GLU J 30 22.35 54.36 -1.66
CA GLU J 30 21.58 53.15 -1.41
C GLU J 30 21.78 52.75 0.04
N MET J 31 20.70 52.39 0.72
CA MET J 31 20.76 51.85 2.07
C MET J 31 19.75 50.73 2.27
N GLU J 32 20.16 49.68 2.98
CA GLU J 32 19.37 48.47 3.21
C GLU J 32 19.42 48.11 4.69
N LEU J 33 18.27 47.85 5.32
CA LEU J 33 18.23 47.26 6.64
C LEU J 33 18.59 45.79 6.51
N LEU J 34 19.67 45.35 7.17
CA LEU J 34 20.09 43.96 7.19
C LEU J 34 19.39 43.15 8.27
N SER J 35 19.10 43.79 9.41
CA SER J 35 18.27 43.22 10.47
C SER J 35 17.85 44.30 11.45
N VAL J 36 16.57 44.33 11.83
CA VAL J 36 16.05 45.19 12.91
C VAL J 36 15.63 44.30 14.07
N THR J 37 16.16 44.57 15.25
CA THR J 37 15.98 43.73 16.44
C THR J 37 15.24 44.49 17.52
N LEU J 38 14.14 43.98 18.05
CA LEU J 38 13.46 44.56 19.21
C LEU J 38 13.71 43.65 20.39
N GLU J 39 14.32 44.15 21.45
CA GLU J 39 14.64 43.35 22.62
C GLU J 39 13.89 43.90 23.84
N PRO J 40 12.87 43.20 24.38
CA PRO J 40 12.15 43.67 25.54
C PRO J 40 13.00 43.61 26.81
N THR J 41 12.69 44.49 27.75
CA THR J 41 13.23 44.47 29.11
C THR J 41 12.49 43.42 29.92
N LEU J 42 13.18 42.43 30.48
CA LEU J 42 12.57 41.25 31.09
C LEU J 42 12.75 41.25 32.60
N SER J 43 11.65 41.16 33.35
CA SER J 43 11.65 40.87 34.80
C SER J 43 11.09 39.50 35.06
N LEU J 44 11.82 38.62 35.73
CA LEU J 44 11.37 37.26 35.99
C LEU J 44 10.34 37.25 37.13
N ASP J 45 9.10 36.86 36.86
CA ASP J 45 8.12 36.64 37.93
C ASP J 45 8.40 35.33 38.65
N TYR J 46 8.49 34.20 37.95
CA TYR J 46 8.84 32.91 38.54
C TYR J 46 9.26 31.86 37.52
N ILE J 47 9.85 30.79 38.02
CA ILE J 47 10.09 29.52 37.34
C ILE J 47 8.92 28.59 37.57
N THR J 48 8.56 27.75 36.60
CA THR J 48 7.81 26.51 36.83
C THR J 48 8.57 25.35 36.26
N CYS J 49 8.32 24.16 36.78
CA CYS J 49 9.10 22.97 36.52
C CYS J 49 8.32 21.73 36.98
N GLU J 50 8.79 20.52 36.72
CA GLU J 50 8.12 19.34 37.26
C GLU J 50 8.36 19.20 38.77
N TYR J 51 7.31 19.02 39.58
CA TYR J 51 7.47 18.73 41.00
C TYR J 51 7.83 17.27 41.23
N LYS J 52 8.52 16.96 42.33
CA LYS J 52 8.61 15.60 42.88
C LYS J 52 7.79 15.54 44.14
N THR J 53 6.98 14.52 44.35
CA THR J 53 6.29 14.34 45.63
C THR J 53 7.13 13.43 46.50
N VAL J 54 7.40 13.86 47.73
CA VAL J 54 8.30 13.19 48.67
C VAL J 54 7.46 12.47 49.69
N ILE J 55 7.69 11.18 49.86
CA ILE J 55 6.89 10.33 50.74
C ILE J 55 7.86 9.46 51.53
N PRO J 56 8.17 9.80 52.79
CA PRO J 56 9.01 8.95 53.61
C PRO J 56 8.26 7.69 54.01
N SER J 57 8.95 6.69 54.53
CA SER J 57 8.32 5.44 54.97
C SER J 57 7.16 5.72 55.92
N PRO J 58 5.99 5.11 55.76
CA PRO J 58 4.86 5.37 56.64
C PRO J 58 5.17 4.83 58.02
N TYR J 59 4.81 5.59 59.05
CA TYR J 59 4.97 5.12 60.41
C TYR J 59 3.74 4.32 60.81
N VAL J 60 3.87 3.01 60.86
CA VAL J 60 2.81 2.15 61.41
C VAL J 60 3.08 1.92 62.88
N LYS J 61 2.25 2.56 63.72
CA LYS J 61 2.19 2.36 65.15
C LYS J 61 1.39 1.10 65.41
N CYS J 62 2.05 0.04 65.86
CA CYS J 62 1.33 -1.13 66.36
C CYS J 62 0.63 -0.79 67.69
N CYS J 63 -0.50 -1.43 67.96
CA CYS J 63 -1.15 -1.42 69.28
C CYS J 63 -1.57 -0.03 69.82
N GLY J 64 -1.79 0.99 68.98
CA GLY J 64 -2.24 2.31 69.44
C GLY J 64 -2.31 3.37 68.34
N THR J 65 -2.64 4.61 68.70
CA THR J 65 -2.75 5.73 67.75
C THR J 65 -1.47 6.55 67.71
N ALA J 66 -0.91 6.71 66.51
CA ALA J 66 -0.07 7.86 66.17
C ALA J 66 -0.93 9.13 66.03
N GLU J 67 -0.32 10.31 65.92
CA GLU J 67 -1.06 11.56 65.66
C GLU J 67 -0.31 12.50 64.71
N CYS J 68 -1.04 13.31 63.94
CA CYS J 68 -0.46 14.27 63.01
C CYS J 68 0.22 15.43 63.73
N LYS J 69 1.45 15.78 63.33
CA LYS J 69 2.07 17.07 63.66
C LYS J 69 2.23 17.89 62.38
N ASP J 70 1.57 19.04 62.33
CA ASP J 70 1.65 19.94 61.18
C ASP J 70 3.06 20.52 60.99
N LYS J 71 3.47 20.75 59.75
CA LYS J 71 4.78 21.32 59.39
C LYS J 71 4.72 22.13 58.09
N SER J 72 5.68 23.02 57.89
CA SER J 72 5.60 24.12 56.91
C SER J 72 6.03 23.76 55.48
N LEU J 73 6.15 22.47 55.15
CA LEU J 73 6.63 21.99 53.86
C LEU J 73 5.63 22.27 52.71
N PRO J 74 6.06 22.37 51.44
CA PRO J 74 5.36 23.14 50.42
C PRO J 74 3.91 22.78 50.10
N ASP J 75 3.51 21.51 50.17
CA ASP J 75 2.10 21.11 50.04
C ASP J 75 1.83 19.97 51.02
N TYR J 76 2.30 20.15 52.26
CA TYR J 76 2.30 19.09 53.26
C TYR J 76 0.91 18.57 53.52
N SER J 77 0.73 17.27 53.46
CA SER J 77 -0.53 16.59 53.74
C SER J 77 -0.25 15.35 54.54
N CYS J 78 -1.09 15.06 55.50
CA CYS J 78 -0.85 14.03 56.49
C CYS J 78 -2.16 13.42 56.98
N LYS J 79 -2.16 12.14 57.33
CA LYS J 79 -3.37 11.40 57.69
C LYS J 79 -3.01 10.27 58.65
N VAL J 80 -3.92 9.90 59.53
CA VAL J 80 -3.79 8.70 60.36
C VAL J 80 -4.91 7.72 60.04
N PHE J 81 -4.58 6.53 59.58
CA PHE J 81 -5.54 5.47 59.28
C PHE J 81 -5.57 4.46 60.41
N THR J 82 -6.74 4.12 60.91
CA THR J 82 -6.92 3.24 62.07
C THR J 82 -7.49 1.88 61.69
N GLY J 83 -7.01 0.82 62.32
CA GLY J 83 -7.41 -0.56 62.00
C GLY J 83 -6.62 -1.21 60.87
N VAL J 84 -5.41 -0.73 60.57
CA VAL J 84 -4.50 -1.42 59.63
C VAL J 84 -3.95 -2.71 60.23
N TYR J 85 -3.54 -3.66 59.40
CA TYR J 85 -2.82 -4.86 59.83
C TYR J 85 -1.89 -5.34 58.71
N PRO J 86 -0.75 -4.66 58.52
CA PRO J 86 0.13 -4.92 57.38
C PRO J 86 1.02 -6.15 57.54
N PHE J 87 1.28 -6.85 56.44
CA PHE J 87 2.22 -7.96 56.38
C PHE J 87 3.50 -7.54 55.66
N MET J 88 4.64 -7.75 56.29
CA MET J 88 5.94 -7.76 55.62
C MET J 88 6.09 -9.06 54.82
N TRP J 89 7.25 -9.33 54.25
CA TRP J 89 7.46 -10.60 53.54
C TRP J 89 7.38 -11.83 54.45
N GLY J 90 7.82 -11.71 55.70
CA GLY J 90 7.91 -12.85 56.64
C GLY J 90 6.72 -13.04 57.58
N GLY J 91 5.84 -12.06 57.71
CA GLY J 91 4.69 -12.11 58.63
C GLY J 91 4.14 -10.74 58.98
N ALA J 92 3.15 -10.70 59.87
CA ALA J 92 2.51 -9.45 60.27
C ALA J 92 3.48 -8.53 61.01
N TYR J 93 3.46 -7.23 60.72
CA TYR J 93 4.36 -6.27 61.37
C TYR J 93 3.95 -5.96 62.82
N CYS J 94 2.69 -6.20 63.17
CA CYS J 94 2.09 -5.85 64.45
C CYS J 94 1.68 -7.10 65.24
N PHE J 95 1.73 -7.01 66.57
CA PHE J 95 1.29 -8.12 67.43
C PHE J 95 -0.19 -8.48 67.25
N CYS J 96 -1.07 -7.50 67.07
CA CYS J 96 -2.52 -7.66 67.03
C CYS J 96 -3.15 -7.14 65.74
N ASP J 97 -4.24 -7.74 65.26
CA ASP J 97 -4.90 -7.35 64.01
C ASP J 97 -5.92 -6.20 64.15
N THR J 98 -5.78 -5.41 65.21
CA THR J 98 -6.67 -4.30 65.55
C THR J 98 -5.94 -3.32 66.48
N GLU J 99 -6.50 -2.14 66.70
CA GLU J 99 -5.90 -1.01 67.43
C GLU J 99 -4.68 -0.36 66.76
N ASN J 100 -4.07 -0.93 65.71
CA ASN J 100 -2.95 -0.29 65.02
C ASN J 100 -3.36 0.94 64.22
N THR J 101 -2.41 1.86 64.01
CA THR J 101 -2.58 2.98 63.07
C THR J 101 -1.39 3.14 62.13
N GLN J 102 -1.65 3.67 60.94
CA GLN J 102 -0.61 4.15 60.04
C GLN J 102 -0.68 5.67 59.95
N LEU J 103 0.38 6.35 60.31
CA LEU J 103 0.60 7.76 60.02
C LEU J 103 1.26 7.85 58.65
N SER J 104 0.54 8.37 57.68
CA SER J 104 1.04 8.61 56.33
C SER J 104 1.21 10.10 56.15
N GLU J 105 2.34 10.55 55.62
CA GLU J 105 2.59 11.96 55.37
C GLU J 105 3.33 12.15 54.06
N ALA J 106 3.19 13.30 53.44
CA ALA J 106 3.82 13.63 52.18
C ALA J 106 3.95 15.14 52.04
N HIS J 107 4.82 15.59 51.15
CA HIS J 107 4.88 16.96 50.67
C HIS J 107 5.34 16.96 49.23
N VAL J 108 5.50 18.12 48.61
CA VAL J 108 6.09 18.23 47.28
C VAL J 108 7.24 19.22 47.29
N GLU J 109 8.18 19.02 46.39
CA GLU J 109 9.38 19.83 46.24
C GLU J 109 9.64 20.04 44.76
N LYS J 110 10.53 20.98 44.41
CA LYS J 110 11.08 20.98 43.06
C LYS J 110 11.82 19.69 42.79
N SER J 111 11.74 19.19 41.56
CA SER J 111 12.63 18.12 41.11
C SER J 111 14.07 18.63 41.08
N GLU J 112 15.04 17.73 41.00
CA GLU J 112 16.41 18.20 40.77
C GLU J 112 16.64 18.58 39.30
N SER J 113 15.72 18.21 38.41
CA SER J 113 15.70 18.66 37.02
C SER J 113 15.32 20.13 36.85
N CYS J 114 14.84 20.82 37.89
CA CYS J 114 14.43 22.22 37.77
C CYS J 114 15.58 23.18 37.48
N LYS J 115 16.84 22.72 37.58
CA LYS J 115 18.01 23.46 37.09
C LYS J 115 18.14 23.45 35.56
N THR J 116 17.40 22.61 34.82
CA THR J 116 17.51 22.50 33.36
C THR J 116 16.19 22.35 32.61
N GLU J 117 15.19 21.66 33.16
CA GLU J 117 13.83 21.60 32.61
C GLU J 117 12.91 22.52 33.40
N PHE J 118 12.87 23.78 32.99
CA PHE J 118 12.02 24.80 33.57
C PHE J 118 11.56 25.76 32.50
N ALA J 119 10.40 26.38 32.69
CA ALA J 119 9.94 27.49 31.89
C ALA J 119 9.90 28.73 32.77
N SER J 120 10.28 29.87 32.21
CA SER J 120 10.41 31.12 32.94
C SER J 120 9.28 32.03 32.56
N ALA J 121 8.49 32.47 33.53
CA ALA J 121 7.44 33.44 33.31
C ALA J 121 7.99 34.85 33.55
N TYR J 122 7.93 35.70 32.54
CA TYR J 122 8.52 37.04 32.58
C TYR J 122 7.48 38.10 32.33
N ARG J 123 7.71 39.27 32.89
CA ARG J 123 7.02 40.51 32.52
C ARG J 123 7.92 41.30 31.59
N ALA J 124 7.39 41.80 30.48
CA ALA J 124 8.18 42.36 29.38
C ALA J 124 7.86 43.84 29.16
N HIS J 125 8.55 44.73 29.88
CA HIS J 125 8.06 46.11 30.08
C HIS J 125 7.93 46.90 28.79
N THR J 126 9.05 47.06 28.08
CA THR J 126 9.17 47.80 26.83
C THR J 126 10.50 47.46 26.18
N ALA J 127 10.64 47.73 24.89
CA ALA J 127 11.69 47.13 24.07
C ALA J 127 12.64 48.16 23.46
N SER J 128 13.94 47.99 23.71
CA SER J 128 14.98 48.77 23.05
C SER J 128 15.22 48.25 21.65
N ALA J 129 15.06 49.09 20.63
CA ALA J 129 15.34 48.72 19.25
C ALA J 129 16.84 48.77 18.93
N SER J 130 17.26 47.94 17.98
CA SER J 130 18.60 47.94 17.39
C SER J 130 18.47 47.72 15.89
N ALA J 131 19.35 48.31 15.09
CA ALA J 131 19.35 48.13 13.65
C ALA J 131 20.76 47.90 13.12
N LYS J 132 20.89 46.99 12.17
CA LYS J 132 22.09 46.80 11.35
C LYS J 132 21.75 47.15 9.91
N LEU J 133 22.55 48.01 9.29
CA LEU J 133 22.23 48.66 8.03
C LEU J 133 23.45 48.68 7.12
N ARG J 134 23.26 48.42 5.83
CA ARG J 134 24.28 48.53 4.79
C ARG J 134 24.04 49.82 4.05
N VAL J 135 25.07 50.62 3.82
CA VAL J 135 24.97 51.84 3.02
C VAL J 135 26.06 51.87 1.96
N LEU J 136 25.66 52.22 0.73
CA LEU J 136 26.53 52.38 -0.43
C LEU J 136 26.93 53.86 -0.53
N TYR J 137 28.15 54.17 -0.10
CA TYR J 137 28.62 55.54 0.09
C TYR J 137 30.02 55.69 -0.51
N GLN J 138 30.27 56.78 -1.23
CA GLN J 138 31.44 56.95 -2.10
C GLN J 138 31.66 55.73 -3.01
N GLY J 139 30.56 55.17 -3.54
CA GLY J 139 30.55 54.04 -4.45
C GLY J 139 30.93 52.68 -3.84
N ASN J 140 31.15 52.57 -2.53
CA ASN J 140 31.50 51.30 -1.87
C ASN J 140 30.59 50.96 -0.68
N ASN J 141 30.38 49.66 -0.41
CA ASN J 141 29.53 49.20 0.68
C ASN J 141 30.21 49.41 2.03
N VAL J 142 29.49 49.92 3.02
CA VAL J 142 29.90 49.92 4.43
C VAL J 142 28.73 49.56 5.34
N THR J 143 28.99 48.83 6.43
CA THR J 143 27.95 48.32 7.35
C THR J 143 27.98 49.08 8.67
N VAL J 144 26.85 49.63 9.09
CA VAL J 144 26.68 50.36 10.34
C VAL J 144 25.73 49.59 11.25
N SER J 145 25.98 49.63 12.56
CA SER J 145 25.31 48.79 13.55
C SER J 145 25.06 49.60 14.81
N ALA J 146 23.83 50.08 15.01
CA ALA J 146 23.51 51.10 16.00
C ALA J 146 22.17 50.85 16.68
N TYR J 147 22.04 51.23 17.97
CA TYR J 147 20.75 51.28 18.65
C TYR J 147 19.81 52.22 17.92
N ALA J 148 18.63 51.76 17.53
CA ALA J 148 17.69 52.55 16.74
C ALA J 148 16.78 53.41 17.63
N ASN J 149 17.33 54.01 18.68
CA ASN J 149 16.57 54.84 19.63
C ASN J 149 16.55 56.34 19.26
N GLY J 150 17.08 56.75 18.11
CA GLY J 150 17.23 58.18 17.75
C GLY J 150 18.34 58.92 18.50
N ASP J 151 19.27 58.17 19.09
CA ASP J 151 20.47 58.65 19.78
C ASP J 151 21.64 57.73 19.36
N HIS J 152 22.71 57.64 20.14
CA HIS J 152 23.86 56.74 19.92
C HIS J 152 24.37 56.78 18.48
N ALA J 153 24.83 57.95 18.07
CA ALA J 153 25.41 58.17 16.75
C ALA J 153 26.61 57.22 16.54
N VAL J 154 26.70 56.62 15.36
CA VAL J 154 27.83 55.79 14.95
C VAL J 154 28.55 56.45 13.79
N THR J 155 29.88 56.48 13.83
CA THR J 155 30.71 57.03 12.76
C THR J 155 31.41 55.89 12.01
N VAL J 156 31.35 55.90 10.68
CA VAL J 156 32.19 55.02 9.85
C VAL J 156 32.48 55.70 8.50
N LYS J 157 33.71 55.53 7.99
CA LYS J 157 34.22 56.24 6.79
C LYS J 157 33.88 57.75 6.80
N ASP J 158 34.08 58.36 7.95
CA ASP J 158 33.93 59.79 8.24
C ASP J 158 32.50 60.38 8.14
N ALA J 159 31.50 59.58 7.77
CA ALA J 159 30.10 59.94 7.94
C ALA J 159 29.59 59.51 9.31
N LYS J 160 28.66 60.29 9.88
CA LYS J 160 28.02 60.00 11.16
C LYS J 160 26.54 59.68 10.96
N PHE J 161 26.12 58.51 11.43
CA PHE J 161 24.79 57.95 11.27
C PHE J 161 24.01 57.98 12.60
N ILE J 162 22.80 58.51 12.57
CA ILE J 162 21.84 58.46 13.68
C ILE J 162 20.53 57.91 13.15
N VAL J 163 20.01 56.86 13.78
CA VAL J 163 18.94 56.02 13.23
C VAL J 163 17.80 55.79 14.22
N GLY J 164 16.56 55.78 13.74
CA GLY J 164 15.36 55.57 14.55
C GLY J 164 14.93 56.79 15.38
N PRO J 165 13.96 56.65 16.28
CA PRO J 165 13.14 55.45 16.52
C PRO J 165 12.01 55.28 15.49
N MET J 166 11.46 54.08 15.35
CA MET J 166 10.47 53.77 14.31
C MET J 166 9.11 54.43 14.55
N SER J 167 8.31 54.56 13.51
CA SER J 167 6.99 55.19 13.60
C SER J 167 6.00 54.41 14.46
N SER J 168 6.12 53.08 14.50
CA SER J 168 5.29 52.20 15.32
C SER J 168 6.14 51.56 16.41
N ALA J 169 5.72 51.71 17.67
CA ALA J 169 6.35 51.07 18.83
C ALA J 169 5.77 49.67 19.13
N TRP J 170 5.05 49.10 18.18
CA TRP J 170 4.53 47.74 18.22
C TRP J 170 5.63 46.71 18.49
N THR J 171 5.28 45.62 19.16
CA THR J 171 6.16 44.50 19.44
C THR J 171 5.32 43.22 19.47
N PRO J 172 5.83 42.03 19.13
CA PRO J 172 4.98 40.84 19.11
C PRO J 172 4.61 40.34 20.49
N PHE J 173 5.43 40.64 21.49
CA PHE J 173 5.22 40.26 22.88
C PHE J 173 4.05 40.99 23.53
N ASP J 174 3.17 40.27 24.21
CA ASP J 174 2.29 40.86 25.21
C ASP J 174 3.10 41.29 26.44
N ASN J 175 2.43 41.90 27.42
CA ASN J 175 3.06 42.33 28.66
C ASN J 175 3.59 41.16 29.50
N LYS J 176 2.97 39.98 29.35
CA LYS J 176 3.27 38.73 30.03
C LYS J 176 3.85 37.74 29.01
N ILE J 177 5.01 37.19 29.29
CA ILE J 177 5.78 36.27 28.45
C ILE J 177 5.96 34.97 29.22
N VAL J 178 6.05 33.84 28.57
CA VAL J 178 6.74 32.68 29.13
C VAL J 178 7.70 32.11 28.12
N VAL J 179 8.89 31.70 28.52
CA VAL J 179 9.89 31.12 27.63
C VAL J 179 10.31 29.75 28.10
N TYR J 180 10.57 28.87 27.15
CA TYR J 180 11.02 27.53 27.39
C TYR J 180 12.02 27.20 26.29
N LYS J 181 13.30 27.11 26.63
CA LYS J 181 14.39 26.88 25.67
C LYS J 181 14.30 27.84 24.49
N GLY J 182 14.10 27.35 23.27
CA GLY J 182 14.03 28.16 22.06
C GLY J 182 12.72 28.92 21.84
N ASP J 183 11.69 28.62 22.62
CA ASP J 183 10.31 29.02 22.37
C ASP J 183 9.85 30.08 23.36
N VAL J 184 9.04 31.03 22.91
CA VAL J 184 8.46 32.07 23.75
C VAL J 184 7.00 32.29 23.39
N TYR J 185 6.14 32.44 24.39
CA TYR J 185 4.69 32.41 24.27
C TYR J 185 4.03 33.62 24.91
N ASN J 186 3.01 34.17 24.27
CA ASN J 186 2.16 35.19 24.86
C ASN J 186 1.15 34.54 25.81
N MET J 187 1.59 34.17 27.00
CA MET J 187 0.78 33.52 28.00
C MET J 187 0.47 34.43 29.17
N ASP J 188 -0.80 34.62 29.51
CA ASP J 188 -1.22 35.33 30.72
C ASP J 188 -1.16 34.39 31.94
N TYR J 189 0.04 34.02 32.35
CA TYR J 189 0.31 33.05 33.41
C TYR J 189 -0.29 33.47 34.75
N PRO J 190 -0.61 32.53 35.68
CA PRO J 190 -1.26 32.86 36.93
C PRO J 190 -0.33 33.63 37.88
N PRO J 191 -0.83 34.39 38.85
CA PRO J 191 0.01 35.09 39.80
C PRO J 191 0.93 34.16 40.58
N PHE J 192 2.06 34.64 41.06
CA PHE J 192 2.91 33.85 41.94
C PHE J 192 2.19 33.60 43.25
N GLY J 193 2.18 32.37 43.73
CA GLY J 193 1.47 31.98 44.94
C GLY J 193 -0.02 31.74 44.74
N ALA J 194 -0.51 31.73 43.49
CA ALA J 194 -1.93 31.58 43.15
C ALA J 194 -2.18 30.65 41.96
N GLY J 195 -1.20 29.81 41.61
CA GLY J 195 -1.38 28.80 40.57
C GLY J 195 -2.22 27.63 41.03
N ARG J 196 -2.85 26.93 40.09
CA ARG J 196 -3.90 25.92 40.33
C ARG J 196 -3.49 24.55 39.83
N PRO J 197 -4.03 23.45 40.38
CA PRO J 197 -3.53 22.11 40.14
C PRO J 197 -3.73 21.62 38.71
N GLY J 198 -2.76 20.93 38.12
CA GLY J 198 -2.87 20.39 36.77
C GLY J 198 -2.82 21.43 35.65
N GLN J 199 -2.31 22.62 35.92
CA GLN J 199 -2.17 23.71 34.95
C GLN J 199 -0.77 24.33 35.04
N PHE J 200 -0.37 25.12 34.06
CA PHE J 200 0.91 25.81 34.11
C PHE J 200 0.99 26.65 35.38
N GLY J 201 1.99 26.44 36.22
CA GLY J 201 2.10 27.13 37.50
C GLY J 201 1.51 26.37 38.68
N ASP J 202 1.20 25.09 38.59
CA ASP J 202 0.82 24.31 39.78
C ASP J 202 1.93 24.21 40.83
N ILE J 203 3.19 24.28 40.42
CA ILE J 203 4.36 24.56 41.23
C ILE J 203 5.06 25.79 40.66
N GLN J 204 5.55 26.66 41.53
CA GLN J 204 6.24 27.90 41.18
C GLN J 204 7.42 28.12 42.13
N SER J 205 8.45 28.84 41.72
CA SER J 205 9.55 29.26 42.57
C SER J 205 10.18 30.54 42.03
N ARG J 206 10.75 31.44 42.84
CA ARG J 206 11.13 32.78 42.31
C ARG J 206 12.25 32.74 41.28
N THR J 207 13.16 31.78 41.38
CA THR J 207 14.31 31.55 40.49
C THR J 207 14.63 30.05 40.48
N PRO J 208 15.31 29.48 39.48
CA PRO J 208 15.55 28.04 39.41
C PRO J 208 16.18 27.48 40.68
N GLU J 209 17.11 28.22 41.28
CA GLU J 209 17.85 27.84 42.48
C GLU J 209 17.23 28.35 43.79
N SER J 210 16.11 29.08 43.76
CA SER J 210 15.48 29.60 44.98
C SER J 210 15.12 28.47 45.94
N GLU J 211 15.30 28.69 47.23
CA GLU J 211 14.95 27.72 48.27
C GLU J 211 13.43 27.54 48.38
N ASP J 212 12.65 28.61 48.12
CA ASP J 212 11.20 28.58 48.26
C ASP J 212 10.48 27.80 47.16
N VAL J 213 9.33 27.25 47.50
CA VAL J 213 8.44 26.58 46.56
C VAL J 213 7.03 27.00 46.92
N TYR J 214 6.23 27.35 45.93
CA TYR J 214 4.79 27.31 46.08
C TYR J 214 4.29 26.11 45.33
N ALA J 215 3.47 25.28 45.94
CA ALA J 215 2.85 24.16 45.27
C ALA J 215 1.38 24.04 45.64
N ASN J 216 0.55 23.74 44.66
CA ASN J 216 -0.88 23.54 44.83
C ASN J 216 -1.31 22.43 43.92
N THR J 217 -1.02 21.19 44.28
CA THR J 217 -1.25 20.02 43.43
C THR J 217 -2.46 19.21 43.85
N GLN J 218 -3.16 19.64 44.90
CA GLN J 218 -4.23 18.94 45.58
C GLN J 218 -3.89 17.49 45.92
N LEU J 219 -2.75 17.30 46.57
CA LEU J 219 -2.31 16.02 47.10
C LEU J 219 -3.19 15.57 48.26
N VAL J 220 -3.90 14.45 48.08
CA VAL J 220 -4.79 13.84 49.06
C VAL J 220 -4.30 12.44 49.35
N LEU J 221 -3.90 12.13 50.57
CA LEU J 221 -3.55 10.77 50.96
C LEU J 221 -4.80 9.91 51.12
N GLN J 222 -4.67 8.61 50.84
CA GLN J 222 -5.79 7.67 50.81
C GLN J 222 -5.51 6.48 51.71
N ARG J 223 -6.56 5.87 52.28
CA ARG J 223 -6.41 4.75 53.19
C ARG J 223 -5.74 3.58 52.45
N PRO J 224 -4.65 2.98 52.96
CA PRO J 224 -3.94 1.93 52.24
C PRO J 224 -4.80 0.68 52.08
N SER J 225 -4.55 -0.07 51.01
CA SER J 225 -5.24 -1.34 50.78
C SER J 225 -4.86 -2.34 51.87
N ALA J 226 -5.82 -3.13 52.34
CA ALA J 226 -5.62 -4.05 53.46
C ALA J 226 -4.42 -4.98 53.24
N GLY J 227 -3.66 -5.24 54.29
CA GLY J 227 -2.50 -6.13 54.27
C GLY J 227 -1.20 -5.51 53.77
N THR J 228 -1.21 -4.39 53.06
CA THR J 228 0.01 -3.77 52.52
C THR J 228 0.53 -2.61 53.37
N VAL J 229 1.79 -2.21 53.16
CA VAL J 229 2.47 -1.10 53.84
C VAL J 229 2.64 0.14 52.95
N HIS J 230 1.93 0.26 51.83
CA HIS J 230 2.10 1.40 50.92
C HIS J 230 1.47 2.71 51.40
N VAL J 231 1.78 3.81 50.71
CA VAL J 231 1.13 5.12 50.88
C VAL J 231 0.49 5.52 49.56
N PRO J 232 -0.79 5.24 49.33
CA PRO J 232 -1.46 5.67 48.13
C PRO J 232 -1.98 7.09 48.28
N TYR J 233 -2.04 7.82 47.18
CA TYR J 233 -2.52 9.19 47.15
C TYR J 233 -3.14 9.54 45.81
N SER J 234 -4.02 10.52 45.80
CA SER J 234 -4.53 11.16 44.60
C SER J 234 -3.90 12.52 44.47
N GLN J 235 -3.42 12.90 43.29
CA GLN J 235 -2.81 14.20 43.05
C GLN J 235 -2.91 14.59 41.59
N ALA J 236 -3.20 15.85 41.27
CA ALA J 236 -3.21 16.31 39.89
C ALA J 236 -1.80 16.24 39.31
N PRO J 237 -1.58 15.62 38.14
CA PRO J 237 -0.23 15.38 37.63
C PRO J 237 0.40 16.69 37.20
N SER J 238 1.72 16.71 36.99
CA SER J 238 2.43 17.97 36.81
C SER J 238 1.86 18.83 35.70
N GLY J 239 1.40 20.03 36.04
CA GLY J 239 0.91 20.98 35.06
C GLY J 239 1.98 21.48 34.11
N PHE J 240 3.26 21.37 34.47
CA PHE J 240 4.35 21.65 33.56
C PHE J 240 4.45 20.57 32.48
N LYS J 241 4.48 19.29 32.87
CA LYS J 241 4.50 18.17 31.93
C LYS J 241 3.27 18.09 31.05
N TYR J 242 2.11 18.53 31.52
CA TYR J 242 0.94 18.74 30.69
C TYR J 242 1.06 19.95 29.80
N TRP J 243 1.60 21.07 30.25
CA TRP J 243 1.82 22.21 29.39
C TRP J 243 2.74 21.86 28.24
N LEU J 244 3.85 21.14 28.46
CA LEU J 244 4.76 20.77 27.38
C LEU J 244 4.11 20.00 26.23
N LYS J 245 3.05 19.23 26.48
CA LYS J 245 2.29 18.51 25.47
C LYS J 245 1.19 19.33 24.81
N GLU J 246 0.84 20.49 25.38
CA GLU J 246 -0.34 21.27 25.01
C GLU J 246 -0.01 22.74 24.71
N ARG J 247 1.27 23.09 24.53
CA ARG J 247 1.77 24.45 24.37
C ARG J 247 1.07 25.22 23.26
N GLY J 248 0.86 24.57 22.12
CA GLY J 248 0.62 25.27 20.86
C GLY J 248 1.89 25.89 20.31
N ALA J 249 1.75 26.71 19.28
CA ALA J 249 2.89 27.26 18.56
C ALA J 249 3.54 28.46 19.26
N SER J 250 4.87 28.46 19.30
CA SER J 250 5.70 29.55 19.79
C SER J 250 5.49 30.81 18.96
N LEU J 251 5.77 32.00 19.48
CA LEU J 251 5.68 33.24 18.69
C LEU J 251 6.51 33.19 17.41
N GLN J 252 7.60 32.44 17.42
CA GLN J 252 8.43 32.18 16.25
C GLN J 252 7.64 31.72 15.03
N HIS J 253 6.50 31.08 15.23
CA HIS J 253 5.62 30.56 14.19
C HIS J 253 4.32 31.34 14.05
N THR J 254 3.85 32.05 15.08
CA THR J 254 2.52 32.70 15.05
C THR J 254 2.53 34.21 15.00
N ALA J 255 3.64 34.90 15.27
CA ALA J 255 3.65 36.36 15.40
C ALA J 255 3.24 37.09 14.11
N PRO J 256 2.60 38.27 14.17
CA PRO J 256 2.33 39.11 13.01
C PRO J 256 3.59 39.65 12.33
N PHE J 257 3.41 40.35 11.20
CA PHE J 257 4.44 41.12 10.52
C PHE J 257 5.69 40.33 10.13
N GLY J 258 5.55 39.02 9.96
CA GLY J 258 6.61 38.15 9.45
C GLY J 258 7.82 38.03 10.35
N CYS J 259 7.77 38.46 11.60
CA CYS J 259 8.97 38.49 12.41
C CYS J 259 9.46 37.12 12.86
N GLN J 260 10.77 37.00 13.02
CA GLN J 260 11.41 35.89 13.69
C GLN J 260 11.49 36.17 15.18
N ILE J 261 11.69 35.15 16.00
CA ILE J 261 11.87 35.29 17.45
C ILE J 261 12.99 34.36 17.91
N ALA J 262 13.83 34.79 18.83
CA ALA J 262 14.92 34.01 19.41
C ALA J 262 15.04 34.30 20.91
N THR J 263 15.76 33.50 21.69
CA THR J 263 15.58 33.43 23.16
C THR J 263 16.85 33.37 24.01
N ASN J 264 17.96 33.93 23.58
CA ASN J 264 19.11 34.13 24.47
C ASN J 264 19.96 35.34 24.06
N PRO J 265 19.63 36.57 24.49
CA PRO J 265 18.42 36.98 25.21
C PRO J 265 17.20 36.95 24.29
N VAL J 266 15.99 37.22 24.77
CA VAL J 266 14.81 37.20 23.90
C VAL J 266 14.74 38.41 22.99
N ARG J 267 14.56 38.21 21.68
CA ARG J 267 14.39 39.31 20.71
C ARG J 267 13.35 38.95 19.68
N ALA J 268 12.56 39.92 19.25
CA ALA J 268 11.89 39.86 17.97
C ALA J 268 12.81 40.42 16.89
N MET J 269 12.72 39.93 15.66
CA MET J 269 13.59 40.37 14.58
C MET J 269 12.84 40.53 13.28
N ASN J 270 13.20 41.54 12.51
CA ASN J 270 12.75 41.76 11.14
C ASN J 270 11.25 41.94 10.96
N CYS J 271 10.56 42.53 11.93
CA CYS J 271 9.15 42.89 11.80
C CYS J 271 8.93 43.88 10.65
N ALA J 272 8.06 43.58 9.70
CA ALA J 272 7.69 44.50 8.62
C ALA J 272 6.67 45.56 9.07
N VAL J 273 6.91 46.21 10.20
CA VAL J 273 5.97 47.17 10.83
C VAL J 273 6.47 48.60 10.79
N GLY J 274 5.64 49.53 10.33
CA GLY J 274 5.96 50.96 10.31
C GLY J 274 7.13 51.34 9.40
N ASN J 275 7.82 52.43 9.73
CA ASN J 275 8.96 52.95 9.00
C ASN J 275 10.01 53.52 9.95
N MET J 276 11.23 53.74 9.45
CA MET J 276 12.38 54.15 10.24
C MET J 276 12.99 55.44 9.70
N PRO J 277 13.09 56.53 10.50
CA PRO J 277 13.90 57.68 10.15
C PRO J 277 15.39 57.34 10.28
N ILE J 278 16.20 57.85 9.37
CA ILE J 278 17.65 57.72 9.33
C ILE J 278 18.22 59.08 8.97
N SER J 279 19.33 59.45 9.60
CA SER J 279 20.01 60.72 9.33
C SER J 279 21.52 60.53 9.27
N ILE J 280 22.14 61.21 8.32
CA ILE J 280 23.50 61.00 7.87
C ILE J 280 24.18 62.35 7.74
N ASP J 281 25.08 62.66 8.67
CA ASP J 281 25.98 63.80 8.56
C ASP J 281 27.23 63.37 7.77
N ILE J 282 27.19 63.59 6.47
CA ILE J 282 28.32 63.30 5.56
C ILE J 282 29.26 64.50 5.46
N PRO J 283 30.59 64.30 5.35
CA PRO J 283 31.55 65.39 5.30
C PRO J 283 31.50 66.11 3.95
N ASP J 284 31.93 67.37 3.88
CA ASP J 284 32.04 68.11 2.60
C ASP J 284 32.99 67.44 1.60
N ALA J 285 33.99 66.71 2.10
CA ALA J 285 34.89 65.88 1.31
C ALA J 285 34.17 64.74 0.55
N ALA J 286 32.94 64.38 0.90
CA ALA J 286 32.14 63.41 0.16
C ALA J 286 31.62 63.99 -1.16
N PHE J 287 31.19 65.25 -1.15
CA PHE J 287 30.66 65.92 -2.33
C PHE J 287 31.72 66.27 -3.37
N THR J 288 31.28 66.66 -4.57
CA THR J 288 32.12 67.37 -5.53
C THR J 288 31.34 68.52 -6.17
N ARG J 289 32.03 69.61 -6.51
CA ARG J 289 31.41 70.87 -6.96
C ARG J 289 30.69 70.68 -8.29
N VAL J 290 29.58 71.39 -8.48
CA VAL J 290 28.63 71.15 -9.58
C VAL J 290 29.26 71.23 -10.98
N VAL J 291 30.35 71.98 -11.13
CA VAL J 291 31.13 72.11 -12.38
C VAL J 291 32.23 71.06 -12.57
N ASP J 292 32.69 70.38 -11.52
CA ASP J 292 33.76 69.37 -11.59
C ASP J 292 33.22 67.99 -11.98
N ALA J 293 31.94 67.73 -11.74
CA ALA J 293 31.24 66.57 -12.28
C ALA J 293 31.02 66.71 -13.80
N PRO J 294 30.92 65.61 -14.56
CA PRO J 294 30.34 65.62 -15.89
C PRO J 294 29.02 66.39 -15.92
N SER J 295 28.86 67.28 -16.90
CA SER J 295 27.56 67.91 -17.21
C SER J 295 27.02 67.30 -18.49
N LEU J 296 25.72 66.97 -18.51
CA LEU J 296 25.12 66.17 -19.57
C LEU J 296 24.08 66.99 -20.35
N THR J 297 23.92 66.67 -21.62
CA THR J 297 23.05 67.39 -22.54
C THR J 297 22.66 66.50 -23.74
N ASP J 298 21.67 66.93 -24.50
CA ASP J 298 21.10 66.20 -25.65
C ASP J 298 20.64 64.78 -25.27
N MET J 299 20.18 64.60 -24.03
CA MET J 299 19.78 63.31 -23.47
C MET J 299 18.49 62.76 -24.09
N SER J 300 18.46 61.47 -24.39
CA SER J 300 17.25 60.76 -24.81
C SER J 300 17.19 59.41 -24.14
N CYS J 301 16.03 59.00 -23.65
CA CYS J 301 15.83 57.78 -22.89
C CYS J 301 14.89 56.84 -23.64
N GLU J 302 15.35 55.62 -23.90
CA GLU J 302 14.66 54.60 -24.68
C GLU J 302 14.48 53.34 -23.82
N VAL J 303 13.36 52.62 -23.98
CA VAL J 303 13.04 51.47 -23.13
C VAL J 303 12.82 50.22 -23.98
N PRO J 304 13.89 49.46 -24.26
CA PRO J 304 13.84 48.23 -25.04
C PRO J 304 12.73 47.25 -24.65
N ALA J 305 12.57 46.96 -23.36
CA ALA J 305 11.43 46.19 -22.84
C ALA J 305 11.18 46.49 -21.36
N CYS J 306 9.93 46.32 -20.93
CA CYS J 306 9.52 46.44 -19.54
C CYS J 306 8.55 45.32 -19.15
N THR J 307 8.76 44.75 -17.97
CA THR J 307 7.79 43.89 -17.28
C THR J 307 7.74 44.28 -15.81
N HIS J 308 6.56 44.35 -15.21
CA HIS J 308 6.38 44.80 -13.82
C HIS J 308 6.60 43.65 -12.81
N SER J 309 7.81 43.12 -12.82
CA SER J 309 8.14 41.76 -12.36
C SER J 309 8.81 41.68 -10.99
N SER J 310 8.78 42.73 -10.17
CA SER J 310 9.43 42.80 -8.85
C SER J 310 10.96 42.74 -8.81
N ASP J 311 11.64 42.42 -9.90
CA ASP J 311 13.04 41.97 -9.91
C ASP J 311 13.94 42.81 -10.84
N PHE J 312 13.59 44.07 -11.09
CA PHE J 312 14.15 44.89 -12.16
C PHE J 312 13.84 44.30 -13.54
N GLY J 313 12.55 44.06 -13.77
CA GLY J 313 12.01 43.48 -15.00
C GLY J 313 11.94 44.43 -16.19
N GLY J 314 12.41 45.67 -16.06
CA GLY J 314 12.56 46.61 -17.16
C GLY J 314 14.00 47.11 -17.31
N VAL J 315 14.38 47.45 -18.53
CA VAL J 315 15.71 47.97 -18.84
C VAL J 315 15.61 49.14 -19.79
N ALA J 316 16.38 50.19 -19.54
CA ALA J 316 16.33 51.45 -20.28
C ALA J 316 17.74 51.86 -20.72
N ILE J 317 17.86 52.38 -21.93
CA ILE J 317 19.09 52.91 -22.51
C ILE J 317 18.93 54.41 -22.62
N ILE J 318 19.86 55.16 -22.03
CA ILE J 318 19.90 56.62 -22.15
C ILE J 318 21.07 56.98 -23.04
N LYS J 319 20.79 57.65 -24.16
CA LYS J 319 21.76 58.28 -25.04
C LYS J 319 22.05 59.68 -24.52
N TYR J 320 23.30 60.11 -24.53
CA TYR J 320 23.70 61.40 -23.93
C TYR J 320 24.94 61.99 -24.60
N ALA J 321 25.16 63.29 -24.42
CA ALA J 321 26.46 63.95 -24.62
C ALA J 321 26.92 64.58 -23.31
N ALA J 322 28.15 64.32 -22.88
CA ALA J 322 28.68 64.74 -21.59
C ALA J 322 30.04 65.43 -21.69
N SER J 323 30.24 66.48 -20.90
CA SER J 323 31.38 67.39 -21.06
C SER J 323 32.75 66.81 -20.68
N LYS J 324 32.83 65.81 -19.79
CA LYS J 324 34.10 65.26 -19.28
C LYS J 324 33.93 63.85 -18.71
N LYS J 325 35.03 63.12 -18.56
CA LYS J 325 35.06 61.75 -18.01
C LYS J 325 34.95 61.74 -16.48
N GLY J 326 34.14 60.84 -15.93
CA GLY J 326 34.04 60.63 -14.48
C GLY J 326 32.79 59.87 -14.03
N LYS J 327 32.73 59.53 -12.73
CA LYS J 327 31.52 58.97 -12.10
C LYS J 327 30.44 60.04 -11.96
N CYS J 328 29.18 59.62 -12.06
CA CYS J 328 28.00 60.47 -12.00
C CYS J 328 26.82 59.72 -11.36
N ALA J 329 26.08 60.37 -10.46
CA ALA J 329 24.92 59.78 -9.79
C ALA J 329 23.68 59.71 -10.70
N VAL J 330 22.81 58.73 -10.46
CA VAL J 330 21.51 58.53 -11.15
C VAL J 330 20.39 58.39 -10.13
N HIS J 331 19.23 58.98 -10.37
CA HIS J 331 18.05 58.82 -9.51
C HIS J 331 16.75 58.90 -10.30
N SER J 332 15.66 58.34 -9.77
CA SER J 332 14.34 58.34 -10.40
C SER J 332 13.41 59.32 -9.68
N MET J 333 12.78 60.23 -10.43
CA MET J 333 11.90 61.26 -9.86
C MET J 333 10.45 60.81 -9.72
N THR J 334 10.09 59.59 -10.17
CA THR J 334 8.73 59.06 -10.10
C THR J 334 8.68 57.89 -9.11
N ASN J 335 7.90 57.99 -8.03
CA ASN J 335 7.97 57.01 -6.94
C ASN J 335 7.60 55.58 -7.34
N ALA J 336 6.77 55.43 -8.36
CA ALA J 336 6.36 54.14 -8.92
C ALA J 336 7.46 53.41 -9.72
N VAL J 337 8.64 54.01 -9.94
CA VAL J 337 9.76 53.37 -10.64
C VAL J 337 11.06 53.48 -9.84
N THR J 338 11.66 52.34 -9.50
CA THR J 338 12.92 52.22 -8.77
C THR J 338 14.03 51.80 -9.73
N ILE J 339 15.16 52.48 -9.76
CA ILE J 339 16.31 52.10 -10.61
C ILE J 339 17.39 51.43 -9.77
N ARG J 340 17.99 50.34 -10.27
CA ARG J 340 18.97 49.58 -9.50
C ARG J 340 20.29 50.33 -9.35
N GLU J 341 20.76 50.99 -10.40
CA GLU J 341 22.08 51.64 -10.43
C GLU J 341 22.07 52.94 -9.62
N ALA J 342 22.95 53.13 -8.65
CA ALA J 342 23.06 54.38 -7.89
C ALA J 342 23.92 55.45 -8.57
N GLU J 343 24.99 55.00 -9.24
CA GLU J 343 25.92 55.82 -10.02
C GLU J 343 26.50 55.02 -11.18
N ILE J 344 27.10 55.72 -12.13
CA ILE J 344 27.65 55.20 -13.38
C ILE J 344 28.91 55.97 -13.74
N GLU J 345 29.76 55.42 -14.60
CA GLU J 345 30.83 56.20 -15.23
C GLU J 345 30.40 56.69 -16.62
N VAL J 346 30.70 57.95 -16.91
CA VAL J 346 30.19 58.74 -18.04
C VAL J 346 31.37 59.37 -18.78
N GLU J 347 31.35 59.38 -20.11
CA GLU J 347 32.20 60.27 -20.93
C GLU J 347 31.66 60.44 -22.36
N GLY J 348 32.04 61.55 -23.01
CA GLY J 348 31.81 61.76 -24.44
C GLY J 348 30.34 61.85 -24.87
N ASN J 349 30.09 61.62 -26.15
CA ASN J 349 28.76 61.33 -26.67
C ASN J 349 28.63 59.82 -26.84
N SER J 350 27.75 59.20 -26.06
CA SER J 350 27.65 57.75 -25.92
C SER J 350 26.27 57.38 -25.35
N GLN J 351 26.15 56.21 -24.73
CA GLN J 351 24.93 55.79 -24.04
C GLN J 351 25.26 54.96 -22.79
N LEU J 352 24.36 55.04 -21.81
CA LEU J 352 24.39 54.32 -20.54
C LEU J 352 23.14 53.46 -20.45
N GLN J 353 23.22 52.33 -19.76
CA GLN J 353 22.08 51.44 -19.54
C GLN J 353 21.76 51.32 -18.05
N ILE J 354 20.48 51.44 -17.68
CA ILE J 354 19.98 51.26 -16.32
C ILE J 354 18.88 50.22 -16.29
N SER J 355 18.83 49.42 -15.23
CA SER J 355 17.76 48.45 -15.00
C SER J 355 16.82 48.96 -13.92
N PHE J 356 15.51 48.80 -14.13
CA PHE J 356 14.47 49.48 -13.35
C PHE J 356 13.29 48.56 -13.06
N SER J 357 12.56 48.89 -11.99
CA SER J 357 11.52 48.06 -11.40
C SER J 357 10.29 48.89 -11.13
N THR J 358 9.10 48.38 -11.41
CA THR J 358 7.85 49.13 -11.30
C THR J 358 6.65 48.21 -11.15
N ALA J 359 5.54 48.71 -10.59
CA ALA J 359 4.22 48.10 -10.71
C ALA J 359 3.46 48.52 -11.98
N LEU J 360 3.89 49.58 -12.68
CA LEU J 360 3.07 50.24 -13.69
C LEU J 360 2.87 49.41 -14.96
N ALA J 361 1.65 49.42 -15.46
CA ALA J 361 1.27 48.77 -16.69
C ALA J 361 1.68 49.57 -17.95
N SER J 362 1.96 50.86 -17.81
CA SER J 362 2.75 51.64 -18.78
C SER J 362 3.67 52.56 -17.99
N ALA J 363 4.96 52.23 -17.95
CA ALA J 363 5.92 52.93 -17.12
C ALA J 363 6.32 54.25 -17.77
N GLU J 364 5.69 55.36 -17.40
CA GLU J 364 6.13 56.72 -17.75
C GLU J 364 6.88 57.31 -16.56
N PHE J 365 8.14 57.67 -16.74
CA PHE J 365 8.98 58.13 -15.63
C PHE J 365 10.11 59.07 -16.06
N ARG J 366 10.60 59.80 -15.08
CA ARG J 366 11.55 60.90 -15.24
C ARG J 366 12.84 60.55 -14.50
N VAL J 367 13.96 60.45 -15.22
CA VAL J 367 15.25 60.01 -14.68
C VAL J 367 16.20 61.19 -14.61
N GLN J 368 16.94 61.32 -13.51
CA GLN J 368 17.92 62.37 -13.32
C GLN J 368 19.33 61.79 -13.30
N VAL J 369 20.21 62.26 -14.19
CA VAL J 369 21.66 62.04 -14.15
C VAL J 369 22.32 63.41 -13.91
N CYS J 370 23.10 63.59 -12.85
CA CYS J 370 23.64 64.88 -12.37
C CYS J 370 22.87 66.14 -12.83
N SER J 371 21.74 66.42 -12.17
CA SER J 371 20.86 67.58 -12.40
C SER J 371 20.25 67.68 -13.80
N THR J 372 20.47 66.70 -14.67
CA THR J 372 19.97 66.65 -16.05
C THR J 372 18.85 65.61 -16.13
N GLN J 373 17.66 66.01 -16.55
CA GLN J 373 16.44 65.31 -16.14
C GLN J 373 15.59 64.86 -17.33
N VAL J 374 15.95 63.71 -17.91
CA VAL J 374 15.33 63.12 -19.10
C VAL J 374 14.00 62.43 -18.80
N HIS J 375 13.10 62.33 -19.78
CA HIS J 375 11.79 61.68 -19.67
C HIS J 375 11.68 60.51 -20.63
N CYS J 376 10.97 59.44 -20.24
CA CYS J 376 10.60 58.34 -21.13
C CYS J 376 9.30 57.65 -20.72
N ALA J 377 8.76 56.87 -21.65
CA ALA J 377 7.63 55.98 -21.38
C ALA J 377 7.85 54.60 -22.02
N ALA J 378 7.17 53.60 -21.48
CA ALA J 378 7.24 52.23 -21.93
C ALA J 378 5.90 51.52 -21.79
N GLU J 379 5.70 50.47 -22.59
CA GLU J 379 4.54 49.60 -22.54
C GLU J 379 4.95 48.27 -21.89
N CYS J 380 4.30 47.88 -20.80
CA CYS J 380 4.80 46.81 -19.94
C CYS J 380 4.01 45.50 -20.08
N HIS J 381 4.68 44.38 -20.30
CA HIS J 381 4.02 43.07 -20.27
C HIS J 381 3.94 42.54 -18.84
N PRO J 382 2.83 41.91 -18.43
CA PRO J 382 2.77 41.26 -17.14
C PRO J 382 3.70 40.03 -17.11
N PRO J 383 4.31 39.71 -15.96
CA PRO J 383 5.10 38.49 -15.78
C PRO J 383 4.26 37.21 -15.84
N LYS J 384 4.94 36.08 -16.02
CA LYS J 384 4.35 34.74 -16.19
C LYS J 384 4.43 33.87 -14.93
N ASP J 385 4.94 34.40 -13.81
CA ASP J 385 5.38 33.63 -12.65
C ASP J 385 4.28 33.21 -11.65
N HIS J 386 3.19 33.98 -11.56
CA HIS J 386 2.20 33.97 -10.47
C HIS J 386 2.74 34.34 -9.09
N ILE J 387 3.75 33.66 -8.56
CA ILE J 387 4.32 33.96 -7.23
C ILE J 387 5.85 33.86 -7.24
N VAL J 388 6.52 34.52 -6.31
CA VAL J 388 7.99 34.65 -6.23
C VAL J 388 8.50 34.54 -4.80
N ASN J 389 9.80 34.31 -4.62
CA ASN J 389 10.43 34.10 -3.31
C ASN J 389 11.15 35.32 -2.72
N TYR J 390 10.84 36.53 -3.19
CA TYR J 390 11.46 37.77 -2.73
C TYR J 390 10.45 38.91 -2.75
N PRO J 391 10.55 39.90 -1.85
CA PRO J 391 9.58 40.98 -1.74
C PRO J 391 9.73 41.99 -2.89
N ALA J 392 8.67 42.74 -3.17
CA ALA J 392 8.66 43.70 -4.27
C ALA J 392 9.69 44.81 -4.08
N SER J 393 10.61 44.97 -5.03
CA SER J 393 11.60 46.07 -5.02
C SER J 393 11.02 47.41 -5.47
N HIS J 394 9.88 47.43 -6.16
CA HIS J 394 9.16 48.67 -6.49
C HIS J 394 8.24 49.14 -5.36
N THR J 395 7.99 50.44 -5.29
CA THR J 395 6.95 51.02 -4.41
C THR J 395 5.56 50.54 -4.84
N THR J 396 4.65 50.31 -3.89
CA THR J 396 3.25 49.97 -4.18
C THR J 396 2.54 51.05 -5.02
N LEU J 397 1.45 50.69 -5.69
CA LEU J 397 0.68 51.55 -6.59
C LEU J 397 -0.62 52.04 -5.92
N GLY J 398 -0.89 53.35 -5.99
CA GLY J 398 -2.23 53.89 -5.78
C GLY J 398 -3.16 53.46 -6.93
N VAL J 399 -3.93 52.39 -6.70
CA VAL J 399 -4.58 51.57 -7.74
C VAL J 399 -5.50 52.30 -8.73
N GLN J 400 -6.13 53.41 -8.32
CA GLN J 400 -6.92 54.26 -9.20
C GLN J 400 -6.06 55.13 -10.13
N ASP J 401 -4.92 55.60 -9.65
CA ASP J 401 -4.05 56.54 -10.35
C ASP J 401 -3.00 55.82 -11.21
N ILE J 402 -2.27 56.57 -12.03
CA ILE J 402 -1.17 56.07 -12.88
C ILE J 402 -1.61 54.90 -13.80
N SER J 403 -2.90 54.90 -14.19
CA SER J 403 -3.46 53.94 -15.13
C SER J 403 -2.88 54.12 -16.54
N VAL J 404 -2.95 53.10 -17.39
CA VAL J 404 -2.16 53.02 -18.63
C VAL J 404 -2.41 54.14 -19.64
N THR J 405 -1.36 54.60 -20.32
CA THR J 405 -1.55 55.15 -21.66
C THR J 405 -2.12 54.04 -22.55
N ALA J 406 -3.09 54.36 -23.41
CA ALA J 406 -4.07 53.44 -24.00
C ALA J 406 -5.26 53.06 -23.09
N MET J 407 -5.41 53.64 -21.89
CA MET J 407 -6.71 53.74 -21.20
C MET J 407 -7.59 54.85 -21.78
N SER J 408 -7.12 55.57 -22.82
CA SER J 408 -7.68 56.82 -23.31
C SER J 408 -9.13 56.71 -23.79
N TRP J 409 -9.67 55.50 -23.89
CA TRP J 409 -11.11 55.25 -23.83
C TRP J 409 -11.82 56.00 -22.70
N VAL J 410 -11.20 56.16 -21.53
CA VAL J 410 -11.69 56.99 -20.42
C VAL J 410 -11.87 58.45 -20.85
N GLN J 411 -10.93 59.01 -21.63
CA GLN J 411 -11.08 60.34 -22.22
C GLN J 411 -12.07 60.36 -23.39
N LYS J 412 -12.17 59.31 -24.21
CA LYS J 412 -13.19 59.21 -25.27
C LYS J 412 -14.61 59.22 -24.71
N ILE J 413 -14.90 58.45 -23.66
CA ILE J 413 -16.23 58.43 -23.03
C ILE J 413 -16.47 59.67 -22.18
N THR J 414 -15.49 60.14 -21.39
CA THR J 414 -15.68 61.37 -20.59
C THR J 414 -15.84 62.62 -21.48
N GLY J 415 -15.07 62.70 -22.57
CA GLY J 415 -15.18 63.77 -23.56
C GLY J 415 -16.48 63.67 -24.36
N GLY J 416 -16.84 62.49 -24.87
CA GLY J 416 -18.04 62.30 -25.68
C GLY J 416 -19.33 62.55 -24.90
N VAL J 417 -19.47 61.96 -23.72
CA VAL J 417 -20.60 62.24 -22.83
C VAL J 417 -20.56 63.68 -22.31
N GLY J 418 -19.38 64.23 -22.05
CA GLY J 418 -19.19 65.63 -21.69
C GLY J 418 -19.70 66.59 -22.77
N LEU J 419 -19.47 66.29 -24.06
CA LEU J 419 -20.02 67.06 -25.18
C LEU J 419 -21.54 66.94 -25.25
N VAL J 420 -22.12 65.74 -25.10
CA VAL J 420 -23.59 65.57 -25.11
C VAL J 420 -24.24 66.36 -23.97
N VAL J 421 -23.71 66.29 -22.74
CA VAL J 421 -24.14 67.15 -21.63
C VAL J 421 -23.94 68.64 -21.93
N ALA J 422 -22.81 69.05 -22.49
CA ALA J 422 -22.54 70.45 -22.81
C ALA J 422 -23.47 70.98 -23.91
N VAL J 423 -23.76 70.20 -24.94
CA VAL J 423 -24.73 70.55 -25.99
C VAL J 423 -26.12 70.69 -25.38
N ALA J 424 -26.57 69.73 -24.60
CA ALA J 424 -27.89 69.81 -23.96
C ALA J 424 -28.00 71.02 -23.02
N ALA J 425 -26.95 71.34 -22.26
CA ALA J 425 -26.90 72.55 -21.44
C ALA J 425 -26.88 73.84 -22.29
N LEU J 426 -26.13 73.89 -23.38
CA LEU J 426 -26.10 75.03 -24.30
C LEU J 426 -27.46 75.26 -24.98
N ILE J 427 -28.11 74.20 -25.45
CA ILE J 427 -29.46 74.26 -26.01
C ILE J 427 -30.44 74.77 -24.94
N LEU J 428 -30.41 74.21 -23.73
CA LEU J 428 -31.27 74.69 -22.65
C LEU J 428 -31.01 76.18 -22.33
N ILE J 429 -29.75 76.60 -22.31
CA ILE J 429 -29.37 78.00 -22.09
C ILE J 429 -29.88 78.92 -23.20
N VAL J 430 -29.76 78.57 -24.49
CA VAL J 430 -30.26 79.45 -25.56
C VAL J 430 -31.79 79.53 -25.60
N VAL J 431 -32.51 78.42 -25.41
CA VAL J 431 -33.99 78.49 -25.38
C VAL J 431 -34.51 79.14 -24.10
N LEU J 432 -33.82 79.01 -22.96
CA LEU J 432 -34.07 79.82 -21.78
C LEU J 432 -33.87 81.29 -22.12
N CYS J 433 -32.74 81.65 -22.74
CA CYS J 433 -32.41 83.03 -23.09
C CYS J 433 -33.47 83.69 -23.98
N VAL J 434 -33.92 83.05 -25.07
CA VAL J 434 -34.96 83.65 -25.94
C VAL J 434 -36.32 83.69 -25.26
N SER J 435 -36.73 82.63 -24.54
CA SER J 435 -38.04 82.64 -23.84
C SER J 435 -38.08 83.56 -22.63
N PHE J 436 -36.92 83.88 -22.02
CA PHE J 436 -36.77 84.93 -21.02
C PHE J 436 -36.76 86.33 -21.66
N SER J 437 -36.14 86.48 -22.83
CA SER J 437 -36.15 87.72 -23.62
C SER J 437 -37.49 88.01 -24.32
N ARG J 438 -38.44 87.07 -24.31
CA ARG J 438 -39.86 87.28 -24.66
C ARG J 438 -40.72 87.78 -23.48
N HIS J 439 -40.18 87.87 -22.26
CA HIS J 439 -40.85 88.40 -21.06
C HIS J 439 -40.35 89.82 -20.69
N GLU K 1 41.23 5.06 48.05
CA GLU K 1 42.49 4.72 47.33
C GLU K 1 42.37 3.32 46.70
N VAL K 2 43.10 3.06 45.62
CA VAL K 2 43.31 1.71 45.04
C VAL K 2 44.78 1.61 44.66
N GLN K 3 45.39 0.44 44.80
CA GLN K 3 46.81 0.16 44.54
C GLN K 3 46.95 -1.14 43.75
N LEU K 4 47.88 -1.18 42.80
CA LEU K 4 48.13 -2.33 41.92
C LEU K 4 49.59 -2.81 42.04
N VAL K 5 49.80 -4.13 41.90
CA VAL K 5 51.09 -4.82 42.09
C VAL K 5 51.32 -5.80 40.93
N GLN K 6 52.54 -5.87 40.39
CA GLN K 6 52.94 -6.80 39.31
C GLN K 6 54.35 -7.40 39.52
N SER K 7 54.66 -8.49 38.81
CA SER K 7 56.04 -9.03 38.71
C SER K 7 56.96 -8.12 37.89
N GLY K 8 58.24 -8.00 38.25
CA GLY K 8 59.12 -6.94 37.73
C GLY K 8 59.33 -7.01 36.21
N ALA K 9 59.79 -8.14 35.70
CA ALA K 9 59.87 -8.46 34.28
C ALA K 9 59.75 -9.97 34.05
N GLU K 10 59.24 -10.37 32.89
CA GLU K 10 59.07 -11.78 32.53
C GLU K 10 60.02 -12.11 31.38
N VAL K 11 60.92 -13.07 31.59
CA VAL K 11 61.81 -13.59 30.54
C VAL K 11 61.10 -14.72 29.81
N LYS K 12 60.62 -14.48 28.60
CA LYS K 12 59.75 -15.43 27.85
C LYS K 12 60.25 -15.67 26.43
N LYS K 13 60.04 -16.87 25.92
CA LYS K 13 60.37 -17.24 24.53
C LYS K 13 59.17 -16.92 23.61
N PRO K 14 59.37 -16.51 22.35
CA PRO K 14 58.26 -16.35 21.40
C PRO K 14 57.57 -17.68 21.11
N GLY K 15 56.27 -17.65 20.81
CA GLY K 15 55.43 -18.82 20.57
C GLY K 15 54.94 -19.59 21.81
N SER K 16 55.33 -19.16 23.01
CA SER K 16 54.85 -19.74 24.28
C SER K 16 53.47 -19.18 24.69
N SER K 17 52.75 -19.83 25.61
CA SER K 17 51.59 -19.23 26.30
C SER K 17 51.96 -18.85 27.73
N VAL K 18 51.74 -17.57 28.09
CA VAL K 18 52.36 -16.97 29.28
C VAL K 18 51.31 -16.29 30.15
N LYS K 19 51.32 -16.58 31.46
CA LYS K 19 50.62 -15.74 32.43
C LYS K 19 51.34 -14.40 32.56
N VAL K 20 50.61 -13.31 32.75
CA VAL K 20 51.19 -12.01 33.11
C VAL K 20 50.55 -11.53 34.41
N SER K 21 51.35 -11.31 35.45
CA SER K 21 50.89 -11.26 36.85
C SER K 21 50.25 -9.91 37.25
N CYS K 22 49.27 -9.98 38.15
CA CYS K 22 48.67 -8.84 38.84
C CYS K 22 48.08 -9.23 40.20
N LYS K 23 48.12 -8.34 41.19
CA LYS K 23 47.12 -8.26 42.28
C LYS K 23 46.77 -6.81 42.65
N ALA K 24 45.51 -6.57 43.05
CA ALA K 24 44.95 -5.24 43.35
C ALA K 24 44.41 -5.08 44.78
N PHE K 25 44.64 -3.92 45.38
CA PHE K 25 44.52 -3.64 46.82
C PHE K 25 44.26 -2.14 47.07
N GLY K 26 44.66 -1.62 48.23
CA GLY K 26 44.86 -0.17 48.48
C GLY K 26 43.66 0.59 49.06
N GLY K 27 42.53 -0.09 49.26
CA GLY K 27 41.27 0.50 49.74
C GLY K 27 40.08 -0.36 49.31
N THR K 28 40.20 -0.99 48.15
CA THR K 28 39.52 -2.26 47.89
C THR K 28 40.34 -3.42 48.48
N PHE K 29 39.68 -4.50 48.88
CA PHE K 29 40.32 -5.79 49.18
C PHE K 29 40.04 -6.99 48.25
N SER K 30 39.40 -6.67 47.12
CA SER K 30 38.71 -7.55 46.18
C SER K 30 38.51 -6.78 44.86
N SER K 31 38.04 -7.44 43.80
CA SER K 31 37.92 -6.79 42.49
C SER K 31 37.15 -5.45 42.30
N TYR K 32 37.69 -4.56 41.45
CA TYR K 32 37.09 -3.26 41.12
C TYR K 32 37.58 -2.71 39.77
N ALA K 33 36.92 -3.07 38.65
CA ALA K 33 37.15 -2.52 37.31
C ALA K 33 38.59 -2.60 36.74
N ILE K 34 39.37 -3.62 37.13
CA ILE K 34 40.78 -3.78 36.72
C ILE K 34 40.90 -3.98 35.20
N THR K 35 41.99 -3.49 34.59
CA THR K 35 42.20 -3.43 33.14
C THR K 35 43.69 -3.28 32.83
N TRP K 36 44.12 -3.52 31.59
CA TRP K 36 45.52 -3.45 31.17
C TRP K 36 45.74 -2.50 30.00
N VAL K 37 46.95 -1.94 29.91
CA VAL K 37 47.45 -1.12 28.80
C VAL K 37 48.83 -1.66 28.44
N ARG K 38 49.21 -1.78 27.15
CA ARG K 38 50.56 -2.30 26.79
C ARG K 38 51.30 -1.48 25.75
N GLN K 39 52.57 -1.17 26.01
CA GLN K 39 53.35 -0.23 25.21
C GLN K 39 54.69 -0.84 24.78
N ALA K 40 54.83 -1.11 23.49
CA ALA K 40 56.10 -1.53 22.91
C ALA K 40 57.07 -0.33 22.83
N PRO K 41 58.39 -0.55 22.96
CA PRO K 41 59.33 0.55 23.09
C PRO K 41 59.36 1.42 21.83
N GLY K 42 59.27 2.74 22.02
CA GLY K 42 59.15 3.73 20.94
C GLY K 42 57.72 3.96 20.42
N GLN K 43 56.71 3.21 20.88
CA GLN K 43 55.30 3.46 20.59
C GLN K 43 54.64 4.43 21.61
N GLY K 44 53.54 5.07 21.22
CA GLY K 44 52.57 5.63 22.17
C GLY K 44 51.74 4.53 22.87
N LEU K 45 51.03 4.89 23.94
CA LEU K 45 50.19 3.94 24.70
C LEU K 45 49.07 3.32 23.84
N GLU K 46 48.63 2.13 24.22
CA GLU K 46 47.50 1.44 23.60
C GLU K 46 46.81 0.57 24.66
N TRP K 47 45.51 0.79 24.94
CA TRP K 47 44.81 -0.06 25.92
C TRP K 47 44.78 -1.49 25.43
N MET K 48 45.19 -2.41 26.29
CA MET K 48 45.38 -3.82 25.95
C MET K 48 43.99 -4.42 25.78
N GLY K 49 43.54 -4.55 24.55
CA GLY K 49 42.12 -4.67 24.27
C GLY K 49 41.50 -5.90 24.90
N GLY K 50 42.28 -6.99 24.96
CA GLY K 50 41.90 -8.22 25.67
C GLY K 50 41.46 -7.99 27.12
N ILE K 51 41.77 -6.82 27.68
CA ILE K 51 41.50 -6.49 29.05
C ILE K 51 41.06 -5.02 29.23
N ILE K 52 39.81 -4.71 28.87
CA ILE K 52 39.09 -3.57 29.44
C ILE K 52 38.60 -4.06 30.85
N PRO K 53 37.42 -3.80 31.42
CA PRO K 53 37.18 -4.10 32.84
C PRO K 53 36.81 -5.58 33.15
N ILE K 54 37.70 -6.55 32.94
CA ILE K 54 37.36 -7.99 32.85
C ILE K 54 36.93 -8.74 34.12
N LEU K 55 36.61 -8.07 35.23
CA LEU K 55 36.28 -8.71 36.51
C LEU K 55 35.06 -9.70 36.63
N GLY K 56 34.42 -10.14 35.55
CA GLY K 56 33.45 -11.25 35.49
C GLY K 56 33.25 -11.87 34.08
N THR K 57 33.72 -11.19 33.02
CA THR K 57 33.88 -11.75 31.67
C THR K 57 35.14 -11.17 31.00
N THR K 58 35.86 -11.98 30.20
CA THR K 58 37.10 -11.55 29.53
C THR K 58 36.78 -10.71 28.28
N ASP K 59 37.56 -9.65 28.03
CA ASP K 59 37.33 -8.69 26.95
C ASP K 59 38.15 -8.94 25.68
N TYR K 60 37.87 -8.12 24.67
CA TYR K 60 38.77 -7.68 23.61
C TYR K 60 38.29 -6.28 23.19
N ALA K 61 39.17 -5.37 22.75
CA ALA K 61 38.76 -4.15 22.05
C ALA K 61 38.43 -4.48 20.58
N GLN K 62 38.10 -3.49 19.74
CA GLN K 62 38.27 -3.70 18.30
C GLN K 62 39.77 -3.86 17.99
N LYS K 63 40.15 -4.60 16.93
CA LYS K 63 41.50 -5.19 16.75
C LYS K 63 41.78 -6.29 17.80
N PHE K 64 43.03 -6.61 18.10
CA PHE K 64 43.42 -7.77 18.95
C PHE K 64 42.96 -9.11 18.37
N GLN K 65 43.17 -10.22 19.08
CA GLN K 65 42.88 -11.58 18.59
C GLN K 65 43.68 -11.97 17.31
N GLY K 66 44.71 -11.20 16.95
CA GLY K 66 45.79 -11.65 16.08
C GLY K 66 46.78 -12.53 16.86
N ARG K 67 48.08 -12.27 16.75
CA ARG K 67 49.07 -12.88 17.66
C ARG K 67 48.89 -12.47 19.13
N VAL K 68 48.36 -11.27 19.39
CA VAL K 68 47.83 -10.90 20.72
C VAL K 68 46.45 -11.55 20.89
N THR K 69 46.46 -12.87 21.02
CA THR K 69 45.27 -13.67 21.34
C THR K 69 45.39 -14.14 22.79
N ILE K 70 44.43 -13.71 23.59
CA ILE K 70 44.60 -13.53 25.03
C ILE K 70 43.25 -13.71 25.76
N THR K 71 43.32 -14.18 27.00
CA THR K 71 42.19 -14.24 27.94
C THR K 71 42.64 -13.65 29.27
N ALA K 72 41.71 -13.20 30.13
CA ALA K 72 42.06 -12.57 31.39
C ALA K 72 41.15 -12.96 32.57
N ASP K 73 41.78 -13.15 33.73
CA ASP K 73 41.13 -13.72 34.91
C ASP K 73 40.27 -12.68 35.65
N LYS K 74 39.07 -13.12 36.04
CA LYS K 74 38.08 -12.37 36.83
C LYS K 74 38.34 -12.40 38.33
N SER K 75 39.08 -13.39 38.82
CA SER K 75 39.08 -13.81 40.24
C SER K 75 39.56 -12.71 41.20
N THR K 76 39.23 -12.83 42.49
CA THR K 76 39.42 -11.80 43.54
C THR K 76 40.76 -11.07 43.45
N SER K 77 40.72 -9.80 43.08
CA SER K 77 41.89 -8.91 42.90
C SER K 77 42.97 -9.40 41.93
N THR K 78 42.86 -10.57 41.30
CA THR K 78 43.99 -11.30 40.69
C THR K 78 43.83 -11.33 39.18
N ALA K 79 43.89 -10.15 38.55
CA ALA K 79 43.55 -9.93 37.15
C ALA K 79 44.62 -10.41 36.14
N TYR K 80 45.13 -11.64 36.29
CA TYR K 80 46.17 -12.20 35.41
C TYR K 80 45.72 -12.24 33.95
N MET K 81 46.57 -11.83 33.01
CA MET K 81 46.41 -12.23 31.60
C MET K 81 46.90 -13.67 31.40
N GLU K 82 46.40 -14.36 30.37
CA GLU K 82 47.13 -15.41 29.67
C GLU K 82 47.28 -14.99 28.21
N LEU K 83 48.40 -14.33 27.91
CA LEU K 83 48.82 -13.94 26.58
C LEU K 83 49.39 -15.17 25.85
N SER K 84 48.72 -15.65 24.81
CA SER K 84 49.02 -16.96 24.21
C SER K 84 49.68 -16.85 22.83
N SER K 85 50.72 -17.65 22.58
CA SER K 85 51.44 -17.73 21.30
C SER K 85 51.96 -16.37 20.80
N LEU K 86 52.52 -15.56 21.71
CA LEU K 86 53.05 -14.22 21.44
C LEU K 86 54.26 -14.20 20.50
N ARG K 87 54.60 -13.04 19.94
CA ARG K 87 55.74 -12.87 19.00
C ARG K 87 56.64 -11.69 19.39
N SER K 88 57.80 -11.57 18.77
CA SER K 88 58.86 -10.61 19.15
C SER K 88 58.36 -9.17 19.28
N GLU K 89 57.45 -8.77 18.38
CA GLU K 89 56.75 -7.48 18.32
C GLU K 89 55.87 -7.17 19.54
N ASP K 90 55.56 -8.16 20.38
CA ASP K 90 54.79 -8.01 21.62
C ASP K 90 55.67 -7.71 22.84
N THR K 91 56.98 -7.51 22.65
CA THR K 91 57.87 -7.01 23.71
C THR K 91 57.41 -5.62 24.13
N ALA K 92 56.97 -5.47 25.37
CA ALA K 92 56.32 -4.26 25.85
C ALA K 92 56.30 -4.19 27.37
N VAL K 93 56.09 -3.00 27.93
CA VAL K 93 55.59 -2.85 29.30
C VAL K 93 54.07 -3.09 29.31
N TYR K 94 53.62 -4.05 30.12
CA TYR K 94 52.21 -4.38 30.32
C TYR K 94 51.70 -3.78 31.63
N TYR K 95 51.22 -2.54 31.57
CA TYR K 95 50.62 -1.81 32.69
C TYR K 95 49.23 -2.38 33.06
N CYS K 96 49.18 -3.33 33.99
CA CYS K 96 47.96 -3.65 34.70
C CYS K 96 47.59 -2.56 35.72
N ALA K 97 48.57 -1.75 36.12
CA ALA K 97 48.43 -0.77 37.18
C ALA K 97 47.62 0.46 36.72
N ARG K 98 46.32 0.26 36.45
CA ARG K 98 45.48 1.17 35.68
C ARG K 98 44.04 1.32 36.19
N ASP K 99 43.58 2.56 36.18
CA ASP K 99 42.23 3.02 36.49
C ASP K 99 40.93 2.47 35.85
N PRO K 100 39.79 2.48 36.56
CA PRO K 100 38.49 2.09 36.03
C PRO K 100 38.19 2.71 34.64
N PRO K 101 38.06 1.91 33.56
CA PRO K 101 38.17 2.36 32.15
C PRO K 101 36.84 2.44 31.37
N THR K 102 35.83 3.20 31.82
CA THR K 102 34.40 2.91 31.55
C THR K 102 34.07 2.48 30.11
N HIS K 103 33.57 1.24 29.97
CA HIS K 103 33.37 0.60 28.66
C HIS K 103 32.15 1.19 27.93
N GLY K 104 31.73 0.52 26.86
CA GLY K 104 30.46 0.82 26.17
C GLY K 104 30.17 -0.14 25.02
N GLY K 105 29.07 0.09 24.30
CA GLY K 105 28.32 -0.94 23.58
C GLY K 105 27.64 -1.86 24.60
N ASP K 106 28.46 -2.55 25.38
CA ASP K 106 28.10 -3.11 26.68
C ASP K 106 27.46 -2.06 27.58
N PHE K 107 26.17 -2.22 27.83
CA PHE K 107 25.29 -1.23 28.46
C PHE K 107 25.38 -1.08 29.99
N ASN K 108 26.52 -0.62 30.49
CA ASN K 108 26.70 -0.09 31.86
C ASN K 108 27.91 0.87 31.98
N TYR K 109 27.92 1.75 33.00
CA TYR K 109 28.89 2.85 33.09
C TYR K 109 29.47 3.02 34.51
N TYR K 110 30.71 3.55 34.60
CA TYR K 110 31.54 3.51 35.82
C TYR K 110 31.94 4.89 36.39
N TYR K 111 32.22 4.94 37.69
CA TYR K 111 32.70 6.11 38.46
C TYR K 111 34.08 6.66 38.04
N TYR K 112 34.37 7.93 38.35
CA TYR K 112 35.69 8.54 38.16
C TYR K 112 36.68 8.22 39.30
N GLY K 113 36.22 8.30 40.55
CA GLY K 113 36.97 7.86 41.73
C GLY K 113 38.24 8.66 42.04
N VAL K 114 39.12 8.03 42.81
CA VAL K 114 40.50 8.50 43.09
C VAL K 114 41.48 8.11 41.95
N ALA K 115 41.09 7.15 41.11
CA ALA K 115 41.92 6.45 40.13
C ALA K 115 43.11 5.69 40.74
N VAL K 116 43.79 4.90 39.91
CA VAL K 116 45.02 4.15 40.26
C VAL K 116 45.95 4.01 39.06
N TRP K 117 47.24 4.17 39.30
CA TRP K 117 48.30 3.68 38.40
C TRP K 117 49.51 2.90 38.96
N GLY K 118 50.60 2.73 38.23
CA GLY K 118 51.84 2.15 38.77
C GLY K 118 52.79 1.58 37.73
N GLN K 119 53.55 0.56 38.13
CA GLN K 119 54.49 -0.17 37.29
C GLN K 119 53.79 -0.92 36.13
N GLY K 120 54.56 -1.29 35.11
CA GLY K 120 54.11 -2.15 34.02
C GLY K 120 55.18 -3.18 33.71
N THR K 121 54.86 -4.47 33.87
CA THR K 121 55.86 -5.54 33.74
C THR K 121 56.42 -5.62 32.31
N THR K 122 57.74 -5.75 32.15
CA THR K 122 58.32 -5.93 30.81
C THR K 122 58.29 -7.40 30.43
N VAL K 123 57.36 -7.82 29.57
CA VAL K 123 57.47 -9.15 28.95
C VAL K 123 58.56 -9.07 27.89
N THR K 124 59.69 -9.69 28.20
CA THR K 124 60.94 -9.61 27.45
C THR K 124 61.01 -10.79 26.50
N VAL K 125 60.40 -10.67 25.32
CA VAL K 125 60.38 -11.75 24.32
C VAL K 125 61.81 -11.95 23.80
N SER K 126 62.48 -13.00 24.26
CA SER K 126 63.93 -13.15 24.13
C SER K 126 64.39 -14.62 24.13
N SER K 127 65.54 -14.87 23.49
CA SER K 127 66.17 -16.18 23.36
C SER K 127 67.70 -16.13 23.47
N ALA K 128 68.28 -14.96 23.73
CA ALA K 128 69.72 -14.81 23.88
C ALA K 128 70.24 -15.62 25.09
N SER K 129 71.37 -16.30 24.94
CA SER K 129 72.10 -16.88 26.07
C SER K 129 72.77 -15.77 26.88
N THR K 130 72.99 -15.97 28.18
CA THR K 130 73.54 -14.94 29.05
C THR K 130 74.96 -14.54 28.63
N LYS K 131 75.33 -13.27 28.82
CA LYS K 131 76.65 -12.72 28.47
C LYS K 131 77.03 -11.54 29.38
N GLY K 132 78.32 -11.37 29.68
CA GLY K 132 78.82 -10.39 30.65
C GLY K 132 78.82 -8.94 30.17
N PRO K 133 78.98 -7.96 31.09
CA PRO K 133 78.65 -6.56 30.86
C PRO K 133 79.67 -5.76 30.04
N SER K 134 80.95 -5.71 30.43
CA SER K 134 81.99 -4.95 29.70
C SER K 134 83.05 -5.87 29.09
N VAL K 135 82.65 -7.07 28.66
CA VAL K 135 83.53 -8.01 27.96
C VAL K 135 83.85 -7.55 26.53
N PHE K 136 83.00 -6.72 25.92
CA PHE K 136 83.30 -6.08 24.62
C PHE K 136 84.36 -4.96 24.73
N PRO K 137 84.29 -4.00 25.69
CA PRO K 137 85.27 -2.91 25.78
C PRO K 137 86.21 -2.96 27.00
N LEU K 138 85.73 -2.66 28.21
CA LEU K 138 86.62 -2.17 29.28
C LEU K 138 87.28 -3.26 30.14
N ALA K 139 86.75 -4.49 30.19
CA ALA K 139 87.40 -5.60 30.90
C ALA K 139 88.69 -6.12 30.21
N PRO K 140 88.76 -6.34 28.88
CA PRO K 140 89.93 -6.93 28.23
C PRO K 140 91.16 -6.01 28.05
N SER K 141 90.99 -4.75 27.59
CA SER K 141 92.13 -3.90 27.20
C SER K 141 92.08 -2.45 27.70
N SER K 142 91.52 -1.51 26.95
CA SER K 142 91.92 -0.08 26.97
C SER K 142 90.75 0.90 26.99
N LYS K 143 91.02 2.15 27.40
CA LYS K 143 90.13 3.32 27.24
C LYS K 143 90.95 4.60 27.05
N SER K 144 90.44 5.53 26.24
CA SER K 144 90.85 6.94 26.19
C SER K 144 89.64 7.83 25.82
N THR K 145 89.63 9.08 26.28
CA THR K 145 88.46 9.99 26.20
C THR K 145 88.91 11.42 25.90
N SER K 146 88.83 11.84 24.64
CA SER K 146 89.50 13.03 24.09
C SER K 146 88.81 14.39 24.35
N GLY K 147 88.52 14.69 25.62
CA GLY K 147 88.41 16.06 26.11
C GLY K 147 87.01 16.56 26.49
N GLY K 148 87.00 17.67 27.25
CA GLY K 148 85.83 18.27 27.92
C GLY K 148 85.97 18.29 29.45
N THR K 149 85.48 19.34 30.12
CA THR K 149 85.74 19.64 31.56
C THR K 149 85.08 18.68 32.56
N ALA K 150 84.06 17.94 32.13
CA ALA K 150 83.45 16.83 32.87
C ALA K 150 82.94 15.72 31.92
N ALA K 151 83.54 15.61 30.73
CA ALA K 151 83.17 14.66 29.67
C ALA K 151 83.78 13.27 29.87
N LEU K 152 83.59 12.70 31.07
CA LEU K 152 84.14 11.42 31.51
C LEU K 152 83.03 10.37 31.62
N GLY K 153 83.28 9.16 31.09
CA GLY K 153 82.25 8.10 31.04
C GLY K 153 82.79 6.67 31.03
N CYS K 154 81.88 5.71 31.22
CA CYS K 154 82.13 4.27 31.22
C CYS K 154 81.09 3.52 30.35
N LEU K 155 81.42 2.30 29.91
CA LEU K 155 80.71 1.59 28.83
C LEU K 155 80.53 0.09 29.13
N VAL K 156 79.35 -0.43 28.82
CA VAL K 156 78.91 -1.83 28.99
C VAL K 156 78.13 -2.20 27.73
N LYS K 157 78.44 -3.33 27.06
CA LYS K 157 77.91 -3.62 25.71
C LYS K 157 77.79 -5.12 25.44
N ASP K 158 76.78 -5.49 24.65
CA ASP K 158 76.47 -6.85 24.19
C ASP K 158 76.30 -7.84 25.35
N TYR K 159 75.42 -7.53 26.31
CA TYR K 159 75.22 -8.31 27.53
C TYR K 159 73.76 -8.76 27.71
N PHE K 160 73.54 -9.83 28.48
CA PHE K 160 72.19 -10.34 28.77
C PHE K 160 72.15 -11.23 30.02
N PRO K 161 71.04 -11.27 30.79
CA PRO K 161 69.97 -10.28 30.88
C PRO K 161 70.34 -9.13 31.83
N GLU K 162 69.44 -8.17 32.01
CA GLU K 162 69.42 -7.25 33.16
C GLU K 162 69.05 -7.95 34.48
N PRO K 163 69.28 -7.33 35.66
CA PRO K 163 69.95 -6.04 35.88
C PRO K 163 71.48 -6.14 36.10
N VAL K 164 72.24 -5.27 35.44
CA VAL K 164 73.63 -4.93 35.81
C VAL K 164 73.68 -4.07 37.08
N THR K 165 74.73 -4.24 37.90
CA THR K 165 75.07 -3.32 39.01
C THR K 165 76.38 -2.59 38.70
N VAL K 166 76.40 -1.26 38.81
CA VAL K 166 77.53 -0.38 38.43
C VAL K 166 77.91 0.60 39.56
N SER K 167 79.19 0.94 39.72
CA SER K 167 79.68 1.97 40.66
C SER K 167 81.04 2.55 40.26
N TRP K 168 81.33 3.80 40.63
CA TRP K 168 82.62 4.47 40.37
C TRP K 168 83.48 4.51 41.64
N ASN K 169 84.78 4.23 41.53
CA ASN K 169 85.80 4.30 42.59
C ASN K 169 85.31 3.77 43.96
N SER K 170 84.96 2.48 44.00
CA SER K 170 84.44 1.79 45.20
C SER K 170 83.14 2.37 45.78
N GLY K 171 82.41 3.17 45.01
CA GLY K 171 81.22 3.90 45.44
C GLY K 171 81.47 5.28 46.03
N ALA K 172 82.75 5.70 46.19
CA ALA K 172 83.11 6.96 46.84
C ALA K 172 82.62 8.21 46.10
N LEU K 173 82.53 8.14 44.76
CA LEU K 173 82.06 9.25 43.90
C LEU K 173 80.55 9.23 43.62
N THR K 174 79.77 8.36 44.27
CA THR K 174 78.30 8.29 44.06
C THR K 174 77.54 9.58 44.37
N SER K 175 78.14 10.54 45.09
CA SER K 175 77.63 11.91 45.25
C SER K 175 77.68 12.76 43.95
N GLY K 176 78.59 12.45 43.03
CA GLY K 176 78.86 13.17 41.77
C GLY K 176 78.76 12.33 40.49
N VAL K 177 78.56 11.02 40.61
CA VAL K 177 78.08 10.15 39.52
C VAL K 177 76.65 10.54 39.12
N HIS K 178 76.34 10.55 37.81
CA HIS K 178 74.95 10.53 37.34
C HIS K 178 74.65 9.15 36.73
N THR K 179 73.65 8.44 37.27
CA THR K 179 73.20 7.15 36.73
C THR K 179 72.55 7.37 35.37
N PHE K 180 73.03 6.67 34.35
CA PHE K 180 72.95 7.12 32.94
C PHE K 180 72.49 5.97 32.01
N PRO K 181 72.18 6.27 30.73
CA PRO K 181 71.31 5.44 29.90
C PRO K 181 71.69 3.97 29.70
N ALA K 182 70.66 3.17 29.48
CA ALA K 182 70.72 1.77 29.06
C ALA K 182 69.65 1.48 28.00
N VAL K 183 69.82 0.38 27.25
CA VAL K 183 68.90 -0.07 26.19
C VAL K 183 68.87 -1.60 26.11
N LEU K 184 67.77 -2.14 25.58
CA LEU K 184 67.70 -3.48 24.98
C LEU K 184 67.54 -3.35 23.46
N GLN K 185 68.42 -3.99 22.69
CA GLN K 185 68.52 -3.81 21.24
C GLN K 185 67.80 -4.94 20.47
N SER K 186 67.62 -4.76 19.15
CA SER K 186 66.97 -5.75 18.27
C SER K 186 67.74 -7.09 18.16
N SER K 187 69.03 -7.12 18.53
CA SER K 187 69.83 -8.34 18.67
C SER K 187 69.41 -9.25 19.83
N GLY K 188 68.56 -8.76 20.74
CA GLY K 188 68.25 -9.41 22.01
C GLY K 188 69.29 -9.17 23.11
N LEU K 189 70.27 -8.28 22.89
CA LEU K 189 71.29 -7.93 23.88
C LEU K 189 71.16 -6.48 24.36
N TYR K 190 71.52 -6.24 25.61
CA TYR K 190 71.54 -4.94 26.26
C TYR K 190 72.84 -4.14 26.01
N SER K 191 72.78 -2.83 26.23
CA SER K 191 73.92 -1.91 26.30
C SER K 191 73.67 -0.85 27.37
N LEU K 192 74.70 -0.36 28.05
CA LEU K 192 74.60 0.54 29.20
C LEU K 192 75.82 1.49 29.28
N SER K 193 75.64 2.67 29.86
CA SER K 193 76.72 3.63 30.10
C SER K 193 76.48 4.49 31.36
N SER K 194 77.53 5.09 31.90
CA SER K 194 77.52 5.92 33.12
C SER K 194 78.50 7.08 33.02
N VAL K 195 78.31 8.17 33.78
CA VAL K 195 79.19 9.35 33.81
C VAL K 195 79.39 9.88 35.23
N VAL K 196 80.52 10.55 35.46
CA VAL K 196 80.76 11.42 36.63
C VAL K 196 80.79 12.88 36.16
N THR K 197 80.04 13.78 36.82
CA THR K 197 79.90 15.18 36.36
C THR K 197 80.74 16.18 37.15
N VAL K 198 81.59 15.73 38.07
CA VAL K 198 82.51 16.59 38.86
C VAL K 198 83.49 17.31 37.91
N PRO K 199 83.62 18.65 37.98
CA PRO K 199 84.45 19.43 37.06
C PRO K 199 85.94 19.26 37.30
N SER K 200 86.75 19.72 36.34
CA SER K 200 88.21 19.63 36.30
C SER K 200 88.88 19.79 37.68
N SER K 201 88.59 20.88 38.38
CA SER K 201 89.23 21.26 39.66
C SER K 201 89.09 20.22 40.78
N SER K 202 88.02 19.40 40.74
CA SER K 202 87.66 18.46 41.81
C SER K 202 87.67 16.99 41.38
N LEU K 203 87.93 16.69 40.09
CA LEU K 203 88.34 15.36 39.63
C LEU K 203 89.88 15.24 39.52
N GLY K 204 90.59 16.34 39.26
CA GLY K 204 92.05 16.36 39.08
C GLY K 204 92.87 15.79 40.25
N THR K 205 92.34 15.80 41.48
CA THR K 205 93.01 15.24 42.65
C THR K 205 93.06 13.71 42.68
N GLN K 206 92.36 13.01 41.76
CA GLN K 206 92.16 11.56 41.82
C GLN K 206 92.98 10.77 40.80
N THR K 207 93.73 9.77 41.27
CA THR K 207 94.05 8.57 40.46
C THR K 207 92.81 7.67 40.54
N TYR K 208 92.13 7.47 39.41
CA TYR K 208 90.68 7.20 39.41
C TYR K 208 90.26 5.94 38.62
N ILE K 209 89.20 5.25 39.07
CA ILE K 209 88.78 3.93 38.58
C ILE K 209 87.24 3.78 38.57
N CYS K 210 86.70 2.81 37.83
CA CYS K 210 85.25 2.50 37.80
C CYS K 210 84.99 0.99 37.63
N ASN K 211 83.85 0.48 38.13
CA ASN K 211 83.55 -0.95 38.27
C ASN K 211 82.11 -1.34 37.90
N VAL K 212 81.92 -2.60 37.51
CA VAL K 212 80.62 -3.21 37.15
C VAL K 212 80.57 -4.68 37.61
N ASN K 213 79.38 -5.17 37.96
CA ASN K 213 79.07 -6.54 38.39
C ASN K 213 77.82 -7.08 37.64
N HIS K 214 77.77 -8.39 37.39
CA HIS K 214 76.67 -9.06 36.70
C HIS K 214 76.55 -10.55 37.06
N LYS K 215 75.55 -10.92 37.87
CA LYS K 215 75.41 -12.29 38.39
C LYS K 215 75.20 -13.37 37.29
N PRO K 216 74.37 -13.15 36.25
CA PRO K 216 74.19 -14.12 35.15
C PRO K 216 75.42 -14.41 34.26
N SER K 217 76.58 -13.79 34.51
CA SER K 217 77.86 -14.19 33.89
C SER K 217 78.95 -14.57 34.91
N ASN K 218 78.83 -14.16 36.18
CA ASN K 218 79.88 -14.26 37.21
C ASN K 218 81.22 -13.63 36.76
N THR K 219 81.17 -12.33 36.46
CA THR K 219 82.33 -11.53 36.02
C THR K 219 82.36 -10.17 36.72
N LYS K 220 83.53 -9.52 36.76
CA LYS K 220 83.74 -8.16 37.30
C LYS K 220 84.52 -7.29 36.32
N VAL K 221 84.13 -6.03 36.21
CA VAL K 221 84.79 -5.02 35.36
C VAL K 221 85.59 -4.05 36.23
N ASP K 222 86.80 -3.68 35.77
CA ASP K 222 87.56 -2.55 36.27
C ASP K 222 88.35 -1.90 35.12
N LYS K 223 88.45 -0.57 35.08
CA LYS K 223 89.48 0.13 34.28
C LYS K 223 89.87 1.47 34.92
N LYS K 224 91.13 1.88 34.74
CA LYS K 224 91.66 3.19 35.15
C LYS K 224 91.17 4.30 34.22
N VAL K 225 90.87 5.46 34.78
CA VAL K 225 90.29 6.62 34.10
C VAL K 225 91.38 7.67 33.84
N GLU K 226 91.45 8.17 32.61
CA GLU K 226 92.51 9.10 32.19
C GLU K 226 91.97 10.10 31.14
N PRO K 227 91.43 11.26 31.58
CA PRO K 227 90.82 12.25 30.68
C PRO K 227 91.84 13.03 29.83
N LYS K 228 91.36 13.97 28.99
CA LYS K 228 92.20 14.83 28.13
C LYS K 228 92.00 16.35 28.33
N SER K 229 91.06 16.78 29.18
CA SER K 229 90.83 18.19 29.55
C SER K 229 90.43 18.38 31.03
N CYS K 230 90.90 17.50 31.91
CA CYS K 230 90.79 17.68 33.37
C CYS K 230 91.90 18.63 33.88
N ASP K 231 91.83 19.06 35.13
CA ASP K 231 92.83 19.97 35.73
C ASP K 231 94.23 19.32 35.86
N LYS K 232 94.26 17.98 36.00
CA LYS K 232 95.50 17.17 36.05
C LYS K 232 96.11 16.85 34.67
N THR K 233 95.50 17.31 33.57
CA THR K 233 95.89 16.95 32.19
C THR K 233 96.05 18.18 31.27
N HIS K 234 96.44 19.34 31.83
CA HIS K 234 96.74 20.58 31.07
C HIS K 234 98.05 20.51 30.27
N GLU L 1 35.23 6.86 15.53
CA GLU L 1 35.10 8.34 15.35
C GLU L 1 35.66 9.08 16.57
N ILE L 2 35.26 10.34 16.81
CA ILE L 2 35.78 11.30 17.80
C ILE L 2 37.24 11.74 17.56
N VAL L 3 38.17 10.79 17.50
CA VAL L 3 39.62 10.95 17.23
C VAL L 3 40.27 12.08 18.04
N LEU L 4 40.60 11.78 19.30
CA LEU L 4 41.26 12.69 20.23
C LEU L 4 42.55 13.24 19.64
N THR L 5 42.56 14.52 19.31
CA THR L 5 43.69 15.21 18.68
C THR L 5 44.29 16.19 19.67
N GLN L 6 45.37 15.82 20.36
CA GLN L 6 46.11 16.79 21.17
C GLN L 6 46.79 17.79 20.23
N SER L 7 46.44 19.08 20.36
CA SER L 7 46.87 20.13 19.45
C SER L 7 48.38 20.41 19.48
N PRO L 8 49.05 20.54 20.65
CA PRO L 8 50.51 20.68 20.70
C PRO L 8 51.19 19.30 20.62
N GLY L 9 52.05 19.08 19.62
CA GLY L 9 52.84 17.85 19.53
C GLY L 9 54.03 17.81 20.49
N THR L 10 54.65 18.96 20.76
CA THR L 10 55.84 19.12 21.60
C THR L 10 55.93 20.55 22.14
N LEU L 11 56.50 20.72 23.33
CA LEU L 11 56.71 22.01 23.99
C LEU L 11 58.00 22.00 24.85
N SER L 12 58.55 23.18 25.13
CA SER L 12 59.69 23.40 26.04
C SER L 12 59.47 24.70 26.82
N LEU L 13 59.76 24.72 28.13
CA LEU L 13 59.56 25.88 29.00
C LEU L 13 60.71 26.04 30.02
N SER L 14 60.92 27.26 30.52
CA SER L 14 61.68 27.45 31.76
C SER L 14 60.87 26.91 32.95
N PRO L 15 61.51 26.39 34.02
CA PRO L 15 60.83 26.28 35.29
C PRO L 15 60.36 27.67 35.76
N GLY L 16 59.28 27.70 36.54
CA GLY L 16 58.53 28.90 36.91
C GLY L 16 57.34 29.22 35.98
N GLU L 17 57.35 28.74 34.73
CA GLU L 17 56.26 28.96 33.77
C GLU L 17 55.02 28.08 34.02
N ARG L 18 53.93 28.37 33.30
CA ARG L 18 52.67 27.58 33.28
C ARG L 18 52.47 26.94 31.90
N ALA L 19 52.31 25.63 31.84
CA ALA L 19 51.95 24.90 30.61
C ALA L 19 50.43 24.78 30.46
N THR L 20 49.92 24.77 29.22
CA THR L 20 48.53 24.37 28.92
C THR L 20 48.48 23.45 27.71
N LEU L 21 47.75 22.34 27.84
CA LEU L 21 47.54 21.33 26.80
C LEU L 21 46.08 21.31 26.37
N SER L 22 45.84 21.14 25.06
CA SER L 22 44.49 21.13 24.48
C SER L 22 44.26 19.87 23.65
N CYS L 23 43.05 19.34 23.68
CA CYS L 23 42.62 18.18 22.91
C CYS L 23 41.28 18.41 22.19
N ARG L 24 41.22 18.16 20.86
CA ARG L 24 40.05 18.37 20.00
C ARG L 24 39.38 17.04 19.63
N ALA L 25 38.05 16.96 19.74
CA ALA L 25 37.26 15.78 19.38
C ALA L 25 35.87 16.14 18.83
N SER L 26 35.28 15.27 18.00
CA SER L 26 33.99 15.52 17.32
C SER L 26 32.77 15.51 18.29
N GLN L 27 32.83 14.70 19.35
CA GLN L 27 31.93 14.71 20.51
C GLN L 27 32.66 14.07 21.71
N SER L 28 32.14 14.21 22.93
CA SER L 28 32.85 13.79 24.15
C SER L 28 32.00 12.89 25.06
N ASN L 29 30.92 13.44 25.62
CA ASN L 29 29.82 12.77 26.37
C ASN L 29 30.17 12.02 27.67
N ASN L 30 31.39 11.52 27.84
CA ASN L 30 31.89 10.80 29.01
C ASN L 30 33.35 11.14 29.29
N TYR L 31 33.78 11.08 30.56
CA TYR L 31 35.02 11.74 30.99
C TYR L 31 36.29 11.20 30.34
N LEU L 32 36.86 11.99 29.41
CA LEU L 32 38.26 11.88 29.03
C LEU L 32 39.15 12.40 30.16
N ALA L 33 40.31 11.78 30.34
CA ALA L 33 41.18 12.01 31.49
C ALA L 33 42.67 12.00 31.11
N TRP L 34 43.47 12.67 31.92
CA TRP L 34 44.87 13.04 31.64
C TRP L 34 45.88 12.26 32.49
N TYR L 35 46.92 11.75 31.86
CA TYR L 35 47.96 10.93 32.49
C TYR L 35 49.30 11.20 31.80
N GLN L 36 50.44 11.05 32.48
CA GLN L 36 51.75 11.38 31.89
C GLN L 36 52.81 10.32 32.18
N GLN L 37 53.86 10.31 31.37
CA GLN L 37 54.94 9.32 31.43
C GLN L 37 56.30 10.00 31.25
N LYS L 38 57.07 10.08 32.33
CA LYS L 38 58.51 10.41 32.28
C LYS L 38 59.25 9.17 31.77
N PRO L 39 60.39 9.26 31.05
CA PRO L 39 60.98 8.11 30.38
C PRO L 39 61.40 7.01 31.38
N GLY L 40 60.69 5.87 31.35
CA GLY L 40 60.87 4.74 32.26
C GLY L 40 60.06 4.79 33.56
N GLN L 41 59.36 5.88 33.85
CA GLN L 41 58.61 6.08 35.10
C GLN L 41 57.15 5.60 35.01
N ALA L 42 56.57 5.28 36.17
CA ALA L 42 55.16 4.94 36.32
C ALA L 42 54.24 6.18 36.09
N PRO L 43 53.16 6.06 35.30
CA PRO L 43 52.13 7.09 35.20
C PRO L 43 51.40 7.38 36.53
N ARG L 44 50.69 8.51 36.59
CA ARG L 44 49.60 8.76 37.55
C ARG L 44 48.51 9.65 36.96
N LEU L 45 47.31 9.63 37.55
CA LEU L 45 46.23 10.52 37.13
C LEU L 45 46.62 11.98 37.40
N LEU L 46 46.48 12.83 36.37
CA LEU L 46 46.37 14.26 36.55
C LEU L 46 44.92 14.66 36.84
N ILE L 47 44.00 14.60 35.86
CA ILE L 47 42.63 15.13 36.00
C ILE L 47 41.58 14.41 35.11
N TYR L 48 40.31 14.38 35.55
CA TYR L 48 39.09 13.98 34.81
C TYR L 48 38.29 15.22 34.33
N GLY L 49 37.38 15.08 33.36
CA GLY L 49 36.58 16.20 32.85
C GLY L 49 35.17 15.87 32.29
N ALA L 50 34.88 16.38 31.09
CA ALA L 50 33.61 16.38 30.36
C ALA L 50 32.45 17.22 30.96
N SER L 51 32.30 17.30 32.29
CA SER L 51 31.33 18.21 32.95
C SER L 51 31.68 18.52 34.42
N ILE L 52 31.85 17.47 35.24
CA ILE L 52 32.51 17.50 36.56
C ILE L 52 34.04 17.55 36.37
N ARG L 53 34.82 17.58 37.46
CA ARG L 53 36.26 17.25 37.46
C ARG L 53 36.75 16.71 38.81
N ALA L 54 37.80 15.91 38.77
CA ALA L 54 38.53 15.40 39.93
C ALA L 54 39.99 15.19 39.54
N THR L 55 40.92 15.39 40.47
CA THR L 55 42.37 15.43 40.19
C THR L 55 43.18 14.82 41.33
N GLY L 56 44.19 14.01 40.99
CA GLY L 56 44.75 13.01 41.91
C GLY L 56 45.95 13.45 42.73
N ILE L 57 46.82 14.27 42.15
CA ILE L 57 47.99 14.87 42.82
C ILE L 57 47.52 16.10 43.62
N PRO L 58 47.95 16.30 44.88
CA PRO L 58 47.69 17.52 45.65
C PRO L 58 47.81 18.79 44.79
N ASP L 59 46.75 19.58 44.76
CA ASP L 59 46.43 20.44 43.62
C ASP L 59 47.49 21.49 43.23
N ARG L 60 48.12 21.26 42.07
CA ARG L 60 48.73 22.28 41.20
C ARG L 60 48.34 22.14 39.72
N PHE L 61 47.26 21.40 39.47
CA PHE L 61 46.71 21.12 38.14
C PHE L 61 45.26 21.61 38.08
N SER L 62 44.82 22.06 36.92
CA SER L 62 43.39 22.30 36.66
C SER L 62 43.05 22.02 35.18
N GLY L 63 41.79 21.72 34.91
CA GLY L 63 41.34 21.21 33.62
C GLY L 63 39.90 21.63 33.35
N SER L 64 39.59 21.92 32.09
CA SER L 64 38.31 22.51 31.67
C SER L 64 38.12 22.42 30.15
N GLY L 65 36.90 22.65 29.67
CA GLY L 65 36.61 22.86 28.25
C GLY L 65 35.28 22.28 27.82
N SER L 66 34.63 22.93 26.85
CA SER L 66 33.35 22.49 26.26
C SER L 66 33.12 23.17 24.91
N GLY L 67 32.16 22.68 24.12
CA GLY L 67 31.75 23.24 22.82
C GLY L 67 32.71 23.00 21.66
N THR L 68 34.00 22.75 21.92
CA THR L 68 35.04 22.47 20.92
C THR L 68 36.08 21.46 21.39
N ASP L 69 36.73 21.72 22.53
CA ASP L 69 37.99 21.09 22.94
C ASP L 69 38.16 21.10 24.46
N PHE L 70 39.07 20.27 24.96
CA PHE L 70 39.23 19.92 26.37
C PHE L 70 40.68 20.08 26.80
N THR L 71 40.94 20.61 28.00
CA THR L 71 42.28 21.15 28.34
C THR L 71 42.76 20.80 29.76
N LEU L 72 44.08 20.84 29.95
CA LEU L 72 44.81 20.65 31.20
C LEU L 72 45.88 21.73 31.32
N THR L 73 46.03 22.35 32.48
CA THR L 73 47.09 23.32 32.76
C THR L 73 47.82 23.00 34.07
N ILE L 74 49.14 23.20 34.06
CA ILE L 74 50.03 22.93 35.20
C ILE L 74 50.52 24.27 35.75
N SER L 75 50.20 24.56 37.02
CA SER L 75 50.60 25.83 37.65
C SER L 75 52.01 25.72 38.23
N ARG L 76 52.90 26.61 37.76
CA ARG L 76 54.33 26.68 38.12
C ARG L 76 55.04 25.34 37.95
N LEU L 77 55.50 25.04 36.74
CA LEU L 77 56.44 23.95 36.48
C LEU L 77 57.71 24.16 37.31
N ALA L 78 58.31 23.12 37.88
CA ALA L 78 59.59 23.28 38.59
C ALA L 78 60.49 22.03 38.63
N PRO L 79 60.12 20.93 39.33
CA PRO L 79 61.03 19.80 39.55
C PRO L 79 61.02 18.84 38.34
N GLU L 80 60.86 17.54 38.58
CA GLU L 80 60.84 16.45 37.60
C GLU L 80 59.55 16.44 36.74
N ASP L 81 59.10 17.60 36.24
CA ASP L 81 57.87 17.77 35.43
C ASP L 81 58.06 17.40 33.94
N PHE L 82 59.22 16.90 33.57
CA PHE L 82 59.46 16.33 32.25
C PHE L 82 58.63 15.06 32.04
N ALA L 83 57.78 15.04 31.02
CA ALA L 83 57.10 13.85 30.54
C ALA L 83 56.51 14.04 29.14
N VAL L 84 56.09 12.95 28.51
CA VAL L 84 55.00 13.01 27.54
C VAL L 84 53.65 12.93 28.29
N TYR L 85 52.74 13.85 27.98
CA TYR L 85 51.43 14.01 28.61
C TYR L 85 50.33 13.59 27.64
N TYR L 86 49.45 12.68 28.07
CA TYR L 86 48.42 12.05 27.25
C TYR L 86 47.02 12.30 27.81
N CYS L 87 46.02 12.32 26.93
CA CYS L 87 44.60 12.23 27.30
C CYS L 87 43.89 11.07 26.59
N GLN L 88 42.88 10.46 27.21
CA GLN L 88 42.20 9.25 26.69
C GLN L 88 40.77 9.10 27.23
N GLN L 89 39.92 8.28 26.59
CA GLN L 89 38.54 7.98 27.04
C GLN L 89 38.07 6.51 26.92
N TYR L 90 38.98 5.54 27.02
CA TYR L 90 38.68 4.09 27.14
C TYR L 90 37.96 3.40 25.95
N GLY L 91 37.61 2.12 26.09
CA GLY L 91 37.24 1.19 25.01
C GLY L 91 35.98 1.51 24.20
N SER L 92 34.87 0.79 24.45
CA SER L 92 33.57 1.01 23.79
C SER L 92 33.60 0.76 22.27
N SER L 93 32.75 1.44 21.49
CA SER L 93 32.81 1.54 20.02
C SER L 93 34.19 1.99 19.54
N PRO L 94 34.61 1.76 18.28
CA PRO L 94 35.99 2.06 17.83
C PRO L 94 36.37 3.56 17.87
N LEU L 95 37.35 3.95 18.70
CA LEU L 95 37.70 5.38 18.91
C LEU L 95 39.15 5.78 19.33
N THR L 96 40.04 4.87 19.76
CA THR L 96 41.50 5.08 20.02
C THR L 96 41.94 6.05 21.15
N PHE L 97 43.22 5.96 21.55
CA PHE L 97 43.90 6.80 22.57
C PHE L 97 44.37 8.16 22.00
N GLY L 98 44.71 9.14 22.85
CA GLY L 98 45.35 10.41 22.42
C GLY L 98 46.83 10.25 22.03
N PRO L 99 47.41 11.13 21.19
CA PRO L 99 48.76 10.97 20.63
C PRO L 99 49.90 11.41 21.55
N GLY L 100 49.63 12.25 22.55
CA GLY L 100 50.60 12.72 23.53
C GLY L 100 51.32 14.03 23.16
N THR L 101 51.68 14.82 24.18
CA THR L 101 52.51 16.03 24.07
C THR L 101 53.75 15.88 24.95
N LYS L 102 54.96 15.95 24.40
CA LYS L 102 56.19 16.08 25.20
C LYS L 102 56.29 17.49 25.77
N VAL L 103 56.62 17.64 27.05
CA VAL L 103 57.08 18.90 27.64
C VAL L 103 58.11 18.66 28.75
N ASP L 104 59.02 19.62 28.96
CA ASP L 104 59.99 19.62 30.05
C ASP L 104 60.43 21.04 30.46
N ILE L 105 60.98 21.11 31.67
CA ILE L 105 61.74 22.23 32.21
C ILE L 105 63.15 22.30 31.61
N LYS L 106 63.57 23.49 31.16
CA LYS L 106 64.84 23.77 30.48
C LYS L 106 66.11 23.44 31.29
N ARG L 107 67.09 22.80 30.63
CA ARG L 107 68.48 22.52 31.07
C ARG L 107 69.33 23.80 31.18
N THR L 108 70.47 23.75 31.86
CA THR L 108 71.62 24.64 31.55
C THR L 108 72.27 24.20 30.22
N VAL L 109 71.65 24.57 29.09
CA VAL L 109 71.92 24.05 27.73
C VAL L 109 73.37 24.27 27.27
N ALA L 110 73.90 23.30 26.52
CA ALA L 110 75.20 23.36 25.82
C ALA L 110 75.14 22.60 24.48
N ALA L 111 76.18 22.75 23.65
CA ALA L 111 76.35 21.99 22.41
C ALA L 111 76.40 20.46 22.66
N PRO L 112 76.14 19.61 21.64
CA PRO L 112 76.10 18.15 21.79
C PRO L 112 77.30 17.55 22.54
N SER L 113 77.02 16.69 23.52
CA SER L 113 78.01 15.76 24.08
C SER L 113 78.00 14.45 23.29
N VAL L 114 79.20 13.88 23.16
CA VAL L 114 79.52 12.77 22.26
C VAL L 114 80.52 11.85 22.95
N PHE L 115 80.48 10.55 22.67
CA PHE L 115 81.46 9.58 23.13
C PHE L 115 82.20 8.90 21.98
N ILE L 116 83.47 8.59 22.25
CA ILE L 116 84.53 8.33 21.26
C ILE L 116 85.49 7.21 21.71
N PHE L 117 85.01 6.33 22.60
CA PHE L 117 85.84 5.28 23.19
C PHE L 117 86.43 4.34 22.13
N PRO L 118 87.63 3.76 22.37
CA PRO L 118 87.99 2.53 21.70
C PRO L 118 87.03 1.39 22.15
N PRO L 119 86.84 0.36 21.31
CA PRO L 119 86.19 -0.90 21.67
C PRO L 119 87.14 -1.77 22.51
N SER L 120 87.72 -2.84 21.97
CA SER L 120 88.88 -3.52 22.58
C SER L 120 89.78 -4.16 21.53
N ASP L 121 91.07 -4.27 21.88
CA ASP L 121 92.17 -4.46 20.93
C ASP L 121 92.60 -5.92 20.76
N GLU L 122 92.44 -6.74 21.81
CA GLU L 122 92.91 -8.13 21.87
C GLU L 122 92.15 -9.07 20.93
N GLN L 123 90.84 -8.85 20.81
CA GLN L 123 89.86 -9.87 20.43
C GLN L 123 89.05 -9.49 19.17
N LEU L 124 89.72 -8.91 18.17
CA LEU L 124 89.07 -8.39 16.94
C LEU L 124 88.25 -9.45 16.19
N LYS L 125 88.55 -10.75 16.40
CA LYS L 125 87.78 -11.90 15.90
C LYS L 125 86.30 -11.90 16.33
N SER L 126 85.99 -11.30 17.48
CA SER L 126 84.62 -11.12 18.00
C SER L 126 83.83 -9.97 17.32
N GLY L 127 84.47 -9.12 16.52
CA GLY L 127 83.87 -7.92 15.92
C GLY L 127 84.24 -6.60 16.60
N THR L 128 85.14 -6.59 17.61
CA THR L 128 85.61 -5.35 18.28
C THR L 128 86.52 -4.46 17.41
N ALA L 129 86.57 -4.67 16.08
CA ALA L 129 86.92 -3.61 15.15
C ALA L 129 85.82 -2.53 15.04
N SER L 130 84.58 -2.85 15.45
CA SER L 130 83.40 -1.98 15.46
C SER L 130 83.53 -0.81 16.45
N VAL L 131 83.09 0.40 16.08
CA VAL L 131 83.17 1.61 16.92
C VAL L 131 81.81 2.04 17.45
N VAL L 132 81.74 2.36 18.75
CA VAL L 132 80.53 2.49 19.56
C VAL L 132 80.23 3.97 19.88
N CYS L 133 78.96 4.37 19.79
CA CYS L 133 78.49 5.73 20.01
C CYS L 133 77.49 5.84 21.17
N LEU L 134 77.59 6.92 21.93
CA LEU L 134 76.57 7.44 22.84
C LEU L 134 76.53 8.96 22.71
N LEU L 135 75.33 9.54 22.64
CA LEU L 135 75.11 10.99 22.57
C LEU L 135 74.28 11.47 23.76
N ASN L 136 74.54 12.70 24.21
CA ASN L 136 73.95 13.29 25.42
C ASN L 136 73.86 14.83 25.28
N ASN L 137 73.13 15.48 26.18
CA ASN L 137 73.23 16.93 26.50
C ASN L 137 72.78 17.95 25.42
N PHE L 138 72.56 17.56 24.17
CA PHE L 138 72.10 18.47 23.10
C PHE L 138 70.65 18.96 23.33
N TYR L 139 70.27 20.04 22.66
CA TYR L 139 68.95 20.67 22.72
C TYR L 139 68.74 21.60 21.48
N PRO L 140 67.58 21.58 20.78
CA PRO L 140 66.50 20.58 20.83
C PRO L 140 66.99 19.25 20.23
N ARG L 141 66.15 18.43 19.58
CA ARG L 141 66.62 17.17 18.95
C ARG L 141 66.47 17.10 17.43
N GLU L 142 67.62 16.99 16.75
CA GLU L 142 67.81 16.34 15.45
C GLU L 142 69.21 15.69 15.38
N ALA L 143 69.68 15.13 16.49
CA ALA L 143 71.06 14.68 16.69
C ALA L 143 71.40 13.35 15.98
N LYS L 144 71.27 13.30 14.65
CA LYS L 144 71.75 12.20 13.81
C LYS L 144 73.27 12.05 13.92
N VAL L 145 73.75 10.81 14.02
CA VAL L 145 75.20 10.51 14.05
C VAL L 145 75.80 10.55 12.65
N GLN L 146 77.01 11.07 12.55
CA GLN L 146 77.91 10.95 11.41
C GLN L 146 79.22 10.30 11.87
N TRP L 147 79.81 9.46 11.03
CA TRP L 147 81.01 8.70 11.37
C TRP L 147 82.13 8.92 10.35
N LYS L 148 83.38 8.82 10.80
CA LYS L 148 84.54 8.68 9.92
C LYS L 148 85.43 7.52 10.38
N VAL L 149 85.89 6.71 9.43
CA VAL L 149 86.86 5.63 9.61
C VAL L 149 88.16 6.04 8.92
N ASP L 150 89.24 6.22 9.67
CA ASP L 150 90.54 6.70 9.19
C ASP L 150 90.42 7.95 8.28
N ASN L 151 89.59 8.90 8.72
CA ASN L 151 89.26 10.16 8.04
C ASN L 151 88.48 10.05 6.71
N ALA L 152 87.88 8.88 6.43
CA ALA L 152 86.88 8.70 5.37
C ALA L 152 85.45 8.61 5.97
N LEU L 153 84.50 9.37 5.44
CA LEU L 153 83.08 9.36 5.84
C LEU L 153 82.45 7.95 5.70
N GLN L 154 81.69 7.52 6.71
CA GLN L 154 80.98 6.23 6.71
C GLN L 154 79.55 6.38 7.26
N SER L 155 78.61 5.61 6.70
CA SER L 155 77.24 5.45 7.18
C SER L 155 76.65 4.15 6.62
N GLY L 156 76.77 3.06 7.37
CA GLY L 156 76.36 1.71 6.97
C GLY L 156 76.63 0.67 8.05
N ASN L 157 75.87 -0.43 8.03
CA ASN L 157 75.91 -1.50 9.05
C ASN L 157 75.74 -0.97 10.49
N SER L 158 74.97 0.10 10.64
CA SER L 158 74.86 0.88 11.88
C SER L 158 73.81 0.27 12.84
N GLN L 159 74.22 0.01 14.07
CA GLN L 159 73.43 -0.62 15.14
C GLN L 159 72.44 0.37 15.80
N GLU L 160 71.53 0.94 15.02
CA GLU L 160 70.63 2.02 15.46
C GLU L 160 69.74 1.60 16.65
N SER L 161 69.59 2.49 17.63
CA SER L 161 68.79 2.28 18.86
C SER L 161 68.39 3.62 19.50
N VAL L 162 67.42 3.63 20.41
CA VAL L 162 67.01 4.83 21.19
C VAL L 162 67.28 4.63 22.69
N THR L 163 68.12 5.49 23.27
CA THR L 163 68.43 5.52 24.72
C THR L 163 67.44 6.37 25.52
N GLU L 164 67.29 6.07 26.81
CA GLU L 164 66.66 6.99 27.76
C GLU L 164 67.51 8.26 27.95
N GLN L 165 66.89 9.34 28.43
CA GLN L 165 67.48 10.66 28.63
C GLN L 165 68.62 10.70 29.67
N ASP L 166 69.29 11.85 29.77
CA ASP L 166 70.35 12.16 30.76
C ASP L 166 69.89 12.23 32.24
N SER L 167 68.82 11.51 32.62
CA SER L 167 68.26 11.38 33.98
C SER L 167 68.19 12.70 34.79
N LYS L 168 69.13 12.94 35.70
CA LYS L 168 69.27 14.17 36.50
C LYS L 168 69.38 15.45 35.65
N ASP L 169 69.97 15.37 34.46
CA ASP L 169 70.05 16.48 33.52
C ASP L 169 68.80 16.55 32.61
N SER L 170 68.18 15.41 32.32
CA SER L 170 66.98 15.27 31.47
C SER L 170 67.09 15.77 30.01
N THR L 171 68.28 16.11 29.53
CA THR L 171 68.55 16.33 28.10
C THR L 171 68.48 15.03 27.28
N TYR L 172 68.22 15.19 25.98
CA TYR L 172 68.07 14.12 24.98
C TYR L 172 69.32 13.22 24.81
N SER L 173 69.15 12.05 24.18
CA SER L 173 70.21 11.04 23.99
C SER L 173 69.96 10.07 22.81
N LEU L 174 71.01 9.38 22.33
CA LEU L 174 70.91 8.13 21.51
C LEU L 174 72.17 7.25 21.67
N SER L 175 72.13 5.98 21.25
CA SER L 175 73.33 5.13 21.12
C SER L 175 73.29 4.28 19.83
N SER L 176 74.45 4.01 19.24
CA SER L 176 74.60 3.19 18.01
C SER L 176 76.02 2.61 17.90
N THR L 177 76.37 1.92 16.80
CA THR L 177 77.69 1.32 16.54
C THR L 177 77.88 1.06 15.04
N LEU L 178 79.02 1.43 14.46
CA LEU L 178 79.41 0.94 13.12
C LEU L 178 79.89 -0.51 13.22
N THR L 179 79.14 -1.45 12.62
CA THR L 179 79.54 -2.86 12.63
C THR L 179 80.62 -3.14 11.58
N LEU L 180 81.83 -3.47 12.04
CA LEU L 180 83.05 -3.71 11.24
C LEU L 180 83.65 -5.09 11.59
N SER L 181 84.33 -5.73 10.64
CA SER L 181 84.80 -7.11 10.75
C SER L 181 86.02 -7.30 11.67
N LYS L 182 87.25 -7.19 11.14
CA LYS L 182 88.51 -7.50 11.85
C LYS L 182 89.69 -6.66 11.39
N ALA L 183 90.13 -6.86 10.14
CA ALA L 183 91.49 -6.50 9.74
C ALA L 183 91.75 -4.98 9.70
N ASP L 184 90.78 -4.16 9.31
CA ASP L 184 91.00 -2.71 9.14
C ASP L 184 91.35 -1.98 10.45
N TYR L 185 90.84 -2.44 11.60
CA TYR L 185 91.26 -1.92 12.92
C TYR L 185 92.73 -2.24 13.23
N GLU L 186 93.26 -3.35 12.69
CA GLU L 186 94.68 -3.75 12.85
C GLU L 186 95.61 -3.11 11.79
N LYS L 187 95.14 -2.93 10.56
CA LYS L 187 95.87 -2.19 9.51
C LYS L 187 96.05 -0.71 9.90
N HIS L 188 94.99 -0.11 10.45
CA HIS L 188 94.84 1.34 10.60
C HIS L 188 94.63 1.75 12.07
N LYS L 189 94.17 2.99 12.35
CA LYS L 189 94.31 3.58 13.69
C LYS L 189 93.23 4.56 14.18
N VAL L 190 92.50 5.24 13.30
CA VAL L 190 91.81 6.51 13.63
C VAL L 190 90.31 6.44 13.34
N TYR L 191 89.50 7.13 14.16
CA TYR L 191 88.07 7.30 13.94
C TYR L 191 87.60 8.69 14.37
N ALA L 192 86.45 9.13 13.86
CA ALA L 192 85.73 10.28 14.41
C ALA L 192 84.23 9.99 14.60
N CYS L 193 83.69 10.43 15.73
CA CYS L 193 82.27 10.34 16.10
C CYS L 193 81.68 11.74 16.10
N GLU L 194 80.59 11.95 15.34
CA GLU L 194 80.11 13.29 14.98
C GLU L 194 78.58 13.39 15.00
N VAL L 195 78.02 14.60 15.15
CA VAL L 195 76.58 14.80 15.40
C VAL L 195 76.02 15.99 14.60
N THR L 196 75.25 15.71 13.54
CA THR L 196 74.70 16.74 12.63
C THR L 196 73.39 17.34 13.14
N HIS L 197 73.37 17.77 14.41
CA HIS L 197 72.20 18.34 15.08
C HIS L 197 71.77 19.69 14.46
N GLN L 198 70.47 19.91 14.33
CA GLN L 198 69.86 21.14 13.79
C GLN L 198 70.35 22.42 14.50
N GLY L 199 70.73 22.35 15.78
CA GLY L 199 71.25 23.50 16.53
C GLY L 199 72.62 24.00 16.06
N LEU L 200 73.34 23.23 15.23
CA LEU L 200 74.64 23.60 14.65
C LEU L 200 74.71 23.36 13.13
N SER L 201 73.87 22.48 12.58
CA SER L 201 73.88 21.98 11.19
C SER L 201 75.16 21.22 10.81
N SER L 202 76.31 21.91 10.70
CA SER L 202 77.61 21.24 10.65
C SER L 202 77.96 20.65 12.02
N PRO L 203 78.57 19.46 12.09
CA PRO L 203 78.56 18.67 13.31
C PRO L 203 79.55 19.10 14.40
N VAL L 204 79.23 18.77 15.65
CA VAL L 204 80.24 18.55 16.71
C VAL L 204 81.04 17.29 16.36
N THR L 205 82.36 17.30 16.58
CA THR L 205 83.24 16.17 16.24
C THR L 205 84.20 15.84 17.38
N LYS L 206 84.35 14.55 17.68
CA LYS L 206 85.38 13.98 18.57
C LYS L 206 86.18 12.96 17.76
N SER L 207 87.47 12.80 18.05
CA SER L 207 88.33 11.81 17.38
C SER L 207 89.36 11.21 18.35
N PHE L 208 89.83 10.00 18.05
CA PHE L 208 90.89 9.30 18.79
C PHE L 208 91.79 8.52 17.83
N ASN L 209 92.95 8.11 18.33
CA ASN L 209 93.91 7.26 17.62
C ASN L 209 94.30 6.06 18.51
N ARG L 210 94.36 4.85 17.96
CA ARG L 210 94.78 3.61 18.65
C ARG L 210 96.16 3.68 19.33
N GLY L 211 96.97 4.69 19.03
CA GLY L 211 98.19 5.04 19.78
C GLY L 211 97.97 5.49 21.24
N GLU L 212 96.75 5.87 21.64
CA GLU L 212 96.36 6.16 23.04
C GLU L 212 95.18 5.29 23.55
N ASN M 1 31.68 10.04 47.62
CA ASN M 1 32.24 8.66 47.60
C ASN M 1 31.28 7.72 46.90
N PHE M 2 31.75 7.00 45.88
CA PHE M 2 30.95 6.05 45.08
C PHE M 2 30.82 4.65 45.74
N ASN M 3 31.67 4.35 46.73
CA ASN M 3 31.60 3.15 47.56
C ASN M 3 30.61 3.29 48.73
N VAL M 4 29.71 4.29 48.72
CA VAL M 4 28.68 4.49 49.76
C VAL M 4 27.76 3.28 49.96
N TYR M 5 27.58 2.47 48.91
CA TYR M 5 26.87 1.19 48.97
C TYR M 5 27.51 0.15 49.91
N LYS M 6 28.70 0.37 50.46
CA LYS M 6 29.24 -0.41 51.59
C LYS M 6 28.32 -0.38 52.81
N ALA M 7 27.69 0.75 53.10
CA ALA M 7 26.89 0.93 54.31
C ALA M 7 25.49 0.32 54.24
N ILE M 8 24.99 -0.03 53.06
CA ILE M 8 23.55 -0.25 52.83
C ILE M 8 23.26 -1.51 52.04
N ARG M 9 22.01 -1.99 52.04
CA ARG M 9 21.65 -3.26 51.38
C ARG M 9 20.26 -3.21 50.74
N PRO M 10 19.95 -4.09 49.77
CA PRO M 10 18.63 -4.13 49.13
C PRO M 10 17.54 -4.58 50.10
N TYR M 11 16.29 -4.66 49.63
CA TYR M 11 15.16 -5.07 50.43
C TYR M 11 14.05 -5.68 49.61
N LEU M 12 13.24 -6.53 50.21
CA LEU M 12 11.97 -6.96 49.64
C LEU M 12 10.94 -5.89 49.89
N ALA M 13 10.16 -5.53 48.89
CA ALA M 13 9.01 -4.64 49.05
C ALA M 13 7.85 -5.07 48.17
N HIS M 14 6.65 -4.57 48.43
CA HIS M 14 5.47 -5.04 47.74
C HIS M 14 5.44 -4.61 46.28
N CYS M 15 5.29 -5.54 45.35
CA CYS M 15 5.02 -5.25 43.95
C CYS M 15 3.55 -5.50 43.62
N PRO M 16 2.85 -4.61 42.91
CA PRO M 16 1.44 -4.78 42.62
C PRO M 16 1.15 -5.89 41.62
N ASP M 17 2.12 -6.33 40.81
CA ASP M 17 1.94 -7.38 39.81
C ASP M 17 3.26 -8.06 39.49
N CYS M 18 3.50 -9.23 40.07
CA CYS M 18 4.71 -10.03 39.85
C CYS M 18 4.74 -10.78 38.51
N GLY M 19 3.86 -10.46 37.58
CA GLY M 19 3.82 -11.03 36.22
C GLY M 19 2.69 -12.01 35.98
N GLU M 20 2.21 -12.71 37.01
CA GLU M 20 1.03 -13.57 36.91
C GLU M 20 -0.30 -12.81 37.11
N GLY M 21 -0.28 -11.49 37.23
CA GLY M 21 -1.49 -10.71 37.55
C GLY M 21 -1.83 -10.67 39.04
N HIS M 22 -0.92 -11.12 39.91
CA HIS M 22 -1.04 -11.11 41.36
C HIS M 22 0.11 -10.36 42.01
N SER M 23 -0.16 -9.65 43.09
CA SER M 23 0.83 -8.91 43.84
C SER M 23 1.64 -9.84 44.73
N CYS M 24 2.94 -9.61 44.90
CA CYS M 24 3.69 -10.20 46.00
C CYS M 24 5.00 -9.48 46.30
N HIS M 25 5.60 -9.76 47.45
CA HIS M 25 6.89 -9.21 47.87
C HIS M 25 7.97 -9.56 46.87
N SER M 26 8.72 -8.57 46.41
CA SER M 26 9.62 -8.71 45.27
C SER M 26 10.98 -8.12 45.57
N PRO M 27 12.09 -8.76 45.16
CA PRO M 27 13.41 -8.16 45.20
C PRO M 27 13.59 -7.02 44.21
N VAL M 28 12.87 -7.07 43.08
CA VAL M 28 12.82 -6.03 42.04
C VAL M 28 11.67 -5.07 42.25
N ALA M 29 11.21 -4.86 43.49
CA ALA M 29 10.19 -3.86 43.71
C ALA M 29 10.62 -2.51 43.16
N LEU M 30 9.67 -1.81 42.56
CA LEU M 30 9.88 -0.69 41.67
C LEU M 30 9.26 0.54 42.34
N GLU M 31 10.04 1.58 42.54
CA GLU M 31 9.67 2.64 43.50
C GLU M 31 9.30 3.94 42.83
N ARG M 32 10.16 4.45 41.96
CA ARG M 32 9.89 5.67 41.20
C ARG M 32 10.43 5.51 39.79
N ILE M 33 9.70 6.00 38.81
CA ILE M 33 10.13 6.06 37.42
C ILE M 33 10.19 7.54 37.06
N ARG M 34 11.34 8.05 36.67
CA ARG M 34 11.54 9.45 36.29
C ARG M 34 11.74 9.57 34.79
N ASN M 35 11.08 10.50 34.14
CA ASN M 35 11.16 10.71 32.71
C ASN M 35 11.29 12.20 32.37
N GLU M 36 12.05 12.96 33.14
CA GLU M 36 12.21 14.40 32.96
C GLU M 36 13.02 14.73 31.70
N ALA M 37 13.90 13.84 31.26
CA ALA M 37 14.68 13.99 30.06
C ALA M 37 13.79 14.10 28.84
N THR M 38 13.87 15.19 28.10
CA THR M 38 13.04 15.37 26.90
C THR M 38 13.49 14.50 25.74
N ASP M 39 14.69 13.91 25.78
CA ASP M 39 15.09 12.90 24.79
C ASP M 39 14.36 11.56 24.92
N GLY M 40 13.58 11.35 25.98
CA GLY M 40 12.79 10.16 26.25
C GLY M 40 13.47 9.06 27.05
N THR M 41 14.67 9.27 27.57
CA THR M 41 15.32 8.32 28.49
C THR M 41 14.57 8.25 29.82
N LEU M 42 14.40 7.07 30.39
CA LEU M 42 13.88 6.88 31.74
C LEU M 42 15.02 6.73 32.75
N LYS M 43 14.84 7.17 33.99
CA LYS M 43 15.65 6.78 35.14
C LYS M 43 14.76 6.06 36.15
N ILE M 44 15.01 4.78 36.38
CA ILE M 44 14.13 3.89 37.13
C ILE M 44 14.81 3.52 38.44
N GLN M 45 14.14 3.66 39.57
CA GLN M 45 14.66 3.26 40.87
C GLN M 45 14.01 1.98 41.36
N VAL M 46 14.83 0.99 41.73
CA VAL M 46 14.43 -0.39 42.01
C VAL M 46 15.09 -0.88 43.30
N SER M 47 14.48 -1.81 44.04
CA SER M 47 15.02 -2.24 45.34
C SER M 47 16.25 -3.15 45.25
N LEU M 48 16.64 -3.64 44.07
CA LEU M 48 17.94 -4.26 43.83
C LEU M 48 19.08 -3.30 44.15
N GLN M 49 20.30 -3.79 44.23
CA GLN M 49 21.49 -2.97 44.03
C GLN M 49 22.35 -3.61 42.96
N ILE M 50 22.78 -2.85 41.96
CA ILE M 50 23.41 -3.40 40.76
C ILE M 50 24.80 -2.78 40.53
N GLY M 51 25.74 -3.55 40.01
CA GLY M 51 27.14 -3.14 39.86
C GLY M 51 27.98 -3.38 41.11
N ILE M 52 27.44 -4.15 42.06
CA ILE M 52 28.03 -4.46 43.35
C ILE M 52 27.54 -5.84 43.79
N LYS M 53 28.36 -6.61 44.53
CA LYS M 53 27.96 -7.93 45.05
C LYS M 53 27.93 -7.99 46.58
N THR M 54 27.56 -9.13 47.17
CA THR M 54 27.27 -9.25 48.61
C THR M 54 28.41 -8.87 49.54
N ASP M 55 29.66 -9.09 49.14
CA ASP M 55 30.87 -8.70 49.88
C ASP M 55 31.26 -7.22 49.69
N ASP M 56 30.35 -6.41 49.14
CA ASP M 56 30.53 -5.00 48.79
C ASP M 56 31.57 -4.71 47.70
N SER M 57 32.14 -5.73 47.05
CA SER M 57 33.01 -5.51 45.89
C SER M 57 32.22 -5.07 44.67
N HIS M 58 32.80 -4.17 43.88
CA HIS M 58 32.13 -3.45 42.82
C HIS M 58 32.23 -4.17 41.46
N ASP M 59 31.85 -5.45 41.43
CA ASP M 59 31.80 -6.22 40.19
C ASP M 59 30.67 -5.76 39.26
N TRP M 60 31.03 -5.16 38.13
CA TRP M 60 30.10 -4.70 37.10
C TRP M 60 29.17 -5.81 36.59
N THR M 61 29.64 -7.05 36.53
CA THR M 61 28.85 -8.16 35.99
C THR M 61 27.82 -8.72 36.97
N LYS M 62 27.71 -8.16 38.18
CA LYS M 62 26.87 -8.70 39.25
C LYS M 62 25.87 -7.68 39.77
N LEU M 63 24.82 -8.19 40.39
CA LEU M 63 23.88 -7.43 41.19
C LEU M 63 23.49 -8.23 42.42
N ARG M 64 22.98 -7.56 43.45
CA ARG M 64 22.59 -8.16 44.70
C ARG M 64 21.18 -7.78 45.10
N TYR M 65 20.46 -8.72 45.67
CA TYR M 65 19.05 -8.61 46.01
C TYR M 65 18.82 -9.20 47.40
N MET M 66 17.69 -8.94 48.03
CA MET M 66 17.45 -9.42 49.39
C MET M 66 16.77 -10.79 49.40
N ASP M 67 17.50 -11.87 49.66
CA ASP M 67 16.89 -13.17 49.87
C ASP M 67 16.46 -13.32 51.34
N ASN M 68 15.19 -13.06 51.65
CA ASN M 68 14.66 -13.06 53.01
C ASN M 68 15.42 -12.12 53.97
N HIS M 69 16.40 -12.60 54.72
CA HIS M 69 17.26 -11.78 55.61
C HIS M 69 18.65 -11.52 55.06
N MET M 70 19.09 -12.21 54.01
CA MET M 70 20.45 -12.14 53.51
C MET M 70 20.50 -11.54 52.11
N PRO M 71 21.27 -10.47 51.87
CA PRO M 71 21.76 -10.15 50.56
C PRO M 71 22.28 -11.39 49.83
N ALA M 72 21.93 -11.53 48.56
CA ALA M 72 22.32 -12.64 47.69
C ALA M 72 22.62 -12.11 46.28
N ASP M 73 23.47 -12.79 45.52
CA ASP M 73 23.97 -12.32 44.23
C ASP M 73 23.24 -12.91 43.03
N ALA M 74 23.30 -12.23 41.89
CA ALA M 74 22.75 -12.65 40.60
C ALA M 74 23.49 -11.96 39.44
N GLU M 75 23.30 -12.45 38.22
CA GLU M 75 24.04 -12.03 37.04
C GLU M 75 23.45 -10.77 36.37
N ARG M 76 24.28 -9.74 36.15
CA ARG M 76 23.91 -8.50 35.45
C ARG M 76 23.34 -8.77 34.06
N ALA M 77 23.89 -9.71 33.33
CA ALA M 77 23.50 -9.95 31.94
C ALA M 77 22.03 -10.40 31.79
N ARG M 78 21.40 -10.81 32.89
CA ARG M 78 20.00 -11.28 32.93
C ARG M 78 19.03 -10.29 33.58
N LEU M 79 19.47 -9.10 33.97
CA LEU M 79 18.57 -7.97 34.24
C LEU M 79 17.94 -7.51 32.94
N PHE M 80 16.65 -7.18 32.95
CA PHE M 80 15.95 -6.60 31.82
C PHE M 80 14.96 -5.57 32.29
N VAL M 81 14.65 -4.63 31.41
CA VAL M 81 13.50 -3.75 31.53
C VAL M 81 12.78 -3.75 30.21
N ARG M 82 11.45 -3.85 30.24
CA ARG M 82 10.62 -3.81 29.04
C ARG M 82 9.35 -3.06 29.33
N THR M 83 8.77 -2.46 28.30
CA THR M 83 7.51 -1.76 28.39
C THR M 83 6.47 -2.47 27.53
N SER M 84 6.14 -2.00 26.33
CA SER M 84 5.45 -2.83 25.34
C SER M 84 6.39 -3.88 24.71
N ALA M 85 7.66 -3.56 24.57
CA ALA M 85 8.74 -4.42 24.07
C ALA M 85 10.05 -4.10 24.81
N PRO M 86 11.12 -4.92 24.74
CA PRO M 86 12.34 -4.73 25.51
C PRO M 86 13.01 -3.38 25.33
N CYS M 87 13.47 -2.78 26.42
CA CYS M 87 14.17 -1.50 26.45
C CYS M 87 15.68 -1.70 26.42
N THR M 88 16.41 -0.85 25.72
CA THR M 88 17.87 -0.81 25.86
C THR M 88 18.23 -0.22 27.21
N ILE M 89 18.78 -0.97 28.16
CA ILE M 89 19.40 -0.34 29.33
C ILE M 89 20.56 0.53 28.86
N THR M 90 20.85 1.67 29.49
CA THR M 90 21.97 2.53 29.07
C THR M 90 22.83 3.01 30.22
N GLY M 91 22.68 2.43 31.39
CA GLY M 91 23.46 2.77 32.58
C GLY M 91 22.79 2.22 33.81
N THR M 92 23.54 1.77 34.80
CA THR M 92 23.01 1.30 36.08
C THR M 92 24.03 1.54 37.18
N MET M 93 23.59 1.74 38.41
CA MET M 93 24.46 1.74 39.58
C MET M 93 23.60 1.69 40.81
N GLY M 94 23.89 0.81 41.76
CA GLY M 94 23.15 0.77 43.01
C GLY M 94 21.69 0.56 42.71
N HIS M 95 20.82 1.40 43.27
CA HIS M 95 19.38 1.30 43.08
C HIS M 95 18.86 1.77 41.71
N PHE M 96 19.68 2.30 40.81
CA PHE M 96 19.20 3.06 39.65
C PHE M 96 19.53 2.42 38.30
N ILE M 97 18.65 2.57 37.33
CA ILE M 97 18.78 2.12 35.94
C ILE M 97 18.42 3.27 35.01
N LEU M 98 19.20 3.58 33.98
CA LEU M 98 18.72 4.30 32.80
C LEU M 98 18.22 3.33 31.74
N ALA M 99 17.21 3.70 30.98
CA ALA M 99 16.76 2.89 29.86
C ALA M 99 16.20 3.76 28.76
N ARG M 100 16.33 3.32 27.51
CA ARG M 100 15.63 3.88 26.37
C ARG M 100 14.55 2.89 25.96
N CYS M 101 13.30 3.31 26.01
CA CYS M 101 12.17 2.38 25.90
C CYS M 101 11.28 2.74 24.70
N PRO M 102 10.65 1.76 24.04
CA PRO M 102 9.59 2.04 23.08
C PRO M 102 8.34 2.58 23.76
N LYS M 103 7.46 3.28 23.06
CA LYS M 103 6.17 3.72 23.60
C LYS M 103 5.39 2.54 24.18
N GLY M 104 4.75 2.70 25.33
CA GLY M 104 3.92 1.66 25.92
C GLY M 104 3.23 2.09 27.20
N GLU M 105 2.16 1.41 27.60
CA GLU M 105 1.31 1.81 28.72
C GLU M 105 1.66 1.14 30.05
N THR M 106 2.82 0.49 30.16
CA THR M 106 3.22 -0.33 31.32
C THR M 106 4.73 -0.38 31.40
N LEU M 107 5.34 -0.61 32.55
CA LEU M 107 6.77 -0.84 32.63
C LEU M 107 7.07 -1.98 33.58
N THR M 108 7.97 -2.88 33.19
CA THR M 108 8.42 -3.94 34.07
C THR M 108 9.92 -4.08 34.02
N VAL M 109 10.50 -4.31 35.20
CA VAL M 109 11.90 -4.61 35.41
C VAL M 109 11.97 -6.00 36.02
N GLY M 110 12.99 -6.78 35.70
CA GLY M 110 13.11 -8.14 36.19
C GLY M 110 14.51 -8.68 36.05
N PHE M 111 14.82 -9.73 36.79
CA PHE M 111 16.14 -10.35 36.80
C PHE M 111 16.02 -11.85 37.04
N THR M 112 16.96 -12.65 36.52
CA THR M 112 17.04 -14.06 36.88
C THR M 112 17.82 -14.22 38.17
N ASP M 113 17.24 -14.96 39.11
CA ASP M 113 17.79 -15.32 40.41
C ASP M 113 19.01 -16.25 40.30
N GLY M 114 19.81 -16.40 41.36
CA GLY M 114 20.85 -17.43 41.43
C GLY M 114 20.29 -18.84 41.27
N ARG M 115 19.17 -19.12 41.94
CA ARG M 115 18.34 -20.35 41.83
C ARG M 115 17.50 -20.45 40.56
N LYS M 116 17.96 -19.86 39.45
CA LYS M 116 17.42 -19.96 38.06
C LYS M 116 16.00 -19.46 37.81
N ILE M 117 15.20 -19.26 38.85
CA ILE M 117 13.87 -18.64 38.80
C ILE M 117 13.96 -17.18 38.33
N SER M 118 13.01 -16.71 37.52
CA SER M 118 13.01 -15.35 36.99
C SER M 118 12.01 -14.48 37.71
N HIS M 119 12.47 -13.41 38.36
CA HIS M 119 11.62 -12.45 39.04
C HIS M 119 11.29 -11.28 38.13
N SER M 120 10.08 -10.73 38.24
CA SER M 120 9.76 -9.44 37.63
C SER M 120 8.79 -8.64 38.47
N CYS M 121 8.74 -7.35 38.21
CA CYS M 121 7.85 -6.40 38.86
C CYS M 121 7.26 -5.48 37.80
N THR M 122 5.95 -5.19 37.83
CA THR M 122 5.28 -4.42 36.77
C THR M 122 4.47 -3.28 37.34
N HIS M 123 4.65 -2.07 36.84
CA HIS M 123 3.82 -0.92 37.20
C HIS M 123 3.09 -0.38 35.99
N PRO M 124 1.85 0.11 36.12
CA PRO M 124 1.27 0.92 35.08
C PRO M 124 2.08 2.21 34.98
N PHE M 125 2.48 2.58 33.77
CA PHE M 125 3.31 3.75 33.52
C PHE M 125 3.16 4.18 32.08
N HIS M 126 2.31 5.14 31.80
CA HIS M 126 2.10 5.63 30.45
C HIS M 126 3.35 6.37 29.99
N HIS M 127 4.14 5.74 29.15
CA HIS M 127 5.30 6.32 28.51
C HIS M 127 4.95 6.70 27.09
N ASP M 128 5.08 7.97 26.76
CA ASP M 128 4.95 8.46 25.40
C ASP M 128 5.78 9.75 25.32
N PRO M 129 7.07 9.67 25.01
CA PRO M 129 7.98 10.79 25.19
C PRO M 129 7.62 11.92 24.24
N PRO M 130 7.84 13.19 24.64
CA PRO M 130 7.36 14.32 23.87
C PRO M 130 8.15 14.43 22.57
N VAL M 131 7.55 15.03 21.53
CA VAL M 131 8.26 15.33 20.29
C VAL M 131 9.37 16.35 20.55
N ILE M 132 10.47 16.25 19.82
CA ILE M 132 11.45 17.32 19.66
C ILE M 132 11.25 17.89 18.27
N GLY M 133 11.19 19.20 18.13
CA GLY M 133 10.89 19.83 16.85
C GLY M 133 9.46 19.56 16.41
N ARG M 134 9.26 19.43 15.10
CA ARG M 134 7.95 19.51 14.43
C ARG M 134 7.55 18.22 13.71
N GLU M 135 8.22 17.10 13.98
CA GLU M 135 8.01 15.82 13.31
C GLU M 135 7.98 14.67 14.30
N LYS M 136 7.01 13.76 14.21
CA LYS M 136 6.87 12.62 15.12
C LYS M 136 7.72 11.43 14.65
N PHE M 137 9.03 11.62 14.54
CA PHE M 137 9.96 10.58 14.07
C PHE M 137 10.22 9.49 15.12
N HIS M 138 10.84 8.38 14.71
CA HIS M 138 10.94 7.16 15.53
C HIS M 138 12.35 6.74 15.93
N SER M 139 13.35 7.01 15.12
CA SER M 139 14.77 6.80 15.45
C SER M 139 15.61 7.81 14.67
N ARG M 140 16.76 8.23 15.18
CA ARG M 140 17.50 9.37 14.59
C ARG M 140 17.98 9.05 13.18
N PRO M 141 17.91 10.00 12.26
CA PRO M 141 18.31 9.80 10.87
C PRO M 141 19.81 9.96 10.67
N GLN M 142 20.32 9.65 9.48
CA GLN M 142 21.66 10.06 9.07
C GLN M 142 21.78 11.59 8.97
N HIS M 143 20.82 12.23 8.28
CA HIS M 143 20.80 13.65 7.97
C HIS M 143 19.68 14.39 8.71
N GLY M 144 19.96 15.55 9.28
CA GLY M 144 18.93 16.34 9.95
C GLY M 144 19.42 17.68 10.45
N ARG M 145 18.77 18.21 11.49
CA ARG M 145 19.23 19.37 12.26
C ARG M 145 19.37 19.02 13.72
N GLU M 146 20.27 19.69 14.40
CA GLU M 146 20.42 19.60 15.86
C GLU M 146 19.42 20.55 16.53
N LEU M 147 18.62 20.06 17.48
CA LEU M 147 17.76 20.88 18.32
C LEU M 147 18.11 20.67 19.80
N PRO M 148 17.90 21.65 20.69
CA PRO M 148 18.21 21.49 22.09
C PRO M 148 17.23 20.55 22.76
N CYS M 149 17.73 19.61 23.56
CA CYS M 149 16.90 18.80 24.44
C CYS M 149 17.69 18.44 25.72
N SER M 150 17.22 17.48 26.51
CA SER M 150 17.82 17.12 27.78
C SER M 150 17.80 15.62 28.00
N THR M 151 18.79 15.14 28.73
CA THR M 151 19.20 13.74 28.73
C THR M 151 19.72 13.37 30.09
N TYR M 152 19.53 12.14 30.57
CA TYR M 152 20.30 11.67 31.71
C TYR M 152 21.68 11.28 31.22
N ALA M 153 22.73 12.00 31.64
CA ALA M 153 24.08 11.71 31.20
C ALA M 153 24.53 10.34 31.70
N GLN M 154 25.30 9.58 30.93
CA GLN M 154 25.61 8.20 31.29
C GLN M 154 26.62 8.07 32.45
N SER M 155 27.37 9.13 32.77
CA SER M 155 28.35 9.11 33.85
C SER M 155 27.71 9.06 35.23
N THR M 156 28.14 8.14 36.10
CA THR M 156 27.66 8.00 37.49
C THR M 156 28.22 9.07 38.45
N ALA M 157 28.45 10.30 38.00
CA ALA M 157 28.99 11.38 38.83
C ALA M 157 28.02 11.81 39.95
N ALA M 158 28.53 12.43 41.03
CA ALA M 158 27.73 12.73 42.21
C ALA M 158 26.76 13.91 42.03
N THR M 159 27.26 15.07 41.59
CA THR M 159 26.48 16.32 41.48
C THR M 159 25.78 16.71 42.79
N ALA M 160 24.44 16.81 42.82
CA ALA M 160 23.66 17.26 43.98
C ALA M 160 22.31 16.54 44.17
N GLU M 161 21.94 15.59 43.31
CA GLU M 161 20.78 14.73 43.56
C GLU M 161 21.08 13.76 44.71
N GLU M 162 20.18 13.58 45.67
CA GLU M 162 20.45 12.73 46.83
C GLU M 162 19.20 12.00 47.33
N ILE M 163 19.37 10.78 47.85
CA ILE M 163 18.32 9.93 48.41
C ILE M 163 18.65 9.55 49.85
N GLU M 164 17.66 9.54 50.73
CA GLU M 164 17.86 9.36 52.17
C GLU M 164 17.83 7.89 52.59
N VAL M 165 18.89 7.39 53.19
CA VAL M 165 18.90 6.08 53.84
C VAL M 165 18.60 6.20 55.32
N HIS M 166 17.98 5.19 55.90
CA HIS M 166 17.59 5.07 57.30
C HIS M 166 17.97 3.66 57.79
N MET M 167 17.98 3.39 59.09
CA MET M 167 18.09 2.00 59.52
C MET M 167 16.76 1.29 59.21
N PRO M 168 16.79 0.05 58.70
CA PRO M 168 15.58 -0.67 58.36
C PRO M 168 14.73 -1.01 59.59
N PRO M 169 13.41 -1.18 59.44
CA PRO M 169 12.54 -1.59 60.53
C PRO M 169 12.84 -3.02 60.97
N ASP M 170 12.37 -3.42 62.15
CA ASP M 170 12.53 -4.79 62.62
C ASP M 170 11.78 -5.77 61.71
N THR M 171 12.48 -6.69 61.06
CA THR M 171 11.89 -7.61 60.07
C THR M 171 11.18 -8.77 60.77
N PRO M 172 9.85 -8.89 60.71
CA PRO M 172 9.13 -9.94 61.38
C PRO M 172 9.19 -11.23 60.57
N ASP M 173 9.48 -12.34 61.23
CA ASP M 173 9.60 -13.64 60.61
C ASP M 173 9.16 -14.72 61.59
N ARG M 174 7.96 -15.27 61.36
CA ARG M 174 7.39 -16.33 62.20
C ARG M 174 8.32 -17.52 62.36
N THR M 175 9.17 -17.85 61.39
CA THR M 175 10.09 -19.00 61.50
C THR M 175 11.20 -18.80 62.53
N LEU M 176 11.34 -17.62 63.14
CA LEU M 176 12.15 -17.45 64.36
C LEU M 176 11.50 -18.13 65.58
N MET M 177 10.22 -18.52 65.52
CA MET M 177 9.48 -19.08 66.66
C MET M 177 8.89 -20.45 66.30
N SER M 178 8.80 -21.35 67.26
CA SER M 178 7.94 -22.54 67.15
C SER M 178 7.51 -23.09 68.50
N GLN M 179 6.39 -23.81 68.52
CA GLN M 179 5.90 -24.51 69.71
C GLN M 179 6.73 -25.77 69.97
N GLN M 180 7.21 -25.91 71.20
CA GLN M 180 7.91 -27.09 71.71
C GLN M 180 7.00 -27.93 72.63
N SER M 181 5.72 -28.05 72.27
CA SER M 181 4.58 -28.52 73.09
C SER M 181 4.38 -27.73 74.39
N GLY M 182 3.25 -27.03 74.52
CA GLY M 182 2.86 -26.24 75.71
C GLY M 182 3.68 -24.97 75.98
N ASN M 183 4.88 -24.85 75.40
CA ASN M 183 5.83 -23.75 75.49
C ASN M 183 6.38 -23.41 74.08
N VAL M 184 7.12 -22.31 73.94
CA VAL M 184 7.71 -21.84 72.67
C VAL M 184 9.22 -21.66 72.84
N LYS M 185 10.00 -21.76 71.75
CA LYS M 185 11.37 -21.23 71.74
C LYS M 185 11.63 -20.30 70.55
N ILE M 186 12.38 -19.24 70.80
CA ILE M 186 12.88 -18.31 69.80
C ILE M 186 14.20 -18.87 69.26
N THR M 187 14.14 -19.48 68.08
CA THR M 187 15.28 -20.10 67.40
C THR M 187 16.11 -19.06 66.65
N VAL M 188 16.80 -18.20 67.40
CA VAL M 188 17.79 -17.24 66.89
C VAL M 188 18.75 -17.89 65.90
N ASN M 189 18.84 -17.35 64.69
CA ASN M 189 19.71 -17.87 63.63
C ASN M 189 20.89 -16.92 63.37
N SER M 190 21.78 -16.76 64.36
CA SER M 190 22.96 -15.86 64.33
C SER M 190 22.64 -14.37 64.13
N GLN M 191 21.47 -13.93 64.59
CA GLN M 191 20.96 -12.56 64.44
C GLN M 191 20.41 -12.03 65.76
N THR M 192 20.63 -10.77 66.11
CA THR M 192 19.95 -10.19 67.28
C THR M 192 18.46 -10.04 67.00
N VAL M 193 17.62 -10.62 67.86
CA VAL M 193 16.16 -10.71 67.70
C VAL M 193 15.45 -9.96 68.83
N ARG M 194 14.42 -9.18 68.49
CA ARG M 194 13.43 -8.65 69.43
C ARG M 194 12.26 -9.61 69.55
N TYR M 195 11.59 -9.64 70.69
CA TYR M 195 10.36 -10.41 70.88
C TYR M 195 9.44 -9.80 71.94
N LYS M 196 8.15 -10.10 71.86
CA LYS M 196 7.13 -9.69 72.85
C LYS M 196 6.13 -10.80 73.09
N CYS M 197 5.91 -11.16 74.35
CA CYS M 197 4.94 -12.17 74.79
C CYS M 197 3.84 -11.54 75.66
N ASN M 198 2.58 -11.93 75.46
CA ASN M 198 1.43 -11.40 76.21
C ASN M 198 0.93 -12.30 77.36
N CYS M 199 1.69 -13.32 77.76
CA CYS M 199 1.25 -14.29 78.79
C CYS M 199 1.05 -13.68 80.19
N GLY M 200 1.63 -12.51 80.45
CA GLY M 200 1.59 -11.81 81.74
C GLY M 200 2.94 -11.80 82.49
N ASP M 201 3.89 -12.63 82.09
CA ASP M 201 5.29 -12.47 82.46
C ASP M 201 5.91 -11.27 81.71
N SER M 202 6.68 -10.43 82.40
CA SER M 202 7.35 -9.25 81.82
C SER M 202 8.59 -9.62 80.98
N ASN M 203 8.50 -10.68 80.18
CA ASN M 203 9.62 -11.30 79.50
C ASN M 203 10.03 -10.57 78.19
N GLU M 204 9.12 -9.79 77.59
CA GLU M 204 9.34 -9.05 76.34
C GLU M 204 10.66 -8.26 76.33
N GLY M 205 11.43 -8.38 75.24
CA GLY M 205 12.83 -7.95 75.24
C GLY M 205 13.59 -8.33 73.96
N LEU M 206 14.88 -8.60 74.12
CA LEU M 206 15.84 -8.79 73.03
C LEU M 206 16.86 -9.88 73.39
N THR M 207 17.37 -10.60 72.38
CA THR M 207 18.36 -11.67 72.57
C THR M 207 19.30 -11.82 71.36
N THR M 208 20.50 -12.37 71.55
CA THR M 208 21.37 -12.87 70.46
C THR M 208 21.73 -14.35 70.62
N THR M 209 21.05 -15.08 71.50
CA THR M 209 21.16 -16.55 71.69
C THR M 209 19.78 -17.19 71.70
N ASP M 210 19.62 -18.40 71.16
CA ASP M 210 18.29 -19.02 71.10
C ASP M 210 17.74 -19.29 72.52
N LYS M 211 16.45 -19.01 72.70
CA LYS M 211 15.85 -18.80 74.03
C LYS M 211 14.51 -19.52 74.16
N VAL M 212 14.31 -20.25 75.24
CA VAL M 212 13.03 -20.88 75.60
C VAL M 212 12.14 -19.87 76.33
N ILE M 213 10.82 -19.98 76.16
CA ILE M 213 9.82 -19.19 76.89
C ILE M 213 8.67 -20.08 77.39
N ASN M 214 8.25 -19.87 78.64
CA ASN M 214 7.23 -20.66 79.33
C ASN M 214 5.82 -20.06 79.18
N ASN M 215 4.79 -20.78 79.63
CA ASN M 215 3.39 -20.35 79.75
C ASN M 215 2.66 -19.96 78.45
N CYS M 216 3.31 -19.99 77.28
CA CYS M 216 2.79 -19.38 76.05
C CYS M 216 2.70 -20.34 74.86
N LYS M 217 1.64 -20.16 74.06
CA LYS M 217 1.44 -20.77 72.74
C LYS M 217 1.88 -19.80 71.62
N VAL M 218 1.99 -20.27 70.39
CA VAL M 218 2.57 -19.50 69.25
C VAL M 218 1.88 -18.15 69.01
N ASP M 219 0.56 -18.06 69.21
CA ASP M 219 -0.22 -16.84 69.04
C ASP M 219 -0.01 -15.79 70.17
N GLN M 220 0.62 -16.19 71.28
CA GLN M 220 0.84 -15.34 72.45
C GLN M 220 2.22 -14.67 72.46
N CYS M 221 3.02 -14.84 71.40
CA CYS M 221 4.33 -14.20 71.27
C CYS M 221 4.63 -13.81 69.81
N HIS M 222 5.48 -12.80 69.60
CA HIS M 222 5.87 -12.26 68.29
C HIS M 222 7.36 -11.89 68.31
N ALA M 223 8.07 -12.04 67.19
CA ALA M 223 9.52 -11.81 67.11
C ALA M 223 10.00 -11.30 65.75
N ALA M 224 11.11 -10.56 65.76
CA ALA M 224 11.69 -9.93 64.57
C ALA M 224 13.20 -9.71 64.66
N VAL M 225 13.92 -9.78 63.54
CA VAL M 225 15.36 -9.43 63.50
C VAL M 225 15.52 -7.92 63.67
N THR M 226 16.49 -7.44 64.47
CA THR M 226 16.50 -6.02 64.89
C THR M 226 17.81 -5.25 64.73
N ASN M 227 18.96 -5.73 65.21
CA ASN M 227 20.21 -4.95 65.10
C ASN M 227 20.85 -5.11 63.71
N HIS M 228 20.23 -4.50 62.71
CA HIS M 228 20.82 -4.36 61.38
C HIS M 228 21.94 -3.33 61.39
N LYS M 229 23.17 -3.73 61.01
CA LYS M 229 24.29 -2.79 60.82
C LYS M 229 24.33 -2.16 59.43
N LYS M 230 23.71 -2.79 58.44
CA LYS M 230 23.50 -2.25 57.08
C LYS M 230 22.24 -1.39 57.05
N TRP M 231 22.30 -0.19 56.48
CA TRP M 231 21.15 0.72 56.35
C TRP M 231 20.41 0.54 55.01
N GLN M 232 19.31 1.25 54.78
CA GLN M 232 18.34 0.98 53.72
C GLN M 232 17.69 2.26 53.21
N TYR M 233 17.25 2.38 51.95
CA TYR M 233 16.49 3.56 51.50
C TYR M 233 15.16 3.70 52.24
N ASN M 234 14.74 4.91 52.59
CA ASN M 234 13.54 5.19 53.38
C ASN M 234 12.26 5.22 52.54
N SER M 235 12.09 4.28 51.62
CA SER M 235 10.98 4.30 50.66
C SER M 235 9.62 4.36 51.36
N PRO M 236 8.55 4.83 50.71
CA PRO M 236 7.22 4.36 51.06
C PRO M 236 7.21 2.85 50.90
N LEU M 237 6.16 2.14 51.29
CA LEU M 237 6.06 0.71 50.99
C LEU M 237 7.08 -0.22 51.70
N VAL M 238 7.79 0.30 52.71
CA VAL M 238 8.34 -0.44 53.87
C VAL M 238 8.07 0.38 55.13
N PRO M 239 7.78 -0.19 56.31
CA PRO M 239 7.52 0.57 57.53
C PRO M 239 8.67 1.47 57.99
N ARG M 240 8.35 2.60 58.60
CA ARG M 240 9.34 3.43 59.30
C ARG M 240 9.82 2.72 60.56
N ASN M 241 11.08 2.92 60.94
CA ASN M 241 11.65 2.37 62.18
C ASN M 241 11.02 2.97 63.44
N ALA M 242 11.09 4.30 63.62
CA ALA M 242 10.45 5.04 64.70
C ALA M 242 10.19 6.51 64.28
N GLU M 243 9.23 7.18 64.90
CA GLU M 243 8.67 8.46 64.42
C GLU M 243 9.48 9.73 64.79
N LEU M 244 10.50 9.60 65.64
CA LEU M 244 11.17 10.72 66.32
C LEU M 244 12.15 11.44 65.37
N GLY M 245 11.58 12.11 64.37
CA GLY M 245 12.29 12.30 63.10
C GLY M 245 12.47 10.90 62.49
N ASP M 246 13.68 10.58 62.05
CA ASP M 246 14.21 9.21 62.02
C ASP M 246 15.74 9.23 61.85
N ARG M 247 16.38 8.07 61.78
CA ARG M 247 17.77 7.91 61.34
C ARG M 247 18.00 8.63 60.02
N LYS M 248 19.25 8.99 59.70
CA LYS M 248 19.53 9.76 58.48
C LYS M 248 20.96 9.57 57.98
N GLY M 249 21.11 9.60 56.67
CA GLY M 249 22.34 9.40 55.90
C GLY M 249 21.95 9.51 54.43
N LYS M 250 22.84 9.89 53.52
CA LYS M 250 22.44 10.26 52.16
C LYS M 250 23.34 9.65 51.10
N VAL M 251 22.73 9.19 50.02
CA VAL M 251 23.40 8.62 48.85
C VAL M 251 23.23 9.58 47.69
N HIS M 252 24.32 10.06 47.09
CA HIS M 252 24.23 10.82 45.83
C HIS M 252 23.76 9.90 44.71
N ILE M 253 22.76 10.31 43.93
CA ILE M 253 22.17 9.46 42.90
C ILE M 253 22.83 9.72 41.53
N PRO M 254 23.05 8.68 40.72
CA PRO M 254 23.76 8.78 39.46
C PRO M 254 22.94 9.44 38.34
N PHE M 255 23.61 9.69 37.21
CA PHE M 255 23.00 10.13 35.96
C PHE M 255 22.29 11.48 36.05
N PRO M 256 23.00 12.59 36.25
CA PRO M 256 22.39 13.90 36.31
C PRO M 256 21.77 14.27 34.95
N LEU M 257 20.77 15.15 34.94
CA LEU M 257 20.34 15.75 33.67
C LEU M 257 21.42 16.65 33.11
N ALA M 258 21.64 16.58 31.80
CA ALA M 258 22.45 17.51 31.03
C ALA M 258 21.63 18.09 29.88
N ASN M 259 21.88 19.36 29.53
CA ASN M 259 21.44 19.90 28.25
C ASN M 259 22.34 19.36 27.13
N VAL M 260 21.75 18.92 26.03
CA VAL M 260 22.51 18.38 24.89
C VAL M 260 21.67 18.53 23.62
N THR M 261 22.26 18.50 22.43
CA THR M 261 21.47 18.51 21.21
C THR M 261 21.01 17.12 20.80
N CYS M 262 19.85 17.06 20.16
CA CYS M 262 19.26 15.85 19.61
C CYS M 262 19.03 16.08 18.13
N ARG M 263 19.45 15.14 17.28
CA ARG M 263 19.23 15.24 15.84
C ARG M 263 17.82 14.85 15.50
N VAL M 264 17.13 15.68 14.73
CA VAL M 264 15.78 15.43 14.24
C VAL M 264 15.79 15.47 12.72
N PRO M 265 14.96 14.69 12.02
CA PRO M 265 14.95 14.68 10.57
C PRO M 265 14.41 15.97 10.00
N LYS M 266 14.69 16.25 8.73
CA LYS M 266 13.96 17.26 7.96
C LYS M 266 13.06 16.56 6.95
N ALA M 267 11.77 16.82 6.96
CA ALA M 267 10.89 16.31 5.92
C ALA M 267 11.39 16.74 4.55
N ARG M 268 11.36 15.86 3.56
CA ARG M 268 11.85 16.13 2.20
C ARG M 268 11.10 17.27 1.53
N ASN M 269 11.72 17.91 0.54
CA ASN M 269 11.12 19.02 -0.18
C ASN M 269 9.75 18.64 -0.76
N PRO M 270 8.73 19.48 -0.64
CA PRO M 270 7.47 19.24 -1.32
C PRO M 270 7.61 19.49 -2.83
N THR M 271 6.73 18.92 -3.65
CA THR M 271 6.64 19.32 -5.06
C THR M 271 5.68 20.49 -5.14
N VAL M 272 6.18 21.72 -5.15
CA VAL M 272 5.33 22.90 -5.28
C VAL M 272 5.05 23.25 -6.72
N THR M 273 3.94 23.92 -6.97
CA THR M 273 3.60 24.56 -8.24
C THR M 273 2.70 25.74 -7.96
N TYR M 274 2.57 26.70 -8.87
CA TYR M 274 1.93 27.98 -8.58
C TYR M 274 0.62 28.19 -9.33
N GLY M 275 -0.22 29.09 -8.82
CA GLY M 275 -1.41 29.59 -9.50
C GLY M 275 -1.69 31.03 -9.09
N LYS M 276 -2.69 31.68 -9.68
CA LYS M 276 -3.02 33.08 -9.37
C LYS M 276 -3.35 33.21 -7.89
N ASN M 277 -2.49 33.90 -7.14
CA ASN M 277 -2.57 34.02 -5.68
C ASN M 277 -2.56 32.66 -4.94
N GLN M 278 -1.89 31.63 -5.44
CA GLN M 278 -1.76 30.35 -4.73
C GLN M 278 -0.38 29.74 -4.86
N VAL M 279 0.07 29.04 -3.82
CA VAL M 279 1.00 27.93 -3.96
C VAL M 279 0.22 26.64 -3.75
N ILE M 280 0.47 25.65 -4.60
CA ILE M 280 -0.06 24.31 -4.47
C ILE M 280 1.12 23.41 -4.14
N MET M 281 1.09 22.71 -3.02
CA MET M 281 2.21 21.90 -2.54
C MET M 281 1.80 20.45 -2.41
N LEU M 282 2.56 19.53 -2.97
CA LEU M 282 2.35 18.10 -2.75
C LEU M 282 3.35 17.61 -1.71
N LEU M 283 2.87 17.09 -0.59
CA LEU M 283 3.65 16.81 0.60
C LEU M 283 3.94 15.32 0.75
N TYR M 284 5.12 14.93 1.20
CA TYR M 284 5.55 13.54 1.30
C TYR M 284 6.06 13.17 2.71
N PRO M 285 5.19 13.04 3.72
CA PRO M 285 5.61 12.70 5.06
C PRO M 285 6.02 11.24 5.21
N ASP M 286 7.21 10.98 5.75
CA ASP M 286 7.63 9.64 6.21
C ASP M 286 7.09 9.27 7.59
N HIS M 287 6.65 10.28 8.35
CA HIS M 287 6.10 10.22 9.69
C HIS M 287 5.27 11.50 9.90
N PRO M 288 4.33 11.56 10.85
CA PRO M 288 3.50 12.74 11.07
C PRO M 288 4.32 14.01 11.16
N THR M 289 4.06 14.97 10.29
CA THR M 289 4.87 16.17 10.10
C THR M 289 3.99 17.39 10.21
N LEU M 290 4.37 18.39 11.00
CA LEU M 290 3.58 19.60 11.15
C LEU M 290 3.82 20.55 9.98
N LEU M 291 2.75 21.01 9.36
CA LEU M 291 2.77 22.11 8.41
C LEU M 291 2.19 23.32 9.11
N SER M 292 2.87 24.46 9.15
CA SER M 292 2.32 25.72 9.66
C SER M 292 2.39 26.77 8.59
N TYR M 293 1.47 27.72 8.55
CA TYR M 293 1.65 28.89 7.70
C TYR M 293 0.99 30.14 8.28
N ARG M 294 1.54 31.29 7.96
CA ARG M 294 1.03 32.60 8.37
C ARG M 294 1.21 33.62 7.26
N ASN M 295 0.33 34.60 7.22
CA ASN M 295 0.52 35.80 6.42
C ASN M 295 1.64 36.63 7.05
N MET M 296 2.42 37.35 6.26
CA MET M 296 3.46 38.22 6.79
C MET M 296 2.95 39.64 7.09
N GLY M 297 1.63 39.84 7.09
CA GLY M 297 0.96 41.12 7.33
C GLY M 297 0.54 41.36 8.77
N GLU M 298 -0.39 42.31 8.96
CA GLU M 298 -0.87 42.76 10.27
C GLU M 298 -1.69 41.71 11.02
N GLU M 299 -2.43 40.86 10.31
CA GLU M 299 -3.09 39.70 10.89
C GLU M 299 -2.47 38.43 10.31
N PRO M 300 -1.77 37.61 11.11
CA PRO M 300 -1.02 36.49 10.59
C PRO M 300 -1.92 35.35 10.16
N ASN M 301 -3.15 35.27 10.64
CA ASN M 301 -4.12 34.22 10.31
C ASN M 301 -3.46 32.84 10.37
N TYR M 302 -2.73 32.60 11.44
CA TYR M 302 -1.91 31.41 11.60
C TYR M 302 -2.76 30.15 11.55
N GLN M 303 -2.35 29.18 10.75
CA GLN M 303 -2.97 27.88 10.67
C GLN M 303 -1.92 26.78 10.61
N GLU M 304 -2.27 25.59 11.09
CA GLU M 304 -1.37 24.45 11.11
C GLU M 304 -2.13 23.14 10.98
N GLU M 305 -1.45 22.08 10.57
CA GLU M 305 -1.94 20.71 10.67
C GLU M 305 -0.80 19.71 10.72
N TRP M 306 -0.97 18.58 11.42
CA TRP M 306 -0.12 17.42 11.18
C TRP M 306 -0.60 16.72 9.93
N VAL M 307 0.29 16.47 8.98
CA VAL M 307 0.01 15.64 7.81
C VAL M 307 0.71 14.30 7.99
N THR M 308 0.00 13.21 7.73
CA THR M 308 0.43 11.85 8.08
C THR M 308 0.62 10.94 6.87
N HIS M 309 0.09 11.33 5.71
CA HIS M 309 0.16 10.64 4.42
C HIS M 309 0.33 11.67 3.31
N LYS M 310 0.69 11.25 2.09
CA LYS M 310 0.77 12.17 0.93
C LYS M 310 -0.51 12.98 0.80
N LYS M 311 -0.38 14.28 0.60
CA LYS M 311 -1.50 15.23 0.59
C LYS M 311 -1.17 16.43 -0.29
N GLU M 312 -2.14 17.03 -0.95
CA GLU M 312 -1.99 18.29 -1.66
C GLU M 312 -2.64 19.41 -0.86
N ILE M 313 -1.91 20.48 -0.60
CA ILE M 313 -2.40 21.69 0.07
C ILE M 313 -2.42 22.83 -0.94
N ARG M 314 -3.45 23.68 -0.94
CA ARG M 314 -3.43 24.95 -1.68
C ARG M 314 -3.50 26.11 -0.70
N LEU M 315 -2.47 26.95 -0.66
CA LEU M 315 -2.40 28.09 0.23
C LEU M 315 -2.62 29.37 -0.56
N THR M 316 -3.59 30.19 -0.17
CA THR M 316 -3.81 31.49 -0.78
C THR M 316 -2.73 32.46 -0.32
N VAL M 317 -1.94 33.00 -1.25
CA VAL M 317 -0.85 33.94 -0.93
C VAL M 317 -1.38 35.37 -0.98
N PRO M 318 -1.48 36.11 0.13
CA PRO M 318 -1.94 37.49 0.13
C PRO M 318 -0.82 38.44 -0.30
N THR M 319 -1.14 39.68 -0.62
CA THR M 319 -0.15 40.70 -1.05
C THR M 319 1.01 40.90 -0.09
N GLU M 320 0.76 40.76 1.21
CA GLU M 320 1.78 40.90 2.26
C GLU M 320 2.83 39.80 2.23
N GLY M 321 2.50 38.65 1.62
CA GLY M 321 3.31 37.45 1.57
C GLY M 321 2.81 36.36 2.51
N LEU M 322 3.28 35.14 2.29
CA LEU M 322 2.98 33.96 3.07
C LEU M 322 4.28 33.30 3.50
N GLU M 323 4.40 32.87 4.75
CA GLU M 323 5.49 32.06 5.23
C GLU M 323 4.96 30.66 5.57
N VAL M 324 5.54 29.61 4.99
CA VAL M 324 5.16 28.22 5.20
C VAL M 324 6.28 27.46 5.87
N THR M 325 6.06 26.86 7.03
CA THR M 325 7.06 26.03 7.71
C THR M 325 6.64 24.58 7.62
N TRP M 326 7.35 23.80 6.83
CA TRP M 326 7.08 22.39 6.61
C TRP M 326 8.04 21.53 7.43
N GLY M 327 7.55 20.80 8.44
CA GLY M 327 8.40 19.95 9.26
C GLY M 327 9.49 20.75 9.97
N ASN M 328 10.68 20.20 10.10
CA ASN M 328 11.84 20.89 10.68
C ASN M 328 12.64 21.73 9.66
N ASN M 329 12.16 21.95 8.44
CA ASN M 329 12.84 22.79 7.45
C ASN M 329 12.84 24.26 7.85
N GLU M 330 13.76 25.05 7.30
CA GLU M 330 13.65 26.51 7.36
C GLU M 330 12.45 26.98 6.55
N PRO M 331 11.74 28.05 6.94
CA PRO M 331 10.51 28.44 6.28
C PRO M 331 10.66 28.80 4.81
N TYR M 332 9.63 28.57 4.03
CA TYR M 332 9.51 29.05 2.65
C TYR M 332 8.71 30.35 2.66
N LYS M 333 9.19 31.43 2.05
CA LYS M 333 8.42 32.66 1.89
C LYS M 333 7.96 32.80 0.46
N TYR M 334 6.72 33.22 0.26
CA TYR M 334 6.10 33.42 -1.03
C TYR M 334 5.40 34.78 -1.10
N TRP M 335 5.55 35.53 -2.19
CA TRP M 335 4.78 36.75 -2.48
C TRP M 335 4.10 36.65 -3.84
N PRO M 336 2.91 37.21 -4.05
CA PRO M 336 2.27 37.18 -5.35
C PRO M 336 2.91 38.20 -6.27
N GLN M 337 2.88 37.90 -7.56
CA GLN M 337 3.46 38.69 -8.63
C GLN M 337 2.32 39.26 -9.48
N LEU M 338 2.26 40.57 -9.73
CA LEU M 338 1.21 41.21 -10.52
C LEU M 338 1.08 40.52 -11.88
N SER M 339 0.08 39.67 -12.12
CA SER M 339 0.04 38.84 -13.34
C SER M 339 -1.37 38.45 -13.73
N THR M 340 -1.60 38.27 -15.04
CA THR M 340 -2.93 38.11 -15.63
C THR M 340 -2.84 37.53 -17.04
N ASN M 341 -3.92 36.90 -17.51
CA ASN M 341 -4.07 36.44 -18.89
C ASN M 341 -4.52 37.58 -19.82
N GLY M 342 -5.17 38.61 -19.27
CA GLY M 342 -5.57 39.80 -20.02
C GLY M 342 -4.39 40.70 -20.36
N THR M 343 -4.64 41.80 -21.04
CA THR M 343 -3.63 42.84 -21.24
C THR M 343 -4.26 44.22 -21.23
N ALA M 344 -3.53 45.18 -20.66
CA ALA M 344 -3.67 46.57 -21.05
C ALA M 344 -3.30 46.73 -22.54
N HIS M 345 -3.47 47.92 -23.12
CA HIS M 345 -3.02 48.25 -24.49
C HIS M 345 -3.77 47.54 -25.65
N GLY M 346 -4.49 46.45 -25.38
CA GLY M 346 -5.45 45.84 -26.29
C GLY M 346 -6.77 46.62 -26.35
N HIS M 347 -7.80 45.98 -26.90
CA HIS M 347 -9.17 46.52 -26.90
C HIS M 347 -9.72 46.70 -25.48
N PRO M 348 -10.74 47.53 -25.25
CA PRO M 348 -11.38 47.67 -23.93
C PRO M 348 -11.78 46.33 -23.30
N HIS M 349 -12.21 45.38 -24.13
CA HIS M 349 -12.50 43.98 -23.78
C HIS M 349 -11.34 43.26 -23.06
N GLU M 350 -10.10 43.63 -23.38
CA GLU M 350 -8.89 43.12 -22.75
C GLU M 350 -8.52 43.93 -21.50
N ILE M 351 -8.59 45.27 -21.54
CA ILE M 351 -8.04 46.09 -20.44
C ILE M 351 -8.89 45.98 -19.17
N ILE M 352 -10.22 45.79 -19.28
CA ILE M 352 -11.01 45.51 -18.07
C ILE M 352 -10.67 44.14 -17.50
N LEU M 353 -10.32 43.17 -18.34
CA LEU M 353 -9.95 41.83 -17.89
C LEU M 353 -8.58 41.86 -17.21
N TYR M 354 -7.64 42.62 -17.76
CA TYR M 354 -6.35 42.89 -17.14
C TYR M 354 -6.51 43.46 -15.73
N TYR M 355 -7.21 44.58 -15.57
CA TYR M 355 -7.34 45.18 -14.25
C TYR M 355 -8.23 44.36 -13.31
N TYR M 356 -9.23 43.63 -13.81
CA TYR M 356 -10.05 42.78 -12.96
C TYR M 356 -9.23 41.65 -12.35
N GLU M 357 -8.36 40.98 -13.12
CA GLU M 357 -7.53 39.92 -12.56
C GLU M 357 -6.48 40.45 -11.58
N LEU M 358 -6.05 41.71 -11.67
CA LEU M 358 -5.13 42.33 -10.70
C LEU M 358 -5.85 42.91 -9.47
N TYR M 359 -7.00 43.54 -9.63
CA TYR M 359 -7.73 44.27 -8.58
C TYR M 359 -9.25 44.08 -8.74
N PRO M 360 -9.80 42.89 -8.44
CA PRO M 360 -11.17 42.56 -8.82
C PRO M 360 -12.21 43.36 -8.04
N THR M 361 -11.96 43.66 -6.76
CA THR M 361 -12.85 44.51 -5.97
C THR M 361 -12.78 45.98 -6.39
N MET M 362 -11.60 46.50 -6.72
CA MET M 362 -11.48 47.90 -7.15
C MET M 362 -12.08 48.16 -8.53
N THR M 363 -11.85 47.26 -9.49
CA THR M 363 -12.42 47.43 -10.84
C THR M 363 -13.93 47.37 -10.86
N VAL M 364 -14.56 46.38 -10.21
CA VAL M 364 -16.03 46.31 -10.21
C VAL M 364 -16.66 47.52 -9.52
N VAL M 365 -16.00 48.12 -8.53
CA VAL M 365 -16.40 49.45 -8.02
C VAL M 365 -16.27 50.50 -9.10
N VAL M 366 -15.08 50.78 -9.62
CA VAL M 366 -14.92 51.96 -10.48
C VAL M 366 -15.70 51.84 -11.78
N VAL M 367 -15.81 50.67 -12.41
CA VAL M 367 -16.65 50.54 -13.62
C VAL M 367 -18.15 50.65 -13.31
N SER M 368 -18.63 50.15 -12.16
CA SER M 368 -20.04 50.27 -11.81
C SER M 368 -20.41 51.72 -11.49
N VAL M 369 -19.67 52.43 -10.63
CA VAL M 369 -19.97 53.86 -10.37
C VAL M 369 -19.69 54.74 -11.59
N ALA M 370 -18.68 54.45 -12.42
CA ALA M 370 -18.51 55.13 -13.69
C ALA M 370 -19.70 54.90 -14.63
N SER M 371 -20.26 53.68 -14.69
CA SER M 371 -21.49 53.45 -15.45
C SER M 371 -22.66 54.26 -14.88
N PHE M 372 -22.85 54.30 -13.56
CA PHE M 372 -23.94 55.05 -12.94
C PHE M 372 -23.83 56.55 -13.24
N VAL M 373 -22.64 57.16 -13.17
CA VAL M 373 -22.51 58.57 -13.57
C VAL M 373 -22.67 58.74 -15.08
N LEU M 374 -22.03 57.94 -15.93
CA LEU M 374 -22.11 58.16 -17.38
C LEU M 374 -23.52 57.88 -17.95
N LEU M 375 -24.18 56.81 -17.53
CA LEU M 375 -25.55 56.52 -17.97
C LEU M 375 -26.55 57.57 -17.44
N SER M 376 -26.29 58.18 -16.27
CA SER M 376 -27.11 59.30 -15.80
C SER M 376 -26.72 60.64 -16.43
N MET M 377 -25.50 60.83 -16.93
CA MET M 377 -25.12 62.03 -17.67
C MET M 377 -25.82 62.11 -19.03
N VAL M 378 -25.88 61.00 -19.79
CA VAL M 378 -26.77 60.97 -20.97
C VAL M 378 -28.24 61.06 -20.57
N GLY M 379 -28.62 60.56 -19.39
CA GLY M 379 -29.97 60.75 -18.84
C GLY M 379 -30.32 62.22 -18.60
N VAL M 380 -29.47 63.00 -17.93
CA VAL M 380 -29.73 64.42 -17.67
C VAL M 380 -29.58 65.26 -18.93
N ALA M 381 -28.74 64.87 -19.90
CA ALA M 381 -28.76 65.48 -21.23
C ALA M 381 -30.12 65.30 -21.92
N VAL M 382 -30.71 64.10 -21.89
CA VAL M 382 -32.07 63.88 -22.41
C VAL M 382 -33.11 64.69 -21.62
N GLY M 383 -32.98 64.78 -20.29
CA GLY M 383 -33.84 65.62 -19.45
C GLY M 383 -33.74 67.11 -19.80
N MET M 384 -32.54 67.64 -20.01
CA MET M 384 -32.33 69.01 -20.48
C MET M 384 -32.83 69.23 -21.91
N CYS M 385 -32.71 68.24 -22.80
CA CYS M 385 -33.27 68.30 -24.15
C CYS M 385 -34.82 68.35 -24.12
N MET M 386 -35.46 67.54 -23.28
CA MET M 386 -36.90 67.60 -23.02
C MET M 386 -37.31 68.96 -22.43
N CYS M 387 -36.61 69.43 -21.39
CA CYS M 387 -36.88 70.71 -20.74
C CYS M 387 -36.77 71.88 -21.73
N ALA M 388 -35.75 71.84 -22.60
CA ALA M 388 -35.57 72.80 -23.68
C ALA M 388 -36.68 72.75 -24.73
N ARG M 389 -37.07 71.55 -25.19
CA ARG M 389 -38.14 71.39 -26.20
C ARG M 389 -39.46 71.96 -25.71
N ARG M 390 -39.89 71.63 -24.48
CA ARG M 390 -41.19 72.12 -23.96
C ARG M 390 -41.23 73.64 -23.85
N ARG M 391 -40.16 74.29 -23.38
CA ARG M 391 -40.08 75.76 -23.37
C ARG M 391 -39.95 76.40 -24.76
N CYS M 392 -39.37 75.72 -25.75
CA CYS M 392 -39.33 76.19 -27.13
C CYS M 392 -40.69 76.06 -27.85
N ILE M 393 -41.36 74.91 -27.73
CA ILE M 393 -42.53 74.58 -28.55
C ILE M 393 -43.86 75.09 -27.98
N THR M 394 -44.01 75.18 -26.66
CA THR M 394 -45.31 75.57 -26.07
C THR M 394 -45.84 76.93 -26.51
N PRO M 395 -45.05 78.00 -26.72
CA PRO M 395 -45.56 79.23 -27.33
C PRO M 395 -46.31 79.03 -28.65
N TYR M 396 -45.83 78.16 -29.53
CA TYR M 396 -46.51 77.84 -30.80
C TYR M 396 -47.73 76.95 -30.58
N GLU M 397 -47.67 76.00 -29.64
CA GLU M 397 -48.77 75.12 -29.28
C GLU M 397 -49.97 75.89 -28.68
N LEU M 398 -49.70 76.75 -27.69
CA LEU M 398 -50.65 77.57 -26.94
C LEU M 398 -51.12 78.84 -27.70
N THR M 399 -51.09 78.83 -29.04
CA THR M 399 -51.55 79.94 -29.88
C THR M 399 -52.48 79.42 -30.99
N PRO M 400 -53.64 80.05 -31.25
CA PRO M 400 -54.58 79.57 -32.28
C PRO M 400 -54.07 79.81 -33.70
N GLY M 401 -54.54 79.02 -34.66
CA GLY M 401 -54.30 79.27 -36.09
C GLY M 401 -53.12 78.53 -36.74
N ALA M 402 -52.54 77.51 -36.06
CA ALA M 402 -51.50 76.63 -36.59
C ALA M 402 -50.26 77.37 -37.14
N THR M 403 -49.53 78.06 -36.26
CA THR M 403 -48.57 79.11 -36.65
C THR M 403 -47.15 78.63 -37.00
N VAL M 404 -46.73 77.43 -36.58
CA VAL M 404 -45.29 77.05 -36.50
C VAL M 404 -44.54 77.01 -37.86
N PRO M 405 -43.30 77.55 -37.96
CA PRO M 405 -42.54 77.56 -39.21
C PRO M 405 -41.92 76.21 -39.56
N PHE M 406 -41.47 76.06 -40.81
CA PHE M 406 -40.96 74.80 -41.36
C PHE M 406 -39.66 74.32 -40.67
N LEU M 407 -38.61 75.14 -40.66
CA LEU M 407 -37.30 74.75 -40.14
C LEU M 407 -37.37 74.26 -38.69
N LEU M 408 -38.06 75.02 -37.83
CA LEU M 408 -38.23 74.67 -36.43
C LEU M 408 -39.02 73.37 -36.25
N SER M 409 -39.95 73.05 -37.16
CA SER M 409 -40.71 71.80 -37.07
C SER M 409 -39.82 70.57 -37.24
N LEU M 410 -38.79 70.64 -38.10
CA LEU M 410 -37.78 69.59 -38.27
C LEU M 410 -36.83 69.53 -37.07
N ILE M 411 -36.29 70.68 -36.63
CA ILE M 411 -35.37 70.76 -35.48
C ILE M 411 -35.98 70.17 -34.21
N CYS M 412 -37.23 70.51 -33.90
CA CYS M 412 -37.93 70.03 -32.71
C CYS M 412 -38.75 68.74 -32.94
N CYS M 413 -38.57 68.10 -34.09
CA CYS M 413 -39.06 66.76 -34.39
C CYS M 413 -40.58 66.58 -34.18
N ILE M 414 -41.38 67.63 -34.45
CA ILE M 414 -42.85 67.58 -34.36
C ILE M 414 -43.46 66.94 -35.61
N ARG M 415 -43.35 65.61 -35.69
CA ARG M 415 -43.83 64.71 -36.76
C ARG M 415 -43.74 65.27 -38.18
N THR M 416 -44.85 65.68 -38.79
CA THR M 416 -44.92 66.23 -40.16
C THR M 416 -45.72 67.53 -40.18
N ALA M 417 -45.20 68.56 -40.87
CA ALA M 417 -45.83 69.85 -41.12
C ALA M 417 -46.32 70.62 -39.86
N LYS M 418 -47.02 71.74 -40.09
CA LYS M 418 -47.52 72.69 -39.06
C LYS M 418 -48.93 72.41 -38.49
N ALA M 419 -49.58 71.32 -38.92
CA ALA M 419 -50.91 70.90 -38.47
C ALA M 419 -51.00 70.59 -36.96
N ASN N 1 -75.19 89.63 -30.77
CA ASN N 1 -74.16 89.99 -29.78
C ASN N 1 -73.63 88.76 -29.04
N ASP N 2 -74.46 88.09 -28.22
CA ASP N 2 -74.12 86.91 -27.40
C ASP N 2 -73.94 85.60 -28.22
N CYS N 3 -73.38 85.69 -29.43
CA CYS N 3 -73.14 84.59 -30.36
C CYS N 3 -71.87 83.81 -29.96
N ILE N 4 -71.88 83.30 -28.73
CA ILE N 4 -70.68 82.95 -27.95
C ILE N 4 -70.77 81.51 -27.42
N PHE N 5 -69.63 80.82 -27.33
CA PHE N 5 -69.50 79.54 -26.63
C PHE N 5 -68.27 79.52 -25.70
N GLU N 6 -68.48 79.02 -24.49
CA GLU N 6 -67.52 78.82 -23.41
C GLU N 6 -68.12 77.87 -22.36
N VAL N 7 -67.33 77.38 -21.41
CA VAL N 7 -67.82 76.55 -20.30
C VAL N 7 -67.00 76.74 -19.03
N LYS N 8 -67.63 76.59 -17.85
CA LYS N 8 -67.03 76.79 -16.51
C LYS N 8 -66.44 75.48 -15.93
N HIS N 9 -65.98 75.51 -14.67
CA HIS N 9 -65.33 74.36 -14.01
C HIS N 9 -65.87 74.04 -12.62
N GLU N 10 -65.92 72.73 -12.28
CA GLU N 10 -66.23 72.16 -10.95
C GLU N 10 -67.45 72.74 -10.21
N GLY N 11 -68.46 73.24 -10.93
CA GLY N 11 -69.73 73.68 -10.33
C GLY N 11 -69.67 74.98 -9.52
N LYS N 12 -68.57 75.73 -9.58
CA LYS N 12 -68.46 77.10 -9.01
C LYS N 12 -68.30 78.14 -10.13
N VAL N 13 -68.20 79.42 -9.78
CA VAL N 13 -67.87 80.50 -10.73
C VAL N 13 -66.35 80.51 -11.02
N THR N 14 -65.82 79.36 -11.44
CA THR N 14 -64.38 79.04 -11.48
C THR N 14 -63.66 79.62 -12.72
N GLY N 15 -64.14 80.75 -13.26
CA GLY N 15 -63.75 81.23 -14.59
C GLY N 15 -64.19 80.29 -15.73
N TYR N 16 -63.88 80.66 -16.98
CA TYR N 16 -64.35 79.95 -18.19
C TYR N 16 -63.20 79.42 -19.05
N ALA N 17 -63.44 78.31 -19.76
CA ALA N 17 -62.62 77.80 -20.85
C ALA N 17 -63.31 78.01 -22.20
N CYS N 18 -62.55 78.45 -23.20
CA CYS N 18 -63.07 79.17 -24.36
C CYS N 18 -62.57 78.58 -25.67
N LEU N 19 -63.46 78.45 -26.65
CA LEU N 19 -63.14 77.84 -27.94
C LEU N 19 -62.74 78.95 -28.91
N VAL N 20 -61.44 79.08 -29.18
CA VAL N 20 -60.86 80.17 -29.97
C VAL N 20 -60.19 79.59 -31.20
N GLY N 21 -60.71 79.91 -32.38
CA GLY N 21 -60.20 79.45 -33.68
C GLY N 21 -60.29 77.94 -33.90
N ASP N 22 -59.38 77.22 -33.28
CA ASP N 22 -59.13 75.78 -33.46
C ASP N 22 -58.74 75.05 -32.16
N LYS N 23 -58.66 75.75 -31.03
CA LYS N 23 -58.30 75.16 -29.74
C LYS N 23 -59.07 75.73 -28.55
N VAL N 24 -59.30 74.87 -27.56
CA VAL N 24 -59.86 75.18 -26.25
C VAL N 24 -58.76 75.84 -25.45
N MET N 25 -59.00 76.96 -24.78
CA MET N 25 -58.01 77.53 -23.86
C MET N 25 -58.62 78.06 -22.57
N LYS N 26 -57.83 78.04 -21.51
CA LYS N 26 -58.24 78.17 -20.13
C LYS N 26 -57.10 78.82 -19.31
N PRO N 27 -57.37 79.63 -18.29
CA PRO N 27 -56.33 80.06 -17.35
C PRO N 27 -55.71 78.87 -16.62
N ALA N 28 -54.39 78.80 -16.51
CA ALA N 28 -53.72 77.71 -15.80
C ALA N 28 -53.97 77.73 -14.28
N HIS N 29 -54.27 78.89 -13.70
CA HIS N 29 -54.47 79.04 -12.25
C HIS N 29 -55.88 78.65 -11.76
N VAL N 30 -56.88 78.55 -12.64
CA VAL N 30 -58.25 78.19 -12.23
C VAL N 30 -58.44 76.68 -12.06
N LYS N 31 -59.16 76.29 -11.00
CA LYS N 31 -59.21 74.94 -10.43
C LYS N 31 -60.13 73.99 -11.20
N GLY N 32 -60.13 72.71 -10.81
CA GLY N 32 -61.16 71.75 -11.22
C GLY N 32 -61.10 71.33 -12.68
N THR N 33 -62.24 70.96 -13.25
CA THR N 33 -62.36 70.51 -14.64
C THR N 33 -63.66 70.99 -15.30
N ILE N 34 -63.65 71.02 -16.63
CA ILE N 34 -64.70 71.59 -17.48
C ILE N 34 -66.06 70.91 -17.25
N ASP N 35 -67.10 71.71 -17.04
CA ASP N 35 -68.50 71.28 -16.95
C ASP N 35 -69.12 70.96 -18.33
N ASN N 36 -68.37 70.22 -19.15
CA ASN N 36 -68.83 69.58 -20.39
C ASN N 36 -68.00 68.31 -20.64
N ALA N 37 -68.64 67.14 -20.53
CA ALA N 37 -67.99 65.83 -20.68
C ALA N 37 -67.34 65.62 -22.06
N ASP N 38 -67.75 66.38 -23.09
CA ASP N 38 -67.14 66.27 -24.42
C ASP N 38 -65.72 66.84 -24.47
N LEU N 39 -65.45 67.92 -23.73
CA LEU N 39 -64.13 68.56 -23.64
C LEU N 39 -63.33 68.07 -22.41
N ALA N 40 -63.98 67.59 -21.35
CA ALA N 40 -63.29 67.19 -20.12
C ALA N 40 -62.26 66.06 -20.31
N LYS N 41 -62.47 65.15 -21.27
CA LYS N 41 -61.54 64.03 -21.55
C LYS N 41 -60.36 64.37 -22.46
N LEU N 42 -60.23 65.62 -22.92
CA LEU N 42 -59.10 66.09 -23.73
C LEU N 42 -57.80 66.19 -22.91
N ALA N 43 -56.65 65.97 -23.57
CA ALA N 43 -55.32 66.03 -22.96
C ALA N 43 -54.69 67.44 -23.06
N PHE N 44 -54.95 68.29 -22.07
CA PHE N 44 -54.48 69.68 -22.03
C PHE N 44 -52.96 69.81 -21.84
N LYS N 45 -52.35 70.70 -22.64
CA LYS N 45 -50.97 71.22 -22.48
C LYS N 45 -51.02 72.49 -21.61
N ARG N 46 -49.93 72.88 -20.92
CA ARG N 46 -49.94 74.09 -20.05
C ARG N 46 -48.61 74.84 -19.95
N SER N 47 -48.68 76.12 -19.59
CA SER N 47 -47.54 76.98 -19.23
C SER N 47 -47.78 77.75 -17.94
N SER N 48 -46.83 77.70 -17.00
CA SER N 48 -46.84 78.48 -15.75
C SER N 48 -46.20 79.87 -15.89
N LYS N 49 -45.88 80.31 -17.11
CA LYS N 49 -45.34 81.66 -17.40
C LYS N 49 -46.32 82.52 -18.19
N TYR N 50 -47.03 81.93 -19.16
CA TYR N 50 -48.23 82.55 -19.75
C TYR N 50 -49.49 82.38 -18.89
N ASP N 51 -49.47 81.47 -17.90
CA ASP N 51 -50.63 81.08 -17.10
C ASP N 51 -51.81 80.59 -17.96
N LEU N 52 -51.49 79.75 -18.95
CA LEU N 52 -52.41 79.34 -20.00
C LEU N 52 -52.38 77.81 -20.16
N GLU N 53 -53.55 77.21 -20.29
CA GLU N 53 -53.75 75.77 -20.45
C GLU N 53 -54.64 75.54 -21.68
N CYS N 54 -54.33 74.58 -22.55
CA CYS N 54 -54.92 74.51 -23.87
C CYS N 54 -54.98 73.09 -24.47
N ALA N 55 -55.95 72.82 -25.35
CA ALA N 55 -56.10 71.56 -26.07
C ALA N 55 -56.76 71.77 -27.44
N GLN N 56 -56.47 70.92 -28.42
CA GLN N 56 -57.11 70.97 -29.74
C GLN N 56 -58.63 70.71 -29.63
N ILE N 57 -59.45 71.49 -30.35
CA ILE N 57 -60.90 71.26 -30.40
C ILE N 57 -61.19 69.99 -31.22
N PRO N 58 -62.05 69.07 -30.74
CA PRO N 58 -62.40 67.86 -31.49
C PRO N 58 -63.15 68.21 -32.78
N VAL N 59 -62.89 67.45 -33.85
CA VAL N 59 -63.35 67.79 -35.22
C VAL N 59 -64.87 67.97 -35.34
N HIS N 60 -65.65 67.19 -34.59
CA HIS N 60 -67.11 67.09 -34.76
C HIS N 60 -67.92 68.33 -34.33
N MET N 61 -67.26 69.38 -33.81
CA MET N 61 -67.94 70.51 -33.18
C MET N 61 -67.28 71.88 -33.46
N LYS N 62 -66.35 71.97 -34.43
CA LYS N 62 -65.59 73.20 -34.70
C LYS N 62 -66.44 74.42 -35.10
N SER N 63 -67.71 74.25 -35.45
CA SER N 63 -68.63 75.39 -35.60
C SER N 63 -68.78 76.23 -34.32
N ASP N 64 -68.55 75.66 -33.13
CA ASP N 64 -68.63 76.37 -31.85
C ASP N 64 -67.38 77.22 -31.54
N ALA N 65 -66.32 77.14 -32.35
CA ALA N 65 -65.11 77.91 -32.16
C ALA N 65 -65.23 79.36 -32.69
N SER N 66 -65.00 80.33 -31.81
CA SER N 66 -65.05 81.77 -32.12
C SER N 66 -63.93 82.21 -33.06
N LYS N 67 -64.19 83.24 -33.87
CA LYS N 67 -63.18 83.89 -34.71
C LYS N 67 -62.16 84.63 -33.83
N PHE N 68 -60.93 84.81 -34.31
CA PHE N 68 -59.82 85.42 -33.56
C PHE N 68 -58.95 86.31 -34.45
N THR N 69 -58.28 87.29 -33.85
CA THR N 69 -57.27 88.11 -34.54
C THR N 69 -56.19 88.62 -33.59
N HIS N 70 -55.01 88.92 -34.13
CA HIS N 70 -53.95 89.67 -33.44
C HIS N 70 -54.21 91.18 -33.38
N GLU N 71 -55.06 91.69 -34.27
CA GLU N 71 -55.27 93.13 -34.50
C GLU N 71 -55.82 93.85 -33.26
N LYS N 72 -55.08 94.83 -32.74
CA LYS N 72 -55.46 95.61 -31.55
C LYS N 72 -55.18 97.10 -31.76
N PRO N 73 -55.95 97.81 -32.60
CA PRO N 73 -55.98 99.26 -32.60
C PRO N 73 -56.56 99.78 -31.28
N GLU N 74 -56.24 101.02 -30.91
CA GLU N 74 -56.78 101.60 -29.68
C GLU N 74 -58.30 101.87 -29.79
N GLY N 75 -59.01 101.87 -28.67
CA GLY N 75 -60.45 102.11 -28.61
C GLY N 75 -61.14 101.34 -27.51
N TYR N 76 -62.26 100.69 -27.83
CA TYR N 76 -63.08 99.93 -26.90
C TYR N 76 -63.47 98.56 -27.47
N TYR N 77 -63.50 97.56 -26.59
CA TYR N 77 -63.73 96.15 -26.88
C TYR N 77 -64.72 95.60 -25.86
N ASN N 78 -65.31 94.43 -26.11
CA ASN N 78 -66.46 93.95 -25.34
C ASN N 78 -66.21 92.58 -24.72
N TRP N 79 -66.67 92.39 -23.49
CA TRP N 79 -66.54 91.16 -22.72
C TRP N 79 -67.81 90.90 -21.92
N HIS N 80 -67.77 89.97 -20.96
CA HIS N 80 -68.94 89.56 -20.17
C HIS N 80 -69.67 90.74 -19.49
N HIS N 81 -68.91 91.71 -18.96
CA HIS N 81 -69.47 92.90 -18.30
C HIS N 81 -69.48 94.13 -19.20
N GLY N 82 -69.75 93.96 -20.50
CA GLY N 82 -69.89 95.05 -21.46
C GLY N 82 -68.55 95.58 -21.99
N ALA N 83 -68.46 96.89 -22.25
CA ALA N 83 -67.28 97.51 -22.83
C ALA N 83 -66.09 97.62 -21.86
N VAL N 84 -64.88 97.49 -22.40
CA VAL N 84 -63.58 97.68 -21.75
C VAL N 84 -62.68 98.52 -22.67
N GLN N 85 -61.95 99.46 -22.09
CA GLN N 85 -61.11 100.41 -22.82
C GLN N 85 -59.73 99.82 -23.10
N TYR N 86 -59.15 100.12 -24.27
CA TYR N 86 -57.79 99.71 -24.61
C TYR N 86 -57.04 100.89 -25.24
N SER N 87 -56.17 101.52 -24.45
CA SER N 87 -55.26 102.56 -24.89
C SER N 87 -54.00 102.56 -24.02
N GLY N 88 -52.84 102.87 -24.59
CA GLY N 88 -51.55 102.70 -23.93
C GLY N 88 -51.22 101.23 -23.62
N GLY N 89 -51.83 100.28 -24.34
CA GLY N 89 -51.67 98.83 -24.15
C GLY N 89 -52.33 98.25 -22.89
N ARG N 90 -52.78 99.07 -21.93
CA ARG N 90 -53.45 98.63 -20.70
C ARG N 90 -54.94 98.44 -20.96
N PHE N 91 -55.40 97.22 -21.21
CA PHE N 91 -56.84 96.90 -21.14
C PHE N 91 -57.36 97.35 -19.76
N THR N 92 -58.36 98.23 -19.74
CA THR N 92 -58.76 99.00 -18.57
C THR N 92 -60.27 99.01 -18.41
N ILE N 93 -60.74 98.74 -17.19
CA ILE N 93 -62.14 98.93 -16.80
C ILE N 93 -62.29 100.24 -16.00
N PRO N 94 -63.29 101.09 -16.30
CA PRO N 94 -63.52 102.32 -15.56
C PRO N 94 -64.14 102.04 -14.18
N THR N 95 -63.29 101.67 -13.21
CA THR N 95 -63.60 101.31 -11.81
C THR N 95 -64.42 100.03 -11.62
N GLY N 96 -63.87 99.07 -10.89
CA GLY N 96 -64.63 98.08 -10.10
C GLY N 96 -65.56 97.10 -10.82
N ALA N 97 -65.68 97.20 -12.14
CA ALA N 97 -66.60 96.40 -12.97
C ALA N 97 -66.26 94.89 -13.04
N GLY N 98 -65.29 94.41 -12.27
CA GLY N 98 -64.96 92.99 -12.17
C GLY N 98 -64.27 92.63 -10.86
N LYS N 99 -64.30 91.35 -10.51
CA LYS N 99 -63.81 90.77 -9.25
C LYS N 99 -63.51 89.27 -9.41
N PRO N 100 -62.76 88.63 -8.50
CA PRO N 100 -62.47 87.19 -8.53
C PRO N 100 -63.68 86.31 -8.88
N GLY N 101 -63.44 85.34 -9.77
CA GLY N 101 -64.46 84.61 -10.52
C GLY N 101 -64.59 85.10 -11.98
N ASP N 102 -64.23 86.36 -12.26
CA ASP N 102 -64.23 86.95 -13.62
C ASP N 102 -63.05 86.49 -14.51
N SER N 103 -62.47 85.32 -14.24
CA SER N 103 -61.40 84.75 -15.06
C SER N 103 -61.87 84.20 -16.39
N GLY N 104 -60.95 84.02 -17.33
CA GLY N 104 -61.16 83.25 -18.57
C GLY N 104 -62.08 83.90 -19.60
N ARG N 105 -62.69 85.05 -19.29
CA ARG N 105 -63.59 85.77 -20.19
C ARG N 105 -62.81 86.24 -21.44
N PRO N 106 -63.18 85.82 -22.66
CA PRO N 106 -62.61 86.41 -23.86
C PRO N 106 -62.98 87.89 -23.98
N ILE N 107 -62.14 88.67 -24.65
CA ILE N 107 -62.42 90.03 -25.12
C ILE N 107 -62.62 89.97 -26.63
N PHE N 108 -63.76 90.46 -27.10
CA PHE N 108 -64.18 90.47 -28.50
C PHE N 108 -64.11 91.90 -29.06
N ASP N 109 -63.64 92.04 -30.30
CA ASP N 109 -63.70 93.32 -31.00
C ASP N 109 -65.11 93.65 -31.55
N ASN N 110 -65.22 94.81 -32.20
CA ASN N 110 -66.48 95.31 -32.75
C ASN N 110 -67.01 94.51 -33.96
N LYS N 111 -66.25 93.54 -34.47
CA LYS N 111 -66.68 92.57 -35.48
C LYS N 111 -66.79 91.15 -34.90
N GLY N 112 -66.79 91.03 -33.57
CA GLY N 112 -67.07 89.80 -32.83
C GLY N 112 -65.95 88.77 -32.81
N ARG N 113 -64.69 89.14 -33.09
CA ARG N 113 -63.54 88.21 -33.01
C ARG N 113 -62.66 88.47 -31.79
N VAL N 114 -62.17 87.39 -31.18
CA VAL N 114 -61.39 87.43 -29.94
C VAL N 114 -60.02 88.03 -30.18
N VAL N 115 -59.60 88.96 -29.31
CA VAL N 115 -58.23 89.52 -29.30
C VAL N 115 -57.43 89.08 -28.08
N ALA N 116 -58.09 88.79 -26.95
CA ALA N 116 -57.44 88.51 -25.68
C ALA N 116 -58.33 87.67 -24.76
N ILE N 117 -57.74 87.04 -23.74
CA ILE N 117 -58.44 86.35 -22.66
C ILE N 117 -58.08 87.03 -21.33
N VAL N 118 -59.05 87.33 -20.48
CA VAL N 118 -58.81 87.96 -19.17
C VAL N 118 -58.35 86.93 -18.14
N LEU N 119 -57.42 87.33 -17.27
CA LEU N 119 -56.89 86.52 -16.16
C LEU N 119 -57.07 87.18 -14.79
N GLY N 120 -57.07 88.51 -14.70
CA GLY N 120 -57.09 89.25 -13.44
C GLY N 120 -56.97 90.76 -13.67
N GLY N 121 -56.66 91.55 -12.64
CA GLY N 121 -56.52 93.00 -12.78
C GLY N 121 -55.99 93.73 -11.54
N ALA N 122 -55.65 95.01 -11.73
CA ALA N 122 -55.05 95.89 -10.72
C ALA N 122 -55.91 97.12 -10.48
N ASN N 123 -56.38 97.33 -9.24
CA ASN N 123 -57.22 98.48 -8.89
C ASN N 123 -56.43 99.81 -8.93
N GLU N 124 -56.94 100.78 -9.68
CA GLU N 124 -56.60 102.20 -9.52
C GLU N 124 -57.82 103.07 -9.92
N GLY N 125 -59.00 102.70 -9.42
CA GLY N 125 -60.27 103.37 -9.78
C GLY N 125 -60.53 103.32 -11.28
N ALA N 126 -60.75 104.47 -11.91
CA ALA N 126 -60.99 104.58 -13.34
C ALA N 126 -59.82 104.06 -14.21
N ARG N 127 -58.61 103.96 -13.64
CA ARG N 127 -57.39 103.45 -14.30
C ARG N 127 -57.18 101.93 -14.08
N THR N 128 -58.18 101.19 -13.58
CA THR N 128 -58.05 99.77 -13.22
C THR N 128 -57.73 98.89 -14.44
N ALA N 129 -56.49 98.41 -14.51
CA ALA N 129 -55.96 97.63 -15.63
C ALA N 129 -56.17 96.12 -15.48
N LEU N 130 -56.09 95.36 -16.57
CA LEU N 130 -56.30 93.91 -16.59
C LEU N 130 -55.01 93.12 -16.92
N SER N 131 -54.80 92.03 -16.21
CA SER N 131 -53.92 90.94 -16.63
C SER N 131 -54.61 90.10 -17.70
N VAL N 132 -53.99 89.93 -18.86
CA VAL N 132 -54.59 89.22 -20.01
C VAL N 132 -53.55 88.41 -20.78
N VAL N 133 -53.98 87.47 -21.61
CA VAL N 133 -53.14 86.91 -22.69
C VAL N 133 -53.68 87.29 -24.05
N THR N 134 -52.79 87.53 -25.00
CA THR N 134 -53.12 87.89 -26.39
C THR N 134 -52.02 87.45 -27.34
N TRP N 135 -52.33 87.19 -28.60
CA TRP N 135 -51.38 86.63 -29.57
C TRP N 135 -50.88 87.68 -30.55
N ASN N 136 -49.56 87.83 -30.63
CA ASN N 136 -48.88 88.61 -31.66
C ASN N 136 -48.71 87.76 -32.92
N LYS N 137 -49.85 87.39 -33.52
CA LYS N 137 -50.06 86.52 -34.71
C LYS N 137 -49.42 85.13 -34.70
N ASP N 138 -48.11 85.01 -34.51
CA ASP N 138 -47.43 83.71 -34.39
C ASP N 138 -47.41 83.15 -32.96
N ILE N 139 -47.36 84.03 -31.95
CA ILE N 139 -46.99 83.69 -30.57
C ILE N 139 -47.91 84.37 -29.55
N VAL N 140 -48.41 83.61 -28.57
CA VAL N 140 -49.09 84.11 -27.38
C VAL N 140 -48.15 84.93 -26.50
N THR N 141 -48.68 85.97 -25.87
CA THR N 141 -47.97 86.88 -24.97
C THR N 141 -48.85 87.15 -23.76
N LYS N 142 -48.27 87.41 -22.59
CA LYS N 142 -49.00 87.77 -21.37
C LYS N 142 -48.74 89.24 -21.04
N ILE N 143 -49.82 89.97 -20.78
CA ILE N 143 -49.80 91.37 -20.31
C ILE N 143 -50.15 91.37 -18.83
N THR N 144 -49.47 92.16 -18.01
CA THR N 144 -49.74 92.23 -16.56
C THR N 144 -49.31 93.57 -15.99
N PRO N 145 -50.23 94.37 -15.42
CA PRO N 145 -49.88 95.61 -14.73
C PRO N 145 -49.27 95.31 -13.36
N GLU N 146 -48.41 96.20 -12.85
CA GLU N 146 -47.86 96.08 -11.50
C GLU N 146 -48.95 96.27 -10.43
N GLY N 147 -48.96 95.40 -9.40
CA GLY N 147 -49.94 95.45 -8.31
C GLY N 147 -51.27 94.72 -8.58
N ALA N 148 -51.35 93.90 -9.64
CA ALA N 148 -52.53 93.09 -9.95
C ALA N 148 -52.83 91.98 -8.93
N GLU N 149 -54.04 91.42 -9.01
CA GLU N 149 -54.39 90.11 -8.45
C GLU N 149 -55.13 89.25 -9.49
N GLU N 150 -55.11 87.92 -9.31
CA GLU N 150 -55.82 87.00 -10.19
C GLU N 150 -57.34 87.11 -10.00
N TRP N 151 -58.11 86.86 -11.06
CA TRP N 151 -59.54 86.59 -10.99
C TRP N 151 -59.85 85.11 -11.25
N ASN O 1 -104.26 56.58 -26.70
CA ASN O 1 -103.41 56.53 -27.90
C ASN O 1 -101.96 56.22 -27.52
N ASP O 2 -101.20 57.20 -27.04
CA ASP O 2 -99.79 57.04 -26.63
C ASP O 2 -99.65 56.15 -25.39
N CYS O 3 -98.79 55.13 -25.47
CA CYS O 3 -98.44 54.21 -24.37
C CYS O 3 -96.91 53.98 -24.30
N ILE O 4 -96.10 54.93 -24.78
CA ILE O 4 -94.68 54.73 -25.10
C ILE O 4 -93.79 54.53 -23.84
N PHE O 5 -92.76 53.68 -23.98
CA PHE O 5 -91.66 53.50 -23.02
C PHE O 5 -90.29 53.73 -23.67
N GLU O 6 -89.37 54.33 -22.92
CA GLU O 6 -88.07 54.84 -23.38
C GLU O 6 -86.98 54.67 -22.31
N VAL O 7 -85.70 54.76 -22.69
CA VAL O 7 -84.56 55.00 -21.77
C VAL O 7 -83.25 55.27 -22.54
N LYS O 8 -82.41 56.18 -22.04
CA LYS O 8 -81.06 56.52 -22.55
C LYS O 8 -79.91 55.80 -21.81
N HIS O 9 -78.67 55.87 -22.29
CA HIS O 9 -77.53 55.06 -21.77
C HIS O 9 -76.18 55.78 -21.81
N GLU O 10 -75.36 55.63 -20.77
CA GLU O 10 -73.92 55.98 -20.74
C GLU O 10 -73.54 57.36 -21.34
N GLY O 11 -74.38 58.38 -21.09
CA GLY O 11 -74.18 59.75 -21.57
C GLY O 11 -74.76 60.05 -22.97
N LYS O 12 -75.48 59.11 -23.59
CA LYS O 12 -76.05 59.20 -24.95
C LYS O 12 -77.48 58.65 -24.99
N VAL O 13 -78.30 59.06 -25.95
CA VAL O 13 -79.42 58.21 -26.40
C VAL O 13 -78.85 57.10 -27.27
N THR O 14 -79.22 55.84 -27.06
CA THR O 14 -78.70 54.68 -27.84
C THR O 14 -79.71 53.53 -27.80
N GLY O 15 -80.90 53.75 -28.36
CA GLY O 15 -81.99 52.78 -28.33
C GLY O 15 -82.64 52.63 -26.95
N TYR O 16 -83.83 52.05 -26.90
CA TYR O 16 -84.67 52.00 -25.68
C TYR O 16 -84.74 50.59 -25.06
N ALA O 17 -85.50 50.49 -23.96
CA ALA O 17 -86.03 49.24 -23.42
C ALA O 17 -87.54 49.41 -23.17
N CYS O 18 -88.35 48.39 -23.46
CA CYS O 18 -89.80 48.43 -23.37
C CYS O 18 -90.36 47.64 -22.20
N LEU O 19 -91.29 48.24 -21.45
CA LEU O 19 -92.10 47.54 -20.47
C LEU O 19 -93.29 46.91 -21.19
N VAL O 20 -93.04 45.80 -21.90
CA VAL O 20 -94.08 44.85 -22.28
C VAL O 20 -94.63 44.18 -21.01
N GLY O 21 -95.83 43.61 -21.04
CA GLY O 21 -96.42 42.93 -19.88
C GLY O 21 -95.47 41.95 -19.20
N ASP O 22 -95.46 41.95 -17.87
CA ASP O 22 -94.60 41.16 -16.97
C ASP O 22 -93.08 41.40 -17.03
N LYS O 23 -92.49 41.66 -18.21
CA LYS O 23 -91.03 41.66 -18.38
C LYS O 23 -90.49 42.78 -19.28
N VAL O 24 -89.43 43.44 -18.81
CA VAL O 24 -88.65 44.44 -19.54
C VAL O 24 -87.95 43.77 -20.72
N MET O 25 -88.03 44.37 -21.91
CA MET O 25 -87.32 43.90 -23.10
C MET O 25 -86.36 44.96 -23.62
N LYS O 26 -85.08 44.63 -23.73
CA LYS O 26 -84.01 45.50 -24.24
C LYS O 26 -83.30 44.81 -25.41
N PRO O 27 -82.85 45.50 -26.46
CA PRO O 27 -81.95 44.93 -27.45
C PRO O 27 -80.58 44.56 -26.83
N ALA O 28 -79.98 43.45 -27.24
CA ALA O 28 -78.70 43.01 -26.69
C ALA O 28 -77.53 43.93 -27.11
N HIS O 29 -77.55 44.43 -28.35
CA HIS O 29 -76.45 45.20 -28.93
C HIS O 29 -76.36 46.66 -28.45
N VAL O 30 -77.42 47.22 -27.86
CA VAL O 30 -77.37 48.61 -27.36
C VAL O 30 -76.52 48.71 -26.11
N LYS O 31 -75.58 49.67 -26.11
CA LYS O 31 -74.50 49.81 -25.12
C LYS O 31 -74.99 50.31 -23.75
N GLY O 32 -74.14 50.17 -22.73
CA GLY O 32 -74.39 50.67 -21.38
C GLY O 32 -75.47 49.91 -20.62
N THR O 33 -76.23 50.62 -19.79
CA THR O 33 -77.28 50.06 -18.91
C THR O 33 -78.51 50.97 -18.84
N ILE O 34 -79.65 50.48 -18.38
CA ILE O 34 -80.92 51.24 -18.27
C ILE O 34 -80.74 52.40 -17.28
N ASP O 35 -80.80 53.64 -17.77
CA ASP O 35 -80.77 54.86 -16.96
C ASP O 35 -82.11 55.12 -16.24
N ASN O 36 -82.49 54.20 -15.35
CA ASN O 36 -83.55 54.37 -14.36
C ASN O 36 -83.08 53.83 -13.00
N ALA O 37 -83.29 54.59 -11.92
CA ALA O 37 -82.71 54.29 -10.61
C ALA O 37 -83.12 52.93 -10.02
N ASP O 38 -84.28 52.38 -10.41
CA ASP O 38 -84.75 51.08 -9.95
C ASP O 38 -84.47 49.97 -10.99
N LEU O 39 -84.80 50.19 -12.26
CA LEU O 39 -84.72 49.17 -13.31
C LEU O 39 -83.31 48.88 -13.82
N ALA O 40 -82.30 49.67 -13.45
CA ALA O 40 -80.92 49.53 -13.94
C ALA O 40 -80.28 48.15 -13.71
N LYS O 41 -80.57 47.51 -12.56
CA LYS O 41 -79.79 46.40 -12.00
C LYS O 41 -80.49 45.03 -11.99
N LEU O 42 -81.64 44.92 -12.65
CA LEU O 42 -82.46 43.71 -12.69
C LEU O 42 -81.74 42.52 -13.35
N ALA O 43 -82.22 41.30 -13.07
CA ALA O 43 -81.58 40.03 -13.43
C ALA O 43 -81.71 39.65 -14.92
N PHE O 44 -81.19 40.47 -15.83
CA PHE O 44 -81.36 40.29 -17.28
C PHE O 44 -80.76 38.97 -17.80
N LYS O 45 -81.61 38.16 -18.44
CA LYS O 45 -81.23 37.03 -19.31
C LYS O 45 -81.00 37.56 -20.72
N ARG O 46 -80.25 36.88 -21.59
CA ARG O 46 -80.15 37.26 -23.01
C ARG O 46 -79.77 36.13 -23.94
N SER O 47 -80.01 36.29 -25.24
CA SER O 47 -79.56 35.33 -26.26
C SER O 47 -79.26 35.99 -27.60
N SER O 48 -78.03 35.79 -28.11
CA SER O 48 -77.59 36.30 -29.43
C SER O 48 -78.37 35.71 -30.61
N LYS O 49 -79.13 34.63 -30.41
CA LYS O 49 -80.06 34.09 -31.43
C LYS O 49 -81.37 34.88 -31.54
N TYR O 50 -81.60 35.84 -30.65
CA TYR O 50 -82.73 36.78 -30.73
C TYR O 50 -82.31 38.25 -30.59
N ASP O 51 -81.10 38.54 -30.11
CA ASP O 51 -80.65 39.86 -29.68
C ASP O 51 -81.60 40.52 -28.67
N LEU O 52 -82.31 39.72 -27.88
CA LEU O 52 -83.24 40.18 -26.87
C LEU O 52 -82.67 39.91 -25.48
N GLU O 53 -82.59 40.94 -24.66
CA GLU O 53 -82.12 40.93 -23.27
C GLU O 53 -83.30 41.28 -22.34
N CYS O 54 -83.66 40.41 -21.40
CA CYS O 54 -84.95 40.47 -20.71
C CYS O 54 -84.92 40.21 -19.20
N ALA O 55 -85.74 40.93 -18.43
CA ALA O 55 -85.87 40.77 -16.98
C ALA O 55 -87.31 41.01 -16.48
N GLN O 56 -87.70 40.39 -15.37
CA GLN O 56 -89.02 40.59 -14.76
C GLN O 56 -89.20 42.03 -14.21
N ILE O 57 -90.37 42.62 -14.43
CA ILE O 57 -90.69 43.98 -13.98
C ILE O 57 -90.92 44.01 -12.45
N PRO O 58 -90.41 45.02 -11.71
CA PRO O 58 -90.70 45.17 -10.28
C PRO O 58 -92.19 45.21 -9.97
N VAL O 59 -92.60 44.54 -8.88
CA VAL O 59 -94.01 44.29 -8.57
C VAL O 59 -94.88 45.57 -8.49
N HIS O 60 -94.29 46.71 -8.12
CA HIS O 60 -95.00 48.00 -8.03
C HIS O 60 -95.40 48.59 -9.39
N MET O 61 -94.73 48.22 -10.48
CA MET O 61 -95.03 48.69 -11.84
C MET O 61 -95.32 47.55 -12.84
N LYS O 62 -95.34 46.30 -12.37
CA LYS O 62 -95.67 45.12 -13.18
C LYS O 62 -97.09 45.17 -13.77
N SER O 63 -98.02 45.86 -13.11
CA SER O 63 -99.39 46.13 -13.60
C SER O 63 -99.48 47.33 -14.56
N ASP O 64 -98.45 48.17 -14.63
CA ASP O 64 -98.42 49.45 -15.37
C ASP O 64 -97.52 49.38 -16.61
N ALA O 65 -97.60 48.26 -17.33
CA ALA O 65 -96.79 47.91 -18.49
C ALA O 65 -97.68 47.63 -19.71
N SER O 66 -97.16 47.86 -20.91
CA SER O 66 -97.93 47.79 -22.16
C SER O 66 -98.42 46.37 -22.47
N LYS O 67 -99.68 46.27 -22.87
CA LYS O 67 -100.33 45.03 -23.32
C LYS O 67 -99.69 44.51 -24.62
N PHE O 68 -99.81 43.22 -24.91
CA PHE O 68 -99.23 42.58 -26.10
C PHE O 68 -100.19 41.58 -26.78
N THR O 69 -99.90 41.23 -28.03
CA THR O 69 -100.55 40.10 -28.73
C THR O 69 -99.62 39.43 -29.75
N HIS O 70 -99.90 38.18 -30.10
CA HIS O 70 -99.33 37.49 -31.26
C HIS O 70 -100.13 37.70 -32.57
N GLU O 71 -101.31 38.30 -32.50
CA GLU O 71 -102.19 38.53 -33.66
C GLU O 71 -101.58 39.56 -34.63
N LYS O 72 -101.28 39.15 -35.87
CA LYS O 72 -100.56 39.98 -36.85
C LYS O 72 -101.11 39.80 -38.29
N PRO O 73 -102.34 40.25 -38.58
CA PRO O 73 -102.86 40.29 -39.95
C PRO O 73 -102.12 41.33 -40.81
N GLU O 74 -102.18 41.20 -42.13
CA GLU O 74 -101.66 42.23 -43.03
C GLU O 74 -102.46 43.54 -42.93
N GLY O 75 -101.79 44.67 -43.07
CA GLY O 75 -102.39 46.00 -42.86
C GLY O 75 -101.44 46.98 -42.19
N TYR O 76 -101.99 47.88 -41.37
CA TYR O 76 -101.26 49.00 -40.78
C TYR O 76 -101.26 48.97 -39.25
N TYR O 77 -100.14 49.43 -38.70
CA TYR O 77 -99.74 49.45 -37.30
C TYR O 77 -99.10 50.81 -36.99
N ASN O 78 -98.99 51.19 -35.73
CA ASN O 78 -98.40 52.46 -35.32
C ASN O 78 -97.12 52.25 -34.50
N TRP O 79 -96.16 53.18 -34.64
CA TRP O 79 -94.98 53.26 -33.78
C TRP O 79 -94.55 54.71 -33.55
N HIS O 80 -93.41 54.91 -32.87
CA HIS O 80 -92.89 56.23 -32.46
C HIS O 80 -92.58 57.18 -33.64
N HIS O 81 -92.56 56.68 -34.88
CA HIS O 81 -92.43 57.49 -36.11
C HIS O 81 -93.65 57.37 -37.04
N GLY O 82 -94.84 57.16 -36.49
CA GLY O 82 -96.10 57.16 -37.24
C GLY O 82 -96.45 55.79 -37.81
N ALA O 83 -96.87 55.75 -39.07
CA ALA O 83 -97.37 54.54 -39.72
C ALA O 83 -96.28 53.51 -40.03
N VAL O 84 -96.56 52.24 -39.73
CA VAL O 84 -95.76 51.08 -40.10
C VAL O 84 -96.67 49.96 -40.64
N GLN O 85 -96.30 49.36 -41.76
CA GLN O 85 -97.16 48.44 -42.53
C GLN O 85 -96.64 47.00 -42.46
N TYR O 86 -97.51 46.03 -42.23
CA TYR O 86 -97.15 44.61 -42.26
C TYR O 86 -97.70 43.96 -43.54
N SER O 87 -96.81 43.41 -44.37
CA SER O 87 -97.19 42.66 -45.57
C SER O 87 -96.11 41.64 -45.93
N GLY O 88 -96.49 40.53 -46.56
CA GLY O 88 -95.56 39.48 -46.96
C GLY O 88 -94.72 38.90 -45.81
N GLY O 89 -95.20 39.01 -44.57
CA GLY O 89 -94.46 38.60 -43.37
C GLY O 89 -93.35 39.55 -42.92
N ARG O 90 -93.35 40.82 -43.36
CA ARG O 90 -92.35 41.84 -42.99
C ARG O 90 -93.02 43.15 -42.54
N PHE O 91 -92.51 43.75 -41.47
CA PHE O 91 -92.84 45.14 -41.11
C PHE O 91 -92.05 46.13 -41.98
N THR O 92 -92.74 47.16 -42.48
CA THR O 92 -92.27 48.08 -43.52
C THR O 92 -92.56 49.53 -43.13
N ILE O 93 -91.63 50.45 -43.40
CA ILE O 93 -91.74 51.88 -43.05
C ILE O 93 -91.32 52.81 -44.20
N PRO O 94 -91.74 54.07 -44.21
CA PRO O 94 -91.12 55.11 -45.04
C PRO O 94 -89.61 55.19 -44.80
N THR O 95 -88.82 55.23 -45.86
CA THR O 95 -87.36 55.21 -45.78
C THR O 95 -86.78 56.41 -45.04
N GLY O 96 -85.67 56.22 -44.32
CA GLY O 96 -84.95 57.30 -43.63
C GLY O 96 -85.54 57.71 -42.27
N ALA O 97 -86.71 57.18 -41.88
CA ALA O 97 -87.30 57.46 -40.57
C ALA O 97 -86.52 56.79 -39.41
N GLY O 98 -85.85 55.65 -39.65
CA GLY O 98 -84.97 54.97 -38.70
C GLY O 98 -83.49 55.36 -38.82
N LYS O 99 -82.74 55.25 -37.71
CA LYS O 99 -81.32 55.62 -37.59
C LYS O 99 -80.68 55.03 -36.33
N PRO O 100 -79.34 54.96 -36.21
CA PRO O 100 -78.68 54.62 -34.95
C PRO O 100 -79.20 55.43 -33.75
N GLY O 101 -79.71 54.72 -32.73
CA GLY O 101 -80.49 55.25 -31.60
C GLY O 101 -81.98 54.86 -31.62
N ASP O 102 -82.47 54.24 -32.70
CA ASP O 102 -83.88 53.89 -32.90
C ASP O 102 -84.24 52.42 -32.64
N SER O 103 -83.32 51.55 -32.22
CA SER O 103 -83.69 50.23 -31.69
C SER O 103 -84.49 50.30 -30.38
N GLY O 104 -85.18 49.21 -30.04
CA GLY O 104 -85.91 49.05 -28.80
C GLY O 104 -87.29 49.72 -28.79
N ARG O 105 -87.69 50.42 -29.85
CA ARG O 105 -89.07 50.92 -30.01
C ARG O 105 -90.04 49.74 -30.13
N PRO O 106 -91.24 49.81 -29.54
CA PRO O 106 -92.29 48.84 -29.81
C PRO O 106 -93.03 49.15 -31.12
N ILE O 107 -93.87 48.23 -31.58
CA ILE O 107 -94.87 48.45 -32.63
C ILE O 107 -96.24 48.03 -32.08
N PHE O 108 -97.28 48.85 -32.26
CA PHE O 108 -98.63 48.64 -31.73
C PHE O 108 -99.67 48.37 -32.82
N ASP O 109 -100.62 47.47 -32.54
CA ASP O 109 -101.82 47.27 -33.37
C ASP O 109 -102.88 48.38 -33.16
N ASN O 110 -103.95 48.33 -33.94
CA ASN O 110 -105.04 49.31 -33.89
C ASN O 110 -105.91 49.22 -32.62
N LYS O 111 -105.80 48.12 -31.87
CA LYS O 111 -106.37 47.96 -30.53
C LYS O 111 -105.43 48.47 -29.42
N GLY O 112 -104.24 48.96 -29.77
CA GLY O 112 -103.30 49.58 -28.84
C GLY O 112 -102.43 48.62 -28.02
N ARG O 113 -102.14 47.41 -28.51
CA ARG O 113 -101.20 46.46 -27.87
C ARG O 113 -100.02 46.10 -28.76
N VAL O 114 -98.87 45.81 -28.15
CA VAL O 114 -97.59 45.59 -28.83
C VAL O 114 -97.55 44.25 -29.57
N VAL O 115 -97.02 44.25 -30.79
CA VAL O 115 -96.85 43.06 -31.64
C VAL O 115 -95.39 42.73 -31.98
N ALA O 116 -94.48 43.69 -31.84
CA ALA O 116 -93.07 43.50 -32.14
C ALA O 116 -92.20 44.56 -31.43
N ILE O 117 -90.90 44.31 -31.34
CA ILE O 117 -89.88 45.30 -30.95
C ILE O 117 -88.90 45.47 -32.12
N VAL O 118 -88.47 46.70 -32.40
CA VAL O 118 -87.57 47.02 -33.51
C VAL O 118 -86.10 46.86 -33.10
N LEU O 119 -85.28 46.28 -33.97
CA LEU O 119 -83.85 46.02 -33.75
C LEU O 119 -82.93 46.63 -34.83
N GLY O 120 -83.50 47.19 -35.90
CA GLY O 120 -82.74 47.64 -37.07
C GLY O 120 -83.59 47.57 -38.35
N GLY O 121 -82.97 47.72 -39.52
CA GLY O 121 -83.69 47.60 -40.79
C GLY O 121 -82.80 47.51 -42.03
N ALA O 122 -83.41 47.30 -43.19
CA ALA O 122 -82.79 47.23 -44.51
C ALA O 122 -83.61 48.03 -45.54
N ASN O 123 -83.01 48.46 -46.64
CA ASN O 123 -83.60 49.45 -47.53
C ASN O 123 -83.43 49.13 -49.03
N GLU O 124 -84.48 49.37 -49.83
CA GLU O 124 -84.41 49.52 -51.30
C GLU O 124 -85.37 50.64 -51.76
N GLY O 125 -84.87 51.86 -51.97
CA GLY O 125 -85.69 53.00 -52.38
C GLY O 125 -86.72 53.39 -51.31
N ALA O 126 -88.02 53.17 -51.57
CA ALA O 126 -89.10 53.34 -50.59
C ALA O 126 -89.25 52.13 -49.65
N ARG O 127 -88.65 50.99 -50.01
CA ARG O 127 -88.88 49.67 -49.39
C ARG O 127 -87.98 49.47 -48.16
N THR O 128 -88.09 50.34 -47.15
CA THR O 128 -87.42 50.09 -45.87
C THR O 128 -88.19 49.08 -45.02
N ALA O 129 -87.54 47.98 -44.69
CA ALA O 129 -88.09 46.87 -43.91
C ALA O 129 -87.34 46.70 -42.59
N LEU O 130 -87.99 46.20 -41.55
CA LEU O 130 -87.46 46.18 -40.20
C LEU O 130 -86.90 44.81 -39.78
N SER O 131 -85.74 44.80 -39.12
CA SER O 131 -85.32 43.72 -38.23
C SER O 131 -86.10 43.81 -36.93
N VAL O 132 -86.77 42.75 -36.51
CA VAL O 132 -87.64 42.75 -35.32
C VAL O 132 -87.54 41.47 -34.52
N VAL O 133 -87.97 41.53 -33.25
CA VAL O 133 -88.48 40.34 -32.54
C VAL O 133 -89.99 40.43 -32.38
N THR O 134 -90.65 39.29 -32.53
CA THR O 134 -92.10 39.16 -32.47
C THR O 134 -92.48 37.73 -32.10
N TRP O 135 -93.69 37.49 -31.62
CA TRP O 135 -94.07 36.23 -30.98
C TRP O 135 -95.24 35.55 -31.68
N ASN O 136 -95.22 34.22 -31.63
CA ASN O 136 -96.19 33.31 -32.25
C ASN O 136 -96.82 32.43 -31.17
N LYS O 137 -97.62 33.08 -30.30
CA LYS O 137 -98.33 32.58 -29.09
C LYS O 137 -97.47 31.93 -27.99
N ASP O 138 -96.56 31.02 -28.36
CA ASP O 138 -95.67 30.30 -27.46
C ASP O 138 -94.18 30.51 -27.76
N ILE O 139 -93.84 30.86 -29.00
CA ILE O 139 -92.46 30.98 -29.47
C ILE O 139 -92.14 32.45 -29.79
N VAL O 140 -91.14 33.05 -29.14
CA VAL O 140 -90.51 34.28 -29.62
C VAL O 140 -89.66 33.97 -30.86
N THR O 141 -89.69 34.86 -31.84
CA THR O 141 -88.98 34.74 -33.11
C THR O 141 -88.31 36.06 -33.47
N LYS O 142 -87.13 36.01 -34.09
CA LYS O 142 -86.47 37.18 -34.70
C LYS O 142 -86.65 37.10 -36.20
N ILE O 143 -87.15 38.17 -36.83
CA ILE O 143 -87.29 38.25 -38.29
C ILE O 143 -86.29 39.29 -38.80
N THR O 144 -85.41 38.90 -39.71
CA THR O 144 -84.34 39.79 -40.20
C THR O 144 -84.32 39.82 -41.73
N PRO O 145 -84.49 40.98 -42.38
CA PRO O 145 -84.33 41.10 -43.83
C PRO O 145 -82.85 41.08 -44.23
N GLU O 146 -82.56 40.71 -45.48
CA GLU O 146 -81.19 40.66 -45.97
C GLU O 146 -80.48 42.02 -45.91
N GLY O 147 -79.19 42.03 -45.58
CA GLY O 147 -78.36 43.24 -45.59
C GLY O 147 -78.75 44.32 -44.57
N ALA O 148 -79.48 43.98 -43.51
CA ALA O 148 -79.93 44.92 -42.49
C ALA O 148 -78.79 45.54 -41.66
N GLU O 149 -79.09 46.67 -41.03
CA GLU O 149 -78.22 47.40 -40.09
C GLU O 149 -78.90 47.55 -38.72
N GLU O 150 -78.13 47.53 -37.64
CA GLU O 150 -78.67 47.76 -36.29
C GLU O 150 -78.89 49.25 -35.99
N TRP O 151 -79.97 49.57 -35.28
CA TRP O 151 -80.27 50.93 -34.80
C TRP O 151 -80.13 51.07 -33.28
N GLU P 1 -0.89 -45.42 45.12
CA GLU P 1 -0.32 -44.70 46.29
C GLU P 1 1.04 -44.04 46.05
N VAL P 2 2.01 -44.74 45.44
CA VAL P 2 3.46 -44.44 45.51
C VAL P 2 4.03 -44.78 46.90
N GLN P 3 5.29 -45.21 46.98
CA GLN P 3 5.97 -45.62 48.21
C GLN P 3 7.38 -45.02 48.28
N LEU P 4 7.83 -44.59 49.46
CA LEU P 4 9.01 -43.74 49.63
C LEU P 4 10.00 -44.36 50.62
N VAL P 5 11.30 -44.34 50.29
CA VAL P 5 12.39 -44.95 51.09
C VAL P 5 13.60 -44.01 51.20
N GLN P 6 14.25 -43.95 52.36
CA GLN P 6 15.45 -43.12 52.63
C GLN P 6 16.44 -43.85 53.58
N SER P 7 17.74 -43.64 53.43
CA SER P 7 18.78 -44.24 54.30
C SER P 7 18.86 -43.54 55.67
N GLY P 8 18.67 -44.29 56.76
CA GLY P 8 18.54 -43.76 58.13
C GLY P 8 19.87 -43.52 58.87
N ALA P 9 19.77 -42.89 60.05
CA ALA P 9 20.85 -42.76 61.05
C ALA P 9 22.20 -42.25 60.50
N GLU P 10 22.16 -41.16 59.74
CA GLU P 10 23.31 -40.62 59.00
C GLU P 10 24.26 -39.84 59.92
N VAL P 11 25.15 -40.53 60.63
CA VAL P 11 26.25 -39.89 61.37
C VAL P 11 27.27 -39.28 60.38
N LYS P 12 27.64 -38.00 60.56
CA LYS P 12 28.59 -37.23 59.71
C LYS P 12 29.56 -36.38 60.54
N LYS P 13 30.61 -35.86 59.92
CA LYS P 13 31.56 -34.90 60.52
C LYS P 13 31.15 -33.44 60.25
N PRO P 14 31.41 -32.48 61.14
CA PRO P 14 31.12 -31.07 60.88
C PRO P 14 31.95 -30.53 59.72
N GLY P 15 31.36 -29.65 58.90
CA GLY P 15 32.01 -29.09 57.71
C GLY P 15 32.18 -30.06 56.53
N SER P 16 31.75 -31.31 56.66
CA SER P 16 31.78 -32.34 55.61
C SER P 16 30.54 -32.26 54.69
N SER P 17 30.23 -33.33 53.98
CA SER P 17 29.13 -33.42 53.00
C SER P 17 28.36 -34.74 53.14
N VAL P 18 27.14 -34.79 52.64
CA VAL P 18 26.34 -36.02 52.55
C VAL P 18 25.51 -36.03 51.27
N LYS P 19 25.30 -37.20 50.67
CA LYS P 19 24.22 -37.45 49.72
C LYS P 19 23.15 -38.29 50.40
N VAL P 20 21.91 -37.80 50.45
CA VAL P 20 20.82 -38.40 51.22
C VAL P 20 19.87 -39.11 50.27
N SER P 21 19.66 -40.41 50.48
CA SER P 21 18.80 -41.23 49.62
C SER P 21 17.35 -40.79 49.68
N CYS P 22 16.69 -40.71 48.52
CA CYS P 22 15.23 -40.88 48.44
C CYS P 22 14.84 -41.68 47.19
N LYS P 23 13.92 -42.64 47.35
CA LYS P 23 13.46 -43.52 46.26
C LYS P 23 11.94 -43.44 46.06
N ALA P 24 11.49 -43.02 44.87
CA ALA P 24 10.07 -43.00 44.49
C ALA P 24 9.63 -44.36 43.91
N PHE P 25 9.22 -45.28 44.78
CA PHE P 25 9.02 -46.70 44.45
C PHE P 25 7.61 -47.04 43.96
N GLY P 26 7.51 -48.17 43.26
CA GLY P 26 6.27 -48.83 42.86
C GLY P 26 5.51 -48.22 41.67
N GLY P 27 5.99 -47.13 41.07
CA GLY P 27 5.37 -46.50 39.91
C GLY P 27 5.91 -45.10 39.61
N THR P 28 5.23 -44.38 38.71
CA THR P 28 5.49 -42.96 38.39
C THR P 28 6.97 -42.62 38.16
N PHE P 29 7.67 -43.45 37.38
CA PHE P 29 9.13 -43.57 37.35
C PHE P 29 10.12 -42.38 37.23
N SER P 30 9.71 -41.16 36.84
CA SER P 30 10.50 -39.94 37.01
C SER P 30 10.43 -39.51 38.48
N SER P 31 9.50 -38.61 38.80
CA SER P 31 8.98 -38.42 40.16
C SER P 31 7.55 -37.86 40.31
N TYR P 32 6.89 -38.15 41.43
CA TYR P 32 5.56 -37.61 41.77
C TYR P 32 5.64 -36.15 42.24
N ALA P 33 6.50 -35.34 41.60
CA ALA P 33 6.88 -33.97 41.98
C ALA P 33 7.52 -33.78 43.37
N ILE P 34 8.01 -34.88 43.98
CA ILE P 34 8.35 -35.00 45.41
C ILE P 34 9.35 -33.95 45.93
N THR P 35 9.32 -33.67 47.24
CA THR P 35 10.27 -32.72 47.86
C THR P 35 10.57 -32.73 49.37
N TRP P 36 11.67 -32.06 49.73
CA TRP P 36 12.35 -32.21 51.02
C TRP P 36 11.86 -31.23 52.10
N VAL P 37 12.33 -31.46 53.33
CA VAL P 37 12.08 -30.71 54.57
C VAL P 37 13.33 -30.85 55.44
N ARG P 38 13.59 -30.00 56.45
CA ARG P 38 14.57 -30.33 57.50
C ARG P 38 14.13 -29.85 58.89
N GLN P 39 13.26 -30.64 59.51
CA GLN P 39 12.68 -30.38 60.83
C GLN P 39 13.70 -30.58 61.95
N ALA P 40 13.97 -29.54 62.74
CA ALA P 40 14.80 -29.66 63.94
C ALA P 40 14.03 -30.31 65.10
N PRO P 41 14.70 -31.08 65.98
CA PRO P 41 14.06 -31.72 67.12
C PRO P 41 13.60 -30.69 68.17
N GLY P 42 12.56 -31.03 68.93
CA GLY P 42 11.98 -30.19 70.00
C GLY P 42 11.23 -28.94 69.50
N GLN P 43 11.65 -28.33 68.40
CA GLN P 43 10.90 -27.30 67.68
C GLN P 43 9.58 -27.85 67.10
N GLY P 44 8.76 -26.94 66.56
CA GLY P 44 7.85 -27.27 65.48
C GLY P 44 8.59 -27.47 64.15
N LEU P 45 7.88 -27.67 63.06
CA LEU P 45 8.49 -27.82 61.73
C LEU P 45 9.16 -26.51 61.26
N GLU P 46 10.28 -26.65 60.54
CA GLU P 46 10.80 -25.63 59.61
C GLU P 46 10.98 -26.28 58.23
N TRP P 47 10.68 -25.55 57.15
CA TRP P 47 10.89 -26.08 55.81
C TRP P 47 12.36 -25.95 55.36
N MET P 48 12.60 -26.29 54.09
CA MET P 48 13.91 -26.53 53.51
C MET P 48 14.37 -25.34 52.66
N GLY P 49 15.59 -24.84 52.89
CA GLY P 49 16.23 -23.83 52.04
C GLY P 49 16.77 -24.41 50.72
N GLY P 50 17.16 -25.68 50.75
CA GLY P 50 17.47 -26.48 49.57
C GLY P 50 16.22 -26.92 48.81
N ILE P 51 16.19 -28.20 48.43
CA ILE P 51 15.26 -28.73 47.44
C ILE P 51 13.79 -28.34 47.64
N ILE P 52 13.20 -27.85 46.55
CA ILE P 52 11.78 -27.74 46.20
C ILE P 52 11.57 -28.50 44.86
N PRO P 53 10.32 -28.82 44.45
CA PRO P 53 9.94 -29.95 43.60
C PRO P 53 10.97 -30.64 42.70
N ILE P 54 11.09 -31.96 42.88
CA ILE P 54 11.91 -32.84 42.04
C ILE P 54 11.06 -33.73 41.14
N LEU P 55 11.44 -33.78 39.88
CA LEU P 55 11.06 -34.80 38.90
C LEU P 55 11.87 -34.98 37.58
N GLY P 56 13.02 -34.29 37.48
CA GLY P 56 13.89 -34.22 36.29
C GLY P 56 14.99 -33.17 36.47
N THR P 57 14.69 -32.10 37.23
CA THR P 57 15.64 -31.20 37.90
C THR P 57 15.08 -30.81 39.29
N THR P 58 15.69 -29.86 40.01
CA THR P 58 15.18 -29.33 41.29
C THR P 58 15.83 -27.98 41.65
N ASP P 59 15.23 -27.22 42.57
CA ASP P 59 15.50 -25.81 42.87
C ASP P 59 15.62 -25.54 44.37
N TYR P 60 16.38 -24.53 44.78
CA TYR P 60 16.35 -24.02 46.16
C TYR P 60 15.01 -23.30 46.47
N ALA P 61 14.62 -23.22 47.74
CA ALA P 61 13.66 -22.20 48.20
C ALA P 61 14.36 -20.82 48.36
N GLN P 62 13.62 -19.77 48.70
CA GLN P 62 14.21 -18.49 49.15
C GLN P 62 14.79 -18.60 50.58
N LYS P 63 15.74 -19.52 50.83
CA LYS P 63 16.57 -19.56 52.05
C LYS P 63 17.85 -20.39 51.86
N PHE P 64 18.92 -20.08 52.60
CA PHE P 64 20.24 -20.76 52.65
C PHE P 64 21.05 -20.82 51.35
N GLN P 65 20.42 -21.09 50.19
CA GLN P 65 20.86 -20.76 48.82
C GLN P 65 22.24 -21.28 48.33
N GLY P 66 23.01 -21.97 49.18
CA GLY P 66 24.36 -22.43 48.86
C GLY P 66 24.56 -23.87 49.31
N ARG P 67 25.10 -24.03 50.53
CA ARG P 67 25.56 -25.31 51.08
C ARG P 67 24.50 -26.43 51.04
N VAL P 68 23.24 -26.07 51.27
CA VAL P 68 22.07 -26.98 51.26
C VAL P 68 21.60 -27.18 49.81
N THR P 69 22.46 -27.77 48.98
CA THR P 69 22.29 -27.84 47.52
C THR P 69 21.22 -28.85 47.06
N ILE P 70 21.10 -29.05 45.76
CA ILE P 70 19.96 -29.68 45.08
C ILE P 70 20.42 -30.67 44.00
N THR P 71 19.77 -31.84 43.89
CA THR P 71 19.95 -32.82 42.81
C THR P 71 18.79 -33.81 42.81
N ALA P 72 18.39 -34.30 41.64
CA ALA P 72 17.54 -35.48 41.47
C ALA P 72 17.78 -36.12 40.09
N ASP P 73 17.70 -37.44 40.00
CA ASP P 73 18.04 -38.17 38.78
C ASP P 73 16.94 -38.06 37.71
N LYS P 74 17.33 -37.97 36.42
CA LYS P 74 16.44 -38.16 35.27
C LYS P 74 16.02 -39.62 35.06
N SER P 75 16.87 -40.56 35.49
CA SER P 75 16.61 -42.01 35.50
C SER P 75 15.68 -42.40 36.67
N THR P 76 15.32 -43.68 36.75
CA THR P 76 14.21 -44.16 37.59
C THR P 76 14.32 -43.76 39.06
N SER P 77 13.29 -43.07 39.57
CA SER P 77 12.94 -42.96 41.00
C SER P 77 13.95 -42.30 41.95
N THR P 78 15.12 -41.85 41.49
CA THR P 78 16.30 -41.65 42.36
C THR P 78 16.48 -40.18 42.72
N ALA P 79 15.69 -39.70 43.69
CA ALA P 79 15.64 -38.31 44.15
C ALA P 79 16.75 -37.99 45.19
N TYR P 80 17.99 -38.39 44.91
CA TYR P 80 19.08 -38.37 45.90
C TYR P 80 19.64 -36.96 46.11
N MET P 81 19.26 -36.33 47.21
CA MET P 81 19.65 -34.98 47.60
C MET P 81 21.12 -34.89 48.01
N GLU P 82 21.73 -33.70 47.97
CA GLU P 82 23.09 -33.45 48.46
C GLU P 82 23.14 -32.24 49.41
N LEU P 83 23.94 -32.35 50.46
CA LEU P 83 24.27 -31.29 51.41
C LEU P 83 25.80 -31.17 51.54
N SER P 84 26.32 -29.97 51.75
CA SER P 84 27.75 -29.69 51.85
C SER P 84 28.04 -28.71 52.99
N SER P 85 29.30 -28.61 53.43
CA SER P 85 29.78 -27.67 54.45
C SER P 85 28.93 -27.60 55.74
N LEU P 86 28.25 -28.69 56.13
CA LEU P 86 27.15 -28.62 57.09
C LEU P 86 27.59 -28.18 58.50
N ARG P 87 26.74 -27.40 59.17
CA ARG P 87 27.02 -26.76 60.48
C ARG P 87 25.82 -26.81 61.41
N SER P 88 26.00 -26.50 62.69
CA SER P 88 25.15 -26.98 63.81
C SER P 88 23.64 -27.08 63.55
N GLU P 89 22.97 -26.02 63.09
CA GLU P 89 21.52 -26.05 62.83
C GLU P 89 21.06 -27.04 61.74
N ASP P 90 21.98 -27.57 60.92
CA ASP P 90 21.72 -28.64 59.96
C ASP P 90 21.54 -30.03 60.62
N THR P 91 21.82 -30.16 61.91
CA THR P 91 21.74 -31.43 62.67
C THR P 91 20.27 -31.79 62.97
N ALA P 92 19.54 -32.18 61.94
CA ALA P 92 18.08 -32.21 61.90
C ALA P 92 17.50 -33.50 61.27
N VAL P 93 16.17 -33.63 61.25
CA VAL P 93 15.47 -34.72 60.55
C VAL P 93 15.03 -34.24 59.16
N TYR P 94 15.61 -34.82 58.13
CA TYR P 94 15.33 -34.54 56.74
C TYR P 94 14.23 -35.47 56.25
N TYR P 95 12.98 -35.01 56.28
CA TYR P 95 11.88 -35.69 55.61
C TYR P 95 11.89 -35.43 54.11
N CYS P 96 11.27 -36.33 53.36
CA CYS P 96 11.18 -36.29 51.90
C CYS P 96 10.00 -37.10 51.38
N ALA P 97 9.58 -38.14 52.11
CA ALA P 97 8.41 -38.96 51.81
C ALA P 97 7.11 -38.15 51.79
N ARG P 98 6.79 -37.55 50.63
CA ARG P 98 5.85 -36.42 50.47
C ARG P 98 4.96 -36.46 49.23
N ASP P 99 3.94 -35.62 49.32
CA ASP P 99 3.08 -35.08 48.24
C ASP P 99 3.69 -34.75 46.85
N PRO P 100 2.84 -34.31 45.87
CA PRO P 100 3.28 -33.54 44.73
C PRO P 100 3.24 -32.02 45.03
N PRO P 101 4.27 -31.43 45.64
CA PRO P 101 4.34 -29.99 45.93
C PRO P 101 4.39 -29.11 44.66
N THR P 102 4.02 -27.82 44.78
CA THR P 102 4.16 -26.83 43.69
C THR P 102 5.36 -25.90 43.87
N HIS P 103 6.06 -25.62 42.77
CA HIS P 103 6.88 -24.41 42.66
C HIS P 103 5.97 -23.20 42.41
N GLY P 104 6.55 -22.00 42.33
CA GLY P 104 5.85 -20.83 41.81
C GLY P 104 6.82 -19.67 41.56
N GLY P 105 6.27 -18.49 41.24
CA GLY P 105 7.06 -17.32 40.80
C GLY P 105 7.60 -17.45 39.38
N ASP P 106 7.18 -18.48 38.64
CA ASP P 106 7.65 -18.84 37.29
C ASP P 106 6.64 -19.79 36.62
N PHE P 107 6.77 -20.03 35.32
CA PHE P 107 5.69 -20.35 34.38
C PHE P 107 4.97 -21.74 34.48
N ASN P 108 4.49 -22.22 35.63
CA ASN P 108 3.76 -23.51 35.74
C ASN P 108 2.97 -23.68 37.06
N TYR P 109 2.15 -24.75 37.18
CA TYR P 109 1.47 -25.14 38.42
C TYR P 109 1.22 -26.66 38.53
N TYR P 110 1.07 -27.19 39.75
CA TYR P 110 1.05 -28.64 40.05
C TYR P 110 -0.28 -29.18 40.63
N TYR P 111 -0.52 -30.48 40.40
CA TYR P 111 -1.74 -31.26 40.69
C TYR P 111 -1.85 -31.73 42.16
N TYR P 112 -3.03 -32.20 42.61
CA TYR P 112 -3.22 -32.65 44.00
C TYR P 112 -2.76 -34.10 44.25
N GLY P 113 -3.15 -35.05 43.39
CA GLY P 113 -2.68 -36.44 43.45
C GLY P 113 -3.12 -37.25 44.69
N VAL P 114 -2.47 -38.41 44.89
CA VAL P 114 -2.71 -39.29 46.05
C VAL P 114 -1.83 -38.96 47.28
N ALA P 115 -0.75 -38.20 47.08
CA ALA P 115 0.05 -37.55 48.12
C ALA P 115 0.59 -38.48 49.22
N VAL P 116 1.57 -39.30 48.86
CA VAL P 116 2.29 -40.24 49.74
C VAL P 116 3.02 -39.55 50.90
N TRP P 117 3.10 -40.23 52.06
CA TRP P 117 3.95 -39.90 53.19
C TRP P 117 4.80 -40.99 53.89
N GLY P 118 5.66 -40.67 54.86
CA GLY P 118 6.37 -41.66 55.65
C GLY P 118 7.57 -41.13 56.45
N GLN P 119 8.34 -42.05 57.04
CA GLN P 119 9.57 -41.75 57.77
C GLN P 119 10.62 -41.09 56.86
N GLY P 120 11.40 -40.17 57.43
CA GLY P 120 12.50 -39.46 56.78
C GLY P 120 13.85 -40.06 57.13
N THR P 121 14.85 -39.22 57.40
CA THR P 121 16.15 -39.63 57.95
C THR P 121 16.75 -38.55 58.84
N THR P 122 17.56 -38.93 59.83
CA THR P 122 18.21 -38.00 60.79
C THR P 122 19.70 -37.90 60.49
N VAL P 123 20.26 -36.69 60.45
CA VAL P 123 21.72 -36.48 60.38
C VAL P 123 22.27 -36.14 61.75
N THR P 124 23.35 -36.81 62.17
CA THR P 124 24.01 -36.54 63.46
C THR P 124 25.43 -36.06 63.22
N VAL P 125 25.70 -34.80 63.53
CA VAL P 125 27.06 -34.24 63.50
C VAL P 125 27.81 -34.78 64.72
N SER P 126 29.00 -35.33 64.52
CA SER P 126 29.68 -36.18 65.50
C SER P 126 31.10 -35.70 65.86
N SER P 127 31.46 -35.95 67.12
CA SER P 127 32.72 -35.53 67.78
C SER P 127 33.06 -36.49 68.92
N ALA P 128 32.91 -37.80 68.65
CA ALA P 128 32.63 -38.83 69.65
C ALA P 128 33.39 -40.15 69.42
N SER P 129 33.23 -41.07 70.36
CA SER P 129 33.71 -42.47 70.35
C SER P 129 32.61 -43.41 70.88
N THR P 130 32.75 -44.72 70.68
CA THR P 130 31.68 -45.72 70.91
C THR P 130 31.41 -46.05 72.40
N LYS P 131 31.22 -45.02 73.24
CA LYS P 131 30.95 -45.17 74.68
C LYS P 131 29.60 -45.84 74.93
N GLY P 132 29.56 -46.79 75.87
CA GLY P 132 28.40 -47.64 76.11
C GLY P 132 27.40 -47.12 77.16
N PRO P 133 26.16 -47.62 77.14
CA PRO P 133 25.04 -47.12 77.94
C PRO P 133 25.02 -47.50 79.43
N SER P 134 25.56 -48.66 79.83
CA SER P 134 25.46 -49.16 81.21
C SER P 134 26.65 -48.71 82.07
N VAL P 135 26.62 -47.45 82.51
CA VAL P 135 27.78 -46.73 83.08
C VAL P 135 27.40 -45.81 84.26
N PHE P 136 28.42 -45.25 84.92
CA PHE P 136 28.36 -44.19 85.95
C PHE P 136 27.50 -44.57 87.18
N PRO P 137 26.24 -44.13 87.40
CA PRO P 137 25.47 -44.56 88.58
C PRO P 137 24.92 -45.99 88.48
N LEU P 138 24.86 -46.58 87.29
CA LEU P 138 24.12 -47.82 87.02
C LEU P 138 24.79 -49.10 87.53
N ALA P 139 26.08 -49.03 87.89
CA ALA P 139 26.76 -50.06 88.69
C ALA P 139 26.62 -49.84 90.23
N PRO P 140 26.95 -48.65 90.80
CA PRO P 140 26.92 -48.44 92.25
C PRO P 140 25.51 -48.28 92.86
N SER P 141 24.44 -48.33 92.07
CA SER P 141 23.06 -48.31 92.56
C SER P 141 22.20 -49.39 91.91
N SER P 142 21.37 -50.08 92.70
CA SER P 142 20.31 -50.93 92.16
C SER P 142 19.23 -50.07 91.49
N LYS P 143 18.47 -50.67 90.55
CA LYS P 143 17.37 -49.97 89.85
C LYS P 143 16.19 -49.87 90.81
N SER P 144 16.07 -48.72 91.47
CA SER P 144 15.44 -48.59 92.80
C SER P 144 14.70 -47.26 92.96
N THR P 145 13.71 -47.24 93.87
CA THR P 145 12.62 -46.24 93.90
C THR P 145 11.93 -46.15 95.26
N SER P 146 11.17 -45.08 95.49
CA SER P 146 10.30 -44.89 96.66
C SER P 146 8.99 -44.12 96.32
N GLY P 147 7.99 -44.17 97.21
CA GLY P 147 6.72 -43.44 97.13
C GLY P 147 5.57 -44.21 96.46
N GLY P 148 4.75 -44.87 97.27
CA GLY P 148 3.55 -45.59 96.81
C GLY P 148 3.81 -46.93 96.11
N THR P 149 2.74 -47.56 95.63
CA THR P 149 2.74 -48.95 95.14
C THR P 149 3.28 -49.15 93.73
N ALA P 150 3.26 -48.12 92.86
CA ALA P 150 3.64 -48.23 91.44
C ALA P 150 5.10 -47.80 91.12
N ALA P 151 5.92 -47.54 92.13
CA ALA P 151 7.21 -46.87 91.98
C ALA P 151 8.28 -47.75 91.29
N LEU P 152 8.58 -47.49 90.00
CA LEU P 152 9.65 -48.13 89.21
C LEU P 152 10.24 -47.15 88.18
N GLY P 153 11.53 -47.31 87.86
CA GLY P 153 12.17 -46.57 86.76
C GLY P 153 13.67 -46.82 86.61
N CYS P 154 14.19 -46.60 85.40
CA CYS P 154 15.59 -46.84 85.01
C CYS P 154 16.16 -45.72 84.12
N LEU P 155 17.50 -45.66 84.05
CA LEU P 155 18.30 -44.67 83.34
C LEU P 155 19.32 -45.38 82.43
N VAL P 156 19.70 -44.72 81.34
CA VAL P 156 20.92 -44.98 80.55
C VAL P 156 21.59 -43.61 80.32
N LYS P 157 22.90 -43.51 80.55
CA LYS P 157 23.62 -42.21 80.59
C LYS P 157 24.80 -42.18 79.62
N ASP P 158 24.89 -41.09 78.85
CA ASP P 158 26.03 -40.67 78.01
C ASP P 158 26.68 -41.77 77.15
N TYR P 159 26.05 -42.07 76.01
CA TYR P 159 26.48 -43.11 75.07
C TYR P 159 26.41 -42.65 73.61
N PHE P 160 27.15 -43.31 72.72
CA PHE P 160 27.15 -43.07 71.28
C PHE P 160 27.65 -44.31 70.51
N PRO P 161 27.25 -44.52 69.24
CA PRO P 161 26.12 -43.88 68.56
C PRO P 161 24.75 -44.42 69.01
N GLU P 162 23.67 -43.77 68.56
CA GLU P 162 22.33 -44.36 68.52
C GLU P 162 22.24 -45.53 67.52
N PRO P 163 21.26 -46.45 67.64
CA PRO P 163 20.32 -46.62 68.76
C PRO P 163 20.90 -47.47 69.91
N VAL P 164 20.11 -47.69 70.97
CA VAL P 164 20.41 -48.61 72.09
C VAL P 164 19.28 -49.64 72.31
N THR P 165 19.61 -50.87 72.73
CA THR P 165 18.66 -51.97 73.00
C THR P 165 18.58 -52.27 74.50
N VAL P 166 17.40 -52.61 75.03
CA VAL P 166 17.12 -52.74 76.47
C VAL P 166 16.17 -53.92 76.76
N SER P 167 16.10 -54.41 78.00
CA SER P 167 15.09 -55.40 78.45
C SER P 167 14.71 -55.27 79.94
N TRP P 168 13.47 -55.66 80.26
CA TRP P 168 12.90 -55.73 81.62
C TRP P 168 12.51 -57.18 81.97
N ASN P 169 12.62 -57.53 83.26
CA ASN P 169 12.72 -58.91 83.76
C ASN P 169 13.72 -59.74 82.93
N SER P 170 14.83 -59.09 82.54
CA SER P 170 15.88 -59.52 81.60
C SER P 170 15.41 -60.47 80.48
N GLY P 171 14.31 -60.09 79.82
CA GLY P 171 13.80 -60.72 78.59
C GLY P 171 12.32 -61.08 78.62
N ALA P 172 11.71 -61.20 79.80
CA ALA P 172 10.33 -61.71 79.93
C ALA P 172 9.20 -60.65 79.86
N LEU P 173 9.50 -59.37 80.11
CA LEU P 173 8.48 -58.31 80.31
C LEU P 173 8.41 -57.27 79.17
N THR P 174 9.01 -57.54 78.01
CA THR P 174 9.24 -56.54 76.94
C THR P 174 7.96 -55.86 76.43
N SER P 175 6.82 -56.54 76.44
CA SER P 175 5.52 -55.98 76.00
C SER P 175 4.95 -54.89 76.93
N GLY P 176 5.38 -54.83 78.20
CA GLY P 176 4.85 -53.89 79.20
C GLY P 176 5.65 -52.59 79.34
N VAL P 177 6.82 -52.49 78.69
CA VAL P 177 7.80 -51.40 78.86
C VAL P 177 7.34 -50.10 78.16
N HIS P 178 7.41 -48.96 78.86
CA HIS P 178 7.38 -47.61 78.25
C HIS P 178 8.79 -47.00 78.31
N THR P 179 9.28 -46.44 77.21
CA THR P 179 10.64 -45.87 77.11
C THR P 179 10.59 -44.48 76.52
N PHE P 180 11.41 -43.55 77.04
CA PHE P 180 11.33 -42.14 76.71
C PHE P 180 12.48 -41.75 75.74
N PRO P 181 12.18 -41.22 74.54
CA PRO P 181 13.18 -41.06 73.47
C PRO P 181 14.43 -40.27 73.88
N ALA P 182 15.60 -40.79 73.53
CA ALA P 182 16.88 -40.25 74.02
C ALA P 182 17.13 -38.79 73.59
N VAL P 183 17.57 -37.94 74.52
CA VAL P 183 18.08 -36.60 74.18
C VAL P 183 19.54 -36.67 73.73
N LEU P 184 20.00 -35.69 72.96
CA LEU P 184 21.41 -35.51 72.61
C LEU P 184 22.01 -34.36 73.42
N GLN P 185 23.06 -34.62 74.21
CA GLN P 185 23.92 -33.59 74.78
C GLN P 185 24.86 -33.02 73.71
N SER P 186 25.17 -31.73 73.75
CA SER P 186 25.92 -31.05 72.69
C SER P 186 27.34 -31.60 72.44
N SER P 187 27.91 -32.34 73.39
CA SER P 187 29.18 -33.05 73.26
C SER P 187 29.15 -34.24 72.28
N GLY P 188 27.96 -34.71 71.88
CA GLY P 188 27.79 -35.89 71.00
C GLY P 188 27.34 -37.17 71.73
N LEU P 189 26.94 -37.08 73.00
CA LEU P 189 26.52 -38.24 73.81
C LEU P 189 25.03 -38.18 74.17
N TYR P 190 24.32 -39.29 74.00
CA TYR P 190 22.89 -39.40 74.24
C TYR P 190 22.54 -39.85 75.67
N SER P 191 21.32 -39.57 76.13
CA SER P 191 20.81 -39.96 77.45
C SER P 191 19.34 -40.43 77.38
N LEU P 192 18.98 -41.51 78.09
CA LEU P 192 17.72 -42.27 77.90
C LEU P 192 17.11 -42.74 79.24
N SER P 193 15.80 -43.03 79.26
CA SER P 193 15.12 -43.61 80.43
C SER P 193 13.96 -44.56 80.06
N SER P 194 13.62 -45.49 80.95
CA SER P 194 12.64 -46.55 80.73
C SER P 194 11.89 -46.94 82.03
N VAL P 195 10.65 -47.42 81.92
CA VAL P 195 9.77 -47.84 83.03
C VAL P 195 8.91 -49.06 82.63
N VAL P 196 8.38 -49.77 83.63
CA VAL P 196 7.34 -50.80 83.45
C VAL P 196 6.22 -50.60 84.50
N THR P 197 4.97 -50.86 84.13
CA THR P 197 3.76 -50.35 84.84
C THR P 197 3.28 -51.20 86.04
N VAL P 198 4.09 -52.16 86.51
CA VAL P 198 3.70 -53.14 87.56
C VAL P 198 3.48 -52.47 88.94
N PRO P 199 2.27 -52.53 89.54
CA PRO P 199 2.02 -52.14 90.92
C PRO P 199 2.25 -53.30 91.91
N SER P 200 2.57 -52.96 93.16
CA SER P 200 2.46 -53.86 94.32
C SER P 200 3.25 -55.18 94.20
N SER P 201 2.82 -56.23 94.91
CA SER P 201 3.51 -57.51 95.04
C SER P 201 3.74 -58.27 93.73
N SER P 202 3.10 -57.91 92.63
CA SER P 202 3.42 -58.45 91.29
C SER P 202 4.87 -58.15 90.86
N LEU P 203 5.50 -57.12 91.43
CA LEU P 203 6.94 -56.89 91.32
C LEU P 203 7.70 -57.72 92.37
N GLY P 204 7.45 -57.47 93.66
CA GLY P 204 8.29 -57.98 94.76
C GLY P 204 8.20 -59.48 95.06
N THR P 205 7.17 -60.19 94.58
CA THR P 205 7.10 -61.67 94.60
C THR P 205 8.17 -62.34 93.72
N GLN P 206 8.85 -61.58 92.86
CA GLN P 206 9.88 -62.06 91.93
C GLN P 206 11.21 -61.32 92.15
N THR P 207 12.33 -61.99 91.85
CA THR P 207 13.62 -61.30 91.70
C THR P 207 13.65 -60.63 90.32
N TYR P 208 13.15 -59.39 90.24
CA TYR P 208 13.20 -58.60 89.00
C TYR P 208 14.63 -58.13 88.69
N ILE P 209 14.96 -58.11 87.41
CA ILE P 209 16.29 -57.82 86.85
C ILE P 209 16.14 -57.09 85.52
N CYS P 210 17.12 -56.26 85.15
CA CYS P 210 17.07 -55.38 83.97
C CYS P 210 18.46 -55.28 83.29
N ASN P 211 18.50 -55.16 81.96
CA ASN P 211 19.70 -55.33 81.13
C ASN P 211 19.70 -54.40 79.91
N VAL P 212 20.89 -54.05 79.41
CA VAL P 212 21.09 -53.19 78.23
C VAL P 212 22.07 -53.86 77.23
N ASN P 213 21.83 -53.67 75.93
CA ASN P 213 22.67 -54.16 74.83
C ASN P 213 22.98 -53.03 73.83
N HIS P 214 24.22 -52.98 73.35
CA HIS P 214 24.72 -51.95 72.44
C HIS P 214 25.97 -52.47 71.70
N LYS P 215 25.79 -53.00 70.49
CA LYS P 215 26.84 -53.79 69.82
C LYS P 215 28.16 -53.06 69.48
N PRO P 216 28.21 -51.72 69.31
CA PRO P 216 29.49 -50.99 69.27
C PRO P 216 30.32 -51.11 70.57
N SER P 217 29.69 -51.20 71.75
CA SER P 217 30.36 -50.99 73.06
C SER P 217 30.38 -52.21 74.00
N ASN P 218 29.50 -53.20 73.82
CA ASN P 218 29.48 -54.46 74.60
C ASN P 218 29.38 -54.27 76.14
N THR P 219 28.73 -53.21 76.63
CA THR P 219 28.43 -53.04 78.08
C THR P 219 27.25 -53.91 78.52
N LYS P 220 27.33 -55.23 78.28
CA LYS P 220 26.24 -56.22 78.33
C LYS P 220 25.81 -56.61 79.76
N VAL P 221 25.75 -55.64 80.66
CA VAL P 221 25.57 -55.78 82.12
C VAL P 221 24.09 -55.90 82.49
N ASP P 222 23.80 -56.60 83.58
CA ASP P 222 22.47 -56.86 84.14
C ASP P 222 22.46 -56.42 85.62
N LYS P 223 21.39 -55.76 86.09
CA LYS P 223 21.27 -55.28 87.47
C LYS P 223 19.87 -55.53 88.05
N LYS P 224 19.82 -55.81 89.35
CA LYS P 224 18.62 -56.11 90.13
C LYS P 224 17.70 -54.88 90.32
N VAL P 225 16.41 -55.13 90.45
CA VAL P 225 15.38 -54.10 90.72
C VAL P 225 14.97 -54.15 92.21
N GLU P 226 14.98 -53.01 92.89
CA GLU P 226 14.81 -52.90 94.36
C GLU P 226 13.88 -51.73 94.75
N PRO P 227 12.54 -51.87 94.63
CA PRO P 227 11.59 -50.81 94.96
C PRO P 227 11.14 -50.82 96.44
N LYS P 228 11.41 -49.73 97.18
CA LYS P 228 11.21 -49.65 98.64
C LYS P 228 9.74 -49.56 99.07
N SER P 229 8.95 -48.67 98.45
CA SER P 229 7.54 -48.47 98.81
C SER P 229 6.56 -49.40 98.08
N CYS P 230 7.01 -50.11 97.05
CA CYS P 230 6.18 -51.00 96.25
C CYS P 230 5.75 -52.27 97.01
N ASP P 231 6.70 -53.01 97.58
CA ASP P 231 6.43 -54.32 98.24
C ASP P 231 7.58 -54.84 99.13
N LYS P 232 8.84 -54.75 98.69
CA LYS P 232 9.89 -55.72 99.09
C LYS P 232 11.13 -55.13 99.77
N THR P 233 10.94 -54.47 100.90
CA THR P 233 12.01 -54.12 101.88
C THR P 233 11.59 -54.34 103.35
N HIS P 234 10.54 -55.15 103.59
CA HIS P 234 9.84 -55.25 104.88
C HIS P 234 9.58 -56.70 105.31
N GLU Q 1 0.81 -12.90 49.93
CA GLU Q 1 1.10 -12.84 51.40
C GLU Q 1 0.81 -14.19 52.09
N ILE Q 2 -0.47 -14.58 52.13
CA ILE Q 2 -1.07 -15.72 52.85
C ILE Q 2 -0.76 -15.83 54.36
N VAL Q 3 0.50 -16.01 54.78
CA VAL Q 3 0.92 -16.13 56.18
C VAL Q 3 0.07 -17.15 56.98
N LEU Q 4 0.03 -18.41 56.51
CA LEU Q 4 -0.83 -19.47 57.04
C LEU Q 4 -0.73 -19.58 58.57
N THR Q 5 -1.81 -19.21 59.26
CA THR Q 5 -1.88 -19.15 60.72
C THR Q 5 -3.03 -20.00 61.25
N GLN Q 6 -2.70 -21.08 61.95
CA GLN Q 6 -3.67 -21.93 62.63
C GLN Q 6 -4.10 -21.24 63.93
N SER Q 7 -5.38 -20.88 64.03
CA SER Q 7 -5.90 -20.13 65.18
C SER Q 7 -5.79 -20.91 66.50
N PRO Q 8 -6.19 -22.19 66.61
CA PRO Q 8 -5.95 -22.95 67.83
C PRO Q 8 -4.46 -23.32 67.95
N GLY Q 9 -3.76 -22.75 68.94
CA GLY Q 9 -2.38 -23.15 69.27
C GLY Q 9 -2.30 -24.49 70.00
N THR Q 10 -3.33 -24.85 70.78
CA THR Q 10 -3.46 -26.16 71.47
C THR Q 10 -4.93 -26.46 71.76
N LEU Q 11 -5.28 -27.75 71.87
CA LEU Q 11 -6.63 -28.23 72.18
C LEU Q 11 -6.58 -29.58 72.94
N SER Q 12 -7.58 -29.89 73.77
CA SER Q 12 -7.73 -31.22 74.39
C SER Q 12 -9.18 -31.67 74.36
N LEU Q 13 -9.44 -32.94 74.01
CA LEU Q 13 -10.80 -33.49 73.85
C LEU Q 13 -10.88 -34.98 74.23
N SER Q 14 -12.07 -35.46 74.60
CA SER Q 14 -12.29 -36.88 74.92
C SER Q 14 -12.31 -37.76 73.66
N PRO Q 15 -11.80 -39.01 73.69
CA PRO Q 15 -11.94 -39.92 72.55
C PRO Q 15 -13.43 -40.23 72.32
N GLY Q 16 -13.86 -40.09 71.07
CA GLY Q 16 -15.27 -39.97 70.67
C GLY Q 16 -15.69 -38.56 70.22
N GLU Q 17 -14.96 -37.50 70.62
CA GLU Q 17 -15.20 -36.14 70.13
C GLU Q 17 -14.56 -35.87 68.76
N ARG Q 18 -14.69 -34.62 68.28
CA ARG Q 18 -14.36 -34.17 66.92
C ARG Q 18 -13.49 -32.91 66.91
N ALA Q 19 -12.17 -33.06 67.00
CA ALA Q 19 -11.24 -31.94 66.86
C ALA Q 19 -11.46 -31.22 65.51
N THR Q 20 -11.57 -29.89 65.52
CA THR Q 20 -12.00 -29.09 64.36
C THR Q 20 -11.16 -27.80 64.27
N LEU Q 21 -10.19 -27.77 63.36
CA LEU Q 21 -9.06 -26.83 63.38
C LEU Q 21 -9.15 -25.77 62.28
N SER Q 22 -9.09 -24.48 62.63
CA SER Q 22 -9.15 -23.38 61.65
C SER Q 22 -7.76 -22.84 61.29
N CYS Q 23 -7.48 -22.70 59.99
CA CYS Q 23 -6.34 -21.95 59.47
C CYS Q 23 -6.79 -20.74 58.65
N ARG Q 24 -6.29 -19.55 59.01
CA ARG Q 24 -6.59 -18.26 58.37
C ARG Q 24 -5.42 -17.81 57.50
N ALA Q 25 -5.72 -17.18 56.37
CA ALA Q 25 -4.73 -16.60 55.46
C ALA Q 25 -5.12 -15.17 55.00
N SER Q 26 -4.14 -14.37 54.58
CA SER Q 26 -4.35 -13.02 54.02
C SER Q 26 -5.22 -13.00 52.75
N GLN Q 27 -5.10 -14.02 51.88
CA GLN Q 27 -5.99 -14.29 50.75
C GLN Q 27 -6.02 -15.80 50.43
N SER Q 28 -7.08 -16.28 49.77
CA SER Q 28 -7.29 -17.70 49.46
C SER Q 28 -6.38 -18.21 48.33
N ASN Q 29 -6.44 -17.57 47.16
CA ASN Q 29 -5.65 -17.82 45.96
C ASN Q 29 -5.68 -19.30 45.45
N ASN Q 30 -4.66 -20.11 45.76
CA ASN Q 30 -4.47 -21.49 45.27
C ASN Q 30 -4.25 -22.49 46.42
N TYR Q 31 -4.67 -23.74 46.19
CA TYR Q 31 -4.95 -24.75 47.23
C TYR Q 31 -3.81 -25.20 48.15
N LEU Q 32 -4.22 -25.69 49.33
CA LEU Q 32 -3.39 -26.06 50.49
C LEU Q 32 -3.80 -27.42 51.06
N ALA Q 33 -2.91 -28.01 51.86
CA ALA Q 33 -3.07 -29.36 52.42
C ALA Q 33 -2.84 -29.41 53.93
N TRP Q 34 -3.48 -30.38 54.62
CA TRP Q 34 -3.30 -30.67 56.05
C TRP Q 34 -2.44 -31.93 56.29
N TYR Q 35 -1.71 -31.93 57.40
CA TYR Q 35 -0.81 -33.00 57.85
C TYR Q 35 -0.94 -33.22 59.36
N GLN Q 36 -0.57 -34.40 59.86
CA GLN Q 36 -0.45 -34.69 61.30
C GLN Q 36 0.88 -35.37 61.62
N GLN Q 37 1.47 -35.08 62.78
CA GLN Q 37 2.64 -35.80 63.32
C GLN Q 37 2.34 -36.29 64.74
N LYS Q 38 2.37 -37.61 64.99
CA LYS Q 38 2.39 -38.14 66.37
C LYS Q 38 3.78 -37.88 66.99
N PRO Q 39 3.88 -37.43 68.26
CA PRO Q 39 5.12 -37.38 69.00
C PRO Q 39 5.93 -38.68 68.87
N GLY Q 40 7.24 -38.56 68.67
CA GLY Q 40 8.14 -39.69 68.40
C GLY Q 40 8.00 -40.33 67.01
N GLN Q 41 7.27 -39.73 66.07
CA GLN Q 41 7.00 -40.26 64.73
C GLN Q 41 7.11 -39.20 63.62
N ALA Q 42 7.07 -39.66 62.37
CA ALA Q 42 7.02 -38.81 61.18
C ALA Q 42 5.70 -38.01 61.04
N PRO Q 43 5.69 -36.88 60.32
CA PRO Q 43 4.46 -36.31 59.79
C PRO Q 43 3.83 -37.21 58.72
N ARG Q 44 2.53 -37.04 58.44
CA ARG Q 44 1.83 -37.63 57.31
C ARG Q 44 0.66 -36.77 56.82
N LEU Q 45 0.33 -36.81 55.53
CA LEU Q 45 -0.73 -35.99 54.91
C LEU Q 45 -2.13 -36.54 55.17
N LEU Q 46 -3.10 -35.64 55.31
CA LEU Q 46 -4.53 -35.95 55.42
C LEU Q 46 -5.37 -35.49 54.21
N ILE Q 47 -5.28 -34.22 53.78
CA ILE Q 47 -6.36 -33.50 53.04
C ILE Q 47 -5.80 -32.47 52.03
N TYR Q 48 -6.56 -32.13 50.97
CA TYR Q 48 -6.45 -30.90 50.15
C TYR Q 48 -7.77 -30.07 50.17
N GLY Q 49 -7.70 -28.74 50.01
CA GLY Q 49 -8.85 -27.83 50.09
C GLY Q 49 -8.91 -26.63 49.10
N ALA Q 50 -9.30 -25.46 49.63
CA ALA Q 50 -9.52 -24.15 48.99
C ALA Q 50 -10.66 -24.01 47.96
N SER Q 51 -10.82 -24.95 47.02
CA SER Q 51 -11.92 -24.92 46.03
C SER Q 51 -12.42 -26.33 45.60
N ILE Q 52 -11.93 -27.38 46.27
CA ILE Q 52 -12.04 -28.80 45.91
C ILE Q 52 -11.76 -29.65 47.18
N ARG Q 53 -12.01 -30.96 47.13
CA ARG Q 53 -11.76 -31.91 48.24
C ARG Q 53 -11.05 -33.17 47.71
N ALA Q 54 -9.98 -33.58 48.39
CA ALA Q 54 -9.34 -34.90 48.24
C ALA Q 54 -8.61 -35.29 49.53
N THR Q 55 -8.42 -36.60 49.77
CA THR Q 55 -7.77 -37.12 50.99
C THR Q 55 -7.04 -38.45 50.72
N GLY Q 56 -5.90 -38.67 51.39
CA GLY Q 56 -4.99 -39.80 51.11
C GLY Q 56 -5.25 -41.02 52.00
N ILE Q 57 -4.96 -40.91 53.30
CA ILE Q 57 -5.19 -41.97 54.29
C ILE Q 57 -6.70 -42.26 54.42
N PRO Q 58 -7.15 -43.52 54.61
CA PRO Q 58 -8.55 -43.91 54.65
C PRO Q 58 -9.55 -42.91 55.31
N ASP Q 59 -10.66 -42.73 54.61
CA ASP Q 59 -11.49 -41.53 54.58
C ASP Q 59 -12.41 -41.28 55.81
N ARG Q 60 -11.90 -41.37 57.05
CA ARG Q 60 -12.59 -40.76 58.21
C ARG Q 60 -12.33 -39.25 58.36
N PHE Q 61 -11.21 -38.75 57.84
CA PHE Q 61 -10.80 -37.34 57.93
C PHE Q 61 -11.67 -36.46 57.01
N SER Q 62 -12.13 -35.30 57.49
CA SER Q 62 -12.97 -34.36 56.73
C SER Q 62 -12.39 -32.94 56.74
N GLY Q 63 -12.65 -32.15 55.71
CA GLY Q 63 -12.06 -30.81 55.58
C GLY Q 63 -12.79 -29.94 54.58
N SER Q 64 -12.72 -28.62 54.77
CA SER Q 64 -13.53 -27.64 54.03
C SER Q 64 -12.83 -26.27 53.94
N GLY Q 65 -13.25 -25.46 52.97
CA GLY Q 65 -12.81 -24.07 52.80
C GLY Q 65 -13.94 -23.06 53.03
N SER Q 66 -13.68 -21.80 52.71
CA SER Q 66 -14.67 -20.72 52.67
C SER Q 66 -14.17 -19.55 51.81
N GLY Q 67 -15.00 -18.52 51.61
CA GLY Q 67 -14.62 -17.25 50.99
C GLY Q 67 -13.65 -16.39 51.82
N THR Q 68 -13.08 -16.91 52.91
CA THR Q 68 -12.08 -16.24 53.77
C THR Q 68 -10.98 -17.17 54.30
N ASP Q 69 -11.31 -18.34 54.87
CA ASP Q 69 -10.40 -19.20 55.65
C ASP Q 69 -10.85 -20.67 55.71
N PHE Q 70 -9.97 -21.59 56.16
CA PHE Q 70 -10.05 -23.03 55.89
C PHE Q 70 -10.10 -23.88 57.17
N THR Q 71 -10.79 -25.03 57.16
CA THR Q 71 -11.06 -25.84 58.37
C THR Q 71 -10.90 -27.35 58.18
N LEU Q 72 -10.20 -28.01 59.11
CA LEU Q 72 -10.13 -29.47 59.31
C LEU Q 72 -11.27 -29.92 60.24
N THR Q 73 -11.79 -31.14 60.11
CA THR Q 73 -12.48 -31.82 61.22
C THR Q 73 -12.21 -33.34 61.24
N ILE Q 74 -12.00 -33.91 62.43
CA ILE Q 74 -11.65 -35.34 62.60
C ILE Q 74 -12.88 -36.12 63.09
N SER Q 75 -13.22 -37.22 62.42
CA SER Q 75 -14.26 -38.16 62.89
C SER Q 75 -13.75 -39.06 64.02
N ARG Q 76 -14.51 -39.15 65.13
CA ARG Q 76 -14.32 -40.05 66.29
C ARG Q 76 -12.86 -40.14 66.74
N LEU Q 77 -12.40 -39.18 67.54
CA LEU Q 77 -11.05 -39.22 68.12
C LEU Q 77 -10.75 -40.59 68.76
N ALA Q 78 -9.70 -41.25 68.29
CA ALA Q 78 -9.20 -42.53 68.78
C ALA Q 78 -8.28 -42.36 70.01
N PRO Q 79 -7.99 -43.42 70.77
CA PRO Q 79 -6.96 -43.42 71.82
C PRO Q 79 -5.52 -43.40 71.25
N GLU Q 80 -5.34 -42.78 70.07
CA GLU Q 80 -4.14 -42.79 69.24
C GLU Q 80 -3.95 -41.48 68.45
N ASP Q 81 -4.91 -40.54 68.49
CA ASP Q 81 -4.89 -39.30 67.67
C ASP Q 81 -4.07 -38.13 68.28
N PHE Q 82 -3.28 -38.39 69.33
CA PHE Q 82 -2.36 -37.42 69.94
C PHE Q 82 -1.30 -36.98 68.93
N ALA Q 83 -1.33 -35.72 68.50
CA ALA Q 83 -0.45 -35.25 67.42
C ALA Q 83 -0.35 -33.72 67.37
N VAL Q 84 0.66 -33.23 66.64
CA VAL Q 84 0.73 -31.85 66.16
C VAL Q 84 0.37 -31.80 64.68
N TYR Q 85 -0.61 -30.97 64.34
CA TYR Q 85 -1.24 -30.91 63.03
C TYR Q 85 -0.85 -29.62 62.31
N TYR Q 86 -0.55 -29.69 61.01
CA TYR Q 86 0.01 -28.60 60.22
C TYR Q 86 -0.77 -28.38 58.92
N CYS Q 87 -0.61 -27.23 58.28
CA CYS Q 87 -0.99 -27.04 56.88
C CYS Q 87 0.06 -26.24 56.07
N GLN Q 88 0.07 -26.42 54.75
CA GLN Q 88 1.06 -25.83 53.83
C GLN Q 88 0.47 -25.64 52.41
N GLN Q 89 1.04 -24.71 51.62
CA GLN Q 89 0.84 -24.63 50.16
C GLN Q 89 2.14 -24.41 49.37
N TYR Q 90 3.22 -25.08 49.77
CA TYR Q 90 4.48 -25.23 48.99
C TYR Q 90 5.29 -23.93 48.76
N GLY Q 91 6.07 -23.86 47.67
CA GLY Q 91 7.14 -22.86 47.46
C GLY Q 91 6.65 -21.48 47.00
N SER Q 92 7.02 -21.08 45.78
CA SER Q 92 6.66 -19.79 45.16
C SER Q 92 7.36 -18.57 45.79
N SER Q 93 6.80 -17.36 45.62
CA SER Q 93 7.23 -16.11 46.27
C SER Q 93 7.22 -16.23 47.83
N PRO Q 94 7.88 -15.37 48.61
CA PRO Q 94 8.06 -15.55 50.08
C PRO Q 94 6.76 -15.77 50.90
N LEU Q 95 6.58 -16.93 51.56
CA LEU Q 95 5.33 -17.26 52.30
C LEU Q 95 5.30 -18.36 53.42
N THR Q 96 6.34 -19.20 53.61
CA THR Q 96 6.50 -20.14 54.77
C THR Q 96 5.50 -21.34 54.90
N PHE Q 97 5.33 -21.88 56.12
CA PHE Q 97 4.63 -23.13 56.52
C PHE Q 97 3.77 -22.85 57.77
N GLY Q 98 2.73 -23.65 58.06
CA GLY Q 98 1.88 -23.49 59.26
C GLY Q 98 2.60 -23.73 60.59
N PRO Q 99 2.10 -23.23 61.73
CA PRO Q 99 2.80 -23.24 63.02
C PRO Q 99 2.70 -24.56 63.81
N GLY Q 100 1.68 -25.38 63.56
CA GLY Q 100 1.44 -26.63 64.28
C GLY Q 100 0.47 -26.49 65.47
N THR Q 101 -0.77 -26.98 65.34
CA THR Q 101 -1.70 -27.16 66.46
C THR Q 101 -1.43 -28.49 67.17
N LYS Q 102 -0.97 -28.47 68.42
CA LYS Q 102 -0.82 -29.67 69.26
C LYS Q 102 -2.15 -30.03 69.93
N VAL Q 103 -2.71 -31.19 69.64
CA VAL Q 103 -4.01 -31.63 70.17
C VAL Q 103 -3.92 -33.05 70.75
N ASP Q 104 -4.62 -33.26 71.86
CA ASP Q 104 -4.50 -34.46 72.70
C ASP Q 104 -5.83 -34.97 73.25
N ILE Q 105 -5.78 -36.19 73.79
CA ILE Q 105 -6.92 -37.11 73.93
C ILE Q 105 -7.14 -37.52 75.40
N LYS Q 106 -8.42 -37.57 75.82
CA LYS Q 106 -8.94 -38.07 77.12
C LYS Q 106 -8.54 -37.31 78.40
N ARG Q 107 -7.37 -36.66 78.45
CA ARG Q 107 -6.75 -36.16 79.70
C ARG Q 107 -7.55 -35.09 80.45
N THR Q 108 -7.26 -34.97 81.75
CA THR Q 108 -7.72 -33.93 82.68
C THR Q 108 -6.56 -33.54 83.62
N VAL Q 109 -6.63 -32.37 84.27
CA VAL Q 109 -5.58 -31.89 85.20
C VAL Q 109 -5.40 -32.86 86.37
N ALA Q 110 -4.14 -33.19 86.69
CA ALA Q 110 -3.75 -34.09 87.79
C ALA Q 110 -2.30 -33.82 88.25
N ALA Q 111 -1.94 -34.28 89.45
CA ALA Q 111 -0.57 -34.21 89.97
C ALA Q 111 0.37 -35.22 89.26
N PRO Q 112 1.66 -34.91 89.08
CA PRO Q 112 2.61 -35.82 88.42
C PRO Q 112 2.78 -37.19 89.07
N SER Q 113 3.13 -38.19 88.27
CA SER Q 113 3.92 -39.34 88.75
C SER Q 113 5.33 -38.86 89.11
N VAL Q 114 5.89 -39.29 90.24
CA VAL Q 114 7.25 -38.92 90.68
C VAL Q 114 8.11 -40.16 90.95
N PHE Q 115 9.24 -40.30 90.25
CA PHE Q 115 10.23 -41.36 90.45
C PHE Q 115 11.63 -40.77 90.70
N ILE Q 116 12.51 -41.48 91.40
CA ILE Q 116 13.81 -40.97 91.90
C ILE Q 116 14.87 -42.08 91.94
N PHE Q 117 16.16 -41.72 91.93
CA PHE Q 117 17.27 -42.59 92.37
C PHE Q 117 17.63 -42.31 93.86
N PRO Q 118 17.38 -43.27 94.77
CA PRO Q 118 17.92 -43.26 96.13
C PRO Q 118 19.47 -43.31 96.20
N PRO Q 119 20.08 -43.26 97.40
CA PRO Q 119 21.53 -43.41 97.60
C PRO Q 119 22.14 -44.71 97.01
N SER Q 120 23.46 -44.73 96.88
CA SER Q 120 24.24 -45.87 96.35
C SER Q 120 24.20 -47.13 97.25
N ASP Q 121 24.22 -48.30 96.62
CA ASP Q 121 24.35 -49.63 97.24
C ASP Q 121 25.77 -50.21 97.18
N GLU Q 122 26.61 -49.75 96.24
CA GLU Q 122 27.88 -50.38 95.87
C GLU Q 122 29.00 -49.33 95.64
N GLN Q 123 30.27 -49.76 95.64
CA GLN Q 123 31.50 -48.96 95.68
C GLN Q 123 31.52 -47.70 94.78
N LEU Q 124 32.07 -46.62 95.32
CA LEU Q 124 31.89 -45.24 94.84
C LEU Q 124 32.63 -44.86 93.53
N LYS Q 125 33.48 -45.75 93.01
CA LYS Q 125 34.51 -45.45 91.98
C LYS Q 125 33.99 -44.81 90.68
N SER Q 126 32.82 -45.22 90.19
CA SER Q 126 32.21 -44.70 88.94
C SER Q 126 31.33 -43.45 89.14
N GLY Q 127 31.25 -42.91 90.37
CA GLY Q 127 30.47 -41.71 90.71
C GLY Q 127 29.04 -42.00 91.18
N THR Q 128 28.63 -41.31 92.24
CA THR Q 128 27.41 -41.59 93.04
C THR Q 128 26.61 -40.35 93.42
N ALA Q 129 27.13 -39.13 93.19
CA ALA Q 129 26.33 -37.91 93.23
C ALA Q 129 25.36 -37.80 92.03
N SER Q 130 25.62 -38.51 90.93
CA SER Q 130 24.72 -38.57 89.78
C SER Q 130 23.43 -39.33 90.09
N VAL Q 131 22.30 -38.63 89.98
CA VAL Q 131 20.93 -39.14 90.24
C VAL Q 131 19.93 -38.48 89.29
N VAL Q 132 18.76 -39.11 89.11
CA VAL Q 132 17.69 -38.62 88.23
C VAL Q 132 16.35 -38.67 88.95
N CYS Q 133 15.52 -37.63 88.76
CA CYS Q 133 14.09 -37.63 89.09
C CYS Q 133 13.27 -37.56 87.78
N LEU Q 134 12.29 -38.45 87.65
CA LEU Q 134 11.50 -38.69 86.44
C LEU Q 134 10.02 -38.35 86.65
N LEU Q 135 9.43 -37.62 85.70
CA LEU Q 135 8.01 -37.22 85.71
C LEU Q 135 7.27 -37.62 84.42
N ASN Q 136 6.02 -38.05 84.61
CA ASN Q 136 5.01 -38.32 83.58
C ASN Q 136 3.62 -37.97 84.14
N ASN Q 137 2.56 -38.17 83.34
CA ASN Q 137 1.17 -38.21 83.84
C ASN Q 137 0.63 -36.87 84.41
N PHE Q 138 1.18 -35.73 83.98
CA PHE Q 138 0.77 -34.38 84.42
C PHE Q 138 0.39 -33.44 83.25
N TYR Q 139 -0.46 -32.45 83.53
CA TYR Q 139 -0.93 -31.46 82.57
C TYR Q 139 -1.15 -30.08 83.21
N PRO Q 140 -0.95 -28.94 82.50
CA PRO Q 140 -0.23 -28.80 81.22
C PRO Q 140 1.29 -28.90 81.40
N ARG Q 141 2.11 -28.70 80.34
CA ARG Q 141 3.58 -28.82 80.42
C ARG Q 141 4.31 -27.65 81.13
N GLU Q 142 3.67 -27.03 82.12
CA GLU Q 142 4.39 -26.19 83.10
C GLU Q 142 5.08 -27.12 84.13
N ALA Q 143 6.21 -27.67 83.70
CA ALA Q 143 7.07 -28.56 84.46
C ALA Q 143 7.86 -27.76 85.52
N LYS Q 144 7.15 -27.35 86.58
CA LYS Q 144 7.68 -26.60 87.74
C LYS Q 144 8.52 -27.49 88.67
N VAL Q 145 9.50 -28.21 88.10
CA VAL Q 145 10.45 -29.06 88.83
C VAL Q 145 11.54 -28.20 89.48
N GLN Q 146 11.99 -28.60 90.66
CA GLN Q 146 13.03 -27.96 91.45
C GLN Q 146 13.93 -29.01 92.11
N TRP Q 147 15.13 -28.63 92.51
CA TRP Q 147 16.03 -29.46 93.32
C TRP Q 147 16.57 -28.64 94.48
N LYS Q 148 16.79 -29.32 95.60
CA LYS Q 148 17.53 -28.80 96.75
C LYS Q 148 18.62 -29.80 97.12
N VAL Q 149 19.85 -29.31 97.27
CA VAL Q 149 21.02 -30.09 97.71
C VAL Q 149 21.60 -29.39 98.94
N ASP Q 150 21.74 -30.11 100.06
CA ASP Q 150 22.25 -29.58 101.33
C ASP Q 150 21.53 -28.29 101.78
N ASN Q 151 20.21 -28.26 101.60
CA ASN Q 151 19.30 -27.14 101.88
C ASN Q 151 19.58 -25.85 101.05
N ALA Q 152 20.32 -25.96 99.95
CA ALA Q 152 20.51 -24.90 98.96
C ALA Q 152 19.76 -25.21 97.65
N LEU Q 153 19.09 -24.21 97.07
CA LEU Q 153 18.35 -24.37 95.81
C LEU Q 153 19.30 -24.69 94.64
N GLN Q 154 18.95 -25.72 93.87
CA GLN Q 154 19.80 -26.33 92.85
C GLN Q 154 19.15 -26.25 91.44
N SER Q 155 18.58 -25.09 91.12
CA SER Q 155 18.26 -24.72 89.74
C SER Q 155 19.56 -24.57 88.93
N GLY Q 156 19.58 -25.06 87.68
CA GLY Q 156 20.80 -25.23 86.89
C GLY Q 156 21.57 -26.52 87.20
N ASN Q 157 22.72 -26.72 86.53
CA ASN Q 157 23.58 -27.94 86.55
C ASN Q 157 22.93 -29.26 86.07
N SER Q 158 21.60 -29.37 86.11
CA SER Q 158 20.85 -30.55 85.68
C SER Q 158 20.96 -30.79 84.18
N GLN Q 159 21.33 -32.01 83.80
CA GLN Q 159 21.04 -32.55 82.47
C GLN Q 159 19.51 -32.72 82.31
N GLU Q 160 18.79 -31.68 81.88
CA GLU Q 160 17.34 -31.70 81.68
C GLU Q 160 16.95 -32.50 80.43
N SER Q 161 16.87 -33.81 80.58
CA SER Q 161 16.38 -34.72 79.55
C SER Q 161 14.84 -34.71 79.49
N VAL Q 162 14.27 -33.61 79.01
CA VAL Q 162 12.86 -33.55 78.59
C VAL Q 162 12.65 -34.39 77.32
N THR Q 163 11.54 -35.11 77.27
CA THR Q 163 11.30 -36.18 76.27
C THR Q 163 9.85 -36.15 75.75
N GLU Q 164 9.59 -36.82 74.63
CA GLU Q 164 8.31 -36.72 73.90
C GLU Q 164 7.06 -37.09 74.73
N GLN Q 165 5.89 -36.58 74.32
CA GLN Q 165 4.60 -37.01 74.84
C GLN Q 165 4.39 -38.52 74.65
N ASP Q 166 4.11 -39.23 75.75
CA ASP Q 166 3.82 -40.66 75.77
C ASP Q 166 2.52 -40.99 75.02
N SER Q 167 2.48 -42.11 74.29
CA SER Q 167 1.30 -42.51 73.50
C SER Q 167 0.14 -42.98 74.38
N LYS Q 168 0.31 -44.10 75.09
CA LYS Q 168 -0.72 -44.73 75.92
C LYS Q 168 -1.05 -43.94 77.19
N ASP Q 169 -0.04 -43.28 77.76
CA ASP Q 169 -0.19 -42.38 78.91
C ASP Q 169 -0.58 -40.95 78.49
N SER Q 170 -0.51 -40.65 77.18
CA SER Q 170 -1.03 -39.45 76.48
C SER Q 170 -0.53 -38.10 77.02
N THR Q 171 0.58 -38.06 77.74
CA THR Q 171 1.10 -36.89 78.50
C THR Q 171 2.63 -36.75 78.39
N TYR Q 172 3.15 -35.58 78.72
CA TYR Q 172 4.57 -35.21 78.62
C TYR Q 172 5.49 -36.09 79.48
N SER Q 173 6.77 -36.26 79.09
CA SER Q 173 7.75 -37.06 79.84
C SER Q 173 9.07 -36.30 80.06
N LEU Q 174 9.74 -36.49 81.20
CA LEU Q 174 11.08 -35.91 81.44
C LEU Q 174 11.89 -36.64 82.52
N SER Q 175 13.23 -36.60 82.37
CA SER Q 175 14.20 -36.85 83.43
C SER Q 175 15.01 -35.57 83.74
N SER Q 176 14.87 -35.09 84.97
CA SER Q 176 15.72 -34.06 85.58
C SER Q 176 16.81 -34.71 86.43
N THR Q 177 17.92 -34.03 86.68
CA THR Q 177 19.20 -34.70 86.99
C THR Q 177 20.07 -33.92 87.98
N LEU Q 178 20.93 -34.62 88.73
CA LEU Q 178 22.17 -34.09 89.29
C LEU Q 178 23.36 -34.80 88.62
N THR Q 179 24.46 -34.09 88.34
CA THR Q 179 25.34 -34.42 87.20
C THR Q 179 26.84 -34.56 87.57
N LEU Q 180 27.17 -35.16 88.71
CA LEU Q 180 28.52 -35.18 89.33
C LEU Q 180 28.99 -36.57 89.80
N SER Q 181 30.28 -36.72 90.10
CA SER Q 181 30.94 -37.99 90.47
C SER Q 181 30.89 -38.31 91.97
N LYS Q 182 32.00 -38.12 92.71
CA LYS Q 182 32.20 -38.56 94.12
C LYS Q 182 32.70 -37.44 95.04
N ALA Q 183 33.44 -36.46 94.53
CA ALA Q 183 34.14 -35.46 95.37
C ALA Q 183 33.20 -34.70 96.32
N ASP Q 184 32.00 -34.32 95.85
CA ASP Q 184 30.97 -33.69 96.69
C ASP Q 184 30.02 -34.70 97.36
N TYR Q 185 29.94 -35.96 96.91
CA TYR Q 185 29.13 -37.00 97.56
C TYR Q 185 29.57 -37.26 99.02
N GLU Q 186 30.85 -37.09 99.31
CA GLU Q 186 31.43 -37.13 100.67
C GLU Q 186 31.18 -35.86 101.50
N LYS Q 187 30.69 -34.78 100.87
CA LYS Q 187 30.26 -33.53 101.54
C LYS Q 187 28.74 -33.49 101.77
N HIS Q 188 27.97 -34.13 100.89
CA HIS Q 188 26.50 -34.11 100.87
C HIS Q 188 25.85 -34.62 102.16
N LYS Q 189 24.69 -34.05 102.46
CA LYS Q 189 23.86 -34.24 103.65
C LYS Q 189 22.38 -34.41 103.29
N VAL Q 190 21.87 -33.69 102.30
CA VAL Q 190 20.47 -33.78 101.83
C VAL Q 190 20.39 -33.74 100.31
N TYR Q 191 19.61 -34.65 99.71
CA TYR Q 191 18.98 -34.46 98.40
C TYR Q 191 17.46 -34.31 98.59
N ALA Q 192 16.85 -33.32 97.93
CA ALA Q 192 15.41 -33.13 97.89
C ALA Q 192 14.97 -32.58 96.53
N CYS Q 193 14.57 -33.45 95.61
CA CYS Q 193 13.88 -33.02 94.40
C CYS Q 193 12.44 -32.63 94.77
N GLU Q 194 11.88 -31.62 94.10
CA GLU Q 194 10.55 -31.09 94.37
C GLU Q 194 9.79 -30.68 93.10
N VAL Q 195 8.46 -30.64 93.16
CA VAL Q 195 7.61 -30.10 92.09
C VAL Q 195 6.58 -29.16 92.70
N THR Q 196 6.35 -28.00 92.09
CA THR Q 196 5.38 -26.98 92.56
C THR Q 196 4.31 -26.67 91.49
N HIS Q 197 3.85 -27.72 90.80
CA HIS Q 197 3.04 -27.67 89.55
C HIS Q 197 1.70 -26.92 89.67
N GLN Q 198 1.13 -26.49 88.54
CA GLN Q 198 -0.07 -25.62 88.43
C GLN Q 198 -1.27 -26.05 89.30
N GLY Q 199 -1.54 -27.36 89.41
CA GLY Q 199 -2.66 -27.90 90.19
C GLY Q 199 -2.43 -27.95 91.71
N LEU Q 200 -1.23 -27.62 92.20
CA LEU Q 200 -0.84 -27.77 93.62
C LEU Q 200 -0.14 -26.52 94.19
N SER Q 201 0.69 -25.84 93.40
CA SER Q 201 1.48 -24.63 93.76
C SER Q 201 2.32 -24.77 95.05
N SER Q 202 2.63 -26.01 95.43
CA SER Q 202 3.24 -26.39 96.71
C SER Q 202 4.02 -27.71 96.51
N PRO Q 203 5.03 -28.02 97.34
CA PRO Q 203 6.04 -29.03 97.02
C PRO Q 203 5.56 -30.48 97.14
N VAL Q 204 5.38 -31.14 96.00
CA VAL Q 204 5.54 -32.60 95.87
C VAL Q 204 7.04 -32.90 96.01
N THR Q 205 7.48 -34.02 96.60
CA THR Q 205 8.92 -34.28 96.79
C THR Q 205 9.33 -35.75 96.84
N LYS Q 206 10.62 -36.01 96.54
CA LYS Q 206 11.38 -37.19 96.99
C LYS Q 206 12.63 -36.71 97.73
N SER Q 207 12.81 -37.13 98.98
CA SER Q 207 13.96 -36.78 99.83
C SER Q 207 14.27 -37.86 100.87
N PHE Q 208 15.54 -37.99 101.25
CA PHE Q 208 16.12 -39.05 102.08
C PHE Q 208 17.50 -38.63 102.61
N ASN Q 209 18.03 -39.36 103.58
CA ASN Q 209 19.45 -39.24 104.02
C ASN Q 209 20.39 -40.01 103.04
N ARG Q 210 21.71 -39.83 103.19
CA ARG Q 210 22.72 -40.66 102.47
C ARG Q 210 22.90 -42.01 103.17
N GLY Q 211 23.06 -43.09 102.40
CA GLY Q 211 23.41 -44.43 102.90
C GLY Q 211 22.34 -45.14 103.75
N GLU Q 212 21.07 -44.75 103.63
CA GLU Q 212 19.95 -45.34 104.41
C GLU Q 212 19.63 -46.80 104.08
N ASN R 1 -97.65 75.59 5.31
CA ASN R 1 -96.64 76.27 4.47
C ASN R 1 -95.45 75.34 4.24
N ASP R 2 -95.30 74.79 3.03
CA ASP R 2 -94.23 73.84 2.68
C ASP R 2 -92.95 74.52 2.16
N CYS R 3 -92.86 75.86 2.21
CA CYS R 3 -91.71 76.64 1.74
C CYS R 3 -90.58 76.66 2.79
N ILE R 4 -89.86 75.54 2.88
CA ILE R 4 -88.82 75.23 3.86
C ILE R 4 -87.59 74.59 3.20
N PHE R 5 -86.53 74.35 3.98
CA PHE R 5 -85.42 73.45 3.62
C PHE R 5 -85.94 72.05 3.22
N GLU R 6 -85.36 71.42 2.20
CA GLU R 6 -85.88 70.18 1.62
C GLU R 6 -84.82 69.08 1.41
N VAL R 7 -85.22 67.81 1.54
CA VAL R 7 -84.36 66.64 1.27
C VAL R 7 -85.19 65.41 0.90
N LYS R 8 -84.53 64.45 0.24
CA LYS R 8 -85.03 63.10 -0.04
C LYS R 8 -83.87 62.10 -0.13
N HIS R 9 -84.18 60.83 0.09
CA HIS R 9 -83.24 59.72 0.24
C HIS R 9 -83.85 58.42 -0.31
N GLU R 10 -83.26 57.85 -1.37
CA GLU R 10 -83.83 56.68 -2.08
C GLU R 10 -85.29 56.90 -2.53
N GLY R 11 -85.63 58.12 -2.95
CA GLY R 11 -86.97 58.55 -3.34
C GLY R 11 -87.90 58.94 -2.18
N LYS R 12 -87.83 58.25 -1.03
CA LYS R 12 -88.55 58.63 0.20
C LYS R 12 -88.00 59.95 0.77
N VAL R 13 -88.89 60.78 1.31
CA VAL R 13 -88.49 61.98 2.09
C VAL R 13 -87.58 61.59 3.26
N THR R 14 -87.93 60.51 3.98
CA THR R 14 -87.11 59.88 5.03
C THR R 14 -86.71 60.83 6.17
N GLY R 15 -87.65 61.67 6.62
CA GLY R 15 -87.40 62.72 7.60
C GLY R 15 -86.72 63.95 7.00
N TYR R 16 -87.31 65.13 7.20
CA TYR R 16 -86.84 66.38 6.58
C TYR R 16 -85.50 66.86 7.15
N ALA R 17 -84.63 67.38 6.28
CA ALA R 17 -83.36 67.99 6.67
C ALA R 17 -83.62 69.30 7.43
N CYS R 18 -83.73 69.23 8.75
CA CYS R 18 -83.94 70.38 9.61
C CYS R 18 -82.68 71.24 9.66
N LEU R 19 -82.48 72.11 8.65
CA LEU R 19 -81.50 73.19 8.67
C LEU R 19 -81.98 74.29 9.66
N VAL R 20 -82.16 73.89 10.91
CA VAL R 20 -82.46 74.76 12.04
C VAL R 20 -81.14 75.35 12.51
N GLY R 21 -80.87 76.60 12.12
CA GLY R 21 -79.57 77.24 12.31
C GLY R 21 -78.43 76.48 11.64
N ASP R 22 -77.26 76.48 12.28
CA ASP R 22 -76.10 75.69 11.87
C ASP R 22 -76.29 74.20 12.24
N LYS R 23 -77.07 73.46 11.43
CA LYS R 23 -77.28 72.00 11.56
C LYS R 23 -77.81 71.37 10.27
N VAL R 24 -77.71 70.05 10.13
CA VAL R 24 -78.32 69.27 9.02
C VAL R 24 -79.06 68.03 9.56
N MET R 25 -79.87 68.23 10.60
CA MET R 25 -80.60 67.16 11.28
C MET R 25 -81.46 66.37 10.30
N LYS R 26 -81.34 65.04 10.28
CA LYS R 26 -81.85 64.10 9.27
C LYS R 26 -82.47 62.87 9.95
N PRO R 27 -83.75 62.91 10.37
CA PRO R 27 -84.46 61.88 11.16
C PRO R 27 -84.66 60.47 10.57
N ALA R 28 -83.71 59.93 9.80
CA ALA R 28 -83.84 58.67 9.08
C ALA R 28 -83.82 57.42 9.99
N HIS R 29 -84.97 57.12 10.62
CA HIS R 29 -85.26 55.88 11.33
C HIS R 29 -85.17 54.62 10.43
N VAL R 30 -85.30 54.80 9.12
CA VAL R 30 -85.41 53.73 8.09
C VAL R 30 -84.45 53.96 6.91
N LYS R 31 -84.42 53.02 5.95
CA LYS R 31 -83.50 53.04 4.79
C LYS R 31 -83.49 54.38 4.04
N GLY R 32 -82.29 54.85 3.70
CA GLY R 32 -82.09 55.94 2.74
C GLY R 32 -80.69 56.54 2.80
N THR R 33 -80.20 57.04 1.67
CA THR R 33 -78.98 57.85 1.57
C THR R 33 -79.15 58.95 0.52
N ILE R 34 -78.31 59.97 0.54
CA ILE R 34 -78.59 61.32 0.01
C ILE R 34 -78.93 61.30 -1.49
N ASP R 35 -80.18 61.65 -1.84
CA ASP R 35 -80.53 62.03 -3.22
C ASP R 35 -80.19 63.51 -3.49
N ASN R 36 -80.49 64.40 -2.53
CA ASN R 36 -80.25 65.84 -2.65
C ASN R 36 -78.78 66.18 -2.35
N ALA R 37 -77.86 65.75 -3.22
CA ALA R 37 -76.41 65.82 -3.06
C ALA R 37 -75.78 67.24 -3.07
N ASP R 38 -76.58 68.30 -2.91
CA ASP R 38 -76.12 69.70 -2.84
C ASP R 38 -75.21 69.96 -1.61
N LEU R 39 -75.36 69.16 -0.56
CA LEU R 39 -74.41 69.01 0.54
C LEU R 39 -74.25 67.52 0.88
N ALA R 40 -73.62 66.75 -0.01
CA ALA R 40 -73.40 65.32 0.20
C ALA R 40 -72.33 65.01 1.27
N LYS R 41 -71.36 65.92 1.50
CA LYS R 41 -70.18 65.75 2.37
C LYS R 41 -70.47 65.83 3.88
N LEU R 42 -71.55 65.20 4.33
CA LEU R 42 -71.97 65.21 5.74
C LEU R 42 -71.03 64.38 6.64
N ALA R 43 -70.66 64.94 7.79
CA ALA R 43 -70.02 64.24 8.89
C ALA R 43 -71.07 63.54 9.78
N PHE R 44 -71.74 62.53 9.24
CA PHE R 44 -72.87 61.85 9.88
C PHE R 44 -72.60 61.43 11.34
N LYS R 45 -73.46 61.85 12.28
CA LYS R 45 -73.51 61.33 13.66
C LYS R 45 -74.93 60.87 14.00
N ARG R 46 -75.07 59.82 14.80
CA ARG R 46 -76.34 59.11 15.06
C ARG R 46 -76.42 58.64 16.51
N SER R 47 -77.62 58.43 17.04
CA SER R 47 -77.83 57.61 18.24
C SER R 47 -79.22 56.98 18.24
N SER R 48 -79.30 55.71 17.89
CA SER R 48 -80.55 55.04 17.51
C SER R 48 -81.60 54.96 18.64
N LYS R 49 -81.23 55.14 19.91
CA LYS R 49 -82.18 55.23 21.04
C LYS R 49 -82.96 56.56 21.11
N TYR R 50 -82.59 57.54 20.27
CA TYR R 50 -83.43 58.69 19.90
C TYR R 50 -83.68 58.75 18.37
N ASP R 51 -83.47 57.64 17.64
CA ASP R 51 -83.75 57.40 16.21
C ASP R 51 -83.03 58.28 15.16
N LEU R 52 -82.67 59.51 15.52
CA LEU R 52 -82.17 60.55 14.63
C LEU R 52 -80.69 60.40 14.26
N GLU R 53 -80.33 61.06 13.16
CA GLU R 53 -78.98 61.20 12.61
C GLU R 53 -78.79 62.65 12.14
N CYS R 54 -77.56 63.15 12.04
CA CYS R 54 -77.32 64.59 11.93
C CYS R 54 -75.92 64.91 11.36
N ALA R 55 -75.71 66.16 10.96
CA ALA R 55 -74.43 66.73 10.51
C ALA R 55 -74.44 68.27 10.57
N GLN R 56 -73.46 68.95 9.95
CA GLN R 56 -73.26 70.40 10.01
C GLN R 56 -73.19 71.07 8.62
N ILE R 57 -73.73 72.30 8.48
CA ILE R 57 -73.64 73.13 7.27
C ILE R 57 -72.24 73.79 7.21
N PRO R 58 -71.50 73.71 6.09
CA PRO R 58 -70.19 74.35 5.98
C PRO R 58 -70.31 75.88 5.76
N VAL R 59 -70.95 76.28 4.67
CA VAL R 59 -71.33 77.68 4.31
C VAL R 59 -72.20 77.68 3.04
N HIS R 60 -71.89 76.77 2.11
CA HIS R 60 -72.49 76.62 0.77
C HIS R 60 -74.01 76.79 0.71
N MET R 61 -74.76 76.18 1.64
CA MET R 61 -76.22 76.23 1.67
C MET R 61 -76.79 76.93 2.92
N LYS R 62 -75.98 77.72 3.65
CA LYS R 62 -76.44 78.36 4.90
C LYS R 62 -77.64 79.30 4.70
N SER R 63 -77.79 79.89 3.51
CA SER R 63 -78.95 80.70 3.14
C SER R 63 -80.27 79.91 3.06
N ASP R 64 -80.24 78.57 3.13
CA ASP R 64 -81.42 77.70 3.16
C ASP R 64 -81.97 77.46 4.59
N ALA R 65 -81.24 77.86 5.64
CA ALA R 65 -81.59 77.57 7.03
C ALA R 65 -82.71 78.45 7.62
N SER R 66 -83.40 77.97 8.67
CA SER R 66 -84.24 78.81 9.56
C SER R 66 -83.44 79.26 10.79
N LYS R 67 -83.98 80.20 11.58
CA LYS R 67 -83.44 80.49 12.94
C LYS R 67 -83.89 79.44 13.97
N PHE R 68 -83.30 79.50 15.17
CA PHE R 68 -83.39 78.48 16.22
C PHE R 68 -84.78 78.40 16.89
N THR R 69 -85.10 77.28 17.55
CA THR R 69 -86.49 76.98 17.98
C THR R 69 -86.59 75.89 19.06
N HIS R 70 -87.50 76.06 20.04
CA HIS R 70 -87.82 75.05 21.06
C HIS R 70 -89.16 75.23 21.81
N GLU R 71 -89.83 76.38 21.70
CA GLU R 71 -91.06 76.69 22.45
C GLU R 71 -92.27 75.83 22.01
N LYS R 72 -93.10 75.38 22.96
CA LYS R 72 -94.26 74.50 22.72
C LYS R 72 -95.45 74.75 23.66
N PRO R 73 -96.12 75.92 23.58
CA PRO R 73 -97.35 76.18 24.33
C PRO R 73 -98.51 75.28 23.88
N GLU R 74 -99.50 75.05 24.75
CA GLU R 74 -100.73 74.34 24.37
C GLU R 74 -101.48 75.07 23.25
N GLY R 75 -102.25 74.32 22.45
CA GLY R 75 -102.96 74.87 21.30
C GLY R 75 -103.08 73.84 20.17
N TYR R 76 -102.83 74.27 18.94
CA TYR R 76 -102.68 73.36 17.81
C TYR R 76 -101.56 73.82 16.89
N TYR R 77 -100.97 72.86 16.19
CA TYR R 77 -99.89 73.05 15.22
C TYR R 77 -100.29 72.37 13.90
N ASN R 78 -99.39 72.42 12.91
CA ASN R 78 -99.67 71.94 11.56
C ASN R 78 -98.66 70.87 11.12
N TRP R 79 -99.14 69.86 10.41
CA TRP R 79 -98.32 68.80 9.80
C TRP R 79 -98.87 68.41 8.43
N HIS R 80 -98.17 67.57 7.68
CA HIS R 80 -98.43 67.42 6.24
C HIS R 80 -99.79 66.82 5.85
N HIS R 81 -100.53 66.25 6.83
CA HIS R 81 -101.91 65.76 6.68
C HIS R 81 -102.93 66.58 7.49
N GLY R 82 -102.61 67.81 7.88
CA GLY R 82 -103.56 68.77 8.47
C GLY R 82 -103.17 69.31 9.84
N ALA R 83 -104.16 69.77 10.60
CA ALA R 83 -103.97 70.28 11.95
C ALA R 83 -103.70 69.15 12.95
N VAL R 84 -102.87 69.45 13.95
CA VAL R 84 -102.47 68.56 15.05
C VAL R 84 -102.66 69.31 16.37
N GLN R 85 -103.71 68.98 17.11
CA GLN R 85 -104.03 69.59 18.40
C GLN R 85 -103.06 69.06 19.46
N TYR R 86 -102.48 69.94 20.26
CA TYR R 86 -101.46 69.62 21.26
C TYR R 86 -101.90 70.07 22.65
N SER R 87 -102.03 69.13 23.58
CA SER R 87 -102.44 69.38 24.97
C SER R 87 -102.02 68.23 25.87
N GLY R 88 -101.90 68.46 27.18
CA GLY R 88 -101.31 67.46 28.09
C GLY R 88 -99.91 67.04 27.63
N GLY R 89 -99.13 67.98 27.09
CA GLY R 89 -97.78 67.81 26.58
C GLY R 89 -97.60 66.99 25.29
N ARG R 90 -98.68 66.47 24.68
CA ARG R 90 -98.59 65.55 23.53
C ARG R 90 -99.38 66.01 22.32
N PHE R 91 -98.88 65.69 21.13
CA PHE R 91 -99.55 65.92 19.85
C PHE R 91 -100.63 64.86 19.57
N THR R 92 -101.74 65.28 18.96
CA THR R 92 -102.87 64.39 18.58
C THR R 92 -103.40 64.77 17.20
N ILE R 93 -104.01 63.81 16.49
CA ILE R 93 -104.48 63.96 15.11
C ILE R 93 -105.88 63.35 14.94
N PRO R 94 -106.62 63.72 13.89
CA PRO R 94 -107.79 62.95 13.47
C PRO R 94 -107.40 61.49 13.26
N THR R 95 -108.23 60.55 13.70
CA THR R 95 -107.93 59.12 13.51
C THR R 95 -107.83 58.79 12.02
N GLY R 96 -106.73 58.16 11.62
CA GLY R 96 -106.43 57.82 10.22
C GLY R 96 -105.79 58.93 9.38
N ALA R 97 -105.53 60.13 9.93
CA ALA R 97 -104.85 61.18 9.16
C ALA R 97 -103.40 60.78 8.77
N GLY R 98 -102.73 59.98 9.61
CA GLY R 98 -101.41 59.40 9.38
C GLY R 98 -101.46 57.91 9.02
N LYS R 99 -100.46 57.40 8.30
CA LYS R 99 -100.38 56.01 7.81
C LYS R 99 -98.93 55.56 7.54
N PRO R 100 -98.64 54.25 7.43
CA PRO R 100 -97.34 53.77 6.99
C PRO R 100 -96.87 54.45 5.70
N GLY R 101 -95.61 54.87 5.64
CA GLY R 101 -95.09 55.77 4.60
C GLY R 101 -95.01 57.23 5.04
N ASP R 102 -95.70 57.62 6.11
CA ASP R 102 -95.43 58.86 6.87
C ASP R 102 -94.18 58.73 7.76
N SER R 103 -93.10 58.20 7.17
CA SER R 103 -91.83 57.87 7.81
C SER R 103 -90.99 59.13 8.08
N GLY R 104 -91.24 59.79 9.20
CA GLY R 104 -90.58 61.05 9.59
C GLY R 104 -91.14 62.27 8.85
N ARG R 105 -91.95 63.08 9.55
CA ARG R 105 -92.49 64.37 9.06
C ARG R 105 -92.42 65.44 10.17
N PRO R 106 -92.04 66.71 9.89
CA PRO R 106 -92.01 67.79 10.87
C PRO R 106 -93.36 68.11 11.51
N ILE R 107 -93.35 69.02 12.49
CA ILE R 107 -94.51 69.83 12.87
C ILE R 107 -94.10 71.29 12.70
N PHE R 108 -94.39 71.88 11.54
CA PHE R 108 -93.67 73.04 10.98
C PHE R 108 -93.83 74.39 11.73
N ASP R 109 -94.58 74.39 12.83
CA ASP R 109 -94.95 75.55 13.66
C ASP R 109 -95.90 76.58 13.01
N ASN R 110 -96.59 77.36 13.84
CA ASN R 110 -97.51 78.40 13.41
C ASN R 110 -96.84 79.74 13.09
N LYS R 111 -95.60 79.97 13.55
CA LYS R 111 -94.89 81.25 13.48
C LYS R 111 -93.55 81.17 12.74
N GLY R 112 -93.34 80.11 11.96
CA GLY R 112 -92.22 80.03 11.00
C GLY R 112 -90.88 79.53 11.55
N ARG R 113 -90.87 78.68 12.59
CA ARG R 113 -89.65 77.98 13.04
C ARG R 113 -89.96 76.58 13.60
N VAL R 114 -89.35 75.53 13.03
CA VAL R 114 -89.78 74.12 13.16
C VAL R 114 -89.82 73.60 14.60
N VAL R 115 -90.69 72.65 14.92
CA VAL R 115 -90.56 71.86 16.15
C VAL R 115 -90.94 70.40 15.89
N ALA R 116 -90.32 69.48 16.60
CA ALA R 116 -90.64 68.04 16.60
C ALA R 116 -90.53 67.28 15.25
N ILE R 117 -90.52 65.94 15.33
CA ILE R 117 -90.79 65.04 14.19
C ILE R 117 -91.70 63.91 14.63
N VAL R 118 -92.71 63.61 13.81
CA VAL R 118 -93.63 62.49 13.98
C VAL R 118 -93.04 61.21 13.41
N LEU R 119 -93.20 60.11 14.14
CA LEU R 119 -92.68 58.77 13.79
C LEU R 119 -93.75 57.67 13.83
N GLY R 120 -94.98 57.96 14.29
CA GLY R 120 -96.01 56.95 14.52
C GLY R 120 -97.20 57.45 15.33
N GLY R 121 -98.04 56.54 15.84
CA GLY R 121 -99.13 56.91 16.75
C GLY R 121 -99.98 55.74 17.25
N ALA R 122 -100.82 56.00 18.26
CA ALA R 122 -101.77 55.06 18.85
C ALA R 122 -103.23 55.50 18.63
N ASN R 123 -104.12 54.57 18.28
CA ASN R 123 -105.56 54.74 18.40
C ASN R 123 -106.00 54.70 19.87
N GLU R 124 -106.76 55.69 20.34
CA GLU R 124 -107.37 55.71 21.67
C GLU R 124 -108.76 55.04 21.73
N GLY R 125 -109.40 54.86 20.56
CA GLY R 125 -110.78 54.39 20.40
C GLY R 125 -111.56 55.29 19.43
N ALA R 126 -111.33 56.60 19.50
CA ALA R 126 -111.85 57.60 18.57
C ALA R 126 -110.87 58.77 18.33
N ARG R 127 -110.03 59.12 19.31
CA ARG R 127 -108.86 59.99 19.11
C ARG R 127 -107.65 59.18 18.60
N THR R 128 -106.64 59.85 18.04
CA THR R 128 -105.32 59.24 17.81
C THR R 128 -104.21 60.15 18.32
N ALA R 129 -103.23 59.60 19.04
CA ALA R 129 -102.12 60.33 19.65
C ALA R 129 -100.77 59.90 19.06
N LEU R 130 -99.86 60.85 18.83
CA LEU R 130 -98.62 60.62 18.07
C LEU R 130 -97.43 60.09 18.90
N SER R 131 -96.51 59.40 18.23
CA SER R 131 -95.16 59.09 18.74
C SER R 131 -94.13 59.98 18.05
N VAL R 132 -93.33 60.69 18.83
CA VAL R 132 -92.70 61.96 18.42
C VAL R 132 -91.35 62.15 19.10
N VAL R 133 -90.41 62.84 18.46
CA VAL R 133 -89.18 63.36 19.10
C VAL R 133 -89.20 64.88 19.16
N THR R 134 -88.67 65.47 20.24
CA THR R 134 -88.87 66.89 20.58
C THR R 134 -87.71 67.48 21.41
N TRP R 135 -87.48 68.79 21.35
CA TRP R 135 -86.16 69.40 21.58
C TRP R 135 -85.84 69.95 22.98
N ASN R 136 -86.79 69.97 23.93
CA ASN R 136 -86.59 70.26 25.37
C ASN R 136 -85.70 71.47 25.79
N LYS R 137 -85.46 72.45 24.93
CA LYS R 137 -84.45 73.55 25.03
C LYS R 137 -83.00 73.08 25.02
N ASP R 138 -82.69 72.00 25.73
CA ASP R 138 -81.45 71.24 25.75
C ASP R 138 -81.80 69.74 25.78
N ILE R 139 -80.86 68.86 25.41
CA ILE R 139 -81.15 67.44 25.14
C ILE R 139 -82.04 67.29 23.86
N VAL R 140 -82.56 66.11 23.61
CA VAL R 140 -83.68 65.78 22.71
C VAL R 140 -84.35 64.54 23.30
N THR R 141 -85.68 64.43 23.26
CA THR R 141 -86.39 63.32 23.92
C THR R 141 -87.51 62.75 23.04
N LYS R 142 -88.04 61.58 23.41
CA LYS R 142 -89.17 60.92 22.76
C LYS R 142 -90.43 60.99 23.61
N ILE R 143 -91.57 61.28 22.99
CA ILE R 143 -92.91 61.06 23.52
C ILE R 143 -93.53 59.85 22.82
N THR R 144 -94.20 58.95 23.54
CA THR R 144 -94.90 57.78 22.95
C THR R 144 -96.00 57.29 23.89
N PRO R 145 -97.27 57.19 23.43
CA PRO R 145 -98.40 56.71 24.23
C PRO R 145 -98.54 55.17 24.21
N GLU R 146 -99.39 54.63 25.08
CA GLU R 146 -99.65 53.20 25.21
C GLU R 146 -100.24 52.59 23.92
N GLY R 147 -99.66 51.47 23.46
CA GLY R 147 -100.10 50.73 22.27
C GLY R 147 -99.73 51.35 20.90
N ALA R 148 -98.78 52.28 20.83
CA ALA R 148 -98.44 52.99 19.61
C ALA R 148 -97.76 52.16 18.51
N GLU R 149 -98.15 52.38 17.26
CA GLU R 149 -97.50 51.93 16.02
C GLU R 149 -96.43 52.93 15.54
N GLU R 150 -95.49 52.50 14.68
CA GLU R 150 -94.54 53.40 14.00
C GLU R 150 -94.51 53.23 12.47
N TRP R 151 -94.20 54.32 11.74
CA TRP R 151 -94.32 54.47 10.29
C TRP R 151 -92.99 54.75 9.57
N TYR S 1 9.59 27.93 -21.26
CA TYR S 1 8.60 28.82 -21.91
C TYR S 1 7.89 28.06 -23.03
N GLU S 2 6.60 27.77 -22.88
CA GLU S 2 5.81 27.06 -23.88
C GLU S 2 5.30 27.95 -25.02
N HIS S 3 5.50 27.49 -26.25
CA HIS S 3 4.95 28.01 -27.48
C HIS S 3 4.15 26.91 -28.17
N VAL S 4 3.02 27.23 -28.78
CA VAL S 4 2.20 26.26 -29.50
C VAL S 4 1.70 26.84 -30.82
N THR S 5 1.75 26.04 -31.88
CA THR S 5 1.38 26.42 -33.24
C THR S 5 0.82 25.23 -34.00
N VAL S 6 0.09 25.46 -35.07
CA VAL S 6 -0.41 24.41 -35.96
C VAL S 6 0.30 24.53 -37.29
N ILE S 7 1.08 23.52 -37.67
CA ILE S 7 1.65 23.42 -39.02
C ILE S 7 0.71 22.57 -39.90
N PRO S 8 0.55 22.87 -41.19
CA PRO S 8 -0.12 21.97 -42.12
C PRO S 8 0.57 20.61 -42.14
N ASN S 9 -0.20 19.55 -42.35
CA ASN S 9 0.31 18.18 -42.33
C ASN S 9 0.96 17.78 -43.67
N THR S 10 1.84 18.61 -44.20
CA THR S 10 2.48 18.40 -45.50
C THR S 10 3.93 18.02 -45.27
N VAL S 11 4.35 16.85 -45.74
CA VAL S 11 5.73 16.38 -45.60
C VAL S 11 6.67 17.17 -46.49
N GLY S 12 7.90 17.42 -46.04
CA GLY S 12 8.96 18.03 -46.83
C GLY S 12 8.83 19.53 -47.12
N VAL S 13 7.77 20.19 -46.64
CA VAL S 13 7.61 21.65 -46.75
C VAL S 13 8.03 22.28 -45.43
N PRO S 14 9.03 23.17 -45.39
CA PRO S 14 9.47 23.79 -44.16
C PRO S 14 8.56 24.96 -43.76
N TYR S 15 8.06 24.94 -42.53
CA TYR S 15 7.26 26.01 -41.95
C TYR S 15 8.06 26.80 -40.93
N LYS S 16 8.05 28.12 -41.04
CA LYS S 16 8.58 29.04 -40.03
C LYS S 16 7.51 29.33 -38.98
N THR S 17 7.89 29.45 -37.72
CA THR S 17 7.05 29.94 -36.62
C THR S 17 7.85 30.90 -35.74
N LEU S 18 7.20 31.92 -35.18
CA LEU S 18 7.83 33.00 -34.42
C LEU S 18 7.45 32.92 -32.94
N VAL S 19 8.44 32.75 -32.07
CA VAL S 19 8.31 32.72 -30.61
C VAL S 19 8.56 34.13 -30.07
N ASN S 20 7.55 34.99 -30.14
CA ASN S 20 7.67 36.43 -29.85
C ASN S 20 7.57 36.76 -28.36
N ARG S 21 8.47 36.21 -27.54
CA ARG S 21 8.50 36.38 -26.08
C ARG S 21 8.89 37.80 -25.63
N PRO S 22 8.16 38.47 -24.72
CA PRO S 22 8.53 39.76 -24.13
C PRO S 22 9.90 39.77 -23.45
N GLY S 23 10.64 40.88 -23.52
CA GLY S 23 11.95 41.04 -22.87
C GLY S 23 13.12 40.37 -23.59
N TYR S 24 12.86 39.59 -24.62
CA TYR S 24 13.84 38.89 -25.43
C TYR S 24 13.69 39.24 -26.91
N SER S 25 14.78 39.13 -27.67
CA SER S 25 14.68 39.18 -29.13
C SER S 25 13.87 37.97 -29.61
N PRO S 26 12.95 38.15 -30.57
CA PRO S 26 12.03 37.09 -30.96
C PRO S 26 12.79 35.98 -31.66
N MET S 27 12.42 34.74 -31.36
CA MET S 27 13.11 33.56 -31.85
C MET S 27 12.31 32.94 -32.98
N VAL S 28 12.94 32.61 -34.10
CA VAL S 28 12.28 31.94 -35.23
C VAL S 28 12.73 30.49 -35.29
N LEU S 29 11.77 29.58 -35.27
CA LEU S 29 11.99 28.16 -35.48
C LEU S 29 11.49 27.79 -36.88
N GLU S 30 12.27 26.99 -37.58
CA GLU S 30 11.81 26.32 -38.79
C GLU S 30 11.59 24.85 -38.46
N MET S 31 10.46 24.28 -38.84
CA MET S 31 10.26 22.83 -38.73
C MET S 31 9.58 22.25 -39.96
N GLU S 32 9.85 20.98 -40.20
CA GLU S 32 9.50 20.29 -41.44
C GLU S 32 9.19 18.85 -41.09
N LEU S 33 8.02 18.36 -41.44
CA LEU S 33 7.69 16.96 -41.22
C LEU S 33 8.49 16.13 -42.19
N LEU S 34 9.39 15.28 -41.70
CA LEU S 34 10.16 14.38 -42.54
C LEU S 34 9.36 13.12 -42.89
N SER S 35 8.50 12.65 -41.99
CA SER S 35 7.47 11.68 -42.28
C SER S 35 6.35 11.74 -41.26
N VAL S 36 5.17 11.28 -41.65
CA VAL S 36 4.02 11.08 -40.76
C VAL S 36 3.46 9.72 -41.05
N THR S 37 3.17 8.91 -40.05
CA THR S 37 3.06 7.46 -40.24
C THR S 37 1.87 6.91 -39.47
N LEU S 38 0.74 6.71 -40.14
CA LEU S 38 -0.48 6.18 -39.55
C LEU S 38 -0.43 4.67 -39.63
N GLU S 39 0.18 4.02 -38.65
CA GLU S 39 0.09 2.57 -38.48
C GLU S 39 -1.25 2.22 -37.82
N PRO S 40 -2.13 1.41 -38.44
CA PRO S 40 -3.36 0.99 -37.81
C PRO S 40 -3.08 -0.15 -36.82
N THR S 41 -3.78 -0.18 -35.70
CA THR S 41 -3.84 -1.39 -34.86
C THR S 41 -4.70 -2.43 -35.59
N LEU S 42 -4.22 -3.68 -35.64
CA LEU S 42 -4.54 -4.59 -36.74
C LEU S 42 -4.68 -6.04 -36.26
N SER S 43 -5.88 -6.61 -36.37
CA SER S 43 -6.26 -7.92 -35.81
C SER S 43 -6.49 -8.98 -36.88
N LEU S 44 -5.79 -10.12 -36.83
CA LEU S 44 -5.91 -11.18 -37.83
C LEU S 44 -7.23 -11.95 -37.70
N ASP S 45 -7.99 -12.11 -38.79
CA ASP S 45 -9.14 -13.02 -38.84
C ASP S 45 -8.79 -14.38 -39.41
N TYR S 46 -8.19 -14.44 -40.61
CA TYR S 46 -7.75 -15.70 -41.20
C TYR S 46 -6.74 -15.52 -42.32
N ILE S 47 -6.05 -16.61 -42.62
CA ILE S 47 -5.25 -16.83 -43.82
C ILE S 47 -6.15 -17.40 -44.91
N THR S 48 -5.87 -17.03 -46.16
CA THR S 48 -6.28 -17.76 -47.36
C THR S 48 -5.05 -18.11 -48.17
N CYS S 49 -5.11 -19.18 -48.93
CA CYS S 49 -3.96 -19.72 -49.61
C CYS S 49 -4.40 -20.75 -50.66
N GLU S 50 -3.53 -21.19 -51.55
CA GLU S 50 -3.93 -22.21 -52.52
C GLU S 50 -4.18 -23.56 -51.81
N TYR S 51 -5.37 -24.14 -51.92
CA TYR S 51 -5.61 -25.50 -51.42
C TYR S 51 -4.92 -26.55 -52.31
N LYS S 52 -4.75 -27.76 -51.79
CA LYS S 52 -4.52 -28.96 -52.61
C LYS S 52 -5.66 -29.93 -52.39
N THR S 53 -5.92 -30.81 -53.35
CA THR S 53 -6.86 -31.93 -53.17
C THR S 53 -6.08 -33.24 -53.10
N VAL S 54 -6.43 -34.06 -52.10
CA VAL S 54 -5.80 -35.35 -51.82
C VAL S 54 -6.74 -36.44 -52.28
N ILE S 55 -6.23 -37.36 -53.08
CA ILE S 55 -7.01 -38.43 -53.69
C ILE S 55 -6.20 -39.71 -53.57
N PRO S 56 -6.43 -40.54 -52.54
CA PRO S 56 -5.77 -41.82 -52.42
C PRO S 56 -6.10 -42.74 -53.59
N SER S 57 -5.20 -43.65 -53.96
CA SER S 57 -5.46 -44.74 -54.91
C SER S 57 -6.85 -45.34 -54.68
N PRO S 58 -7.75 -45.39 -55.67
CA PRO S 58 -9.15 -45.71 -55.44
C PRO S 58 -9.33 -47.18 -55.08
N TYR S 59 -10.23 -47.47 -54.15
CA TYR S 59 -10.54 -48.85 -53.81
C TYR S 59 -11.44 -49.46 -54.87
N VAL S 60 -10.97 -50.52 -55.53
CA VAL S 60 -11.79 -51.31 -56.44
C VAL S 60 -12.08 -52.67 -55.79
N LYS S 61 -13.37 -52.98 -55.68
CA LYS S 61 -13.93 -54.20 -55.11
C LYS S 61 -14.43 -55.03 -56.29
N CYS S 62 -13.89 -56.22 -56.49
CA CYS S 62 -14.42 -57.15 -57.49
C CYS S 62 -15.66 -57.90 -56.96
N CYS S 63 -16.54 -58.32 -57.86
CA CYS S 63 -17.68 -59.20 -57.57
C CYS S 63 -18.72 -58.66 -56.57
N GLY S 64 -18.65 -57.38 -56.16
CA GLY S 64 -19.55 -56.84 -55.15
C GLY S 64 -19.34 -55.36 -54.83
N THR S 65 -20.06 -54.86 -53.82
CA THR S 65 -20.16 -53.42 -53.55
C THR S 65 -19.30 -52.99 -52.36
N ALA S 66 -18.45 -52.00 -52.60
CA ALA S 66 -17.86 -51.17 -51.56
C ALA S 66 -18.93 -50.24 -50.93
N GLU S 67 -18.60 -49.58 -49.82
CA GLU S 67 -19.46 -48.59 -49.19
C GLU S 67 -18.67 -47.40 -48.65
N CYS S 68 -19.30 -46.23 -48.58
CA CYS S 68 -18.71 -45.04 -48.02
C CYS S 68 -18.64 -45.14 -46.49
N LYS S 69 -17.51 -44.79 -45.88
CA LYS S 69 -17.41 -44.54 -44.43
C LYS S 69 -17.16 -43.05 -44.23
N ASP S 70 -18.12 -42.35 -43.64
CA ASP S 70 -18.08 -40.89 -43.52
C ASP S 70 -16.99 -40.42 -42.54
N LYS S 71 -16.28 -39.33 -42.85
CA LYS S 71 -15.17 -38.79 -42.03
C LYS S 71 -15.06 -37.27 -42.11
N SER S 72 -14.44 -36.66 -41.10
CA SER S 72 -14.51 -35.22 -40.79
C SER S 72 -13.62 -34.30 -41.63
N LEU S 73 -12.87 -34.84 -42.59
CA LEU S 73 -11.82 -34.13 -43.33
C LEU S 73 -12.37 -32.91 -44.10
N PRO S 74 -11.54 -31.88 -44.38
CA PRO S 74 -12.00 -30.49 -44.52
C PRO S 74 -13.13 -30.22 -45.51
N ASP S 75 -13.17 -30.93 -46.64
CA ASP S 75 -14.28 -30.92 -47.60
C ASP S 75 -14.47 -32.33 -48.16
N TYR S 76 -14.55 -33.31 -47.27
CA TYR S 76 -14.54 -34.73 -47.64
C TYR S 76 -15.69 -35.08 -48.56
N SER S 77 -15.40 -35.78 -49.64
CA SER S 77 -16.40 -36.35 -50.52
C SER S 77 -15.92 -37.71 -50.99
N CYS S 78 -16.82 -38.69 -51.04
CA CYS S 78 -16.56 -39.97 -51.67
C CYS S 78 -17.81 -40.54 -52.27
N LYS S 79 -17.64 -41.39 -53.28
CA LYS S 79 -18.75 -41.95 -54.06
C LYS S 79 -18.39 -43.34 -54.55
N VAL S 80 -19.40 -44.19 -54.71
CA VAL S 80 -19.22 -45.56 -55.20
C VAL S 80 -19.84 -45.70 -56.58
N PHE S 81 -19.04 -46.14 -57.54
CA PHE S 81 -19.44 -46.32 -58.93
C PHE S 81 -19.54 -47.81 -59.23
N THR S 82 -20.64 -48.23 -59.85
CA THR S 82 -20.99 -49.64 -60.06
C THR S 82 -20.86 -50.06 -61.52
N GLY S 83 -20.41 -51.30 -61.76
CA GLY S 83 -20.20 -51.85 -63.09
C GLY S 83 -18.89 -51.42 -63.77
N VAL S 84 -17.90 -50.98 -63.00
CA VAL S 84 -16.54 -50.74 -63.51
C VAL S 84 -15.88 -52.05 -63.96
N TYR S 85 -14.98 -51.98 -64.93
CA TYR S 85 -14.15 -53.13 -65.33
C TYR S 85 -12.74 -52.63 -65.71
N PRO S 86 -11.97 -52.12 -64.73
CA PRO S 86 -10.74 -51.41 -64.98
C PRO S 86 -9.58 -52.32 -65.42
N PHE S 87 -8.73 -51.80 -66.30
CA PHE S 87 -7.54 -52.50 -66.78
C PHE S 87 -6.26 -51.96 -66.15
N MET S 88 -5.41 -52.86 -65.66
CA MET S 88 -4.00 -52.62 -65.46
C MET S 88 -3.24 -52.81 -66.78
N TRP S 89 -1.96 -52.51 -66.81
CA TRP S 89 -1.16 -52.58 -68.04
C TRP S 89 -1.10 -53.98 -68.66
N GLY S 90 -1.22 -55.04 -67.86
CA GLY S 90 -1.17 -56.44 -68.31
C GLY S 90 -2.54 -57.14 -68.44
N GLY S 91 -3.64 -56.53 -68.02
CA GLY S 91 -4.98 -57.13 -68.09
C GLY S 91 -5.99 -56.55 -67.09
N ALA S 92 -7.24 -57.00 -67.16
CA ALA S 92 -8.31 -56.54 -66.28
C ALA S 92 -8.05 -56.87 -64.80
N TYR S 93 -8.41 -55.96 -63.91
CA TYR S 93 -8.17 -56.12 -62.48
C TYR S 93 -9.18 -57.06 -61.81
N CYS S 94 -10.48 -56.82 -62.02
CA CYS S 94 -11.54 -57.68 -61.51
C CYS S 94 -11.60 -59.04 -62.21
N PHE S 95 -12.13 -60.06 -61.54
CA PHE S 95 -12.41 -61.35 -62.17
C PHE S 95 -13.57 -61.25 -63.17
N CYS S 96 -14.71 -60.72 -62.73
CA CYS S 96 -15.92 -60.54 -63.53
C CYS S 96 -15.97 -59.15 -64.19
N ASP S 97 -16.73 -59.04 -65.28
CA ASP S 97 -16.94 -57.82 -66.05
C ASP S 97 -18.16 -56.99 -65.61
N THR S 98 -18.72 -57.33 -64.45
CA THR S 98 -19.93 -56.75 -63.86
C THR S 98 -19.91 -56.97 -62.34
N GLU S 99 -20.87 -56.39 -61.60
CA GLU S 99 -21.00 -56.43 -60.13
C GLU S 99 -19.89 -55.70 -59.36
N ASN S 100 -18.75 -55.40 -59.98
CA ASN S 100 -17.66 -54.66 -59.37
C ASN S 100 -18.07 -53.23 -58.99
N THR S 101 -17.33 -52.66 -58.06
CA THR S 101 -17.47 -51.24 -57.72
C THR S 101 -16.13 -50.58 -57.48
N GLN S 102 -16.08 -49.26 -57.69
CA GLN S 102 -14.98 -48.41 -57.27
C GLN S 102 -15.48 -47.41 -56.23
N LEU S 103 -14.86 -47.38 -55.05
CA LEU S 103 -15.00 -46.29 -54.09
C LEU S 103 -13.88 -45.29 -54.37
N SER S 104 -14.26 -44.12 -54.86
CA SER S 104 -13.36 -42.98 -55.02
C SER S 104 -13.59 -42.04 -53.85
N GLU S 105 -12.54 -41.59 -53.16
CA GLU S 105 -12.65 -40.62 -52.08
C GLU S 105 -11.62 -39.51 -52.22
N ALA S 106 -11.96 -38.32 -51.74
CA ALA S 106 -11.07 -37.17 -51.77
C ALA S 106 -11.39 -36.16 -50.66
N HIS S 107 -10.40 -35.38 -50.27
CA HIS S 107 -10.59 -34.21 -49.40
C HIS S 107 -9.60 -33.12 -49.78
N VAL S 108 -9.91 -31.87 -49.47
CA VAL S 108 -8.96 -30.76 -49.62
C VAL S 108 -8.13 -30.56 -48.37
N GLU S 109 -6.97 -29.93 -48.52
CA GLU S 109 -6.05 -29.53 -47.47
C GLU S 109 -5.42 -28.19 -47.84
N LYS S 110 -4.76 -27.53 -46.88
CA LYS S 110 -3.77 -26.52 -47.26
C LYS S 110 -2.64 -27.15 -48.09
N SER S 111 -2.12 -26.42 -49.05
CA SER S 111 -0.87 -26.79 -49.73
C SER S 111 0.30 -26.61 -48.78
N GLU S 112 1.45 -27.17 -49.13
CA GLU S 112 2.71 -26.88 -48.42
C GLU S 112 3.20 -25.45 -48.68
N SER S 113 2.69 -24.79 -49.73
CA SER S 113 2.96 -23.39 -50.03
C SER S 113 2.32 -22.41 -49.05
N CYS S 114 1.30 -22.79 -48.28
CA CYS S 114 0.55 -21.87 -47.42
C CYS S 114 1.41 -21.25 -46.30
N LYS S 115 2.61 -21.78 -46.07
CA LYS S 115 3.64 -21.21 -45.20
C LYS S 115 4.24 -19.90 -45.73
N THR S 116 4.20 -19.66 -47.04
CA THR S 116 4.93 -18.55 -47.69
C THR S 116 4.10 -17.81 -48.74
N GLU S 117 3.31 -18.51 -49.56
CA GLU S 117 2.28 -17.93 -50.42
C GLU S 117 0.91 -17.97 -49.73
N PHE S 118 0.54 -16.88 -49.07
CA PHE S 118 -0.77 -16.72 -48.44
C PHE S 118 -1.17 -15.25 -48.40
N ALA S 119 -2.47 -14.97 -48.40
CA ALA S 119 -3.03 -13.64 -48.25
C ALA S 119 -3.85 -13.57 -46.99
N SER S 120 -3.64 -12.54 -46.20
CA SER S 120 -4.00 -12.49 -44.81
C SER S 120 -5.06 -11.44 -44.55
N ALA S 121 -6.23 -11.84 -44.06
CA ALA S 121 -7.36 -10.96 -43.84
C ALA S 121 -7.34 -10.36 -42.43
N TYR S 122 -7.28 -9.04 -42.32
CA TYR S 122 -7.16 -8.30 -41.06
C TYR S 122 -8.32 -7.36 -40.85
N ARG S 123 -8.60 -7.05 -39.60
CA ARG S 123 -9.48 -5.95 -39.21
C ARG S 123 -8.65 -4.79 -38.71
N ALA S 124 -8.92 -3.56 -39.15
CA ALA S 124 -8.18 -2.36 -38.75
C ALA S 124 -9.07 -1.40 -37.96
N HIS S 125 -8.57 -0.91 -36.83
CA HIS S 125 -9.39 -0.19 -35.86
C HIS S 125 -9.13 1.31 -35.88
N THR S 126 -7.89 1.72 -35.60
CA THR S 126 -7.49 3.13 -35.57
C THR S 126 -5.97 3.26 -35.61
N ALA S 127 -5.48 4.45 -35.95
CA ALA S 127 -4.07 4.72 -36.15
C ALA S 127 -3.34 5.10 -34.85
N SER S 128 -2.27 4.39 -34.52
CA SER S 128 -1.23 4.89 -33.60
C SER S 128 -0.23 5.73 -34.39
N ALA S 129 -0.61 6.96 -34.74
CA ALA S 129 0.17 7.82 -35.62
C ALA S 129 1.56 8.15 -35.04
N SER S 130 2.64 7.88 -35.77
CA SER S 130 3.98 8.40 -35.47
C SER S 130 4.28 9.63 -36.33
N ALA S 131 5.28 10.43 -35.97
CA ALA S 131 5.81 11.50 -36.81
C ALA S 131 7.30 11.66 -36.58
N LYS S 132 8.01 12.12 -37.59
CA LYS S 132 9.41 12.50 -37.50
C LYS S 132 9.55 13.92 -38.02
N LEU S 133 10.19 14.79 -37.26
CA LEU S 133 10.21 16.22 -37.48
C LEU S 133 11.65 16.72 -37.46
N ARG S 134 12.06 17.50 -38.47
CA ARG S 134 13.28 18.31 -38.39
C ARG S 134 12.89 19.61 -37.72
N VAL S 135 13.72 20.11 -36.81
CA VAL S 135 13.58 21.46 -36.29
C VAL S 135 14.93 22.17 -36.31
N LEU S 136 14.91 23.42 -36.75
CA LEU S 136 16.04 24.34 -36.71
C LEU S 136 15.96 25.11 -35.39
N TYR S 137 16.79 24.75 -34.43
CA TYR S 137 16.75 25.28 -33.08
C TYR S 137 18.16 25.69 -32.64
N GLN S 138 18.31 26.90 -32.12
CA GLN S 138 19.62 27.55 -31.93
C GLN S 138 20.46 27.57 -33.23
N GLY S 139 19.81 27.83 -34.36
CA GLY S 139 20.48 27.98 -35.66
C GLY S 139 21.14 26.71 -36.21
N ASN S 140 20.75 25.52 -35.77
CA ASN S 140 21.20 24.26 -36.33
C ASN S 140 20.08 23.21 -36.35
N ASN S 141 20.16 22.25 -37.28
CA ASN S 141 19.15 21.20 -37.45
C ASN S 141 19.25 20.13 -36.36
N VAL S 142 18.11 19.68 -35.83
CA VAL S 142 18.01 18.48 -35.00
C VAL S 142 16.73 17.71 -35.32
N THR S 143 16.73 16.38 -35.14
CA THR S 143 15.60 15.52 -35.49
C THR S 143 14.87 15.04 -34.24
N VAL S 144 13.56 15.23 -34.18
CA VAL S 144 12.68 14.76 -33.11
C VAL S 144 11.73 13.69 -33.67
N SER S 145 11.75 12.49 -33.11
CA SER S 145 10.92 11.37 -33.52
C SER S 145 9.93 11.01 -32.41
N ALA S 146 8.64 11.05 -32.71
CA ALA S 146 7.58 11.15 -31.72
C ALA S 146 6.31 10.40 -32.12
N TYR S 147 5.29 10.42 -31.26
CA TYR S 147 3.95 9.92 -31.54
C TYR S 147 3.00 11.10 -31.63
N ALA S 148 2.22 11.17 -32.70
CA ALA S 148 1.49 12.36 -33.14
C ALA S 148 0.10 12.49 -32.50
N ASN S 149 -0.07 12.01 -31.28
CA ASN S 149 -1.38 11.84 -30.61
C ASN S 149 -1.54 12.72 -29.37
N GLY S 150 -0.66 13.70 -29.14
CA GLY S 150 -0.66 14.56 -27.96
C GLY S 150 -0.04 13.92 -26.71
N ASP S 151 0.29 12.63 -26.77
CA ASP S 151 1.13 11.95 -25.79
C ASP S 151 2.61 12.22 -26.09
N HIS S 152 3.52 11.43 -25.50
CA HIS S 152 4.96 11.36 -25.83
C HIS S 152 5.64 12.72 -25.97
N ALA S 153 6.05 13.31 -24.85
CA ALA S 153 6.89 14.49 -24.86
C ALA S 153 8.36 14.10 -25.09
N VAL S 154 8.97 14.62 -26.14
CA VAL S 154 10.37 14.34 -26.51
C VAL S 154 11.24 15.47 -26.03
N THR S 155 12.35 15.19 -25.37
CA THR S 155 13.34 16.22 -25.03
C THR S 155 14.55 16.09 -25.95
N VAL S 156 14.95 17.16 -26.62
CA VAL S 156 16.25 17.20 -27.32
C VAL S 156 16.86 18.60 -27.23
N LYS S 157 18.18 18.66 -26.97
CA LYS S 157 18.90 19.91 -26.68
C LYS S 157 18.21 20.77 -25.60
N ASP S 158 17.59 20.09 -24.64
CA ASP S 158 16.84 20.59 -23.49
C ASP S 158 15.58 21.41 -23.81
N ALA S 159 15.13 21.49 -25.06
CA ALA S 159 13.75 21.85 -25.38
C ALA S 159 12.86 20.60 -25.40
N LYS S 160 11.59 20.74 -25.01
CA LYS S 160 10.65 19.62 -24.92
C LYS S 160 9.49 19.78 -25.90
N PHE S 161 9.29 18.82 -26.77
CA PHE S 161 8.35 18.84 -27.89
C PHE S 161 7.17 17.91 -27.61
N ILE S 162 5.94 18.41 -27.70
CA ILE S 162 4.70 17.62 -27.72
C ILE S 162 3.98 17.89 -29.03
N VAL S 163 3.68 16.84 -29.78
CA VAL S 163 3.15 16.90 -31.14
C VAL S 163 1.81 16.20 -31.27
N GLY S 164 0.93 16.77 -32.10
CA GLY S 164 -0.44 16.33 -32.22
C GLY S 164 -1.33 16.77 -31.06
N PRO S 165 -2.55 16.22 -30.95
CA PRO S 165 -3.08 15.18 -31.81
C PRO S 165 -3.38 15.69 -33.23
N MET S 166 -3.20 14.87 -34.25
CA MET S 166 -3.59 15.19 -35.62
C MET S 166 -5.05 15.67 -35.71
N SER S 167 -5.32 16.75 -36.44
CA SER S 167 -6.68 17.31 -36.49
C SER S 167 -7.65 16.56 -37.40
N SER S 168 -7.24 15.42 -37.98
CA SER S 168 -8.12 14.54 -38.75
C SER S 168 -7.95 13.07 -38.37
N ALA S 169 -9.06 12.38 -38.17
CA ALA S 169 -9.10 10.94 -37.93
C ALA S 169 -8.91 10.10 -39.20
N TRP S 170 -8.87 10.72 -40.38
CA TRP S 170 -8.86 10.04 -41.68
C TRP S 170 -7.69 9.05 -41.83
N THR S 171 -7.94 7.94 -42.51
CA THR S 171 -6.97 6.90 -42.84
C THR S 171 -7.35 6.24 -44.17
N PRO S 172 -6.41 5.75 -44.99
CA PRO S 172 -6.77 5.13 -46.26
C PRO S 172 -7.36 3.74 -46.11
N PHE S 173 -7.19 3.13 -44.94
CA PHE S 173 -7.70 1.81 -44.62
C PHE S 173 -9.20 1.83 -44.27
N ASP S 174 -9.99 1.00 -44.94
CA ASP S 174 -11.29 0.59 -44.42
C ASP S 174 -11.12 -0.35 -43.23
N ASN S 175 -12.20 -0.60 -42.49
CA ASN S 175 -12.18 -1.49 -41.34
C ASN S 175 -11.78 -2.94 -41.69
N LYS S 176 -12.01 -3.38 -42.93
CA LYS S 176 -11.64 -4.72 -43.43
C LYS S 176 -10.49 -4.59 -44.43
N ILE S 177 -9.42 -5.35 -44.23
CA ILE S 177 -8.19 -5.33 -45.01
C ILE S 177 -7.83 -6.74 -45.46
N VAL S 178 -7.21 -6.89 -46.62
CA VAL S 178 -6.35 -8.06 -46.90
C VAL S 178 -4.95 -7.57 -47.26
N VAL S 179 -3.90 -8.30 -46.86
CA VAL S 179 -2.53 -8.01 -47.30
C VAL S 179 -1.90 -9.23 -47.93
N TYR S 180 -1.03 -9.01 -48.91
CA TYR S 180 -0.29 -10.05 -49.61
C TYR S 180 1.08 -9.51 -49.97
N LYS S 181 2.14 -10.07 -49.38
CA LYS S 181 3.52 -9.58 -49.51
C LYS S 181 3.60 -8.06 -49.31
N GLY S 182 4.00 -7.30 -50.32
CA GLY S 182 4.18 -5.85 -50.24
C GLY S 182 2.91 -5.02 -50.39
N ASP S 183 1.78 -5.63 -50.70
CA ASP S 183 0.54 -4.93 -51.08
C ASP S 183 -0.60 -5.16 -50.11
N VAL S 184 -1.46 -4.17 -49.97
CA VAL S 184 -2.60 -4.19 -49.06
C VAL S 184 -3.81 -3.57 -49.73
N TYR S 185 -4.99 -4.17 -49.56
CA TYR S 185 -6.21 -3.84 -50.28
C TYR S 185 -7.37 -3.64 -49.30
N ASN S 186 -8.17 -2.59 -49.46
CA ASN S 186 -9.47 -2.51 -48.80
C ASN S 186 -10.41 -3.52 -49.44
N MET S 187 -10.97 -4.42 -48.64
CA MET S 187 -11.71 -5.56 -49.15
C MET S 187 -12.66 -6.11 -48.10
N ASP S 188 -13.96 -6.11 -48.39
CA ASP S 188 -14.96 -6.73 -47.52
C ASP S 188 -14.96 -8.26 -47.68
N TYR S 189 -13.93 -8.93 -47.21
CA TYR S 189 -13.76 -10.38 -47.32
C TYR S 189 -14.88 -11.14 -46.58
N PRO S 190 -15.18 -12.39 -46.98
CA PRO S 190 -16.30 -13.14 -46.42
C PRO S 190 -16.05 -13.55 -44.96
N PRO S 191 -17.10 -13.86 -44.18
CA PRO S 191 -16.97 -14.40 -42.84
C PRO S 191 -16.03 -15.60 -42.75
N PHE S 192 -15.42 -15.84 -41.59
CA PHE S 192 -14.74 -17.12 -41.41
C PHE S 192 -15.78 -18.24 -41.42
N GLY S 193 -15.48 -19.38 -42.04
CA GLY S 193 -16.40 -20.52 -42.10
C GLY S 193 -17.59 -20.34 -43.04
N ALA S 194 -17.65 -19.26 -43.82
CA ALA S 194 -18.67 -19.04 -44.85
C ALA S 194 -18.10 -18.57 -46.20
N GLY S 195 -16.82 -18.82 -46.47
CA GLY S 195 -16.24 -18.57 -47.78
C GLY S 195 -16.82 -19.48 -48.87
N ARG S 196 -16.70 -19.08 -50.13
CA ARG S 196 -17.45 -19.62 -51.29
C ARG S 196 -16.55 -20.18 -52.38
N PRO S 197 -16.99 -21.15 -53.18
CA PRO S 197 -16.15 -21.79 -54.17
C PRO S 197 -15.70 -20.80 -55.24
N GLY S 198 -14.42 -20.81 -55.58
CA GLY S 198 -13.85 -20.00 -56.66
C GLY S 198 -13.70 -18.50 -56.40
N GLN S 199 -14.22 -17.98 -55.29
CA GLN S 199 -13.96 -16.61 -54.84
C GLN S 199 -12.85 -16.57 -53.78
N PHE S 200 -12.35 -15.40 -53.40
CA PHE S 200 -11.40 -15.27 -52.30
C PHE S 200 -11.99 -15.84 -51.00
N GLY S 201 -11.25 -16.70 -50.30
CA GLY S 201 -11.79 -17.46 -49.16
C GLY S 201 -12.40 -18.81 -49.54
N ASP S 202 -12.04 -19.40 -50.67
CA ASP S 202 -12.36 -20.80 -51.01
C ASP S 202 -11.87 -21.76 -49.93
N ILE S 203 -10.71 -21.47 -49.34
CA ILE S 203 -10.13 -22.14 -48.19
C ILE S 203 -9.72 -21.08 -47.17
N GLN S 204 -10.02 -21.30 -45.90
CA GLN S 204 -9.73 -20.38 -44.80
C GLN S 204 -9.08 -21.14 -43.64
N SER S 205 -8.10 -20.53 -42.98
CA SER S 205 -7.44 -21.10 -41.80
C SER S 205 -7.12 -20.01 -40.80
N ARG S 206 -7.23 -20.22 -39.48
CA ARG S 206 -7.16 -19.08 -38.53
C ARG S 206 -5.77 -18.46 -38.41
N THR S 207 -4.70 -19.22 -38.63
CA THR S 207 -3.29 -18.77 -38.69
C THR S 207 -2.50 -19.71 -39.60
N PRO S 208 -1.32 -19.35 -40.13
CA PRO S 208 -0.65 -20.13 -41.18
C PRO S 208 -0.40 -21.61 -40.84
N GLU S 209 -0.12 -21.93 -39.58
CA GLU S 209 0.09 -23.30 -39.09
C GLU S 209 -1.17 -23.99 -38.55
N SER S 210 -2.28 -23.28 -38.34
CA SER S 210 -3.50 -23.85 -37.75
C SER S 210 -4.06 -25.02 -38.56
N GLU S 211 -4.51 -26.09 -37.90
CA GLU S 211 -5.05 -27.29 -38.54
C GLU S 211 -6.57 -27.18 -38.85
N ASP S 212 -7.26 -26.17 -38.32
CA ASP S 212 -8.72 -25.96 -38.47
C ASP S 212 -9.16 -25.42 -39.85
N VAL S 213 -8.70 -26.03 -40.93
CA VAL S 213 -9.05 -25.65 -42.31
C VAL S 213 -10.55 -25.73 -42.55
N TYR S 214 -11.21 -24.60 -42.78
CA TYR S 214 -12.49 -24.57 -43.47
C TYR S 214 -12.23 -24.53 -44.97
N ALA S 215 -12.93 -25.32 -45.77
CA ALA S 215 -12.81 -25.23 -47.21
C ALA S 215 -14.11 -25.60 -47.91
N ASN S 216 -14.41 -24.91 -48.99
CA ASN S 216 -15.70 -24.97 -49.68
C ASN S 216 -15.45 -24.84 -51.18
N THR S 217 -14.82 -25.85 -51.77
CA THR S 217 -14.44 -25.86 -53.18
C THR S 217 -15.48 -26.56 -54.05
N GLN S 218 -16.60 -27.01 -53.47
CA GLN S 218 -17.62 -27.84 -54.10
C GLN S 218 -17.04 -29.04 -54.87
N LEU S 219 -16.06 -29.72 -54.28
CA LEU S 219 -15.46 -30.92 -54.84
C LEU S 219 -16.49 -32.05 -54.99
N VAL S 220 -16.83 -32.39 -56.22
CA VAL S 220 -17.80 -33.43 -56.59
C VAL S 220 -17.10 -34.49 -57.42
N LEU S 221 -17.15 -35.76 -57.00
CA LEU S 221 -16.51 -36.84 -57.75
C LEU S 221 -17.36 -37.28 -58.95
N GLN S 222 -16.73 -37.87 -59.95
CA GLN S 222 -17.38 -38.26 -61.20
C GLN S 222 -17.07 -39.71 -61.55
N ARG S 223 -17.93 -40.33 -62.37
CA ARG S 223 -17.75 -41.75 -62.73
C ARG S 223 -16.48 -41.94 -63.57
N PRO S 224 -15.60 -42.90 -63.27
CA PRO S 224 -14.46 -43.21 -64.12
C PRO S 224 -14.88 -43.56 -65.54
N SER S 225 -14.07 -43.18 -66.52
CA SER S 225 -14.21 -43.60 -67.91
C SER S 225 -14.12 -45.11 -68.04
N ALA S 226 -14.73 -45.66 -69.08
CA ALA S 226 -14.73 -47.10 -69.32
C ALA S 226 -13.31 -47.64 -69.42
N GLY S 227 -13.01 -48.67 -68.62
CA GLY S 227 -11.76 -49.42 -68.71
C GLY S 227 -10.56 -48.84 -67.95
N THR S 228 -10.66 -47.69 -67.29
CA THR S 228 -9.49 -47.05 -66.65
C THR S 228 -9.66 -46.83 -65.14
N VAL S 229 -8.54 -46.84 -64.42
CA VAL S 229 -8.46 -46.76 -62.95
C VAL S 229 -8.47 -45.34 -62.37
N HIS S 230 -8.65 -44.29 -63.17
CA HIS S 230 -8.51 -42.91 -62.70
C HIS S 230 -9.60 -42.48 -61.70
N VAL S 231 -9.42 -41.29 -61.10
CA VAL S 231 -10.42 -40.65 -60.23
C VAL S 231 -10.75 -39.26 -60.77
N PRO S 232 -11.76 -39.10 -61.64
CA PRO S 232 -12.13 -37.79 -62.14
C PRO S 232 -12.97 -37.04 -61.10
N TYR S 233 -12.79 -35.73 -61.04
CA TYR S 233 -13.50 -34.87 -60.12
C TYR S 233 -13.72 -33.49 -60.73
N SER S 234 -14.79 -32.82 -60.31
CA SER S 234 -15.13 -31.46 -60.67
C SER S 234 -15.07 -30.60 -59.43
N GLN S 235 -14.33 -29.51 -59.48
CA GLN S 235 -14.06 -28.68 -58.31
C GLN S 235 -13.88 -27.23 -58.76
N ALA S 236 -14.27 -26.25 -57.95
CA ALA S 236 -14.01 -24.86 -58.29
C ALA S 236 -12.52 -24.53 -58.12
N PRO S 237 -11.81 -24.13 -59.17
CA PRO S 237 -10.38 -23.88 -59.11
C PRO S 237 -10.06 -22.74 -58.15
N SER S 238 -8.86 -22.70 -57.58
CA SER S 238 -8.66 -21.94 -56.34
C SER S 238 -8.92 -20.46 -56.48
N GLY S 239 -9.79 -19.97 -55.61
CA GLY S 239 -10.18 -18.58 -55.51
C GLY S 239 -9.08 -17.68 -54.96
N PHE S 240 -8.07 -18.23 -54.30
CA PHE S 240 -6.84 -17.50 -54.00
C PHE S 240 -6.06 -17.23 -55.27
N LYS S 241 -5.71 -18.25 -56.06
CA LYS S 241 -5.02 -18.07 -57.34
C LYS S 241 -5.81 -17.16 -58.29
N TYR S 242 -7.12 -17.36 -58.42
CA TYR S 242 -7.96 -16.46 -59.20
C TYR S 242 -7.97 -15.04 -58.65
N TRP S 243 -7.87 -14.80 -57.35
CA TRP S 243 -7.69 -13.45 -56.82
C TRP S 243 -6.30 -12.90 -57.12
N LEU S 244 -5.24 -13.71 -57.13
CA LEU S 244 -3.91 -13.21 -57.49
C LEU S 244 -3.84 -12.66 -58.91
N LYS S 245 -4.69 -13.14 -59.82
CA LYS S 245 -4.83 -12.61 -61.19
C LYS S 245 -5.85 -11.49 -61.27
N GLU S 246 -7.07 -11.67 -60.78
CA GLU S 246 -8.14 -10.67 -60.81
C GLU S 246 -7.99 -9.55 -59.77
N ARG S 247 -6.77 -9.33 -59.30
CA ARG S 247 -6.47 -8.71 -58.01
C ARG S 247 -6.87 -7.25 -57.88
N GLY S 248 -6.72 -6.48 -58.93
CA GLY S 248 -6.86 -5.02 -58.91
C GLY S 248 -5.62 -4.30 -58.38
N ALA S 249 -5.75 -2.99 -58.13
CA ALA S 249 -4.66 -2.14 -57.70
C ALA S 249 -4.59 -1.99 -56.17
N SER S 250 -3.39 -2.13 -55.63
CA SER S 250 -3.03 -1.96 -54.22
C SER S 250 -3.39 -0.58 -53.67
N LEU S 251 -3.45 -0.41 -52.35
CA LEU S 251 -3.62 0.93 -51.79
C LEU S 251 -2.43 1.85 -52.09
N GLN S 252 -1.24 1.30 -52.31
CA GLN S 252 -0.07 2.12 -52.64
C GLN S 252 -0.31 2.99 -53.86
N HIS S 253 -1.08 2.50 -54.83
CA HIS S 253 -1.38 3.18 -56.08
C HIS S 253 -2.69 3.94 -56.07
N THR S 254 -3.69 3.49 -55.32
CA THR S 254 -5.06 4.04 -55.37
C THR S 254 -5.41 5.01 -54.23
N ALA S 255 -4.67 5.05 -53.13
CA ALA S 255 -5.12 5.75 -51.92
C ALA S 255 -5.19 7.28 -52.07
N PRO S 256 -6.16 7.98 -51.43
CA PRO S 256 -6.28 9.43 -51.43
C PRO S 256 -5.11 10.16 -50.76
N PHE S 257 -5.15 11.50 -50.79
CA PHE S 257 -4.23 12.40 -50.06
C PHE S 257 -2.75 12.11 -50.29
N GLY S 258 -2.38 11.48 -51.40
CA GLY S 258 -0.99 11.30 -51.81
C GLY S 258 -0.19 10.34 -50.95
N CYS S 259 -0.82 9.55 -50.09
CA CYS S 259 -0.09 8.73 -49.14
C CYS S 259 0.55 7.49 -49.76
N GLN S 260 1.75 7.18 -49.28
CA GLN S 260 2.45 5.96 -49.58
C GLN S 260 1.94 4.85 -48.66
N ILE S 261 2.18 3.60 -49.00
CA ILE S 261 1.75 2.43 -48.22
C ILE S 261 2.89 1.40 -48.19
N ALA S 262 3.10 0.76 -47.05
CA ALA S 262 4.06 -0.34 -46.86
C ALA S 262 3.45 -1.38 -45.92
N THR S 263 3.99 -2.60 -45.81
CA THR S 263 3.28 -3.74 -45.16
C THR S 263 3.99 -4.50 -44.04
N ASN S 264 5.27 -4.28 -43.75
CA ASN S 264 5.94 -4.98 -42.64
C ASN S 264 6.53 -4.01 -41.61
N PRO S 265 5.76 -3.53 -40.63
CA PRO S 265 4.30 -3.67 -40.47
C PRO S 265 3.53 -2.78 -41.43
N VAL S 266 2.20 -2.81 -41.46
CA VAL S 266 1.42 -1.95 -42.36
C VAL S 266 1.39 -0.51 -41.90
N ARG S 267 1.66 0.45 -42.79
CA ARG S 267 1.55 1.89 -42.51
C ARG S 267 0.96 2.60 -43.70
N ALA S 268 0.15 3.62 -43.44
CA ALA S 268 -0.07 4.70 -44.39
C ALA S 268 0.88 5.84 -44.05
N MET S 269 1.65 6.33 -45.01
CA MET S 269 2.67 7.33 -44.75
C MET S 269 2.42 8.61 -45.54
N ASN S 270 2.73 9.74 -44.94
CA ASN S 270 2.82 11.02 -45.59
C ASN S 270 1.51 11.51 -46.22
N CYS S 271 0.36 11.09 -45.72
CA CYS S 271 -0.95 11.63 -46.11
C CYS S 271 -0.96 13.16 -45.93
N ALA S 272 -1.26 13.91 -46.97
CA ALA S 272 -1.34 15.37 -46.91
C ALA S 272 -2.68 15.87 -46.31
N VAL S 273 -3.20 15.19 -45.28
CA VAL S 273 -4.56 15.40 -44.75
C VAL S 273 -4.54 16.16 -43.43
N GLY S 274 -5.38 17.19 -43.32
CA GLY S 274 -5.52 17.99 -42.10
C GLY S 274 -4.26 18.76 -41.73
N ASN S 275 -4.13 19.07 -40.45
CA ASN S 275 -3.03 19.83 -39.88
C ASN S 275 -2.64 19.31 -38.50
N MET S 276 -1.48 19.71 -38.02
CA MET S 276 -0.82 19.14 -36.85
C MET S 276 -0.45 20.23 -35.85
N PRO S 277 -1.01 20.24 -34.64
CA PRO S 277 -0.46 21.02 -33.54
C PRO S 277 0.94 20.53 -33.23
N ILE S 278 1.87 21.46 -33.05
CA ILE S 278 3.21 21.19 -32.53
C ILE S 278 3.46 22.22 -31.43
N SER S 279 3.97 21.77 -30.29
CA SER S 279 4.19 22.62 -29.12
C SER S 279 5.57 22.37 -28.54
N ILE S 280 6.25 23.46 -28.21
CA ILE S 280 7.64 23.51 -27.82
C ILE S 280 7.70 24.14 -26.43
N ASP S 281 8.41 23.54 -25.50
CA ASP S 281 8.79 24.20 -24.25
C ASP S 281 10.29 24.48 -24.29
N ILE S 282 10.64 25.76 -24.34
CA ILE S 282 11.98 26.24 -24.65
C ILE S 282 12.65 26.76 -23.37
N PRO S 283 13.85 26.28 -23.01
CA PRO S 283 14.52 26.68 -21.78
C PRO S 283 14.95 28.15 -21.85
N ASP S 284 14.87 28.88 -20.74
CA ASP S 284 15.18 30.32 -20.71
C ASP S 284 16.61 30.65 -21.13
N ALA S 285 17.53 29.70 -20.99
CA ALA S 285 18.91 29.83 -21.46
C ALA S 285 19.04 30.06 -22.98
N ALA S 286 18.04 29.65 -23.76
CA ALA S 286 18.09 29.69 -25.22
C ALA S 286 17.86 31.08 -25.81
N PHE S 287 17.03 31.91 -25.16
CA PHE S 287 16.69 33.24 -25.64
C PHE S 287 17.79 34.27 -25.35
N THR S 288 18.02 35.21 -26.26
CA THR S 288 18.94 36.33 -26.05
C THR S 288 18.20 37.65 -25.90
N ARG S 289 18.58 38.43 -24.87
CA ARG S 289 17.84 39.59 -24.35
C ARG S 289 17.67 40.68 -25.40
N VAL S 290 16.62 41.50 -25.31
CA VAL S 290 16.39 42.57 -26.29
C VAL S 290 17.50 43.64 -26.31
N VAL S 291 18.26 43.77 -25.21
CA VAL S 291 19.47 44.61 -25.12
C VAL S 291 20.75 43.92 -25.61
N ASP S 292 20.78 42.59 -25.66
CA ASP S 292 21.93 41.84 -26.18
C ASP S 292 21.86 41.65 -27.70
N ALA S 293 20.67 41.57 -28.26
CA ALA S 293 20.47 41.48 -29.71
C ALA S 293 20.71 42.82 -30.41
N PRO S 294 21.20 42.84 -31.67
CA PRO S 294 21.40 44.06 -32.43
C PRO S 294 20.15 44.95 -32.49
N SER S 295 20.29 46.25 -32.25
CA SER S 295 19.19 47.19 -32.42
C SER S 295 19.23 47.78 -33.82
N LEU S 296 18.46 47.20 -34.74
CA LEU S 296 18.34 47.72 -36.10
C LEU S 296 17.55 49.03 -36.12
N THR S 297 17.94 49.93 -37.02
CA THR S 297 17.34 51.25 -37.19
C THR S 297 17.65 51.81 -38.57
N ASP S 298 16.92 52.86 -38.96
CA ASP S 298 17.07 53.57 -40.24
C ASP S 298 16.98 52.67 -41.49
N MET S 299 16.25 51.56 -41.37
CA MET S 299 16.26 50.50 -42.39
C MET S 299 15.19 50.69 -43.47
N SER S 300 15.49 50.20 -44.67
CA SER S 300 14.63 50.34 -45.86
C SER S 300 14.85 49.19 -46.82
N CYS S 301 13.87 48.89 -47.68
CA CYS S 301 13.88 47.72 -48.56
C CYS S 301 13.79 48.06 -50.05
N GLU S 302 14.53 47.30 -50.86
CA GLU S 302 14.42 47.20 -52.31
C GLU S 302 14.12 45.73 -52.68
N VAL S 303 13.37 45.49 -53.74
CA VAL S 303 13.02 44.14 -54.23
C VAL S 303 13.55 43.99 -55.65
N PRO S 304 14.84 43.64 -55.84
CA PRO S 304 15.50 43.72 -57.14
C PRO S 304 14.80 42.92 -58.24
N ALA S 305 14.28 41.75 -57.92
CA ALA S 305 13.63 40.85 -58.86
C ALA S 305 12.56 40.02 -58.15
N CYS S 306 11.45 39.76 -58.83
CA CYS S 306 10.37 39.01 -58.22
C CYS S 306 9.56 38.23 -59.26
N THR S 307 9.54 36.91 -59.12
CA THR S 307 8.65 36.03 -59.88
C THR S 307 7.88 35.15 -58.90
N HIS S 308 6.58 35.01 -59.09
CA HIS S 308 5.71 34.30 -58.12
C HIS S 308 5.70 32.79 -58.37
N SER S 309 6.90 32.22 -58.31
CA SER S 309 7.26 30.94 -58.93
C SER S 309 7.09 29.72 -58.05
N SER S 310 6.70 29.89 -56.77
CA SER S 310 6.57 28.83 -55.76
C SER S 310 7.86 28.15 -55.27
N ASP S 311 9.05 28.66 -55.64
CA ASP S 311 10.35 28.07 -55.33
C ASP S 311 11.36 29.06 -54.72
N PHE S 312 10.88 30.08 -54.00
CA PHE S 312 11.69 31.22 -53.54
C PHE S 312 12.21 32.09 -54.67
N GLY S 313 11.31 32.50 -55.57
CA GLY S 313 11.63 33.30 -56.75
C GLY S 313 11.69 34.82 -56.53
N GLY S 314 11.27 35.31 -55.37
CA GLY S 314 11.51 36.70 -54.97
C GLY S 314 12.86 36.87 -54.29
N VAL S 315 13.51 38.01 -54.48
CA VAL S 315 14.68 38.42 -53.71
C VAL S 315 14.52 39.86 -53.26
N ALA S 316 14.90 40.17 -52.03
CA ALA S 316 14.81 41.50 -51.47
C ALA S 316 16.10 41.86 -50.75
N ILE S 317 16.55 43.11 -50.90
CA ILE S 317 17.72 43.64 -50.24
C ILE S 317 17.28 44.74 -49.28
N ILE S 318 17.58 44.56 -48.00
CA ILE S 318 17.22 45.47 -46.92
C ILE S 318 18.49 46.17 -46.45
N LYS S 319 18.54 47.50 -46.53
CA LYS S 319 19.60 48.32 -45.95
C LYS S 319 19.29 48.59 -44.49
N TYR S 320 20.28 48.65 -43.61
CA TYR S 320 20.09 48.90 -42.18
C TYR S 320 21.28 49.60 -41.53
N ALA S 321 21.05 50.26 -40.39
CA ALA S 321 22.07 50.53 -39.38
C ALA S 321 21.80 49.67 -38.15
N ALA S 322 22.82 49.11 -37.51
CA ALA S 322 22.67 48.29 -36.31
C ALA S 322 23.71 48.60 -35.24
N SER S 323 23.29 48.59 -33.97
CA SER S 323 24.12 49.05 -32.85
C SER S 323 25.31 48.14 -32.48
N LYS S 324 25.29 46.87 -32.85
CA LYS S 324 26.31 45.86 -32.53
C LYS S 324 26.27 44.72 -33.52
N LYS S 325 27.36 43.95 -33.63
CA LYS S 325 27.43 42.68 -34.36
C LYS S 325 26.57 41.62 -33.67
N GLY S 326 25.78 40.84 -34.41
CA GLY S 326 25.10 39.68 -33.84
C GLY S 326 24.21 38.90 -34.80
N LYS S 327 23.90 37.67 -34.43
CA LYS S 327 22.85 36.86 -35.08
C LYS S 327 21.48 37.49 -34.83
N CYS S 328 20.57 37.33 -35.78
CA CYS S 328 19.37 38.15 -35.86
C CYS S 328 18.25 37.39 -36.56
N ALA S 329 17.09 37.23 -35.92
CA ALA S 329 15.96 36.52 -36.50
C ALA S 329 15.25 37.34 -37.58
N VAL S 330 14.82 36.68 -38.66
CA VAL S 330 14.03 37.28 -39.74
C VAL S 330 12.66 36.60 -39.81
N HIS S 331 11.57 37.34 -39.95
CA HIS S 331 10.24 36.74 -40.12
C HIS S 331 9.36 37.53 -41.06
N SER S 332 8.55 36.84 -41.86
CA SER S 332 7.52 37.48 -42.69
C SER S 332 6.27 37.76 -41.88
N MET S 333 5.90 39.03 -41.77
CA MET S 333 4.73 39.46 -40.99
C MET S 333 3.42 39.39 -41.78
N THR S 334 3.46 39.08 -43.08
CA THR S 334 2.28 38.90 -43.92
C THR S 334 2.17 37.43 -44.30
N ASN S 335 1.06 36.76 -43.97
CA ASN S 335 0.93 35.31 -44.14
C ASN S 335 1.11 34.83 -45.59
N ALA S 336 0.73 35.65 -46.58
CA ALA S 336 0.83 35.33 -48.00
C ALA S 336 2.26 35.25 -48.57
N VAL S 337 3.28 35.61 -47.80
CA VAL S 337 4.69 35.60 -48.21
C VAL S 337 5.51 34.77 -47.25
N THR S 338 6.33 33.86 -47.77
CA THR S 338 7.23 33.01 -46.98
C THR S 338 8.67 33.37 -47.31
N ILE S 339 9.46 33.83 -46.35
CA ILE S 339 10.89 34.06 -46.56
C ILE S 339 11.68 32.78 -46.26
N ARG S 340 12.79 32.55 -46.93
CA ARG S 340 13.60 31.34 -46.73
C ARG S 340 14.44 31.46 -45.47
N GLU S 341 15.15 32.56 -45.32
CA GLU S 341 16.07 32.79 -44.20
C GLU S 341 15.31 32.76 -42.87
N ALA S 342 15.74 31.97 -41.89
CA ALA S 342 15.18 32.03 -40.53
C ALA S 342 15.93 33.05 -39.65
N GLU S 343 17.26 33.09 -39.79
CA GLU S 343 18.14 34.04 -39.13
C GLU S 343 19.29 34.41 -40.06
N ILE S 344 19.91 35.54 -39.75
CA ILE S 344 20.98 36.18 -40.51
C ILE S 344 21.99 36.80 -39.54
N GLU S 345 23.11 37.27 -40.04
CA GLU S 345 24.05 38.05 -39.24
C GLU S 345 24.03 39.53 -39.61
N VAL S 346 23.91 40.38 -38.60
CA VAL S 346 23.78 41.84 -38.70
C VAL S 346 25.00 42.51 -38.08
N GLU S 347 25.63 43.47 -38.77
CA GLU S 347 26.68 44.31 -38.18
C GLU S 347 26.80 45.68 -38.87
N GLY S 348 27.25 46.69 -38.13
CA GLY S 348 27.57 48.02 -38.67
C GLY S 348 26.40 48.75 -39.34
N ASN S 349 26.71 49.51 -40.39
CA ASN S 349 25.75 50.08 -41.32
C ASN S 349 25.99 49.42 -42.68
N SER S 350 25.00 48.71 -43.20
CA SER S 350 25.17 47.70 -44.26
C SER S 350 23.83 47.33 -44.89
N GLN S 351 23.77 46.18 -45.58
CA GLN S 351 22.55 45.59 -46.12
C GLN S 351 22.57 44.07 -46.05
N LEU S 352 21.40 43.46 -46.06
CA LEU S 352 21.16 42.02 -46.00
C LEU S 352 20.26 41.61 -47.17
N GLN S 353 20.42 40.40 -47.66
CA GLN S 353 19.63 39.84 -48.75
C GLN S 353 18.76 38.68 -48.27
N ILE S 354 17.46 38.73 -48.50
CA ILE S 354 16.52 37.64 -48.19
C ILE S 354 15.84 37.15 -49.45
N SER S 355 15.61 35.85 -49.56
CA SER S 355 14.87 35.22 -50.65
C SER S 355 13.50 34.78 -50.18
N PHE S 356 12.46 34.92 -51.00
CA PHE S 356 11.08 34.76 -50.58
C PHE S 356 10.19 34.16 -51.65
N SER S 357 9.07 33.60 -51.23
CA SER S 357 8.13 32.82 -52.05
C SER S 357 6.72 33.34 -51.84
N THR S 358 5.93 33.50 -52.90
CA THR S 358 4.54 33.94 -52.80
C THR S 358 3.74 33.65 -54.07
N ALA S 359 2.40 33.63 -53.97
CA ALA S 359 1.49 33.65 -55.10
C ALA S 359 1.00 35.07 -55.49
N LEU S 360 1.30 36.10 -54.68
CA LEU S 360 0.90 37.48 -54.96
C LEU S 360 1.50 37.99 -56.26
N ALA S 361 0.74 38.77 -57.03
CA ALA S 361 1.26 39.53 -58.17
C ALA S 361 1.73 40.95 -57.83
N SER S 362 1.55 41.38 -56.59
CA SER S 362 2.21 42.56 -56.03
C SER S 362 2.57 42.24 -54.58
N ALA S 363 3.78 41.74 -54.38
CA ALA S 363 4.28 41.36 -53.07
C ALA S 363 4.52 42.64 -52.24
N GLU S 364 3.49 43.07 -51.54
CA GLU S 364 3.57 44.10 -50.51
C GLU S 364 3.46 43.41 -49.15
N PHE S 365 4.50 43.49 -48.33
CA PHE S 365 4.58 42.74 -47.08
C PHE S 365 5.55 43.39 -46.11
N ARG S 366 5.42 43.09 -44.80
CA ARG S 366 6.37 43.55 -43.79
C ARG S 366 7.30 42.43 -43.36
N VAL S 367 8.58 42.75 -43.22
CA VAL S 367 9.59 41.86 -42.66
C VAL S 367 9.96 42.37 -41.28
N GLN S 368 10.03 41.47 -40.31
CA GLN S 368 10.56 41.77 -38.99
C GLN S 368 11.98 41.25 -38.89
N VAL S 369 12.94 42.09 -38.53
CA VAL S 369 14.37 41.76 -38.42
C VAL S 369 14.84 42.14 -37.02
N CYS S 370 14.83 41.20 -36.08
CA CYS S 370 14.99 41.42 -34.63
C CYS S 370 14.21 42.62 -34.07
N SER S 371 12.96 42.40 -33.65
CA SER S 371 12.12 43.41 -32.98
C SER S 371 11.89 44.71 -33.75
N THR S 372 12.24 44.74 -35.03
CA THR S 372 12.32 45.95 -35.87
C THR S 372 11.68 45.66 -37.20
N GLN S 373 10.90 46.58 -37.75
CA GLN S 373 9.98 46.32 -38.85
C GLN S 373 10.39 47.07 -40.12
N VAL S 374 10.19 46.48 -41.30
CA VAL S 374 10.38 47.17 -42.58
C VAL S 374 9.34 46.71 -43.59
N HIS S 375 8.99 47.55 -44.56
CA HIS S 375 7.93 47.29 -45.53
C HIS S 375 8.51 47.14 -46.94
N CYS S 376 8.26 45.99 -47.56
CA CYS S 376 8.74 45.60 -48.89
C CYS S 376 7.58 45.68 -49.88
N ALA S 377 7.81 46.14 -51.11
CA ALA S 377 6.74 46.34 -52.09
C ALA S 377 7.26 46.30 -53.54
N ALA S 378 6.84 45.32 -54.34
CA ALA S 378 7.10 45.30 -55.79
C ALA S 378 6.14 44.39 -56.57
N GLU S 379 5.99 44.64 -57.87
CA GLU S 379 5.28 43.79 -58.82
C GLU S 379 6.00 42.46 -59.06
N CYS S 380 5.26 41.35 -59.13
CA CYS S 380 5.80 40.01 -59.34
C CYS S 380 5.36 39.47 -60.70
N HIS S 381 6.28 39.02 -61.53
CA HIS S 381 5.91 38.42 -62.82
C HIS S 381 5.54 36.94 -62.65
N PRO S 382 4.58 36.42 -63.42
CA PRO S 382 4.27 35.00 -63.38
C PRO S 382 5.41 34.18 -63.98
N PRO S 383 5.58 32.91 -63.57
CA PRO S 383 6.59 32.00 -64.12
C PRO S 383 6.21 31.51 -65.51
N LYS S 384 7.19 31.03 -66.29
CA LYS S 384 6.96 30.44 -67.61
C LYS S 384 6.69 28.92 -67.57
N ASP S 385 7.17 28.20 -66.57
CA ASP S 385 7.39 26.74 -66.66
C ASP S 385 6.15 25.83 -66.54
N HIS S 386 4.95 26.35 -66.31
CA HIS S 386 3.67 25.63 -66.20
C HIS S 386 3.54 24.61 -65.07
N ILE S 387 4.43 23.64 -64.90
CA ILE S 387 4.35 22.64 -63.83
C ILE S 387 5.75 22.32 -63.29
N VAL S 388 5.82 21.86 -62.06
CA VAL S 388 7.05 21.58 -61.31
C VAL S 388 6.90 20.37 -60.42
N ASN S 389 7.99 19.77 -59.97
CA ASN S 389 7.94 18.52 -59.19
C ASN S 389 7.84 18.70 -57.67
N TYR S 390 8.36 19.80 -57.12
CA TYR S 390 8.20 20.15 -55.71
C TYR S 390 6.82 20.78 -55.47
N PRO S 391 6.21 20.59 -54.29
CA PRO S 391 4.97 21.24 -53.93
C PRO S 391 5.22 22.73 -53.65
N ALA S 392 4.19 23.57 -53.74
CA ALA S 392 4.36 25.01 -53.58
C ALA S 392 4.91 25.39 -52.20
N SER S 393 6.03 26.11 -52.15
CA SER S 393 6.68 26.46 -50.87
C SER S 393 6.02 27.61 -50.12
N HIS S 394 5.23 28.45 -50.78
CA HIS S 394 4.41 29.48 -50.15
C HIS S 394 3.07 28.93 -49.68
N THR S 395 2.32 29.69 -48.89
CA THR S 395 0.89 29.41 -48.67
C THR S 395 0.02 29.93 -49.81
N THR S 396 -1.22 29.45 -49.90
CA THR S 396 -2.19 29.80 -50.95
C THR S 396 -2.64 31.28 -50.89
N LEU S 397 -3.20 31.79 -51.98
CA LEU S 397 -3.69 33.16 -52.10
C LEU S 397 -5.13 33.32 -51.59
N GLY S 398 -5.51 34.54 -51.19
CA GLY S 398 -6.88 34.90 -50.82
C GLY S 398 -7.88 34.96 -51.99
N VAL S 399 -7.41 34.82 -53.23
CA VAL S 399 -8.12 34.65 -54.53
C VAL S 399 -9.23 35.67 -54.88
N GLN S 400 -10.25 35.83 -54.04
CA GLN S 400 -11.20 36.96 -54.05
C GLN S 400 -10.69 38.13 -53.20
N ASP S 401 -9.85 37.86 -52.20
CA ASP S 401 -9.12 38.85 -51.38
C ASP S 401 -7.64 38.97 -51.83
N ILE S 402 -6.93 40.01 -51.36
CA ILE S 402 -5.51 40.30 -51.68
C ILE S 402 -5.21 40.26 -53.19
N SER S 403 -6.11 40.88 -53.96
CA SER S 403 -5.86 41.31 -55.34
C SER S 403 -4.77 42.40 -55.40
N VAL S 404 -4.11 42.55 -56.55
CA VAL S 404 -2.90 43.37 -56.72
C VAL S 404 -3.06 44.88 -56.51
N THR S 405 -1.98 45.57 -56.19
CA THR S 405 -1.85 46.99 -56.56
C THR S 405 -1.92 47.10 -58.08
N ALA S 406 -2.57 48.15 -58.60
CA ALA S 406 -3.10 48.22 -59.97
C ALA S 406 -4.37 47.37 -60.22
N MET S 407 -5.00 46.82 -59.18
CA MET S 407 -6.46 46.55 -59.19
C MET S 407 -7.27 47.81 -58.90
N SER S 408 -6.61 48.96 -58.73
CA SER S 408 -7.21 50.23 -58.33
C SER S 408 -8.32 50.70 -59.27
N TRP S 409 -8.44 50.10 -60.45
CA TRP S 409 -9.66 50.11 -61.27
C TRP S 409 -10.92 49.82 -60.45
N VAL S 410 -10.92 48.82 -59.58
CA VAL S 410 -12.04 48.51 -58.67
C VAL S 410 -12.42 49.74 -57.84
N GLN S 411 -11.46 50.42 -57.23
CA GLN S 411 -11.70 51.64 -56.48
C GLN S 411 -12.10 52.82 -57.39
N LYS S 412 -11.49 52.98 -58.57
CA LYS S 412 -11.85 54.02 -59.54
C LYS S 412 -13.29 53.90 -60.02
N ILE S 413 -13.76 52.70 -60.36
CA ILE S 413 -15.16 52.49 -60.77
C ILE S 413 -16.11 52.53 -59.56
N THR S 414 -15.73 52.00 -58.39
CA THR S 414 -16.59 52.05 -57.18
C THR S 414 -16.75 53.49 -56.66
N GLY S 415 -15.68 54.28 -56.68
CA GLY S 415 -15.72 55.73 -56.43
C GLY S 415 -16.39 56.54 -57.56
N GLY S 416 -16.77 55.89 -58.67
CA GLY S 416 -17.64 56.47 -59.70
C GLY S 416 -19.09 56.10 -59.42
N VAL S 417 -19.45 54.84 -59.67
CA VAL S 417 -20.80 54.30 -59.52
C VAL S 417 -21.36 54.51 -58.10
N GLY S 418 -20.57 54.31 -57.06
CA GLY S 418 -20.97 54.56 -55.67
C GLY S 418 -21.20 56.04 -55.35
N LEU S 419 -20.50 56.97 -56.03
CA LEU S 419 -20.79 58.41 -55.91
C LEU S 419 -21.96 58.84 -56.78
N VAL S 420 -22.20 58.23 -57.94
CA VAL S 420 -23.44 58.44 -58.69
C VAL S 420 -24.65 58.02 -57.85
N VAL S 421 -24.58 56.90 -57.12
CA VAL S 421 -25.57 56.55 -56.10
C VAL S 421 -25.66 57.60 -55.00
N ALA S 422 -24.54 58.04 -54.42
CA ALA S 422 -24.56 59.05 -53.36
C ALA S 422 -25.19 60.37 -53.80
N VAL S 423 -24.89 60.84 -55.01
CA VAL S 423 -25.44 62.06 -55.61
C VAL S 423 -26.92 61.90 -55.94
N ALA S 424 -27.34 60.75 -56.49
CA ALA S 424 -28.75 60.50 -56.73
C ALA S 424 -29.57 60.44 -55.44
N ALA S 425 -29.02 59.87 -54.36
CA ALA S 425 -29.65 59.92 -53.03
C ALA S 425 -29.62 61.33 -52.43
N LEU S 426 -28.57 62.12 -52.65
CA LEU S 426 -28.53 63.51 -52.21
C LEU S 426 -29.60 64.36 -52.91
N ILE S 427 -29.72 64.21 -54.24
CA ILE S 427 -30.75 64.87 -55.04
C ILE S 427 -32.15 64.46 -54.56
N LEU S 428 -32.40 63.16 -54.37
CA LEU S 428 -33.68 62.69 -53.82
C LEU S 428 -33.95 63.27 -52.42
N ILE S 429 -32.96 63.33 -51.53
CA ILE S 429 -33.16 63.89 -50.19
C ILE S 429 -33.44 65.39 -50.24
N VAL S 430 -32.75 66.20 -51.04
CA VAL S 430 -33.05 67.63 -51.10
C VAL S 430 -34.41 67.91 -51.73
N VAL S 431 -34.84 67.19 -52.78
CA VAL S 431 -36.21 67.38 -53.31
C VAL S 431 -37.27 66.87 -52.33
N LEU S 432 -37.02 65.77 -51.61
CA LEU S 432 -37.91 65.32 -50.55
C LEU S 432 -38.05 66.39 -49.46
N CYS S 433 -36.93 66.96 -49.01
CA CYS S 433 -36.89 68.02 -48.01
C CYS S 433 -37.76 69.24 -48.42
N VAL S 434 -37.58 69.80 -49.63
CA VAL S 434 -38.47 70.90 -50.06
C VAL S 434 -39.90 70.43 -50.31
N SER S 435 -40.15 69.19 -50.72
CA SER S 435 -41.53 68.70 -50.86
C SER S 435 -42.27 68.63 -49.51
N PHE S 436 -41.54 68.52 -48.39
CA PHE S 436 -42.11 68.68 -47.05
C PHE S 436 -42.28 70.15 -46.63
N SER S 437 -41.49 71.08 -47.18
CA SER S 437 -41.79 72.52 -47.10
C SER S 437 -43.06 72.90 -47.86
N ARG S 438 -43.44 72.09 -48.87
CA ARG S 438 -44.66 72.21 -49.68
C ARG S 438 -45.91 71.53 -49.09
N HIS S 439 -45.90 71.09 -47.83
CA HIS S 439 -47.12 70.64 -47.12
C HIS S 439 -48.07 71.80 -46.82
N GLU T 1 26.24 -43.11 -47.50
CA GLU T 1 27.44 -42.56 -46.80
C GLU T 1 28.60 -42.19 -47.74
N VAL T 2 29.01 -43.08 -48.67
CA VAL T 2 30.20 -42.94 -49.54
C VAL T 2 31.53 -43.02 -48.75
N GLN T 3 32.08 -44.24 -48.65
CA GLN T 3 33.38 -44.56 -48.03
C GLN T 3 34.42 -44.90 -49.09
N LEU T 4 35.62 -44.32 -49.01
CA LEU T 4 36.64 -44.38 -50.06
C LEU T 4 37.98 -44.98 -49.57
N VAL T 5 38.69 -45.68 -50.45
CA VAL T 5 40.09 -46.09 -50.26
C VAL T 5 40.90 -45.92 -51.56
N GLN T 6 41.93 -45.08 -51.53
CA GLN T 6 42.92 -44.90 -52.59
C GLN T 6 44.17 -45.79 -52.41
N SER T 7 45.06 -45.79 -53.40
CA SER T 7 46.46 -46.19 -53.21
C SER T 7 47.27 -45.12 -52.42
N GLY T 8 48.40 -45.53 -51.84
CA GLY T 8 49.36 -44.62 -51.22
C GLY T 8 50.15 -43.77 -52.23
N ALA T 9 51.10 -42.98 -51.72
CA ALA T 9 51.95 -42.10 -52.53
C ALA T 9 52.77 -42.85 -53.60
N GLU T 10 53.05 -42.18 -54.73
CA GLU T 10 53.81 -42.72 -55.86
C GLU T 10 54.79 -41.72 -56.53
N VAL T 11 55.74 -42.25 -57.29
CA VAL T 11 56.78 -41.51 -58.04
C VAL T 11 56.55 -41.65 -59.55
N LYS T 12 56.62 -40.54 -60.30
CA LYS T 12 56.47 -40.53 -61.77
C LYS T 12 57.51 -39.62 -62.43
N LYS T 13 58.04 -40.02 -63.59
CA LYS T 13 58.95 -39.17 -64.38
C LYS T 13 58.18 -37.97 -64.99
N PRO T 14 58.81 -36.81 -65.23
CA PRO T 14 58.18 -35.72 -65.96
C PRO T 14 57.62 -36.15 -67.33
N GLY T 15 56.44 -35.67 -67.70
CA GLY T 15 55.74 -36.05 -68.92
C GLY T 15 55.05 -37.44 -68.88
N SER T 16 55.11 -38.15 -67.75
CA SER T 16 54.49 -39.47 -67.60
C SER T 16 52.97 -39.39 -67.36
N SER T 17 52.35 -40.49 -66.99
CA SER T 17 50.90 -40.64 -66.80
C SER T 17 50.59 -41.48 -65.55
N VAL T 18 49.49 -41.18 -64.85
CA VAL T 18 49.18 -41.77 -63.54
C VAL T 18 47.70 -42.12 -63.39
N LYS T 19 47.41 -43.43 -63.40
CA LYS T 19 46.08 -43.99 -63.14
C LYS T 19 45.75 -43.97 -61.64
N VAL T 20 45.49 -42.78 -61.08
CA VAL T 20 45.03 -42.62 -59.70
C VAL T 20 43.72 -43.38 -59.47
N SER T 21 43.52 -43.97 -58.29
CA SER T 21 42.38 -44.86 -58.03
C SER T 21 41.72 -44.62 -56.68
N CYS T 22 40.46 -45.05 -56.55
CA CYS T 22 39.60 -44.86 -55.37
C CYS T 22 38.47 -45.90 -55.40
N LYS T 23 38.61 -47.03 -54.69
CA LYS T 23 37.50 -47.98 -54.52
C LYS T 23 36.47 -47.39 -53.53
N ALA T 24 35.19 -47.65 -53.75
CA ALA T 24 34.10 -47.06 -52.98
C ALA T 24 33.12 -48.08 -52.39
N PHE T 25 32.58 -47.78 -51.21
CA PHE T 25 31.41 -48.41 -50.59
C PHE T 25 30.71 -47.38 -49.68
N GLY T 26 30.35 -47.71 -48.43
CA GLY T 26 29.51 -46.87 -47.56
C GLY T 26 28.10 -46.71 -48.12
N GLY T 27 27.48 -47.81 -48.56
CA GLY T 27 26.39 -47.77 -49.54
C GLY T 27 26.98 -47.62 -50.94
N THR T 28 26.57 -46.60 -51.69
CA THR T 28 27.08 -46.26 -53.03
C THR T 28 26.68 -47.26 -54.12
N PHE T 29 27.11 -48.53 -53.99
CA PHE T 29 26.84 -49.68 -54.87
C PHE T 29 27.39 -49.60 -56.30
N SER T 30 27.49 -48.40 -56.89
CA SER T 30 28.16 -48.10 -58.16
C SER T 30 28.49 -46.60 -58.20
N SER T 31 29.35 -46.18 -59.16
CA SER T 31 29.79 -44.78 -59.25
C SER T 31 28.77 -43.58 -59.18
N TYR T 32 29.09 -42.66 -58.28
CA TYR T 32 28.12 -41.75 -57.69
C TYR T 32 28.73 -40.36 -57.40
N ALA T 33 29.15 -39.66 -58.45
CA ALA T 33 29.68 -38.30 -58.35
C ALA T 33 30.81 -38.10 -57.30
N ILE T 34 31.66 -39.11 -57.11
CA ILE T 34 32.78 -39.08 -56.18
C ILE T 34 33.73 -37.96 -56.62
N THR T 35 34.15 -37.08 -55.70
CA THR T 35 34.89 -35.89 -56.09
C THR T 35 36.12 -35.35 -55.31
N TRP T 36 36.82 -34.38 -55.90
CA TRP T 36 38.22 -34.07 -55.62
C TRP T 36 38.48 -32.65 -55.09
N VAL T 37 39.53 -32.53 -54.28
CA VAL T 37 40.34 -31.31 -54.08
C VAL T 37 41.82 -31.71 -54.17
N ARG T 38 42.72 -30.90 -54.74
CA ARG T 38 44.17 -31.18 -54.71
C ARG T 38 45.05 -29.95 -54.46
N GLN T 39 46.08 -30.13 -53.65
CA GLN T 39 46.66 -29.07 -52.81
C GLN T 39 48.20 -29.10 -52.81
N ALA T 40 48.80 -27.94 -52.63
CA ALA T 40 50.24 -27.77 -52.40
C ALA T 40 50.47 -26.59 -51.42
N PRO T 41 51.63 -26.48 -50.75
CA PRO T 41 51.94 -25.36 -49.86
C PRO T 41 51.75 -23.99 -50.53
N GLY T 42 51.02 -23.08 -49.89
CA GLY T 42 50.64 -21.79 -50.47
C GLY T 42 49.47 -21.13 -49.77
N GLN T 43 48.63 -20.43 -50.55
CA GLN T 43 47.66 -19.44 -50.08
C GLN T 43 46.18 -19.86 -50.25
N GLY T 44 45.88 -21.11 -50.63
CA GLY T 44 44.49 -21.56 -50.90
C GLY T 44 44.31 -23.06 -51.19
N LEU T 45 43.19 -23.40 -51.85
CA LEU T 45 42.78 -24.76 -52.27
C LEU T 45 42.16 -24.74 -53.68
N GLU T 46 42.10 -25.91 -54.35
CA GLU T 46 41.61 -26.00 -55.73
C GLU T 46 40.79 -27.28 -56.01
N TRP T 47 39.61 -27.09 -56.60
CA TRP T 47 38.83 -28.13 -57.28
C TRP T 47 39.56 -28.61 -58.54
N MET T 48 39.79 -29.92 -58.67
CA MET T 48 40.48 -30.45 -59.85
C MET T 48 39.57 -30.47 -61.08
N GLY T 49 39.94 -29.72 -62.14
CA GLY T 49 39.18 -29.55 -63.38
C GLY T 49 39.11 -30.77 -64.31
N GLY T 50 39.06 -31.97 -63.73
CA GLY T 50 38.68 -33.22 -64.39
C GLY T 50 37.56 -33.98 -63.66
N ILE T 51 37.17 -33.57 -62.44
CA ILE T 51 36.25 -34.35 -61.61
C ILE T 51 35.22 -33.47 -60.88
N ILE T 52 33.93 -33.64 -61.21
CA ILE T 52 32.79 -33.42 -60.32
C ILE T 52 31.79 -34.61 -60.38
N PRO T 53 30.91 -34.77 -61.38
CA PRO T 53 30.12 -36.00 -61.53
C PRO T 53 30.92 -37.21 -62.05
N ILE T 54 32.08 -37.01 -62.68
CA ILE T 54 32.98 -38.01 -63.29
C ILE T 54 32.45 -38.89 -64.43
N LEU T 55 31.18 -39.31 -64.44
CA LEU T 55 30.73 -40.30 -65.42
C LEU T 55 29.59 -40.09 -66.45
N GLY T 56 29.14 -38.84 -66.64
CA GLY T 56 28.47 -38.43 -67.87
C GLY T 56 29.47 -38.13 -68.99
N THR T 57 30.57 -37.47 -68.61
CA THR T 57 31.82 -37.27 -69.36
C THR T 57 32.93 -36.82 -68.36
N THR T 58 34.19 -36.71 -68.76
CA THR T 58 35.24 -36.13 -67.89
C THR T 58 35.03 -34.62 -67.72
N ASP T 59 35.22 -34.08 -66.50
CA ASP T 59 34.81 -32.71 -66.15
C ASP T 59 35.83 -31.60 -66.46
N TYR T 60 36.34 -31.60 -67.69
CA TYR T 60 36.92 -30.41 -68.36
C TYR T 60 35.86 -29.29 -68.51
N ALA T 61 36.33 -28.03 -68.55
CA ALA T 61 35.48 -26.84 -68.52
C ALA T 61 36.12 -25.66 -69.28
N GLN T 62 35.75 -24.42 -68.91
CA GLN T 62 36.32 -23.14 -69.40
C GLN T 62 37.83 -22.98 -69.13
N LYS T 63 38.38 -23.84 -68.26
CA LYS T 63 39.76 -23.91 -67.73
C LYS T 63 40.19 -25.38 -67.63
N PHE T 64 41.47 -25.65 -67.38
CA PHE T 64 42.11 -26.99 -67.34
C PHE T 64 42.19 -27.74 -68.67
N GLN T 65 41.26 -27.49 -69.61
CA GLN T 65 41.41 -27.86 -71.03
C GLN T 65 42.55 -27.05 -71.67
N GLY T 66 43.66 -27.73 -71.99
CA GLY T 66 44.92 -27.07 -72.37
C GLY T 66 46.14 -28.01 -72.29
N ARG T 67 47.23 -27.51 -71.71
CA ARG T 67 48.57 -28.15 -71.70
C ARG T 67 48.69 -29.47 -70.92
N VAL T 68 47.73 -29.79 -70.05
CA VAL T 68 47.62 -31.08 -69.33
C VAL T 68 46.25 -31.69 -69.62
N THR T 69 46.18 -33.02 -69.75
CA THR T 69 44.94 -33.72 -70.10
C THR T 69 44.70 -34.97 -69.27
N ILE T 70 43.43 -35.17 -68.91
CA ILE T 70 43.01 -36.13 -67.88
C ILE T 70 41.73 -36.86 -68.30
N THR T 71 41.46 -38.01 -67.68
CA THR T 71 40.22 -38.79 -67.85
C THR T 71 39.68 -39.15 -66.48
N ALA T 72 38.37 -39.04 -66.26
CA ALA T 72 37.68 -39.61 -65.11
C ALA T 72 36.79 -40.77 -65.56
N ASP T 73 36.78 -41.87 -64.80
CA ASP T 73 36.40 -43.18 -65.34
C ASP T 73 35.16 -43.80 -64.65
N LYS T 74 34.39 -44.57 -65.40
CA LYS T 74 33.06 -45.10 -65.05
C LYS T 74 33.07 -46.51 -64.42
N SER T 75 34.17 -46.86 -63.75
CA SER T 75 34.43 -48.17 -63.14
C SER T 75 33.39 -48.62 -62.11
N THR T 76 33.15 -49.93 -61.99
CA THR T 76 32.18 -50.52 -61.05
C THR T 76 32.57 -50.26 -59.58
N SER T 77 31.67 -49.66 -58.80
CA SER T 77 31.85 -49.31 -57.37
C SER T 77 33.20 -48.62 -57.05
N THR T 78 33.74 -47.86 -58.01
CA THR T 78 35.11 -47.32 -57.98
C THR T 78 35.13 -46.01 -58.76
N ALA T 79 35.96 -45.04 -58.37
CA ALA T 79 36.24 -43.83 -59.13
C ALA T 79 37.70 -43.83 -59.59
N TYR T 80 38.01 -44.59 -60.64
CA TYR T 80 39.30 -44.49 -61.31
C TYR T 80 39.45 -43.14 -62.02
N MET T 81 40.69 -42.74 -62.24
CA MET T 81 41.09 -41.51 -62.92
C MET T 81 42.38 -41.78 -63.69
N GLU T 82 42.71 -41.00 -64.71
CA GLU T 82 44.10 -40.91 -65.19
C GLU T 82 44.50 -39.48 -65.55
N LEU T 83 45.60 -39.02 -64.97
CA LEU T 83 46.22 -37.72 -65.22
C LEU T 83 47.46 -37.95 -66.10
N SER T 84 47.58 -37.26 -67.24
CA SER T 84 48.56 -37.61 -68.27
C SER T 84 49.37 -36.40 -68.77
N SER T 85 50.55 -36.67 -69.33
CA SER T 85 51.56 -35.66 -69.70
C SER T 85 52.00 -34.77 -68.53
N LEU T 86 51.92 -35.25 -67.27
CA LEU T 86 52.03 -34.39 -66.09
C LEU T 86 53.44 -33.82 -65.87
N ARG T 87 53.53 -32.57 -65.42
CA ARG T 87 54.79 -31.84 -65.22
C ARG T 87 54.98 -31.40 -63.76
N SER T 88 56.03 -30.64 -63.49
CA SER T 88 56.39 -30.16 -62.14
C SER T 88 55.22 -29.46 -61.43
N GLU T 89 54.44 -28.67 -62.17
CA GLU T 89 53.22 -27.97 -61.72
C GLU T 89 52.07 -28.88 -61.24
N ASP T 90 52.07 -30.17 -61.58
CA ASP T 90 51.07 -31.14 -61.14
C ASP T 90 51.45 -31.88 -59.84
N THR T 91 52.64 -31.61 -59.30
CA THR T 91 53.14 -32.21 -58.05
C THR T 91 52.34 -31.69 -56.86
N ALA T 92 51.54 -32.55 -56.22
CA ALA T 92 50.57 -32.15 -55.21
C ALA T 92 50.11 -33.33 -54.33
N VAL T 93 49.44 -33.01 -53.23
CA VAL T 93 48.67 -33.97 -52.43
C VAL T 93 47.19 -33.86 -52.82
N TYR T 94 46.58 -35.00 -53.14
CA TYR T 94 45.27 -35.13 -53.76
C TYR T 94 44.30 -35.79 -52.79
N TYR T 95 43.03 -35.41 -52.86
CA TYR T 95 41.97 -35.94 -52.00
C TYR T 95 40.74 -36.31 -52.85
N CYS T 96 40.75 -37.49 -53.48
CA CYS T 96 39.56 -38.10 -54.11
C CYS T 96 38.60 -38.60 -53.03
N ALA T 97 38.06 -37.67 -52.25
CA ALA T 97 37.63 -37.91 -50.89
C ALA T 97 36.32 -37.20 -50.53
N ARG T 98 35.70 -36.49 -51.47
CA ARG T 98 34.33 -36.00 -51.35
C ARG T 98 33.35 -37.04 -51.91
N ASP T 99 32.20 -37.20 -51.25
CA ASP T 99 30.98 -37.72 -51.87
C ASP T 99 30.39 -36.68 -52.88
N PRO T 100 29.16 -36.82 -53.41
CA PRO T 100 28.64 -35.88 -54.40
C PRO T 100 28.86 -34.38 -54.13
N PRO T 101 29.20 -33.59 -55.16
CA PRO T 101 29.05 -32.14 -55.18
C PRO T 101 27.58 -31.75 -55.35
N THR T 102 27.28 -30.46 -55.55
CA THR T 102 26.09 -30.08 -56.33
C THR T 102 26.43 -28.90 -57.25
N HIS T 103 26.87 -29.22 -58.46
CA HIS T 103 27.54 -28.29 -59.37
C HIS T 103 26.54 -27.43 -60.18
N GLY T 104 26.12 -26.32 -59.56
CA GLY T 104 25.08 -25.41 -60.09
C GLY T 104 25.48 -24.71 -61.39
N GLY T 105 24.71 -24.96 -62.46
CA GLY T 105 24.97 -24.52 -63.84
C GLY T 105 24.63 -25.61 -64.86
N ASP T 106 24.68 -26.88 -64.42
CA ASP T 106 24.06 -28.03 -65.10
C ASP T 106 22.54 -28.09 -64.84
N PHE T 107 21.81 -28.86 -65.63
CA PHE T 107 20.36 -29.09 -65.53
C PHE T 107 19.89 -30.05 -64.41
N ASN T 108 20.57 -30.16 -63.27
CA ASN T 108 20.29 -31.19 -62.23
C ASN T 108 20.86 -30.80 -60.83
N TYR T 109 20.41 -31.48 -59.75
CA TYR T 109 20.79 -31.22 -58.35
C TYR T 109 20.88 -32.51 -57.50
N TYR T 110 21.72 -32.50 -56.45
CA TYR T 110 22.01 -33.67 -55.59
C TYR T 110 21.38 -33.63 -54.17
N TYR T 111 21.46 -34.76 -53.46
CA TYR T 111 21.16 -34.94 -52.02
C TYR T 111 22.06 -34.10 -51.08
N TYR T 112 21.78 -34.04 -49.77
CA TYR T 112 22.75 -33.55 -48.77
C TYR T 112 23.55 -34.68 -48.07
N GLY T 113 22.94 -35.84 -47.81
CA GLY T 113 23.63 -37.05 -47.32
C GLY T 113 24.30 -36.95 -45.93
N VAL T 114 25.17 -37.91 -45.64
CA VAL T 114 26.08 -37.87 -44.47
C VAL T 114 27.38 -37.09 -44.75
N ALA T 115 27.81 -37.04 -46.02
CA ALA T 115 28.86 -36.16 -46.54
C ALA T 115 30.25 -36.27 -45.89
N VAL T 116 30.56 -37.43 -45.31
CA VAL T 116 31.86 -37.69 -44.66
C VAL T 116 33.01 -37.75 -45.68
N TRP T 117 34.21 -37.36 -45.26
CA TRP T 117 35.42 -37.52 -46.06
C TRP T 117 36.17 -38.88 -46.21
N GLY T 118 36.84 -39.03 -47.36
CA GLY T 118 37.77 -40.11 -47.65
C GLY T 118 39.15 -39.90 -47.01
N GLN T 119 40.21 -40.26 -47.74
CA GLN T 119 41.62 -40.06 -47.37
C GLN T 119 42.48 -39.76 -48.61
N GLY T 120 43.67 -39.18 -48.42
CA GLY T 120 44.47 -38.61 -49.51
C GLY T 120 45.38 -39.57 -50.28
N THR T 121 46.03 -39.04 -51.32
CA THR T 121 47.09 -39.69 -52.12
C THR T 121 48.08 -38.65 -52.66
N THR T 122 49.25 -39.06 -53.16
CA THR T 122 50.35 -38.14 -53.57
C THR T 122 51.04 -38.61 -54.85
N VAL T 123 51.41 -37.70 -55.75
CA VAL T 123 52.33 -38.00 -56.86
C VAL T 123 53.56 -37.09 -56.83
N THR T 124 54.75 -37.70 -56.77
CA THR T 124 56.06 -37.03 -56.68
C THR T 124 56.75 -37.01 -58.05
N VAL T 125 56.50 -35.96 -58.84
CA VAL T 125 57.05 -35.85 -60.21
C VAL T 125 58.56 -35.58 -60.17
N SER T 126 59.39 -36.55 -60.53
CA SER T 126 60.83 -36.51 -60.30
C SER T 126 61.62 -37.52 -61.15
N SER T 127 62.91 -37.27 -61.36
CA SER T 127 63.79 -38.10 -62.21
C SER T 127 64.56 -39.19 -61.45
N ALA T 128 64.90 -38.95 -60.18
CA ALA T 128 65.90 -39.71 -59.42
C ALA T 128 65.64 -41.21 -59.28
N SER T 129 66.73 -41.98 -59.23
CA SER T 129 66.75 -43.35 -58.70
C SER T 129 66.76 -43.35 -57.17
N THR T 130 66.52 -44.51 -56.56
CA THR T 130 66.73 -44.72 -55.10
C THR T 130 68.14 -44.30 -54.69
N LYS T 131 68.29 -43.53 -53.60
CA LYS T 131 69.58 -43.06 -53.07
C LYS T 131 69.60 -43.01 -51.54
N GLY T 132 70.76 -43.34 -50.94
CA GLY T 132 70.97 -43.45 -49.50
C GLY T 132 71.15 -42.11 -48.75
N PRO T 133 70.89 -42.07 -47.43
CA PRO T 133 70.73 -40.84 -46.65
C PRO T 133 71.98 -40.23 -45.98
N SER T 134 73.07 -40.98 -45.80
CA SER T 134 74.08 -40.62 -44.79
C SER T 134 75.02 -39.48 -45.26
N VAL T 135 74.72 -38.24 -44.86
CA VAL T 135 75.42 -36.99 -45.23
C VAL T 135 75.59 -36.05 -44.03
N PHE T 136 76.45 -35.04 -44.17
CA PHE T 136 76.73 -33.94 -43.22
C PHE T 136 77.05 -34.42 -41.78
N PRO T 137 76.14 -34.47 -40.78
CA PRO T 137 76.50 -34.98 -39.44
C PRO T 137 76.52 -36.50 -39.31
N LEU T 138 75.97 -37.25 -40.26
CA LEU T 138 75.47 -38.61 -40.00
C LEU T 138 76.54 -39.72 -39.80
N ALA T 139 77.57 -39.79 -40.66
CA ALA T 139 78.36 -41.02 -40.81
C ALA T 139 79.38 -41.34 -39.68
N PRO T 140 80.53 -40.64 -39.52
CA PRO T 140 81.66 -41.16 -38.71
C PRO T 140 81.65 -40.84 -37.21
N SER T 141 80.96 -39.77 -36.75
CA SER T 141 81.20 -39.17 -35.42
C SER T 141 79.94 -38.87 -34.62
N SER T 142 80.10 -38.59 -33.33
CA SER T 142 79.04 -38.23 -32.39
C SER T 142 78.32 -36.92 -32.77
N LYS T 143 77.07 -36.77 -32.31
CA LYS T 143 76.20 -35.61 -32.60
C LYS T 143 76.02 -34.73 -31.36
N SER T 144 76.05 -33.41 -31.55
CA SER T 144 76.21 -32.46 -30.45
C SER T 144 75.65 -31.07 -30.81
N THR T 145 74.34 -30.87 -30.62
CA THR T 145 73.71 -29.54 -30.78
C THR T 145 74.16 -28.57 -29.69
N SER T 146 74.54 -27.35 -30.09
CA SER T 146 75.03 -26.29 -29.19
C SER T 146 73.94 -25.30 -28.73
N GLY T 147 72.70 -25.47 -29.19
CA GLY T 147 71.56 -24.61 -28.85
C GLY T 147 70.26 -25.38 -28.61
N GLY T 148 69.29 -24.72 -27.99
CA GLY T 148 68.09 -25.33 -27.38
C GLY T 148 68.35 -25.74 -25.93
N THR T 149 67.75 -25.04 -24.97
CA THR T 149 68.06 -25.16 -23.52
C THR T 149 67.41 -26.36 -22.81
N ALA T 150 66.50 -27.08 -23.46
CA ALA T 150 65.79 -28.24 -22.92
C ALA T 150 65.56 -29.37 -23.95
N ALA T 151 66.34 -29.41 -25.04
CA ALA T 151 66.11 -30.27 -26.18
C ALA T 151 67.38 -30.49 -27.03
N LEU T 152 67.33 -31.44 -27.99
CA LEU T 152 68.41 -31.80 -28.91
C LEU T 152 67.86 -32.42 -30.21
N GLY T 153 68.63 -32.41 -31.31
CA GLY T 153 68.12 -32.77 -32.64
C GLY T 153 69.16 -33.20 -33.69
N CYS T 154 68.65 -33.68 -34.84
CA CYS T 154 69.41 -34.30 -35.95
C CYS T 154 69.22 -33.58 -37.30
N LEU T 155 69.69 -34.20 -38.40
CA LEU T 155 69.30 -33.91 -39.80
C LEU T 155 69.31 -35.20 -40.62
N VAL T 156 68.47 -35.31 -41.66
CA VAL T 156 68.64 -36.28 -42.77
C VAL T 156 68.41 -35.55 -44.11
N LYS T 157 69.25 -35.78 -45.13
CA LYS T 157 69.23 -35.02 -46.39
C LYS T 157 69.74 -35.85 -47.59
N ASP T 158 69.29 -35.48 -48.78
CA ASP T 158 69.66 -36.06 -50.09
C ASP T 158 69.33 -37.55 -50.28
N TYR T 159 68.37 -38.08 -49.52
CA TYR T 159 67.84 -39.44 -49.69
C TYR T 159 66.63 -39.46 -50.65
N PHE T 160 66.38 -40.62 -51.28
CA PHE T 160 65.15 -40.83 -52.06
C PHE T 160 64.82 -42.32 -52.22
N PRO T 161 63.54 -42.71 -52.34
CA PRO T 161 62.34 -41.97 -51.95
C PRO T 161 62.07 -42.09 -50.44
N GLU T 162 60.97 -41.52 -49.96
CA GLU T 162 60.33 -41.89 -48.68
C GLU T 162 59.84 -43.36 -48.71
N PRO T 163 59.58 -43.99 -47.56
CA PRO T 163 59.69 -43.47 -46.18
C PRO T 163 61.12 -43.50 -45.64
N VAL T 164 61.31 -42.89 -44.46
CA VAL T 164 62.48 -43.14 -43.58
C VAL T 164 61.99 -43.42 -42.15
N THR T 165 62.43 -44.51 -41.54
CA THR T 165 61.93 -44.98 -40.22
C THR T 165 62.71 -44.32 -39.07
N VAL T 166 62.89 -43.00 -39.16
CA VAL T 166 63.78 -42.19 -38.31
C VAL T 166 63.24 -41.96 -36.90
N SER T 167 63.96 -42.40 -35.86
CA SER T 167 63.59 -42.21 -34.45
C SER T 167 64.73 -42.50 -33.48
N TRP T 168 64.57 -42.05 -32.24
CA TRP T 168 65.50 -42.30 -31.12
C TRP T 168 65.44 -43.77 -30.67
N ASN T 169 66.62 -44.36 -30.41
CA ASN T 169 66.78 -45.79 -30.10
C ASN T 169 66.03 -46.72 -31.08
N SER T 170 66.14 -46.43 -32.38
CA SER T 170 65.42 -47.09 -33.49
C SER T 170 63.88 -47.14 -33.35
N GLY T 171 63.29 -46.22 -32.57
CA GLY T 171 61.85 -46.17 -32.28
C GLY T 171 61.47 -46.66 -30.89
N ALA T 172 62.40 -47.22 -30.10
CA ALA T 172 62.15 -47.63 -28.71
C ALA T 172 62.10 -46.44 -27.72
N LEU T 173 62.57 -45.25 -28.11
CA LEU T 173 62.43 -44.01 -27.33
C LEU T 173 61.55 -43.01 -28.08
N THR T 174 60.45 -42.58 -27.44
CA THR T 174 59.45 -41.66 -28.03
C THR T 174 58.95 -40.59 -27.04
N SER T 175 59.44 -40.61 -25.79
CA SER T 175 58.84 -39.97 -24.60
C SER T 175 58.69 -38.44 -24.63
N GLY T 176 59.46 -37.76 -25.46
CA GLY T 176 59.37 -36.31 -25.71
C GLY T 176 59.77 -35.93 -27.14
N VAL T 177 59.56 -36.83 -28.10
CA VAL T 177 60.12 -36.77 -29.46
C VAL T 177 59.22 -35.96 -30.41
N HIS T 178 59.81 -35.21 -31.34
CA HIS T 178 59.11 -34.66 -32.52
C HIS T 178 59.88 -34.96 -33.81
N THR T 179 59.19 -35.29 -34.89
CA THR T 179 59.78 -35.55 -36.22
C THR T 179 59.04 -34.73 -37.28
N PHE T 180 59.80 -34.11 -38.19
CA PHE T 180 59.26 -33.11 -39.12
C PHE T 180 59.21 -33.68 -40.56
N PRO T 181 58.04 -33.69 -41.21
CA PRO T 181 57.84 -34.31 -42.53
C PRO T 181 58.86 -33.87 -43.59
N ALA T 182 59.28 -34.82 -44.42
CA ALA T 182 60.31 -34.63 -45.42
C ALA T 182 59.86 -33.75 -46.60
N VAL T 183 60.69 -32.80 -47.01
CA VAL T 183 60.41 -31.86 -48.11
C VAL T 183 61.25 -32.14 -49.36
N LEU T 184 60.62 -32.08 -50.52
CA LEU T 184 61.24 -32.36 -51.81
C LEU T 184 62.13 -31.19 -52.28
N GLN T 185 63.41 -31.45 -52.57
CA GLN T 185 64.33 -30.47 -53.17
C GLN T 185 64.17 -30.41 -54.71
N SER T 186 64.80 -29.44 -55.37
CA SER T 186 64.79 -29.33 -56.85
C SER T 186 65.51 -30.50 -57.55
N SER T 187 66.39 -31.21 -56.85
CA SER T 187 67.00 -32.48 -57.27
C SER T 187 66.05 -33.70 -57.15
N GLY T 188 64.86 -33.51 -56.57
CA GLY T 188 63.92 -34.58 -56.23
C GLY T 188 64.26 -35.34 -54.93
N LEU T 189 65.44 -35.11 -54.35
CA LEU T 189 65.87 -35.79 -53.12
C LEU T 189 65.33 -35.05 -51.88
N TYR T 190 65.07 -35.78 -50.79
CA TYR T 190 64.41 -35.24 -49.58
C TYR T 190 65.33 -34.51 -48.60
N SER T 191 64.75 -33.67 -47.73
CA SER T 191 65.36 -33.06 -46.54
C SER T 191 64.42 -33.15 -45.32
N LEU T 192 64.94 -33.47 -44.13
CA LEU T 192 64.18 -33.80 -42.90
C LEU T 192 64.98 -33.49 -41.62
N SER T 193 64.29 -33.34 -40.48
CA SER T 193 64.93 -33.33 -39.14
C SER T 193 64.02 -33.97 -38.05
N SER T 194 64.61 -34.40 -36.93
CA SER T 194 63.94 -35.02 -35.77
C SER T 194 64.67 -34.69 -34.45
N VAL T 195 63.93 -34.61 -33.33
CA VAL T 195 64.36 -34.02 -32.05
C VAL T 195 63.80 -34.78 -30.84
N VAL T 196 64.42 -34.62 -29.67
CA VAL T 196 63.86 -35.05 -28.38
C VAL T 196 63.98 -33.94 -27.32
N THR T 197 62.94 -33.81 -26.49
CA THR T 197 62.73 -32.68 -25.55
C THR T 197 62.71 -33.14 -24.08
N VAL T 198 63.40 -34.24 -23.79
CA VAL T 198 63.55 -34.82 -22.43
C VAL T 198 64.27 -33.83 -21.49
N PRO T 199 63.83 -33.69 -20.21
CA PRO T 199 64.47 -32.83 -19.22
C PRO T 199 65.99 -33.01 -19.14
N SER T 200 66.73 -31.92 -19.05
CA SER T 200 68.19 -31.89 -19.32
C SER T 200 69.00 -32.81 -18.42
N SER T 201 68.59 -33.01 -17.16
CA SER T 201 69.20 -33.95 -16.22
C SER T 201 68.85 -35.43 -16.50
N SER T 202 67.69 -35.70 -17.10
CA SER T 202 67.24 -37.04 -17.51
C SER T 202 67.85 -37.48 -18.86
N LEU T 203 68.22 -36.53 -19.73
CA LEU T 203 69.16 -36.79 -20.83
C LEU T 203 70.60 -36.94 -20.30
N GLY T 204 70.94 -36.21 -19.23
CA GLY T 204 72.22 -36.23 -18.52
C GLY T 204 72.60 -37.51 -17.74
N THR T 205 72.19 -38.70 -18.19
CA THR T 205 72.48 -40.00 -17.54
C THR T 205 72.75 -41.14 -18.54
N GLN T 206 71.73 -41.61 -19.25
CA GLN T 206 71.78 -42.86 -20.04
C GLN T 206 72.61 -42.74 -21.33
N THR T 207 72.74 -43.87 -22.05
CA THR T 207 73.10 -43.87 -23.47
C THR T 207 71.92 -43.39 -24.31
N TYR T 208 72.14 -42.41 -25.19
CA TYR T 208 71.11 -41.89 -26.11
C TYR T 208 71.64 -41.80 -27.56
N ILE T 209 70.77 -42.19 -28.50
CA ILE T 209 71.06 -42.38 -29.92
C ILE T 209 69.82 -42.07 -30.78
N CYS T 210 70.01 -41.56 -32.00
CA CYS T 210 68.96 -41.43 -33.01
C CYS T 210 69.39 -42.12 -34.30
N ASN T 211 68.51 -42.96 -34.84
CA ASN T 211 68.81 -43.83 -35.98
C ASN T 211 68.03 -43.42 -37.22
N VAL T 212 68.76 -43.24 -38.33
CA VAL T 212 68.20 -43.21 -39.70
C VAL T 212 68.09 -44.64 -40.21
N ASN T 213 67.01 -44.98 -40.92
CA ASN T 213 66.73 -46.33 -41.38
C ASN T 213 65.92 -46.28 -42.70
N HIS T 214 66.46 -46.85 -43.78
CA HIS T 214 65.97 -46.61 -45.15
C HIS T 214 65.96 -47.89 -46.00
N LYS T 215 64.79 -48.50 -46.17
CA LYS T 215 64.61 -49.77 -46.91
C LYS T 215 65.02 -49.79 -48.40
N PRO T 216 64.84 -48.72 -49.22
CA PRO T 216 65.12 -48.80 -50.65
C PRO T 216 66.61 -48.93 -51.00
N SER T 217 67.48 -48.22 -50.28
CA SER T 217 68.95 -48.32 -50.39
C SER T 217 69.55 -49.43 -49.51
N ASN T 218 68.77 -50.02 -48.59
CA ASN T 218 69.18 -50.99 -47.58
C ASN T 218 70.31 -50.47 -46.67
N THR T 219 70.04 -49.37 -45.95
CA THR T 219 71.03 -48.66 -45.12
C THR T 219 70.46 -48.20 -43.77
N LYS T 220 71.30 -48.23 -42.72
CA LYS T 220 70.99 -47.76 -41.35
C LYS T 220 72.18 -46.98 -40.76
N VAL T 221 71.93 -46.07 -39.82
CA VAL T 221 72.92 -45.15 -39.22
C VAL T 221 72.83 -45.16 -37.69
N ASP T 222 73.98 -45.15 -36.99
CA ASP T 222 74.04 -45.22 -35.53
C ASP T 222 75.36 -44.65 -34.96
N LYS T 223 75.31 -43.60 -34.13
CA LYS T 223 76.42 -43.11 -33.29
C LYS T 223 75.90 -42.31 -32.08
N LYS T 224 76.68 -42.22 -30.99
CA LYS T 224 76.26 -41.59 -29.71
C LYS T 224 75.95 -40.09 -29.85
N VAL T 225 74.93 -39.61 -29.14
CA VAL T 225 74.49 -38.21 -29.12
C VAL T 225 74.68 -37.60 -27.71
N GLU T 226 75.24 -36.39 -27.62
CA GLU T 226 75.41 -35.64 -26.35
C GLU T 226 75.47 -34.10 -26.62
N PRO T 227 74.44 -33.32 -26.25
CA PRO T 227 74.33 -31.88 -26.55
C PRO T 227 75.01 -30.97 -25.51
N LYS T 228 75.24 -29.69 -25.85
CA LYS T 228 75.90 -28.71 -24.95
C LYS T 228 75.03 -28.32 -23.75
N SER T 229 73.75 -28.01 -23.97
CA SER T 229 72.82 -27.58 -22.92
C SER T 229 72.23 -28.77 -22.13
N CYS T 230 73.10 -29.53 -21.45
CA CYS T 230 72.76 -30.78 -20.74
C CYS T 230 73.74 -31.07 -19.57
N ASP T 231 73.38 -31.97 -18.65
CA ASP T 231 74.12 -32.20 -17.39
C ASP T 231 75.26 -33.23 -17.46
N LYS T 232 75.30 -34.11 -18.48
CA LYS T 232 76.40 -35.08 -18.67
C LYS T 232 77.59 -34.55 -19.50
N THR T 233 77.56 -33.28 -19.88
CA THR T 233 78.41 -32.68 -20.92
C THR T 233 79.13 -31.39 -20.48
N HIS T 234 79.17 -31.09 -19.18
CA HIS T 234 79.94 -29.96 -18.61
C HIS T 234 81.46 -30.11 -18.76
N GLU U 1 33.35 -15.23 -60.32
CA GLU U 1 32.26 -14.43 -59.70
C GLU U 1 32.27 -14.58 -58.17
N ILE U 2 31.62 -13.67 -57.44
CA ILE U 2 31.30 -13.66 -55.99
C ILE U 2 32.45 -13.79 -54.96
N VAL U 3 33.27 -14.84 -55.00
CA VAL U 3 34.36 -15.20 -54.05
C VAL U 3 33.93 -15.33 -52.58
N LEU U 4 34.04 -16.55 -52.03
CA LEU U 4 33.66 -16.89 -50.65
C LEU U 4 34.61 -16.24 -49.63
N THR U 5 34.28 -15.03 -49.19
CA THR U 5 35.22 -14.18 -48.43
C THR U 5 35.11 -14.45 -46.93
N GLN U 6 35.99 -15.30 -46.39
CA GLN U 6 36.10 -15.48 -44.92
C GLN U 6 36.67 -14.20 -44.27
N SER U 7 36.03 -13.73 -43.20
CA SER U 7 36.38 -12.45 -42.56
C SER U 7 37.68 -12.50 -41.75
N PRO U 8 37.86 -13.39 -40.75
CA PRO U 8 39.11 -13.46 -39.98
C PRO U 8 40.26 -14.11 -40.77
N GLY U 9 41.41 -13.44 -40.84
CA GLY U 9 42.64 -13.99 -41.46
C GLY U 9 43.39 -14.98 -40.55
N THR U 10 43.20 -14.86 -39.24
CA THR U 10 43.60 -15.82 -38.19
C THR U 10 42.87 -15.45 -36.89
N LEU U 11 42.38 -16.44 -36.13
CA LEU U 11 41.77 -16.23 -34.82
C LEU U 11 42.42 -17.13 -33.76
N SER U 12 42.97 -16.53 -32.69
CA SER U 12 43.70 -17.23 -31.63
C SER U 12 42.92 -17.26 -30.33
N LEU U 13 42.85 -18.43 -29.71
CA LEU U 13 41.87 -18.80 -28.69
C LEU U 13 42.52 -19.42 -27.45
N SER U 14 41.79 -20.24 -26.70
CA SER U 14 42.22 -20.87 -25.45
C SER U 14 41.73 -22.33 -25.39
N PRO U 15 42.52 -23.27 -24.82
CA PRO U 15 42.27 -24.71 -24.91
C PRO U 15 41.14 -25.18 -23.98
N GLY U 16 39.89 -24.90 -24.35
CA GLY U 16 38.69 -25.37 -23.65
C GLY U 16 37.37 -24.77 -24.12
N GLU U 17 37.39 -23.65 -24.84
CA GLU U 17 36.22 -22.77 -25.00
C GLU U 17 35.58 -22.79 -26.41
N ARG U 18 35.20 -21.63 -26.97
CA ARG U 18 34.35 -21.45 -28.17
C ARG U 18 34.78 -20.23 -29.00
N ALA U 19 34.39 -20.20 -30.28
CA ALA U 19 34.57 -19.07 -31.20
C ALA U 19 33.58 -19.10 -32.39
N THR U 20 33.42 -17.99 -33.11
CA THR U 20 32.62 -17.91 -34.34
C THR U 20 33.44 -17.43 -35.55
N LEU U 21 33.51 -18.25 -36.60
CA LEU U 21 34.01 -17.90 -37.94
C LEU U 21 32.85 -17.40 -38.83
N SER U 22 33.18 -16.51 -39.77
CA SER U 22 32.20 -15.92 -40.70
C SER U 22 32.74 -15.86 -42.14
N CYS U 23 31.83 -16.03 -43.10
CA CYS U 23 32.05 -15.95 -44.54
C CYS U 23 30.97 -15.08 -45.21
N ARG U 24 31.39 -14.20 -46.12
CA ARG U 24 30.51 -13.24 -46.82
C ARG U 24 30.41 -13.55 -48.31
N ALA U 25 29.19 -13.59 -48.84
CA ALA U 25 28.92 -13.59 -50.27
C ALA U 25 27.62 -12.83 -50.61
N SER U 26 27.51 -12.31 -51.85
CA SER U 26 26.28 -11.64 -52.34
C SER U 26 25.09 -12.61 -52.54
N GLN U 27 25.36 -13.89 -52.72
CA GLN U 27 24.38 -14.96 -52.94
C GLN U 27 24.99 -16.34 -52.62
N SER U 28 24.15 -17.36 -52.47
CA SER U 28 24.57 -18.76 -52.64
C SER U 28 23.40 -19.68 -53.02
N ASN U 29 22.28 -19.61 -52.28
CA ASN U 29 21.03 -20.35 -52.53
C ASN U 29 21.16 -21.90 -52.52
N ASN U 30 22.31 -22.43 -52.12
CA ASN U 30 22.69 -23.85 -52.07
C ASN U 30 23.39 -24.14 -50.72
N TYR U 31 23.60 -25.40 -50.37
CA TYR U 31 24.35 -25.71 -49.14
C TYR U 31 25.82 -25.29 -49.26
N LEU U 32 26.31 -24.61 -48.21
CA LEU U 32 27.71 -24.24 -48.03
C LEU U 32 28.35 -25.21 -47.04
N ALA U 33 29.37 -25.94 -47.46
CA ALA U 33 30.00 -27.00 -46.68
C ALA U 33 31.25 -26.47 -45.97
N TRP U 34 31.30 -26.64 -44.65
CA TRP U 34 32.41 -26.21 -43.80
C TRP U 34 33.37 -27.37 -43.51
N TYR U 35 34.67 -27.13 -43.65
CA TYR U 35 35.71 -28.14 -43.43
C TYR U 35 36.73 -27.71 -42.38
N GLN U 36 37.30 -28.69 -41.67
CA GLN U 36 38.53 -28.57 -40.88
C GLN U 36 39.67 -29.34 -41.57
N GLN U 37 40.88 -28.79 -41.60
CA GLN U 37 42.10 -29.55 -41.95
C GLN U 37 43.26 -29.24 -40.98
N LYS U 38 43.96 -30.28 -40.47
CA LYS U 38 45.30 -30.16 -39.85
C LYS U 38 46.40 -30.40 -40.90
N PRO U 39 47.61 -29.85 -40.73
CA PRO U 39 48.73 -30.17 -41.62
C PRO U 39 49.05 -31.66 -41.55
N GLY U 40 49.38 -32.26 -42.70
CA GLY U 40 49.61 -33.71 -42.81
C GLY U 40 48.34 -34.59 -42.68
N GLN U 41 47.15 -34.01 -42.81
CA GLN U 41 45.86 -34.71 -42.77
C GLN U 41 44.94 -34.31 -43.93
N ALA U 42 44.03 -35.21 -44.34
CA ALA U 42 42.94 -34.90 -45.26
C ALA U 42 41.88 -33.98 -44.59
N PRO U 43 41.16 -33.13 -45.36
CA PRO U 43 40.03 -32.36 -44.83
C PRO U 43 38.93 -33.25 -44.23
N ARG U 44 38.02 -32.65 -43.45
CA ARG U 44 36.81 -33.31 -42.91
C ARG U 44 35.64 -32.35 -42.69
N LEU U 45 34.40 -32.84 -42.79
CA LEU U 45 33.18 -32.04 -42.69
C LEU U 45 32.82 -31.65 -41.25
N LEU U 46 32.66 -30.35 -41.00
CA LEU U 46 31.95 -29.83 -39.84
C LEU U 46 30.43 -29.86 -40.06
N ILE U 47 29.91 -29.06 -41.01
CA ILE U 47 28.47 -28.71 -41.11
C ILE U 47 28.08 -28.22 -42.52
N TYR U 48 26.77 -28.20 -42.83
CA TYR U 48 26.18 -27.41 -43.93
C TYR U 48 25.45 -26.16 -43.41
N GLY U 49 25.69 -25.01 -44.04
CA GLY U 49 24.94 -23.76 -43.85
C GLY U 49 24.36 -23.23 -45.16
N ALA U 50 23.89 -21.98 -45.16
CA ALA U 50 23.22 -21.22 -46.26
C ALA U 50 21.91 -21.83 -46.80
N SER U 51 21.85 -23.14 -46.97
CA SER U 51 20.64 -23.96 -47.08
C SER U 51 20.19 -24.40 -45.67
N ILE U 52 20.33 -25.68 -45.32
CA ILE U 52 19.88 -26.27 -44.04
C ILE U 52 20.83 -27.36 -43.52
N ARG U 53 20.80 -27.62 -42.21
CA ARG U 53 21.86 -28.33 -41.46
C ARG U 53 21.97 -29.85 -41.70
N ALA U 54 23.21 -30.31 -41.79
CA ALA U 54 23.67 -31.65 -41.41
C ALA U 54 25.08 -31.49 -40.82
N THR U 55 25.55 -32.40 -39.96
CA THR U 55 26.82 -32.26 -39.22
C THR U 55 27.68 -33.54 -39.27
N GLY U 56 28.98 -33.39 -39.53
CA GLY U 56 29.94 -34.49 -39.69
C GLY U 56 30.64 -34.87 -38.39
N ILE U 57 31.69 -34.13 -38.01
CA ILE U 57 32.44 -34.31 -36.75
C ILE U 57 31.49 -34.29 -35.54
N PRO U 58 31.67 -35.15 -34.51
CA PRO U 58 30.80 -35.24 -33.33
C PRO U 58 30.31 -33.91 -32.76
N ASP U 59 29.02 -33.85 -32.43
CA ASP U 59 28.22 -32.64 -32.22
C ASP U 59 28.74 -31.73 -31.09
N ARG U 60 29.55 -30.73 -31.47
CA ARG U 60 30.00 -29.60 -30.62
C ARG U 60 30.07 -28.29 -31.44
N PHE U 61 29.16 -28.15 -32.40
CA PHE U 61 29.17 -27.10 -33.43
C PHE U 61 27.78 -26.53 -33.69
N SER U 62 27.72 -25.32 -34.24
CA SER U 62 26.52 -24.75 -34.84
C SER U 62 26.89 -23.87 -36.05
N GLY U 63 25.91 -23.59 -36.90
CA GLY U 63 26.06 -22.70 -38.05
C GLY U 63 24.76 -21.94 -38.33
N SER U 64 24.86 -20.74 -38.90
CA SER U 64 23.71 -19.88 -39.20
C SER U 64 24.07 -18.81 -40.24
N GLY U 65 23.07 -18.14 -40.82
CA GLY U 65 23.29 -17.06 -41.77
C GLY U 65 22.07 -16.17 -42.03
N SER U 66 22.30 -14.95 -42.50
CA SER U 66 21.26 -14.03 -42.97
C SER U 66 21.85 -13.00 -43.94
N GLY U 67 21.08 -12.54 -44.91
CA GLY U 67 21.52 -11.54 -45.89
C GLY U 67 22.74 -12.01 -46.69
N THR U 68 23.89 -11.38 -46.47
CA THR U 68 25.19 -11.74 -47.06
C THR U 68 25.99 -12.81 -46.31
N ASP U 69 25.63 -13.10 -45.06
CA ASP U 69 26.54 -13.74 -44.10
C ASP U 69 26.22 -15.21 -43.86
N PHE U 70 27.25 -16.06 -43.87
CA PHE U 70 27.18 -17.48 -43.50
C PHE U 70 28.27 -17.77 -42.45
N THR U 71 27.98 -18.54 -41.40
CA THR U 71 28.84 -18.59 -40.19
C THR U 71 28.93 -19.99 -39.56
N LEU U 72 30.01 -20.23 -38.82
CA LEU U 72 30.32 -21.47 -38.10
C LEU U 72 30.78 -21.15 -36.68
N THR U 73 30.29 -21.89 -35.68
CA THR U 73 30.73 -21.81 -34.28
C THR U 73 31.36 -23.12 -33.81
N ILE U 74 32.59 -23.06 -33.30
CA ILE U 74 33.29 -24.18 -32.65
C ILE U 74 33.09 -24.18 -31.13
N SER U 75 33.26 -25.33 -30.47
CA SER U 75 33.18 -25.47 -29.01
C SER U 75 34.01 -26.65 -28.46
N ARG U 76 34.27 -26.63 -27.15
CA ARG U 76 34.97 -27.67 -26.37
C ARG U 76 36.40 -27.91 -26.88
N LEU U 77 37.18 -26.84 -27.04
CA LEU U 77 38.59 -26.88 -27.49
C LEU U 77 39.58 -27.43 -26.44
N ALA U 78 39.16 -28.38 -25.60
CA ALA U 78 40.00 -28.99 -24.57
C ALA U 78 41.24 -29.75 -25.11
N PRO U 79 41.17 -30.53 -26.21
CA PRO U 79 42.37 -31.03 -26.89
C PRO U 79 43.05 -29.91 -27.72
N GLU U 80 44.25 -30.20 -28.25
CA GLU U 80 45.03 -29.32 -29.13
C GLU U 80 44.36 -29.14 -30.52
N ASP U 81 43.20 -28.50 -30.54
CA ASP U 81 42.30 -28.38 -31.70
C ASP U 81 42.66 -27.20 -32.63
N PHE U 82 43.96 -26.96 -32.82
CA PHE U 82 44.48 -26.11 -33.89
C PHE U 82 44.16 -26.71 -35.26
N ALA U 83 43.76 -25.89 -36.24
CA ALA U 83 43.56 -26.29 -37.63
C ALA U 83 43.39 -25.08 -38.56
N VAL U 84 43.42 -25.30 -39.88
CA VAL U 84 42.83 -24.37 -40.85
C VAL U 84 41.38 -24.76 -41.16
N TYR U 85 40.51 -23.76 -41.23
CA TYR U 85 39.07 -23.90 -41.44
C TYR U 85 38.64 -23.23 -42.74
N TYR U 86 37.71 -23.89 -43.43
CA TYR U 86 37.29 -23.55 -44.79
C TYR U 86 35.77 -23.63 -44.95
N CYS U 87 35.25 -22.95 -45.98
CA CYS U 87 33.91 -23.15 -46.52
C CYS U 87 33.95 -23.24 -48.06
N GLN U 88 33.07 -24.03 -48.66
CA GLN U 88 33.07 -24.34 -50.09
C GLN U 88 31.69 -24.77 -50.64
N GLN U 89 31.44 -24.59 -51.95
CA GLN U 89 30.14 -24.88 -52.58
C GLN U 89 30.18 -25.16 -54.11
N TYR U 90 31.13 -25.98 -54.58
CA TYR U 90 31.13 -26.67 -55.90
C TYR U 90 31.22 -25.81 -57.18
N GLY U 91 31.30 -26.48 -58.34
CA GLY U 91 31.66 -25.88 -59.63
C GLY U 91 30.49 -25.66 -60.62
N SER U 92 30.69 -26.08 -61.88
CA SER U 92 29.86 -25.79 -63.07
C SER U 92 29.82 -24.33 -63.52
N SER U 93 29.45 -23.40 -62.63
CA SER U 93 29.55 -21.95 -62.85
C SER U 93 30.69 -21.35 -62.00
N PRO U 94 31.52 -20.41 -62.52
CA PRO U 94 32.81 -20.07 -61.92
C PRO U 94 32.73 -19.30 -60.58
N LEU U 95 33.00 -19.99 -59.45
CA LEU U 95 33.00 -19.41 -58.09
C LEU U 95 33.99 -20.02 -57.07
N THR U 96 34.46 -21.26 -57.23
CA THR U 96 35.62 -21.86 -56.50
C THR U 96 35.47 -22.05 -54.96
N PHE U 97 36.37 -21.50 -54.14
CA PHE U 97 36.72 -21.95 -52.78
C PHE U 97 37.05 -20.76 -51.87
N GLY U 98 36.83 -20.87 -50.56
CA GLY U 98 37.25 -19.84 -49.58
C GLY U 98 38.77 -19.75 -49.40
N PRO U 99 39.30 -18.64 -48.84
CA PRO U 99 40.74 -18.43 -48.66
C PRO U 99 41.32 -19.24 -47.49
N GLY U 100 40.49 -19.61 -46.51
CA GLY U 100 40.88 -20.36 -45.33
C GLY U 100 41.31 -19.47 -44.16
N THR U 101 40.91 -19.85 -42.94
CA THR U 101 41.26 -19.18 -41.69
C THR U 101 42.00 -20.15 -40.79
N LYS U 102 43.20 -19.81 -40.33
CA LYS U 102 43.92 -20.58 -39.31
C LYS U 102 43.37 -20.26 -37.91
N VAL U 103 43.15 -21.29 -37.11
CA VAL U 103 42.67 -21.20 -35.71
C VAL U 103 43.63 -21.96 -34.79
N ASP U 104 43.91 -21.40 -33.62
CA ASP U 104 44.86 -21.97 -32.64
C ASP U 104 44.49 -21.61 -31.19
N ILE U 105 45.13 -22.26 -30.22
CA ILE U 105 44.84 -22.17 -28.78
C ILE U 105 46.11 -21.76 -27.99
N LYS U 106 45.91 -21.00 -26.91
CA LYS U 106 46.95 -20.29 -26.14
C LYS U 106 48.23 -21.10 -25.85
N ARG U 107 49.38 -20.45 -26.04
CA ARG U 107 50.74 -20.97 -25.79
C ARG U 107 51.48 -20.06 -24.83
N THR U 108 52.37 -20.59 -23.99
CA THR U 108 53.31 -19.79 -23.18
C THR U 108 54.38 -19.16 -24.09
N VAL U 109 54.26 -17.87 -24.36
CA VAL U 109 55.15 -17.15 -25.31
C VAL U 109 56.59 -17.12 -24.80
N ALA U 110 57.55 -17.54 -25.63
CA ALA U 110 58.94 -17.77 -25.26
C ALA U 110 59.88 -17.68 -26.47
N ALA U 111 61.20 -17.67 -26.24
CA ALA U 111 62.22 -17.72 -27.28
C ALA U 111 62.14 -19.03 -28.11
N PRO U 112 62.57 -19.01 -29.39
CA PRO U 112 62.57 -20.19 -30.26
C PRO U 112 63.53 -21.29 -29.81
N SER U 113 63.30 -22.53 -30.28
CA SER U 113 64.33 -23.58 -30.30
C SER U 113 65.31 -23.31 -31.44
N VAL U 114 66.60 -23.55 -31.20
CA VAL U 114 67.71 -23.18 -32.11
C VAL U 114 68.74 -24.32 -32.17
N PHE U 115 68.49 -25.36 -32.95
CA PHE U 115 69.32 -26.58 -32.96
C PHE U 115 70.59 -26.45 -33.81
N ILE U 116 71.43 -25.48 -33.48
CA ILE U 116 72.68 -25.16 -34.19
C ILE U 116 73.73 -26.27 -33.99
N PHE U 117 74.22 -26.83 -35.11
CA PHE U 117 75.03 -28.05 -35.12
C PHE U 117 75.89 -28.17 -36.41
N PRO U 118 77.24 -28.09 -36.34
CA PRO U 118 78.10 -28.30 -37.51
C PRO U 118 78.15 -29.78 -37.97
N PRO U 119 78.62 -30.06 -39.21
CA PRO U 119 78.84 -31.41 -39.73
C PRO U 119 79.78 -32.30 -38.91
N SER U 120 79.87 -33.57 -39.32
CA SER U 120 80.70 -34.60 -38.69
C SER U 120 82.20 -34.30 -38.77
N ASP U 121 82.96 -34.90 -37.84
CA ASP U 121 84.36 -34.55 -37.56
C ASP U 121 85.35 -35.04 -38.65
N GLU U 122 85.22 -36.28 -39.10
CA GLU U 122 86.24 -36.93 -39.94
C GLU U 122 86.07 -36.71 -41.46
N GLN U 123 84.84 -36.77 -41.97
CA GLN U 123 84.58 -36.75 -43.42
C GLN U 123 84.48 -35.33 -44.00
N LEU U 124 85.57 -34.56 -43.91
CA LEU U 124 85.63 -33.16 -44.36
C LEU U 124 85.19 -32.98 -45.83
N LYS U 125 85.41 -34.00 -46.66
CA LYS U 125 84.97 -34.11 -48.07
C LYS U 125 83.47 -33.83 -48.28
N SER U 126 82.64 -34.04 -47.24
CA SER U 126 81.20 -33.74 -47.26
C SER U 126 80.86 -32.25 -47.28
N GLY U 127 81.80 -31.36 -46.93
CA GLY U 127 81.59 -29.92 -46.87
C GLY U 127 81.36 -29.40 -45.44
N THR U 128 82.41 -29.27 -44.64
CA THR U 128 82.33 -29.02 -43.19
C THR U 128 81.73 -27.65 -42.82
N ALA U 129 81.71 -26.68 -43.73
CA ALA U 129 80.95 -25.44 -43.50
C ALA U 129 79.42 -25.61 -43.54
N SER U 130 78.90 -26.79 -43.91
CA SER U 130 77.47 -27.09 -44.05
C SER U 130 76.71 -27.23 -42.71
N VAL U 131 76.77 -26.23 -41.83
CA VAL U 131 76.16 -26.33 -40.50
C VAL U 131 74.63 -26.34 -40.55
N VAL U 132 74.04 -27.10 -39.64
CA VAL U 132 72.59 -27.27 -39.43
C VAL U 132 72.08 -26.26 -38.41
N CYS U 133 70.85 -25.78 -38.59
CA CYS U 133 70.01 -25.27 -37.51
C CYS U 133 68.52 -25.44 -37.83
N LEU U 134 67.91 -26.52 -37.32
CA LEU U 134 66.46 -26.62 -37.20
C LEU U 134 65.95 -25.60 -36.16
N LEU U 135 64.90 -24.88 -36.53
CA LEU U 135 64.25 -23.87 -35.71
C LEU U 135 62.79 -24.24 -35.44
N ASN U 136 62.30 -23.88 -34.25
CA ASN U 136 60.91 -24.12 -33.82
C ASN U 136 60.43 -23.02 -32.88
N ASN U 137 59.12 -22.93 -32.64
CA ASN U 137 58.50 -22.17 -31.53
C ASN U 137 58.64 -20.64 -31.58
N PHE U 138 59.20 -20.06 -32.64
CA PHE U 138 59.09 -18.63 -32.94
C PHE U 138 57.61 -18.26 -33.16
N TYR U 139 57.16 -17.13 -32.60
CA TYR U 139 55.73 -16.90 -32.38
C TYR U 139 55.33 -15.42 -32.57
N PRO U 140 54.23 -15.12 -33.31
CA PRO U 140 53.49 -15.99 -34.24
C PRO U 140 54.22 -16.19 -35.59
N ARG U 141 53.54 -16.84 -36.55
CA ARG U 141 54.01 -17.15 -37.92
C ARG U 141 54.35 -15.91 -38.78
N GLU U 142 55.61 -15.47 -38.76
CA GLU U 142 56.29 -14.70 -39.82
C GLU U 142 57.81 -14.66 -39.53
N ALA U 143 58.59 -15.61 -40.06
CA ALA U 143 60.02 -15.77 -39.76
C ALA U 143 60.84 -16.41 -40.89
N LYS U 144 62.14 -16.09 -40.94
CA LYS U 144 63.18 -16.64 -41.85
C LYS U 144 64.50 -16.85 -41.09
N VAL U 145 65.48 -17.55 -41.68
CA VAL U 145 66.83 -17.73 -41.09
C VAL U 145 67.86 -16.79 -41.74
N GLN U 146 68.80 -16.30 -40.93
CA GLN U 146 69.99 -15.58 -41.39
C GLN U 146 71.21 -16.13 -40.62
N TRP U 147 72.42 -15.89 -41.13
CA TRP U 147 73.62 -16.53 -40.60
C TRP U 147 74.79 -15.56 -40.44
N LYS U 148 75.59 -15.77 -39.38
CA LYS U 148 76.98 -15.30 -39.34
C LYS U 148 77.88 -16.49 -39.63
N VAL U 149 78.73 -16.38 -40.65
CA VAL U 149 79.52 -17.48 -41.23
C VAL U 149 80.94 -16.98 -41.49
N ASP U 150 81.96 -17.69 -41.02
CA ASP U 150 83.37 -17.31 -41.19
C ASP U 150 83.66 -15.84 -40.79
N ASN U 151 83.06 -15.39 -39.67
CA ASN U 151 83.00 -14.00 -39.17
C ASN U 151 82.22 -12.97 -40.04
N ALA U 152 81.82 -13.31 -41.27
CA ALA U 152 80.99 -12.48 -42.15
C ALA U 152 79.47 -12.71 -41.95
N LEU U 153 78.63 -11.95 -42.67
CA LEU U 153 77.19 -12.19 -42.83
C LEU U 153 76.92 -13.12 -44.03
N GLN U 154 75.91 -14.00 -43.97
CA GLN U 154 75.57 -14.93 -45.05
C GLN U 154 74.07 -15.29 -45.11
N SER U 155 73.60 -15.70 -46.28
CA SER U 155 72.29 -16.34 -46.51
C SER U 155 72.26 -17.30 -47.73
N GLY U 156 73.25 -17.28 -48.62
CA GLY U 156 73.33 -18.15 -49.81
C GLY U 156 73.58 -19.63 -49.50
N ASN U 157 73.01 -20.53 -50.30
CA ASN U 157 72.97 -21.99 -50.07
C ASN U 157 72.37 -22.41 -48.71
N SER U 158 71.57 -21.56 -48.06
CA SER U 158 70.82 -21.95 -46.87
C SER U 158 69.60 -22.78 -47.27
N GLN U 159 69.71 -24.10 -47.18
CA GLN U 159 68.59 -25.02 -47.37
C GLN U 159 67.68 -24.94 -46.13
N GLU U 160 66.75 -23.98 -46.14
CA GLU U 160 65.85 -23.67 -45.02
C GLU U 160 64.96 -24.85 -44.60
N SER U 161 64.63 -25.74 -45.54
CA SER U 161 63.90 -26.99 -45.33
C SER U 161 62.68 -26.80 -44.42
N VAL U 162 61.80 -25.85 -44.78
CA VAL U 162 60.67 -25.39 -43.97
C VAL U 162 59.69 -26.52 -43.64
N THR U 163 59.19 -26.57 -42.41
CA THR U 163 58.52 -27.76 -41.85
C THR U 163 57.31 -27.43 -40.98
N GLU U 164 56.47 -28.43 -40.74
CA GLU U 164 55.18 -28.26 -40.07
C GLU U 164 55.31 -28.00 -38.55
N GLN U 165 54.17 -27.86 -37.87
CA GLN U 165 54.08 -27.61 -36.44
C GLN U 165 54.61 -28.79 -35.58
N ASP U 166 55.22 -28.48 -34.44
CA ASP U 166 55.67 -29.46 -33.44
C ASP U 166 54.50 -30.33 -32.93
N SER U 167 54.65 -31.67 -32.96
CA SER U 167 53.53 -32.62 -32.89
C SER U 167 52.72 -32.64 -31.58
N LYS U 168 53.24 -32.06 -30.49
CA LYS U 168 52.51 -31.86 -29.21
C LYS U 168 52.56 -30.41 -28.69
N ASP U 169 53.06 -29.47 -29.50
CA ASP U 169 53.40 -28.11 -29.07
C ASP U 169 52.91 -26.99 -30.02
N SER U 170 52.11 -27.34 -31.03
CA SER U 170 51.21 -26.42 -31.78
C SER U 170 51.85 -25.11 -32.26
N THR U 171 53.12 -25.17 -32.66
CA THR U 171 53.93 -24.03 -33.11
C THR U 171 54.93 -24.46 -34.20
N TYR U 172 55.27 -23.54 -35.10
CA TYR U 172 55.87 -23.74 -36.43
C TYR U 172 57.35 -24.17 -36.41
N SER U 173 57.91 -24.61 -37.55
CA SER U 173 59.33 -25.01 -37.66
C SER U 173 59.98 -24.78 -39.04
N LEU U 174 61.33 -24.82 -39.11
CA LEU U 174 62.08 -24.92 -40.35
C LEU U 174 63.48 -25.53 -40.15
N SER U 175 63.78 -26.61 -40.87
CA SER U 175 64.97 -27.46 -40.71
C SER U 175 66.22 -26.91 -41.41
N SER U 176 66.56 -25.64 -41.19
CA SER U 176 67.60 -24.94 -41.99
C SER U 176 68.99 -25.57 -41.90
N THR U 177 69.76 -25.50 -42.99
CA THR U 177 71.12 -26.04 -43.10
C THR U 177 71.86 -25.35 -44.24
N LEU U 178 73.02 -24.75 -44.00
CA LEU U 178 73.88 -24.25 -45.07
C LEU U 178 74.49 -25.42 -45.87
N THR U 179 74.66 -25.28 -47.19
CA THR U 179 75.39 -26.27 -48.04
C THR U 179 76.67 -25.66 -48.60
N LEU U 180 77.80 -25.88 -47.93
CA LEU U 180 79.08 -25.15 -48.11
C LEU U 180 80.30 -26.08 -47.99
N SER U 181 81.45 -25.63 -48.52
CA SER U 181 82.62 -26.44 -48.92
C SER U 181 83.49 -27.06 -47.79
N LYS U 182 84.52 -27.80 -48.23
CA LYS U 182 85.27 -28.86 -47.52
C LYS U 182 85.79 -28.52 -46.12
N ALA U 183 86.79 -27.64 -46.02
CA ALA U 183 87.48 -27.34 -44.77
C ALA U 183 86.78 -26.20 -44.02
N ASP U 184 87.12 -24.95 -44.35
CA ASP U 184 86.36 -23.71 -44.08
C ASP U 184 86.01 -23.45 -42.60
N TYR U 185 85.05 -24.14 -41.99
CA TYR U 185 84.90 -24.14 -40.53
C TYR U 185 86.12 -24.77 -39.82
N GLU U 186 86.89 -25.61 -40.52
CA GLU U 186 88.21 -26.10 -40.10
C GLU U 186 89.30 -25.01 -40.09
N LYS U 187 88.99 -23.80 -40.58
CA LYS U 187 89.90 -22.64 -40.59
C LYS U 187 89.34 -21.45 -39.80
N HIS U 188 88.05 -21.13 -39.99
CA HIS U 188 87.40 -19.93 -39.47
C HIS U 188 86.42 -20.26 -38.34
N LYS U 189 86.63 -19.70 -37.14
CA LYS U 189 85.90 -20.11 -35.93
C LYS U 189 84.57 -19.39 -35.69
N VAL U 190 84.47 -18.10 -36.01
CA VAL U 190 83.31 -17.26 -35.60
C VAL U 190 82.10 -17.54 -36.49
N TYR U 191 81.03 -18.08 -35.88
CA TYR U 191 79.84 -18.56 -36.58
C TYR U 191 78.60 -18.44 -35.65
N ALA U 192 77.41 -18.19 -36.21
CA ALA U 192 76.15 -18.15 -35.46
C ALA U 192 74.91 -18.37 -36.38
N CYS U 193 73.81 -18.82 -35.79
CA CYS U 193 72.49 -18.88 -36.43
C CYS U 193 71.58 -17.74 -35.92
N GLU U 194 70.82 -17.09 -36.80
CA GLU U 194 69.90 -16.00 -36.48
C GLU U 194 68.45 -16.34 -36.87
N VAL U 195 67.53 -16.31 -35.90
CA VAL U 195 66.09 -16.51 -36.11
C VAL U 195 65.43 -15.16 -36.43
N THR U 196 65.60 -14.67 -37.65
CA THR U 196 65.01 -13.41 -38.14
C THR U 196 63.47 -13.49 -38.26
N HIS U 197 62.80 -13.36 -37.12
CA HIS U 197 61.34 -13.20 -36.97
C HIS U 197 60.95 -11.74 -37.17
N GLN U 198 60.09 -11.44 -38.15
CA GLN U 198 59.70 -10.06 -38.48
C GLN U 198 58.92 -9.36 -37.36
N GLY U 199 58.15 -10.11 -36.56
CA GLY U 199 57.37 -9.58 -35.43
C GLY U 199 58.19 -8.99 -34.28
N LEU U 200 59.51 -9.19 -34.27
CA LEU U 200 60.46 -8.56 -33.35
C LEU U 200 61.38 -7.52 -34.03
N SER U 201 61.26 -7.35 -35.36
CA SER U 201 62.18 -6.60 -36.24
C SER U 201 63.69 -6.96 -36.09
N SER U 202 64.01 -8.05 -35.39
CA SER U 202 65.37 -8.45 -35.01
C SER U 202 65.42 -9.95 -34.64
N PRO U 203 66.57 -10.63 -34.76
CA PRO U 203 66.67 -12.05 -34.47
C PRO U 203 66.97 -12.40 -33.00
N VAL U 204 66.46 -13.54 -32.54
CA VAL U 204 67.08 -14.34 -31.47
C VAL U 204 68.22 -15.17 -32.08
N THR U 205 69.33 -15.37 -31.37
CA THR U 205 70.55 -15.97 -31.97
C THR U 205 71.36 -16.80 -30.98
N LYS U 206 72.07 -17.82 -31.49
CA LYS U 206 73.03 -18.66 -30.74
C LYS U 206 74.31 -18.84 -31.56
N SER U 207 75.45 -18.84 -30.87
CA SER U 207 76.80 -18.97 -31.43
C SER U 207 77.52 -20.17 -30.80
N PHE U 208 78.42 -20.82 -31.55
CA PHE U 208 78.88 -22.19 -31.30
C PHE U 208 80.35 -22.42 -31.67
N ASN U 209 80.89 -23.58 -31.30
CA ASN U 209 82.29 -23.96 -31.44
C ASN U 209 82.43 -25.41 -31.98
N ARG U 210 83.63 -25.78 -32.46
CA ARG U 210 83.91 -27.10 -33.06
C ARG U 210 84.03 -28.23 -32.02
N GLY U 211 84.49 -27.88 -30.82
CA GLY U 211 84.56 -28.76 -29.65
C GLY U 211 84.15 -28.01 -28.39
N GLU U 212 83.00 -28.37 -27.82
CA GLU U 212 82.36 -27.74 -26.64
C GLU U 212 81.28 -28.64 -26.02
N ASN V 1 14.89 -38.87 -45.52
CA ASN V 1 16.15 -39.60 -45.82
C ASN V 1 16.19 -40.03 -47.29
N PHE V 2 17.06 -39.42 -48.10
CA PHE V 2 17.20 -39.66 -49.55
C PHE V 2 17.39 -41.12 -49.98
N ASN V 3 17.92 -41.96 -49.08
CA ASN V 3 18.07 -43.40 -49.28
C ASN V 3 16.74 -44.16 -49.41
N VAL V 4 15.60 -43.54 -49.13
CA VAL V 4 14.27 -44.20 -49.20
C VAL V 4 13.93 -44.77 -50.58
N TYR V 5 14.53 -44.24 -51.64
CA TYR V 5 14.44 -44.81 -52.98
C TYR V 5 15.13 -46.17 -53.14
N LYS V 6 15.74 -46.72 -52.07
CA LYS V 6 16.04 -48.16 -51.93
C LYS V 6 14.75 -48.98 -51.83
N ALA V 7 13.83 -48.58 -50.94
CA ALA V 7 12.63 -49.35 -50.63
C ALA V 7 11.50 -49.16 -51.65
N ILE V 8 11.32 -47.94 -52.14
CA ILE V 8 10.23 -47.58 -53.06
C ILE V 8 10.66 -47.71 -54.51
N ARG V 9 9.73 -47.97 -55.44
CA ARG V 9 10.06 -48.18 -56.87
C ARG V 9 9.07 -47.51 -57.83
N PRO V 10 9.46 -47.31 -59.11
CA PRO V 10 8.61 -46.71 -60.14
C PRO V 10 7.51 -47.68 -60.59
N TYR V 11 6.62 -47.24 -61.48
CA TYR V 11 5.48 -48.04 -61.92
C TYR V 11 4.93 -47.56 -63.27
N LEU V 12 4.21 -48.44 -63.98
CA LEU V 12 3.39 -48.06 -65.13
C LEU V 12 2.04 -47.52 -64.62
N ALA V 13 1.54 -46.45 -65.22
CA ALA V 13 0.18 -45.96 -64.98
C ALA V 13 -0.43 -45.37 -66.25
N HIS V 14 -1.75 -45.17 -66.23
CA HIS V 14 -2.48 -44.67 -67.38
C HIS V 14 -2.08 -43.23 -67.75
N CYS V 15 -2.07 -42.92 -69.03
CA CYS V 15 -1.76 -41.61 -69.57
C CYS V 15 -2.79 -41.20 -70.62
N PRO V 16 -3.31 -39.96 -70.61
CA PRO V 16 -4.39 -39.57 -71.51
C PRO V 16 -3.93 -39.39 -72.95
N ASP V 17 -2.65 -39.09 -73.19
CA ASP V 17 -2.10 -38.89 -74.51
C ASP V 17 -0.61 -39.26 -74.55
N CYS V 18 -0.32 -40.43 -75.12
CA CYS V 18 1.02 -40.93 -75.36
C CYS V 18 1.51 -40.55 -76.76
N GLY V 19 1.62 -39.25 -77.03
CA GLY V 19 2.18 -38.69 -78.26
C GLY V 19 1.25 -38.68 -79.47
N GLU V 20 0.75 -39.84 -79.90
CA GLU V 20 -0.06 -39.97 -81.13
C GLU V 20 -1.54 -39.59 -80.97
N GLY V 21 -1.95 -38.94 -79.89
CA GLY V 21 -3.35 -38.59 -79.64
C GLY V 21 -4.19 -39.75 -79.11
N HIS V 22 -3.55 -40.76 -78.51
CA HIS V 22 -4.18 -41.94 -77.92
C HIS V 22 -3.79 -42.08 -76.45
N SER V 23 -4.72 -42.49 -75.63
CA SER V 23 -4.46 -42.83 -74.22
C SER V 23 -3.82 -44.20 -74.12
N CYS V 24 -2.76 -44.35 -73.31
CA CYS V 24 -2.03 -45.62 -73.15
C CYS V 24 -1.43 -45.76 -71.76
N HIS V 25 -1.05 -46.98 -71.38
CA HIS V 25 -0.23 -47.22 -70.19
C HIS V 25 1.19 -46.73 -70.45
N SER V 26 1.78 -46.00 -69.51
CA SER V 26 3.07 -45.35 -69.70
C SER V 26 3.90 -45.34 -68.43
N PRO V 27 5.23 -45.49 -68.51
CA PRO V 27 6.10 -45.30 -67.36
C PRO V 27 6.25 -43.82 -67.02
N VAL V 28 6.01 -42.93 -67.98
CA VAL V 28 6.14 -41.47 -67.81
C VAL V 28 4.86 -40.84 -67.30
N ALA V 29 3.93 -41.63 -66.78
CA ALA V 29 2.64 -41.12 -66.31
C ALA V 29 2.84 -39.96 -65.35
N LEU V 30 2.05 -38.91 -65.56
CA LEU V 30 2.23 -37.61 -64.96
C LEU V 30 1.16 -37.42 -63.88
N GLU V 31 1.58 -37.27 -62.63
CA GLU V 31 0.68 -37.43 -61.48
C GLU V 31 0.10 -36.11 -61.01
N ARG V 32 0.91 -35.06 -60.98
CA ARG V 32 0.52 -33.72 -60.53
C ARG V 32 1.53 -32.70 -61.03
N ILE V 33 1.05 -31.62 -61.63
CA ILE V 33 1.85 -30.44 -61.93
C ILE V 33 1.44 -29.38 -60.93
N ARG V 34 2.38 -28.77 -60.23
CA ARG V 34 2.08 -27.75 -59.22
C ARG V 34 2.97 -26.54 -59.38
N ASN V 35 2.35 -25.37 -59.29
CA ASN V 35 2.87 -24.10 -59.77
C ASN V 35 2.60 -22.99 -58.76
N GLU V 36 2.88 -23.26 -57.49
CA GLU V 36 2.65 -22.30 -56.41
C GLU V 36 3.72 -21.19 -56.42
N ALA V 37 4.92 -21.48 -56.91
CA ALA V 37 6.04 -20.55 -57.01
C ALA V 37 5.72 -19.36 -57.91
N THR V 38 5.79 -18.15 -57.38
CA THR V 38 5.43 -16.93 -58.14
C THR V 38 6.45 -16.52 -59.17
N ASP V 39 7.68 -17.05 -59.16
CA ASP V 39 8.61 -16.83 -60.27
C ASP V 39 8.26 -17.64 -61.53
N GLY V 40 7.24 -18.49 -61.46
CA GLY V 40 6.77 -19.31 -62.59
C GLY V 40 7.50 -20.63 -62.77
N THR V 41 8.34 -21.06 -61.83
CA THR V 41 8.91 -22.41 -61.83
C THR V 41 7.83 -23.44 -61.57
N LEU V 42 7.90 -24.59 -62.23
CA LEU V 42 6.96 -25.70 -62.08
C LEU V 42 7.60 -26.85 -61.33
N LYS V 43 6.91 -27.44 -60.35
CA LYS V 43 7.30 -28.72 -59.75
C LYS V 43 6.36 -29.80 -60.27
N ILE V 44 6.93 -30.84 -60.84
CA ILE V 44 6.23 -31.80 -61.68
C ILE V 44 6.48 -33.18 -61.10
N GLN V 45 5.43 -33.95 -60.84
CA GLN V 45 5.54 -35.26 -60.20
C GLN V 45 5.21 -36.37 -61.19
N VAL V 46 6.11 -37.31 -61.42
CA VAL V 46 6.05 -38.27 -62.54
C VAL V 46 6.39 -39.70 -62.10
N SER V 47 5.80 -40.72 -62.71
CA SER V 47 5.98 -42.12 -62.29
C SER V 47 7.31 -42.77 -62.66
N LEU V 48 8.20 -42.08 -63.37
CA LEU V 48 9.62 -42.43 -63.44
C LEU V 48 10.25 -42.30 -62.06
N GLN V 49 11.46 -42.81 -61.89
CA GLN V 49 12.37 -42.34 -60.84
C GLN V 49 13.72 -41.98 -61.46
N ILE V 50 14.21 -40.78 -61.16
CA ILE V 50 15.35 -40.15 -61.83
C ILE V 50 16.46 -39.85 -60.80
N GLY V 51 17.72 -39.89 -61.22
CA GLY V 51 18.87 -39.75 -60.32
C GLY V 51 19.14 -41.00 -59.48
N ILE V 52 18.64 -42.16 -59.92
CA ILE V 52 18.83 -43.46 -59.31
C ILE V 52 18.79 -44.56 -60.38
N LYS V 53 19.57 -45.62 -60.18
CA LYS V 53 19.76 -46.75 -61.09
C LYS V 53 18.93 -47.97 -60.64
N THR V 54 18.80 -48.99 -61.46
CA THR V 54 18.07 -50.23 -61.10
C THR V 54 18.64 -50.93 -59.87
N ASP V 55 19.97 -50.90 -59.69
CA ASP V 55 20.69 -51.47 -58.53
C ASP V 55 20.60 -50.60 -57.25
N ASP V 56 19.70 -49.63 -57.22
CA ASP V 56 19.50 -48.64 -56.17
C ASP V 56 20.70 -47.69 -55.91
N SER V 57 21.76 -47.70 -56.72
CA SER V 57 22.79 -46.64 -56.64
C SER V 57 22.23 -45.30 -57.11
N HIS V 58 22.63 -44.21 -56.47
CA HIS V 58 22.23 -42.84 -56.81
C HIS V 58 22.96 -42.29 -58.05
N ASP V 59 22.97 -43.04 -59.15
CA ASP V 59 23.62 -42.62 -60.39
C ASP V 59 22.90 -41.41 -61.02
N TRP V 60 23.51 -40.24 -60.84
CA TRP V 60 23.09 -38.95 -61.39
C TRP V 60 22.94 -38.94 -62.92
N THR V 61 23.54 -39.87 -63.65
CA THR V 61 23.33 -40.02 -65.09
C THR V 61 22.08 -40.82 -65.47
N LYS V 62 21.37 -41.44 -64.52
CA LYS V 62 20.36 -42.48 -64.82
C LYS V 62 18.97 -42.17 -64.28
N LEU V 63 17.99 -42.80 -64.92
CA LEU V 63 16.64 -43.00 -64.42
C LEU V 63 16.21 -44.44 -64.70
N ARG V 64 15.16 -44.94 -64.04
CA ARG V 64 14.93 -46.39 -64.01
C ARG V 64 13.55 -46.93 -64.44
N TYR V 65 12.76 -46.12 -65.14
CA TYR V 65 11.41 -46.39 -65.69
C TYR V 65 10.66 -47.62 -65.16
N MET V 66 10.11 -48.50 -65.98
CA MET V 66 9.39 -49.71 -65.54
C MET V 66 9.11 -50.59 -66.76
N ASP V 67 9.98 -51.55 -67.04
CA ASP V 67 9.77 -52.51 -68.13
C ASP V 67 8.88 -53.66 -67.63
N ASN V 68 7.60 -53.63 -68.00
CA ASN V 68 6.61 -54.63 -67.62
C ASN V 68 6.55 -54.84 -66.09
N HIS V 69 7.17 -55.89 -65.55
CA HIS V 69 7.17 -56.21 -64.11
C HIS V 69 8.30 -55.59 -63.28
N MET V 70 9.31 -54.97 -63.89
CA MET V 70 10.53 -54.57 -63.16
C MET V 70 11.16 -53.27 -63.66
N PRO V 71 11.82 -52.48 -62.77
CA PRO V 71 12.65 -51.36 -63.16
C PRO V 71 13.71 -51.73 -64.22
N ALA V 72 14.11 -50.76 -65.06
CA ALA V 72 15.16 -50.92 -66.05
C ALA V 72 15.85 -49.57 -66.34
N ASP V 73 17.14 -49.55 -66.69
CA ASP V 73 17.89 -48.29 -66.79
C ASP V 73 17.66 -47.51 -68.10
N ALA V 74 17.67 -46.18 -67.96
CA ALA V 74 17.62 -45.19 -69.03
C ALA V 74 18.43 -43.94 -68.62
N GLU V 75 18.73 -43.05 -69.57
CA GLU V 75 19.71 -41.98 -69.40
C GLU V 75 19.07 -40.60 -69.10
N ARG V 76 19.45 -39.96 -67.99
CA ARG V 76 18.98 -38.63 -67.55
C ARG V 76 19.27 -37.55 -68.59
N ALA V 77 20.35 -37.64 -69.35
CA ALA V 77 20.65 -36.70 -70.43
C ALA V 77 19.64 -36.74 -71.61
N ARG V 78 18.69 -37.68 -71.64
CA ARG V 78 17.61 -37.75 -72.62
C ARG V 78 16.20 -37.57 -72.04
N LEU V 79 16.08 -37.25 -70.74
CA LEU V 79 14.83 -36.77 -70.15
C LEU V 79 14.51 -35.39 -70.72
N PHE V 80 13.27 -35.11 -71.08
CA PHE V 80 12.83 -33.80 -71.54
C PHE V 80 11.47 -33.43 -70.98
N VAL V 81 11.20 -32.15 -70.88
CA VAL V 81 9.86 -31.62 -70.57
C VAL V 81 9.62 -30.38 -71.42
N ARG V 82 8.43 -30.24 -72.00
CA ARG V 82 8.09 -29.13 -72.91
C ARG V 82 6.62 -28.76 -72.85
N THR V 83 6.31 -27.56 -73.28
CA THR V 83 4.96 -26.99 -73.14
C THR V 83 4.58 -26.08 -74.30
N SER V 84 5.55 -25.49 -74.98
CA SER V 84 5.42 -25.08 -76.37
C SER V 84 6.77 -25.29 -77.05
N ALA V 85 7.76 -24.46 -76.71
CA ALA V 85 9.16 -24.83 -76.85
C ALA V 85 9.62 -25.71 -75.66
N PRO V 86 10.81 -26.33 -75.72
CA PRO V 86 11.42 -27.03 -74.61
C PRO V 86 11.60 -26.19 -73.34
N CYS V 87 11.46 -26.81 -72.17
CA CYS V 87 11.82 -26.19 -70.90
C CYS V 87 13.30 -26.46 -70.58
N THR V 88 13.85 -25.69 -69.65
CA THR V 88 15.11 -26.05 -68.99
C THR V 88 14.79 -26.69 -67.66
N ILE V 89 15.23 -27.92 -67.44
CA ILE V 89 15.09 -28.61 -66.17
C ILE V 89 16.11 -28.05 -65.16
N THR V 90 15.68 -27.72 -63.94
CA THR V 90 16.52 -27.01 -62.96
C THR V 90 16.70 -27.76 -61.64
N GLY V 91 16.22 -28.99 -61.56
CA GLY V 91 16.36 -29.88 -60.41
C GLY V 91 15.60 -31.17 -60.67
N THR V 92 16.12 -32.33 -60.29
CA THR V 92 15.50 -33.63 -60.60
C THR V 92 15.89 -34.69 -59.59
N MET V 93 14.94 -35.25 -58.85
CA MET V 93 15.23 -36.24 -57.82
C MET V 93 14.06 -37.19 -57.59
N GLY V 94 14.23 -38.46 -57.90
CA GLY V 94 13.18 -39.45 -57.68
C GLY V 94 11.98 -39.18 -58.57
N HIS V 95 10.81 -38.98 -57.97
CA HIS V 95 9.57 -38.66 -58.69
C HIS V 95 9.43 -37.19 -59.12
N PHE V 96 10.30 -36.27 -58.71
CA PHE V 96 10.08 -34.84 -58.86
C PHE V 96 11.04 -34.16 -59.83
N ILE V 97 10.50 -33.40 -60.77
CA ILE V 97 11.22 -32.54 -61.72
C ILE V 97 10.91 -31.08 -61.40
N LEU V 98 11.90 -30.18 -61.42
CA LEU V 98 11.66 -28.74 -61.59
C LEU V 98 11.90 -28.35 -63.03
N ALA V 99 11.00 -27.54 -63.59
CA ALA V 99 11.16 -26.96 -64.91
C ALA V 99 10.95 -25.45 -64.85
N ARG V 100 11.72 -24.71 -65.66
CA ARG V 100 11.42 -23.33 -66.07
C ARG V 100 11.04 -23.34 -67.53
N CYS V 101 9.85 -22.84 -67.85
CA CYS V 101 9.18 -23.20 -69.09
C CYS V 101 8.34 -22.06 -69.70
N PRO V 102 8.21 -22.01 -71.04
CA PRO V 102 7.47 -20.94 -71.72
C PRO V 102 5.96 -21.12 -71.57
N LYS V 103 5.17 -20.07 -71.81
CA LYS V 103 3.71 -20.12 -71.80
C LYS V 103 3.16 -21.20 -72.74
N GLY V 104 2.07 -21.87 -72.37
CA GLY V 104 1.49 -22.94 -73.18
C GLY V 104 0.22 -23.55 -72.60
N GLU V 105 -0.63 -24.14 -73.45
CA GLU V 105 -1.91 -24.74 -73.05
C GLU V 105 -1.77 -26.19 -72.56
N THR V 106 -0.61 -26.81 -72.79
CA THR V 106 -0.36 -28.24 -72.56
C THR V 106 1.02 -28.46 -71.98
N LEU V 107 1.27 -29.57 -71.29
CA LEU V 107 2.59 -29.94 -70.78
C LEU V 107 2.90 -31.40 -71.10
N THR V 108 4.09 -31.68 -71.61
CA THR V 108 4.52 -33.05 -71.92
C THR V 108 5.89 -33.35 -71.36
N VAL V 109 6.08 -34.57 -70.86
CA VAL V 109 7.32 -35.07 -70.27
C VAL V 109 7.67 -36.39 -70.93
N GLY V 110 8.94 -36.65 -71.20
CA GLY V 110 9.33 -37.83 -71.96
C GLY V 110 10.80 -38.19 -71.82
N PHE V 111 11.15 -39.39 -72.28
CA PHE V 111 12.50 -39.94 -72.16
C PHE V 111 12.76 -41.00 -73.24
N THR V 112 13.91 -41.68 -73.18
CA THR V 112 14.23 -42.82 -74.05
C THR V 112 14.39 -44.12 -73.26
N ASP V 113 13.62 -45.13 -73.64
CA ASP V 113 13.63 -46.52 -73.15
C ASP V 113 14.98 -47.19 -73.38
N GLY V 114 15.38 -48.16 -72.56
CA GLY V 114 16.56 -48.99 -72.84
C GLY V 114 16.51 -49.69 -74.22
N ARG V 115 15.31 -49.96 -74.77
CA ARG V 115 15.10 -50.47 -76.14
C ARG V 115 15.29 -49.40 -77.25
N LYS V 116 15.63 -48.16 -76.88
CA LYS V 116 15.72 -46.94 -77.71
C LYS V 116 14.42 -46.47 -78.40
N ILE V 117 13.27 -46.98 -77.99
CA ILE V 117 11.98 -46.31 -78.17
C ILE V 117 11.94 -45.04 -77.30
N SER V 118 11.28 -43.97 -77.74
CA SER V 118 11.04 -42.81 -76.89
C SER V 118 9.57 -42.71 -76.46
N HIS V 119 9.35 -42.55 -75.15
CA HIS V 119 8.04 -42.47 -74.53
C HIS V 119 7.80 -41.08 -73.98
N SER V 120 6.55 -40.62 -74.01
CA SER V 120 6.13 -39.36 -73.41
C SER V 120 4.71 -39.45 -72.87
N CYS V 121 4.34 -38.52 -72.00
CA CYS V 121 2.99 -38.30 -71.51
C CYS V 121 2.63 -36.83 -71.63
N THR V 122 1.49 -36.50 -72.21
CA THR V 122 1.04 -35.11 -72.40
C THR V 122 -0.26 -34.81 -71.67
N HIS V 123 -0.29 -33.82 -70.79
CA HIS V 123 -1.48 -33.39 -70.07
C HIS V 123 -1.87 -31.96 -70.47
N PRO V 124 -3.16 -31.64 -70.58
CA PRO V 124 -3.59 -30.26 -70.64
C PRO V 124 -3.22 -29.56 -69.34
N PHE V 125 -2.53 -28.43 -69.45
CA PHE V 125 -2.07 -27.66 -68.31
C PHE V 125 -1.85 -26.21 -68.75
N HIS V 126 -2.77 -25.32 -68.39
CA HIS V 126 -2.68 -23.92 -68.77
C HIS V 126 -1.59 -23.24 -67.95
N HIS V 127 -0.40 -23.11 -68.52
CA HIS V 127 0.72 -22.43 -67.90
C HIS V 127 0.82 -21.02 -68.45
N ASP V 128 0.63 -20.05 -67.58
CA ASP V 128 0.87 -18.64 -67.83
C ASP V 128 1.16 -17.99 -66.47
N PRO V 129 2.43 -17.87 -66.07
CA PRO V 129 2.78 -17.45 -64.72
C PRO V 129 2.38 -15.99 -64.49
N PRO V 130 2.06 -15.61 -63.24
CA PRO V 130 1.64 -14.25 -62.95
C PRO V 130 2.81 -13.29 -63.13
N VAL V 131 2.51 -12.06 -63.50
CA VAL V 131 3.48 -10.98 -63.63
C VAL V 131 3.93 -10.50 -62.24
N ILE V 132 5.22 -10.26 -62.06
CA ILE V 132 5.76 -9.62 -60.86
C ILE V 132 5.91 -8.12 -61.12
N GLY V 133 5.30 -7.29 -60.30
CA GLY V 133 5.29 -5.86 -60.52
C GLY V 133 4.37 -5.43 -61.67
N ARG V 134 4.80 -4.43 -62.43
CA ARG V 134 3.94 -3.60 -63.29
C ARG V 134 4.32 -3.62 -64.76
N GLU V 135 5.15 -4.56 -65.19
CA GLU V 135 5.58 -4.73 -66.58
C GLU V 135 5.56 -6.20 -66.95
N LYS V 136 4.97 -6.58 -68.07
CA LYS V 136 4.86 -7.98 -68.51
C LYS V 136 6.13 -8.44 -69.23
N PHE V 137 7.27 -8.26 -68.59
CA PHE V 137 8.58 -8.59 -69.13
C PHE V 137 8.75 -10.09 -69.34
N HIS V 138 9.56 -10.49 -70.33
CA HIS V 138 9.64 -11.89 -70.77
C HIS V 138 10.82 -12.67 -70.20
N SER V 139 11.94 -12.00 -69.95
CA SER V 139 13.17 -12.61 -69.44
C SER V 139 13.92 -11.60 -68.59
N ARG V 140 14.67 -12.04 -67.56
CA ARG V 140 15.25 -11.09 -66.61
C ARG V 140 16.25 -10.14 -67.27
N PRO V 141 16.20 -8.84 -66.97
CA PRO V 141 17.09 -7.87 -67.56
C PRO V 141 18.42 -7.86 -66.80
N GLN V 142 19.49 -7.45 -67.46
CA GLN V 142 20.79 -7.25 -66.80
C GLN V 142 20.88 -5.89 -66.09
N HIS V 143 19.75 -5.17 -65.92
CA HIS V 143 19.59 -3.95 -65.12
C HIS V 143 18.11 -3.72 -64.80
N GLY V 144 17.76 -3.43 -63.55
CA GLY V 144 16.37 -3.26 -63.10
C GLY V 144 16.26 -3.28 -61.57
N ARG V 145 15.04 -3.21 -61.02
CA ARG V 145 14.83 -3.32 -59.56
C ARG V 145 14.65 -4.78 -59.12
N GLU V 146 14.69 -5.02 -57.82
CA GLU V 146 14.39 -6.30 -57.19
C GLU V 146 13.02 -6.23 -56.49
N LEU V 147 12.17 -7.24 -56.67
CA LEU V 147 10.88 -7.37 -55.98
C LEU V 147 10.75 -8.75 -55.32
N PRO V 148 9.95 -8.88 -54.24
CA PRO V 148 9.76 -10.15 -53.57
C PRO V 148 8.91 -11.11 -54.40
N CYS V 149 9.38 -12.34 -54.56
CA CYS V 149 8.64 -13.44 -55.18
C CYS V 149 8.97 -14.75 -54.43
N SER V 150 8.74 -15.90 -55.03
CA SER V 150 9.01 -17.21 -54.46
C SER V 150 9.39 -18.23 -55.52
N THR V 151 10.20 -19.20 -55.13
CA THR V 151 10.81 -20.18 -56.03
C THR V 151 10.86 -21.53 -55.35
N TYR V 152 10.78 -22.62 -56.09
CA TYR V 152 11.13 -23.94 -55.57
C TYR V 152 12.66 -24.02 -55.45
N ALA V 153 13.17 -23.92 -54.22
CA ALA V 153 14.59 -23.85 -53.94
C ALA V 153 15.31 -25.10 -54.45
N GLN V 154 16.41 -24.95 -55.19
CA GLN V 154 17.01 -26.07 -55.93
C GLN V 154 17.66 -27.14 -55.05
N SER V 155 17.85 -26.87 -53.75
CA SER V 155 18.33 -27.87 -52.79
C SER V 155 17.31 -28.99 -52.64
N THR V 156 17.70 -30.24 -52.90
CA THR V 156 16.82 -31.40 -52.70
C THR V 156 16.44 -31.62 -51.23
N ALA V 157 17.18 -31.02 -50.29
CA ALA V 157 17.09 -31.13 -48.83
C ALA V 157 15.70 -31.56 -48.32
N ALA V 158 15.51 -32.88 -48.19
CA ALA V 158 14.20 -33.49 -48.09
C ALA V 158 13.63 -33.27 -46.68
N THR V 159 12.79 -32.24 -46.55
CA THR V 159 12.32 -31.66 -45.30
C THR V 159 10.94 -31.02 -45.52
N ALA V 160 10.13 -30.94 -44.46
CA ALA V 160 8.83 -30.25 -44.37
C ALA V 160 7.68 -30.72 -45.29
N GLU V 161 7.95 -31.01 -46.56
CA GLU V 161 6.95 -31.49 -47.54
C GLU V 161 7.10 -33.00 -47.72
N GLU V 162 6.01 -33.76 -47.60
CA GLU V 162 6.09 -35.24 -47.65
C GLU V 162 4.84 -35.91 -48.23
N ILE V 163 5.05 -37.07 -48.84
CA ILE V 163 4.06 -37.85 -49.57
C ILE V 163 3.96 -39.27 -49.02
N GLU V 164 2.77 -39.87 -49.06
CA GLU V 164 2.56 -41.26 -48.62
C GLU V 164 3.31 -42.26 -49.52
N VAL V 165 3.53 -43.47 -49.03
CA VAL V 165 3.71 -44.66 -49.89
C VAL V 165 2.88 -45.81 -49.35
N HIS V 166 2.56 -46.77 -50.20
CA HIS V 166 1.75 -47.95 -49.93
C HIS V 166 2.42 -49.17 -50.58
N MET V 167 1.95 -50.37 -50.27
CA MET V 167 2.26 -51.52 -51.12
C MET V 167 1.49 -51.43 -52.45
N PRO V 168 2.07 -51.80 -53.60
CA PRO V 168 1.34 -51.96 -54.84
C PRO V 168 0.09 -52.84 -54.72
N PRO V 169 -0.88 -52.73 -55.63
CA PRO V 169 -1.91 -53.75 -55.82
C PRO V 169 -1.30 -55.01 -56.43
N ASP V 170 -2.12 -56.05 -56.64
CA ASP V 170 -1.74 -57.12 -57.57
C ASP V 170 -1.48 -56.56 -58.99
N THR V 171 -0.63 -57.21 -59.78
CA THR V 171 -0.33 -56.84 -61.15
C THR V 171 -0.88 -57.90 -62.11
N PRO V 172 -2.11 -57.77 -62.63
CA PRO V 172 -2.67 -58.69 -63.61
C PRO V 172 -1.77 -58.86 -64.83
N ASP V 173 -1.67 -60.08 -65.34
CA ASP V 173 -0.89 -60.35 -66.55
C ASP V 173 -1.44 -61.58 -67.27
N ARG V 174 -2.07 -61.38 -68.42
CA ARG V 174 -2.67 -62.46 -69.22
C ARG V 174 -1.67 -63.48 -69.75
N THR V 175 -0.36 -63.21 -69.74
CA THR V 175 0.66 -64.21 -70.12
C THR V 175 0.92 -65.28 -69.04
N LEU V 176 0.47 -65.07 -67.80
CA LEU V 176 0.70 -66.01 -66.70
C LEU V 176 -0.03 -67.35 -66.88
N MET V 177 -0.98 -67.48 -67.81
CA MET V 177 -1.77 -68.70 -68.03
C MET V 177 -1.75 -69.11 -69.50
N SER V 178 -1.87 -70.41 -69.80
CA SER V 178 -2.01 -70.90 -71.17
C SER V 178 -2.88 -72.15 -71.28
N GLN V 179 -3.57 -72.30 -72.42
CA GLN V 179 -4.32 -73.48 -72.82
C GLN V 179 -3.36 -74.59 -73.28
N GLN V 180 -3.47 -75.80 -72.72
CA GLN V 180 -2.61 -76.94 -73.09
C GLN V 180 -3.32 -78.29 -72.88
N SER V 181 -3.58 -79.03 -73.96
CA SER V 181 -4.24 -80.36 -73.94
C SER V 181 -5.61 -80.38 -73.25
N GLY V 182 -6.31 -79.24 -73.23
CA GLY V 182 -7.60 -79.06 -72.55
C GLY V 182 -7.48 -78.67 -71.06
N ASN V 183 -6.27 -78.50 -70.53
CA ASN V 183 -6.02 -77.93 -69.20
C ASN V 183 -5.60 -76.44 -69.28
N VAL V 184 -5.69 -75.74 -68.15
CA VAL V 184 -4.88 -74.56 -67.85
C VAL V 184 -3.50 -75.00 -67.35
N LYS V 185 -2.43 -74.37 -67.83
CA LYS V 185 -1.19 -74.23 -67.04
C LYS V 185 -1.02 -72.79 -66.60
N ILE V 186 -0.57 -72.58 -65.38
CA ILE V 186 -0.11 -71.29 -64.86
C ILE V 186 1.42 -71.34 -64.85
N THR V 187 2.07 -70.34 -65.46
CA THR V 187 3.53 -70.19 -65.46
C THR V 187 3.92 -69.06 -64.51
N VAL V 188 4.93 -69.30 -63.67
CA VAL V 188 5.26 -68.44 -62.54
C VAL V 188 6.76 -68.16 -62.51
N ASN V 189 7.18 -67.12 -63.21
CA ASN V 189 8.57 -66.77 -63.46
C ASN V 189 9.25 -66.10 -62.24
N SER V 190 9.50 -66.86 -61.18
CA SER V 190 10.25 -66.44 -59.97
C SER V 190 9.61 -65.35 -59.10
N GLN V 191 8.29 -65.15 -59.19
CA GLN V 191 7.53 -64.20 -58.37
C GLN V 191 6.26 -64.84 -57.80
N THR V 192 5.83 -64.47 -56.59
CA THR V 192 4.59 -65.02 -56.00
C THR V 192 3.35 -64.52 -56.73
N VAL V 193 2.48 -65.43 -57.13
CA VAL V 193 1.28 -65.19 -57.97
C VAL V 193 0.02 -65.57 -57.19
N ARG V 194 -1.07 -64.86 -57.44
CA ARG V 194 -2.42 -65.20 -56.97
C ARG V 194 -3.29 -65.54 -58.16
N TYR V 195 -4.19 -66.49 -58.02
CA TYR V 195 -5.00 -66.98 -59.13
C TYR V 195 -6.38 -67.45 -58.70
N LYS V 196 -7.32 -67.40 -59.64
CA LYS V 196 -8.72 -67.78 -59.46
C LYS V 196 -9.26 -68.38 -60.75
N CYS V 197 -10.23 -69.29 -60.65
CA CYS V 197 -10.86 -69.92 -61.81
C CYS V 197 -12.37 -70.12 -61.58
N ASN V 198 -13.16 -70.18 -62.65
CA ASN V 198 -14.58 -70.57 -62.58
C ASN V 198 -14.80 -72.09 -62.77
N CYS V 199 -13.72 -72.87 -62.87
CA CYS V 199 -13.72 -74.28 -63.29
C CYS V 199 -14.38 -75.23 -62.26
N GLY V 200 -14.55 -76.49 -62.66
CA GLY V 200 -15.07 -77.59 -61.84
C GLY V 200 -14.13 -78.07 -60.72
N ASP V 201 -13.31 -77.20 -60.15
CA ASP V 201 -12.43 -77.46 -59.01
C ASP V 201 -12.31 -76.19 -58.14
N SER V 202 -12.25 -76.30 -56.82
CA SER V 202 -12.07 -75.17 -55.90
C SER V 202 -10.59 -74.72 -55.79
N ASN V 203 -9.91 -74.64 -56.93
CA ASN V 203 -8.45 -74.60 -56.98
C ASN V 203 -7.85 -73.24 -56.57
N GLU V 204 -8.64 -72.17 -56.58
CA GLU V 204 -8.19 -70.78 -56.38
C GLU V 204 -7.32 -70.56 -55.13
N GLY V 205 -6.31 -69.70 -55.22
CA GLY V 205 -5.39 -69.45 -54.12
C GLY V 205 -4.14 -68.66 -54.53
N LEU V 206 -3.01 -69.01 -53.93
CA LEU V 206 -1.71 -68.37 -54.10
C LEU V 206 -0.64 -69.43 -54.39
N THR V 207 0.36 -69.11 -55.21
CA THR V 207 1.46 -70.03 -55.55
C THR V 207 2.77 -69.29 -55.81
N THR V 208 3.90 -69.95 -55.60
CA THR V 208 5.24 -69.50 -56.07
C THR V 208 5.85 -70.47 -57.09
N THR V 209 5.24 -71.64 -57.34
CA THR V 209 5.57 -72.52 -58.46
C THR V 209 4.58 -72.34 -59.61
N ASP V 210 4.97 -72.78 -60.80
CA ASP V 210 4.02 -73.11 -61.87
C ASP V 210 3.05 -74.22 -61.44
N LYS V 211 1.90 -74.32 -62.12
CA LYS V 211 0.77 -75.17 -61.71
C LYS V 211 -0.10 -75.60 -62.90
N VAL V 212 -0.82 -76.71 -62.76
CA VAL V 212 -1.81 -77.20 -63.73
C VAL V 212 -3.19 -77.25 -63.08
N ILE V 213 -4.19 -76.64 -63.71
CA ILE V 213 -5.59 -76.69 -63.27
C ILE V 213 -6.42 -77.38 -64.35
N ASN V 214 -7.13 -78.43 -63.95
CA ASN V 214 -7.63 -79.43 -64.89
C ASN V 214 -8.87 -78.97 -65.67
N ASN V 215 -9.00 -79.48 -66.90
CA ASN V 215 -10.17 -79.45 -67.80
C ASN V 215 -10.62 -78.09 -68.37
N CYS V 216 -10.28 -76.95 -67.76
CA CYS V 216 -10.79 -75.64 -68.19
C CYS V 216 -9.92 -74.96 -69.27
N LYS V 217 -10.54 -74.12 -70.11
CA LYS V 217 -9.84 -73.26 -71.08
C LYS V 217 -9.24 -72.02 -70.40
N VAL V 218 -8.29 -71.34 -71.03
CA VAL V 218 -7.49 -70.27 -70.39
C VAL V 218 -8.30 -69.08 -69.88
N ASP V 219 -9.38 -68.69 -70.56
CA ASP V 219 -10.25 -67.59 -70.12
C ASP V 219 -11.09 -67.92 -68.89
N GLN V 220 -11.20 -69.21 -68.52
CA GLN V 220 -11.81 -69.64 -67.25
C GLN V 220 -10.91 -69.39 -66.03
N CYS V 221 -9.69 -68.91 -66.24
CA CYS V 221 -8.69 -68.61 -65.22
C CYS V 221 -8.26 -67.13 -65.28
N HIS V 222 -7.96 -66.54 -64.12
CA HIS V 222 -7.40 -65.20 -63.96
C HIS V 222 -6.24 -65.24 -62.96
N ALA V 223 -5.14 -64.58 -63.25
CA ALA V 223 -3.95 -64.59 -62.39
C ALA V 223 -3.16 -63.28 -62.46
N ALA V 224 -2.44 -62.99 -61.38
CA ALA V 224 -1.67 -61.77 -61.21
C ALA V 224 -0.44 -62.01 -60.32
N VAL V 225 0.66 -61.31 -60.56
CA VAL V 225 1.73 -61.21 -59.55
C VAL V 225 1.15 -60.47 -58.35
N THR V 226 1.35 -60.97 -57.14
CA THR V 226 0.62 -60.48 -55.95
C THR V 226 1.51 -59.95 -54.85
N ASN V 227 2.65 -60.59 -54.58
CA ASN V 227 3.57 -60.05 -53.59
C ASN V 227 4.47 -59.00 -54.23
N HIS V 228 4.74 -57.91 -53.52
CA HIS V 228 5.64 -56.86 -53.98
C HIS V 228 6.49 -56.36 -52.81
N LYS V 229 7.76 -56.79 -52.75
CA LYS V 229 8.73 -56.38 -51.72
C LYS V 229 9.27 -54.95 -51.87
N LYS V 230 8.89 -54.25 -52.94
CA LYS V 230 9.23 -52.85 -53.22
C LYS V 230 7.98 -51.98 -53.08
N TRP V 231 8.05 -50.94 -52.25
CA TRP V 231 6.96 -49.99 -51.98
C TRP V 231 6.70 -49.05 -53.15
N GLN V 232 5.59 -48.31 -53.16
CA GLN V 232 5.20 -47.43 -54.27
C GLN V 232 4.37 -46.24 -53.77
N TYR V 233 4.34 -45.10 -54.48
CA TYR V 233 3.40 -44.02 -54.16
C TYR V 233 1.93 -44.44 -54.37
N ASN V 234 1.02 -43.92 -53.54
CA ASN V 234 -0.39 -44.30 -53.51
C ASN V 234 -1.25 -43.47 -54.48
N SER V 235 -0.75 -43.25 -55.70
CA SER V 235 -1.40 -42.33 -56.65
C SER V 235 -2.86 -42.69 -56.90
N PRO V 236 -3.73 -41.72 -57.25
CA PRO V 236 -4.92 -42.06 -58.00
C PRO V 236 -4.46 -42.68 -59.32
N LEU V 237 -5.32 -43.31 -60.10
CA LEU V 237 -4.89 -43.89 -61.38
C LEU V 237 -3.91 -45.09 -61.25
N VAL V 238 -3.75 -45.63 -60.03
CA VAL V 238 -3.32 -47.01 -59.72
C VAL V 238 -4.25 -47.53 -58.61
N PRO V 239 -4.79 -48.76 -58.66
CA PRO V 239 -5.82 -49.19 -57.72
C PRO V 239 -5.26 -49.51 -56.33
N ARG V 240 -6.05 -49.29 -55.29
CA ARG V 240 -5.71 -49.59 -53.88
C ARG V 240 -5.56 -51.09 -53.68
N ASN V 241 -4.67 -51.53 -52.80
CA ASN V 241 -4.53 -52.95 -52.46
C ASN V 241 -5.74 -53.47 -51.65
N ALA V 242 -6.16 -52.76 -50.59
CA ALA V 242 -7.32 -53.08 -49.78
C ALA V 242 -7.93 -51.81 -49.16
N GLU V 243 -9.21 -51.82 -48.79
CA GLU V 243 -9.96 -50.64 -48.36
C GLU V 243 -9.42 -49.94 -47.10
N LEU V 244 -8.53 -50.59 -46.35
CA LEU V 244 -7.90 -50.05 -45.16
C LEU V 244 -6.82 -48.99 -45.48
N GLY V 245 -6.28 -48.97 -46.70
CA GLY V 245 -5.18 -48.07 -47.06
C GLY V 245 -3.91 -48.37 -46.26
N ASP V 246 -3.43 -49.60 -46.35
CA ASP V 246 -2.45 -50.19 -45.45
C ASP V 246 -1.10 -50.52 -46.13
N ARG V 247 -0.16 -51.06 -45.35
CA ARG V 247 1.26 -51.30 -45.70
C ARG V 247 1.98 -49.98 -45.99
N LYS V 248 1.70 -48.94 -45.20
CA LYS V 248 2.12 -47.56 -45.43
C LYS V 248 3.63 -47.34 -45.23
N GLY V 249 4.10 -46.19 -45.70
CA GLY V 249 5.33 -45.48 -45.32
C GLY V 249 5.19 -44.00 -45.73
N LYS V 250 6.26 -43.20 -45.70
CA LYS V 250 6.31 -41.84 -46.27
C LYS V 250 7.65 -41.52 -46.92
N VAL V 251 7.66 -40.52 -47.80
CA VAL V 251 8.83 -39.94 -48.46
C VAL V 251 8.77 -38.41 -48.35
N HIS V 252 9.86 -37.75 -47.95
CA HIS V 252 9.98 -36.29 -48.03
C HIS V 252 10.27 -35.87 -49.47
N ILE V 253 9.52 -34.90 -49.98
CA ILE V 253 9.54 -34.48 -51.39
C ILE V 253 10.36 -33.20 -51.57
N PRO V 254 11.22 -33.15 -52.60
CA PRO V 254 12.29 -32.17 -52.68
C PRO V 254 11.79 -30.78 -53.07
N PHE V 255 12.69 -29.81 -53.02
CA PHE V 255 12.50 -28.46 -53.54
C PHE V 255 11.37 -27.68 -52.85
N PRO V 256 11.52 -27.26 -51.59
CA PRO V 256 10.53 -26.47 -50.90
C PRO V 256 10.43 -25.06 -51.47
N LEU V 257 9.34 -24.34 -51.24
CA LEU V 257 9.29 -22.91 -51.55
C LEU V 257 10.24 -22.12 -50.65
N ALA V 258 10.81 -21.05 -51.20
CA ALA V 258 11.57 -20.06 -50.46
C ALA V 258 11.13 -18.64 -50.87
N ASN V 259 11.01 -17.72 -49.92
CA ASN V 259 10.88 -16.31 -50.22
C ASN V 259 12.21 -15.81 -50.81
N VAL V 260 12.20 -15.22 -52.01
CA VAL V 260 13.41 -14.76 -52.67
C VAL V 260 13.11 -13.58 -53.59
N THR V 261 14.03 -12.64 -53.72
CA THR V 261 13.86 -11.51 -54.64
C THR V 261 14.12 -11.93 -56.08
N CYS V 262 13.33 -11.41 -57.01
CA CYS V 262 13.58 -11.51 -58.44
C CYS V 262 13.71 -10.14 -59.07
N ARG V 263 14.60 -10.00 -60.05
CA ARG V 263 14.83 -8.79 -60.80
C ARG V 263 13.74 -8.57 -61.84
N VAL V 264 13.28 -7.34 -61.98
CA VAL V 264 12.30 -6.90 -62.99
C VAL V 264 12.78 -5.60 -63.62
N PRO V 265 12.53 -5.34 -64.91
CA PRO V 265 13.04 -4.14 -65.56
C PRO V 265 12.35 -2.89 -65.03
N LYS V 266 12.99 -1.73 -65.23
CA LYS V 266 12.35 -0.42 -65.12
C LYS V 266 12.14 0.11 -66.52
N ALA V 267 10.92 0.44 -66.91
CA ALA V 267 10.68 1.05 -68.22
C ALA V 267 11.52 2.30 -68.42
N ARG V 268 12.07 2.50 -69.61
CA ARG V 268 12.92 3.65 -69.92
C ARG V 268 12.16 4.96 -69.77
N ASN V 269 12.89 6.05 -69.51
CA ASN V 269 12.30 7.34 -69.17
C ASN V 269 11.29 7.79 -70.24
N PRO V 270 10.10 8.27 -69.85
CA PRO V 270 9.20 8.89 -70.79
C PRO V 270 9.79 10.23 -71.25
N THR V 271 9.53 10.64 -72.48
CA THR V 271 9.83 12.01 -72.90
C THR V 271 8.69 12.90 -72.46
N VAL V 272 8.92 13.88 -71.59
CA VAL V 272 7.84 14.70 -71.02
C VAL V 272 7.99 16.17 -71.40
N THR V 273 6.87 16.84 -71.57
CA THR V 273 6.79 18.27 -71.82
C THR V 273 5.50 18.81 -71.21
N TYR V 274 5.41 20.10 -70.91
CA TYR V 274 4.35 20.64 -70.06
C TYR V 274 3.47 21.62 -70.81
N GLY V 275 2.17 21.59 -70.53
CA GLY V 275 1.20 22.57 -70.98
C GLY V 275 0.54 23.24 -69.79
N LYS V 276 -0.31 24.24 -70.01
CA LYS V 276 -1.10 24.85 -68.91
C LYS V 276 -1.90 23.76 -68.23
N ASN V 277 -1.61 23.49 -66.95
CA ASN V 277 -2.24 22.43 -66.16
C ASN V 277 -2.18 21.03 -66.80
N GLN V 278 -1.12 20.72 -67.55
CA GLN V 278 -0.95 19.38 -68.14
C GLN V 278 0.49 18.91 -68.12
N VAL V 279 0.68 17.61 -67.93
CA VAL V 279 1.89 16.92 -68.33
C VAL V 279 1.59 16.09 -69.56
N ILE V 280 2.43 16.23 -70.57
CA ILE V 280 2.38 15.49 -71.83
C ILE V 280 3.47 14.45 -71.73
N MET V 281 3.20 13.19 -72.00
CA MET V 281 4.19 12.14 -71.87
C MET V 281 4.19 11.27 -73.11
N LEU V 282 5.35 11.04 -73.70
CA LEU V 282 5.53 10.12 -74.80
C LEU V 282 6.27 8.91 -74.27
N LEU V 283 5.66 7.74 -74.36
CA LEU V 283 6.04 6.54 -73.62
C LEU V 283 6.63 5.48 -74.54
N TYR V 284 7.65 4.77 -74.09
CA TYR V 284 8.37 3.79 -74.91
C TYR V 284 8.34 2.40 -74.27
N PRO V 285 7.22 1.69 -74.32
CA PRO V 285 7.15 0.35 -73.79
C PRO V 285 7.92 -0.64 -74.67
N ASP V 286 8.83 -1.43 -74.08
CA ASP V 286 9.47 -2.56 -74.75
C ASP V 286 8.60 -3.83 -74.73
N HIS V 287 7.59 -3.83 -73.87
CA HIS V 287 6.68 -4.90 -73.53
C HIS V 287 5.51 -4.28 -72.77
N PRO V 288 4.36 -4.96 -72.60
CA PRO V 288 3.21 -4.32 -72.00
C PRO V 288 3.53 -3.76 -70.61
N THR V 289 3.40 -2.45 -70.45
CA THR V 289 3.80 -1.71 -69.24
C THR V 289 2.59 -1.02 -68.66
N LEU V 290 2.41 -1.02 -67.35
CA LEU V 290 1.27 -0.37 -66.71
C LEU V 290 1.59 1.09 -66.40
N LEU V 291 0.71 2.00 -66.80
CA LEU V 291 0.72 3.39 -66.37
C LEU V 291 -0.42 3.59 -65.38
N SER V 292 -0.16 4.12 -64.20
CA SER V 292 -1.18 4.54 -63.26
C SER V 292 -1.02 6.02 -62.94
N TYR V 293 -2.10 6.72 -62.65
CA TYR V 293 -2.00 8.05 -62.09
C TYR V 293 -3.14 8.35 -61.13
N ARG V 294 -2.89 9.19 -60.13
CA ARG V 294 -3.87 9.66 -59.15
C ARG V 294 -3.68 11.13 -58.85
N ASN V 295 -4.77 11.83 -58.56
CA ASN V 295 -4.68 13.12 -57.89
C ASN V 295 -4.17 12.89 -56.47
N MET V 296 -3.43 13.83 -55.92
CA MET V 296 -2.91 13.73 -54.55
C MET V 296 -3.82 14.40 -53.50
N GLY V 297 -5.06 14.75 -53.86
CA GLY V 297 -6.04 15.38 -52.98
C GLY V 297 -7.10 14.43 -52.41
N GLU V 298 -8.24 14.99 -52.02
CA GLU V 298 -9.28 14.30 -51.26
C GLU V 298 -9.94 13.15 -52.02
N GLU V 299 -10.11 13.29 -53.34
CA GLU V 299 -10.59 12.23 -54.22
C GLU V 299 -9.49 11.89 -55.23
N PRO V 300 -8.99 10.65 -55.27
CA PRO V 300 -7.79 10.32 -56.02
C PRO V 300 -8.05 10.21 -57.52
N ASN V 301 -9.29 9.98 -57.94
CA ASN V 301 -9.65 9.81 -59.35
C ASN V 301 -8.72 8.81 -60.05
N TYR V 302 -8.37 7.73 -59.37
CA TYR V 302 -7.34 6.81 -59.83
C TYR V 302 -7.68 6.22 -61.19
N GLN V 303 -6.73 6.26 -62.11
CA GLN V 303 -6.88 5.67 -63.43
C GLN V 303 -5.61 4.98 -63.85
N GLU V 304 -5.76 3.96 -64.68
CA GLU V 304 -4.66 3.20 -65.21
C GLU V 304 -4.95 2.72 -66.62
N GLU V 305 -3.91 2.43 -67.37
CA GLU V 305 -4.02 1.63 -68.58
C GLU V 305 -2.76 0.82 -68.79
N TRP V 306 -2.90 -0.37 -69.35
CA TRP V 306 -1.76 -1.15 -69.79
C TRP V 306 -1.38 -0.68 -71.19
N VAL V 307 -0.18 -0.13 -71.41
CA VAL V 307 0.26 0.35 -72.72
C VAL V 307 1.20 -0.65 -73.37
N THR V 308 0.96 -0.98 -74.63
CA THR V 308 1.63 -2.08 -75.33
C THR V 308 2.57 -1.64 -76.44
N HIS V 309 2.46 -0.40 -76.90
CA HIS V 309 3.22 0.20 -78.01
C HIS V 309 3.47 1.69 -77.73
N LYS V 310 4.38 2.36 -78.45
CA LYS V 310 4.62 3.81 -78.29
C LYS V 310 3.31 4.60 -78.30
N LYS V 311 3.15 5.53 -77.37
CA LYS V 311 1.91 6.30 -77.19
C LYS V 311 2.21 7.64 -76.56
N GLU V 312 1.42 8.67 -76.85
CA GLU V 312 1.44 9.94 -76.13
C GLU V 312 0.19 10.10 -75.27
N ILE V 313 0.37 10.48 -74.00
CA ILE V 313 -0.69 10.70 -73.01
C ILE V 313 -0.71 12.18 -72.61
N ARG V 314 -1.87 12.73 -72.32
CA ARG V 314 -2.00 14.10 -71.79
C ARG V 314 -2.79 14.07 -70.50
N LEU V 315 -2.11 14.19 -69.37
CA LEU V 315 -2.72 14.06 -68.06
C LEU V 315 -3.01 15.46 -67.51
N THR V 316 -4.25 15.73 -67.14
CA THR V 316 -4.61 17.00 -66.50
C THR V 316 -4.08 17.02 -65.09
N VAL V 317 -3.25 17.99 -64.74
CA VAL V 317 -2.64 18.12 -63.41
C VAL V 317 -3.47 19.12 -62.60
N PRO V 318 -4.19 18.70 -61.56
CA PRO V 318 -4.96 19.62 -60.73
C PRO V 318 -4.07 20.36 -59.74
N THR V 319 -4.58 21.43 -59.12
CA THR V 319 -3.88 22.18 -58.07
C THR V 319 -3.45 21.33 -56.89
N GLU V 320 -4.21 20.27 -56.60
CA GLU V 320 -3.91 19.26 -55.59
C GLU V 320 -2.66 18.42 -55.89
N GLY V 321 -2.12 18.49 -57.11
CA GLY V 321 -1.00 17.67 -57.57
C GLY V 321 -1.44 16.38 -58.22
N LEU V 322 -0.60 15.86 -59.12
CA LEU V 322 -0.78 14.57 -59.79
C LEU V 322 0.43 13.68 -59.49
N GLU V 323 0.20 12.40 -59.24
CA GLU V 323 1.26 11.41 -59.15
C GLU V 323 1.11 10.38 -60.25
N VAL V 324 2.12 10.22 -61.10
CA VAL V 324 2.12 9.29 -62.22
C VAL V 324 3.16 8.23 -61.97
N THR V 325 2.80 6.96 -62.02
CA THR V 325 3.77 5.85 -61.86
C THR V 325 3.76 5.00 -63.10
N TRP V 326 4.92 4.89 -63.73
CA TRP V 326 5.14 4.28 -65.02
C TRP V 326 5.95 3.00 -64.87
N GLY V 327 5.36 1.85 -65.18
CA GLY V 327 6.02 0.56 -65.03
C GLY V 327 6.52 0.36 -63.60
N ASN V 328 7.71 -0.21 -63.45
CA ASN V 328 8.34 -0.40 -62.14
C ASN V 328 9.20 0.79 -61.66
N ASN V 329 9.10 1.96 -62.28
CA ASN V 329 9.80 3.15 -61.80
C ASN V 329 9.21 3.65 -60.48
N GLU V 330 9.97 4.46 -59.75
CA GLU V 330 9.40 5.29 -58.68
C GLU V 330 8.41 6.29 -59.28
N PRO V 331 7.39 6.76 -58.55
CA PRO V 331 6.41 7.67 -59.10
C PRO V 331 6.98 9.06 -59.40
N TYR V 332 6.53 9.67 -60.48
CA TYR V 332 6.72 11.08 -60.77
C TYR V 332 5.64 11.90 -60.08
N LYS V 333 5.98 13.06 -59.54
CA LYS V 333 5.06 14.03 -58.95
C LYS V 333 5.02 15.27 -59.81
N TYR V 334 3.85 15.85 -60.00
CA TYR V 334 3.66 17.10 -60.71
C TYR V 334 2.69 18.01 -59.99
N TRP V 335 2.98 19.30 -59.94
CA TRP V 335 2.12 20.33 -59.37
C TRP V 335 2.10 21.52 -60.33
N PRO V 336 0.98 22.22 -60.53
CA PRO V 336 0.95 23.36 -61.42
C PRO V 336 1.58 24.59 -60.78
N GLN V 337 2.28 25.40 -61.56
CA GLN V 337 2.62 26.77 -61.21
C GLN V 337 1.50 27.73 -61.64
N LEU V 338 1.46 28.91 -61.04
CA LEU V 338 0.55 29.99 -61.40
C LEU V 338 1.01 30.72 -62.68
N SER V 339 1.30 30.02 -63.77
CA SER V 339 1.71 30.62 -65.04
C SER V 339 0.53 31.16 -65.85
N THR V 340 0.70 32.28 -66.56
CA THR V 340 -0.29 32.80 -67.51
C THR V 340 0.36 33.64 -68.60
N ASN V 341 -0.27 33.73 -69.78
CA ASN V 341 0.13 34.66 -70.84
C ASN V 341 -0.33 36.11 -70.56
N GLY V 342 -1.38 36.29 -69.75
CA GLY V 342 -1.84 37.62 -69.34
C GLY V 342 -0.89 38.30 -68.36
N THR V 343 -1.24 39.50 -67.91
CA THR V 343 -0.51 40.15 -66.81
C THR V 343 -1.44 40.99 -65.97
N ALA V 344 -1.21 41.01 -64.65
CA ALA V 344 -1.58 42.15 -63.82
C ALA V 344 -0.76 43.38 -64.26
N HIS V 345 -1.00 44.55 -63.68
CA HIS V 345 -0.26 45.81 -63.94
C HIS V 345 -0.45 46.42 -65.34
N GLY V 346 -0.82 45.62 -66.34
CA GLY V 346 -1.26 46.07 -67.66
C GLY V 346 -2.68 46.65 -67.68
N HIS V 347 -3.19 46.92 -68.87
CA HIS V 347 -4.54 47.46 -69.07
C HIS V 347 -5.61 46.46 -68.61
N PRO V 348 -6.84 46.89 -68.26
CA PRO V 348 -7.84 46.01 -67.63
C PRO V 348 -8.09 44.68 -68.34
N HIS V 349 -8.09 44.65 -69.67
CA HIS V 349 -8.26 43.41 -70.43
C HIS V 349 -7.11 42.41 -70.24
N GLU V 350 -5.92 42.86 -69.86
CA GLU V 350 -4.82 42.00 -69.41
C GLU V 350 -5.08 41.45 -68.01
N ILE V 351 -5.48 42.29 -67.05
CA ILE V 351 -5.58 41.87 -65.65
C ILE V 351 -6.72 40.88 -65.46
N ILE V 352 -7.86 41.05 -66.12
CA ILE V 352 -8.95 40.08 -66.07
C ILE V 352 -8.54 38.77 -66.75
N LEU V 353 -7.74 38.81 -67.82
CA LEU V 353 -7.24 37.62 -68.48
C LEU V 353 -6.24 36.87 -67.60
N TYR V 354 -5.32 37.59 -66.94
CA TYR V 354 -4.39 37.06 -65.95
C TYR V 354 -5.11 36.28 -64.84
N TYR V 355 -6.04 36.92 -64.16
CA TYR V 355 -6.80 36.23 -63.13
C TYR V 355 -7.70 35.14 -63.69
N TYR V 356 -8.21 35.25 -64.92
CA TYR V 356 -9.02 34.19 -65.51
C TYR V 356 -8.22 32.92 -65.77
N GLU V 357 -6.96 33.01 -66.21
CA GLU V 357 -6.13 31.82 -66.38
C GLU V 357 -5.72 31.18 -65.05
N LEU V 358 -5.51 31.97 -63.99
CA LEU V 358 -5.12 31.45 -62.67
C LEU V 358 -6.29 30.96 -61.85
N TYR V 359 -7.44 31.63 -61.93
CA TYR V 359 -8.63 31.37 -61.12
C TYR V 359 -9.90 31.39 -61.97
N PRO V 360 -10.06 30.46 -62.93
CA PRO V 360 -11.21 30.45 -63.84
C PRO V 360 -12.53 30.20 -63.10
N THR V 361 -12.49 29.48 -61.98
CA THR V 361 -13.64 29.32 -61.06
C THR V 361 -14.08 30.63 -60.42
N MET V 362 -13.15 31.39 -59.81
CA MET V 362 -13.50 32.58 -59.04
C MET V 362 -13.79 33.79 -59.93
N THR V 363 -12.98 34.03 -60.96
CA THR V 363 -13.13 35.25 -61.77
C THR V 363 -14.50 35.36 -62.42
N VAL V 364 -14.98 34.32 -63.08
CA VAL V 364 -16.28 34.36 -63.76
C VAL V 364 -17.45 34.57 -62.78
N VAL V 365 -17.28 34.22 -61.51
CA VAL V 365 -18.20 34.63 -60.44
C VAL V 365 -18.03 36.12 -60.12
N VAL V 366 -16.85 36.54 -59.66
CA VAL V 366 -16.69 37.89 -59.11
C VAL V 366 -16.86 39.00 -60.14
N VAL V 367 -16.46 38.82 -61.40
CA VAL V 367 -16.70 39.86 -62.43
C VAL V 367 -18.15 39.89 -62.90
N SER V 368 -18.86 38.75 -62.92
CA SER V 368 -20.28 38.74 -63.28
C SER V 368 -21.17 39.30 -62.16
N VAL V 369 -20.97 38.91 -60.89
CA VAL V 369 -21.73 39.54 -59.80
C VAL V 369 -21.34 41.00 -59.60
N ALA V 370 -20.09 41.40 -59.86
CA ALA V 370 -19.73 42.82 -59.93
C ALA V 370 -20.57 43.54 -61.01
N SER V 371 -20.67 43.00 -62.22
CA SER V 371 -21.50 43.60 -63.26
C SER V 371 -22.97 43.70 -62.86
N PHE V 372 -23.52 42.68 -62.19
CA PHE V 372 -24.91 42.70 -61.71
C PHE V 372 -25.12 43.74 -60.62
N VAL V 373 -24.27 43.82 -59.59
CA VAL V 373 -24.44 44.86 -58.57
C VAL V 373 -24.21 46.25 -59.16
N LEU V 374 -23.19 46.46 -60.01
CA LEU V 374 -22.92 47.79 -60.56
C LEU V 374 -24.05 48.27 -61.49
N LEU V 375 -24.59 47.42 -62.37
CA LEU V 375 -25.75 47.80 -63.18
C LEU V 375 -26.98 48.07 -62.30
N SER V 376 -27.17 47.36 -61.19
CA SER V 376 -28.21 47.69 -60.22
C SER V 376 -27.95 49.01 -59.48
N MET V 377 -26.68 49.37 -59.23
CA MET V 377 -26.32 50.63 -58.57
C MET V 377 -26.55 51.84 -59.48
N VAL V 378 -26.11 51.82 -60.74
CA VAL V 378 -26.48 52.90 -61.67
C VAL V 378 -27.98 52.87 -61.96
N GLY V 379 -28.60 51.69 -61.97
CA GLY V 379 -30.04 51.53 -62.10
C GLY V 379 -30.81 52.23 -60.98
N VAL V 380 -30.50 51.97 -59.71
CA VAL V 380 -31.17 52.66 -58.59
C VAL V 380 -30.81 54.14 -58.55
N ALA V 381 -29.60 54.55 -58.97
CA ALA V 381 -29.27 55.97 -59.08
C ALA V 381 -30.11 56.70 -60.15
N VAL V 382 -30.27 56.12 -61.34
CA VAL V 382 -31.20 56.62 -62.36
C VAL V 382 -32.65 56.62 -61.85
N GLY V 383 -33.06 55.55 -61.17
CA GLY V 383 -34.38 55.45 -60.55
C GLY V 383 -34.65 56.56 -59.52
N MET V 384 -33.70 56.81 -58.61
CA MET V 384 -33.79 57.90 -57.65
C MET V 384 -33.78 59.26 -58.33
N CYS V 385 -32.97 59.47 -59.36
CA CYS V 385 -32.96 60.71 -60.14
C CYS V 385 -34.30 60.96 -60.85
N MET V 386 -34.93 59.93 -61.44
CA MET V 386 -36.26 60.05 -62.06
C MET V 386 -37.37 60.23 -61.01
N CYS V 387 -37.33 59.48 -59.91
CA CYS V 387 -38.25 59.66 -58.78
C CYS V 387 -38.18 61.09 -58.22
N ALA V 388 -36.96 61.61 -58.04
CA ALA V 388 -36.73 62.99 -57.62
C ALA V 388 -37.28 64.00 -58.63
N ARG V 389 -37.01 63.82 -59.94
CA ARG V 389 -37.57 64.66 -61.01
C ARG V 389 -39.10 64.73 -60.93
N ARG V 390 -39.77 63.59 -60.84
CA ARG V 390 -41.24 63.51 -60.77
C ARG V 390 -41.78 64.27 -59.55
N ARG V 391 -41.23 64.01 -58.36
CA ARG V 391 -41.69 64.67 -57.12
C ARG V 391 -41.29 66.14 -57.02
N CYS V 392 -40.28 66.61 -57.75
CA CYS V 392 -39.98 68.03 -57.87
C CYS V 392 -40.87 68.76 -58.89
N ILE V 393 -41.01 68.23 -60.11
CA ILE V 393 -41.56 68.98 -61.25
C ILE V 393 -43.09 68.90 -61.40
N THR V 394 -43.75 67.86 -60.88
CA THR V 394 -45.20 67.68 -61.07
C THR V 394 -46.10 68.81 -60.57
N PRO V 395 -45.82 69.58 -59.51
CA PRO V 395 -46.63 70.75 -59.18
C PRO V 395 -46.78 71.73 -60.35
N TYR V 396 -45.70 72.02 -61.08
CA TYR V 396 -45.77 72.87 -62.27
C TYR V 396 -46.59 72.25 -63.40
N GLU V 397 -46.61 70.92 -63.50
CA GLU V 397 -47.38 70.20 -64.51
C GLU V 397 -48.89 70.22 -64.21
N LEU V 398 -49.26 70.15 -62.94
CA LEU V 398 -50.66 70.24 -62.48
C LEU V 398 -51.22 71.68 -62.45
N THR V 399 -50.40 72.69 -62.18
CA THR V 399 -50.89 74.06 -61.95
C THR V 399 -51.37 74.74 -63.24
N PRO V 400 -52.52 75.45 -63.25
CA PRO V 400 -52.93 76.27 -64.39
C PRO V 400 -51.84 77.23 -64.91
N GLY V 401 -51.71 77.35 -66.24
CA GLY V 401 -50.77 78.27 -66.90
C GLY V 401 -49.29 77.82 -66.92
N ALA V 402 -48.84 77.06 -65.91
CA ALA V 402 -47.52 76.43 -65.83
C ALA V 402 -46.34 77.41 -66.06
N THR V 403 -46.22 78.41 -65.18
CA THR V 403 -45.18 79.46 -65.25
C THR V 403 -43.79 79.01 -64.75
N VAL V 404 -43.39 77.77 -65.07
CA VAL V 404 -42.17 77.13 -64.54
C VAL V 404 -40.91 77.97 -64.79
N PRO V 405 -40.07 78.25 -63.77
CA PRO V 405 -38.94 79.16 -63.91
C PRO V 405 -37.82 78.54 -64.73
N PHE V 406 -37.04 79.38 -65.41
CA PHE V 406 -36.07 78.92 -66.42
C PHE V 406 -35.01 77.98 -65.85
N LEU V 407 -34.42 78.32 -64.71
CA LEU V 407 -33.37 77.52 -64.06
C LEU V 407 -33.85 76.07 -63.79
N LEU V 408 -35.03 75.92 -63.21
CA LEU V 408 -35.59 74.59 -62.93
C LEU V 408 -36.02 73.89 -64.22
N SER V 409 -36.45 74.63 -65.25
CA SER V 409 -36.81 74.03 -66.53
C SER V 409 -35.62 73.31 -67.20
N LEU V 410 -34.41 73.83 -67.04
CA LEU V 410 -33.17 73.19 -67.44
C LEU V 410 -32.79 72.05 -66.48
N ILE V 411 -32.68 72.35 -65.18
CA ILE V 411 -32.13 71.40 -64.19
C ILE V 411 -32.98 70.14 -64.01
N CYS V 412 -34.30 70.23 -64.08
CA CYS V 412 -35.20 69.06 -64.06
C CYS V 412 -35.51 68.47 -65.44
N CYS V 413 -34.86 68.95 -66.51
CA CYS V 413 -35.01 68.46 -67.88
C CYS V 413 -36.48 68.38 -68.36
N ILE V 414 -37.12 69.54 -68.52
CA ILE V 414 -38.35 69.67 -69.33
C ILE V 414 -38.04 70.34 -70.68
N ARG V 415 -36.87 69.99 -71.25
CA ARG V 415 -36.26 70.46 -72.49
C ARG V 415 -35.99 71.97 -72.55
N THR V 416 -37.03 72.80 -72.68
CA THR V 416 -36.97 74.28 -72.74
C THR V 416 -38.39 74.87 -72.51
N ALA V 417 -38.48 76.10 -72.02
CA ALA V 417 -39.70 76.90 -71.80
C ALA V 417 -40.74 76.29 -70.82
N LYS V 418 -41.43 75.21 -71.22
CA LYS V 418 -42.26 74.34 -70.35
C LYS V 418 -42.47 72.96 -70.97
N ALA V 419 -42.83 72.91 -72.26
CA ALA V 419 -42.96 71.71 -73.10
C ALA V 419 -43.00 72.11 -74.58
N ASN W 1 -74.23 82.32 -61.09
CA ASN W 1 -73.70 82.60 -62.45
C ASN W 1 -73.26 81.29 -63.09
N ASP W 2 -74.04 80.79 -64.05
CA ASP W 2 -73.92 79.43 -64.62
C ASP W 2 -72.90 79.30 -65.77
N CYS W 3 -71.99 80.27 -65.93
CA CYS W 3 -70.92 80.26 -66.95
C CYS W 3 -69.78 79.28 -66.58
N ILE W 4 -70.12 78.00 -66.45
CA ILE W 4 -69.28 76.93 -65.91
C ILE W 4 -69.21 75.75 -66.88
N PHE W 5 -68.05 75.08 -66.96
CA PHE W 5 -67.90 73.83 -67.72
C PHE W 5 -67.12 72.77 -66.94
N GLU W 6 -67.63 71.55 -67.03
CA GLU W 6 -67.29 70.39 -66.21
C GLU W 6 -67.52 69.10 -67.01
N VAL W 7 -67.10 67.96 -66.45
CA VAL W 7 -67.49 66.63 -66.90
C VAL W 7 -67.58 65.68 -65.70
N LYS W 8 -68.29 64.55 -65.85
CA LYS W 8 -68.48 63.52 -64.81
C LYS W 8 -67.72 62.21 -65.14
N HIS W 9 -67.74 61.23 -64.24
CA HIS W 9 -67.04 59.94 -64.43
C HIS W 9 -67.98 58.73 -64.54
N GLU W 10 -67.68 57.85 -65.50
CA GLU W 10 -68.43 56.68 -65.97
C GLU W 10 -69.93 56.93 -66.28
N GLY W 11 -70.32 58.18 -66.52
CA GLY W 11 -71.70 58.55 -66.83
C GLY W 11 -72.66 58.47 -65.64
N LYS W 12 -72.14 58.48 -64.41
CA LYS W 12 -72.89 58.27 -63.14
C LYS W 12 -72.45 59.30 -62.09
N VAL W 13 -73.13 59.34 -60.94
CA VAL W 13 -72.71 60.13 -59.77
C VAL W 13 -71.43 59.53 -59.19
N THR W 14 -70.30 59.93 -59.75
CA THR W 14 -68.97 59.36 -59.50
C THR W 14 -67.93 60.47 -59.32
N GLY W 15 -68.36 61.65 -58.84
CA GLY W 15 -67.56 62.87 -58.85
C GLY W 15 -67.41 63.52 -60.24
N TYR W 16 -66.62 64.57 -60.30
CA TYR W 16 -66.54 65.53 -61.42
C TYR W 16 -65.09 65.93 -61.77
N ALA W 17 -64.92 66.62 -62.90
CA ALA W 17 -63.67 67.18 -63.38
C ALA W 17 -63.90 68.53 -64.09
N CYS W 18 -62.87 69.37 -64.16
CA CYS W 18 -62.98 70.79 -64.55
C CYS W 18 -62.09 71.13 -65.73
N LEU W 19 -62.49 72.09 -66.56
CA LEU W 19 -61.60 72.75 -67.52
C LEU W 19 -61.12 74.08 -66.90
N VAL W 20 -59.84 74.21 -66.56
CA VAL W 20 -59.29 75.42 -65.93
C VAL W 20 -58.08 75.94 -66.70
N GLY W 21 -58.12 77.21 -67.14
CA GLY W 21 -57.04 77.81 -67.91
C GLY W 21 -56.86 77.14 -69.28
N ASP W 22 -55.94 76.17 -69.34
CA ASP W 22 -55.61 75.38 -70.52
C ASP W 22 -55.48 73.87 -70.22
N LYS W 23 -55.83 73.43 -69.00
CA LYS W 23 -55.72 72.03 -68.57
C LYS W 23 -56.96 71.50 -67.88
N VAL W 24 -57.30 70.24 -68.17
CA VAL W 24 -58.29 69.46 -67.45
C VAL W 24 -57.73 69.16 -66.06
N MET W 25 -58.55 69.19 -65.02
CA MET W 25 -58.15 68.63 -63.73
C MET W 25 -59.28 67.82 -63.09
N LYS W 26 -58.92 66.81 -62.31
CA LYS W 26 -59.79 65.73 -61.83
C LYS W 26 -59.24 65.18 -60.50
N PRO W 27 -60.04 64.63 -59.57
CA PRO W 27 -59.52 63.92 -58.41
C PRO W 27 -58.88 62.56 -58.74
N ALA W 28 -57.98 62.06 -57.89
CA ALA W 28 -57.37 60.74 -58.04
C ALA W 28 -58.15 59.59 -57.38
N HIS W 29 -58.98 59.88 -56.37
CA HIS W 29 -59.67 58.83 -55.60
C HIS W 29 -61.00 58.37 -56.24
N VAL W 30 -61.53 59.13 -57.21
CA VAL W 30 -62.77 58.78 -57.93
C VAL W 30 -62.56 57.58 -58.86
N LYS W 31 -63.57 56.69 -58.95
CA LYS W 31 -63.55 55.51 -59.82
C LYS W 31 -63.80 55.86 -61.29
N GLY W 32 -63.51 54.92 -62.19
CA GLY W 32 -63.87 55.02 -63.61
C GLY W 32 -63.08 56.07 -64.41
N THR W 33 -63.67 56.53 -65.50
CA THR W 33 -63.06 57.46 -66.48
C THR W 33 -64.04 58.54 -66.93
N ILE W 34 -63.53 59.63 -67.50
CA ILE W 34 -64.32 60.78 -67.97
C ILE W 34 -65.42 60.34 -68.96
N ASP W 35 -66.59 60.98 -68.85
CA ASP W 35 -67.75 60.69 -69.72
C ASP W 35 -67.49 61.07 -71.19
N ASN W 36 -67.03 62.31 -71.45
CA ASN W 36 -66.74 62.78 -72.81
C ASN W 36 -65.52 62.08 -73.43
N ALA W 37 -65.73 61.32 -74.51
CA ALA W 37 -64.70 60.55 -75.19
C ALA W 37 -63.55 61.39 -75.75
N ASP W 38 -63.78 62.64 -76.14
CA ASP W 38 -62.72 63.50 -76.69
C ASP W 38 -61.76 64.02 -75.60
N LEU W 39 -62.17 64.00 -74.33
CA LEU W 39 -61.30 64.19 -73.17
C LEU W 39 -60.72 62.85 -72.70
N ALA W 40 -61.54 61.80 -72.63
CA ALA W 40 -61.19 60.57 -71.94
C ALA W 40 -59.98 59.84 -72.56
N LYS W 41 -59.75 59.98 -73.88
CA LYS W 41 -58.62 59.32 -74.56
C LYS W 41 -57.24 59.96 -74.32
N LEU W 42 -57.18 61.11 -73.64
CA LEU W 42 -55.93 61.84 -73.37
C LEU W 42 -55.06 61.13 -72.31
N ALA W 43 -53.76 61.48 -72.26
CA ALA W 43 -52.83 60.98 -71.26
C ALA W 43 -52.80 61.87 -69.99
N PHE W 44 -53.09 61.29 -68.83
CA PHE W 44 -53.24 62.02 -67.56
C PHE W 44 -52.05 61.82 -66.63
N LYS W 45 -51.52 62.93 -66.10
CA LYS W 45 -50.54 62.94 -64.99
C LYS W 45 -51.30 62.88 -63.66
N ARG W 46 -50.66 62.45 -62.56
CA ARG W 46 -51.30 62.33 -61.22
C ARG W 46 -50.35 62.58 -60.06
N SER W 47 -50.90 62.89 -58.90
CA SER W 47 -50.14 63.02 -57.65
C SER W 47 -50.98 62.66 -56.42
N SER W 48 -50.51 61.68 -55.65
CA SER W 48 -51.07 61.35 -54.33
C SER W 48 -50.76 62.41 -53.26
N LYS W 49 -49.86 63.36 -53.50
CA LYS W 49 -49.63 64.48 -52.57
C LYS W 49 -50.85 65.41 -52.52
N TYR W 50 -51.60 65.48 -53.61
CA TYR W 50 -52.74 66.38 -53.77
C TYR W 50 -54.05 65.66 -54.14
N ASP W 51 -54.06 64.33 -54.19
CA ASP W 51 -55.20 63.50 -54.62
C ASP W 51 -55.78 63.92 -55.97
N LEU W 52 -54.91 64.14 -56.95
CA LEU W 52 -55.21 64.95 -58.14
C LEU W 52 -54.69 64.29 -59.43
N GLU W 53 -55.34 64.59 -60.55
CA GLU W 53 -54.99 64.18 -61.90
C GLU W 53 -55.23 65.30 -62.91
N CYS W 54 -54.49 65.33 -64.01
CA CYS W 54 -54.51 66.46 -64.95
C CYS W 54 -54.10 66.08 -66.38
N ALA W 55 -54.56 66.83 -67.38
CA ALA W 55 -54.21 66.68 -68.80
C ALA W 55 -54.33 68.02 -69.57
N GLN W 56 -53.65 68.18 -70.71
CA GLN W 56 -53.80 69.37 -71.57
C GLN W 56 -55.14 69.37 -72.33
N ILE W 57 -55.82 70.52 -72.40
CA ILE W 57 -57.09 70.64 -73.13
C ILE W 57 -56.84 70.67 -74.65
N PRO W 58 -57.55 69.89 -75.47
CA PRO W 58 -57.48 69.97 -76.93
C PRO W 58 -57.79 71.37 -77.46
N VAL W 59 -56.95 71.88 -78.37
CA VAL W 59 -56.99 73.29 -78.84
C VAL W 59 -58.34 73.74 -79.41
N HIS W 60 -59.13 72.85 -80.03
CA HIS W 60 -60.44 73.20 -80.57
C HIS W 60 -61.47 73.57 -79.49
N MET W 61 -61.32 73.02 -78.27
CA MET W 61 -62.20 73.25 -77.12
C MET W 61 -61.56 74.05 -75.98
N LYS W 62 -60.30 74.49 -76.12
CA LYS W 62 -59.63 75.36 -75.13
C LYS W 62 -60.42 76.64 -74.85
N SER W 63 -61.09 77.19 -75.86
CA SER W 63 -61.95 78.38 -75.74
C SER W 63 -63.13 78.20 -74.78
N ASP W 64 -63.52 76.96 -74.46
CA ASP W 64 -64.64 76.63 -73.58
C ASP W 64 -64.23 76.57 -72.09
N ALA W 65 -62.94 76.62 -71.77
CA ALA W 65 -62.43 76.46 -70.42
C ALA W 65 -62.74 77.65 -69.48
N SER W 66 -62.87 77.39 -68.18
CA SER W 66 -63.08 78.43 -67.17
C SER W 66 -61.80 79.16 -66.80
N LYS W 67 -61.91 80.39 -66.30
CA LYS W 67 -60.78 81.18 -65.77
C LYS W 67 -60.53 80.87 -64.29
N PHE W 68 -59.39 81.30 -63.77
CA PHE W 68 -58.94 81.04 -62.38
C PHE W 68 -58.28 82.26 -61.72
N THR W 69 -58.12 82.22 -60.40
CA THR W 69 -57.23 83.13 -59.67
C THR W 69 -56.62 82.43 -58.45
N HIS W 70 -55.46 82.90 -57.99
CA HIS W 70 -54.84 82.51 -56.72
C HIS W 70 -55.48 83.20 -55.51
N GLU W 71 -56.19 84.31 -55.70
CA GLU W 71 -56.73 85.12 -54.59
C GLU W 71 -57.73 84.37 -53.69
N LYS W 72 -57.59 84.53 -52.37
CA LYS W 72 -58.49 83.97 -51.34
C LYS W 72 -58.71 84.94 -50.16
N PRO W 73 -59.30 86.13 -50.38
CA PRO W 73 -59.75 87.00 -49.30
C PRO W 73 -60.92 86.38 -48.52
N GLU W 74 -61.12 86.77 -47.27
CA GLU W 74 -62.28 86.33 -46.49
C GLU W 74 -63.59 86.83 -47.10
N GLY W 75 -64.61 85.97 -47.15
CA GLY W 75 -65.90 86.31 -47.76
C GLY W 75 -66.64 85.10 -48.30
N TYR W 76 -67.51 85.35 -49.27
CA TYR W 76 -68.45 84.37 -49.80
C TYR W 76 -68.17 84.08 -51.28
N TYR W 77 -68.44 82.85 -51.69
CA TYR W 77 -68.00 82.25 -52.95
C TYR W 77 -69.15 81.46 -53.58
N ASN W 78 -69.02 81.12 -54.86
CA ASN W 78 -70.04 80.44 -55.64
C ASN W 78 -69.62 78.99 -55.94
N TRP W 79 -70.54 78.03 -55.79
CA TRP W 79 -70.40 76.67 -56.31
C TRP W 79 -71.77 76.02 -56.48
N HIS W 80 -71.85 74.88 -57.16
CA HIS W 80 -73.12 74.29 -57.61
C HIS W 80 -74.16 74.04 -56.50
N HIS W 81 -73.73 73.79 -55.26
CA HIS W 81 -74.62 73.63 -54.10
C HIS W 81 -74.75 74.88 -53.20
N GLY W 82 -74.17 76.02 -53.60
CA GLY W 82 -74.32 77.30 -52.90
C GLY W 82 -73.73 77.38 -51.49
N ALA W 83 -73.91 78.53 -50.86
CA ALA W 83 -73.56 78.81 -49.45
C ALA W 83 -72.08 78.64 -49.05
N VAL W 84 -71.14 78.64 -50.00
CA VAL W 84 -69.71 78.43 -49.73
C VAL W 84 -68.98 79.72 -49.35
N GLN W 85 -68.07 79.60 -48.39
CA GLN W 85 -67.46 80.71 -47.65
C GLN W 85 -65.98 80.42 -47.40
N TYR W 86 -65.15 81.46 -47.33
CA TYR W 86 -63.76 81.38 -46.87
C TYR W 86 -63.57 82.26 -45.64
N SER W 87 -63.12 81.71 -44.52
CA SER W 87 -62.87 82.47 -43.28
C SER W 87 -61.86 81.75 -42.38
N GLY W 88 -61.08 82.48 -41.59
CA GLY W 88 -60.07 81.88 -40.69
C GLY W 88 -59.01 81.03 -41.40
N GLY W 89 -58.77 81.27 -42.69
CA GLY W 89 -57.88 80.46 -43.52
C GLY W 89 -58.46 79.10 -43.96
N ARG W 90 -59.79 78.93 -43.91
CA ARG W 90 -60.51 77.70 -44.24
C ARG W 90 -61.66 77.97 -45.21
N PHE W 91 -61.88 77.09 -46.18
CA PHE W 91 -63.16 77.01 -46.89
C PHE W 91 -64.20 76.27 -46.04
N THR W 92 -65.46 76.70 -46.12
CA THR W 92 -66.58 76.08 -45.39
C THR W 92 -67.92 76.19 -46.12
N ILE W 93 -68.84 75.28 -45.80
CA ILE W 93 -70.24 75.23 -46.22
C ILE W 93 -71.11 74.80 -45.02
N PRO W 94 -72.43 75.03 -45.03
CA PRO W 94 -73.33 74.27 -44.18
C PRO W 94 -73.42 72.81 -44.68
N THR W 95 -73.73 71.86 -43.79
CA THR W 95 -73.67 70.40 -44.10
C THR W 95 -74.48 70.00 -45.33
N GLY W 96 -75.69 70.51 -45.51
CA GLY W 96 -76.60 70.03 -46.56
C GLY W 96 -76.08 70.18 -48.00
N ALA W 97 -75.12 71.08 -48.22
CA ALA W 97 -74.57 71.35 -49.53
C ALA W 97 -73.50 70.33 -50.01
N GLY W 98 -72.95 69.48 -49.13
CA GLY W 98 -71.82 68.61 -49.47
C GLY W 98 -71.87 67.21 -48.83
N LYS W 99 -71.53 66.19 -49.62
CA LYS W 99 -71.62 64.77 -49.27
C LYS W 99 -70.84 63.90 -50.27
N PRO W 100 -70.59 62.60 -49.97
CA PRO W 100 -70.11 61.63 -50.94
C PRO W 100 -70.81 61.68 -52.31
N GLY W 101 -70.04 61.48 -53.38
CA GLY W 101 -70.48 61.59 -54.77
C GLY W 101 -70.33 62.99 -55.39
N ASP W 102 -70.29 64.06 -54.57
CA ASP W 102 -70.17 65.45 -55.03
C ASP W 102 -68.72 65.98 -55.19
N SER W 103 -67.71 65.13 -55.06
CA SER W 103 -66.30 65.54 -55.20
C SER W 103 -65.92 66.00 -56.62
N GLY W 104 -64.94 66.89 -56.74
CA GLY W 104 -64.43 67.43 -58.01
C GLY W 104 -65.12 68.71 -58.49
N ARG W 105 -66.03 69.30 -57.71
CA ARG W 105 -66.66 70.59 -58.04
C ARG W 105 -65.69 71.77 -57.83
N PRO W 106 -65.57 72.71 -58.78
CA PRO W 106 -64.81 73.95 -58.60
C PRO W 106 -65.60 74.99 -57.80
N ILE W 107 -64.90 75.74 -56.94
CA ILE W 107 -65.42 76.91 -56.23
C ILE W 107 -64.96 78.18 -56.96
N PHE W 108 -65.88 79.10 -57.26
CA PHE W 108 -65.66 80.33 -58.00
C PHE W 108 -65.73 81.55 -57.09
N ASP W 109 -64.92 82.58 -57.37
CA ASP W 109 -65.03 83.88 -56.71
C ASP W 109 -66.23 84.72 -57.20
N ASN W 110 -66.38 85.91 -56.62
CA ASN W 110 -67.46 86.85 -56.95
C ASN W 110 -67.36 87.44 -58.37
N LYS W 111 -66.25 87.26 -59.09
CA LYS W 111 -66.07 87.70 -60.48
C LYS W 111 -66.14 86.54 -61.48
N GLY W 112 -66.47 85.34 -61.02
CA GLY W 112 -66.75 84.18 -61.87
C GLY W 112 -65.52 83.36 -62.29
N ARG W 113 -64.43 83.37 -61.54
CA ARG W 113 -63.25 82.52 -61.81
C ARG W 113 -62.91 81.58 -60.66
N VAL W 114 -62.41 80.38 -60.97
CA VAL W 114 -62.15 79.31 -60.00
C VAL W 114 -61.03 79.70 -59.03
N VAL W 115 -61.22 79.43 -57.74
CA VAL W 115 -60.19 79.58 -56.70
C VAL W 115 -59.71 78.26 -56.12
N ALA W 116 -60.56 77.23 -56.11
CA ALA W 116 -60.30 75.96 -55.44
C ALA W 116 -61.19 74.85 -56.00
N ILE W 117 -60.88 73.60 -55.67
CA ILE W 117 -61.67 72.42 -56.06
C ILE W 117 -62.02 71.61 -54.81
N VAL W 118 -63.29 71.22 -54.65
CA VAL W 118 -63.76 70.41 -53.52
C VAL W 118 -63.37 68.96 -53.71
N LEU W 119 -62.63 68.39 -52.76
CA LEU W 119 -62.30 66.96 -52.71
C LEU W 119 -63.19 66.23 -51.70
N GLY W 120 -63.49 66.85 -50.56
CA GLY W 120 -64.21 66.22 -49.45
C GLY W 120 -64.42 67.17 -48.27
N GLY W 121 -64.64 66.64 -47.06
CA GLY W 121 -64.83 67.48 -45.89
C GLY W 121 -64.97 66.76 -44.55
N ALA W 122 -65.10 67.54 -43.48
CA ALA W 122 -65.39 67.12 -42.11
C ALA W 122 -66.66 67.81 -41.60
N ASN W 123 -67.70 67.04 -41.27
CA ASN W 123 -69.06 67.58 -41.15
C ASN W 123 -69.34 68.31 -39.83
N GLU W 124 -70.04 69.43 -39.93
CA GLU W 124 -70.89 70.01 -38.88
C GLU W 124 -71.95 70.91 -39.53
N GLY W 125 -73.09 71.10 -38.88
CA GLY W 125 -74.29 71.73 -39.45
C GLY W 125 -74.03 73.11 -40.06
N ALA W 126 -73.62 74.08 -39.25
CA ALA W 126 -73.43 75.47 -39.66
C ALA W 126 -72.14 75.72 -40.47
N ARG W 127 -71.03 75.07 -40.09
CA ARG W 127 -69.71 75.19 -40.74
C ARG W 127 -69.00 73.83 -40.84
N THR W 128 -69.31 73.09 -41.90
CA THR W 128 -68.52 71.95 -42.38
C THR W 128 -67.20 72.45 -42.96
N ALA W 129 -66.08 71.87 -42.53
CA ALA W 129 -64.77 72.17 -43.10
C ALA W 129 -64.52 71.29 -44.35
N LEU W 130 -63.73 71.76 -45.31
CA LEU W 130 -63.55 71.08 -46.61
C LEU W 130 -62.09 70.68 -46.86
N SER W 131 -61.88 69.52 -47.49
CA SER W 131 -60.61 69.20 -48.14
C SER W 131 -60.67 69.67 -49.60
N VAL W 132 -59.65 70.42 -50.03
CA VAL W 132 -59.64 71.14 -51.31
C VAL W 132 -58.24 71.22 -51.90
N VAL W 133 -58.12 71.51 -53.20
CA VAL W 133 -56.86 71.98 -53.80
C VAL W 133 -57.01 73.41 -54.32
N THR W 134 -55.95 74.19 -54.24
CA THR W 134 -55.94 75.61 -54.64
C THR W 134 -54.53 76.06 -55.00
N TRP W 135 -54.38 77.13 -55.78
CA TRP W 135 -53.09 77.65 -56.22
C TRP W 135 -52.64 78.85 -55.37
N ASN W 136 -51.38 78.84 -54.94
CA ASN W 136 -50.72 79.90 -54.17
C ASN W 136 -49.66 80.55 -55.06
N LYS W 137 -49.73 81.87 -55.26
CA LYS W 137 -48.99 82.61 -56.30
C LYS W 137 -49.14 81.95 -57.67
N ASP W 138 -48.24 81.06 -58.07
CA ASP W 138 -48.37 80.22 -59.27
C ASP W 138 -47.94 78.75 -59.06
N ILE W 139 -48.22 78.17 -57.87
CA ILE W 139 -47.97 76.75 -57.55
C ILE W 139 -49.21 76.12 -56.89
N VAL W 140 -49.62 74.92 -57.31
CA VAL W 140 -50.74 74.17 -56.69
C VAL W 140 -50.42 73.69 -55.27
N THR W 141 -51.45 73.60 -54.42
CA THR W 141 -51.37 73.15 -53.02
C THR W 141 -52.64 72.38 -52.64
N LYS W 142 -52.57 71.51 -51.63
CA LYS W 142 -53.73 70.86 -50.98
C LYS W 142 -53.96 71.48 -49.60
N ILE W 143 -55.21 71.80 -49.27
CA ILE W 143 -55.66 72.18 -47.92
C ILE W 143 -56.56 71.07 -47.39
N THR W 144 -56.39 70.66 -46.14
CA THR W 144 -57.25 69.64 -45.50
C THR W 144 -57.25 69.84 -43.98
N PRO W 145 -58.44 69.90 -43.34
CA PRO W 145 -58.57 70.09 -41.90
C PRO W 145 -58.35 68.77 -41.15
N GLU W 146 -58.53 68.79 -39.84
CA GLU W 146 -58.65 67.58 -39.03
C GLU W 146 -59.81 66.70 -39.51
N GLY W 147 -59.65 65.37 -39.49
CA GLY W 147 -60.74 64.41 -39.53
C GLY W 147 -61.62 64.37 -40.80
N ALA W 148 -61.21 65.02 -41.88
CA ALA W 148 -61.96 65.01 -43.13
C ALA W 148 -61.98 63.62 -43.81
N GLU W 149 -62.95 63.41 -44.69
CA GLU W 149 -62.99 62.29 -45.62
C GLU W 149 -63.31 62.76 -47.04
N GLU W 150 -62.68 62.12 -48.04
CA GLU W 150 -62.95 62.40 -49.44
C GLU W 150 -64.33 61.89 -49.86
N TRP W 151 -64.98 62.61 -50.77
CA TRP W 151 -66.34 62.36 -51.24
C TRP W 151 -66.40 61.60 -52.57
N PRO X 1 28.69 -16.75 -30.94
CA PRO X 1 29.21 -16.35 -29.62
C PRO X 1 30.12 -15.11 -29.65
N VAL X 2 30.58 -14.68 -28.47
CA VAL X 2 31.44 -13.51 -28.24
C VAL X 2 32.42 -13.78 -27.08
N MET X 3 33.54 -13.06 -27.00
CA MET X 3 34.61 -13.34 -26.03
C MET X 3 35.23 -12.12 -25.35
N CYS X 4 36.01 -12.41 -24.31
CA CYS X 4 36.67 -11.47 -23.41
C CYS X 4 38.02 -10.93 -23.95
N LEU X 5 38.58 -9.93 -23.25
CA LEU X 5 39.86 -9.28 -23.59
C LEU X 5 40.66 -8.91 -22.33
N LEU X 6 41.96 -8.67 -22.50
CA LEU X 6 42.87 -8.17 -21.46
C LEU X 6 44.05 -7.43 -22.11
N ALA X 7 44.14 -6.11 -21.91
CA ALA X 7 45.21 -5.25 -22.41
C ALA X 7 45.46 -5.43 -23.93
N ASN X 8 46.65 -5.92 -24.31
CA ASN X 8 47.04 -6.18 -25.70
C ASN X 8 46.35 -7.41 -26.34
N THR X 9 45.58 -8.19 -25.57
CA THR X 9 45.16 -9.55 -25.93
C THR X 9 43.63 -9.74 -25.96
N THR X 10 43.13 -10.60 -26.85
CA THR X 10 41.74 -11.06 -26.90
C THR X 10 41.72 -12.58 -26.72
N PHE X 11 40.91 -13.12 -25.81
CA PHE X 11 40.91 -14.56 -25.53
C PHE X 11 39.57 -15.07 -24.94
N PRO X 12 39.20 -16.34 -25.13
CA PRO X 12 38.02 -16.94 -24.53
C PRO X 12 38.00 -16.92 -23.00
N CYS X 13 36.81 -16.72 -22.44
CA CYS X 13 36.63 -16.31 -21.04
C CYS X 13 36.84 -17.44 -20.00
N SER X 14 36.43 -18.67 -20.30
CA SER X 14 36.18 -19.69 -19.26
C SER X 14 37.42 -20.40 -18.69
N GLN X 15 38.63 -19.90 -18.97
CA GLN X 15 39.85 -20.22 -18.21
C GLN X 15 40.77 -18.97 -18.20
N PRO X 16 41.54 -18.75 -17.13
CA PRO X 16 42.26 -17.50 -16.95
C PRO X 16 43.45 -17.34 -17.92
N PRO X 17 43.86 -16.10 -18.23
CA PRO X 17 45.08 -15.84 -19.01
C PRO X 17 46.34 -16.01 -18.16
N CYS X 18 46.24 -15.69 -16.87
CA CYS X 18 47.17 -16.07 -15.81
C CYS X 18 46.95 -17.55 -15.42
N THR X 19 47.94 -18.18 -14.77
CA THR X 19 47.81 -19.58 -14.31
C THR X 19 46.68 -19.76 -13.28
N PRO X 20 45.88 -20.85 -13.34
CA PRO X 20 44.81 -21.18 -12.39
C PRO X 20 45.14 -21.07 -10.89
N CYS X 21 44.09 -20.93 -10.08
CA CYS X 21 44.05 -20.25 -8.77
C CYS X 21 44.67 -18.84 -8.84
N CYS X 22 44.32 -18.11 -9.91
CA CYS X 22 44.92 -16.84 -10.28
C CYS X 22 44.65 -15.73 -9.25
N TYR X 23 43.47 -15.70 -8.61
CA TYR X 23 43.20 -14.78 -7.52
C TYR X 23 44.01 -15.10 -6.25
N GLU X 24 44.22 -16.37 -5.92
CA GLU X 24 45.10 -16.77 -4.82
C GLU X 24 46.58 -16.44 -5.08
N LYS X 25 47.04 -16.55 -6.33
CA LYS X 25 48.42 -16.21 -6.71
C LYS X 25 48.65 -14.70 -6.83
N GLU X 26 47.78 -13.98 -7.52
CA GLU X 26 47.93 -12.56 -7.84
C GLU X 26 46.58 -11.82 -7.64
N PRO X 27 46.21 -11.50 -6.39
CA PRO X 27 44.85 -11.06 -6.07
C PRO X 27 44.47 -9.72 -6.69
N GLU X 28 45.42 -8.83 -6.96
CA GLU X 28 45.21 -7.59 -7.71
C GLU X 28 44.91 -7.79 -9.22
N GLU X 29 44.62 -9.00 -9.71
CA GLU X 29 44.28 -9.26 -11.12
C GLU X 29 43.14 -8.37 -11.66
N THR X 30 42.09 -8.15 -10.86
CA THR X 30 40.94 -7.31 -11.21
C THR X 30 41.33 -5.86 -11.51
N LEU X 31 42.41 -5.38 -10.88
CA LEU X 31 42.90 -4.01 -11.06
C LEU X 31 43.60 -3.80 -12.41
N ARG X 32 43.96 -4.88 -13.12
CA ARG X 32 44.28 -4.88 -14.56
C ARG X 32 43.08 -5.27 -15.41
N MET X 33 42.29 -6.26 -14.98
CA MET X 33 41.26 -6.90 -15.82
C MET X 33 39.98 -6.09 -16.02
N LEU X 34 39.58 -5.22 -15.09
CA LEU X 34 38.19 -4.75 -14.99
C LEU X 34 38.04 -3.22 -14.82
N GLU X 35 38.82 -2.44 -15.57
CA GLU X 35 38.64 -0.98 -15.70
C GLU X 35 37.34 -0.63 -16.46
N ASP X 36 37.25 -0.96 -17.75
CA ASP X 36 36.03 -0.84 -18.58
C ASP X 36 35.46 -2.19 -19.05
N ASN X 37 36.14 -3.30 -18.74
CA ASN X 37 35.86 -4.64 -19.27
C ASN X 37 34.52 -5.25 -18.78
N VAL X 38 33.89 -4.63 -17.77
CA VAL X 38 32.63 -5.10 -17.15
C VAL X 38 31.47 -5.23 -18.15
N MET X 39 31.55 -4.56 -19.30
CA MET X 39 30.55 -4.64 -20.37
C MET X 39 30.53 -5.97 -21.15
N ARG X 40 31.56 -6.81 -21.06
CA ARG X 40 31.66 -8.08 -21.83
C ARG X 40 30.54 -9.07 -21.46
N PRO X 41 29.74 -9.57 -22.42
CA PRO X 41 28.76 -10.65 -22.19
C PRO X 41 29.37 -11.97 -21.66
N GLY X 42 30.68 -12.17 -21.81
CA GLY X 42 31.42 -13.30 -21.24
C GLY X 42 31.97 -13.08 -19.82
N TYR X 43 31.84 -11.88 -19.24
CA TYR X 43 32.42 -11.56 -17.93
C TYR X 43 31.94 -12.51 -16.83
N TYR X 44 30.68 -12.95 -16.87
CA TYR X 44 30.12 -13.88 -15.87
C TYR X 44 30.91 -15.20 -15.80
N GLN X 45 31.36 -15.72 -16.96
CA GLN X 45 32.15 -16.94 -17.06
C GLN X 45 33.64 -16.71 -16.80
N LEU X 46 34.19 -15.55 -17.18
CA LEU X 46 35.53 -15.12 -16.74
C LEU X 46 35.61 -15.09 -15.21
N LEU X 47 34.60 -14.53 -14.54
CA LEU X 47 34.50 -14.48 -13.08
C LEU X 47 34.44 -15.88 -12.46
N GLN X 48 33.61 -16.76 -13.02
CA GLN X 48 33.46 -18.13 -12.50
C GLN X 48 34.77 -18.94 -12.65
N ALA X 49 35.45 -18.82 -13.79
CA ALA X 49 36.77 -19.41 -14.00
C ALA X 49 37.88 -18.80 -13.14
N SER X 50 37.77 -17.52 -12.75
CA SER X 50 38.78 -16.82 -11.96
C SER X 50 38.72 -17.15 -10.46
N LEU X 51 37.52 -17.20 -9.88
CA LEU X 51 37.32 -17.36 -8.43
C LEU X 51 36.93 -18.79 -8.03
N THR X 52 35.83 -19.33 -8.58
CA THR X 52 35.41 -20.74 -8.39
C THR X 52 36.21 -21.64 -9.34
N CYS X 53 37.54 -21.49 -9.27
CA CYS X 53 38.50 -21.77 -10.33
C CYS X 53 38.62 -23.25 -10.75
N SER X 54 37.94 -24.16 -10.03
CA SER X 54 38.22 -25.61 -10.05
C SER X 54 39.72 -25.88 -9.83
N PRO X 55 40.31 -25.36 -8.73
CA PRO X 55 41.75 -25.36 -8.50
C PRO X 55 42.27 -26.78 -8.28
N HIS X 56 43.60 -26.97 -8.33
CA HIS X 56 44.27 -28.29 -8.31
C HIS X 56 43.92 -29.20 -7.10
N ARG X 57 43.34 -28.65 -6.04
CA ARG X 57 42.77 -29.36 -4.89
C ARG X 57 41.45 -30.12 -5.21
N GLN X 58 40.62 -29.59 -6.12
CA GLN X 58 39.38 -30.21 -6.62
C GLN X 58 39.64 -31.34 -7.64
N ARG X 59 38.58 -32.04 -8.08
CA ARG X 59 38.63 -33.04 -9.17
C ARG X 59 37.33 -33.09 -9.98
N ARG X 60 37.40 -33.54 -11.24
CA ARG X 60 36.25 -33.86 -12.12
C ARG X 60 36.47 -35.21 -12.81
#